data_9CSA
#
_entry.id   9CSA
#
_cell.length_a   1.00
_cell.length_b   1.00
_cell.length_c   1.00
_cell.angle_alpha   90.00
_cell.angle_beta   90.00
_cell.angle_gamma   90.00
#
_symmetry.space_group_name_H-M   'P 1'
#
loop_
_entity.id
_entity.type
_entity.pdbx_description
1 polymer 'T-complex protein 1 subunit alpha'
2 polymer 'T-complex protein 1 subunit beta'
3 polymer 'T-complex protein 1 subunit delta'
4 polymer 'T-complex protein 1 subunit epsilon'
5 polymer 'T-complex protein 1 subunit gamma'
6 polymer 'T-complex protein 1 subunit eta'
7 polymer 'T-complex protein 1 subunit theta'
8 polymer 'T-complex protein 1 subunit zeta'
#
loop_
_entity_poly.entity_id
_entity_poly.type
_entity_poly.pdbx_seq_one_letter_code
_entity_poly.pdbx_strand_id
1 'polypeptide(L)'
;MSQLFNNSRSDTLFLGGEKISGDDIRNQNVLATMAVANVVKSSLGPVGLDKMLVDDIGDFTVTNDGATILSLLDVQHPAG
KILVELAQQQDREIGDGTTSVVIIASELLKRANELVKNKIHPTTIITGFRVALREAIRFINEVLSTSVDTLGKETLINIA
KTSMSSKIIGADSDFFSNMVVDALLAVKTQNSKGEIKYPVKAVNVLKAHGKSATESLLVPGYALNCTVASQAMPKRIAGG
NVKIACLDLNLQKARMAMGVQINIDDPEQLEQIRKREAGIVLERVKKIIDAGAQVVLTTKGIDDLCLKEFVEAKIMGVRR
CKKEDLRRIARATGATLVSSMSNLEGEETFESSYLGLCDEVVQAKFSDDECILIKGTSKHSSSSIILRGANDYSLDEMER
SLHDSLSVVKRTLESGNVVPGGGCVEAALNIYLDNFATTVGSREQLAIAEFAAALLIIPKTLAVNAAKDSSELVAKLRSY
HAASQMAKPEDVKRRSYRNYGLDLIRGKIVDEIHAGVLEPTISKVKSLKSALEACVAILRIDTMITVDPEPPKEDPHDH
;
a,A
2 'polypeptide(L)'
;MSVQIFGDQVTEERAENARLSAFVGAIAVGDLVKSTLGPKGMDKLLQSASSNTCMVTNDGATILKSIPLDNPAAKVLVNI
SKVQDDEVGDGTTSVTVLSAELLREAEKLIDQSKIHPQTIIEGYRLASAAALDALTKAAVDNSHDKTMFREDLIHIAKTT
LSSKILSQDKDHFAELATNAILRLKGSTNLEHIQIIKILGGKLSDSFLDEGFILAKKFGNNQPKRIENAKILIANTTLDT
DKVKIFGTKFKVDSTAKLAQLEKAEREKMKNKIAKISKFGINTFINRQLIYDYPEQLFTDLGINSIEHADFEGVERLALV
TGGEVVSTFDEPSKCKLGECDVIEEIMLGEQPFLKFSGCKAGEACTIVLRGATDQTLDEAERSLHDALSVLSQTTKETRT
VLGGGCAEMVMSKAVDTEAQNIDGKKSLAVEAFARALRQLPTILADNAGFDSSELVSKLRSSIYNGISTSGLDLNNGTIA
DMRQLGIVESYKLKRAVVSSASEAAEVLLRVDNIIRARPRTANRQHM
;
b,B
3 'polypeptide(L)'
;MSAKVPSNATFKNKEKPQEVRKANIIAARSVADAIRTSLGPKGMDKMIKTSRGEIIISNDGHTILKQMAILHPVARMLVE
VSAAQDSEAGDGTTSVVILTGALLGAAERLLNKGIHPTIIADSFQSAAKRSVDILLEMCHKVSLSDREQLVRAASTSLSS
KIVSQYSSFLAPLAVDSVLKISDENSKNVDLNDIRLVKKVGGTIDDTEMIDGVVLTQTAIKSAGGPTRKEKAKIGLIQFQ
ISPPKPDTENNIIVNDYRQMDKILKEERAYLLNICKKIKKAKCNVLLIQKSILRDAVNDLALHFLSKLNIMVVKDIEREE
IEFLSKGLGCKPIADIELFTEDRLGSADLVEEIDSDGSKIVRVTGIRNNNARPTVSVVIRGANNMIIDETERSLHDALCV
IRCLVKERGLIAGGGAPEIEISRRLSKEARSMEGVQAFIWQEFASALEVIPTTLAENAGLNSIKVVTELRSKHENGELND
GISVRRSGTTNTYEEHILQPVLVSTSAITLASECVKSILRIDDIAFSR
;
d,D
4 'polypeptide(L)'
;MAARPQQPPMEMPDLSNAIVAQDEMGRPFIIVKDQGNKKRQHGLEAKKSHILAARSVASIIKTSLGPRGLDKILISPDGE
ITITNDGATILSQMELDNEIAKLLVQLSKSQDDEIGDGTTGVVVLASALLDQALELIQKGIHPIKIANGFDEAAKLAISK
LEETCDDISASNDELFRDFLLRAAKTSLGSKIVSKDHDRFAEMAVEAVINVMDKDRKDVDFDLIKMQGRVGGSISDSKLI
NGVILDKDFSHPQMPKCVLPKEGSDGVKLAILTCPFEPPKPKTKHKLDISSVEEYQKLQTYEQDKFKEMIDDVKKAGADV
VICQWGFDDEANHLLLQNDLPAVRWVGGQELEHIAISTNGRIVPRFQDLSKDKLGTCSRIYEQEFGTTKDRMLIIEQSKE
TKTVTCFVRGSNKMIVDEAERALHDSLCVVRNLVKDSRVVYGGGAAEVTMSLAVSEEADKQRGIDQYAFRGFAQALDTIP
MTLAENSGLDPIGTLSTLKSKQLKEKISNIGVDCLGYGSNDMKELFVVDPFIGKKQQILLATQLCRMILKIDNVIISGKD
EY
;
e,E
5 'polypeptide(L)'
;MQAPVVFMNASQERTTGRQAQISNITAAKAVADVIRTCLGPKAMLKMLLDPMGGLVLTNDGHAILREIDVAHPAAKSMLE
LSRTQDEEVGDGTTTVIILAGEILAQCAPYLIEKNIHPVIIIQALKKALTDALEVIKQVSKPVDVENDAAMKKLIQASIG
TKYVIHWSEKMCELALDAVKTVRKDLGQTVEGEPNFEIDIKRYVRVEKIPGGDVLDSRVLKGVLLNKDVVHPKMSRHIEN
PRVVLLDCPLEYKKGESQTNIEIEKEEDWNRILQIEEEQVQLMCEQILAVRPTLVITEKGVSDLAQHYLLKGGCSVLRRV
KKSDNNRIARVTGATIVNRVEDLKESDVGTNCGLFKVEMIGDEYFSFLDNCKEPLEGSGSGWSHPQFEKGSGKRRWKKNF
IAVSAANRFKKISSSGALGSGHHHHHHHHGSGLQKACTIMLRGGSKDILNEIDRNLQDAMAVARNVMLSPSLSPGGGATE
MAVSVKLAEKAKQLEGIQQWPYQAVADAMECIPRTLIQNAGGDPIRLLSQLRAKHAQGNFTTGIDGDKGKIVDMVSYGIW
EPEVIKQQSVKTAIESACLLLRVDDIVSGVRKQE
;
g,G
6 'polypeptide(L)'
;MNFGSQTPTIVVLKEGTDASQGKGQIISNINACVAVQEALKPTLGPLGSDILIVTSNQKTTISNDGATILKLLDVVHPAA
KTLVDISRAQDAEVGDGTTSVTILAGELMKEAKPFLEEGISSHLIMKGYRKAVSLAVEKINELAVDITSEKSSGRELLER
CARTAMSSKLIHNNADFFVKMCVDAVLSLDRNDLDDKLIGIKKIPGGAMEESLFINGVAFKKTFSYAGFEQQPKKFNNPK
ILSLNVELELKAEKDNAEVRVEHVEDYQAIVDAEWQLIFEKLRQVEETGANIVLSKLPIGDLATQFFADRNIFCAGRVSA
DDMNRVIQAVGGSIQSTTSDIKPEHLGTCALFEEMQIGSERYNLFQGCPQAKTCTLLLRGGAEQVIAEVERSLHDAIMIV
KRALQNKLIVAGGGATEMEVSKCLRDYSKTIAGKQQMIINAFAKALEVIPRQLCENAGFDAIEILNKLRLAHSKGEKWYG
VVFETENIGDNFAKFVWEPALVKINALNSATEATNLILSVDETITNKGSESANAGMMPPQGAGRGRGMPM
;
h,H
7 'polypeptide(L)'
;MSLRLPQNPNAGLFKQGYNSYSNADGQIIKSIAAIRELHQMCLTSMGPCGRNKIIVNHLGKIIITNDAATMLRELDIVHP
AVKVLVMATEQQKIDMGDGTNLVMILAGELLNVSEKLISMGLSAVEIIQGYNMARKFTLKELDEMVVGEITDKNDKNELL
KMIKPVISSKKYGSEDILSELVSEAVSHVLPVAQQAGEIPYFNVDSIRVVKIMGGSLSNSTVIKGMVFNREPEGHVKSLS
EDKKHKVAVFTCPLDIANTETKGTVLLHNAQEMLDFSKGEEKQIDAMMKEIADMGVECIVAGAGVGELALHYLNRYGILV
LKVPSKFELRRLCRVCGATPLPRLGAPTPEELGLVETVKTMEIGGDRVTVFKQEQGEISRTSTIILRGATQNNLDDIERA
IDDGVAAVKGLMKPSGGKLLPGAGATEIELISRITKYGERTPGLLQLAIKQFAVAFEVVPRTLAETAGLDVNEVLPNLYA
AHNVTEPGAVKTDHLYKGVDIDGESDEGVKDIREENIYDMLATKKFAINVATEAATTVLSIDQIIMAKKAGGPRAPQGPR
PGNWDQED
;
q,Q
8 'polypeptide(L)'
;MSLQLLNPKAESLRRDAALKVNVTSAEGLQSVLETNLGPKGTLKMLVDGAGNIKLTKDGKVLLTEMQIQSPTAVLIARAA
AAQDEITGDGTTTVVCLVGELLRQAHRFIQEGVHPRIITDGFEIARKESMKFLDEFKISKTNLSNDREFLLQVARSSLLT
KVDADLTEVLTPIVTDAVLSVYDAQADNLDLHMVEIMQMQHLSPKDTTFIKGLVLDHGGRHPDMPTRVKNAYVLILNVSL
EYEKTEVNSGFFYSSADQRDKLAASERKFVDAKLKKIIDLKNEVCGMDPDKGFVIINQKGIDPMSLDVFAKHNILALRRA
KRRNMERLQLVTGGEAQNSVEDLSPQILGFSGLVYQETIGEEKFTYVTENTDPKSCTILIKGSTHYALAQTKDAVRDGLR
AVANVLKDKNIIPGAGAFYIALSRYLRSANMNKLGAKGKTKTGIEAFAEALLVIPKTLVKNSGFDPLDVLAMVEDELDDA
QDSDETRYVGVDLNIGDSCDPTIEGIWDSYRVLRNAITGATGIASNLLLCDELLRAGRSTLKETPQ
;
z,Z
#
# COMPACT_ATOMS: atom_id res chain seq x y z
N GLN A 3 -13.20 -0.34 34.84
CA GLN A 3 -14.33 0.59 34.81
C GLN A 3 -13.84 2.04 34.73
N LEU A 4 -14.72 2.93 34.32
CA LEU A 4 -14.44 4.37 34.19
C LEU A 4 -13.29 4.51 33.19
N PHE A 5 -12.26 5.30 33.49
CA PHE A 5 -11.14 5.49 32.59
C PHE A 5 -9.93 4.69 33.06
N ASN A 6 -9.15 4.19 32.10
CA ASN A 6 -7.99 3.38 32.43
C ASN A 6 -6.94 4.20 33.18
N ASN A 7 -6.25 3.55 34.10
CA ASN A 7 -5.22 4.21 34.88
C ASN A 7 -3.97 4.44 34.04
N SER A 8 -3.14 5.38 34.51
CA SER A 8 -1.88 5.64 33.83
C SER A 8 -0.98 4.42 33.90
N ARG A 9 -0.06 4.32 32.93
CA ARG A 9 0.77 3.15 32.76
C ARG A 9 2.16 3.43 33.31
N SER A 10 2.49 2.81 34.45
CA SER A 10 3.83 2.78 35.02
C SER A 10 4.44 4.18 35.11
N ASP A 11 3.88 4.97 36.04
CA ASP A 11 4.42 6.29 36.33
C ASP A 11 5.40 6.17 37.50
N THR A 12 6.68 6.37 37.22
CA THR A 12 7.78 6.23 38.16
C THR A 12 7.92 4.78 38.64
N LEU A 13 6.99 3.92 38.23
CA LEU A 13 7.03 2.52 38.63
C LEU A 13 7.99 1.69 37.78
N PHE A 14 8.14 2.05 36.50
CA PHE A 14 9.11 1.44 35.59
C PHE A 14 8.90 -0.07 35.47
N LEU A 15 7.68 -0.45 35.12
CA LEU A 15 7.36 -1.83 34.78
C LEU A 15 7.00 -1.95 33.31
N GLY A 16 7.28 -3.13 32.73
CA GLY A 16 6.96 -3.37 31.34
C GLY A 16 5.53 -3.81 31.10
N GLY A 17 4.86 -4.35 32.13
CA GLY A 17 3.48 -4.77 32.02
C GLY A 17 2.52 -3.74 32.56
N GLU A 18 1.29 -4.19 32.82
CA GLU A 18 0.23 -3.34 33.34
C GLU A 18 -0.02 -3.68 34.81
N LYS A 19 0.00 -2.66 35.66
CA LYS A 19 -0.22 -2.83 37.09
C LYS A 19 -1.27 -1.84 37.54
N ILE A 20 -2.39 -2.35 38.05
CA ILE A 20 -3.49 -1.52 38.54
C ILE A 20 -3.63 -1.78 40.03
N SER A 21 -3.85 -0.70 40.79
CA SER A 21 -3.96 -0.77 42.24
C SER A 21 -5.23 -0.07 42.70
N GLY A 22 -5.58 -0.30 43.97
CA GLY A 22 -6.78 0.28 44.52
C GLY A 22 -7.98 -0.65 44.42
N ASP A 23 -9.16 -0.04 44.46
CA ASP A 23 -10.41 -0.80 44.42
C ASP A 23 -10.73 -1.32 43.02
N ASP A 24 -9.98 -0.92 42.00
CA ASP A 24 -10.27 -1.36 40.65
C ASP A 24 -10.00 -2.86 40.46
N ILE A 25 -9.08 -3.42 41.25
CA ILE A 25 -8.78 -4.84 41.15
C ILE A 25 -9.94 -5.66 41.71
N ARG A 26 -10.41 -5.31 42.91
CA ARG A 26 -11.52 -6.04 43.51
C ARG A 26 -12.81 -5.84 42.73
N ASN A 27 -12.95 -4.71 42.04
CA ASN A 27 -14.13 -4.50 41.21
C ASN A 27 -14.10 -5.39 39.97
N GLN A 28 -12.92 -5.57 39.37
CA GLN A 28 -12.81 -6.46 38.22
C GLN A 28 -12.84 -7.92 38.64
N ASN A 29 -12.44 -8.22 39.87
CA ASN A 29 -12.51 -9.61 40.34
C ASN A 29 -13.95 -10.05 40.56
N VAL A 30 -14.82 -9.13 40.99
CA VAL A 30 -16.24 -9.46 41.14
C VAL A 30 -16.87 -9.65 39.77
N LEU A 31 -16.57 -8.75 38.81
CA LEU A 31 -17.12 -8.88 37.47
C LEU A 31 -16.64 -10.16 36.79
N ALA A 32 -15.47 -10.66 37.17
CA ALA A 32 -14.98 -11.91 36.61
C ALA A 32 -15.82 -13.09 37.10
N THR A 33 -16.19 -13.09 38.38
CA THR A 33 -17.03 -14.16 38.92
C THR A 33 -18.49 -13.98 38.55
N MET A 34 -18.94 -12.73 38.34
CA MET A 34 -20.32 -12.49 37.94
C MET A 34 -20.54 -12.83 36.46
N ALA A 35 -19.51 -12.69 35.63
CA ALA A 35 -19.65 -13.03 34.22
C ALA A 35 -19.79 -14.53 34.03
N VAL A 36 -19.05 -15.32 34.81
CA VAL A 36 -19.15 -16.78 34.73
C VAL A 36 -20.31 -17.33 35.53
N ALA A 37 -20.90 -16.53 36.42
CA ALA A 37 -22.03 -17.01 37.21
C ALA A 37 -23.33 -17.00 36.42
N ASN A 38 -23.57 -15.95 35.63
CA ASN A 38 -24.82 -15.80 34.89
C ASN A 38 -25.11 -17.00 33.99
N VAL A 39 -24.08 -17.78 33.63
CA VAL A 39 -24.30 -19.03 32.92
C VAL A 39 -24.85 -20.08 33.87
N VAL A 40 -24.07 -20.40 34.92
CA VAL A 40 -24.45 -21.45 35.87
C VAL A 40 -25.77 -21.12 36.57
N LYS A 41 -26.11 -19.84 36.69
CA LYS A 41 -27.33 -19.44 37.40
C LYS A 41 -28.57 -20.06 36.77
N SER A 42 -28.77 -19.83 35.47
CA SER A 42 -29.98 -20.29 34.81
C SER A 42 -30.05 -21.80 34.67
N SER A 43 -28.96 -22.52 34.95
CA SER A 43 -28.94 -23.98 34.85
C SER A 43 -29.21 -24.67 36.18
N LEU A 44 -29.48 -23.91 37.24
CA LEU A 44 -29.70 -24.48 38.57
C LEU A 44 -31.17 -24.86 38.76
N GLY A 45 -31.40 -26.05 39.30
CA GLY A 45 -32.73 -26.48 39.64
C GLY A 45 -33.39 -27.30 38.54
N PRO A 46 -34.46 -28.02 38.89
CA PRO A 46 -35.18 -28.79 37.87
C PRO A 46 -35.75 -27.93 36.76
N VAL A 47 -36.02 -26.65 37.04
CA VAL A 47 -36.54 -25.74 36.01
C VAL A 47 -35.45 -25.14 35.15
N GLY A 48 -34.18 -25.48 35.41
CA GLY A 48 -33.10 -24.96 34.60
C GLY A 48 -33.16 -25.45 33.17
N LEU A 49 -32.47 -24.73 32.29
CA LEU A 49 -32.48 -25.01 30.87
C LEU A 49 -31.05 -25.25 30.39
N ASP A 50 -30.91 -26.19 29.45
CA ASP A 50 -29.60 -26.54 28.92
C ASP A 50 -29.05 -25.41 28.06
N LYS A 51 -27.74 -25.44 27.85
CA LYS A 51 -27.07 -24.46 27.01
C LYS A 51 -26.24 -25.19 25.95
N MET A 52 -26.03 -24.51 24.83
CA MET A 52 -25.35 -25.09 23.68
C MET A 52 -24.07 -24.30 23.41
N LEU A 53 -22.94 -24.98 23.42
CA LEU A 53 -21.64 -24.39 23.13
C LEU A 53 -21.16 -24.83 21.76
N VAL A 54 -20.56 -23.91 21.01
CA VAL A 54 -20.15 -24.15 19.63
C VAL A 54 -18.65 -23.93 19.52
N ASP A 55 -17.99 -24.83 18.80
CA ASP A 55 -16.55 -24.77 18.57
C ASP A 55 -16.18 -24.02 17.30
N ASP A 56 -17.15 -23.45 16.59
CA ASP A 56 -16.96 -22.74 15.32
C ASP A 56 -16.55 -23.69 14.20
N ILE A 57 -16.31 -24.96 14.52
CA ILE A 57 -15.98 -25.95 13.50
C ILE A 57 -17.19 -26.68 12.96
N GLY A 58 -18.40 -26.31 13.41
CA GLY A 58 -19.63 -26.95 12.97
C GLY A 58 -20.26 -27.86 14.00
N ASP A 59 -19.55 -28.18 15.09
CA ASP A 59 -20.07 -29.07 16.12
C ASP A 59 -20.55 -28.26 17.31
N PHE A 60 -21.65 -28.72 17.91
CA PHE A 60 -22.24 -28.08 19.07
C PHE A 60 -22.17 -29.02 20.27
N THR A 61 -22.16 -28.43 21.47
CA THR A 61 -22.07 -29.18 22.71
C THR A 61 -23.13 -28.70 23.67
N VAL A 62 -24.03 -29.60 24.06
CA VAL A 62 -25.11 -29.30 24.99
C VAL A 62 -24.67 -29.81 26.36
N THR A 63 -24.45 -28.88 27.30
CA THR A 63 -24.01 -29.23 28.65
C THR A 63 -24.78 -28.40 29.65
N ASN A 64 -25.47 -29.07 30.57
CA ASN A 64 -26.27 -28.36 31.57
C ASN A 64 -25.41 -27.82 32.70
N ASP A 65 -24.56 -28.66 33.27
CA ASP A 65 -23.79 -28.26 34.45
C ASP A 65 -22.58 -27.43 34.04
N GLY A 66 -22.14 -26.58 34.98
CA GLY A 66 -21.03 -25.68 34.75
C GLY A 66 -19.65 -26.30 34.81
N ALA A 67 -19.55 -27.61 34.99
CA ALA A 67 -18.24 -28.25 35.02
C ALA A 67 -17.59 -28.24 33.65
N THR A 68 -18.32 -28.73 32.63
CA THR A 68 -17.79 -28.74 31.28
C THR A 68 -17.92 -27.37 30.61
N ILE A 69 -18.96 -26.60 30.98
CA ILE A 69 -19.15 -25.28 30.39
C ILE A 69 -17.93 -24.39 30.66
N LEU A 70 -17.54 -24.28 31.93
CA LEU A 70 -16.37 -23.49 32.28
C LEU A 70 -15.08 -24.13 31.75
N SER A 71 -15.08 -25.45 31.52
CA SER A 71 -13.92 -26.10 30.95
C SER A 71 -13.76 -25.74 29.48
N LEU A 72 -14.86 -25.69 28.74
CA LEU A 72 -14.79 -25.37 27.32
C LEU A 72 -14.57 -23.87 27.09
N LEU A 73 -15.32 -23.03 27.80
CA LEU A 73 -15.16 -21.59 27.65
C LEU A 73 -13.79 -21.15 28.15
N ASP A 74 -13.07 -20.41 27.31
CA ASP A 74 -11.74 -19.93 27.64
C ASP A 74 -11.86 -18.62 28.40
N VAL A 75 -11.36 -18.60 29.64
CA VAL A 75 -11.37 -17.41 30.48
C VAL A 75 -9.93 -17.06 30.80
N GLN A 76 -9.47 -15.91 30.29
CA GLN A 76 -8.10 -15.47 30.50
C GLN A 76 -7.94 -14.59 31.73
N HIS A 77 -9.03 -14.29 32.44
CA HIS A 77 -8.92 -13.49 33.65
C HIS A 77 -8.28 -14.31 34.75
N PRO A 78 -7.29 -13.76 35.48
CA PRO A 78 -6.60 -14.57 36.49
C PRO A 78 -7.52 -15.08 37.59
N ALA A 79 -8.39 -14.23 38.12
CA ALA A 79 -9.33 -14.65 39.15
C ALA A 79 -10.50 -15.44 38.58
N GLY A 80 -10.77 -15.31 37.27
CA GLY A 80 -11.84 -16.08 36.67
C GLY A 80 -11.52 -17.56 36.55
N LYS A 81 -10.23 -17.89 36.46
CA LYS A 81 -9.82 -19.29 36.37
C LYS A 81 -10.01 -20.04 37.68
N ILE A 82 -10.26 -19.33 38.79
CA ILE A 82 -10.45 -20.00 40.07
C ILE A 82 -11.76 -20.80 40.06
N LEU A 83 -12.86 -20.18 39.62
CA LEU A 83 -14.11 -20.90 39.53
C LEU A 83 -14.10 -21.93 38.42
N VAL A 84 -13.28 -21.72 37.39
CA VAL A 84 -13.12 -22.72 36.33
C VAL A 84 -12.48 -23.99 36.90
N GLU A 85 -11.42 -23.81 37.70
CA GLU A 85 -10.80 -24.96 38.36
C GLU A 85 -11.65 -25.48 39.51
N LEU A 86 -12.51 -24.63 40.10
CA LEU A 86 -13.38 -25.09 41.18
C LEU A 86 -14.50 -25.97 40.64
N ALA A 87 -15.04 -25.64 39.47
CA ALA A 87 -16.05 -26.48 38.86
C ALA A 87 -15.46 -27.82 38.42
N GLN A 88 -14.22 -27.80 37.92
CA GLN A 88 -13.56 -29.06 37.59
C GLN A 88 -13.18 -29.83 38.85
N GLN A 89 -13.01 -29.14 39.97
CA GLN A 89 -12.67 -29.81 41.22
C GLN A 89 -13.88 -30.57 41.77
N GLN A 90 -15.05 -29.93 41.78
CA GLN A 90 -16.24 -30.52 42.38
C GLN A 90 -16.55 -31.90 41.81
N ASP A 91 -16.15 -32.15 40.56
CA ASP A 91 -16.33 -33.48 39.99
C ASP A 91 -15.40 -34.50 40.65
N ARG A 92 -14.24 -34.06 41.12
CA ARG A 92 -13.25 -35.01 41.64
C ARG A 92 -13.67 -35.57 43.00
N GLU A 93 -14.01 -34.70 43.95
CA GLU A 93 -14.36 -35.18 45.29
C GLU A 93 -15.76 -35.78 45.33
N ILE A 94 -16.78 -34.93 45.26
CA ILE A 94 -18.15 -35.42 45.36
C ILE A 94 -18.64 -35.98 44.04
N GLY A 95 -18.36 -35.29 42.93
CA GLY A 95 -18.86 -35.65 41.63
C GLY A 95 -20.12 -34.92 41.22
N ASP A 96 -20.85 -34.37 42.18
CA ASP A 96 -22.06 -33.60 41.91
C ASP A 96 -21.99 -32.30 42.70
N GLY A 97 -22.77 -31.32 42.25
CA GLY A 97 -22.78 -30.00 42.87
C GLY A 97 -21.96 -28.95 42.17
N THR A 98 -21.52 -29.20 40.94
CA THR A 98 -20.76 -28.20 40.20
C THR A 98 -21.59 -26.95 39.94
N THR A 99 -22.91 -27.08 39.90
CA THR A 99 -23.77 -25.93 39.68
C THR A 99 -23.92 -25.10 40.95
N SER A 100 -24.05 -25.74 42.11
CA SER A 100 -24.26 -25.01 43.35
C SER A 100 -22.97 -24.42 43.91
N VAL A 101 -21.82 -25.03 43.62
CA VAL A 101 -20.57 -24.54 44.19
C VAL A 101 -20.13 -23.24 43.52
N VAL A 102 -20.49 -23.05 42.25
CA VAL A 102 -20.09 -21.84 41.54
C VAL A 102 -20.96 -20.66 41.93
N ILE A 103 -22.26 -20.89 42.10
CA ILE A 103 -23.18 -19.81 42.43
C ILE A 103 -22.93 -19.31 43.85
N ILE A 104 -22.67 -20.22 44.79
CA ILE A 104 -22.42 -19.81 46.17
C ILE A 104 -21.10 -19.06 46.27
N ALA A 105 -20.06 -19.57 45.61
CA ALA A 105 -18.76 -18.90 45.66
C ALA A 105 -18.80 -17.54 44.98
N SER A 106 -19.65 -17.38 43.96
CA SER A 106 -19.77 -16.08 43.30
C SER A 106 -20.59 -15.11 44.14
N GLU A 107 -21.53 -15.61 44.94
CA GLU A 107 -22.33 -14.74 45.78
C GLU A 107 -21.56 -14.28 47.03
N LEU A 108 -20.68 -15.13 47.56
CA LEU A 108 -19.86 -14.73 48.70
C LEU A 108 -18.97 -13.55 48.34
N LEU A 109 -18.48 -13.52 47.09
CA LEU A 109 -17.68 -12.38 46.64
C LEU A 109 -18.53 -11.18 46.29
N LYS A 110 -19.74 -11.40 45.77
CA LYS A 110 -20.60 -10.29 45.37
C LYS A 110 -21.00 -9.45 46.58
N ARG A 111 -21.50 -10.10 47.63
CA ARG A 111 -21.89 -9.36 48.83
C ARG A 111 -20.69 -8.82 49.60
N ALA A 112 -19.52 -9.43 49.43
CA ALA A 112 -18.31 -8.90 50.07
C ALA A 112 -17.78 -7.66 49.39
N ASN A 113 -18.26 -7.34 48.19
CA ASN A 113 -17.83 -6.12 47.51
C ASN A 113 -18.34 -4.88 48.22
N GLU A 114 -19.51 -4.95 48.83
CA GLU A 114 -20.02 -3.85 49.64
C GLU A 114 -19.41 -3.82 51.04
N LEU A 115 -18.85 -4.93 51.50
CA LEU A 115 -18.25 -4.97 52.83
C LEU A 115 -16.87 -4.31 52.85
N VAL A 116 -16.15 -4.32 51.73
CA VAL A 116 -14.86 -3.65 51.70
C VAL A 116 -15.02 -2.14 51.61
N LYS A 117 -16.15 -1.67 51.07
CA LYS A 117 -16.44 -0.24 51.06
C LYS A 117 -16.62 0.31 52.47
N ASN A 118 -16.97 -0.54 53.43
CA ASN A 118 -17.08 -0.18 54.83
C ASN A 118 -15.71 0.02 55.48
N LYS A 119 -14.63 -0.24 54.74
CA LYS A 119 -13.23 -0.22 55.17
C LYS A 119 -12.89 -1.46 55.99
N ILE A 120 -13.86 -2.35 56.23
CA ILE A 120 -13.59 -3.59 56.95
C ILE A 120 -12.48 -4.35 56.25
N HIS A 121 -11.47 -4.74 57.02
CA HIS A 121 -10.35 -5.48 56.44
C HIS A 121 -10.78 -6.89 56.08
N PRO A 122 -10.27 -7.46 54.99
CA PRO A 122 -10.69 -8.81 54.59
C PRO A 122 -10.50 -9.86 55.66
N THR A 123 -9.48 -9.74 56.52
CA THR A 123 -9.29 -10.71 57.59
C THR A 123 -10.49 -10.73 58.52
N THR A 124 -11.14 -9.59 58.75
CA THR A 124 -12.38 -9.57 59.50
C THR A 124 -13.51 -10.20 58.69
N ILE A 125 -13.52 -9.97 57.37
CA ILE A 125 -14.53 -10.59 56.51
C ILE A 125 -14.30 -12.09 56.41
N ILE A 126 -13.04 -12.51 56.28
CA ILE A 126 -12.73 -13.93 56.20
C ILE A 126 -13.06 -14.63 57.51
N THR A 127 -12.70 -14.01 58.64
CA THR A 127 -13.02 -14.61 59.94
C THR A 127 -14.53 -14.72 60.13
N GLY A 128 -15.27 -13.70 59.69
CA GLY A 128 -16.71 -13.75 59.79
C GLY A 128 -17.33 -14.88 58.99
N PHE A 129 -16.73 -15.21 57.85
CA PHE A 129 -17.22 -16.34 57.05
C PHE A 129 -16.77 -17.67 57.63
N ARG A 130 -15.59 -17.73 58.24
CA ARG A 130 -15.07 -18.98 58.78
C ARG A 130 -15.75 -19.35 60.09
N VAL A 131 -15.96 -18.38 60.98
CA VAL A 131 -16.65 -18.66 62.23
C VAL A 131 -18.10 -19.07 61.96
N ALA A 132 -18.73 -18.45 60.96
CA ALA A 132 -20.08 -18.84 60.58
C ALA A 132 -20.09 -20.20 59.90
N LEU A 133 -19.00 -20.57 59.25
CA LEU A 133 -18.93 -21.88 58.59
C LEU A 133 -18.72 -22.99 59.61
N ARG A 134 -17.91 -22.75 60.64
CA ARG A 134 -17.68 -23.76 61.67
C ARG A 134 -18.98 -24.12 62.38
N GLU A 135 -19.83 -23.12 62.63
CA GLU A 135 -21.14 -23.38 63.21
C GLU A 135 -22.13 -23.92 62.20
N ALA A 136 -21.90 -23.68 60.90
CA ALA A 136 -22.80 -24.20 59.88
C ALA A 136 -22.61 -25.69 59.67
N ILE A 137 -21.36 -26.15 59.65
CA ILE A 137 -21.09 -27.57 59.48
C ILE A 137 -21.64 -28.36 60.66
N ARG A 138 -21.51 -27.82 61.87
CA ARG A 138 -22.05 -28.49 63.04
C ARG A 138 -23.58 -28.50 63.03
N PHE A 139 -24.20 -27.44 62.49
CA PHE A 139 -25.65 -27.40 62.42
C PHE A 139 -26.19 -28.41 61.40
N ILE A 140 -25.46 -28.66 60.33
CA ILE A 140 -25.89 -29.62 59.34
C ILE A 140 -25.89 -31.04 59.92
N ASN A 141 -24.88 -31.34 60.75
CA ASN A 141 -24.81 -32.65 61.38
C ASN A 141 -25.90 -32.86 62.42
N GLU A 142 -26.46 -31.78 62.96
CA GLU A 142 -27.56 -31.90 63.91
C GLU A 142 -28.91 -32.14 63.23
N VAL A 143 -29.09 -31.60 62.02
CA VAL A 143 -30.38 -31.69 61.34
C VAL A 143 -30.46 -32.86 60.37
N LEU A 144 -29.41 -33.69 60.28
CA LEU A 144 -29.43 -34.81 59.35
C LEU A 144 -30.45 -35.86 59.79
N SER A 145 -30.88 -36.68 58.84
CA SER A 145 -31.83 -37.75 59.07
C SER A 145 -31.18 -39.09 58.78
N THR A 146 -31.57 -40.10 59.55
CA THR A 146 -31.01 -41.44 59.36
C THR A 146 -31.58 -42.09 58.11
N SER A 147 -30.83 -43.06 57.59
CA SER A 147 -31.25 -43.79 56.38
C SER A 147 -32.27 -44.88 56.66
N VAL A 148 -32.54 -45.19 57.93
CA VAL A 148 -33.52 -46.21 58.31
C VAL A 148 -34.89 -45.83 57.74
N ASP A 149 -35.47 -44.74 58.24
CA ASP A 149 -36.78 -44.24 57.81
C ASP A 149 -37.81 -45.32 58.05
N THR A 150 -38.56 -45.76 57.04
CA THR A 150 -39.60 -46.77 57.22
C THR A 150 -38.97 -48.17 57.13
N LEU A 151 -39.82 -49.20 57.10
CA LEU A 151 -39.38 -50.58 57.00
C LEU A 151 -38.52 -50.78 55.75
N GLY A 152 -39.11 -50.62 54.58
CA GLY A 152 -38.37 -50.73 53.34
C GLY A 152 -37.35 -49.62 53.18
N LYS A 153 -36.52 -49.76 52.14
CA LYS A 153 -35.49 -48.77 51.85
C LYS A 153 -36.09 -47.39 51.63
N GLU A 154 -36.80 -47.20 50.50
CA GLU A 154 -37.44 -45.94 50.16
C GLU A 154 -36.47 -44.76 50.22
N THR A 155 -35.20 -45.02 49.88
CA THR A 155 -34.17 -43.98 49.90
C THR A 155 -33.44 -43.92 48.56
N LEU A 156 -32.72 -45.00 48.22
CA LEU A 156 -31.90 -45.00 47.02
C LEU A 156 -32.71 -44.69 45.76
N ILE A 157 -33.99 -45.04 45.75
CA ILE A 157 -34.84 -44.65 44.62
C ILE A 157 -35.04 -43.14 44.59
N ASN A 158 -35.21 -42.52 45.77
CA ASN A 158 -35.37 -41.08 45.85
C ASN A 158 -34.05 -40.33 45.74
N ILE A 159 -32.93 -41.00 46.04
CA ILE A 159 -31.63 -40.35 45.89
C ILE A 159 -31.32 -40.05 44.43
N ALA A 160 -31.60 -41.01 43.54
CA ALA A 160 -31.32 -40.81 42.13
C ALA A 160 -32.23 -39.76 41.52
N LYS A 161 -33.48 -39.66 41.99
CA LYS A 161 -34.41 -38.69 41.44
C LYS A 161 -33.94 -37.26 41.64
N THR A 162 -33.19 -37.01 42.72
CA THR A 162 -32.64 -35.68 42.94
C THR A 162 -31.54 -35.37 41.94
N SER A 163 -30.67 -36.35 41.65
CA SER A 163 -29.60 -36.13 40.69
C SER A 163 -30.13 -36.04 39.26
N MET A 164 -31.24 -36.71 38.97
CA MET A 164 -31.83 -36.64 37.63
C MET A 164 -32.50 -35.31 37.35
N SER A 165 -32.69 -34.47 38.37
CA SER A 165 -33.26 -33.15 38.16
C SER A 165 -32.31 -32.28 37.35
N SER A 166 -32.86 -31.22 36.76
CA SER A 166 -32.18 -30.27 35.89
C SER A 166 -31.78 -30.89 34.54
N LYS A 167 -32.06 -32.16 34.32
CA LYS A 167 -31.67 -32.86 33.11
C LYS A 167 -32.91 -33.22 32.30
N ILE A 168 -32.70 -33.39 30.99
CA ILE A 168 -33.80 -33.70 30.07
C ILE A 168 -34.47 -35.02 30.45
N ILE A 169 -33.75 -35.91 31.11
CA ILE A 169 -34.28 -37.22 31.48
C ILE A 169 -34.95 -37.14 32.85
N GLY A 170 -35.05 -35.93 33.40
CA GLY A 170 -35.67 -35.75 34.70
C GLY A 170 -37.12 -36.21 34.74
N ALA A 171 -37.84 -36.06 33.63
CA ALA A 171 -39.22 -36.55 33.58
C ALA A 171 -39.27 -38.07 33.60
N ASP A 172 -38.22 -38.73 33.10
CA ASP A 172 -38.12 -40.18 33.10
C ASP A 172 -37.40 -40.73 34.32
N SER A 173 -37.08 -39.88 35.30
CA SER A 173 -36.31 -40.29 36.46
C SER A 173 -36.94 -41.48 37.18
N ASP A 174 -38.26 -41.64 37.08
CA ASP A 174 -38.91 -42.79 37.70
C ASP A 174 -38.42 -44.10 37.10
N PHE A 175 -38.13 -44.11 35.80
CA PHE A 175 -37.62 -45.33 35.16
C PHE A 175 -36.13 -45.52 35.43
N PHE A 176 -35.35 -44.45 35.37
CA PHE A 176 -33.92 -44.54 35.59
C PHE A 176 -33.54 -44.68 37.05
N SER A 177 -34.50 -44.56 37.97
CA SER A 177 -34.18 -44.69 39.40
C SER A 177 -33.76 -46.11 39.74
N ASN A 178 -34.46 -47.11 39.21
CA ASN A 178 -34.13 -48.50 39.50
C ASN A 178 -32.89 -48.98 38.75
N MET A 179 -32.51 -48.30 37.66
CA MET A 179 -31.33 -48.72 36.91
C MET A 179 -30.05 -48.29 37.59
N VAL A 180 -30.02 -47.09 38.17
CA VAL A 180 -28.81 -46.60 38.82
C VAL A 180 -28.55 -47.37 40.12
N VAL A 181 -29.61 -47.68 40.87
CA VAL A 181 -29.44 -48.38 42.13
C VAL A 181 -28.94 -49.80 41.89
N ASP A 182 -29.54 -50.51 40.92
CA ASP A 182 -29.14 -51.88 40.65
C ASP A 182 -27.78 -51.97 39.99
N ALA A 183 -27.31 -50.89 39.35
CA ALA A 183 -26.01 -50.92 38.69
C ALA A 183 -24.86 -50.78 39.68
N LEU A 184 -25.04 -49.94 40.70
CA LEU A 184 -23.95 -49.72 41.67
C LEU A 184 -23.83 -50.89 42.63
N LEU A 185 -24.95 -51.50 43.03
CA LEU A 185 -24.91 -52.62 43.96
C LEU A 185 -24.26 -53.85 43.35
N ALA A 186 -24.28 -53.98 42.02
CA ALA A 186 -23.65 -55.13 41.38
C ALA A 186 -22.13 -54.97 41.27
N VAL A 187 -21.65 -53.73 41.08
CA VAL A 187 -20.23 -53.49 40.87
C VAL A 187 -19.46 -53.24 42.16
N LYS A 188 -20.12 -53.34 43.31
CA LYS A 188 -19.45 -53.08 44.58
C LYS A 188 -18.35 -54.09 44.83
N THR A 189 -17.33 -53.65 45.58
CA THR A 189 -16.19 -54.48 45.92
C THR A 189 -15.93 -54.38 47.42
N GLN A 190 -14.88 -55.06 47.88
CA GLN A 190 -14.53 -55.09 49.29
C GLN A 190 -13.03 -54.89 49.44
N ASN A 191 -12.64 -54.06 50.41
CA ASN A 191 -11.23 -53.78 50.68
C ASN A 191 -11.12 -53.30 52.11
N SER A 192 -9.89 -53.06 52.55
CA SER A 192 -9.60 -52.55 53.90
C SER A 192 -10.21 -53.43 54.99
N LYS A 193 -10.32 -54.73 54.71
CA LYS A 193 -10.85 -55.72 55.64
C LYS A 193 -12.27 -55.34 56.09
N GLY A 194 -13.20 -55.44 55.14
CA GLY A 194 -14.61 -55.23 55.39
C GLY A 194 -15.18 -53.93 54.86
N GLU A 195 -14.35 -52.98 54.45
CA GLU A 195 -14.85 -51.72 53.92
C GLU A 195 -15.28 -51.89 52.48
N ILE A 196 -16.53 -51.52 52.19
CA ILE A 196 -17.10 -51.66 50.86
C ILE A 196 -16.75 -50.43 50.03
N LYS A 197 -16.23 -50.66 48.83
CA LYS A 197 -15.87 -49.58 47.92
C LYS A 197 -16.73 -49.66 46.67
N TYR A 198 -16.89 -48.50 46.01
CA TYR A 198 -17.78 -48.35 44.85
C TYR A 198 -16.96 -47.81 43.69
N PRO A 199 -16.45 -48.68 42.81
CA PRO A 199 -15.62 -48.21 41.70
C PRO A 199 -16.44 -47.53 40.61
N VAL A 200 -16.71 -46.23 40.80
CA VAL A 200 -17.44 -45.46 39.81
C VAL A 200 -16.70 -45.52 38.47
N LYS A 201 -17.47 -45.50 37.38
CA LYS A 201 -17.08 -45.60 35.97
C LYS A 201 -16.92 -47.06 35.54
N ALA A 202 -17.07 -48.03 36.45
CA ALA A 202 -17.03 -49.43 36.06
C ALA A 202 -18.24 -49.83 35.22
N VAL A 203 -19.35 -49.09 35.32
CA VAL A 203 -20.54 -49.36 34.52
C VAL A 203 -20.34 -48.78 33.13
N ASN A 204 -20.44 -49.63 32.12
CA ASN A 204 -20.22 -49.18 30.75
C ASN A 204 -21.43 -48.38 30.27
N VAL A 205 -21.16 -47.25 29.63
CA VAL A 205 -22.20 -46.39 29.07
C VAL A 205 -22.08 -46.46 27.55
N LEU A 206 -23.09 -47.05 26.91
CA LEU A 206 -23.08 -47.25 25.47
C LEU A 206 -24.04 -46.28 24.79
N LYS A 207 -23.67 -45.87 23.59
CA LYS A 207 -24.46 -44.92 22.80
C LYS A 207 -25.12 -45.66 21.66
N ALA A 208 -26.45 -45.72 21.68
CA ALA A 208 -27.23 -46.38 20.64
C ALA A 208 -28.30 -45.43 20.14
N HIS A 209 -28.79 -45.70 18.93
CA HIS A 209 -29.81 -44.88 18.30
C HIS A 209 -31.07 -45.71 18.07
N GLY A 210 -32.22 -45.04 18.14
CA GLY A 210 -33.50 -45.69 17.94
C GLY A 210 -34.24 -45.94 19.25
N LYS A 211 -35.48 -46.38 19.09
CA LYS A 211 -36.38 -46.69 20.22
C LYS A 211 -36.54 -45.42 21.06
N SER A 212 -36.40 -45.49 22.38
CA SER A 212 -36.57 -44.32 23.22
C SER A 212 -35.79 -44.54 24.51
N ALA A 213 -35.55 -43.43 25.23
CA ALA A 213 -34.82 -43.51 26.49
C ALA A 213 -35.59 -44.30 27.54
N THR A 214 -36.92 -44.36 27.43
CA THR A 214 -37.72 -45.12 28.38
C THR A 214 -37.61 -46.62 28.17
N GLU A 215 -37.20 -47.06 26.98
CA GLU A 215 -37.06 -48.47 26.68
C GLU A 215 -35.64 -48.99 26.89
N SER A 216 -34.73 -48.16 27.39
CA SER A 216 -33.36 -48.60 27.64
C SER A 216 -33.35 -49.74 28.66
N LEU A 217 -32.71 -50.84 28.31
CA LEU A 217 -32.67 -52.03 29.14
C LEU A 217 -31.36 -52.09 29.91
N LEU A 218 -31.46 -52.42 31.19
CA LEU A 218 -30.29 -52.59 32.04
C LEU A 218 -29.67 -53.96 31.79
N VAL A 219 -28.41 -53.97 31.38
CA VAL A 219 -27.71 -55.22 31.05
C VAL A 219 -27.23 -55.88 32.34
N PRO A 220 -27.70 -57.08 32.67
CA PRO A 220 -27.21 -57.76 33.86
C PRO A 220 -25.81 -58.32 33.66
N GLY A 221 -24.84 -57.44 33.47
CA GLY A 221 -23.47 -57.84 33.22
C GLY A 221 -22.75 -56.75 32.45
N TYR A 222 -21.49 -57.05 32.13
CA TYR A 222 -20.64 -56.11 31.41
C TYR A 222 -20.87 -56.22 29.91
N ALA A 223 -20.83 -55.08 29.24
CA ALA A 223 -20.98 -55.00 27.79
C ALA A 223 -19.73 -54.36 27.21
N LEU A 224 -19.00 -55.13 26.40
CA LEU A 224 -17.77 -54.65 25.79
C LEU A 224 -18.05 -54.01 24.44
N ASN A 225 -17.51 -52.81 24.23
CA ASN A 225 -17.69 -52.08 22.98
C ASN A 225 -16.51 -52.39 22.07
N CYS A 226 -16.77 -53.10 20.98
CA CYS A 226 -15.75 -53.53 20.03
C CYS A 226 -16.45 -54.26 18.89
N THR A 227 -15.67 -54.63 17.88
CA THR A 227 -16.17 -55.35 16.72
C THR A 227 -15.56 -56.74 16.66
N VAL A 228 -16.29 -57.66 16.04
CA VAL A 228 -15.82 -59.04 15.93
C VAL A 228 -14.64 -59.10 14.98
N ALA A 229 -13.66 -59.93 15.31
CA ALA A 229 -12.46 -60.09 14.50
C ALA A 229 -12.79 -60.55 13.09
N SER A 230 -13.30 -61.78 12.96
CA SER A 230 -13.66 -62.35 11.66
C SER A 230 -15.15 -62.64 11.63
N GLN A 231 -15.74 -62.49 10.43
CA GLN A 231 -17.16 -62.75 10.27
C GLN A 231 -17.49 -64.24 10.27
N ALA A 232 -16.50 -65.10 10.01
CA ALA A 232 -16.73 -66.53 10.01
C ALA A 232 -16.91 -67.10 11.41
N MET A 233 -16.61 -66.33 12.44
CA MET A 233 -16.78 -66.79 13.81
C MET A 233 -18.27 -66.84 14.17
N PRO A 234 -18.67 -67.74 15.07
CA PRO A 234 -20.08 -67.78 15.50
C PRO A 234 -20.45 -66.50 16.24
N LYS A 235 -21.60 -65.93 15.88
CA LYS A 235 -21.99 -64.65 16.44
C LYS A 235 -22.55 -64.77 17.86
N ARG A 236 -23.11 -65.93 18.21
CA ARG A 236 -23.68 -66.13 19.53
C ARG A 236 -23.15 -67.44 20.10
N ILE A 237 -22.74 -67.40 21.37
CA ILE A 237 -22.22 -68.56 22.08
C ILE A 237 -23.16 -68.85 23.25
N ALA A 238 -23.67 -70.08 23.30
CA ALA A 238 -24.59 -70.51 24.33
C ALA A 238 -23.94 -71.56 25.22
N GLY A 239 -24.71 -72.06 26.18
CA GLY A 239 -24.20 -73.05 27.11
C GLY A 239 -23.55 -72.43 28.34
N GLY A 240 -23.60 -73.18 29.44
CA GLY A 240 -23.04 -72.69 30.67
C GLY A 240 -21.53 -72.86 30.74
N ASN A 241 -20.92 -72.10 31.64
CA ASN A 241 -19.47 -72.13 31.88
C ASN A 241 -18.71 -71.80 30.60
N VAL A 242 -18.83 -70.54 30.18
CA VAL A 242 -18.15 -70.04 29.00
C VAL A 242 -16.78 -69.50 29.42
N LYS A 243 -15.72 -70.09 28.89
CA LYS A 243 -14.37 -69.69 29.26
C LYS A 243 -13.95 -68.47 28.45
N ILE A 244 -13.39 -67.47 29.14
CA ILE A 244 -12.95 -66.22 28.52
C ILE A 244 -11.48 -66.04 28.83
N ALA A 245 -10.69 -65.74 27.80
CA ALA A 245 -9.25 -65.53 27.92
C ALA A 245 -8.94 -64.07 27.69
N CYS A 246 -8.27 -63.45 28.66
CA CYS A 246 -7.83 -62.06 28.55
C CYS A 246 -6.31 -62.04 28.46
N LEU A 247 -5.79 -61.66 27.29
CA LEU A 247 -4.36 -61.65 27.04
C LEU A 247 -3.92 -60.25 26.61
N ASP A 248 -2.87 -59.76 27.24
CA ASP A 248 -2.27 -58.48 26.88
C ASP A 248 -1.10 -58.64 25.91
N LEU A 249 -0.83 -59.85 25.45
CA LEU A 249 0.32 -60.12 24.60
C LEU A 249 -0.08 -60.02 23.13
N ASN A 250 0.84 -59.52 22.31
CA ASN A 250 0.58 -59.35 20.89
C ASN A 250 0.44 -60.70 20.21
N LEU A 251 -0.66 -60.90 19.49
CA LEU A 251 -0.84 -62.09 18.67
C LEU A 251 -0.35 -61.91 17.24
N GLN A 252 0.02 -60.70 16.86
CA GLN A 252 0.56 -60.46 15.53
C GLN A 252 2.04 -60.85 15.48
N LYS A 253 2.50 -61.20 14.29
CA LYS A 253 3.90 -61.54 14.10
C LYS A 253 4.77 -60.30 14.26
N ALA A 254 5.79 -60.41 15.11
CA ALA A 254 6.67 -59.29 15.42
C ALA A 254 8.11 -59.64 15.05
N ARG A 255 8.92 -58.60 14.86
CA ARG A 255 10.31 -58.78 14.51
C ARG A 255 11.08 -59.41 15.68
N MET A 256 12.18 -60.06 15.34
CA MET A 256 13.00 -60.72 16.35
C MET A 256 13.72 -59.67 17.22
N ALA A 257 13.52 -59.77 18.52
CA ALA A 257 14.10 -58.83 19.51
C ALA A 257 13.67 -57.41 19.11
N MET A 258 14.57 -56.44 19.11
CA MET A 258 14.22 -55.08 18.75
C MET A 258 15.18 -54.53 17.69
N GLY A 259 16.44 -54.30 18.09
CA GLY A 259 17.42 -53.72 17.19
C GLY A 259 18.50 -54.66 16.68
N VAL A 260 18.33 -55.97 16.82
CA VAL A 260 19.34 -56.92 16.37
C VAL A 260 19.27 -57.07 14.86
N GLN A 261 20.15 -57.89 14.30
CA GLN A 261 20.19 -58.15 12.87
C GLN A 261 20.36 -59.63 12.63
N ILE A 262 19.58 -60.16 11.69
CA ILE A 262 19.61 -61.59 11.37
C ILE A 262 20.56 -61.80 10.20
N ASN A 263 21.65 -62.52 10.46
CA ASN A 263 22.65 -62.85 9.44
C ASN A 263 22.65 -64.36 9.24
N ILE A 264 22.43 -64.80 8.00
CA ILE A 264 22.33 -66.21 7.66
C ILE A 264 23.40 -66.55 6.64
N ASP A 265 24.19 -67.57 6.92
CA ASP A 265 25.24 -68.02 6.01
C ASP A 265 24.72 -69.13 5.10
N ASP A 266 24.38 -70.28 5.66
CA ASP A 266 23.85 -71.39 4.89
C ASP A 266 22.49 -71.02 4.31
N PRO A 267 22.34 -70.97 2.98
CA PRO A 267 21.03 -70.60 2.41
C PRO A 267 19.93 -71.61 2.68
N GLU A 268 20.29 -72.87 3.00
CA GLU A 268 19.28 -73.88 3.30
C GLU A 268 18.49 -73.55 4.56
N GLN A 269 19.08 -72.77 5.47
CA GLN A 269 18.40 -72.38 6.70
C GLN A 269 17.64 -71.06 6.57
N LEU A 270 17.64 -70.45 5.38
CA LEU A 270 16.91 -69.20 5.21
C LEU A 270 15.42 -69.39 5.39
N GLU A 271 14.88 -70.49 4.87
CA GLU A 271 13.45 -70.74 4.99
C GLU A 271 13.08 -71.27 6.37
N GLN A 272 13.91 -72.17 6.93
CA GLN A 272 13.58 -72.80 8.21
C GLN A 272 13.55 -71.78 9.34
N ILE A 273 14.44 -70.78 9.30
CA ILE A 273 14.45 -69.76 10.34
C ILE A 273 13.21 -68.88 10.25
N ARG A 274 12.78 -68.56 9.03
CA ARG A 274 11.59 -67.72 8.87
C ARG A 274 10.32 -68.46 9.25
N LYS A 275 10.25 -69.78 9.00
CA LYS A 275 9.08 -70.55 9.40
C LYS A 275 8.95 -70.63 10.91
N ARG A 276 10.05 -70.55 11.65
CA ARG A 276 9.98 -70.63 13.09
C ARG A 276 9.41 -69.35 13.71
N GLU A 277 9.65 -68.21 13.07
CA GLU A 277 9.11 -66.95 13.58
C GLU A 277 7.59 -66.95 13.59
N ALA A 278 6.97 -67.53 12.56
CA ALA A 278 5.53 -67.64 12.51
C ALA A 278 5.00 -68.80 13.33
N GLY A 279 5.84 -69.78 13.67
CA GLY A 279 5.39 -70.91 14.45
C GLY A 279 5.35 -70.66 15.94
N ILE A 280 6.23 -69.78 16.44
CA ILE A 280 6.25 -69.47 17.86
C ILE A 280 4.97 -68.77 18.29
N VAL A 281 4.42 -67.93 17.40
CA VAL A 281 3.20 -67.20 17.74
C VAL A 281 2.03 -68.16 17.89
N LEU A 282 1.94 -69.17 17.03
CA LEU A 282 0.85 -70.13 17.09
C LEU A 282 0.99 -71.13 18.22
N GLU A 283 2.14 -71.16 18.91
CA GLU A 283 2.28 -72.06 20.06
C GLU A 283 1.41 -71.61 21.23
N ARG A 284 1.28 -70.29 21.43
CA ARG A 284 0.43 -69.78 22.48
C ARG A 284 -1.05 -69.98 22.15
N VAL A 285 -1.38 -70.03 20.86
CA VAL A 285 -2.77 -70.26 20.46
C VAL A 285 -3.14 -71.73 20.65
N LYS A 286 -2.20 -72.64 20.41
CA LYS A 286 -2.49 -74.06 20.59
C LYS A 286 -2.83 -74.41 22.03
N LYS A 287 -2.19 -73.72 22.99
CA LYS A 287 -2.52 -73.97 24.40
C LYS A 287 -3.88 -73.40 24.77
N ILE A 288 -4.34 -72.38 24.05
CA ILE A 288 -5.65 -71.81 24.33
C ILE A 288 -6.76 -72.68 23.77
N ILE A 289 -6.55 -73.22 22.56
CA ILE A 289 -7.56 -74.09 21.96
C ILE A 289 -7.73 -75.37 22.77
N ASP A 290 -6.63 -75.96 23.23
CA ASP A 290 -6.71 -77.16 24.04
C ASP A 290 -7.31 -76.89 25.41
N ALA A 291 -7.28 -75.64 25.89
CA ALA A 291 -7.86 -75.30 27.17
C ALA A 291 -9.37 -75.11 27.10
N GLY A 292 -9.93 -74.97 25.91
CA GLY A 292 -11.36 -74.81 25.77
C GLY A 292 -11.88 -73.41 25.96
N ALA A 293 -11.07 -72.40 25.67
CA ALA A 293 -11.49 -71.01 25.81
C ALA A 293 -12.40 -70.63 24.67
N GLN A 294 -13.62 -70.19 25.00
CA GLN A 294 -14.59 -69.83 23.96
C GLN A 294 -14.32 -68.44 23.41
N VAL A 295 -13.97 -67.48 24.27
CA VAL A 295 -13.74 -66.10 23.88
C VAL A 295 -12.31 -65.73 24.26
N VAL A 296 -11.57 -65.18 23.30
CA VAL A 296 -10.20 -64.74 23.52
C VAL A 296 -10.17 -63.23 23.37
N LEU A 297 -9.89 -62.53 24.47
CA LEU A 297 -9.82 -61.07 24.48
C LEU A 297 -8.35 -60.64 24.43
N THR A 298 -8.00 -59.84 23.44
CA THR A 298 -6.64 -59.40 23.22
C THR A 298 -6.60 -57.87 23.21
N THR A 299 -5.63 -57.30 23.93
CA THR A 299 -5.52 -55.84 24.00
C THR A 299 -5.16 -55.26 22.64
N LYS A 300 -4.16 -55.82 21.97
CA LYS A 300 -3.72 -55.33 20.66
C LYS A 300 -4.44 -56.10 19.56
N GLY A 301 -4.01 -55.89 18.31
CA GLY A 301 -4.63 -56.53 17.17
C GLY A 301 -4.31 -58.03 17.11
N ILE A 302 -4.96 -58.68 16.15
CA ILE A 302 -4.81 -60.11 15.94
C ILE A 302 -4.48 -60.35 14.48
N ASP A 303 -3.36 -61.01 14.21
CA ASP A 303 -2.95 -61.30 12.85
C ASP A 303 -3.80 -62.42 12.27
N ASP A 304 -3.82 -62.49 10.93
CA ASP A 304 -4.62 -63.51 10.24
C ASP A 304 -4.17 -64.92 10.56
N LEU A 305 -2.93 -65.11 11.03
CA LEU A 305 -2.49 -66.46 11.41
C LEU A 305 -3.29 -66.99 12.60
N CYS A 306 -3.69 -66.13 13.52
CA CYS A 306 -4.46 -66.54 14.67
C CYS A 306 -5.97 -66.59 14.40
N LEU A 307 -6.43 -66.02 13.30
CA LEU A 307 -7.85 -66.02 12.99
C LEU A 307 -8.32 -67.35 12.42
N LYS A 308 -7.46 -68.06 11.68
CA LYS A 308 -7.86 -69.33 11.10
C LYS A 308 -8.00 -70.41 12.16
N GLU A 309 -7.26 -70.30 13.26
CA GLU A 309 -7.37 -71.29 14.32
C GLU A 309 -8.60 -71.07 15.19
N PHE A 310 -9.09 -69.84 15.27
CA PHE A 310 -10.29 -69.55 16.06
C PHE A 310 -11.56 -69.96 15.33
N VAL A 311 -11.58 -69.87 14.00
CA VAL A 311 -12.78 -70.24 13.25
C VAL A 311 -12.94 -71.76 13.24
N GLU A 312 -11.83 -72.49 13.06
CA GLU A 312 -11.92 -73.95 13.03
C GLU A 312 -12.31 -74.50 14.40
N ALA A 313 -11.84 -73.86 15.47
CA ALA A 313 -12.15 -74.28 16.83
C ALA A 313 -13.40 -73.61 17.39
N LYS A 314 -14.09 -72.79 16.58
CA LYS A 314 -15.31 -72.09 17.01
C LYS A 314 -15.02 -71.20 18.23
N ILE A 315 -13.98 -70.38 18.11
CA ILE A 315 -13.57 -69.47 19.16
C ILE A 315 -13.76 -68.04 18.67
N MET A 316 -14.28 -67.18 19.54
CA MET A 316 -14.52 -65.78 19.20
C MET A 316 -13.31 -64.96 19.60
N GLY A 317 -12.59 -64.45 18.62
CA GLY A 317 -11.48 -63.55 18.87
C GLY A 317 -11.93 -62.10 18.90
N VAL A 318 -11.23 -61.30 19.71
CA VAL A 318 -11.52 -59.87 19.84
C VAL A 318 -10.18 -59.14 19.93
N ARG A 319 -10.05 -58.07 19.15
CA ARG A 319 -8.82 -57.29 19.07
C ARG A 319 -9.09 -55.84 19.40
N ARG A 320 -8.01 -55.10 19.67
CA ARG A 320 -8.08 -53.66 19.97
C ARG A 320 -8.95 -53.39 21.19
N CYS A 321 -8.65 -54.08 22.29
CA CYS A 321 -9.37 -53.91 23.53
C CYS A 321 -8.68 -52.87 24.41
N LYS A 322 -9.48 -52.07 25.10
CA LYS A 322 -8.94 -51.08 26.02
C LYS A 322 -8.35 -51.77 27.25
N LYS A 323 -7.25 -51.22 27.75
CA LYS A 323 -6.58 -51.83 28.91
C LYS A 323 -7.47 -51.75 30.15
N GLU A 324 -8.18 -50.64 30.33
CA GLU A 324 -9.05 -50.49 31.49
C GLU A 324 -10.31 -51.34 31.37
N ASP A 325 -10.69 -51.73 30.16
CA ASP A 325 -11.90 -52.53 29.98
C ASP A 325 -11.65 -53.99 30.34
N LEU A 326 -10.47 -54.51 30.01
CA LEU A 326 -10.19 -55.93 30.27
C LEU A 326 -9.97 -56.19 31.76
N ARG A 327 -9.55 -55.18 32.52
CA ARG A 327 -9.35 -55.37 33.95
C ARG A 327 -10.68 -55.60 34.66
N ARG A 328 -11.75 -54.95 34.19
CA ARG A 328 -13.07 -55.17 34.77
C ARG A 328 -13.67 -56.49 34.32
N ILE A 329 -13.28 -56.96 33.13
CA ILE A 329 -13.76 -58.26 32.66
C ILE A 329 -13.12 -59.39 33.46
N ALA A 330 -11.85 -59.23 33.83
CA ALA A 330 -11.15 -60.28 34.55
C ALA A 330 -11.76 -60.53 35.92
N ARG A 331 -12.04 -59.45 36.67
CA ARG A 331 -12.61 -59.63 38.00
C ARG A 331 -14.05 -60.11 37.93
N ALA A 332 -14.83 -59.60 36.97
CA ALA A 332 -16.23 -59.98 36.87
C ALA A 332 -16.36 -61.46 36.50
N THR A 333 -15.73 -61.87 35.40
CA THR A 333 -15.80 -63.26 34.96
C THR A 333 -14.94 -64.20 35.79
N GLY A 334 -14.05 -63.67 36.64
CA GLY A 334 -13.18 -64.49 37.44
C GLY A 334 -11.85 -64.82 36.80
N ALA A 335 -11.62 -64.39 35.56
CA ALA A 335 -10.36 -64.68 34.89
C ALA A 335 -9.24 -63.83 35.48
N THR A 336 -8.00 -64.29 35.26
CA THR A 336 -6.81 -63.58 35.68
C THR A 336 -6.13 -62.96 34.46
N LEU A 337 -5.82 -61.67 34.55
CA LEU A 337 -5.19 -60.98 33.44
C LEU A 337 -3.80 -61.55 33.18
N VAL A 338 -3.56 -61.96 31.93
CA VAL A 338 -2.32 -62.59 31.52
C VAL A 338 -1.60 -61.66 30.57
N SER A 339 -0.47 -61.10 31.03
CA SER A 339 0.36 -60.30 30.14
C SER A 339 1.25 -61.18 29.26
N SER A 340 1.71 -62.31 29.81
CA SER A 340 2.51 -63.26 29.05
C SER A 340 2.37 -64.63 29.70
N MET A 341 2.67 -65.66 28.92
CA MET A 341 2.57 -67.04 29.39
C MET A 341 3.91 -67.49 29.94
N SER A 342 3.98 -67.71 31.25
CA SER A 342 5.19 -68.12 31.95
C SER A 342 4.82 -68.31 33.41
N ASN A 343 5.76 -68.90 34.16
CA ASN A 343 5.59 -69.13 35.59
C ASN A 343 6.97 -69.14 36.24
N LEU A 344 7.01 -69.53 37.52
CA LEU A 344 8.27 -69.56 38.24
C LEU A 344 9.24 -70.58 37.64
N GLU A 345 8.73 -71.70 37.15
CA GLU A 345 9.57 -72.69 36.50
C GLU A 345 10.00 -72.22 35.13
N GLY A 346 11.09 -72.82 34.63
CA GLY A 346 11.60 -72.47 33.31
C GLY A 346 10.69 -72.86 32.17
N GLU A 347 9.80 -73.83 32.39
CA GLU A 347 8.90 -74.26 31.34
C GLU A 347 7.79 -73.23 31.11
N GLU A 348 7.21 -73.29 29.92
CA GLU A 348 6.12 -72.38 29.53
C GLU A 348 4.88 -73.20 29.24
N THR A 349 3.79 -72.89 29.95
CA THR A 349 2.53 -73.60 29.78
C THR A 349 1.39 -72.69 30.21
N PHE A 350 0.19 -73.05 29.77
CA PHE A 350 -1.02 -72.31 30.09
C PHE A 350 -1.86 -73.11 31.07
N GLU A 351 -2.31 -72.45 32.13
CA GLU A 351 -3.13 -73.09 33.16
C GLU A 351 -4.58 -72.68 33.00
N SER A 352 -5.49 -73.64 33.22
CA SER A 352 -6.91 -73.39 33.05
C SER A 352 -7.50 -72.48 34.12
N SER A 353 -6.76 -72.21 35.21
CA SER A 353 -7.27 -71.34 36.25
C SER A 353 -7.37 -69.89 35.80
N TYR A 354 -6.61 -69.50 34.78
CA TYR A 354 -6.65 -68.13 34.27
C TYR A 354 -7.89 -67.81 33.46
N LEU A 355 -8.72 -68.81 33.18
CA LEU A 355 -9.92 -68.61 32.38
C LEU A 355 -11.13 -68.34 33.28
N GLY A 356 -11.98 -67.41 32.84
CA GLY A 356 -13.16 -67.05 33.58
C GLY A 356 -14.37 -67.90 33.20
N LEU A 357 -15.49 -67.60 33.83
CA LEU A 357 -16.73 -68.33 33.61
C LEU A 357 -17.91 -67.36 33.65
N CYS A 358 -18.87 -67.56 32.75
CA CYS A 358 -20.09 -66.77 32.74
C CYS A 358 -21.21 -67.62 32.16
N ASP A 359 -22.42 -67.06 32.15
CA ASP A 359 -23.58 -67.80 31.64
C ASP A 359 -23.64 -67.80 30.12
N GLU A 360 -23.49 -66.62 29.50
CA GLU A 360 -23.65 -66.51 28.06
C GLU A 360 -22.82 -65.34 27.54
N VAL A 361 -22.33 -65.48 26.32
CA VAL A 361 -21.61 -64.43 25.61
C VAL A 361 -22.27 -64.23 24.26
N VAL A 362 -22.85 -63.06 24.03
CA VAL A 362 -23.55 -62.75 22.80
C VAL A 362 -23.16 -61.34 22.35
N GLN A 363 -23.06 -61.14 21.04
CA GLN A 363 -22.71 -59.85 20.47
C GLN A 363 -23.96 -59.23 19.86
N ALA A 364 -24.34 -58.04 20.35
CA ALA A 364 -25.52 -57.33 19.88
C ALA A 364 -25.11 -56.15 19.01
N LYS A 365 -25.89 -55.92 17.95
CA LYS A 365 -25.63 -54.84 17.01
C LYS A 365 -26.89 -54.01 16.87
N PHE A 366 -26.83 -52.75 17.31
CA PHE A 366 -27.96 -51.83 17.19
C PHE A 366 -27.43 -50.48 16.73
N SER A 367 -27.92 -50.02 15.58
CA SER A 367 -27.60 -48.68 15.05
C SER A 367 -26.09 -48.49 14.89
N ASP A 368 -25.47 -49.42 14.16
CA ASP A 368 -24.06 -49.36 13.80
C ASP A 368 -23.17 -49.59 15.03
N ASP A 369 -23.77 -49.70 16.20
CA ASP A 369 -23.02 -49.96 17.43
C ASP A 369 -22.99 -51.46 17.70
N GLU A 370 -21.81 -52.05 17.61
CA GLU A 370 -21.62 -53.47 17.90
C GLU A 370 -21.02 -53.62 19.28
N CYS A 371 -21.65 -54.44 20.12
CA CYS A 371 -21.21 -54.64 21.49
C CYS A 371 -21.44 -56.09 21.89
N ILE A 372 -20.49 -56.66 22.63
CA ILE A 372 -20.60 -58.02 23.11
C ILE A 372 -21.19 -57.98 24.52
N LEU A 373 -22.32 -58.66 24.69
CA LEU A 373 -23.03 -58.69 25.97
C LEU A 373 -22.57 -59.90 26.77
N ILE A 374 -21.89 -59.65 27.88
CA ILE A 374 -21.44 -60.70 28.79
C ILE A 374 -22.36 -60.66 30.01
N LYS A 375 -23.16 -61.69 30.18
CA LYS A 375 -24.15 -61.75 31.25
C LYS A 375 -23.95 -63.00 32.09
N GLY A 376 -24.39 -62.92 33.35
CA GLY A 376 -24.34 -64.06 34.24
C GLY A 376 -22.96 -64.43 34.72
N THR A 377 -22.19 -63.44 35.17
CA THR A 377 -20.88 -63.70 35.74
C THR A 377 -21.03 -64.34 37.11
N SER A 378 -20.41 -65.50 37.30
CA SER A 378 -20.58 -66.25 38.53
C SER A 378 -19.76 -65.67 39.68
N LYS A 379 -18.49 -65.35 39.42
CA LYS A 379 -17.60 -64.91 40.49
C LYS A 379 -18.02 -63.55 41.04
N HIS A 380 -18.12 -62.55 40.17
CA HIS A 380 -18.49 -61.20 40.59
C HIS A 380 -19.43 -60.59 39.57
N SER A 381 -20.57 -60.08 40.04
CA SER A 381 -21.55 -59.49 39.15
C SER A 381 -21.07 -58.14 38.64
N SER A 382 -21.66 -57.74 37.50
CA SER A 382 -21.36 -56.45 36.89
C SER A 382 -22.65 -55.92 36.26
N SER A 383 -22.57 -54.73 35.66
CA SER A 383 -23.73 -54.10 35.06
C SER A 383 -23.28 -53.15 33.95
N SER A 384 -24.21 -52.88 33.04
CA SER A 384 -23.97 -51.96 31.94
C SER A 384 -25.30 -51.32 31.54
N ILE A 385 -25.21 -50.08 31.06
CA ILE A 385 -26.39 -49.31 30.67
C ILE A 385 -26.23 -48.89 29.22
N ILE A 386 -27.24 -49.18 28.40
CA ILE A 386 -27.25 -48.81 26.99
C ILE A 386 -28.22 -47.66 26.84
N LEU A 387 -27.70 -46.48 26.53
CA LEU A 387 -28.52 -45.28 26.35
C LEU A 387 -28.96 -45.15 24.90
N ARG A 388 -30.20 -44.72 24.71
CA ARG A 388 -30.77 -44.50 23.38
C ARG A 388 -31.35 -43.09 23.31
N GLY A 389 -31.02 -42.37 22.24
CA GLY A 389 -31.46 -41.00 22.11
C GLY A 389 -31.45 -40.56 20.68
N ALA A 390 -31.68 -39.26 20.49
CA ALA A 390 -31.73 -38.64 19.16
C ALA A 390 -30.43 -38.89 18.39
N ASN A 391 -29.33 -38.31 18.88
CA ASN A 391 -28.04 -38.42 18.20
C ASN A 391 -26.95 -38.64 19.25
N ASP A 392 -25.70 -38.63 18.79
CA ASP A 392 -24.58 -38.81 19.72
C ASP A 392 -24.46 -37.65 20.68
N TYR A 393 -24.70 -36.43 20.20
CA TYR A 393 -24.62 -35.26 21.08
C TYR A 393 -25.78 -35.22 22.06
N SER A 394 -26.95 -35.77 21.68
CA SER A 394 -28.05 -35.88 22.61
C SER A 394 -27.74 -36.89 23.71
N LEU A 395 -26.93 -37.91 23.40
CA LEU A 395 -26.50 -38.87 24.40
C LEU A 395 -25.30 -38.41 25.20
N ASP A 396 -24.60 -37.35 24.75
CA ASP A 396 -23.48 -36.83 25.52
C ASP A 396 -23.95 -36.24 26.84
N GLU A 397 -25.12 -35.59 26.85
CA GLU A 397 -25.66 -35.09 28.09
C GLU A 397 -26.21 -36.22 28.96
N MET A 398 -26.82 -37.23 28.31
CA MET A 398 -27.30 -38.38 29.05
C MET A 398 -26.17 -39.22 29.62
N GLU A 399 -24.97 -39.16 29.03
CA GLU A 399 -23.84 -39.88 29.57
C GLU A 399 -23.36 -39.26 30.89
N ARG A 400 -23.28 -37.92 30.93
CA ARG A 400 -22.88 -37.23 32.15
C ARG A 400 -24.03 -37.12 33.15
N SER A 401 -25.28 -37.27 32.70
CA SER A 401 -26.41 -37.26 33.64
C SER A 401 -26.40 -38.50 34.51
N LEU A 402 -26.16 -39.67 33.92
CA LEU A 402 -26.06 -40.90 34.71
C LEU A 402 -24.74 -41.00 35.44
N HIS A 403 -23.70 -40.31 34.97
CA HIS A 403 -22.42 -40.34 35.66
C HIS A 403 -22.48 -39.59 36.98
N ASP A 404 -23.22 -38.48 37.03
CA ASP A 404 -23.38 -37.75 38.28
C ASP A 404 -24.30 -38.48 39.23
N SER A 405 -25.23 -39.29 38.71
CA SER A 405 -26.12 -40.04 39.58
C SER A 405 -25.39 -41.15 40.31
N LEU A 406 -24.33 -41.71 39.72
CA LEU A 406 -23.58 -42.77 40.37
C LEU A 406 -22.76 -42.22 41.54
N SER A 407 -22.34 -40.95 41.47
CA SER A 407 -21.57 -40.36 42.55
C SER A 407 -22.44 -39.96 43.73
N VAL A 408 -23.71 -39.63 43.48
CA VAL A 408 -24.60 -39.23 44.56
C VAL A 408 -25.02 -40.45 45.38
N VAL A 409 -25.35 -41.56 44.70
CA VAL A 409 -25.74 -42.77 45.41
C VAL A 409 -24.57 -43.35 46.18
N LYS A 410 -23.34 -43.14 45.69
CA LYS A 410 -22.17 -43.64 46.39
C LYS A 410 -22.02 -43.00 47.77
N ARG A 411 -22.33 -41.71 47.87
CA ARG A 411 -22.18 -41.02 49.14
C ARG A 411 -23.26 -41.42 50.15
N THR A 412 -24.42 -41.86 49.67
CA THR A 412 -25.50 -42.26 50.57
C THR A 412 -25.27 -43.64 51.15
N LEU A 413 -24.65 -44.55 50.40
CA LEU A 413 -24.39 -45.89 50.92
C LEU A 413 -23.20 -45.90 51.87
N GLU A 414 -22.16 -45.12 51.57
CA GLU A 414 -21.01 -45.04 52.47
C GLU A 414 -21.40 -44.32 53.77
N SER A 415 -22.08 -43.18 53.66
CA SER A 415 -22.57 -42.43 54.80
C SER A 415 -24.09 -42.34 54.69
N GLY A 416 -24.79 -42.98 55.61
CA GLY A 416 -26.24 -42.99 55.60
C GLY A 416 -26.90 -41.68 55.96
N ASN A 417 -26.12 -40.64 56.24
CA ASN A 417 -26.66 -39.33 56.61
C ASN A 417 -26.94 -38.53 55.36
N VAL A 418 -28.20 -38.12 55.18
CA VAL A 418 -28.62 -37.34 54.02
C VAL A 418 -29.41 -36.13 54.50
N VAL A 419 -29.48 -35.11 53.65
CA VAL A 419 -30.22 -33.89 53.94
C VAL A 419 -31.20 -33.62 52.81
N PRO A 420 -32.35 -33.00 53.09
CA PRO A 420 -33.31 -32.72 52.01
C PRO A 420 -32.82 -31.59 51.12
N GLY A 421 -33.16 -31.70 49.83
CA GLY A 421 -32.79 -30.71 48.84
C GLY A 421 -33.90 -29.71 48.58
N GLY A 422 -33.65 -28.86 47.58
CA GLY A 422 -34.61 -27.84 47.22
C GLY A 422 -34.54 -26.58 48.04
N GLY A 423 -33.37 -26.27 48.60
CA GLY A 423 -33.21 -25.09 49.41
C GLY A 423 -33.44 -25.28 50.89
N CYS A 424 -33.38 -26.52 51.38
CA CYS A 424 -33.58 -26.76 52.81
C CYS A 424 -32.35 -26.39 53.63
N VAL A 425 -31.17 -26.79 53.18
CA VAL A 425 -29.96 -26.52 53.94
C VAL A 425 -29.59 -25.03 53.86
N GLU A 426 -29.74 -24.43 52.69
CA GLU A 426 -29.37 -23.03 52.53
C GLU A 426 -30.26 -22.11 53.36
N ALA A 427 -31.55 -22.44 53.46
CA ALA A 427 -32.47 -21.62 54.23
C ALA A 427 -32.34 -21.88 55.73
N ALA A 428 -32.02 -23.10 56.13
CA ALA A 428 -31.90 -23.41 57.55
C ALA A 428 -30.68 -22.76 58.19
N LEU A 429 -29.61 -22.56 57.41
CA LEU A 429 -28.41 -21.93 57.94
C LEU A 429 -28.59 -20.44 58.17
N ASN A 430 -29.59 -19.82 57.54
CA ASN A 430 -29.80 -18.39 57.71
C ASN A 430 -30.31 -18.08 59.12
N ILE A 431 -31.37 -18.77 59.54
CA ILE A 431 -31.95 -18.51 60.86
C ILE A 431 -30.97 -18.88 61.97
N TYR A 432 -30.16 -19.92 61.76
CA TYR A 432 -29.21 -20.32 62.79
C TYR A 432 -28.10 -19.30 62.97
N LEU A 433 -27.69 -18.62 61.90
CA LEU A 433 -26.62 -17.63 61.97
C LEU A 433 -27.11 -16.23 62.31
N ASP A 434 -28.43 -16.00 62.34
CA ASP A 434 -28.94 -14.69 62.70
C ASP A 434 -28.73 -14.42 64.18
N ASN A 435 -29.12 -15.37 65.04
CA ASN A 435 -28.92 -15.20 66.48
C ASN A 435 -27.47 -15.42 66.89
N PHE A 436 -26.68 -16.12 66.08
CA PHE A 436 -25.28 -16.34 66.41
C PHE A 436 -24.45 -15.09 66.17
N ALA A 437 -24.83 -14.28 65.18
CA ALA A 437 -24.07 -13.06 64.89
C ALA A 437 -24.25 -12.01 65.97
N THR A 438 -25.43 -11.96 66.60
CA THR A 438 -25.67 -10.97 67.65
C THR A 438 -24.86 -11.24 68.90
N THR A 439 -24.41 -12.49 69.11
CA THR A 439 -23.62 -12.80 70.30
C THR A 439 -22.21 -12.24 70.17
N VAL A 440 -21.55 -12.47 69.03
CA VAL A 440 -20.19 -11.96 68.84
C VAL A 440 -20.20 -10.44 68.76
N GLY A 441 -21.00 -9.89 67.85
CA GLY A 441 -21.06 -8.45 67.71
C GLY A 441 -19.79 -7.87 67.12
N SER A 442 -19.48 -6.65 67.53
CA SER A 442 -18.30 -5.90 67.07
C SER A 442 -18.36 -5.80 65.55
N ARG A 443 -17.25 -5.99 64.85
CA ARG A 443 -17.22 -5.90 63.39
C ARG A 443 -17.52 -7.22 62.69
N GLU A 444 -17.58 -8.32 63.44
CA GLU A 444 -17.86 -9.62 62.85
C GLU A 444 -19.34 -9.93 62.76
N GLN A 445 -20.21 -9.08 63.33
CA GLN A 445 -21.64 -9.32 63.25
C GLN A 445 -22.16 -9.09 61.83
N LEU A 446 -21.61 -8.10 61.13
CA LEU A 446 -22.03 -7.83 59.76
C LEU A 446 -21.50 -8.86 58.79
N ALA A 447 -20.32 -9.42 59.06
CA ALA A 447 -19.76 -10.43 58.16
C ALA A 447 -20.54 -11.73 58.23
N ILE A 448 -20.98 -12.11 59.42
CA ILE A 448 -21.78 -13.33 59.56
C ILE A 448 -23.16 -13.13 58.98
N ALA A 449 -23.73 -11.93 59.13
CA ALA A 449 -25.06 -11.66 58.59
C ALA A 449 -25.07 -11.71 57.07
N GLU A 450 -23.99 -11.24 56.44
CA GLU A 450 -23.91 -11.29 54.98
C GLU A 450 -23.63 -12.71 54.50
N PHE A 451 -23.00 -13.54 55.33
CA PHE A 451 -22.77 -14.94 54.94
C PHE A 451 -24.07 -15.73 54.93
N ALA A 452 -24.97 -15.45 55.87
CA ALA A 452 -26.26 -16.13 55.88
C ALA A 452 -27.14 -15.66 54.74
N ALA A 453 -27.03 -14.38 54.37
CA ALA A 453 -27.80 -13.86 53.25
C ALA A 453 -27.22 -14.29 51.91
N ALA A 454 -25.93 -14.64 51.87
CA ALA A 454 -25.33 -15.10 50.62
C ALA A 454 -25.80 -16.49 50.24
N LEU A 455 -26.15 -17.32 51.22
CA LEU A 455 -26.67 -18.65 50.93
C LEU A 455 -28.09 -18.63 50.40
N LEU A 456 -28.77 -17.48 50.46
CA LEU A 456 -30.13 -17.37 49.95
C LEU A 456 -30.19 -17.35 48.43
N ILE A 457 -29.05 -17.31 47.74
CA ILE A 457 -29.08 -17.24 46.29
C ILE A 457 -29.55 -18.56 45.68
N ILE A 458 -29.30 -19.69 46.36
CA ILE A 458 -29.69 -21.00 45.87
C ILE A 458 -31.21 -21.16 45.87
N PRO A 459 -31.92 -20.91 46.98
CA PRO A 459 -33.38 -21.05 46.93
C PRO A 459 -34.07 -20.00 46.08
N LYS A 460 -33.49 -18.81 45.95
CA LYS A 460 -34.09 -17.78 45.12
C LYS A 460 -33.90 -18.06 43.63
N THR A 461 -32.78 -18.69 43.27
CA THR A 461 -32.55 -19.03 41.86
C THR A 461 -33.58 -20.04 41.36
N LEU A 462 -34.08 -20.89 42.24
CA LEU A 462 -35.07 -21.89 41.85
C LEU A 462 -36.34 -21.22 41.32
N ALA A 463 -36.81 -20.17 42.00
CA ALA A 463 -38.04 -19.51 41.61
C ALA A 463 -37.85 -18.57 40.43
N VAL A 464 -36.67 -17.99 40.26
CA VAL A 464 -36.43 -17.08 39.15
C VAL A 464 -36.46 -17.83 37.83
N ASN A 465 -35.78 -18.99 37.79
CA ASN A 465 -35.77 -19.80 36.58
C ASN A 465 -37.10 -20.47 36.29
N ALA A 466 -38.02 -20.49 37.27
CA ALA A 466 -39.33 -21.09 37.09
C ALA A 466 -40.38 -20.11 36.58
N ALA A 467 -40.00 -18.87 36.31
CA ALA A 467 -40.91 -17.84 35.81
C ALA A 467 -42.09 -17.63 36.76
N LYS A 468 -41.81 -17.66 38.06
CA LYS A 468 -42.81 -17.44 39.09
C LYS A 468 -42.34 -16.32 40.00
N ASP A 469 -43.17 -16.01 41.01
CA ASP A 469 -42.83 -14.96 41.97
C ASP A 469 -41.90 -15.54 43.03
N SER A 470 -40.71 -14.97 43.16
CA SER A 470 -39.70 -15.51 44.06
C SER A 470 -39.97 -15.10 45.51
N SER A 471 -40.43 -13.87 45.72
CA SER A 471 -40.56 -13.36 47.09
C SER A 471 -41.61 -14.13 47.88
N GLU A 472 -42.77 -14.40 47.26
CA GLU A 472 -43.82 -15.14 47.97
C GLU A 472 -43.38 -16.55 48.33
N LEU A 473 -42.48 -17.15 47.53
CA LEU A 473 -41.97 -18.46 47.87
C LEU A 473 -40.89 -18.39 48.94
N VAL A 474 -40.09 -17.33 48.94
CA VAL A 474 -39.04 -17.18 49.95
C VAL A 474 -39.62 -16.67 51.26
N ALA A 475 -40.58 -15.75 51.20
CA ALA A 475 -41.18 -15.23 52.42
C ALA A 475 -41.91 -16.33 53.19
N LYS A 476 -42.64 -17.19 52.48
CA LYS A 476 -43.29 -18.32 53.14
C LYS A 476 -42.27 -19.37 53.56
N LEU A 477 -41.12 -19.43 52.87
CA LEU A 477 -40.07 -20.36 53.26
C LEU A 477 -39.47 -20.00 54.60
N ARG A 478 -39.15 -18.71 54.80
CA ARG A 478 -38.55 -18.28 56.05
C ARG A 478 -39.51 -18.45 57.23
N SER A 479 -40.82 -18.42 56.97
CA SER A 479 -41.78 -18.55 58.06
C SER A 479 -41.64 -19.89 58.78
N TYR A 480 -41.30 -20.95 58.05
CA TYR A 480 -41.10 -22.24 58.67
C TYR A 480 -39.73 -22.34 59.34
N HIS A 481 -38.70 -21.75 58.74
CA HIS A 481 -37.35 -21.83 59.31
C HIS A 481 -37.17 -20.89 60.48
N ALA A 482 -37.73 -19.67 60.40
CA ALA A 482 -37.65 -18.75 61.54
C ALA A 482 -38.41 -19.29 62.74
N ALA A 483 -39.49 -20.02 62.51
CA ALA A 483 -40.22 -20.67 63.60
C ALA A 483 -39.64 -22.03 63.98
N SER A 484 -38.67 -22.53 63.23
CA SER A 484 -38.05 -23.82 63.55
C SER A 484 -37.07 -23.68 64.70
N GLN A 485 -36.31 -22.58 64.74
CA GLN A 485 -35.40 -22.35 65.85
C GLN A 485 -36.15 -22.06 67.13
N MET A 486 -37.29 -21.38 67.03
CA MET A 486 -38.15 -21.07 68.16
C MET A 486 -39.22 -22.13 68.39
N ALA A 487 -39.19 -23.23 67.62
CA ALA A 487 -40.20 -24.27 67.75
C ALA A 487 -40.22 -24.87 69.16
N LYS A 488 -39.05 -24.94 69.81
CA LYS A 488 -38.77 -25.29 71.21
C LYS A 488 -39.14 -26.74 71.50
N PRO A 489 -38.54 -27.36 72.52
CA PRO A 489 -38.87 -28.77 72.81
C PRO A 489 -40.30 -28.98 73.26
N GLU A 490 -40.66 -30.23 73.52
CA GLU A 490 -42.01 -30.58 73.94
C GLU A 490 -42.19 -30.33 75.44
N LYS A 493 -43.92 -36.14 67.36
CA LYS A 493 -42.76 -35.28 67.59
C LYS A 493 -43.19 -33.81 67.68
N ARG A 494 -44.21 -33.46 66.89
CA ARG A 494 -44.97 -32.21 66.93
C ARG A 494 -44.11 -30.97 66.64
N ARG A 495 -42.78 -31.15 66.60
CA ARG A 495 -41.88 -30.06 66.25
C ARG A 495 -42.14 -29.56 64.84
N SER A 496 -41.86 -30.40 63.84
CA SER A 496 -41.99 -30.06 62.43
C SER A 496 -41.22 -28.80 62.08
N TYR A 497 -41.80 -27.96 61.23
CA TYR A 497 -41.24 -26.66 60.85
C TYR A 497 -39.92 -26.79 60.08
N ARG A 498 -39.41 -28.00 59.95
CA ARG A 498 -38.13 -28.26 59.32
C ARG A 498 -38.30 -29.26 58.18
N ASN A 499 -37.26 -29.33 57.33
CA ASN A 499 -37.24 -30.21 56.16
C ASN A 499 -38.33 -29.83 55.15
N TYR A 500 -38.54 -28.53 55.00
CA TYR A 500 -39.48 -28.00 54.01
C TYR A 500 -38.70 -27.24 52.93
N GLY A 501 -39.20 -27.33 51.70
CA GLY A 501 -38.52 -26.74 50.56
C GLY A 501 -39.51 -26.33 49.50
N LEU A 502 -38.98 -25.69 48.46
CA LEU A 502 -39.82 -25.16 47.38
C LEU A 502 -40.14 -26.25 46.36
N ASP A 503 -41.41 -26.35 45.99
CA ASP A 503 -41.86 -27.19 44.90
C ASP A 503 -42.12 -26.28 43.71
N LEU A 504 -41.27 -26.39 42.68
CA LEU A 504 -41.35 -25.46 41.55
C LEU A 504 -42.48 -25.82 40.59
N ILE A 505 -42.87 -27.09 40.53
CA ILE A 505 -43.93 -27.49 39.61
C ILE A 505 -45.28 -26.98 40.11
N ARG A 506 -45.62 -27.28 41.36
CA ARG A 506 -46.91 -26.89 41.93
C ARG A 506 -46.88 -25.53 42.59
N GLY A 507 -45.72 -24.93 42.79
CA GLY A 507 -45.63 -23.61 43.41
C GLY A 507 -46.08 -23.58 44.86
N LYS A 508 -45.78 -24.63 45.62
CA LYS A 508 -46.17 -24.71 47.02
C LYS A 508 -45.00 -25.19 47.85
N ILE A 509 -45.14 -25.06 49.17
CA ILE A 509 -44.13 -25.50 50.12
C ILE A 509 -44.61 -26.80 50.74
N VAL A 510 -43.91 -27.90 50.45
CA VAL A 510 -44.29 -29.23 50.94
C VAL A 510 -43.05 -29.89 51.54
N ASP A 511 -43.30 -30.97 52.29
CA ASP A 511 -42.21 -31.71 52.91
C ASP A 511 -41.39 -32.43 51.85
N GLU A 512 -40.07 -32.27 51.91
CA GLU A 512 -39.18 -32.90 50.95
C GLU A 512 -39.00 -34.40 51.21
N ILE A 513 -39.29 -34.86 52.42
CA ILE A 513 -39.19 -36.28 52.72
C ILE A 513 -40.26 -37.07 51.97
N HIS A 514 -41.50 -36.59 52.03
CA HIS A 514 -42.59 -37.23 51.29
C HIS A 514 -42.49 -36.95 49.79
N ALA A 515 -41.84 -35.88 49.39
CA ALA A 515 -41.68 -35.56 47.98
C ALA A 515 -40.61 -36.41 47.31
N GLY A 516 -39.73 -37.05 48.08
CA GLY A 516 -38.71 -37.91 47.50
C GLY A 516 -37.48 -37.18 47.01
N VAL A 517 -37.12 -36.07 47.64
CA VAL A 517 -35.94 -35.30 47.27
C VAL A 517 -34.98 -35.31 48.46
N LEU A 518 -33.84 -35.97 48.29
CA LEU A 518 -32.83 -36.05 49.33
C LEU A 518 -31.45 -35.85 48.70
N GLU A 519 -30.52 -35.34 49.50
CA GLU A 519 -29.16 -35.07 49.06
C GLU A 519 -28.20 -35.51 50.15
N PRO A 520 -27.04 -36.08 49.78
CA PRO A 520 -26.08 -36.51 50.80
C PRO A 520 -25.61 -35.35 51.68
N THR A 521 -25.34 -35.66 52.95
CA THR A 521 -24.88 -34.66 53.88
C THR A 521 -23.46 -34.22 53.57
N ILE A 522 -22.60 -35.17 53.14
CA ILE A 522 -21.22 -34.83 52.82
C ILE A 522 -21.13 -33.90 51.61
N SER A 523 -22.16 -33.87 50.77
CA SER A 523 -22.16 -32.95 49.64
C SER A 523 -22.25 -31.50 50.09
N LYS A 524 -22.90 -31.24 51.23
CA LYS A 524 -22.97 -29.87 51.75
C LYS A 524 -21.68 -29.46 52.44
N VAL A 525 -20.96 -30.40 53.04
CA VAL A 525 -19.74 -30.06 53.75
C VAL A 525 -18.62 -29.70 52.78
N LYS A 526 -18.46 -30.51 51.73
CA LYS A 526 -17.38 -30.26 50.77
C LYS A 526 -17.69 -29.07 49.87
N SER A 527 -18.97 -28.74 49.69
CA SER A 527 -19.33 -27.62 48.82
C SER A 527 -19.07 -26.28 49.51
N LEU A 528 -19.45 -26.16 50.78
CA LEU A 528 -19.26 -24.89 51.49
C LEU A 528 -17.79 -24.62 51.75
N LYS A 529 -16.98 -25.66 51.97
CA LYS A 529 -15.56 -25.46 52.20
C LYS A 529 -14.82 -25.11 50.92
N SER A 530 -15.21 -25.73 49.80
CA SER A 530 -14.56 -25.44 48.53
C SER A 530 -14.99 -24.08 47.98
N ALA A 531 -16.25 -23.69 48.19
CA ALA A 531 -16.70 -22.40 47.70
C ALA A 531 -16.13 -21.24 48.50
N LEU A 532 -15.77 -21.49 49.77
CA LEU A 532 -15.19 -20.42 50.58
C LEU A 532 -13.75 -20.15 50.19
N GLU A 533 -12.97 -21.21 49.94
CA GLU A 533 -11.57 -21.03 49.57
C GLU A 533 -11.43 -20.25 48.26
N ALA A 534 -12.42 -20.33 47.38
CA ALA A 534 -12.38 -19.54 46.15
C ALA A 534 -12.62 -18.06 46.45
N CYS A 535 -13.48 -17.77 47.43
CA CYS A 535 -13.75 -16.38 47.79
C CYS A 535 -12.65 -15.79 48.66
N VAL A 536 -12.02 -16.60 49.51
CA VAL A 536 -10.95 -16.10 50.37
C VAL A 536 -9.75 -15.66 49.54
N ALA A 537 -9.39 -16.45 48.52
CA ALA A 537 -8.23 -16.11 47.70
C ALA A 537 -8.46 -14.83 46.90
N ILE A 538 -9.70 -14.54 46.54
CA ILE A 538 -9.98 -13.35 45.74
C ILE A 538 -10.00 -12.09 46.61
N LEU A 539 -10.60 -12.18 47.80
CA LEU A 539 -10.66 -11.02 48.70
C LEU A 539 -9.28 -10.59 49.20
N ARG A 540 -8.28 -11.45 49.09
CA ARG A 540 -6.95 -11.16 49.60
C ARG A 540 -6.02 -10.57 48.55
N ILE A 541 -6.50 -10.36 47.32
CA ILE A 541 -5.66 -9.84 46.24
C ILE A 541 -5.85 -8.33 46.20
N ASP A 542 -4.80 -7.59 46.59
CA ASP A 542 -4.85 -6.13 46.53
C ASP A 542 -4.53 -5.60 45.14
N THR A 543 -3.52 -6.18 44.48
CA THR A 543 -3.03 -5.66 43.22
C THR A 543 -2.78 -6.80 42.24
N MET A 544 -3.26 -6.64 41.02
CA MET A 544 -3.05 -7.61 39.94
C MET A 544 -1.98 -7.08 38.99
N ILE A 545 -0.99 -7.91 38.70
CA ILE A 545 0.11 -7.54 37.82
C ILE A 545 0.10 -8.50 36.63
N THR A 546 -0.06 -7.95 35.44
CA THR A 546 -0.09 -8.73 34.20
C THR A 546 1.13 -8.38 33.37
N VAL A 547 1.99 -9.39 33.13
CA VAL A 547 3.21 -9.22 32.35
C VAL A 547 2.94 -9.67 30.93
N ASP A 548 3.26 -8.81 29.96
CA ASP A 548 3.06 -9.14 28.56
C ASP A 548 4.02 -10.24 28.13
N PRO A 549 3.59 -11.14 27.24
CA PRO A 549 4.47 -12.22 26.80
C PRO A 549 5.59 -11.71 25.92
N GLU A 550 6.72 -12.41 25.96
CA GLU A 550 7.89 -12.03 25.18
C GLU A 550 7.99 -12.87 23.91
N MET B 1 21.47 4.30 -32.78
CA MET B 1 22.82 3.76 -32.93
C MET B 1 23.66 4.07 -31.68
N SER B 2 23.03 4.66 -30.67
CA SER B 2 23.70 5.02 -29.43
C SER B 2 23.41 3.95 -28.39
N GLN B 3 24.47 3.34 -27.87
CA GLN B 3 24.36 2.31 -26.85
C GLN B 3 25.18 2.71 -25.62
N LEU B 4 24.86 2.07 -24.49
CA LEU B 4 25.50 2.26 -23.20
C LEU B 4 25.23 3.62 -22.59
N PHE B 5 24.53 4.51 -23.30
CA PHE B 5 24.20 5.86 -22.83
C PHE B 5 25.51 6.60 -22.61
N ASN B 6 25.71 7.29 -21.48
CA ASN B 6 26.95 8.00 -21.22
C ASN B 6 27.20 8.01 -19.72
N ASN B 7 28.49 7.94 -19.36
CA ASN B 7 28.89 7.93 -17.96
C ASN B 7 28.84 9.34 -17.39
N SER B 8 28.07 9.53 -16.33
CA SER B 8 27.94 10.84 -15.70
C SER B 8 29.18 11.13 -14.88
N ARG B 9 29.84 12.24 -15.16
CA ARG B 9 31.05 12.64 -14.44
C ARG B 9 30.67 13.57 -13.29
N SER B 10 31.23 13.29 -12.12
CA SER B 10 30.94 14.11 -10.95
C SER B 10 31.72 15.42 -10.94
N ASP B 11 32.85 15.48 -11.63
CA ASP B 11 33.60 16.74 -11.71
C ASP B 11 32.91 17.76 -12.61
N THR B 12 32.00 17.32 -13.47
CA THR B 12 31.25 18.19 -14.35
C THR B 12 29.79 18.16 -13.91
N LEU B 13 29.30 19.27 -13.36
CA LEU B 13 27.96 19.34 -12.80
C LEU B 13 27.24 20.57 -13.35
N PHE B 14 26.00 20.37 -13.80
CA PHE B 14 25.15 21.46 -14.26
C PHE B 14 23.72 21.15 -13.87
N LEU B 15 22.97 22.21 -13.55
CA LEU B 15 21.58 22.06 -13.17
C LEU B 15 20.75 21.58 -14.36
N GLY B 16 19.81 20.69 -14.09
CA GLY B 16 18.98 20.12 -15.13
C GLY B 16 19.54 18.81 -15.66
N GLY B 17 19.16 18.52 -16.91
CA GLY B 17 19.60 17.29 -17.53
C GLY B 17 21.10 17.26 -17.77
N GLU B 18 21.60 16.06 -18.03
CA GLU B 18 23.02 15.86 -18.25
C GLU B 18 23.45 16.46 -19.59
N LYS B 19 24.74 16.75 -19.70
CA LYS B 19 25.32 17.33 -20.91
C LYS B 19 26.07 16.24 -21.67
N ILE B 20 25.68 16.03 -22.93
CA ILE B 20 26.30 15.04 -23.81
C ILE B 20 27.13 15.77 -24.84
N SER B 21 28.37 15.33 -25.02
CA SER B 21 29.31 15.96 -25.94
C SER B 21 29.97 14.90 -26.80
N GLY B 22 30.64 15.35 -27.85
CA GLY B 22 31.33 14.46 -28.76
C GLY B 22 30.48 14.07 -29.95
N ASP B 23 30.83 12.91 -30.53
CA ASP B 23 30.13 12.41 -31.71
C ASP B 23 28.73 11.90 -31.39
N ASP B 24 28.36 11.79 -30.11
CA ASP B 24 27.04 11.29 -29.77
C ASP B 24 25.95 12.26 -30.18
N ILE B 25 26.24 13.56 -30.18
CA ILE B 25 25.22 14.55 -30.56
C ILE B 25 24.93 14.46 -32.05
N ARG B 26 25.97 14.41 -32.88
CA ARG B 26 25.77 14.32 -34.31
C ARG B 26 25.17 12.97 -34.71
N ASN B 27 25.40 11.94 -33.91
CA ASN B 27 24.77 10.65 -34.19
C ASN B 27 23.29 10.68 -33.85
N GLN B 28 22.91 11.41 -32.80
CA GLN B 28 21.50 11.55 -32.45
C GLN B 28 20.79 12.54 -33.36
N ASN B 29 21.53 13.52 -33.91
CA ASN B 29 20.92 14.46 -34.85
C ASN B 29 20.53 13.76 -36.14
N VAL B 30 21.40 12.89 -36.65
CA VAL B 30 21.07 12.12 -37.85
C VAL B 30 20.00 11.09 -37.54
N LEU B 31 20.06 10.50 -36.34
CA LEU B 31 19.02 9.55 -35.94
C LEU B 31 17.66 10.23 -35.84
N ALA B 32 17.63 11.45 -35.29
CA ALA B 32 16.39 12.22 -35.27
C ALA B 32 16.03 12.76 -36.65
N THR B 33 17.00 12.93 -37.54
CA THR B 33 16.72 13.39 -38.89
C THR B 33 16.09 12.28 -39.71
N MET B 34 16.65 11.06 -39.64
CA MET B 34 16.10 9.94 -40.38
C MET B 34 14.72 9.52 -39.89
N ALA B 35 14.35 9.93 -38.66
CA ALA B 35 13.02 9.60 -38.15
C ALA B 35 11.94 10.36 -38.92
N VAL B 36 12.12 11.67 -39.09
CA VAL B 36 11.16 12.46 -39.84
C VAL B 36 11.38 12.35 -41.35
N ALA B 37 12.54 11.85 -41.77
CA ALA B 37 12.82 11.72 -43.20
C ALA B 37 12.12 10.50 -43.79
N ASN B 38 12.14 9.37 -43.09
CA ASN B 38 11.52 8.15 -43.60
C ASN B 38 10.00 8.29 -43.72
N VAL B 39 9.41 9.29 -43.07
CA VAL B 39 7.97 9.48 -43.16
C VAL B 39 7.59 10.07 -44.51
N VAL B 40 8.41 11.00 -45.02
CA VAL B 40 8.10 11.67 -46.29
C VAL B 40 8.74 11.00 -47.49
N LYS B 41 9.53 9.94 -47.29
CA LYS B 41 10.12 9.25 -48.43
C LYS B 41 9.07 8.46 -49.21
N SER B 42 8.14 7.82 -48.52
CA SER B 42 7.09 7.04 -49.16
C SER B 42 5.99 7.91 -49.76
N SER B 43 5.91 9.17 -49.38
CA SER B 43 4.88 10.08 -49.89
C SER B 43 5.33 10.92 -51.07
N LEU B 44 6.56 10.72 -51.56
CA LEU B 44 7.10 11.54 -52.63
C LEU B 44 6.89 10.85 -53.98
N GLY B 45 6.46 11.63 -54.97
CA GLY B 45 6.32 11.14 -56.32
C GLY B 45 4.94 10.61 -56.62
N PRO B 46 4.55 10.60 -57.90
CA PRO B 46 3.24 10.06 -58.27
C PRO B 46 3.02 8.63 -57.82
N VAL B 47 4.09 7.83 -57.72
CA VAL B 47 3.98 6.48 -57.18
C VAL B 47 4.04 6.44 -55.67
N GLY B 48 4.19 7.60 -55.02
CA GLY B 48 4.25 7.63 -53.58
C GLY B 48 2.89 7.44 -52.92
N LEU B 49 2.94 7.14 -51.62
CA LEU B 49 1.74 6.88 -50.84
C LEU B 49 1.81 7.66 -49.54
N ASP B 50 0.72 8.31 -49.18
CA ASP B 50 0.68 9.14 -47.98
C ASP B 50 0.47 8.28 -46.74
N LYS B 51 0.42 8.94 -45.58
CA LYS B 51 0.28 8.26 -44.30
C LYS B 51 -0.90 8.86 -43.53
N MET B 52 -1.34 8.12 -42.51
CA MET B 52 -2.49 8.53 -41.69
C MET B 52 -2.02 8.78 -40.27
N LEU B 53 -2.67 9.74 -39.60
CA LEU B 53 -2.33 10.11 -38.24
C LEU B 53 -3.61 10.21 -37.42
N VAL B 54 -3.61 9.61 -36.23
CA VAL B 54 -4.76 9.61 -35.34
C VAL B 54 -4.62 10.75 -34.34
N ASP B 55 -5.72 11.47 -34.12
CA ASP B 55 -5.73 12.63 -33.23
C ASP B 55 -6.13 12.28 -31.80
N ASP B 56 -6.32 11.00 -31.49
CA ASP B 56 -6.67 10.42 -30.20
C ASP B 56 -8.15 10.64 -29.89
N ILE B 57 -8.84 11.54 -30.60
CA ILE B 57 -10.28 11.73 -30.41
C ILE B 57 -11.10 10.87 -31.37
N GLY B 58 -10.47 10.05 -32.18
CA GLY B 58 -11.13 9.25 -33.18
C GLY B 58 -11.04 9.80 -34.59
N ASP B 59 -10.80 11.10 -34.73
CA ASP B 59 -10.62 11.72 -36.05
C ASP B 59 -9.19 11.53 -36.53
N PHE B 60 -9.05 11.36 -37.84
CA PHE B 60 -7.75 11.20 -38.47
C PHE B 60 -7.57 12.27 -39.54
N THR B 61 -6.39 12.26 -40.17
CA THR B 61 -6.07 13.19 -41.25
C THR B 61 -5.31 12.43 -42.33
N VAL B 62 -5.81 12.50 -43.56
CA VAL B 62 -5.17 11.88 -44.71
C VAL B 62 -4.73 12.99 -45.65
N THR B 63 -3.42 13.20 -45.77
CA THR B 63 -2.88 14.21 -46.66
C THR B 63 -1.52 13.78 -47.15
N ASN B 64 -1.22 14.12 -48.40
CA ASN B 64 0.07 13.83 -48.99
C ASN B 64 1.11 14.92 -48.74
N ASP B 65 0.68 16.09 -48.27
CA ASP B 65 1.60 17.20 -48.06
C ASP B 65 2.50 16.90 -46.87
N GLY B 66 3.82 17.05 -47.08
CA GLY B 66 4.76 16.82 -46.00
C GLY B 66 4.74 17.88 -44.92
N ALA B 67 4.20 19.06 -45.23
CA ALA B 67 4.12 20.13 -44.23
C ALA B 67 3.09 19.80 -43.16
N THR B 68 1.91 19.34 -43.57
CA THR B 68 0.87 19.02 -42.61
C THR B 68 1.25 17.80 -41.78
N ILE B 69 1.94 16.83 -42.38
CA ILE B 69 2.37 15.63 -41.65
C ILE B 69 3.36 16.01 -40.56
N LEU B 70 4.36 16.84 -40.90
CA LEU B 70 5.34 17.27 -39.91
C LEU B 70 4.74 18.24 -38.92
N SER B 71 3.74 19.02 -39.33
CA SER B 71 3.10 19.94 -38.40
C SER B 71 2.33 19.20 -37.31
N LEU B 72 1.70 18.08 -37.66
CA LEU B 72 1.00 17.26 -36.68
C LEU B 72 1.94 16.49 -35.76
N LEU B 73 3.21 16.37 -36.12
CA LEU B 73 4.21 15.68 -35.31
C LEU B 73 4.95 16.71 -34.47
N ASP B 74 4.80 16.64 -33.16
CA ASP B 74 5.50 17.53 -32.23
C ASP B 74 6.79 16.84 -31.80
N VAL B 75 7.92 17.38 -32.23
CA VAL B 75 9.22 16.77 -32.00
C VAL B 75 9.83 17.36 -30.74
N GLN B 76 10.14 16.50 -29.76
CA GLN B 76 10.79 16.96 -28.54
C GLN B 76 12.30 17.13 -28.72
N HIS B 77 12.87 16.60 -29.78
CA HIS B 77 14.30 16.76 -30.03
C HIS B 77 14.59 18.19 -30.46
N PRO B 78 15.59 18.85 -29.87
CA PRO B 78 15.82 20.26 -30.22
C PRO B 78 16.16 20.49 -31.69
N ALA B 79 17.03 19.66 -32.26
CA ALA B 79 17.38 19.81 -33.67
C ALA B 79 16.30 19.28 -34.61
N GLY B 80 15.36 18.49 -34.08
CA GLY B 80 14.29 17.99 -34.93
C GLY B 80 13.24 19.03 -35.28
N LYS B 81 13.14 20.11 -34.49
CA LYS B 81 12.18 21.16 -34.79
C LYS B 81 12.58 21.99 -36.01
N ILE B 82 13.84 21.90 -36.44
CA ILE B 82 14.29 22.67 -37.59
C ILE B 82 13.65 22.14 -38.87
N LEU B 83 13.66 20.81 -39.05
CA LEU B 83 13.05 20.23 -40.23
C LEU B 83 11.53 20.35 -40.20
N VAL B 84 10.94 20.40 -39.01
CA VAL B 84 9.50 20.58 -38.90
C VAL B 84 9.11 22.00 -39.33
N GLU B 85 9.83 23.00 -38.82
CA GLU B 85 9.57 24.37 -39.22
C GLU B 85 10.07 24.67 -40.64
N LEU B 86 10.92 23.80 -41.20
CA LEU B 86 11.36 23.98 -42.57
C LEU B 86 10.24 23.70 -43.55
N ALA B 87 9.40 22.71 -43.25
CA ALA B 87 8.26 22.40 -44.12
C ALA B 87 7.20 23.49 -44.04
N GLN B 88 6.99 24.06 -42.84
CA GLN B 88 6.04 25.15 -42.71
C GLN B 88 6.55 26.42 -43.39
N GLN B 89 7.87 26.56 -43.51
CA GLN B 89 8.44 27.70 -44.24
C GLN B 89 8.40 27.48 -45.74
N GLN B 90 8.45 26.22 -46.18
CA GLN B 90 8.53 25.94 -47.62
C GLN B 90 7.19 26.24 -48.30
N ASP B 91 6.09 25.70 -47.76
CA ASP B 91 4.79 25.91 -48.38
C ASP B 91 4.28 27.33 -48.17
N ARG B 92 4.77 28.05 -47.16
CA ARG B 92 4.31 29.41 -46.93
C ARG B 92 4.92 30.37 -47.94
N GLU B 93 6.18 30.17 -48.29
CA GLU B 93 6.88 31.08 -49.22
C GLU B 93 6.64 30.64 -50.67
N ILE B 94 7.28 29.55 -51.08
CA ILE B 94 7.16 29.08 -52.46
C ILE B 94 5.83 28.37 -52.68
N GLY B 95 5.48 27.46 -51.79
CA GLY B 95 4.27 26.67 -51.91
C GLY B 95 4.45 25.32 -52.56
N ASP B 96 5.66 24.97 -52.97
CA ASP B 96 5.94 23.68 -53.60
C ASP B 96 7.27 23.17 -53.05
N GLY B 97 7.63 21.95 -53.46
CA GLY B 97 8.87 21.35 -52.99
C GLY B 97 8.94 21.14 -51.50
N THR B 98 7.80 20.88 -50.86
CA THR B 98 7.80 20.69 -49.41
C THR B 98 8.40 19.35 -49.03
N THR B 99 8.01 18.28 -49.74
CA THR B 99 8.55 16.97 -49.45
C THR B 99 10.01 16.86 -49.88
N SER B 100 10.39 17.54 -50.96
CA SER B 100 11.75 17.43 -51.47
C SER B 100 12.76 18.11 -50.55
N VAL B 101 12.41 19.29 -50.02
CA VAL B 101 13.36 20.02 -49.19
C VAL B 101 13.64 19.28 -47.89
N VAL B 102 12.70 18.46 -47.42
CA VAL B 102 12.93 17.68 -46.21
C VAL B 102 13.87 16.52 -46.51
N ILE B 103 13.71 15.88 -47.67
CA ILE B 103 14.55 14.74 -48.03
C ILE B 103 15.95 15.21 -48.42
N ILE B 104 16.06 16.33 -49.13
CA ILE B 104 17.37 16.86 -49.50
C ILE B 104 18.16 17.24 -48.27
N ALA B 105 17.52 17.99 -47.35
CA ALA B 105 18.19 18.39 -46.12
C ALA B 105 18.52 17.20 -45.22
N SER B 106 17.80 16.09 -45.37
CA SER B 106 18.12 14.90 -44.59
C SER B 106 19.36 14.20 -45.11
N GLU B 107 19.50 14.13 -46.44
CA GLU B 107 20.68 13.49 -47.01
C GLU B 107 21.92 14.34 -46.81
N LEU B 108 21.77 15.67 -46.77
CA LEU B 108 22.91 16.54 -46.49
C LEU B 108 23.47 16.29 -45.09
N LEU B 109 22.60 15.97 -44.13
CA LEU B 109 23.07 15.69 -42.78
C LEU B 109 23.67 14.30 -42.66
N LYS B 110 23.15 13.33 -43.42
CA LYS B 110 23.67 11.97 -43.33
C LYS B 110 25.07 11.86 -43.94
N ARG B 111 25.30 12.55 -45.06
CA ARG B 111 26.61 12.48 -45.71
C ARG B 111 27.63 13.36 -44.99
N ALA B 112 27.22 14.52 -44.48
CA ALA B 112 28.15 15.40 -43.79
C ALA B 112 28.61 14.80 -42.46
N ASN B 113 27.70 14.08 -41.78
CA ASN B 113 28.08 13.44 -40.53
C ASN B 113 29.13 12.35 -40.76
N GLU B 114 29.04 11.65 -41.89
CA GLU B 114 30.07 10.69 -42.25
C GLU B 114 31.38 11.36 -42.64
N LEU B 115 31.33 12.61 -43.10
CA LEU B 115 32.55 13.33 -43.42
C LEU B 115 33.23 13.88 -42.17
N VAL B 116 32.47 14.18 -41.12
CA VAL B 116 33.08 14.66 -39.89
C VAL B 116 34.01 13.62 -39.29
N LYS B 117 33.60 12.35 -39.36
CA LYS B 117 34.48 11.26 -38.91
C LYS B 117 35.70 11.10 -39.80
N ASN B 118 35.67 11.63 -41.02
CA ASN B 118 36.81 11.61 -41.92
C ASN B 118 37.90 12.60 -41.51
N LYS B 119 37.66 13.40 -40.47
CA LYS B 119 38.54 14.38 -39.85
C LYS B 119 38.53 15.72 -40.58
N ILE B 120 37.84 15.85 -41.71
CA ILE B 120 37.68 17.15 -42.34
C ILE B 120 36.80 18.04 -41.45
N HIS B 121 37.15 19.30 -41.35
CA HIS B 121 36.46 20.18 -40.41
C HIS B 121 35.09 20.56 -40.95
N PRO B 122 34.07 20.68 -40.08
CA PRO B 122 32.73 21.02 -40.58
C PRO B 122 32.65 22.32 -41.35
N THR B 123 33.40 23.35 -40.95
CA THR B 123 33.39 24.59 -41.70
C THR B 123 33.92 24.40 -43.11
N THR B 124 34.91 23.51 -43.27
CA THR B 124 35.36 23.16 -44.61
C THR B 124 34.28 22.39 -45.36
N ILE B 125 33.52 21.56 -44.65
CA ILE B 125 32.38 20.88 -45.26
C ILE B 125 31.31 21.90 -45.66
N ILE B 126 31.04 22.87 -44.78
CA ILE B 126 30.06 23.90 -45.09
C ILE B 126 30.54 24.78 -46.24
N THR B 127 31.85 25.10 -46.26
CA THR B 127 32.41 25.87 -47.37
C THR B 127 32.25 25.12 -48.68
N GLY B 128 32.43 23.79 -48.67
CA GLY B 128 32.24 23.01 -49.87
C GLY B 128 30.81 23.02 -50.37
N PHE B 129 29.84 23.07 -49.45
CA PHE B 129 28.45 23.11 -49.85
C PHE B 129 28.05 24.47 -50.41
N ARG B 130 28.59 25.55 -49.85
CA ARG B 130 28.19 26.89 -50.28
C ARG B 130 28.85 27.26 -51.61
N VAL B 131 30.09 26.82 -51.83
CA VAL B 131 30.74 27.09 -53.11
C VAL B 131 30.08 26.28 -54.22
N ALA B 132 29.72 25.03 -53.93
CA ALA B 132 29.03 24.22 -54.92
C ALA B 132 27.61 24.73 -55.18
N LEU B 133 26.98 25.33 -54.17
CA LEU B 133 25.64 25.88 -54.36
C LEU B 133 25.66 27.13 -55.22
N ARG B 134 26.70 27.95 -55.09
CA ARG B 134 26.80 29.16 -55.90
C ARG B 134 26.91 28.82 -57.39
N GLU B 135 27.67 27.77 -57.71
CA GLU B 135 27.77 27.34 -59.11
C GLU B 135 26.55 26.56 -59.55
N ALA B 136 25.85 25.91 -58.62
CA ALA B 136 24.64 25.18 -58.98
C ALA B 136 23.52 26.13 -59.39
N ILE B 137 23.45 27.30 -58.77
CA ILE B 137 22.44 28.29 -59.16
C ILE B 137 22.72 28.82 -60.55
N ARG B 138 24.00 29.02 -60.88
CA ARG B 138 24.37 29.46 -62.22
C ARG B 138 24.01 28.43 -63.28
N PHE B 139 24.05 27.14 -62.92
CA PHE B 139 23.63 26.11 -63.86
C PHE B 139 22.12 26.09 -64.05
N ILE B 140 21.37 26.47 -63.01
CA ILE B 140 19.91 26.52 -63.14
C ILE B 140 19.50 27.61 -64.12
N ASN B 141 20.22 28.74 -64.11
CA ASN B 141 19.93 29.81 -65.06
C ASN B 141 20.26 29.43 -66.50
N GLU B 142 21.18 28.48 -66.70
CA GLU B 142 21.53 28.06 -68.05
C GLU B 142 20.51 27.09 -68.63
N VAL B 143 19.84 26.31 -67.79
CA VAL B 143 18.86 25.34 -68.26
C VAL B 143 17.44 25.92 -68.32
N LEU B 144 17.27 27.20 -68.04
CA LEU B 144 15.95 27.82 -68.10
C LEU B 144 15.39 27.76 -69.51
N SER B 145 14.07 27.59 -69.61
CA SER B 145 13.39 27.51 -70.89
C SER B 145 12.19 28.44 -70.85
N THR B 146 12.20 29.45 -71.73
CA THR B 146 11.10 30.40 -71.83
C THR B 146 10.02 29.84 -72.75
N SER B 147 8.76 29.95 -72.31
CA SER B 147 7.66 29.42 -73.11
C SER B 147 7.53 30.19 -74.42
N VAL B 148 7.54 29.45 -75.53
CA VAL B 148 7.45 30.04 -76.86
C VAL B 148 6.77 29.03 -77.78
N ASP B 149 6.02 29.54 -78.75
CA ASP B 149 5.32 28.72 -79.74
C ASP B 149 4.37 27.73 -79.06
N THR B 150 3.67 28.19 -78.03
CA THR B 150 2.71 27.38 -77.30
C THR B 150 1.30 27.84 -77.65
N LEU B 151 0.37 26.89 -77.70
CA LEU B 151 -1.01 27.15 -78.10
C LEU B 151 -1.85 27.36 -76.85
N GLY B 152 -2.34 28.58 -76.66
CA GLY B 152 -3.27 28.86 -75.59
C GLY B 152 -2.64 28.71 -74.21
N LYS B 153 -3.39 28.12 -73.29
CA LYS B 153 -2.99 27.97 -71.90
C LYS B 153 -2.25 26.67 -71.63
N GLU B 154 -1.93 25.90 -72.68
CA GLU B 154 -1.27 24.61 -72.50
C GLU B 154 0.01 24.71 -71.67
N THR B 155 0.67 25.87 -71.69
CA THR B 155 1.85 26.06 -70.86
C THR B 155 1.51 25.93 -69.37
N LEU B 156 0.47 26.62 -68.93
CA LEU B 156 0.05 26.54 -67.53
C LEU B 156 -0.71 25.26 -67.22
N ILE B 157 -1.34 24.63 -68.21
CA ILE B 157 -2.08 23.41 -67.98
C ILE B 157 -1.13 22.26 -67.67
N ASN B 158 -0.03 22.15 -68.44
CA ASN B 158 0.91 21.07 -68.22
C ASN B 158 1.68 21.23 -66.92
N ILE B 159 1.96 22.48 -66.52
CA ILE B 159 2.70 22.71 -65.27
C ILE B 159 1.80 22.43 -64.06
N ALA B 160 0.52 22.76 -64.17
CA ALA B 160 -0.41 22.53 -63.05
C ALA B 160 -0.61 21.04 -62.80
N LYS B 161 -0.48 20.21 -63.83
CA LYS B 161 -0.64 18.77 -63.65
C LYS B 161 0.50 18.15 -62.86
N THR B 162 1.66 18.81 -62.79
CA THR B 162 2.77 18.27 -62.02
C THR B 162 2.48 18.32 -60.52
N SER B 163 1.96 19.45 -60.04
CA SER B 163 1.61 19.57 -58.63
C SER B 163 0.43 18.67 -58.27
N MET B 164 -0.45 18.40 -59.23
CA MET B 164 -1.59 17.53 -58.97
C MET B 164 -1.17 16.07 -58.82
N SER B 165 -0.01 15.70 -59.35
CA SER B 165 0.49 14.35 -59.20
C SER B 165 0.85 14.07 -57.74
N SER B 166 0.94 12.78 -57.41
CA SER B 166 1.22 12.24 -56.07
C SER B 166 0.06 12.44 -55.11
N LYS B 167 -1.03 13.09 -55.53
CA LYS B 167 -2.16 13.38 -54.68
C LYS B 167 -3.43 12.77 -55.29
N ILE B 168 -4.48 12.68 -54.47
CA ILE B 168 -5.72 12.03 -54.87
C ILE B 168 -6.31 12.65 -56.13
N ILE B 169 -6.00 13.91 -56.42
CA ILE B 169 -6.51 14.56 -57.63
C ILE B 169 -5.66 14.27 -58.86
N GLY B 170 -4.61 13.46 -58.72
CA GLY B 170 -3.75 13.18 -59.86
C GLY B 170 -4.46 12.44 -60.97
N ALA B 171 -5.35 11.51 -60.62
CA ALA B 171 -6.10 10.79 -61.63
C ALA B 171 -7.11 11.70 -62.33
N ASP B 172 -7.66 12.68 -61.61
CA ASP B 172 -8.59 13.65 -62.16
C ASP B 172 -7.90 14.91 -62.65
N SER B 173 -6.56 14.95 -62.63
CA SER B 173 -5.82 16.14 -62.99
C SER B 173 -6.12 16.65 -64.39
N ASP B 174 -6.64 15.79 -65.27
CA ASP B 174 -7.01 16.25 -66.61
C ASP B 174 -8.18 17.22 -66.57
N PHE B 175 -9.19 16.94 -65.73
CA PHE B 175 -10.33 17.82 -65.62
C PHE B 175 -10.03 19.03 -64.74
N PHE B 176 -9.26 18.82 -63.67
CA PHE B 176 -8.97 19.90 -62.72
C PHE B 176 -7.94 20.89 -63.26
N SER B 177 -7.29 20.59 -64.39
CA SER B 177 -6.27 21.49 -64.92
C SER B 177 -6.87 22.81 -65.40
N ASN B 178 -8.03 22.75 -66.07
CA ASN B 178 -8.65 23.96 -66.57
C ASN B 178 -9.30 24.79 -65.47
N MET B 179 -9.62 24.17 -64.33
CA MET B 179 -10.24 24.91 -63.23
C MET B 179 -9.23 25.75 -62.47
N VAL B 180 -8.00 25.25 -62.30
CA VAL B 180 -6.99 25.97 -61.54
C VAL B 180 -6.43 27.13 -62.35
N VAL B 181 -6.20 26.91 -63.64
CA VAL B 181 -5.65 27.98 -64.48
C VAL B 181 -6.63 29.14 -64.59
N ASP B 182 -7.91 28.84 -64.81
CA ASP B 182 -8.91 29.88 -64.91
C ASP B 182 -9.25 30.52 -63.57
N ALA B 183 -8.84 29.91 -62.45
CA ALA B 183 -9.15 30.48 -61.14
C ALA B 183 -8.23 31.65 -60.80
N LEU B 184 -6.92 31.51 -61.08
CA LEU B 184 -5.97 32.56 -60.76
C LEU B 184 -5.97 33.69 -61.78
N LEU B 185 -6.44 33.44 -63.00
CA LEU B 185 -6.52 34.50 -63.99
C LEU B 185 -7.71 35.41 -63.79
N ALA B 186 -8.77 34.94 -63.12
CA ALA B 186 -9.93 35.78 -62.85
C ALA B 186 -9.69 36.73 -61.69
N VAL B 187 -8.81 36.37 -60.76
CA VAL B 187 -8.53 37.19 -59.58
C VAL B 187 -7.38 38.14 -59.89
N LYS B 188 -6.94 38.14 -61.15
CA LYS B 188 -5.81 38.99 -61.57
C LYS B 188 -6.09 40.45 -61.25
N THR B 189 -5.15 41.08 -60.55
CA THR B 189 -5.24 42.48 -60.16
C THR B 189 -3.94 43.18 -60.56
N GLN B 190 -3.85 44.47 -60.20
CA GLN B 190 -2.70 45.29 -60.52
C GLN B 190 -2.26 46.06 -59.29
N ASN B 191 -0.95 46.07 -59.04
CA ASN B 191 -0.39 46.79 -57.90
C ASN B 191 1.04 47.19 -58.26
N SER B 192 1.68 47.93 -57.34
CA SER B 192 3.07 48.37 -57.50
C SER B 192 3.28 49.13 -58.81
N LYS B 193 2.23 49.81 -59.28
CA LYS B 193 2.25 50.61 -60.50
C LYS B 193 2.70 49.76 -61.70
N GLY B 194 1.83 48.82 -62.06
CA GLY B 194 2.02 47.99 -63.23
C GLY B 194 2.40 46.55 -62.96
N GLU B 195 2.79 46.21 -61.74
CA GLU B 195 3.18 44.85 -61.43
C GLU B 195 1.94 43.98 -61.20
N ILE B 196 1.95 42.78 -61.77
CA ILE B 196 0.84 41.86 -61.68
C ILE B 196 1.06 40.93 -60.50
N LYS B 197 0.10 40.88 -59.59
CA LYS B 197 0.15 40.00 -58.43
C LYS B 197 -1.19 39.29 -58.28
N TYR B 198 -1.17 38.16 -57.56
CA TYR B 198 -2.37 37.39 -57.35
C TYR B 198 -2.63 37.18 -55.86
N PRO B 199 -3.88 37.25 -55.42
CA PRO B 199 -4.17 36.96 -54.01
C PRO B 199 -4.06 35.48 -53.71
N VAL B 200 -3.73 35.18 -52.46
CA VAL B 200 -3.64 33.81 -51.96
C VAL B 200 -4.94 33.48 -51.23
N LYS B 201 -5.46 32.27 -51.46
CA LYS B 201 -6.68 31.75 -50.88
C LYS B 201 -7.93 32.46 -51.40
N ALA B 202 -7.79 33.46 -52.28
CA ALA B 202 -8.93 34.19 -52.80
C ALA B 202 -9.99 33.28 -53.41
N VAL B 203 -9.58 32.13 -53.94
CA VAL B 203 -10.52 31.17 -54.51
C VAL B 203 -11.15 30.39 -53.36
N ASN B 204 -12.47 30.47 -53.24
CA ASN B 204 -13.17 29.82 -52.15
C ASN B 204 -13.21 28.32 -52.39
N VAL B 205 -12.99 27.55 -51.31
CA VAL B 205 -13.03 26.10 -51.35
C VAL B 205 -14.20 25.65 -50.51
N LEU B 206 -15.23 25.11 -51.17
CA LEU B 206 -16.41 24.61 -50.49
C LEU B 206 -16.40 23.09 -50.49
N LYS B 207 -16.82 22.49 -49.38
CA LYS B 207 -16.79 21.04 -49.20
C LYS B 207 -18.22 20.52 -49.23
N ALA B 208 -18.59 19.82 -50.30
CA ALA B 208 -19.85 19.12 -50.40
C ALA B 208 -19.58 17.73 -50.96
N HIS B 209 -19.85 16.71 -50.16
CA HIS B 209 -19.55 15.33 -50.54
C HIS B 209 -20.75 14.72 -51.26
N GLY B 210 -20.55 14.33 -52.52
CA GLY B 210 -21.60 13.72 -53.30
C GLY B 210 -21.21 13.68 -54.76
N LYS B 211 -21.97 12.89 -55.51
CA LYS B 211 -21.76 12.69 -56.95
C LYS B 211 -20.32 12.20 -57.14
N SER B 212 -19.51 12.85 -57.98
CA SER B 212 -18.13 12.44 -58.20
C SER B 212 -17.25 13.68 -58.24
N ALA B 213 -15.94 13.46 -58.15
CA ALA B 213 -15.00 14.57 -58.17
C ALA B 213 -14.87 15.18 -59.56
N THR B 214 -15.11 14.37 -60.61
CA THR B 214 -14.99 14.89 -61.97
C THR B 214 -16.14 15.81 -62.35
N GLU B 215 -17.24 15.79 -61.59
CA GLU B 215 -18.39 16.63 -61.86
C GLU B 215 -18.35 17.96 -61.11
N SER B 216 -17.26 18.25 -60.40
CA SER B 216 -17.15 19.51 -59.68
C SER B 216 -17.29 20.69 -60.63
N LEU B 217 -18.19 21.60 -60.30
CA LEU B 217 -18.50 22.74 -61.15
C LEU B 217 -17.62 23.93 -60.79
N LEU B 218 -17.17 24.65 -61.82
CA LEU B 218 -16.37 25.86 -61.65
C LEU B 218 -17.29 27.06 -61.82
N VAL B 219 -17.51 27.79 -60.74
CA VAL B 219 -18.44 28.91 -60.76
C VAL B 219 -17.71 30.14 -61.31
N PRO B 220 -18.23 30.79 -62.36
CA PRO B 220 -17.60 32.01 -62.85
C PRO B 220 -17.84 33.20 -61.93
N GLY B 221 -17.35 33.10 -60.70
CA GLY B 221 -17.56 34.14 -59.71
C GLY B 221 -17.31 33.60 -58.32
N TYR B 222 -17.39 34.51 -57.36
CA TYR B 222 -17.13 34.16 -55.97
C TYR B 222 -18.33 33.46 -55.37
N ALA B 223 -18.04 32.53 -54.45
CA ALA B 223 -19.07 31.81 -53.69
C ALA B 223 -18.77 31.97 -52.20
N LEU B 224 -19.82 32.23 -51.42
CA LEU B 224 -19.70 32.43 -49.99
C LEU B 224 -20.52 31.37 -49.25
N ASN B 225 -19.95 30.82 -48.18
CA ASN B 225 -20.63 29.81 -47.38
C ASN B 225 -21.31 30.50 -46.22
N CYS B 226 -22.64 30.55 -46.25
CA CYS B 226 -23.43 31.12 -45.17
C CYS B 226 -24.86 30.60 -45.29
N THR B 227 -25.59 30.71 -44.18
CA THR B 227 -27.00 30.34 -44.14
C THR B 227 -27.85 31.60 -44.04
N VAL B 228 -28.99 31.58 -44.72
CA VAL B 228 -29.88 32.74 -44.73
C VAL B 228 -30.47 32.94 -43.34
N ALA B 229 -30.67 34.21 -42.97
CA ALA B 229 -31.21 34.51 -41.65
C ALA B 229 -32.67 34.10 -41.53
N SER B 230 -33.50 34.53 -42.48
CA SER B 230 -34.92 34.21 -42.48
C SER B 230 -35.23 33.33 -43.69
N GLN B 231 -35.94 32.22 -43.45
CA GLN B 231 -36.28 31.30 -44.53
C GLN B 231 -37.37 31.84 -45.45
N ALA B 232 -38.01 32.94 -45.09
CA ALA B 232 -39.02 33.55 -45.94
C ALA B 232 -38.43 34.45 -47.02
N MET B 233 -37.11 34.62 -47.04
CA MET B 233 -36.46 35.46 -48.02
C MET B 233 -36.23 34.68 -49.32
N PRO B 234 -36.29 35.36 -50.47
CA PRO B 234 -36.06 34.65 -51.74
C PRO B 234 -34.62 34.22 -51.88
N LYS B 235 -34.43 32.98 -52.35
CA LYS B 235 -33.11 32.40 -52.53
C LYS B 235 -32.55 32.63 -53.93
N ARG B 236 -33.33 33.24 -54.83
CA ARG B 236 -32.87 33.51 -56.19
C ARG B 236 -33.30 34.92 -56.57
N ILE B 237 -32.35 35.70 -57.10
CA ILE B 237 -32.59 37.08 -57.52
C ILE B 237 -32.59 37.10 -59.04
N ALA B 238 -33.74 37.49 -59.61
CA ALA B 238 -33.88 37.56 -61.06
C ALA B 238 -33.61 38.97 -61.55
N GLY B 239 -32.97 39.06 -62.71
CA GLY B 239 -32.65 40.34 -63.30
C GLY B 239 -31.18 40.70 -63.09
N GLY B 240 -30.66 41.52 -64.01
CA GLY B 240 -29.28 41.95 -63.94
C GLY B 240 -29.09 43.16 -63.05
N ASN B 241 -27.81 43.55 -62.90
CA ASN B 241 -27.42 44.69 -62.09
C ASN B 241 -27.92 44.54 -60.65
N VAL B 242 -27.62 43.39 -60.05
CA VAL B 242 -28.01 43.13 -58.67
C VAL B 242 -27.11 43.92 -57.73
N LYS B 243 -27.71 44.67 -56.82
CA LYS B 243 -26.98 45.53 -55.90
C LYS B 243 -26.63 44.75 -54.63
N ILE B 244 -25.35 44.69 -54.30
CA ILE B 244 -24.86 44.01 -53.09
C ILE B 244 -24.31 45.07 -52.15
N ALA B 245 -24.73 45.01 -50.89
CA ALA B 245 -24.31 45.95 -49.87
C ALA B 245 -23.41 45.23 -48.87
N CYS B 246 -22.12 45.57 -48.87
CA CYS B 246 -21.17 45.01 -47.93
C CYS B 246 -21.04 45.95 -46.75
N LEU B 247 -21.48 45.51 -45.58
CA LEU B 247 -21.52 46.33 -44.38
C LEU B 247 -20.99 45.56 -43.19
N ASP B 248 -20.27 46.26 -42.32
CA ASP B 248 -19.81 45.70 -41.04
C ASP B 248 -20.75 46.05 -39.89
N LEU B 249 -21.84 46.76 -40.16
CA LEU B 249 -22.77 47.20 -39.13
C LEU B 249 -23.89 46.18 -38.98
N ASN B 250 -23.96 45.57 -37.79
CA ASN B 250 -25.07 44.66 -37.49
C ASN B 250 -26.32 45.46 -37.15
N LEU B 251 -27.47 44.83 -37.39
CA LEU B 251 -28.76 45.42 -37.03
C LEU B 251 -29.32 44.60 -35.87
N GLN B 252 -29.28 45.19 -34.67
CA GLN B 252 -29.67 44.50 -33.45
C GLN B 252 -30.09 45.55 -32.42
N LYS B 253 -30.79 45.09 -31.39
CA LYS B 253 -31.01 45.92 -30.21
C LYS B 253 -29.70 46.03 -29.44
N ALA B 254 -29.24 47.26 -29.23
CA ALA B 254 -27.92 47.49 -28.66
C ALA B 254 -28.01 48.32 -27.39
N ARG B 255 -27.12 48.02 -26.45
CA ARG B 255 -27.03 48.79 -25.22
C ARG B 255 -26.22 50.06 -25.45
N MET B 256 -26.61 51.13 -24.78
CA MET B 256 -25.87 52.38 -24.86
C MET B 256 -24.53 52.22 -24.12
N ALA B 257 -23.59 53.11 -24.43
CA ALA B 257 -22.22 53.01 -23.91
C ALA B 257 -22.22 52.87 -22.39
N MET B 258 -21.33 52.01 -21.91
CA MET B 258 -21.28 51.67 -20.48
C MET B 258 -20.99 52.88 -19.61
N GLY B 259 -20.42 53.95 -20.16
CA GLY B 259 -20.19 55.17 -19.41
C GLY B 259 -21.40 56.04 -19.23
N VAL B 260 -22.61 55.54 -19.54
CA VAL B 260 -23.84 56.30 -19.46
C VAL B 260 -24.79 55.57 -18.51
N GLN B 261 -25.36 56.32 -17.56
CA GLN B 261 -26.34 55.79 -16.63
C GLN B 261 -27.59 56.64 -16.72
N ILE B 262 -28.69 56.04 -17.16
CA ILE B 262 -29.93 56.75 -17.40
C ILE B 262 -30.67 56.92 -16.08
N ASN B 263 -31.00 58.16 -15.74
CA ASN B 263 -31.78 58.48 -14.54
C ASN B 263 -32.93 59.38 -14.95
N ILE B 264 -34.16 58.92 -14.75
CA ILE B 264 -35.35 59.64 -15.17
C ILE B 264 -36.23 59.89 -13.95
N ASP B 265 -36.74 61.12 -13.83
CA ASP B 265 -37.62 61.50 -12.74
C ASP B 265 -39.09 61.40 -13.11
N ASP B 266 -39.42 61.00 -14.33
CA ASP B 266 -40.81 60.92 -14.77
C ASP B 266 -41.08 59.53 -15.33
N PRO B 267 -42.22 58.93 -14.99
CA PRO B 267 -42.60 57.66 -15.64
C PRO B 267 -42.97 57.82 -17.10
N GLU B 268 -43.37 59.02 -17.54
CA GLU B 268 -43.82 59.20 -18.91
C GLU B 268 -42.70 59.07 -19.93
N GLN B 269 -41.45 59.18 -19.51
CA GLN B 269 -40.32 59.10 -20.43
C GLN B 269 -39.91 57.68 -20.77
N LEU B 270 -40.49 56.68 -20.09
CA LEU B 270 -40.12 55.29 -20.35
C LEU B 270 -40.61 54.80 -21.70
N GLU B 271 -41.66 55.42 -22.26
CA GLU B 271 -42.18 54.98 -23.55
C GLU B 271 -41.32 55.47 -24.70
N GLN B 272 -40.87 56.72 -24.66
CA GLN B 272 -40.11 57.28 -25.76
C GLN B 272 -38.66 56.80 -25.75
N ILE B 273 -38.08 56.63 -24.56
CA ILE B 273 -36.68 56.19 -24.48
C ILE B 273 -36.55 54.75 -24.95
N ARG B 274 -37.46 53.87 -24.52
CA ARG B 274 -37.40 52.48 -24.95
C ARG B 274 -37.67 52.34 -26.44
N LYS B 275 -38.57 53.18 -26.99
CA LYS B 275 -38.85 53.11 -28.42
C LYS B 275 -37.70 53.69 -29.25
N ARG B 276 -36.99 54.68 -28.71
CA ARG B 276 -35.90 55.29 -29.47
C ARG B 276 -34.71 54.36 -29.58
N GLU B 277 -34.53 53.45 -28.62
CA GLU B 277 -33.42 52.50 -28.68
C GLU B 277 -33.49 51.67 -29.96
N ALA B 278 -34.69 51.21 -30.32
CA ALA B 278 -34.88 50.51 -31.59
C ALA B 278 -35.03 51.47 -32.76
N GLY B 279 -35.38 52.74 -32.50
CA GLY B 279 -35.57 53.69 -33.58
C GLY B 279 -34.28 54.20 -34.17
N ILE B 280 -33.20 54.22 -33.39
CA ILE B 280 -31.91 54.68 -33.92
C ILE B 280 -31.41 53.72 -34.99
N VAL B 281 -31.62 52.41 -34.79
CA VAL B 281 -31.21 51.43 -35.79
C VAL B 281 -32.07 51.55 -37.04
N LEU B 282 -33.32 51.97 -36.89
CA LEU B 282 -34.22 52.09 -38.05
C LEU B 282 -33.75 53.15 -39.03
N GLU B 283 -33.08 54.20 -38.54
CA GLU B 283 -32.64 55.27 -39.43
C GLU B 283 -31.56 54.79 -40.39
N ARG B 284 -30.74 53.82 -39.98
CA ARG B 284 -29.68 53.33 -40.85
C ARG B 284 -30.22 52.36 -41.90
N VAL B 285 -31.16 51.50 -41.51
CA VAL B 285 -31.68 50.51 -42.44
C VAL B 285 -32.70 51.13 -43.41
N LYS B 286 -33.34 52.24 -43.02
CA LYS B 286 -34.36 52.84 -43.88
C LYS B 286 -33.74 53.42 -45.15
N LYS B 287 -32.60 54.10 -45.03
CA LYS B 287 -31.95 54.68 -46.20
C LYS B 287 -31.34 53.61 -47.11
N ILE B 288 -31.05 52.43 -46.56
CA ILE B 288 -30.48 51.36 -47.38
C ILE B 288 -31.56 50.68 -48.22
N ILE B 289 -32.75 50.49 -47.63
CA ILE B 289 -33.84 49.84 -48.36
C ILE B 289 -34.32 50.72 -49.50
N ASP B 290 -34.37 52.04 -49.28
CA ASP B 290 -34.82 52.96 -50.31
C ASP B 290 -33.86 53.03 -51.48
N ALA B 291 -32.61 52.58 -51.30
CA ALA B 291 -31.64 52.58 -52.38
C ALA B 291 -31.83 51.42 -53.36
N GLY B 292 -32.64 50.43 -53.01
CA GLY B 292 -32.89 49.32 -53.89
C GLY B 292 -31.87 48.21 -53.83
N ALA B 293 -31.21 48.03 -52.69
CA ALA B 293 -30.23 46.97 -52.54
C ALA B 293 -30.94 45.62 -52.43
N GLN B 294 -30.57 44.69 -53.32
CA GLN B 294 -31.20 43.37 -53.31
C GLN B 294 -30.61 42.48 -52.22
N VAL B 295 -29.30 42.49 -52.07
CA VAL B 295 -28.60 41.65 -51.10
C VAL B 295 -27.78 42.56 -50.19
N VAL B 296 -27.92 42.35 -48.88
CA VAL B 296 -27.21 43.15 -47.88
C VAL B 296 -26.34 42.20 -47.07
N LEU B 297 -25.02 42.33 -47.21
CA LEU B 297 -24.08 41.53 -46.45
C LEU B 297 -23.74 42.22 -45.14
N THR B 298 -23.64 41.43 -44.07
CA THR B 298 -23.36 41.97 -42.75
C THR B 298 -22.36 41.08 -42.03
N THR B 299 -21.38 41.71 -41.37
CA THR B 299 -20.32 40.96 -40.72
C THR B 299 -20.81 40.29 -39.43
N LYS B 300 -21.79 40.87 -38.76
CA LYS B 300 -22.27 40.37 -37.48
C LYS B 300 -23.75 40.00 -37.58
N GLY B 301 -24.21 39.22 -36.60
CA GLY B 301 -25.57 38.72 -36.64
C GLY B 301 -26.59 39.84 -36.58
N ILE B 302 -27.76 39.56 -37.15
CA ILE B 302 -28.86 40.52 -37.22
C ILE B 302 -30.06 39.92 -36.51
N ASP B 303 -30.60 40.65 -35.54
CA ASP B 303 -31.78 40.21 -34.82
C ASP B 303 -33.01 40.26 -35.72
N ASP B 304 -34.04 39.52 -35.31
CA ASP B 304 -35.28 39.45 -36.08
C ASP B 304 -36.03 40.78 -36.12
N LEU B 305 -35.59 41.78 -35.35
CA LEU B 305 -36.28 43.07 -35.35
C LEU B 305 -36.18 43.76 -36.70
N CYS B 306 -34.99 43.78 -37.28
CA CYS B 306 -34.76 44.43 -38.56
C CYS B 306 -34.96 43.49 -39.75
N LEU B 307 -35.13 42.19 -39.51
CA LEU B 307 -35.37 41.24 -40.60
C LEU B 307 -36.79 41.30 -41.12
N LYS B 308 -37.69 42.02 -40.45
CA LYS B 308 -39.06 42.14 -40.94
C LYS B 308 -39.12 42.99 -42.19
N GLU B 309 -38.43 44.13 -42.20
CA GLU B 309 -38.43 45.02 -43.36
C GLU B 309 -37.75 44.39 -44.57
N PHE B 310 -36.86 43.41 -44.35
CA PHE B 310 -36.21 42.75 -45.47
C PHE B 310 -37.17 41.83 -46.22
N VAL B 311 -38.16 41.27 -45.51
CA VAL B 311 -39.13 40.38 -46.15
C VAL B 311 -40.12 41.18 -46.97
N GLU B 312 -40.60 42.31 -46.44
CA GLU B 312 -41.56 43.13 -47.17
C GLU B 312 -40.92 43.76 -48.40
N ALA B 313 -39.65 44.16 -48.28
CA ALA B 313 -38.92 44.76 -49.40
C ALA B 313 -38.23 43.73 -50.28
N LYS B 314 -38.40 42.44 -49.98
CA LYS B 314 -37.78 41.35 -50.75
C LYS B 314 -36.26 41.49 -50.80
N ILE B 315 -35.68 41.80 -49.65
CA ILE B 315 -34.23 41.94 -49.51
C ILE B 315 -33.72 40.73 -48.73
N MET B 316 -32.65 40.12 -49.24
CA MET B 316 -32.07 38.93 -48.62
C MET B 316 -31.12 39.33 -47.51
N GLY B 317 -31.37 38.79 -46.31
CA GLY B 317 -30.54 39.09 -45.16
C GLY B 317 -29.37 38.13 -45.02
N VAL B 318 -28.30 38.62 -44.39
CA VAL B 318 -27.07 37.87 -44.21
C VAL B 318 -26.59 38.06 -42.78
N ARG B 319 -25.96 37.03 -42.23
CA ARG B 319 -25.46 37.02 -40.86
C ARG B 319 -23.96 36.72 -40.88
N ARG B 320 -23.41 36.45 -39.69
CA ARG B 320 -21.97 36.44 -39.48
C ARG B 320 -21.22 35.63 -40.52
N CYS B 321 -20.19 36.23 -41.10
CA CYS B 321 -19.32 35.60 -42.09
C CYS B 321 -17.90 36.03 -41.81
N LYS B 322 -16.95 35.35 -42.47
CA LYS B 322 -15.54 35.70 -42.32
C LYS B 322 -15.29 37.11 -42.84
N LYS B 323 -14.48 37.86 -42.08
CA LYS B 323 -14.21 39.25 -42.44
C LYS B 323 -13.41 39.35 -43.74
N GLU B 324 -12.46 38.44 -43.94
CA GLU B 324 -11.65 38.46 -45.16
C GLU B 324 -12.45 38.05 -46.39
N ASP B 325 -13.59 37.38 -46.20
CA ASP B 325 -14.40 36.96 -47.34
C ASP B 325 -15.23 38.11 -47.90
N LEU B 326 -15.67 39.04 -47.04
CA LEU B 326 -16.49 40.16 -47.49
C LEU B 326 -15.69 41.23 -48.20
N ARG B 327 -14.35 41.21 -48.09
CA ARG B 327 -13.54 42.23 -48.76
C ARG B 327 -13.51 42.01 -50.26
N ARG B 328 -13.31 40.76 -50.69
CA ARG B 328 -13.22 40.46 -52.11
C ARG B 328 -14.58 40.49 -52.80
N ILE B 329 -15.68 40.45 -52.03
CA ILE B 329 -17.00 40.58 -52.63
C ILE B 329 -17.24 42.03 -53.07
N ALA B 330 -16.91 42.97 -52.19
CA ALA B 330 -17.10 44.39 -52.53
C ALA B 330 -16.17 44.83 -53.65
N ARG B 331 -14.93 44.32 -53.65
CA ARG B 331 -13.99 44.69 -54.70
C ARG B 331 -14.41 44.13 -56.05
N ALA B 332 -14.98 42.92 -56.05
CA ALA B 332 -15.40 42.31 -57.32
C ALA B 332 -16.64 42.98 -57.87
N THR B 333 -17.61 43.28 -57.01
CA THR B 333 -18.87 43.87 -57.45
C THR B 333 -18.81 45.39 -57.53
N GLY B 334 -17.75 46.02 -57.02
CA GLY B 334 -17.62 47.46 -57.03
C GLY B 334 -18.03 48.16 -55.75
N ALA B 335 -18.56 47.42 -54.77
CA ALA B 335 -18.96 48.03 -53.51
C ALA B 335 -17.73 48.44 -52.70
N THR B 336 -17.97 49.33 -51.74
CA THR B 336 -16.93 49.80 -50.83
C THR B 336 -17.24 49.29 -49.43
N LEU B 337 -16.30 48.57 -48.84
CA LEU B 337 -16.49 48.04 -47.49
C LEU B 337 -16.54 49.19 -46.48
N VAL B 338 -17.59 49.20 -45.65
CA VAL B 338 -17.80 50.25 -44.68
C VAL B 338 -17.69 49.63 -43.29
N SER B 339 -16.65 50.02 -42.55
CA SER B 339 -16.50 49.52 -41.18
C SER B 339 -17.49 50.21 -40.24
N SER B 340 -17.64 51.52 -40.39
CA SER B 340 -18.63 52.29 -39.63
C SER B 340 -19.25 53.31 -40.57
N MET B 341 -20.58 53.39 -40.56
CA MET B 341 -21.29 54.25 -41.50
C MET B 341 -21.22 55.70 -41.02
N SER B 342 -20.62 56.56 -41.85
CA SER B 342 -20.50 57.97 -41.53
C SER B 342 -20.24 58.74 -42.81
N ASN B 343 -20.47 60.05 -42.73
CA ASN B 343 -20.21 60.96 -43.84
C ASN B 343 -19.34 62.10 -43.34
N LEU B 344 -18.74 62.83 -44.29
CA LEU B 344 -17.94 64.00 -43.94
C LEU B 344 -18.77 65.03 -43.19
N GLU B 345 -20.02 65.23 -43.62
CA GLU B 345 -20.93 66.10 -42.90
C GLU B 345 -21.43 65.41 -41.63
N GLY B 346 -21.92 66.22 -40.70
CA GLY B 346 -22.38 65.72 -39.43
C GLY B 346 -23.74 65.04 -39.48
N GLU B 347 -24.27 64.85 -40.68
CA GLU B 347 -25.57 64.21 -40.89
C GLU B 347 -25.38 62.86 -41.57
N GLU B 348 -26.14 61.87 -41.12
CA GLU B 348 -26.05 60.53 -41.69
C GLU B 348 -26.66 60.53 -43.10
N THR B 349 -26.00 59.81 -44.01
CA THR B 349 -26.48 59.68 -45.37
C THR B 349 -25.91 58.40 -45.97
N PHE B 350 -26.53 57.96 -47.06
CA PHE B 350 -26.11 56.77 -47.78
C PHE B 350 -25.95 57.10 -49.25
N GLU B 351 -24.80 56.76 -49.83
CA GLU B 351 -24.51 57.01 -51.23
C GLU B 351 -24.65 55.72 -52.02
N SER B 352 -25.12 55.84 -53.27
CA SER B 352 -25.30 54.69 -54.13
C SER B 352 -23.98 54.07 -54.58
N SER B 353 -22.86 54.78 -54.38
CA SER B 353 -21.56 54.25 -54.77
C SER B 353 -21.10 53.10 -53.88
N TYR B 354 -21.71 52.91 -52.72
CA TYR B 354 -21.34 51.82 -51.81
C TYR B 354 -22.00 50.50 -52.17
N LEU B 355 -22.84 50.47 -53.21
CA LEU B 355 -23.54 49.26 -53.62
C LEU B 355 -22.79 48.60 -54.77
N GLY B 356 -22.69 47.27 -54.71
CA GLY B 356 -22.02 46.52 -55.75
C GLY B 356 -22.90 46.24 -56.94
N LEU B 357 -22.31 45.61 -57.95
CA LEU B 357 -23.01 45.27 -59.18
C LEU B 357 -22.58 43.89 -59.65
N CYS B 358 -23.55 43.09 -60.07
CA CYS B 358 -23.28 41.76 -60.61
C CYS B 358 -24.45 41.35 -61.48
N ASP B 359 -24.34 40.18 -62.10
CA ASP B 359 -25.41 39.69 -62.96
C ASP B 359 -26.58 39.13 -62.15
N GLU B 360 -26.28 38.25 -61.19
CA GLU B 360 -27.31 37.66 -60.35
C GLU B 360 -26.69 37.16 -59.06
N VAL B 361 -27.53 36.96 -58.06
CA VAL B 361 -27.15 36.39 -56.78
C VAL B 361 -28.13 35.26 -56.49
N VAL B 362 -27.63 34.02 -56.46
CA VAL B 362 -28.46 32.85 -56.24
C VAL B 362 -27.88 32.02 -55.10
N GLN B 363 -28.74 31.28 -54.42
CA GLN B 363 -28.36 30.39 -53.34
C GLN B 363 -28.65 28.96 -53.78
N ALA B 364 -27.59 28.18 -54.00
CA ALA B 364 -27.71 26.79 -54.40
C ALA B 364 -27.45 25.88 -53.20
N LYS B 365 -28.19 24.78 -53.13
CA LYS B 365 -28.07 23.83 -52.03
C LYS B 365 -27.30 22.62 -52.52
N PHE B 366 -26.08 22.45 -52.01
CA PHE B 366 -25.25 21.29 -52.30
C PHE B 366 -25.37 20.32 -51.13
N SER B 367 -25.96 19.16 -51.40
CA SER B 367 -26.27 18.15 -50.36
C SER B 367 -27.20 18.84 -49.36
N ASP B 368 -26.90 18.81 -48.06
CA ASP B 368 -27.70 19.50 -47.06
C ASP B 368 -27.16 20.89 -46.72
N ASP B 369 -26.08 21.32 -47.36
CA ASP B 369 -25.48 22.62 -47.12
C ASP B 369 -25.93 23.61 -48.19
N GLU B 370 -26.17 24.86 -47.77
CA GLU B 370 -26.62 25.92 -48.67
C GLU B 370 -25.57 27.01 -48.73
N CYS B 371 -25.22 27.43 -49.95
CA CYS B 371 -24.23 28.47 -50.16
C CYS B 371 -24.73 29.43 -51.23
N ILE B 372 -24.19 30.64 -51.22
CA ILE B 372 -24.56 31.67 -52.19
C ILE B 372 -23.56 31.64 -53.33
N LEU B 373 -24.08 31.62 -54.56
CA LEU B 373 -23.27 31.66 -55.77
C LEU B 373 -23.45 33.02 -56.43
N ILE B 374 -22.40 33.82 -56.43
CA ILE B 374 -22.41 35.15 -57.05
C ILE B 374 -21.68 35.03 -58.38
N LYS B 375 -22.41 35.19 -59.47
CA LYS B 375 -21.86 35.05 -60.81
C LYS B 375 -21.95 36.37 -61.57
N GLY B 376 -21.03 36.56 -62.51
CA GLY B 376 -21.04 37.73 -63.37
C GLY B 376 -20.78 39.03 -62.64
N THR B 377 -19.65 39.11 -61.93
CA THR B 377 -19.30 40.33 -61.24
C THR B 377 -18.96 41.44 -62.23
N SER B 378 -19.05 42.68 -61.77
CA SER B 378 -18.90 43.83 -62.64
C SER B 378 -17.48 44.39 -62.62
N LYS B 379 -17.07 44.95 -61.47
CA LYS B 379 -15.78 45.64 -61.39
C LYS B 379 -14.62 44.69 -61.65
N HIS B 380 -14.52 43.62 -60.88
CA HIS B 380 -13.45 42.64 -61.03
C HIS B 380 -14.03 41.24 -61.04
N SER B 381 -13.46 40.38 -61.88
CA SER B 381 -13.90 38.99 -61.93
C SER B 381 -13.40 38.22 -60.72
N SER B 382 -14.07 37.10 -60.44
CA SER B 382 -13.69 36.22 -59.34
C SER B 382 -13.99 34.78 -59.75
N SER B 383 -13.67 33.85 -58.85
CA SER B 383 -13.88 32.44 -59.12
C SER B 383 -13.97 31.69 -57.81
N SER B 384 -14.55 30.49 -57.88
CA SER B 384 -14.66 29.61 -56.73
C SER B 384 -14.69 28.17 -57.21
N ILE B 385 -14.26 27.26 -56.34
CA ILE B 385 -14.17 25.85 -56.65
C ILE B 385 -14.85 25.06 -55.54
N ILE B 386 -15.85 24.26 -55.91
CA ILE B 386 -16.58 23.41 -54.97
C ILE B 386 -16.05 21.99 -55.15
N LEU B 387 -15.34 21.48 -54.15
CA LEU B 387 -14.76 20.16 -54.20
C LEU B 387 -15.76 19.11 -53.74
N ARG B 388 -15.84 18.00 -54.48
CA ARG B 388 -16.74 16.91 -54.19
C ARG B 388 -15.96 15.61 -54.05
N GLY B 389 -16.35 14.81 -53.06
CA GLY B 389 -15.67 13.56 -52.78
C GLY B 389 -16.60 12.59 -52.11
N ALA B 390 -16.06 11.42 -51.76
CA ALA B 390 -16.86 10.39 -51.12
C ALA B 390 -17.14 10.71 -49.65
N ASN B 391 -16.14 11.22 -48.94
CA ASN B 391 -16.29 11.56 -47.53
C ASN B 391 -15.56 12.87 -47.25
N ASP B 392 -15.83 13.43 -46.07
CA ASP B 392 -15.24 14.71 -45.71
C ASP B 392 -13.73 14.63 -45.54
N TYR B 393 -13.20 13.44 -45.22
CA TYR B 393 -11.76 13.28 -45.07
C TYR B 393 -11.03 13.38 -46.41
N SER B 394 -11.67 12.92 -47.49
CA SER B 394 -11.08 13.09 -48.81
C SER B 394 -11.14 14.55 -49.25
N LEU B 395 -12.16 15.29 -48.81
CA LEU B 395 -12.25 16.71 -49.13
C LEU B 395 -11.17 17.51 -48.39
N ASP B 396 -10.76 17.07 -47.20
CA ASP B 396 -9.67 17.73 -46.50
C ASP B 396 -8.35 17.57 -47.25
N GLU B 397 -8.16 16.45 -47.94
CA GLU B 397 -6.97 16.25 -48.74
C GLU B 397 -7.04 17.03 -50.04
N MET B 398 -8.22 17.12 -50.64
CA MET B 398 -8.37 17.87 -51.89
C MET B 398 -8.20 19.37 -51.68
N GLU B 399 -8.46 19.86 -50.47
CA GLU B 399 -8.23 21.28 -50.19
C GLU B 399 -6.74 21.60 -50.25
N ARG B 400 -5.92 20.84 -49.53
CA ARG B 400 -4.47 21.02 -49.61
C ARG B 400 -3.93 20.64 -50.98
N SER B 401 -4.61 19.73 -51.67
CA SER B 401 -4.22 19.39 -53.04
C SER B 401 -4.50 20.55 -53.98
N LEU B 402 -5.60 21.27 -53.75
CA LEU B 402 -5.92 22.43 -54.57
C LEU B 402 -5.10 23.64 -54.18
N HIS B 403 -4.80 23.79 -52.88
CA HIS B 403 -4.02 24.94 -52.43
C HIS B 403 -2.58 24.86 -52.92
N ASP B 404 -2.02 23.64 -53.00
CA ASP B 404 -0.68 23.48 -53.50
C ASP B 404 -0.60 23.72 -55.01
N SER B 405 -1.69 23.41 -55.73
CA SER B 405 -1.72 23.67 -57.16
C SER B 405 -1.83 25.16 -57.48
N LEU B 406 -2.46 25.93 -56.58
CA LEU B 406 -2.57 27.36 -56.81
C LEU B 406 -1.22 28.06 -56.59
N SER B 407 -0.39 27.54 -55.70
CA SER B 407 0.91 28.17 -55.44
C SER B 407 1.90 27.92 -56.57
N VAL B 408 1.78 26.77 -57.25
CA VAL B 408 2.69 26.47 -58.35
C VAL B 408 2.37 27.33 -59.56
N VAL B 409 1.07 27.47 -59.88
CA VAL B 409 0.67 28.31 -61.01
C VAL B 409 0.93 29.78 -60.70
N LYS B 410 0.80 30.18 -59.43
CA LYS B 410 1.07 31.57 -59.07
C LYS B 410 2.53 31.93 -59.34
N ARG B 411 3.46 31.05 -58.98
CA ARG B 411 4.87 31.28 -59.24
C ARG B 411 5.24 31.08 -60.71
N THR B 412 4.36 30.48 -61.51
CA THR B 412 4.66 30.27 -62.92
C THR B 412 4.53 31.55 -63.72
N LEU B 413 3.47 32.33 -63.48
CA LEU B 413 3.27 33.57 -64.22
C LEU B 413 4.16 34.71 -63.73
N GLU B 414 4.80 34.55 -62.57
CA GLU B 414 5.73 35.58 -62.10
C GLU B 414 7.06 35.53 -62.82
N SER B 415 7.53 34.33 -63.18
CA SER B 415 8.77 34.15 -63.91
C SER B 415 8.51 33.23 -65.09
N GLY B 416 8.69 33.75 -66.31
CA GLY B 416 8.41 32.99 -67.50
C GLY B 416 9.32 31.80 -67.72
N ASN B 417 10.48 31.79 -67.07
CA ASN B 417 11.44 30.69 -67.23
C ASN B 417 11.04 29.53 -66.34
N VAL B 418 11.02 28.32 -66.92
CA VAL B 418 10.67 27.10 -66.19
C VAL B 418 11.75 26.07 -66.46
N VAL B 419 11.80 25.06 -65.60
CA VAL B 419 12.76 23.97 -65.70
C VAL B 419 12.02 22.64 -65.76
N PRO B 420 12.55 21.62 -66.42
CA PRO B 420 11.87 20.33 -66.45
C PRO B 420 11.95 19.63 -65.10
N GLY B 421 10.85 18.96 -64.73
CA GLY B 421 10.76 18.26 -63.48
C GLY B 421 10.93 16.75 -63.65
N GLY B 422 10.60 16.03 -62.59
CA GLY B 422 10.71 14.59 -62.59
C GLY B 422 12.13 14.09 -62.47
N GLY B 423 12.90 14.68 -61.57
CA GLY B 423 14.27 14.25 -61.35
C GLY B 423 15.25 14.64 -62.43
N CYS B 424 14.89 15.56 -63.32
CA CYS B 424 15.80 15.98 -64.37
C CYS B 424 16.86 16.95 -63.86
N VAL B 425 16.47 17.86 -62.97
CA VAL B 425 17.42 18.84 -62.45
C VAL B 425 18.37 18.19 -61.45
N GLU B 426 17.85 17.31 -60.59
CA GLU B 426 18.69 16.64 -59.62
C GLU B 426 19.73 15.75 -60.29
N ALA B 427 19.39 15.16 -61.45
CA ALA B 427 20.36 14.37 -62.19
C ALA B 427 21.33 15.26 -62.96
N ALA B 428 20.92 16.45 -63.35
CA ALA B 428 21.80 17.37 -64.07
C ALA B 428 22.78 18.05 -63.13
N LEU B 429 22.34 18.36 -61.91
CA LEU B 429 23.24 18.99 -60.94
C LEU B 429 24.31 18.03 -60.43
N ASN B 430 24.10 16.72 -60.58
CA ASN B 430 25.11 15.76 -60.11
C ASN B 430 26.35 15.80 -60.99
N ILE B 431 26.18 15.69 -62.31
CA ILE B 431 27.33 15.64 -63.20
C ILE B 431 28.00 17.01 -63.28
N TYR B 432 27.22 18.08 -63.21
CA TYR B 432 27.79 19.42 -63.26
C TYR B 432 28.75 19.67 -62.09
N LEU B 433 28.45 19.10 -60.94
CA LEU B 433 29.32 19.22 -59.78
C LEU B 433 30.41 18.16 -59.72
N ASP B 434 30.32 17.13 -60.57
CA ASP B 434 31.39 16.13 -60.62
C ASP B 434 32.63 16.70 -61.30
N ASN B 435 32.45 17.35 -62.45
CA ASN B 435 33.57 18.02 -63.09
C ASN B 435 34.02 19.25 -62.29
N PHE B 436 33.12 19.82 -61.49
CA PHE B 436 33.48 20.93 -60.63
C PHE B 436 34.38 20.44 -59.50
N ALA B 437 35.13 21.39 -58.93
CA ALA B 437 36.05 21.15 -57.81
C ALA B 437 37.25 20.31 -58.21
N THR B 438 37.27 19.83 -59.46
CA THR B 438 38.43 19.08 -59.94
C THR B 438 39.61 19.99 -60.19
N THR B 439 39.36 21.27 -60.49
CA THR B 439 40.44 22.22 -60.69
C THR B 439 41.05 22.65 -59.35
N VAL B 440 40.21 23.00 -58.39
CA VAL B 440 40.71 23.38 -57.07
C VAL B 440 41.25 22.16 -56.34
N GLY B 441 40.44 21.12 -56.21
CA GLY B 441 40.88 19.90 -55.57
C GLY B 441 41.20 20.12 -54.10
N SER B 442 42.40 19.69 -53.71
CA SER B 442 42.92 19.80 -52.34
C SER B 442 41.93 19.11 -51.40
N ARG B 443 41.63 19.68 -50.23
CA ARG B 443 40.75 19.04 -49.26
C ARG B 443 39.28 19.24 -49.61
N GLU B 444 38.93 20.39 -50.18
CA GLU B 444 37.53 20.72 -50.45
C GLU B 444 36.91 19.86 -51.55
N GLN B 445 37.71 19.07 -52.27
CA GLN B 445 37.16 18.25 -53.34
C GLN B 445 36.26 17.14 -52.80
N LEU B 446 36.56 16.62 -51.61
CA LEU B 446 35.76 15.53 -51.05
C LEU B 446 34.41 16.05 -50.55
N ALA B 447 34.40 17.22 -49.93
CA ALA B 447 33.14 17.77 -49.42
C ALA B 447 32.19 18.17 -50.54
N ILE B 448 32.73 18.64 -51.66
CA ILE B 448 31.88 19.03 -52.79
C ILE B 448 31.37 17.80 -53.53
N ALA B 449 32.20 16.76 -53.65
CA ALA B 449 31.77 15.54 -54.34
C ALA B 449 30.62 14.86 -53.60
N GLU B 450 30.58 14.96 -52.27
CA GLU B 450 29.48 14.37 -51.52
C GLU B 450 28.21 15.20 -51.67
N PHE B 451 28.34 16.50 -51.91
CA PHE B 451 27.16 17.33 -52.13
C PHE B 451 26.49 17.00 -53.45
N ALA B 452 27.26 16.57 -54.45
CA ALA B 452 26.66 16.18 -55.72
C ALA B 452 25.86 14.89 -55.58
N ALA B 453 26.40 13.90 -54.86
CA ALA B 453 25.68 12.66 -54.64
C ALA B 453 24.55 12.82 -53.63
N ALA B 454 24.54 13.93 -52.88
CA ALA B 454 23.46 14.15 -51.92
C ALA B 454 22.15 14.48 -52.61
N LEU B 455 22.21 15.13 -53.78
CA LEU B 455 21.01 15.43 -54.54
C LEU B 455 20.45 14.21 -55.26
N LEU B 456 21.17 13.10 -55.28
CA LEU B 456 20.70 11.88 -55.92
C LEU B 456 19.66 11.15 -55.10
N ILE B 457 19.37 11.60 -53.89
CA ILE B 457 18.37 10.91 -53.06
C ILE B 457 16.97 11.11 -53.61
N ILE B 458 16.71 12.23 -54.28
CA ILE B 458 15.39 12.51 -54.84
C ILE B 458 15.07 11.56 -55.99
N PRO B 459 15.92 11.43 -57.03
CA PRO B 459 15.57 10.50 -58.11
C PRO B 459 15.59 9.04 -57.69
N LYS B 460 16.41 8.67 -56.71
CA LYS B 460 16.45 7.28 -56.27
C LYS B 460 15.25 6.91 -55.41
N THR B 461 14.72 7.86 -54.64
CA THR B 461 13.54 7.58 -53.83
C THR B 461 12.30 7.38 -54.69
N LEU B 462 12.23 8.08 -55.83
CA LEU B 462 11.06 7.96 -56.70
C LEU B 462 10.93 6.55 -57.27
N ALA B 463 12.07 5.92 -57.59
CA ALA B 463 12.03 4.59 -58.17
C ALA B 463 11.76 3.50 -57.15
N VAL B 464 11.97 3.76 -55.87
CA VAL B 464 11.71 2.75 -54.84
C VAL B 464 10.21 2.61 -54.62
N ASN B 465 9.49 3.72 -54.57
CA ASN B 465 8.04 3.68 -54.34
C ASN B 465 7.27 3.11 -55.52
N ALA B 466 7.91 2.94 -56.68
CA ALA B 466 7.25 2.40 -57.86
C ALA B 466 7.40 0.89 -57.98
N ALA B 467 8.06 0.24 -57.02
CA ALA B 467 8.29 -1.21 -57.05
C ALA B 467 9.02 -1.64 -58.32
N LYS B 468 9.90 -0.78 -58.83
CA LYS B 468 10.68 -1.03 -60.03
C LYS B 468 12.16 -1.11 -59.67
N ASP B 469 13.00 -1.25 -60.69
CA ASP B 469 14.44 -1.33 -60.52
C ASP B 469 15.01 0.09 -60.55
N SER B 470 15.61 0.51 -59.44
CA SER B 470 16.16 1.87 -59.36
C SER B 470 17.51 1.97 -60.07
N SER B 471 18.36 0.95 -59.93
CA SER B 471 19.67 1.00 -60.54
C SER B 471 19.60 1.05 -62.06
N GLU B 472 18.51 0.55 -62.64
CA GLU B 472 18.35 0.63 -64.09
C GLU B 472 18.04 2.05 -64.54
N LEU B 473 17.22 2.76 -63.76
CA LEU B 473 16.86 4.13 -64.13
C LEU B 473 17.97 5.12 -63.77
N VAL B 474 18.65 4.91 -62.64
CA VAL B 474 19.71 5.81 -62.23
C VAL B 474 20.90 5.72 -63.19
N ALA B 475 21.22 4.51 -63.64
CA ALA B 475 22.32 4.35 -64.59
C ALA B 475 22.01 5.03 -65.92
N LYS B 476 20.74 5.11 -66.30
CA LYS B 476 20.38 5.81 -67.53
C LYS B 476 20.46 7.32 -67.37
N LEU B 477 20.04 7.84 -66.20
CA LEU B 477 20.12 9.28 -65.97
C LEU B 477 21.56 9.75 -65.95
N ARG B 478 22.50 8.93 -65.49
CA ARG B 478 23.91 9.28 -65.50
C ARG B 478 24.55 9.07 -66.87
N SER B 479 23.93 8.27 -67.73
CA SER B 479 24.52 7.99 -69.04
C SER B 479 24.32 9.15 -70.01
N TYR B 480 23.10 9.69 -70.07
CA TYR B 480 22.81 10.76 -71.01
C TYR B 480 23.33 12.11 -70.54
N HIS B 481 23.34 12.36 -69.23
CA HIS B 481 23.74 13.66 -68.72
C HIS B 481 25.25 13.86 -68.70
N ALA B 482 26.02 12.78 -68.56
CA ALA B 482 27.46 12.92 -68.35
C ALA B 482 28.17 13.36 -69.62
N ALA B 483 27.93 12.67 -70.74
CA ALA B 483 28.70 12.92 -71.95
C ALA B 483 28.32 14.23 -72.64
N SER B 484 27.18 14.81 -72.31
CA SER B 484 26.68 15.99 -73.00
C SER B 484 27.05 17.30 -72.32
N GLN B 485 27.79 17.25 -71.20
CA GLN B 485 28.13 18.48 -70.49
C GLN B 485 29.21 19.30 -71.22
N MET B 486 30.02 18.67 -72.06
CA MET B 486 31.12 19.33 -72.74
C MET B 486 30.74 19.85 -74.13
N ALA B 487 29.46 19.75 -74.51
CA ALA B 487 29.05 20.05 -75.87
C ALA B 487 29.27 21.53 -76.22
N LYS B 488 29.71 21.76 -77.46
CA LYS B 488 29.96 23.07 -78.07
C LYS B 488 28.72 23.51 -78.84
N PRO B 489 28.26 24.76 -78.69
CA PRO B 489 26.93 25.11 -79.23
C PRO B 489 26.87 25.26 -80.74
N GLU B 490 27.39 24.27 -81.47
CA GLU B 490 27.07 24.09 -82.88
C GLU B 490 27.39 22.65 -83.26
N ASP B 491 26.80 22.20 -84.37
CA ASP B 491 26.69 20.85 -84.94
C ASP B 491 25.49 20.12 -84.33
N VAL B 492 24.76 20.76 -83.42
CA VAL B 492 23.56 20.26 -82.75
C VAL B 492 23.79 18.86 -82.17
N LYS B 493 22.77 18.00 -82.28
CA LYS B 493 22.75 16.73 -81.53
C LYS B 493 23.03 17.02 -80.06
N ARG B 494 23.84 16.18 -79.42
CA ARG B 494 24.41 16.51 -78.11
C ARG B 494 23.36 16.86 -77.08
N ARG B 495 23.34 18.14 -76.67
CA ARG B 495 22.51 18.63 -75.59
C ARG B 495 21.02 18.37 -75.81
N SER B 496 20.60 17.94 -77.00
CA SER B 496 19.23 17.51 -77.20
C SER B 496 18.84 16.38 -76.23
N TYR B 497 19.81 15.64 -75.73
CA TYR B 497 19.59 14.66 -74.66
C TYR B 497 19.59 15.40 -73.32
N ARG B 498 19.72 14.63 -72.22
CA ARG B 498 19.98 15.10 -70.87
C ARG B 498 18.89 16.01 -70.32
N ASN B 499 17.93 16.39 -71.15
CA ASN B 499 16.85 17.27 -70.74
C ASN B 499 15.63 16.51 -70.23
N TYR B 500 15.70 15.18 -70.18
CA TYR B 500 14.53 14.38 -69.83
C TYR B 500 14.98 13.08 -69.19
N GLY B 501 14.07 12.46 -68.47
CA GLY B 501 14.32 11.16 -67.88
C GLY B 501 13.45 10.92 -66.67
N LEU B 502 13.55 9.69 -66.15
CA LEU B 502 12.89 9.29 -64.91
C LEU B 502 11.37 9.48 -64.99
N ASP B 503 10.76 8.61 -65.80
CA ASP B 503 9.31 8.52 -65.90
C ASP B 503 8.87 7.32 -65.06
N LEU B 504 8.13 7.58 -63.98
CA LEU B 504 7.78 6.53 -63.03
C LEU B 504 6.64 5.65 -63.53
N ILE B 505 5.76 6.18 -64.38
CA ILE B 505 4.59 5.43 -64.81
C ILE B 505 4.99 4.27 -65.72
N ARG B 506 5.71 4.58 -66.79
CA ARG B 506 6.13 3.56 -67.75
C ARG B 506 7.50 2.97 -67.46
N GLY B 507 8.24 3.52 -66.50
CA GLY B 507 9.55 3.01 -66.19
C GLY B 507 10.58 3.15 -67.29
N LYS B 508 10.36 4.06 -68.23
CA LYS B 508 11.26 4.29 -69.35
C LYS B 508 11.67 5.76 -69.38
N ILE B 509 12.72 6.04 -70.15
CA ILE B 509 13.23 7.40 -70.29
C ILE B 509 12.53 8.04 -71.48
N VAL B 510 11.70 9.04 -71.21
CA VAL B 510 10.92 9.72 -72.23
C VAL B 510 11.08 11.22 -72.07
N ASP B 511 10.77 11.96 -73.14
CA ASP B 511 10.93 13.40 -73.14
C ASP B 511 9.89 14.04 -72.24
N GLU B 512 10.36 14.90 -71.33
CA GLU B 512 9.45 15.59 -70.41
C GLU B 512 8.68 16.71 -71.11
N ILE B 513 9.16 17.21 -72.24
CA ILE B 513 8.44 18.24 -72.97
C ILE B 513 7.16 17.67 -73.56
N HIS B 514 7.26 16.52 -74.21
CA HIS B 514 6.06 15.87 -74.75
C HIS B 514 5.20 15.27 -73.65
N ALA B 515 5.81 14.91 -72.52
CA ALA B 515 5.04 14.36 -71.40
C ALA B 515 4.22 15.44 -70.71
N GLY B 516 4.79 16.64 -70.55
CA GLY B 516 4.09 17.75 -69.95
C GLY B 516 4.50 18.07 -68.53
N VAL B 517 5.34 17.25 -67.90
CA VAL B 517 5.75 17.48 -66.53
C VAL B 517 6.79 18.60 -66.51
N LEU B 518 6.49 19.68 -65.78
CA LEU B 518 7.39 20.82 -65.66
C LEU B 518 7.27 21.38 -64.25
N GLU B 519 8.29 22.15 -63.86
CA GLU B 519 8.32 22.78 -62.54
C GLU B 519 8.82 24.21 -62.69
N PRO B 520 8.24 25.15 -61.95
CA PRO B 520 8.75 26.52 -61.99
C PRO B 520 10.16 26.62 -61.43
N THR B 521 10.91 27.60 -61.95
CA THR B 521 12.27 27.82 -61.46
C THR B 521 12.29 28.39 -60.05
N ILE B 522 11.18 28.96 -59.59
CA ILE B 522 11.14 29.51 -58.24
C ILE B 522 11.13 28.38 -57.22
N SER B 523 10.50 27.25 -57.54
CA SER B 523 10.46 26.13 -56.60
C SER B 523 11.83 25.49 -56.43
N LYS B 524 12.67 25.53 -57.47
CA LYS B 524 14.00 24.95 -57.36
C LYS B 524 14.92 25.84 -56.53
N VAL B 525 14.94 27.14 -56.83
CA VAL B 525 15.72 28.06 -56.01
C VAL B 525 15.07 28.24 -54.65
N LYS B 526 15.87 28.69 -53.68
CA LYS B 526 15.44 28.94 -52.31
C LYS B 526 15.09 27.64 -51.58
N SER B 527 14.97 26.54 -52.32
CA SER B 527 14.78 25.23 -51.69
C SER B 527 16.09 24.67 -51.18
N LEU B 528 17.17 24.81 -51.96
CA LEU B 528 18.49 24.40 -51.50
C LEU B 528 19.07 25.39 -50.50
N LYS B 529 18.71 26.66 -50.62
CA LYS B 529 19.17 27.65 -49.64
C LYS B 529 18.57 27.38 -48.27
N SER B 530 17.26 27.10 -48.22
CA SER B 530 16.63 26.77 -46.95
C SER B 530 17.10 25.43 -46.41
N ALA B 531 17.37 24.46 -47.31
CA ALA B 531 17.90 23.18 -46.87
C ALA B 531 19.34 23.30 -46.40
N LEU B 532 20.09 24.27 -46.94
CA LEU B 532 21.46 24.47 -46.50
C LEU B 532 21.52 25.03 -45.08
N GLU B 533 20.70 26.06 -44.81
CA GLU B 533 20.68 26.65 -43.48
C GLU B 533 20.22 25.64 -42.43
N ALA B 534 19.34 24.72 -42.80
CA ALA B 534 18.95 23.65 -41.89
C ALA B 534 20.10 22.66 -41.68
N CYS B 535 20.93 22.47 -42.70
CA CYS B 535 22.08 21.57 -42.56
C CYS B 535 23.23 22.25 -41.83
N VAL B 536 23.46 23.53 -42.09
CA VAL B 536 24.56 24.24 -41.43
C VAL B 536 24.29 24.39 -39.94
N ALA B 537 23.03 24.70 -39.57
CA ALA B 537 22.71 24.91 -38.16
C ALA B 537 22.89 23.64 -37.36
N ILE B 538 22.52 22.49 -37.92
CA ILE B 538 22.62 21.23 -37.19
C ILE B 538 24.06 20.72 -37.17
N LEU B 539 24.77 20.87 -38.28
CA LEU B 539 26.14 20.35 -38.36
C LEU B 539 27.09 21.09 -37.42
N ARG B 540 26.87 22.38 -37.21
CA ARG B 540 27.76 23.18 -36.36
C ARG B 540 27.61 22.88 -34.89
N ILE B 541 26.65 22.05 -34.49
CA ILE B 541 26.36 21.82 -33.07
C ILE B 541 27.21 20.64 -32.59
N ASP B 542 28.19 20.94 -31.75
CA ASP B 542 29.02 19.89 -31.16
C ASP B 542 28.34 19.27 -29.94
N THR B 543 27.75 20.10 -29.09
CA THR B 543 27.23 19.65 -27.79
C THR B 543 25.81 20.15 -27.60
N MET B 544 24.93 19.26 -27.15
CA MET B 544 23.56 19.59 -26.83
C MET B 544 23.40 19.63 -25.31
N ILE B 545 22.79 20.70 -24.80
CA ILE B 545 22.60 20.90 -23.37
C ILE B 545 21.11 21.00 -23.10
N THR B 546 20.61 20.10 -22.25
CA THR B 546 19.19 20.05 -21.90
C THR B 546 19.03 20.42 -20.43
N VAL B 547 18.11 21.35 -20.16
CA VAL B 547 17.83 21.80 -18.80
C VAL B 547 16.46 21.27 -18.40
N ASP B 548 16.38 20.67 -17.22
CA ASP B 548 15.12 20.12 -16.75
C ASP B 548 14.13 21.25 -16.45
N PRO B 549 12.85 21.06 -16.76
CA PRO B 549 11.88 22.13 -16.51
C PRO B 549 11.61 22.32 -15.03
N GLU B 550 11.25 23.55 -14.66
CA GLU B 550 10.97 23.89 -13.28
C GLU B 550 9.49 23.72 -12.96
N VAL C 3 34.98 13.42 -7.58
CA VAL C 3 35.04 11.98 -7.81
C VAL C 3 35.11 11.24 -6.49
N GLN C 4 34.14 10.35 -6.26
CA GLN C 4 34.10 9.54 -5.05
C GLN C 4 34.58 8.14 -5.41
N ILE C 5 35.79 7.80 -4.98
CA ILE C 5 36.36 6.48 -5.27
C ILE C 5 35.87 5.45 -4.27
N PHE C 6 35.72 5.84 -3.01
CA PHE C 6 35.44 4.88 -1.94
C PHE C 6 34.11 4.18 -2.16
N GLY C 7 33.03 4.94 -2.23
CA GLY C 7 31.73 4.37 -2.51
C GLY C 7 30.63 5.15 -1.80
N ASP C 8 29.47 4.53 -1.73
CA ASP C 8 28.31 5.11 -1.08
C ASP C 8 28.32 4.77 0.41
N GLN C 9 27.86 5.72 1.24
CA GLN C 9 27.78 5.55 2.68
C GLN C 9 29.16 5.27 3.28
N VAL C 10 30.14 6.07 2.88
CA VAL C 10 31.50 5.98 3.39
C VAL C 10 31.82 7.32 4.05
N THR C 11 31.99 7.30 5.37
CA THR C 11 32.29 8.51 6.13
C THR C 11 33.80 8.66 6.27
N GLU C 12 34.32 9.81 5.88
CA GLU C 12 35.75 10.07 5.95
C GLU C 12 35.99 11.51 6.34
N GLU C 13 37.01 11.73 7.18
CA GLU C 13 37.39 13.06 7.64
C GLU C 13 38.88 13.27 7.39
N ARG C 14 39.24 14.45 6.90
CA ARG C 14 40.61 14.76 6.56
C ARG C 14 41.06 16.04 7.25
N ALA C 15 42.34 16.08 7.61
CA ALA C 15 43.01 17.26 8.15
C ALA C 15 42.30 17.69 9.43
N GLU C 16 41.81 18.94 9.54
CA GLU C 16 41.17 19.39 10.75
C GLU C 16 39.90 18.61 11.06
N ASN C 17 39.28 18.01 10.04
CA ASN C 17 38.12 17.16 10.30
C ASN C 17 38.52 15.85 10.96
N ALA C 18 39.63 15.25 10.51
CA ALA C 18 40.10 14.00 11.10
C ALA C 18 40.52 14.20 12.54
N ARG C 19 41.43 15.13 12.78
CA ARG C 19 41.79 15.49 14.15
C ARG C 19 40.62 16.21 14.81
N LEU C 20 40.68 16.27 16.15
CA LEU C 20 39.64 16.82 17.02
C LEU C 20 38.48 15.82 17.13
N SER C 21 38.44 14.84 16.22
CA SER C 21 37.55 13.70 16.39
C SER C 21 38.15 12.69 17.36
N ALA C 22 39.49 12.56 17.37
CA ALA C 22 40.16 11.72 18.34
C ALA C 22 40.29 12.42 19.69
N PHE C 23 40.44 13.74 19.69
CA PHE C 23 40.57 14.46 20.95
C PHE C 23 39.25 14.49 21.71
N VAL C 24 38.17 14.87 21.03
CA VAL C 24 36.85 14.84 21.67
C VAL C 24 36.45 13.41 21.98
N GLY C 25 36.84 12.46 21.12
CA GLY C 25 36.58 11.06 21.42
C GLY C 25 37.29 10.59 22.67
N ALA C 26 38.48 11.13 22.93
CA ALA C 26 39.20 10.79 24.15
C ALA C 26 38.63 11.52 25.37
N ILE C 27 38.09 12.72 25.17
CA ILE C 27 37.47 13.46 26.26
C ILE C 27 36.19 12.76 26.72
N ALA C 28 35.40 12.28 25.76
CA ALA C 28 34.17 11.57 26.11
C ALA C 28 34.48 10.27 26.86
N VAL C 29 35.55 9.58 26.45
CA VAL C 29 35.96 8.37 27.15
C VAL C 29 36.62 8.72 28.48
N GLY C 30 37.42 9.79 28.50
CA GLY C 30 38.10 10.18 29.73
C GLY C 30 37.15 10.69 30.79
N ASP C 31 36.07 11.36 30.40
CA ASP C 31 35.12 11.89 31.37
C ASP C 31 34.28 10.80 32.03
N LEU C 32 34.12 9.65 31.37
CA LEU C 32 33.36 8.56 31.98
C LEU C 32 34.10 7.97 33.17
N VAL C 33 35.40 7.74 33.03
CA VAL C 33 36.20 7.18 34.12
C VAL C 33 36.82 8.26 34.99
N LYS C 34 36.56 9.54 34.71
CA LYS C 34 37.14 10.60 35.53
C LYS C 34 36.53 10.60 36.93
N SER C 35 35.24 10.29 37.04
CA SER C 35 34.58 10.26 38.34
C SER C 35 34.86 8.99 39.12
N THR C 36 35.47 7.98 38.50
CA THR C 36 35.78 6.73 39.16
C THR C 36 37.19 6.67 39.73
N LEU C 37 37.97 7.75 39.58
CA LEU C 37 39.35 7.76 40.04
C LEU C 37 39.43 8.26 41.47
N GLY C 38 40.10 7.49 42.33
CA GLY C 38 40.31 7.87 43.70
C GLY C 38 39.44 7.09 44.66
N PRO C 39 39.78 7.13 45.96
CA PRO C 39 38.96 6.43 46.95
C PRO C 39 37.59 7.05 47.15
N LYS C 40 37.43 8.33 46.87
CA LYS C 40 36.14 9.01 46.95
C LYS C 40 35.36 8.96 45.65
N GLY C 41 35.87 8.26 44.64
CA GLY C 41 35.20 8.21 43.36
C GLY C 41 33.85 7.53 43.45
N MET C 42 33.02 7.79 42.42
CA MET C 42 31.66 7.28 42.36
C MET C 42 31.59 6.11 41.38
N ASP C 43 30.88 5.07 41.78
CA ASP C 43 30.71 3.90 40.92
C ASP C 43 29.73 4.19 39.80
N LYS C 44 29.94 3.52 38.66
CA LYS C 44 29.11 3.70 37.48
C LYS C 44 28.30 2.43 37.23
N LEU C 45 27.01 2.60 36.96
CA LEU C 45 26.11 1.50 36.66
C LEU C 45 25.97 1.34 35.15
N LEU C 46 26.08 0.10 34.68
CA LEU C 46 25.99 -0.22 33.27
C LEU C 46 24.78 -1.10 33.03
N GLN C 47 23.86 -0.65 32.19
CA GLN C 47 22.65 -1.39 31.85
C GLN C 47 22.75 -1.90 30.42
N SER C 48 22.61 -3.21 30.25
CA SER C 48 22.68 -3.82 28.94
C SER C 48 21.40 -3.55 28.15
N ALA C 49 21.54 -3.50 26.82
CA ALA C 49 20.39 -3.28 25.96
C ALA C 49 19.49 -4.51 25.86
N SER C 50 20.00 -5.68 26.25
CA SER C 50 19.23 -6.92 26.22
C SER C 50 19.35 -7.63 27.55
N SER C 51 18.36 -8.51 27.82
CA SER C 51 18.33 -9.36 29.00
C SER C 51 18.12 -8.58 30.29
N ASN C 52 18.18 -7.24 30.20
CA ASN C 52 17.97 -6.36 31.35
C ASN C 52 18.93 -6.70 32.49
N THR C 53 20.21 -6.76 32.18
CA THR C 53 21.25 -7.08 33.14
C THR C 53 22.02 -5.82 33.50
N CYS C 54 22.12 -5.54 34.79
CA CYS C 54 22.84 -4.37 35.29
C CYS C 54 24.10 -4.81 36.03
N MET C 55 25.14 -3.99 35.94
CA MET C 55 26.42 -4.28 36.57
C MET C 55 26.98 -3.01 37.19
N VAL C 56 27.35 -3.09 38.46
CA VAL C 56 27.99 -1.99 39.18
C VAL C 56 29.47 -2.29 39.28
N THR C 57 30.31 -1.48 38.64
CA THR C 57 31.73 -1.70 38.62
C THR C 57 32.48 -0.37 38.68
N ASN C 58 33.56 -0.35 39.45
CA ASN C 58 34.44 0.81 39.56
C ASN C 58 35.65 0.72 38.63
N ASP C 59 35.81 -0.39 37.92
CA ASP C 59 36.97 -0.58 37.06
C ASP C 59 36.77 0.12 35.73
N GLY C 60 37.74 0.96 35.35
CA GLY C 60 37.67 1.65 34.08
C GLY C 60 37.77 0.73 32.88
N ALA C 61 38.35 -0.45 33.04
CA ALA C 61 38.47 -1.39 31.93
C ALA C 61 37.14 -2.08 31.64
N THR C 62 36.43 -2.52 32.69
CA THR C 62 35.16 -3.19 32.51
C THR C 62 34.06 -2.25 32.04
N ILE C 63 34.20 -0.94 32.31
CA ILE C 63 33.20 0.02 31.85
C ILE C 63 33.32 0.22 30.35
N LEU C 64 34.55 0.32 29.83
CA LEU C 64 34.73 0.60 28.42
C LEU C 64 34.43 -0.62 27.56
N LYS C 65 34.57 -1.83 28.10
CA LYS C 65 34.28 -3.03 27.33
C LYS C 65 32.77 -3.21 27.13
N SER C 66 31.96 -2.84 28.12
CA SER C 66 30.52 -3.04 28.01
C SER C 66 29.86 -1.96 27.15
N ILE C 67 30.30 -0.71 27.30
CA ILE C 67 29.71 0.40 26.56
C ILE C 67 30.12 0.30 25.09
N PRO C 68 29.17 0.20 24.16
CA PRO C 68 29.53 0.18 22.74
C PRO C 68 30.04 1.54 22.29
N LEU C 69 31.14 1.52 21.53
CA LEU C 69 31.75 2.74 21.02
C LEU C 69 32.09 2.53 19.55
N ASP C 70 31.51 3.35 18.69
CA ASP C 70 31.76 3.30 17.25
C ASP C 70 32.89 4.24 16.82
N ASN C 71 33.43 5.03 17.74
CA ASN C 71 34.54 5.93 17.41
C ASN C 71 35.82 5.12 17.29
N PRO C 72 36.52 5.15 16.16
CA PRO C 72 37.78 4.41 16.05
C PRO C 72 38.82 4.83 17.07
N ALA C 73 38.86 6.10 17.45
CA ALA C 73 39.79 6.57 18.46
C ALA C 73 39.38 6.18 19.87
N ALA C 74 38.09 5.94 20.11
CA ALA C 74 37.65 5.52 21.43
C ALA C 74 38.14 4.11 21.75
N LYS C 75 38.20 3.24 20.73
CA LYS C 75 38.70 1.88 20.95
C LYS C 75 40.17 1.86 21.29
N VAL C 76 40.92 2.93 20.99
CA VAL C 76 42.32 3.01 21.40
C VAL C 76 42.42 3.05 22.91
N LEU C 77 41.57 3.85 23.56
CA LEU C 77 41.55 3.91 25.02
C LEU C 77 40.89 2.70 25.65
N VAL C 78 40.09 1.95 24.88
CA VAL C 78 39.50 0.72 25.41
C VAL C 78 40.51 -0.41 25.42
N ASN C 79 41.33 -0.51 24.37
CA ASN C 79 42.31 -1.60 24.30
C ASN C 79 43.41 -1.43 25.35
N ILE C 80 43.87 -0.20 25.55
CA ILE C 80 44.92 0.02 26.55
C ILE C 80 44.38 -0.24 27.95
N SER C 81 43.07 -0.08 28.15
CA SER C 81 42.47 -0.44 29.43
C SER C 81 42.45 -1.96 29.60
N LYS C 82 42.31 -2.71 28.52
CA LYS C 82 42.38 -4.17 28.60
C LYS C 82 43.81 -4.66 28.76
N VAL C 83 44.75 -4.04 28.04
CA VAL C 83 46.15 -4.42 28.17
C VAL C 83 46.65 -4.14 29.57
N GLN C 84 46.29 -2.97 30.13
CA GLN C 84 46.63 -2.68 31.52
C GLN C 84 45.95 -3.66 32.47
N ASP C 85 44.74 -4.11 32.13
CA ASP C 85 44.05 -5.08 32.96
C ASP C 85 44.65 -6.47 32.80
N ASP C 86 45.20 -6.79 31.62
CA ASP C 86 45.77 -8.12 31.40
C ASP C 86 47.12 -8.27 32.08
N GLU C 87 47.99 -7.26 31.93
CA GLU C 87 49.34 -7.37 32.48
C GLU C 87 49.35 -7.14 34.00
N VAL C 88 48.54 -6.21 34.49
CA VAL C 88 48.53 -5.88 35.91
C VAL C 88 47.13 -6.16 36.47
N GLY C 89 46.14 -5.42 35.99
CA GLY C 89 44.77 -5.52 36.47
C GLY C 89 44.31 -4.36 37.30
N ASP C 90 45.22 -3.49 37.75
CA ASP C 90 44.88 -2.30 38.52
C ASP C 90 45.39 -1.07 37.79
N GLY C 91 44.74 0.06 38.04
CA GLY C 91 45.13 1.31 37.42
C GLY C 91 44.62 1.49 36.01
N THR C 92 43.68 0.66 35.55
CA THR C 92 43.13 0.84 34.21
C THR C 92 42.39 2.16 34.08
N THR C 93 41.84 2.66 35.17
CA THR C 93 41.19 3.98 35.14
C THR C 93 42.23 5.09 34.97
N SER C 94 43.36 4.99 35.67
CA SER C 94 44.39 6.01 35.57
C SER C 94 45.04 6.03 34.19
N VAL C 95 45.12 4.87 33.53
CA VAL C 95 45.71 4.83 32.19
C VAL C 95 44.81 5.56 31.20
N THR C 96 43.49 5.32 31.28
CA THR C 96 42.56 5.99 30.38
C THR C 96 42.54 7.49 30.61
N VAL C 97 42.65 7.93 31.87
CA VAL C 97 42.64 9.36 32.17
C VAL C 97 43.96 10.00 31.74
N LEU C 98 45.08 9.37 32.08
CA LEU C 98 46.38 9.95 31.75
C LEU C 98 46.58 10.01 30.24
N SER C 99 46.14 8.98 29.52
CA SER C 99 46.24 9.01 28.06
C SER C 99 45.32 10.07 27.45
N ALA C 100 44.21 10.37 28.12
CA ALA C 100 43.31 11.42 27.63
C ALA C 100 43.84 12.80 27.94
N GLU C 101 44.50 12.97 29.09
CA GLU C 101 45.06 14.27 29.44
C GLU C 101 46.24 14.64 28.55
N LEU C 102 46.94 13.65 28.02
CA LEU C 102 48.02 13.95 27.07
C LEU C 102 47.48 14.57 25.80
N LEU C 103 46.29 14.14 25.36
CA LEU C 103 45.69 14.72 24.17
C LEU C 103 45.04 16.07 24.45
N ARG C 104 44.50 16.26 25.66
CA ARG C 104 43.92 17.55 26.01
C ARG C 104 44.98 18.64 26.06
N GLU C 105 46.17 18.31 26.56
CA GLU C 105 47.27 19.27 26.57
C GLU C 105 47.83 19.47 25.17
N ALA C 106 47.93 18.38 24.39
CA ALA C 106 48.43 18.49 23.02
C ALA C 106 47.43 19.18 22.10
N GLU C 107 46.15 19.23 22.48
CA GLU C 107 45.16 19.93 21.66
C GLU C 107 45.44 21.42 21.64
N LYS C 108 45.85 21.98 22.77
CA LYS C 108 46.20 23.41 22.82
C LYS C 108 47.60 23.68 22.29
N LEU C 109 48.47 22.67 22.22
CA LEU C 109 49.80 22.87 21.67
C LEU C 109 49.73 23.13 20.17
N ILE C 110 48.94 22.34 19.45
CA ILE C 110 48.79 22.57 18.01
C ILE C 110 47.95 23.82 17.76
N ASP C 111 47.07 24.17 18.68
CA ASP C 111 46.18 25.31 18.48
C ASP C 111 46.85 26.62 18.87
N GLN C 112 47.17 26.78 20.16
CA GLN C 112 47.70 28.05 20.64
C GLN C 112 49.13 28.27 20.16
N SER C 113 50.00 27.28 20.34
CA SER C 113 51.42 27.43 20.04
C SER C 113 51.78 27.04 18.61
N LYS C 114 50.86 26.41 17.87
CA LYS C 114 51.08 26.01 16.48
C LYS C 114 52.34 25.14 16.35
N ILE C 115 52.23 23.93 16.91
CA ILE C 115 53.31 22.95 16.88
C ILE C 115 52.87 21.75 16.04
N HIS C 116 53.78 21.27 15.20
CA HIS C 116 53.47 20.11 14.38
C HIS C 116 53.24 18.88 15.26
N PRO C 117 52.29 18.01 14.91
CA PRO C 117 52.01 16.85 15.77
C PRO C 117 53.21 15.93 15.98
N GLN C 118 54.03 15.73 14.95
CA GLN C 118 55.20 14.89 15.11
C GLN C 118 56.23 15.52 16.06
N THR C 119 56.28 16.86 16.11
CA THR C 119 57.17 17.53 17.04
C THR C 119 56.76 17.26 18.48
N ILE C 120 55.45 17.20 18.75
CA ILE C 120 54.98 16.88 20.09
C ILE C 120 55.37 15.46 20.48
N ILE C 121 55.40 14.54 19.51
CA ILE C 121 55.80 13.16 19.80
C ILE C 121 57.25 13.12 20.30
N GLU C 122 58.13 13.90 19.68
CA GLU C 122 59.51 13.98 20.15
C GLU C 122 59.62 14.57 21.54
N GLY C 123 58.63 15.35 21.97
CA GLY C 123 58.66 15.90 23.32
C GLY C 123 58.33 14.86 24.38
N TYR C 124 57.41 13.95 24.06
CA TYR C 124 57.07 12.90 25.02
C TYR C 124 58.17 11.86 25.14
N ARG C 125 58.95 11.66 24.07
CA ARG C 125 60.02 10.68 24.13
C ARG C 125 61.12 11.11 25.09
N LEU C 126 61.46 12.41 25.09
CA LEU C 126 62.45 12.91 26.03
C LEU C 126 61.89 13.09 27.43
N ALA C 127 60.57 13.32 27.54
CA ALA C 127 59.96 13.50 28.85
C ALA C 127 59.73 12.17 29.55
N SER C 128 59.32 11.14 28.80
CA SER C 128 59.08 9.84 29.41
C SER C 128 60.39 9.16 29.82
N ALA C 129 61.49 9.47 29.13
CA ALA C 129 62.77 8.90 29.51
C ALA C 129 63.24 9.44 30.86
N ALA C 130 63.02 10.74 31.10
CA ALA C 130 63.39 11.32 32.38
C ALA C 130 62.39 11.01 33.48
N ALA C 131 61.14 10.69 33.13
CA ALA C 131 60.15 10.37 34.15
C ALA C 131 60.38 8.97 34.71
N LEU C 132 60.77 8.02 33.86
CA LEU C 132 61.04 6.67 34.33
C LEU C 132 62.32 6.60 35.14
N ASP C 133 63.29 7.47 34.86
CA ASP C 133 64.52 7.48 35.63
C ASP C 133 64.30 8.03 37.04
N ALA C 134 63.46 9.07 37.16
CA ALA C 134 63.14 9.61 38.48
C ALA C 134 62.26 8.67 39.28
N LEU C 135 61.38 7.93 38.60
CA LEU C 135 60.52 6.99 39.31
C LEU C 135 61.29 5.76 39.77
N THR C 136 62.30 5.33 39.00
CA THR C 136 63.09 4.18 39.39
C THR C 136 63.97 4.47 40.60
N LYS C 137 64.58 5.66 40.63
CA LYS C 137 65.44 6.02 41.75
C LYS C 137 64.64 6.20 43.04
N ALA C 138 63.35 6.52 42.92
CA ALA C 138 62.50 6.69 44.10
C ALA C 138 61.99 5.37 44.66
N ALA C 139 62.24 4.25 43.97
CA ALA C 139 61.76 2.96 44.45
C ALA C 139 62.61 2.48 45.63
N VAL C 140 62.00 1.64 46.47
CA VAL C 140 62.64 1.09 47.65
C VAL C 140 62.70 -0.42 47.49
N ASP C 141 63.87 -0.99 47.77
CA ASP C 141 64.04 -2.44 47.66
C ASP C 141 63.20 -3.16 48.70
N ASN C 142 62.67 -4.32 48.32
CA ASN C 142 61.80 -5.11 49.18
C ASN C 142 62.22 -6.57 49.09
N SER C 143 61.67 -7.39 49.99
CA SER C 143 61.85 -8.82 50.15
C SER C 143 63.18 -9.16 50.82
N HIS C 144 64.04 -8.18 51.10
CA HIS C 144 65.26 -8.45 51.85
C HIS C 144 64.98 -8.85 53.29
N ASP C 145 63.82 -8.46 53.81
CA ASP C 145 63.41 -8.84 55.16
C ASP C 145 61.97 -9.36 55.08
N LYS C 146 61.74 -10.53 55.68
CA LYS C 146 60.41 -11.13 55.63
C LYS C 146 59.38 -10.32 56.41
N THR C 147 59.82 -9.51 57.38
CA THR C 147 58.89 -8.69 58.13
C THR C 147 58.44 -7.48 57.31
N MET C 148 59.39 -6.80 56.64
CA MET C 148 59.03 -5.65 55.83
C MET C 148 58.32 -6.07 54.54
N PHE C 149 58.59 -7.28 54.05
CA PHE C 149 57.91 -7.74 52.84
C PHE C 149 56.43 -7.98 53.08
N ARG C 150 56.08 -8.51 54.26
CA ARG C 150 54.68 -8.76 54.59
C ARG C 150 53.93 -7.46 54.91
N GLU C 151 54.60 -6.49 55.54
CA GLU C 151 53.95 -5.24 55.86
C GLU C 151 53.68 -4.41 54.62
N ASP C 152 54.57 -4.48 53.63
CA ASP C 152 54.36 -3.73 52.39
C ASP C 152 53.17 -4.27 51.60
N LEU C 153 52.90 -5.57 51.69
CA LEU C 153 51.75 -6.14 51.00
C LEU C 153 50.45 -5.68 51.64
N ILE C 154 50.46 -5.37 52.93
CA ILE C 154 49.26 -4.87 53.59
C ILE C 154 48.95 -3.45 53.12
N HIS C 155 49.98 -2.64 52.93
CA HIS C 155 49.79 -1.27 52.48
C HIS C 155 49.30 -1.22 51.03
N ILE C 156 49.66 -2.21 50.21
CA ILE C 156 49.22 -2.23 48.82
C ILE C 156 47.73 -2.57 48.73
N ALA C 157 47.29 -3.52 49.55
CA ALA C 157 45.89 -3.91 49.52
C ALA C 157 44.97 -2.80 49.99
N LYS C 158 45.43 -1.97 50.93
CA LYS C 158 44.61 -0.86 51.41
C LYS C 158 44.49 0.24 50.37
N THR C 159 45.50 0.38 49.50
CA THR C 159 45.45 1.42 48.48
C THR C 159 44.56 1.02 47.31
N THR C 160 44.64 -0.24 46.88
CA THR C 160 43.82 -0.70 45.76
C THR C 160 42.34 -0.76 46.14
N LEU C 161 42.04 -1.27 47.33
CA LEU C 161 40.66 -1.38 47.78
C LEU C 161 40.06 -0.03 48.20
N SER C 162 40.87 1.03 48.25
CA SER C 162 40.36 2.33 48.66
C SER C 162 39.32 2.85 47.68
N SER C 163 39.53 2.64 46.38
CA SER C 163 38.55 3.05 45.38
C SER C 163 37.38 2.08 45.28
N LYS C 164 37.57 0.83 45.67
CA LYS C 164 36.52 -0.17 45.60
C LYS C 164 35.48 0.06 46.69
N ILE C 165 34.31 -0.54 46.50
CA ILE C 165 33.24 -0.46 47.50
C ILE C 165 33.67 -1.10 48.82
N LEU C 166 34.74 -1.89 48.81
CA LEU C 166 35.31 -2.50 50.00
C LEU C 166 36.02 -1.50 50.90
N SER C 167 36.10 -0.22 50.51
CA SER C 167 36.92 0.76 51.22
C SER C 167 36.55 0.88 52.69
N GLN C 168 35.29 0.60 53.05
CA GLN C 168 34.90 0.67 54.45
C GLN C 168 35.50 -0.49 55.24
N ASP C 169 35.40 -1.70 54.71
CA ASP C 169 35.88 -2.90 55.37
C ASP C 169 37.28 -3.31 54.96
N LYS C 170 37.95 -2.51 54.13
CA LYS C 170 39.28 -2.90 53.63
C LYS C 170 40.31 -3.04 54.74
N ASP C 171 40.05 -2.46 55.92
CA ASP C 171 41.00 -2.59 57.03
C ASP C 171 41.13 -4.05 57.45
N HIS C 172 40.00 -4.76 57.55
CA HIS C 172 40.04 -6.19 57.86
C HIS C 172 40.40 -7.04 56.64
N PHE C 173 40.15 -6.53 55.43
CA PHE C 173 40.45 -7.28 54.22
C PHE C 173 41.92 -7.21 53.81
N ALA C 174 42.71 -6.34 54.45
CA ALA C 174 44.13 -6.28 54.14
C ALA C 174 44.84 -7.57 54.54
N GLU C 175 44.40 -8.19 55.64
CA GLU C 175 44.95 -9.47 56.06
C GLU C 175 44.41 -10.61 55.20
N LEU C 176 43.20 -10.46 54.66
CA LEU C 176 42.61 -11.53 53.86
C LEU C 176 43.38 -11.71 52.55
N ALA C 177 43.68 -10.61 51.87
CA ALA C 177 44.38 -10.69 50.59
C ALA C 177 45.88 -10.90 50.75
N THR C 178 46.45 -10.58 51.92
CA THR C 178 47.89 -10.73 52.12
C THR C 178 48.27 -12.19 52.34
N ASN C 179 47.54 -12.89 53.21
CA ASN C 179 47.88 -14.27 53.54
C ASN C 179 47.68 -15.21 52.36
N ALA C 180 46.85 -14.85 51.38
CA ALA C 180 46.66 -15.70 50.22
C ALA C 180 47.90 -15.73 49.33
N ILE C 181 48.66 -14.63 49.29
CA ILE C 181 49.86 -14.58 48.45
C ILE C 181 51.02 -15.30 49.13
N LEU C 182 51.16 -15.15 50.44
CA LEU C 182 52.26 -15.79 51.15
C LEU C 182 52.15 -17.31 51.10
N ARG C 183 50.94 -17.85 51.05
CA ARG C 183 50.74 -19.29 50.98
C ARG C 183 50.98 -19.85 49.58
N LEU C 184 51.19 -18.99 48.57
CA LEU C 184 51.45 -19.48 47.22
C LEU C 184 52.87 -20.03 47.08
N LYS C 185 53.76 -19.75 48.02
CA LYS C 185 55.14 -20.26 48.02
C LYS C 185 55.89 -19.84 46.75
N GLY C 186 55.69 -18.59 46.34
CA GLY C 186 56.41 -18.02 45.23
C GLY C 186 55.76 -18.21 43.87
N SER C 187 54.89 -19.19 43.72
CA SER C 187 54.19 -19.41 42.45
C SER C 187 53.06 -18.40 42.30
N THR C 188 53.05 -17.69 41.17
CA THR C 188 52.07 -16.64 40.92
C THR C 188 51.00 -17.18 39.98
N ASN C 189 49.83 -17.46 40.52
CA ASN C 189 48.67 -17.81 39.71
C ASN C 189 47.42 -17.45 40.50
N LEU C 190 46.37 -17.05 39.79
CA LEU C 190 45.06 -16.83 40.40
C LEU C 190 44.12 -18.01 40.21
N GLU C 191 44.55 -19.07 39.52
CA GLU C 191 43.75 -20.28 39.45
C GLU C 191 43.67 -20.99 40.79
N HIS C 192 44.62 -20.74 41.68
CA HIS C 192 44.67 -21.39 42.99
C HIS C 192 43.81 -20.67 44.03
N ILE C 193 43.19 -19.55 43.67
CA ILE C 193 42.38 -18.77 44.60
C ILE C 193 40.93 -18.85 44.14
N GLN C 194 40.06 -19.34 45.01
CA GLN C 194 38.64 -19.48 44.73
C GLN C 194 37.86 -18.38 45.41
N ILE C 195 36.84 -17.87 44.72
CA ILE C 195 35.96 -16.83 45.26
C ILE C 195 34.53 -17.33 45.14
N ILE C 196 33.85 -17.43 46.29
CA ILE C 196 32.48 -17.94 46.36
C ILE C 196 31.57 -16.81 46.81
N LYS C 197 30.47 -16.61 46.09
CA LYS C 197 29.51 -15.57 46.40
C LYS C 197 28.41 -16.14 47.29
N ILE C 198 28.07 -15.40 48.35
CA ILE C 198 27.05 -15.82 49.31
C ILE C 198 26.15 -14.63 49.61
N LEU C 199 24.84 -14.85 49.59
CA LEU C 199 23.87 -13.81 49.92
C LEU C 199 23.62 -13.82 51.43
N GLY C 200 23.47 -12.63 51.99
CA GLY C 200 23.18 -12.48 53.40
C GLY C 200 24.39 -11.96 54.17
N GLY C 201 24.11 -11.46 55.38
CA GLY C 201 25.16 -10.93 56.22
C GLY C 201 25.62 -9.55 55.78
N LYS C 202 26.85 -9.23 56.16
CA LYS C 202 27.48 -7.96 55.81
C LYS C 202 28.84 -8.23 55.18
N LEU C 203 29.40 -7.20 54.56
CA LEU C 203 30.64 -7.36 53.80
C LEU C 203 31.79 -7.79 54.69
N SER C 204 31.85 -7.24 55.91
CA SER C 204 32.95 -7.56 56.82
C SER C 204 32.87 -8.98 57.38
N ASP C 205 31.76 -9.69 57.14
CA ASP C 205 31.66 -11.08 57.59
C ASP C 205 32.55 -12.03 56.80
N SER C 206 33.18 -11.55 55.73
CA SER C 206 34.10 -12.40 54.97
C SER C 206 35.30 -12.79 55.83
N PHE C 207 35.57 -14.09 55.90
CA PHE C 207 36.64 -14.62 56.72
C PHE C 207 37.60 -15.42 55.84
N LEU C 208 38.83 -15.59 56.35
CA LEU C 208 39.84 -16.36 55.66
C LEU C 208 39.58 -17.85 55.84
N ASP C 209 39.83 -18.62 54.79
CA ASP C 209 39.59 -20.06 54.79
C ASP C 209 40.88 -20.78 55.13
N GLU C 210 40.90 -21.46 56.27
CA GLU C 210 42.02 -22.33 56.63
C GLU C 210 41.85 -23.65 55.89
N GLY C 211 42.84 -23.99 55.06
CA GLY C 211 42.70 -25.14 54.20
C GLY C 211 42.05 -24.76 52.88
N PHE C 212 41.33 -25.70 52.26
CA PHE C 212 40.69 -25.48 50.98
C PHE C 212 39.22 -25.85 51.08
N ILE C 213 38.34 -24.95 50.64
CA ILE C 213 36.90 -25.14 50.71
C ILE C 213 36.34 -25.12 49.28
N LEU C 214 35.63 -26.18 48.92
CA LEU C 214 35.00 -26.29 47.61
C LEU C 214 33.65 -26.95 47.79
N ALA C 215 32.64 -26.43 47.09
CA ALA C 215 31.27 -26.90 47.27
C ALA C 215 31.07 -28.20 46.50
N LYS C 216 30.75 -29.27 47.22
CA LYS C 216 30.52 -30.59 46.66
C LYS C 216 29.43 -31.27 47.48
N LYS C 217 29.22 -32.56 47.21
CA LYS C 217 28.24 -33.35 47.95
C LYS C 217 28.77 -34.76 48.16
N PHE C 218 28.51 -35.30 49.35
CA PHE C 218 28.89 -36.67 49.65
C PHE C 218 27.94 -37.66 48.97
N GLY C 219 28.41 -38.91 48.87
CA GLY C 219 27.60 -39.97 48.33
C GLY C 219 26.37 -40.24 49.18
N ASN C 220 25.49 -41.09 48.63
CA ASN C 220 24.22 -41.37 49.29
C ASN C 220 24.42 -42.07 50.62
N ASN C 221 25.19 -43.16 50.62
CA ASN C 221 25.44 -43.93 51.83
C ASN C 221 26.71 -43.51 52.55
N GLN C 222 27.41 -42.49 52.06
CA GLN C 222 28.69 -42.14 52.66
C GLN C 222 28.50 -41.14 53.80
N PRO C 223 29.19 -41.34 54.92
CA PRO C 223 29.07 -40.40 56.04
C PRO C 223 29.76 -39.08 55.75
N LYS C 224 29.36 -38.05 56.49
CA LYS C 224 29.85 -36.71 56.25
C LYS C 224 31.23 -36.48 56.85
N ARG C 225 31.46 -36.96 58.08
CA ARG C 225 32.69 -36.66 58.82
C ARG C 225 33.55 -37.91 58.89
N ILE C 226 34.78 -37.81 58.38
CA ILE C 226 35.77 -38.88 58.46
C ILE C 226 37.05 -38.30 59.05
N GLU C 227 37.60 -38.99 60.04
CA GLU C 227 38.82 -38.53 60.71
C GLU C 227 40.04 -39.10 60.02
N ASN C 228 41.01 -38.23 59.71
CA ASN C 228 42.27 -38.61 59.08
C ASN C 228 42.02 -39.34 57.75
N ALA C 229 41.23 -38.71 56.89
CA ALA C 229 40.91 -39.29 55.59
C ALA C 229 42.02 -39.00 54.59
N LYS C 230 42.26 -39.96 53.70
CA LYS C 230 43.23 -39.82 52.63
C LYS C 230 42.52 -39.35 51.36
N ILE C 231 43.08 -38.33 50.73
CA ILE C 231 42.46 -37.67 49.58
C ILE C 231 43.24 -38.05 48.32
N LEU C 232 42.51 -38.52 47.30
CA LEU C 232 43.09 -38.86 46.00
C LEU C 232 42.24 -38.23 44.90
N ILE C 233 42.91 -37.77 43.85
CA ILE C 233 42.25 -37.21 42.67
C ILE C 233 42.58 -38.10 41.49
N ALA C 234 41.56 -38.52 40.76
CA ALA C 234 41.70 -39.42 39.62
C ALA C 234 41.35 -38.68 38.34
N ASN C 235 42.26 -38.71 37.37
CA ASN C 235 41.98 -38.10 36.07
C ASN C 235 40.94 -38.92 35.30
N THR C 236 41.10 -40.24 35.30
CA THR C 236 40.16 -41.10 34.59
C THR C 236 38.79 -41.06 35.27
N THR C 237 37.76 -41.26 34.47
CA THR C 237 36.38 -41.24 34.91
C THR C 237 35.81 -42.65 34.91
N LEU C 238 34.90 -42.92 35.84
CA LEU C 238 34.23 -44.21 35.90
C LEU C 238 32.97 -44.11 35.04
N ASP C 239 33.00 -44.81 33.91
CA ASP C 239 31.95 -44.70 32.90
C ASP C 239 32.03 -45.96 32.03
N THR C 240 30.99 -46.16 31.23
CA THR C 240 30.99 -47.31 30.33
C THR C 240 32.07 -47.12 29.29
N ASP C 241 33.02 -48.05 29.25
CA ASP C 241 34.22 -47.97 28.43
C ASP C 241 34.11 -48.73 27.12
N LYS C 242 32.93 -49.25 26.79
CA LYS C 242 32.77 -50.26 25.75
C LYS C 242 33.64 -51.44 26.19
N VAL C 243 34.68 -51.83 25.47
CA VAL C 243 35.61 -52.81 26.00
C VAL C 243 36.92 -52.11 26.36
N LYS C 244 37.73 -51.80 25.34
CA LYS C 244 38.99 -51.13 25.56
C LYS C 244 39.20 -49.96 24.60
N ILE C 245 39.30 -50.28 23.31
CA ILE C 245 39.75 -49.35 22.28
C ILE C 245 38.56 -48.64 21.63
N PHE C 246 37.37 -48.86 22.18
CA PHE C 246 36.09 -48.52 21.53
C PHE C 246 36.07 -49.27 20.20
N GLY C 247 35.56 -48.66 19.13
CA GLY C 247 35.62 -49.22 17.79
C GLY C 247 35.19 -50.67 17.67
N THR C 248 34.24 -51.11 18.49
CA THR C 248 33.89 -52.51 18.53
C THR C 248 32.43 -52.69 18.94
N LYS C 249 31.90 -53.86 18.64
CA LYS C 249 30.57 -54.26 19.10
C LYS C 249 30.57 -55.77 19.26
N PHE C 250 29.79 -56.26 20.22
CA PHE C 250 29.79 -57.68 20.55
C PHE C 250 29.02 -58.48 19.52
N LYS C 251 29.59 -59.62 19.13
CA LYS C 251 28.93 -60.58 18.25
C LYS C 251 28.44 -61.74 19.11
N VAL C 252 27.12 -61.85 19.26
CA VAL C 252 26.51 -62.84 20.15
C VAL C 252 25.78 -63.85 19.28
N ASP C 253 26.30 -65.09 19.25
CA ASP C 253 25.63 -66.16 18.54
C ASP C 253 24.47 -66.73 19.36
N SER C 254 24.66 -66.88 20.66
CA SER C 254 23.63 -67.39 21.55
C SER C 254 23.63 -66.56 22.83
N THR C 255 22.43 -66.31 23.37
CA THR C 255 22.28 -65.48 24.57
C THR C 255 22.86 -66.13 25.81
N ALA C 256 23.26 -67.41 25.74
CA ALA C 256 23.87 -68.06 26.90
C ALA C 256 25.16 -67.37 27.30
N LYS C 257 25.94 -66.92 26.31
CA LYS C 257 27.15 -66.16 26.58
C LYS C 257 26.88 -64.66 26.75
N LEU C 258 25.68 -64.20 26.44
CA LEU C 258 25.36 -62.78 26.58
C LEU C 258 25.08 -62.42 28.04
N ALA C 259 24.49 -63.33 28.81
CA ALA C 259 24.23 -63.07 30.22
C ALA C 259 25.54 -62.91 30.99
N GLN C 260 26.51 -63.78 30.74
CA GLN C 260 27.82 -63.64 31.34
C GLN C 260 28.65 -62.55 30.71
N LEU C 261 28.24 -62.03 29.55
CA LEU C 261 28.98 -60.95 28.91
C LEU C 261 28.80 -59.64 29.64
N GLU C 262 27.56 -59.30 29.99
CA GLU C 262 27.31 -58.09 30.76
C GLU C 262 27.88 -58.18 32.16
N LYS C 263 27.89 -59.39 32.73
CA LYS C 263 28.50 -59.58 34.05
C LYS C 263 30.01 -59.35 34.01
N ALA C 264 30.64 -59.64 32.87
CA ALA C 264 32.07 -59.41 32.74
C ALA C 264 32.40 -57.92 32.77
N GLU C 265 31.51 -57.09 32.21
CA GLU C 265 31.72 -55.65 32.27
C GLU C 265 31.54 -55.12 33.69
N ARG C 266 30.66 -55.75 34.48
CA ARG C 266 30.50 -55.34 35.87
C ARG C 266 31.72 -55.71 36.71
N GLU C 267 32.45 -56.77 36.34
CA GLU C 267 33.62 -57.17 37.08
C GLU C 267 34.86 -56.37 36.69
N LYS C 268 34.84 -55.66 35.57
CA LYS C 268 35.99 -54.86 35.18
C LYS C 268 36.11 -53.61 36.05
N MET C 269 35.00 -52.90 36.25
CA MET C 269 35.00 -51.75 37.14
C MET C 269 35.17 -52.17 38.59
N LYS C 270 34.74 -53.39 38.94
CA LYS C 270 34.94 -53.88 40.30
C LYS C 270 36.42 -54.15 40.57
N ASN C 271 37.14 -54.65 39.57
CA ASN C 271 38.58 -54.88 39.74
C ASN C 271 39.36 -53.57 39.75
N LYS C 272 38.83 -52.53 39.09
CA LYS C 272 39.50 -51.23 39.12
C LYS C 272 39.40 -50.59 40.50
N ILE C 273 38.25 -50.76 41.17
CA ILE C 273 38.12 -50.25 42.53
C ILE C 273 38.98 -51.06 43.48
N ALA C 274 39.18 -52.35 43.19
CA ALA C 274 40.05 -53.17 44.04
C ALA C 274 41.48 -52.66 44.03
N LYS C 275 41.94 -52.17 42.88
CA LYS C 275 43.27 -51.56 42.82
C LYS C 275 43.29 -50.22 43.54
N ILE C 276 42.16 -49.51 43.57
CA ILE C 276 42.10 -48.26 44.31
C ILE C 276 42.06 -48.52 45.81
N SER C 277 41.37 -49.59 46.22
CA SER C 277 41.29 -49.93 47.64
C SER C 277 42.63 -50.34 48.23
N LYS C 278 43.60 -50.70 47.39
CA LYS C 278 44.92 -51.07 47.89
C LYS C 278 45.65 -49.89 48.50
N PHE C 279 45.24 -48.66 48.20
CA PHE C 279 45.87 -47.48 48.76
C PHE C 279 45.44 -47.20 50.20
N GLY C 280 44.27 -47.69 50.60
CA GLY C 280 43.76 -47.43 51.93
C GLY C 280 43.23 -46.01 52.11
N ILE C 281 42.62 -45.45 51.08
CA ILE C 281 42.12 -44.08 51.11
C ILE C 281 40.70 -44.08 51.64
N ASN C 282 40.38 -43.05 52.42
CA ASN C 282 39.02 -42.86 52.92
C ASN C 282 38.21 -41.88 52.08
N THR C 283 38.81 -41.28 51.05
CA THR C 283 38.14 -40.29 50.23
C THR C 283 38.61 -40.42 48.79
N PHE C 284 37.66 -40.29 47.85
CA PHE C 284 37.95 -40.37 46.43
C PHE C 284 37.29 -39.20 45.72
N ILE C 285 37.99 -38.64 44.74
CA ILE C 285 37.51 -37.49 43.97
C ILE C 285 37.65 -37.81 42.48
N ASN C 286 36.57 -37.62 41.74
CA ASN C 286 36.55 -37.85 40.30
C ASN C 286 36.25 -36.54 39.58
N ARG C 287 36.74 -36.44 38.35
CA ARG C 287 36.57 -35.22 37.56
C ARG C 287 35.17 -35.12 36.96
N GLN C 288 34.51 -36.26 36.72
CA GLN C 288 33.23 -36.29 36.03
C GLN C 288 32.24 -37.14 36.82
N LEU C 289 30.98 -37.06 36.39
CA LEU C 289 29.89 -37.76 37.06
C LEU C 289 30.19 -39.25 37.22
N ILE C 290 29.87 -39.78 38.40
CA ILE C 290 30.09 -41.19 38.72
C ILE C 290 28.75 -41.90 38.69
N TYR C 291 28.70 -43.06 38.03
CA TYR C 291 27.49 -43.86 37.98
C TYR C 291 27.22 -44.51 39.34
N ASP C 292 25.96 -44.93 39.53
CA ASP C 292 25.56 -45.49 40.80
C ASP C 292 26.21 -46.85 41.08
N TYR C 293 26.61 -47.58 40.03
CA TYR C 293 27.18 -48.90 40.25
C TYR C 293 28.53 -48.84 40.98
N PRO C 294 29.52 -48.06 40.52
CA PRO C 294 30.78 -48.00 41.29
C PRO C 294 30.64 -47.27 42.62
N GLU C 295 29.57 -46.50 42.82
CA GLU C 295 29.39 -45.77 44.08
C GLU C 295 29.14 -46.73 45.24
N GLN C 296 28.43 -47.82 44.99
CA GLN C 296 28.12 -48.78 46.05
C GLN C 296 29.35 -49.51 46.56
N LEU C 297 30.40 -49.62 45.74
CA LEU C 297 31.64 -50.26 46.19
C LEU C 297 32.39 -49.40 47.18
N PHE C 298 32.15 -48.09 47.20
CA PHE C 298 32.83 -47.20 48.14
C PHE C 298 32.21 -47.25 49.54
N THR C 299 30.96 -47.69 49.66
CA THR C 299 30.31 -47.73 50.97
C THR C 299 30.89 -48.85 51.84
N ASP C 300 31.04 -50.04 51.27
CA ASP C 300 31.57 -51.16 52.04
C ASP C 300 33.05 -50.97 52.38
N LEU C 301 33.76 -50.18 51.58
CA LEU C 301 35.18 -49.91 51.82
C LEU C 301 35.41 -48.64 52.62
N GLY C 302 34.36 -47.89 52.95
CA GLY C 302 34.50 -46.66 53.69
C GLY C 302 35.30 -45.60 52.95
N ILE C 303 34.88 -45.29 51.73
CA ILE C 303 35.57 -44.34 50.86
C ILE C 303 34.59 -43.25 50.46
N ASN C 304 34.95 -42.01 50.72
CA ASN C 304 34.13 -40.89 50.29
C ASN C 304 34.25 -40.69 48.79
N SER C 305 33.22 -40.09 48.20
CA SER C 305 33.15 -39.90 46.75
C SER C 305 32.80 -38.45 46.45
N ILE C 306 33.57 -37.84 45.54
CA ILE C 306 33.31 -36.49 45.05
C ILE C 306 33.34 -36.53 43.53
N GLU C 307 32.29 -36.03 42.90
CA GLU C 307 32.13 -36.12 41.45
C GLU C 307 31.84 -34.74 40.88
N HIS C 308 31.93 -34.64 39.55
CA HIS C 308 31.71 -33.39 38.83
C HIS C 308 32.68 -32.31 39.30
N ALA C 309 33.97 -32.63 39.29
CA ALA C 309 35.00 -31.68 39.67
C ALA C 309 35.38 -30.82 38.47
N ASP C 310 35.43 -29.52 38.69
CA ASP C 310 35.78 -28.59 37.62
C ASP C 310 37.26 -28.74 37.24
N PHE C 311 37.60 -28.30 36.04
CA PHE C 311 38.97 -28.38 35.57
C PHE C 311 39.92 -27.63 36.49
N GLU C 312 39.48 -26.48 37.02
CA GLU C 312 40.31 -25.73 37.95
C GLU C 312 40.33 -26.36 39.34
N GLY C 313 39.25 -27.03 39.74
CA GLY C 313 39.20 -27.66 41.05
C GLY C 313 40.10 -28.86 41.20
N VAL C 314 40.58 -29.42 40.08
CA VAL C 314 41.47 -30.58 40.16
C VAL C 314 42.84 -30.13 40.68
N GLU C 315 43.37 -29.03 40.15
CA GLU C 315 44.68 -28.56 40.59
C GLU C 315 44.61 -27.83 41.92
N ARG C 316 43.49 -27.18 42.22
CA ARG C 316 43.34 -26.50 43.51
C ARG C 316 43.36 -27.50 44.66
N LEU C 317 42.68 -28.64 44.49
CA LEU C 317 42.62 -29.63 45.56
C LEU C 317 43.89 -30.46 45.64
N ALA C 318 44.56 -30.71 44.51
CA ALA C 318 45.75 -31.55 44.51
C ALA C 318 46.92 -30.88 45.23
N LEU C 319 47.04 -29.57 45.12
CA LEU C 319 48.17 -28.88 45.75
C LEU C 319 47.97 -28.70 47.25
N VAL C 320 46.73 -28.50 47.69
CA VAL C 320 46.47 -28.34 49.12
C VAL C 320 46.78 -29.64 49.87
N THR C 321 46.37 -30.77 49.29
CA THR C 321 46.64 -32.05 49.94
C THR C 321 48.09 -32.46 49.81
N GLY C 322 48.77 -32.01 48.76
CA GLY C 322 50.15 -32.36 48.50
C GLY C 322 50.35 -33.48 47.52
N GLY C 323 49.32 -34.29 47.28
CA GLY C 323 49.41 -35.39 46.34
C GLY C 323 49.27 -34.94 44.90
N GLU C 324 49.30 -35.92 44.01
CA GLU C 324 49.17 -35.68 42.58
C GLU C 324 48.06 -36.53 42.01
N VAL C 325 47.60 -36.15 40.81
CA VAL C 325 46.49 -36.85 40.17
C VAL C 325 46.95 -38.24 39.74
N VAL C 326 46.15 -39.25 40.08
CA VAL C 326 46.47 -40.64 39.79
C VAL C 326 45.63 -41.10 38.60
N SER C 327 46.26 -41.84 37.68
CA SER C 327 45.59 -42.31 36.49
C SER C 327 45.56 -43.84 36.41
N THR C 328 46.72 -44.50 36.33
CA THR C 328 46.75 -45.93 36.10
C THR C 328 46.42 -46.74 37.35
N PHE C 329 46.78 -46.23 38.54
CA PHE C 329 46.58 -46.87 39.84
C PHE C 329 47.44 -48.12 40.02
N ASP C 330 48.22 -48.52 39.02
CA ASP C 330 48.92 -49.80 39.07
C ASP C 330 49.92 -49.85 40.21
N GLU C 331 50.85 -48.90 40.27
CA GLU C 331 51.94 -48.95 41.24
C GLU C 331 51.56 -48.17 42.49
N PRO C 332 51.42 -48.83 43.65
CA PRO C 332 51.03 -48.09 44.85
C PRO C 332 52.10 -47.16 45.38
N SER C 333 53.38 -47.46 45.14
CA SER C 333 54.45 -46.65 45.73
C SER C 333 54.45 -45.23 45.18
N LYS C 334 54.21 -45.07 43.88
CA LYS C 334 54.12 -43.76 43.27
C LYS C 334 52.87 -43.02 43.74
N CYS C 335 52.89 -41.70 43.54
CA CYS C 335 51.76 -40.83 43.85
C CYS C 335 51.40 -40.89 45.34
N LYS C 336 52.41 -40.62 46.17
CA LYS C 336 52.18 -40.51 47.61
C LYS C 336 51.14 -39.44 47.91
N LEU C 337 50.22 -39.75 48.81
CA LEU C 337 49.08 -38.91 49.09
C LEU C 337 49.22 -38.22 50.44
N GLY C 338 48.66 -37.01 50.53
CA GLY C 338 48.67 -36.25 51.76
C GLY C 338 47.60 -36.72 52.73
N GLU C 339 47.29 -35.84 53.69
CA GLU C 339 46.32 -36.15 54.72
C GLU C 339 45.56 -34.89 55.11
N CYS C 340 44.26 -35.04 55.38
CA CYS C 340 43.41 -33.95 55.80
C CYS C 340 42.87 -34.24 57.19
N ASP C 341 42.93 -33.24 58.08
CA ASP C 341 42.51 -33.45 59.46
C ASP C 341 40.99 -33.57 59.57
N VAL C 342 40.25 -32.60 59.02
CA VAL C 342 38.80 -32.55 59.16
C VAL C 342 38.20 -32.43 57.76
N ILE C 343 37.45 -33.46 57.34
CA ILE C 343 36.71 -33.42 56.09
C ILE C 343 35.25 -33.04 56.30
N GLU C 344 34.86 -32.77 57.54
CA GLU C 344 33.45 -32.49 57.84
C GLU C 344 32.95 -31.29 57.05
N GLU C 345 31.75 -31.43 56.48
CA GLU C 345 31.15 -30.40 55.66
C GLU C 345 30.37 -29.42 56.51
N ILE C 346 30.42 -28.14 56.14
CA ILE C 346 29.65 -27.10 56.81
C ILE C 346 28.61 -26.57 55.84
N MET C 347 27.83 -25.59 56.28
CA MET C 347 26.81 -24.98 55.43
C MET C 347 26.84 -23.47 55.60
N LEU C 348 26.99 -22.75 54.50
CA LEU C 348 26.93 -21.30 54.46
C LEU C 348 25.75 -20.90 53.59
N GLY C 349 24.72 -20.32 54.21
CA GLY C 349 23.50 -20.02 53.50
C GLY C 349 22.64 -21.25 53.29
N GLU C 350 22.01 -21.35 52.12
CA GLU C 350 21.18 -22.50 51.79
C GLU C 350 21.94 -23.57 51.01
N GLN C 351 23.20 -23.34 50.68
CA GLN C 351 24.01 -24.30 49.94
C GLN C 351 25.16 -24.78 50.82
N PRO C 352 25.21 -26.06 51.19
CA PRO C 352 26.31 -26.55 52.02
C PRO C 352 27.63 -26.58 51.26
N PHE C 353 28.70 -26.18 51.96
CA PHE C 353 30.02 -26.10 51.39
C PHE C 353 30.94 -27.07 52.11
N LEU C 354 31.68 -27.88 51.34
CA LEU C 354 32.61 -28.85 51.91
C LEU C 354 33.87 -28.12 52.36
N LYS C 355 34.23 -28.28 53.64
CA LYS C 355 35.33 -27.58 54.25
C LYS C 355 36.43 -28.56 54.65
N PHE C 356 37.68 -28.18 54.37
CA PHE C 356 38.85 -28.94 54.77
C PHE C 356 39.68 -28.13 55.75
N SER C 357 40.44 -28.81 56.59
CA SER C 357 41.27 -28.14 57.58
C SER C 357 42.48 -29.00 57.89
N GLY C 358 43.59 -28.33 58.21
CA GLY C 358 44.80 -29.02 58.61
C GLY C 358 45.45 -29.83 57.52
N CYS C 359 45.70 -29.21 56.37
CA CYS C 359 46.35 -29.89 55.26
C CYS C 359 47.85 -29.63 55.30
N LYS C 360 48.58 -30.26 54.38
CA LYS C 360 50.03 -30.13 54.35
C LYS C 360 50.49 -28.83 53.71
N ALA C 361 49.87 -28.42 52.60
CA ALA C 361 50.30 -27.26 51.85
C ALA C 361 49.13 -26.30 51.65
N GLY C 362 49.44 -25.00 51.69
CA GLY C 362 48.45 -23.97 51.45
C GLY C 362 48.57 -23.34 50.08
N GLU C 363 49.18 -24.07 49.13
CA GLU C 363 49.48 -23.51 47.82
C GLU C 363 48.25 -23.01 47.09
N ALA C 364 47.06 -23.53 47.40
CA ALA C 364 45.81 -23.02 46.85
C ALA C 364 44.95 -22.46 47.97
N CYS C 365 44.14 -21.46 47.63
CA CYS C 365 43.34 -20.73 48.62
C CYS C 365 41.90 -20.63 48.14
N THR C 366 41.04 -20.23 49.08
CA THR C 366 39.62 -20.01 48.80
C THR C 366 39.16 -18.82 49.62
N ILE C 367 38.39 -17.93 48.99
CA ILE C 367 37.90 -16.72 49.64
C ILE C 367 36.38 -16.76 49.68
N VAL C 368 35.83 -16.62 50.89
CA VAL C 368 34.39 -16.58 51.10
C VAL C 368 33.97 -15.12 51.19
N LEU C 369 32.97 -14.74 50.39
CA LEU C 369 32.46 -13.37 50.38
C LEU C 369 30.96 -13.40 50.62
N ARG C 370 30.49 -12.48 51.46
CA ARG C 370 29.07 -12.33 51.77
C ARG C 370 28.62 -10.92 51.46
N GLY C 371 27.46 -10.81 50.80
CA GLY C 371 26.94 -9.51 50.42
C GLY C 371 25.42 -9.52 50.41
N ALA C 372 24.85 -8.31 50.35
CA ALA C 372 23.40 -8.17 50.34
C ALA C 372 22.82 -8.52 48.98
N THR C 373 23.42 -8.01 47.90
CA THR C 373 22.94 -8.26 46.55
C THR C 373 24.08 -8.77 45.69
N ASP C 374 23.72 -9.35 44.53
CA ASP C 374 24.73 -9.82 43.59
C ASP C 374 25.51 -8.67 42.98
N GLN C 375 24.93 -7.47 42.93
CA GLN C 375 25.68 -6.32 42.43
C GLN C 375 26.89 -6.02 43.30
N THR C 376 26.76 -6.24 44.61
CA THR C 376 27.91 -6.11 45.51
C THR C 376 28.85 -7.30 45.38
N LEU C 377 28.28 -8.51 45.23
CA LEU C 377 29.10 -9.71 45.08
C LEU C 377 29.87 -9.71 43.76
N ASP C 378 29.27 -9.17 42.69
CA ASP C 378 29.98 -9.07 41.42
C ASP C 378 31.17 -8.13 41.54
N GLU C 379 31.01 -7.05 42.31
CA GLU C 379 32.12 -6.13 42.53
C GLU C 379 33.10 -6.66 43.58
N ALA C 380 32.60 -7.41 44.57
CA ALA C 380 33.48 -7.97 45.59
C ALA C 380 34.47 -8.95 45.00
N GLU C 381 34.06 -9.70 43.97
CA GLU C 381 34.99 -10.61 43.30
C GLU C 381 36.02 -9.84 42.49
N ARG C 382 35.58 -8.81 41.76
CA ARG C 382 36.49 -8.01 40.95
C ARG C 382 37.33 -7.06 41.78
N SER C 383 36.88 -6.72 43.00
CA SER C 383 37.69 -5.87 43.86
C SER C 383 38.91 -6.63 44.38
N LEU C 384 38.71 -7.87 44.82
CA LEU C 384 39.83 -8.69 45.27
C LEU C 384 40.66 -9.19 44.10
N HIS C 385 40.03 -9.38 42.93
CA HIS C 385 40.78 -9.83 41.76
C HIS C 385 41.82 -8.80 41.34
N ASP C 386 41.52 -7.51 41.50
CA ASP C 386 42.50 -6.48 41.21
C ASP C 386 43.51 -6.32 42.33
N ALA C 387 43.10 -6.60 43.58
CA ALA C 387 44.02 -6.52 44.70
C ALA C 387 44.98 -7.70 44.73
N LEU C 388 44.46 -8.91 44.53
CA LEU C 388 45.31 -10.09 44.50
C LEU C 388 46.24 -10.11 43.29
N SER C 389 45.87 -9.42 42.20
CA SER C 389 46.74 -9.39 41.03
C SER C 389 48.00 -8.58 41.29
N VAL C 390 47.87 -7.43 41.95
CA VAL C 390 49.05 -6.62 42.25
C VAL C 390 49.89 -7.29 43.32
N LEU C 391 49.26 -7.87 44.34
CA LEU C 391 50.00 -8.54 45.40
C LEU C 391 50.73 -9.78 44.86
N SER C 392 50.17 -10.42 43.83
CA SER C 392 50.85 -11.56 43.23
C SER C 392 52.03 -11.12 42.38
N GLN C 393 51.91 -10.00 41.67
CA GLN C 393 53.02 -9.47 40.90
C GLN C 393 54.09 -8.86 41.80
N THR C 394 53.76 -8.51 43.04
CA THR C 394 54.75 -7.96 43.96
C THR C 394 55.73 -9.04 44.41
N THR C 395 55.32 -10.30 44.38
CA THR C 395 56.23 -11.39 44.76
C THR C 395 57.41 -11.47 43.79
N LYS C 396 57.14 -11.45 42.49
CA LYS C 396 58.21 -11.50 41.51
C LYS C 396 58.88 -10.15 41.30
N GLU C 397 58.12 -9.05 41.45
CA GLU C 397 58.65 -7.71 41.28
C GLU C 397 58.63 -7.01 42.64
N THR C 398 59.80 -6.81 43.23
CA THR C 398 59.92 -6.28 44.58
C THR C 398 60.02 -4.75 44.62
N ARG C 399 60.19 -4.09 43.48
CA ARG C 399 60.32 -2.64 43.48
C ARG C 399 58.95 -1.99 43.69
N THR C 400 58.86 -1.12 44.68
CA THR C 400 57.64 -0.42 45.02
C THR C 400 57.93 1.06 45.20
N VAL C 401 56.90 1.89 45.00
CA VAL C 401 56.99 3.33 45.11
C VAL C 401 55.83 3.85 45.95
N LEU C 402 55.94 5.12 46.35
CA LEU C 402 54.88 5.76 47.12
C LEU C 402 53.78 6.25 46.19
N GLY C 403 52.54 5.92 46.53
CA GLY C 403 51.38 6.31 45.77
C GLY C 403 50.65 7.50 46.39
N GLY C 404 49.35 7.55 46.15
CA GLY C 404 48.54 8.64 46.69
C GLY C 404 48.83 9.99 46.06
N GLY C 405 49.03 10.03 44.75
CA GLY C 405 49.33 11.27 44.05
C GLY C 405 50.76 11.73 44.16
N CYS C 406 51.60 11.06 44.95
CA CYS C 406 52.99 11.48 45.09
C CYS C 406 53.85 11.01 43.92
N ALA C 407 53.56 9.83 43.36
CA ALA C 407 54.39 9.30 42.28
C ALA C 407 54.27 10.16 41.03
N GLU C 408 53.07 10.66 40.73
CA GLU C 408 52.89 11.49 39.54
C GLU C 408 53.60 12.82 39.67
N MET C 409 53.72 13.34 40.89
CA MET C 409 54.37 14.63 41.10
C MET C 409 55.89 14.52 41.07
N VAL C 410 56.44 13.40 41.54
CA VAL C 410 57.88 13.21 41.51
C VAL C 410 58.37 13.05 40.08
N MET C 411 57.62 12.31 39.25
CA MET C 411 58.00 12.15 37.85
C MET C 411 57.92 13.47 37.09
N SER C 412 56.98 14.34 37.46
CA SER C 412 56.87 15.63 36.80
C SER C 412 57.96 16.60 37.21
N LYS C 413 58.66 16.32 38.33
CA LYS C 413 59.74 17.21 38.74
C LYS C 413 60.94 17.09 37.82
N ALA C 414 61.28 15.87 37.40
CA ALA C 414 62.40 15.68 36.50
C ALA C 414 62.08 16.13 35.08
N VAL C 415 60.80 16.24 34.72
CA VAL C 415 60.43 16.70 33.39
C VAL C 415 60.73 18.18 33.23
N ASP C 416 60.31 18.99 34.21
CA ASP C 416 60.56 20.42 34.15
C ASP C 416 62.03 20.76 34.31
N THR C 417 62.83 19.86 34.89
CA THR C 417 64.26 20.12 35.04
C THR C 417 64.97 20.04 33.70
N GLU C 418 64.68 19.01 32.92
CA GLU C 418 65.29 18.84 31.61
C GLU C 418 64.61 19.65 30.51
N ALA C 419 63.45 20.25 30.79
CA ALA C 419 62.76 21.02 29.78
C ALA C 419 63.46 22.36 29.52
N GLN C 420 64.20 22.87 30.50
CA GLN C 420 64.89 24.14 30.31
C GLN C 420 66.11 24.02 29.40
N ASN C 421 66.67 22.81 29.28
CA ASN C 421 67.84 22.59 28.44
C ASN C 421 67.50 22.14 27.03
N ILE C 422 66.22 22.05 26.68
CA ILE C 422 65.78 21.61 25.37
C ILE C 422 65.38 22.84 24.57
N ASP C 423 66.17 23.18 23.56
CA ASP C 423 65.86 24.31 22.70
C ASP C 423 64.85 23.90 21.62
N GLY C 424 64.12 24.89 21.13
CA GLY C 424 63.16 24.67 20.06
C GLY C 424 61.73 24.66 20.56
N LYS C 425 60.82 24.44 19.61
CA LYS C 425 59.39 24.42 19.92
C LYS C 425 58.95 23.13 20.61
N LYS C 426 59.78 22.09 20.59
CA LYS C 426 59.44 20.84 21.25
C LYS C 426 59.54 20.93 22.76
N SER C 427 60.09 22.02 23.30
CA SER C 427 60.14 22.18 24.75
C SER C 427 58.76 22.41 25.33
N LEU C 428 57.85 23.02 24.55
CA LEU C 428 56.49 23.22 25.04
C LEU C 428 55.74 21.90 25.20
N ALA C 429 56.03 20.93 24.33
CA ALA C 429 55.41 19.61 24.48
C ALA C 429 55.96 18.86 25.67
N VAL C 430 57.21 19.14 26.06
CA VAL C 430 57.78 18.50 27.24
C VAL C 430 57.11 19.01 28.51
N GLU C 431 56.90 20.33 28.60
CA GLU C 431 56.22 20.89 29.77
C GLU C 431 54.76 20.48 29.81
N ALA C 432 54.16 20.18 28.66
CA ALA C 432 52.78 19.71 28.65
C ALA C 432 52.65 18.31 29.26
N PHE C 433 53.69 17.48 29.11
CA PHE C 433 53.67 16.16 29.73
C PHE C 433 53.75 16.26 31.25
N ALA C 434 54.43 17.30 31.77
CA ALA C 434 54.51 17.46 33.21
C ALA C 434 53.17 17.90 33.79
N ARG C 435 52.48 18.83 33.11
CA ARG C 435 51.16 19.24 33.58
C ARG C 435 50.13 18.13 33.42
N ALA C 436 50.33 17.23 32.46
CA ALA C 436 49.42 16.11 32.31
C ALA C 436 49.55 15.11 33.46
N LEU C 437 50.75 14.99 34.03
CA LEU C 437 50.92 14.12 35.20
C LEU C 437 50.27 14.73 36.44
N ARG C 438 50.14 16.05 36.48
CA ARG C 438 49.48 16.72 37.59
C ARG C 438 47.96 16.64 37.53
N GLN C 439 47.40 16.14 36.42
CA GLN C 439 45.95 16.02 36.33
C GLN C 439 45.42 14.85 37.15
N LEU C 440 46.24 13.81 37.35
CA LEU C 440 45.78 12.69 38.18
C LEU C 440 45.59 13.08 39.64
N PRO C 441 46.56 13.72 40.30
CA PRO C 441 46.28 14.18 41.68
C PRO C 441 45.26 15.30 41.75
N THR C 442 45.04 16.03 40.65
CA THR C 442 44.01 17.06 40.64
C THR C 442 42.62 16.46 40.72
N ILE C 443 42.38 15.37 39.99
CA ILE C 443 41.08 14.71 40.03
C ILE C 443 40.84 14.07 41.39
N LEU C 444 41.91 13.65 42.07
CA LEU C 444 41.77 13.06 43.40
C LEU C 444 41.13 14.05 44.37
N ALA C 445 41.46 15.34 44.24
CA ALA C 445 40.88 16.35 45.10
C ALA C 445 39.47 16.72 44.66
N ASP C 446 39.17 16.65 43.36
CA ASP C 446 37.85 17.02 42.88
C ASP C 446 36.79 16.02 43.32
N ASN C 447 37.11 14.73 43.28
CA ASN C 447 36.15 13.71 43.68
C ASN C 447 35.95 13.67 45.18
N ALA C 448 36.87 14.25 45.96
CA ALA C 448 36.77 14.25 47.41
C ALA C 448 36.07 15.50 47.95
N GLY C 449 35.71 16.44 47.09
CA GLY C 449 35.04 17.64 47.54
C GLY C 449 35.95 18.73 48.06
N PHE C 450 37.24 18.66 47.74
CA PHE C 450 38.21 19.66 48.19
C PHE C 450 38.73 20.45 47.00
N ASP C 451 39.13 21.69 47.27
CA ASP C 451 39.66 22.54 46.21
C ASP C 451 40.96 21.97 45.68
N SER C 452 41.03 21.77 44.36
CA SER C 452 42.23 21.19 43.75
C SER C 452 43.34 22.20 43.59
N SER C 453 43.01 23.48 43.41
CA SER C 453 44.03 24.50 43.22
C SER C 453 44.88 24.70 44.48
N GLU C 454 44.27 24.53 45.65
CA GLU C 454 45.01 24.72 46.90
C GLU C 454 45.88 23.52 47.23
N LEU C 455 45.38 22.31 47.01
CA LEU C 455 46.12 21.11 47.41
C LEU C 455 47.28 20.84 46.47
N VAL C 456 47.09 21.04 45.16
CA VAL C 456 48.15 20.77 44.20
C VAL C 456 49.26 21.81 44.33
N SER C 457 48.89 23.07 44.56
CA SER C 457 49.90 24.12 44.69
C SER C 457 50.78 23.91 45.91
N LYS C 458 50.18 23.49 47.02
CA LYS C 458 50.97 23.22 48.23
C LYS C 458 51.82 21.97 48.08
N LEU C 459 51.35 20.99 47.29
CA LEU C 459 52.12 19.76 47.07
C LEU C 459 53.24 19.98 46.06
N ARG C 460 52.99 20.80 45.04
CA ARG C 460 54.01 21.02 44.01
C ARG C 460 55.19 21.82 44.56
N SER C 461 54.91 22.86 45.35
CA SER C 461 55.98 23.68 45.89
C SER C 461 56.74 22.99 47.02
N SER C 462 56.11 22.02 47.70
CA SER C 462 56.78 21.33 48.80
C SER C 462 57.81 20.33 48.30
N ILE C 463 57.61 19.77 47.10
CA ILE C 463 58.56 18.79 46.58
C ILE C 463 59.80 19.47 46.03
N TYR C 464 59.66 20.65 45.42
CA TYR C 464 60.83 21.38 44.93
C TYR C 464 61.76 21.81 46.05
N ASN C 465 61.27 21.84 47.29
CA ASN C 465 62.10 22.18 48.44
C ASN C 465 63.03 21.05 48.84
N GLY C 466 62.91 19.88 48.23
CA GLY C 466 63.77 18.74 48.54
C GLY C 466 63.08 17.62 49.29
N ILE C 467 61.84 17.82 49.74
CA ILE C 467 61.10 16.79 50.47
C ILE C 467 60.23 16.04 49.46
N SER C 468 60.57 14.77 49.22
CA SER C 468 59.83 13.94 48.28
C SER C 468 58.78 13.06 48.95
N THR C 469 58.66 13.14 50.28
CA THR C 469 57.72 12.30 51.01
C THR C 469 56.34 12.94 51.17
N SER C 470 56.15 14.16 50.66
CA SER C 470 54.87 14.82 50.78
C SER C 470 53.84 14.20 49.83
N GLY C 471 52.58 14.25 50.24
CA GLY C 471 51.52 13.70 49.43
C GLY C 471 50.18 14.33 49.79
N LEU C 472 49.13 13.79 49.18
CA LEU C 472 47.78 14.28 49.38
C LEU C 472 47.05 13.42 50.39
N ASP C 473 46.42 14.07 51.37
CA ASP C 473 45.60 13.40 52.37
C ASP C 473 44.16 13.86 52.16
N LEU C 474 43.30 12.94 51.72
CA LEU C 474 41.92 13.29 51.42
C LEU C 474 41.03 13.26 52.66
N ASN C 475 41.49 12.66 53.75
CA ASN C 475 40.68 12.63 54.97
C ASN C 475 40.66 14.00 55.65
N ASN C 476 41.84 14.57 55.87
CA ASN C 476 41.96 15.89 56.49
C ASN C 476 42.00 17.02 55.48
N GLY C 477 42.11 16.73 54.19
CA GLY C 477 42.16 17.76 53.18
C GLY C 477 43.40 18.64 53.27
N THR C 478 44.56 18.00 53.44
CA THR C 478 45.81 18.73 53.58
C THR C 478 46.95 17.84 53.09
N ILE C 479 48.17 18.35 53.23
CA ILE C 479 49.37 17.63 52.81
C ILE C 479 49.88 16.80 53.99
N ALA C 480 50.08 15.50 53.75
CA ALA C 480 50.56 14.59 54.78
C ALA C 480 51.63 13.69 54.18
N ASP C 481 52.36 13.00 55.07
CA ASP C 481 53.42 12.10 54.65
C ASP C 481 52.84 10.76 54.24
N MET C 482 53.35 10.22 53.13
CA MET C 482 52.90 8.91 52.65
C MET C 482 53.51 7.77 53.46
N ARG C 483 54.67 8.00 54.09
CA ARG C 483 55.28 6.96 54.91
C ARG C 483 54.46 6.71 56.17
N GLN C 484 53.85 7.75 56.74
CA GLN C 484 53.05 7.58 57.94
C GLN C 484 51.67 7.02 57.63
N LEU C 485 51.07 7.45 56.52
CA LEU C 485 49.74 6.96 56.14
C LEU C 485 49.78 5.54 55.62
N GLY C 486 50.94 5.06 55.18
CA GLY C 486 51.06 3.69 54.70
C GLY C 486 50.50 3.45 53.32
N ILE C 487 50.77 4.35 52.37
CA ILE C 487 50.33 4.19 50.99
C ILE C 487 51.55 3.80 50.16
N VAL C 488 51.56 2.56 49.69
CA VAL C 488 52.67 2.01 48.91
C VAL C 488 52.11 1.31 47.68
N GLU C 489 52.69 1.58 46.52
CA GLU C 489 52.29 0.96 45.27
C GLU C 489 53.51 0.37 44.58
N SER C 490 53.28 -0.70 43.82
CA SER C 490 54.37 -1.38 43.14
C SER C 490 54.89 -0.55 41.98
N TYR C 491 56.20 -0.70 41.71
CA TYR C 491 56.82 0.02 40.60
C TYR C 491 56.29 -0.46 39.26
N LYS C 492 55.94 -1.74 39.15
CA LYS C 492 55.37 -2.26 37.92
C LYS C 492 54.01 -1.63 37.63
N LEU C 493 53.29 -1.23 38.67
CA LEU C 493 51.98 -0.60 38.48
C LEU C 493 52.13 0.78 37.85
N LYS C 494 52.99 1.62 38.42
CA LYS C 494 53.14 2.98 37.92
C LYS C 494 53.88 3.01 36.59
N ARG C 495 54.80 2.07 36.37
CA ARG C 495 55.52 2.04 35.10
C ARG C 495 54.61 1.65 33.95
N ALA C 496 53.64 0.77 34.20
CA ALA C 496 52.71 0.37 33.15
C ALA C 496 51.71 1.47 32.82
N VAL C 497 51.45 2.37 33.76
CA VAL C 497 50.51 3.48 33.50
C VAL C 497 51.17 4.53 32.63
N VAL C 498 52.42 4.90 32.94
CA VAL C 498 53.10 5.94 32.17
C VAL C 498 53.46 5.43 30.78
N SER C 499 53.87 4.16 30.68
CA SER C 499 54.28 3.62 29.38
C SER C 499 53.09 3.44 28.45
N SER C 500 51.98 2.93 28.97
CA SER C 500 50.83 2.67 28.10
C SER C 500 50.14 3.96 27.68
N ALA C 501 50.08 4.95 28.57
CA ALA C 501 49.41 6.21 28.24
C ALA C 501 50.23 7.02 27.25
N SER C 502 51.55 7.01 27.38
CA SER C 502 52.39 7.76 26.47
C SER C 502 52.37 7.17 25.06
N GLU C 503 52.27 5.84 24.95
CA GLU C 503 52.22 5.22 23.63
C GLU C 503 50.84 5.33 23.00
N ALA C 504 49.78 5.31 23.81
CA ALA C 504 48.43 5.42 23.26
C ALA C 504 48.17 6.81 22.69
N ALA C 505 48.66 7.85 23.38
CA ALA C 505 48.49 9.21 22.88
C ALA C 505 49.35 9.45 21.64
N GLU C 506 50.46 8.72 21.51
CA GLU C 506 51.31 8.88 20.32
C GLU C 506 50.62 8.36 19.07
N VAL C 507 49.76 7.35 19.20
CA VAL C 507 49.11 6.77 18.03
C VAL C 507 48.06 7.74 17.46
N LEU C 508 47.26 8.34 18.34
CA LEU C 508 46.18 9.21 17.87
C LEU C 508 46.70 10.52 17.31
N LEU C 509 47.88 10.97 17.75
CA LEU C 509 48.49 12.16 17.17
C LEU C 509 49.05 11.91 15.78
N ARG C 510 49.19 10.66 15.37
CA ARG C 510 49.72 10.31 14.06
C ARG C 510 48.62 10.11 13.02
N VAL C 511 47.36 10.37 13.36
CA VAL C 511 46.25 10.12 12.47
C VAL C 511 45.81 11.45 11.86
N ASP C 512 46.10 11.63 10.57
CA ASP C 512 45.61 12.78 9.82
C ASP C 512 44.38 12.46 8.98
N ASN C 513 43.95 11.21 8.93
CA ASN C 513 42.79 10.82 8.13
C ASN C 513 42.16 9.58 8.74
N ILE C 514 40.84 9.49 8.62
CA ILE C 514 40.07 8.36 9.13
C ILE C 514 39.12 7.92 8.02
N ILE C 515 39.27 6.68 7.55
CA ILE C 515 38.45 6.13 6.49
C ILE C 515 37.57 5.05 7.11
N ARG C 516 36.27 5.31 7.19
CA ARG C 516 35.30 4.38 7.78
C ARG C 516 34.59 3.64 6.66
N ALA C 517 34.83 2.33 6.57
CA ALA C 517 34.16 1.51 5.57
C ALA C 517 32.69 1.29 5.96
N ARG C 518 31.89 0.93 4.97
CA ARG C 518 30.47 0.68 5.18
C ARG C 518 30.29 -0.52 6.12
N PRO C 519 29.59 -0.36 7.24
CA PRO C 519 29.38 -1.50 8.14
C PRO C 519 28.59 -2.61 7.48
N ARG C 520 28.83 -3.83 7.94
CA ARG C 520 28.14 -5.00 7.40
C ARG C 520 26.72 -5.09 7.93
N VAL D 3 8.04 11.42 36.21
CA VAL D 3 7.01 12.35 35.79
C VAL D 3 7.59 13.42 34.87
N GLN D 4 7.12 13.44 33.62
CA GLN D 4 7.58 14.39 32.62
C GLN D 4 6.52 15.48 32.48
N ILE D 5 6.85 16.69 32.93
CA ILE D 5 5.90 17.80 32.82
C ILE D 5 5.90 18.39 31.42
N PHE D 6 7.00 18.27 30.69
CA PHE D 6 7.09 18.82 29.34
C PHE D 6 6.39 17.91 28.33
N GLY D 7 5.95 18.51 27.23
CA GLY D 7 5.29 17.78 26.19
C GLY D 7 6.25 16.93 25.38
N ASP D 8 5.72 16.34 24.31
CA ASP D 8 6.51 15.50 23.44
C ASP D 8 7.42 16.34 22.55
N GLN D 9 8.56 15.76 22.17
CA GLN D 9 9.53 16.42 21.30
C GLN D 9 10.02 17.74 21.89
N VAL D 10 10.40 17.71 23.16
CA VAL D 10 10.93 18.87 23.86
C VAL D 10 12.34 18.51 24.32
N THR D 11 13.34 19.18 23.75
CA THR D 11 14.73 18.93 24.06
C THR D 11 15.20 19.88 25.15
N GLU D 12 15.74 19.32 26.23
CA GLU D 12 16.25 20.12 27.34
C GLU D 12 17.46 19.41 27.95
N GLU D 13 18.46 20.20 28.35
CA GLU D 13 19.66 19.68 29.00
C GLU D 13 19.85 20.44 30.31
N ARG D 14 19.68 19.74 31.42
CA ARG D 14 19.76 20.32 32.75
C ARG D 14 21.14 20.12 33.39
N ALA D 15 22.11 19.61 32.65
CA ALA D 15 23.34 19.07 33.24
C ALA D 15 24.51 19.42 32.33
N GLU D 16 25.65 18.77 32.58
CA GLU D 16 26.89 19.08 31.89
C GLU D 16 26.74 19.18 30.39
N ASN D 17 25.82 18.41 29.80
CA ASN D 17 25.59 18.50 28.36
C ASN D 17 25.19 19.91 27.93
N ALA D 18 24.54 20.66 28.82
CA ALA D 18 24.14 22.02 28.49
C ALA D 18 25.34 22.97 28.48
N ARG D 19 26.16 22.91 29.53
CA ARG D 19 27.33 23.77 29.59
C ARG D 19 28.34 23.42 28.51
N LEU D 20 28.41 22.15 28.11
CA LEU D 20 29.31 21.76 27.03
C LEU D 20 28.81 22.24 25.69
N SER D 21 27.49 22.11 25.44
CA SER D 21 26.94 22.53 24.15
C SER D 21 26.98 24.04 23.98
N ALA D 22 26.91 24.79 25.10
CA ALA D 22 26.92 26.24 25.00
C ALA D 22 28.31 26.77 24.63
N PHE D 23 29.36 26.17 25.21
CA PHE D 23 30.71 26.62 24.94
C PHE D 23 31.18 26.13 23.57
N VAL D 24 30.94 24.86 23.25
CA VAL D 24 31.35 24.33 21.95
C VAL D 24 30.57 24.99 20.83
N GLY D 25 29.30 25.36 21.09
CA GLY D 25 28.53 26.05 20.07
C GLY D 25 29.13 27.39 19.66
N ALA D 26 29.80 28.07 20.59
CA ALA D 26 30.50 29.31 20.27
C ALA D 26 31.86 29.06 19.63
N ILE D 27 32.41 27.85 19.78
CA ILE D 27 33.70 27.55 19.16
C ILE D 27 33.57 27.46 17.65
N ALA D 28 32.54 26.78 17.17
CA ALA D 28 32.32 26.67 15.73
C ALA D 28 32.02 28.04 15.11
N VAL D 29 31.39 28.94 15.87
CA VAL D 29 31.14 30.28 15.36
C VAL D 29 32.41 31.10 15.36
N GLY D 30 33.22 30.98 16.41
CA GLY D 30 34.48 31.71 16.44
C GLY D 30 35.49 31.22 15.43
N ASP D 31 35.54 29.89 15.22
CA ASP D 31 36.47 29.33 14.25
C ASP D 31 36.08 29.65 12.81
N LEU D 32 34.80 29.92 12.55
CA LEU D 32 34.37 30.26 11.20
C LEU D 32 34.87 31.64 10.79
N VAL D 33 34.76 32.62 11.68
CA VAL D 33 35.22 33.98 11.40
C VAL D 33 36.65 34.22 11.84
N LYS D 34 37.33 33.19 12.36
CA LYS D 34 38.72 33.38 12.81
C LYS D 34 39.64 33.69 11.65
N SER D 35 39.53 32.92 10.56
CA SER D 35 40.41 33.12 9.41
C SER D 35 40.08 34.38 8.62
N THR D 36 39.00 35.07 8.94
CA THR D 36 38.62 36.30 8.24
C THR D 36 39.15 37.55 8.91
N LEU D 37 39.91 37.42 10.01
CA LEU D 37 40.43 38.56 10.74
C LEU D 37 41.83 38.91 10.21
N GLY D 38 42.02 40.17 9.85
CA GLY D 38 43.30 40.65 9.38
C GLY D 38 43.33 40.87 7.88
N PRO D 39 44.32 41.63 7.42
CA PRO D 39 44.44 41.86 5.96
C PRO D 39 44.84 40.62 5.18
N LYS D 40 45.43 39.62 5.82
CA LYS D 40 45.80 38.38 5.17
C LYS D 40 44.69 37.34 5.20
N GLY D 41 43.54 37.67 5.75
CA GLY D 41 42.43 36.73 5.82
C GLY D 41 41.87 36.38 4.47
N MET D 42 41.02 35.36 4.46
CA MET D 42 40.40 34.85 3.25
C MET D 42 38.89 35.02 3.32
N ASP D 43 38.29 35.25 2.16
CA ASP D 43 36.85 35.41 2.08
C ASP D 43 36.14 34.07 2.24
N LYS D 44 34.86 34.14 2.59
CA LYS D 44 34.03 32.96 2.78
C LYS D 44 32.95 32.89 1.70
N LEU D 45 32.51 31.68 1.39
CA LEU D 45 31.50 31.42 0.38
C LEU D 45 30.20 30.99 1.04
N LEU D 46 29.08 31.53 0.54
CA LEU D 46 27.76 31.26 1.07
C LEU D 46 26.92 30.58 -0.02
N GLN D 47 26.42 29.39 0.28
CA GLN D 47 25.58 28.64 -0.64
C GLN D 47 24.12 28.85 -0.25
N SER D 48 23.37 29.53 -1.11
CA SER D 48 21.96 29.80 -0.84
C SER D 48 21.13 28.56 -1.10
N ALA D 49 20.11 28.36 -0.26
CA ALA D 49 19.21 27.21 -0.41
C ALA D 49 18.15 27.42 -1.49
N SER D 50 18.05 28.62 -2.06
CA SER D 50 17.08 28.91 -3.10
C SER D 50 17.71 29.81 -4.14
N SER D 51 17.30 29.61 -5.40
CA SER D 51 17.71 30.42 -6.54
C SER D 51 19.19 30.23 -6.88
N ASN D 52 19.93 29.53 -6.02
CA ASN D 52 21.35 29.24 -6.24
C ASN D 52 22.15 30.53 -6.44
N THR D 53 21.99 31.46 -5.50
CA THR D 53 22.67 32.75 -5.54
C THR D 53 23.84 32.71 -4.59
N CYS D 54 25.05 32.74 -5.13
CA CYS D 54 26.26 32.71 -4.31
C CYS D 54 26.62 34.11 -3.84
N MET D 55 27.09 34.21 -2.60
CA MET D 55 27.47 35.48 -1.99
C MET D 55 28.81 35.29 -1.30
N VAL D 56 29.79 36.11 -1.66
CA VAL D 56 31.13 36.06 -1.10
C VAL D 56 31.38 37.38 -0.36
N THR D 57 31.53 37.30 0.96
CA THR D 57 31.76 38.49 1.76
C THR D 57 32.72 38.18 2.89
N ASN D 58 33.62 39.12 3.16
CA ASN D 58 34.56 38.99 4.27
C ASN D 58 33.94 39.43 5.60
N ASP D 59 32.86 40.21 5.55
CA ASP D 59 32.25 40.71 6.78
C ASP D 59 31.59 39.56 7.55
N GLY D 60 31.83 39.53 8.86
CA GLY D 60 31.25 38.48 9.69
C GLY D 60 29.78 38.66 10.01
N ALA D 61 29.25 39.88 9.81
CA ALA D 61 27.84 40.11 10.10
C ALA D 61 26.94 39.39 9.08
N THR D 62 27.31 39.44 7.80
CA THR D 62 26.51 38.78 6.78
C THR D 62 26.67 37.26 6.85
N ILE D 63 27.88 36.79 7.17
CA ILE D 63 28.12 35.36 7.22
C ILE D 63 27.30 34.70 8.30
N LEU D 64 27.23 35.32 9.49
CA LEU D 64 26.52 34.71 10.60
C LEU D 64 25.00 34.79 10.41
N LYS D 65 24.51 35.86 9.77
CA LYS D 65 23.07 36.01 9.57
C LYS D 65 22.56 35.14 8.43
N SER D 66 23.40 34.89 7.41
CA SER D 66 22.98 34.08 6.28
C SER D 66 22.97 32.60 6.62
N ILE D 67 24.01 32.12 7.33
CA ILE D 67 24.10 30.72 7.70
C ILE D 67 23.09 30.42 8.81
N PRO D 68 22.18 29.47 8.62
CA PRO D 68 21.22 29.16 9.68
C PRO D 68 21.91 28.50 10.87
N LEU D 69 21.56 28.98 12.07
CA LEU D 69 22.12 28.46 13.31
C LEU D 69 20.98 28.23 14.30
N ASP D 70 20.77 26.97 14.69
CA ASP D 70 19.73 26.63 15.65
C ASP D 70 20.21 26.63 17.08
N ASN D 71 21.51 26.80 17.31
CA ASN D 71 22.04 26.80 18.66
C ASN D 71 21.84 28.17 19.30
N PRO D 72 21.16 28.26 20.45
CA PRO D 72 21.01 29.58 21.10
C PRO D 72 22.34 30.22 21.45
N ALA D 73 23.36 29.42 21.77
CA ALA D 73 24.68 29.99 22.03
C ALA D 73 25.26 30.66 20.78
N ALA D 74 24.89 30.18 19.60
CA ALA D 74 25.33 30.81 18.37
C ALA D 74 24.52 32.07 18.05
N LYS D 75 23.22 32.08 18.39
CA LYS D 75 22.40 33.25 18.11
C LYS D 75 22.83 34.46 18.90
N VAL D 76 23.45 34.25 20.07
CA VAL D 76 23.95 35.37 20.85
C VAL D 76 25.08 36.08 20.12
N LEU D 77 25.98 35.30 19.50
CA LEU D 77 27.08 35.89 18.74
C LEU D 77 26.62 36.47 17.40
N VAL D 78 25.45 36.05 16.91
CA VAL D 78 24.93 36.62 15.67
C VAL D 78 24.29 37.98 15.93
N ASN D 79 23.58 38.11 17.06
CA ASN D 79 22.90 39.38 17.37
C ASN D 79 23.90 40.48 17.65
N ILE D 80 24.98 40.18 18.37
CA ILE D 80 26.00 41.19 18.66
C ILE D 80 26.73 41.62 17.40
N SER D 81 26.76 40.77 16.36
CA SER D 81 27.35 41.16 15.09
C SER D 81 26.43 42.08 14.29
N LYS D 82 25.11 41.86 14.38
CA LYS D 82 24.18 42.75 13.70
C LYS D 82 24.15 44.12 14.37
N VAL D 83 24.30 44.16 15.70
CA VAL D 83 24.34 45.44 16.41
C VAL D 83 25.63 46.18 16.09
N GLN D 84 26.75 45.45 16.03
CA GLN D 84 28.03 46.08 15.70
C GLN D 84 28.03 46.65 14.29
N ASP D 85 27.31 46.02 13.37
CA ASP D 85 27.21 46.54 12.01
C ASP D 85 26.31 47.76 11.95
N ASP D 86 25.20 47.74 12.70
CA ASP D 86 24.25 48.85 12.66
C ASP D 86 24.69 50.04 13.48
N GLU D 87 25.58 49.85 14.46
CA GLU D 87 26.01 50.96 15.34
C GLU D 87 27.25 51.64 14.77
N VAL D 88 28.40 50.99 14.87
CA VAL D 88 29.64 51.58 14.38
C VAL D 88 29.77 51.39 12.88
N GLY D 89 29.45 50.20 12.38
CA GLY D 89 29.58 49.89 10.97
C GLY D 89 30.79 49.05 10.62
N ASP D 90 31.60 48.65 11.60
CA ASP D 90 32.78 47.85 11.35
C ASP D 90 33.13 47.10 12.62
N GLY D 91 33.95 46.06 12.46
CA GLY D 91 34.38 45.26 13.59
C GLY D 91 33.45 44.14 13.98
N THR D 92 32.54 43.71 13.09
CA THR D 92 31.64 42.62 13.42
C THR D 92 32.38 41.31 13.62
N THR D 93 33.51 41.13 12.92
CA THR D 93 34.30 39.93 13.11
C THR D 93 35.09 39.98 14.42
N SER D 94 35.65 41.15 14.74
CA SER D 94 36.44 41.28 15.97
C SER D 94 35.59 41.07 17.21
N VAL D 95 34.31 41.47 17.17
CA VAL D 95 33.44 41.26 18.32
C VAL D 95 33.12 39.79 18.50
N THR D 96 32.84 39.09 17.40
CA THR D 96 32.51 37.66 17.48
C THR D 96 33.71 36.85 17.95
N VAL D 97 34.92 37.21 17.48
CA VAL D 97 36.11 36.46 17.87
C VAL D 97 36.45 36.74 19.33
N LEU D 98 36.43 38.02 19.73
CA LEU D 98 36.80 38.36 21.10
C LEU D 98 35.81 37.80 22.11
N SER D 99 34.52 37.84 21.78
CA SER D 99 33.51 37.28 22.70
C SER D 99 33.61 35.76 22.77
N ALA D 100 34.08 35.12 21.69
CA ALA D 100 34.23 33.68 21.73
C ALA D 100 35.46 33.27 22.55
N GLU D 101 36.53 34.06 22.47
CA GLU D 101 37.73 33.75 23.26
C GLU D 101 37.49 33.95 24.75
N LEU D 102 36.56 34.84 25.12
CA LEU D 102 36.22 35.00 26.52
C LEU D 102 35.55 33.73 27.07
N LEU D 103 34.80 33.01 26.23
CA LEU D 103 34.22 31.75 26.65
C LEU D 103 35.25 30.62 26.65
N ARG D 104 36.29 30.73 25.81
CA ARG D 104 37.34 29.72 25.81
C ARG D 104 38.13 29.75 27.11
N GLU D 105 38.50 30.94 27.58
CA GLU D 105 39.20 31.04 28.87
C GLU D 105 38.27 30.77 30.04
N ALA D 106 36.97 30.99 29.87
CA ALA D 106 36.01 30.69 30.92
C ALA D 106 35.66 29.21 31.00
N GLU D 107 35.90 28.45 29.92
CA GLU D 107 35.60 27.03 29.95
C GLU D 107 36.62 26.26 30.79
N LYS D 108 37.90 26.65 30.71
CA LYS D 108 38.93 25.98 31.49
C LYS D 108 38.88 26.35 32.97
N LEU D 109 38.31 27.51 33.31
CA LEU D 109 38.21 27.88 34.71
C LEU D 109 37.12 27.11 35.43
N ILE D 110 36.01 26.83 34.75
CA ILE D 110 34.92 26.06 35.36
C ILE D 110 35.29 24.59 35.45
N ASP D 111 35.88 24.05 34.38
CA ASP D 111 36.25 22.63 34.36
C ASP D 111 37.48 22.36 35.20
N GLN D 112 38.63 22.92 34.79
CA GLN D 112 39.88 22.65 35.47
C GLN D 112 39.97 23.39 36.79
N SER D 113 39.99 24.73 36.74
CA SER D 113 40.19 25.53 37.94
C SER D 113 39.00 25.51 38.89
N LYS D 114 37.85 24.99 38.47
CA LYS D 114 36.66 24.89 39.31
C LYS D 114 36.24 26.27 39.83
N ILE D 115 36.07 27.21 38.91
CA ILE D 115 35.71 28.58 39.25
C ILE D 115 34.20 28.75 39.10
N HIS D 116 33.59 29.49 40.02
CA HIS D 116 32.16 29.75 39.96
C HIS D 116 31.84 30.57 38.70
N PRO D 117 30.70 30.30 38.05
CA PRO D 117 30.38 31.06 36.83
C PRO D 117 30.27 32.56 37.05
N GLN D 118 29.61 32.98 38.12
CA GLN D 118 29.50 34.40 38.42
C GLN D 118 30.85 35.01 38.77
N THR D 119 31.77 34.21 39.33
CA THR D 119 33.10 34.70 39.63
C THR D 119 33.83 35.11 38.35
N ILE D 120 33.69 34.30 37.30
CA ILE D 120 34.28 34.68 36.00
C ILE D 120 33.60 35.94 35.48
N ILE D 121 32.29 36.06 35.68
CA ILE D 121 31.57 37.25 35.24
C ILE D 121 32.01 38.47 36.04
N GLU D 122 32.08 38.34 37.37
CA GLU D 122 32.57 39.42 38.20
C GLU D 122 34.04 39.71 37.96
N GLY D 123 34.79 38.74 37.42
CA GLY D 123 36.19 39.01 37.08
C GLY D 123 36.32 39.91 35.87
N TYR D 124 35.42 39.76 34.88
CA TYR D 124 35.45 40.62 33.71
C TYR D 124 34.96 42.03 34.03
N ARG D 125 34.19 42.20 35.11
CA ARG D 125 33.68 43.52 35.46
C ARG D 125 34.82 44.46 35.84
N LEU D 126 35.70 44.01 36.75
CA LEU D 126 36.86 44.80 37.13
C LEU D 126 37.95 44.79 36.07
N ALA D 127 37.95 43.79 35.18
CA ALA D 127 38.93 43.74 34.11
C ALA D 127 38.58 44.70 32.98
N SER D 128 37.30 44.80 32.64
CA SER D 128 36.86 45.72 31.59
C SER D 128 37.01 47.17 32.01
N ALA D 129 36.96 47.46 33.31
CA ALA D 129 37.16 48.84 33.77
C ALA D 129 38.58 49.31 33.52
N ALA D 130 39.56 48.43 33.68
CA ALA D 130 40.94 48.78 33.40
C ALA D 130 41.24 48.79 31.91
N ALA D 131 40.50 48.01 31.13
CA ALA D 131 40.72 47.99 29.68
C ALA D 131 40.19 49.26 29.02
N LEU D 132 39.03 49.76 29.47
CA LEU D 132 38.48 50.97 28.91
C LEU D 132 39.26 52.20 29.35
N ASP D 133 39.78 52.20 30.58
CA ASP D 133 40.57 53.33 31.06
C ASP D 133 41.93 53.37 30.39
N ALA D 134 42.45 52.22 29.94
CA ALA D 134 43.73 52.21 29.26
C ALA D 134 43.64 52.85 27.87
N LEU D 135 42.49 52.71 27.21
CA LEU D 135 42.31 53.32 25.89
C LEU D 135 42.10 54.83 25.97
N THR D 136 41.61 55.34 27.10
CA THR D 136 41.39 56.77 27.23
C THR D 136 42.70 57.53 27.27
N LYS D 137 43.67 57.03 28.05
CA LYS D 137 44.97 57.70 28.14
C LYS D 137 45.78 57.54 26.86
N ALA D 138 45.46 56.54 26.04
CA ALA D 138 46.18 56.33 24.79
C ALA D 138 45.51 57.00 23.60
N ALA D 139 44.39 57.70 23.81
CA ALA D 139 43.69 58.37 22.73
C ALA D 139 44.25 59.77 22.53
N VAL D 140 44.43 60.15 21.25
CA VAL D 140 44.96 61.45 20.87
C VAL D 140 43.91 62.15 20.02
N ASP D 141 43.62 63.41 20.35
CA ASP D 141 42.64 64.21 19.63
C ASP D 141 43.38 65.17 18.70
N ASN D 142 43.29 64.91 17.40
CA ASN D 142 43.92 65.75 16.39
C ASN D 142 42.97 66.77 15.77
N SER D 143 41.73 66.84 16.26
CA SER D 143 40.75 67.76 15.69
C SER D 143 41.12 69.22 15.85
N HIS D 144 42.11 69.54 16.68
CA HIS D 144 42.55 70.92 16.82
C HIS D 144 43.17 71.47 15.54
N ASP D 145 43.64 70.59 14.66
CA ASP D 145 44.22 70.99 13.38
C ASP D 145 43.48 70.28 12.26
N LYS D 146 43.00 71.06 11.28
CA LYS D 146 42.26 70.47 10.18
C LYS D 146 43.18 69.66 9.26
N THR D 147 44.47 70.00 9.22
CA THR D 147 45.40 69.25 8.39
C THR D 147 45.69 67.88 9.00
N MET D 148 45.94 67.82 10.31
CA MET D 148 46.22 66.55 10.96
C MET D 148 44.96 65.68 11.05
N PHE D 149 43.78 66.30 11.12
CA PHE D 149 42.55 65.51 11.19
C PHE D 149 42.22 64.89 9.84
N ARG D 150 42.46 65.61 8.76
CA ARG D 150 42.20 65.06 7.42
C ARG D 150 43.18 63.94 7.10
N GLU D 151 44.43 64.06 7.57
CA GLU D 151 45.42 63.01 7.32
C GLU D 151 45.08 61.74 8.08
N ASP D 152 44.52 61.88 9.28
CA ASP D 152 44.14 60.70 10.05
C ASP D 152 42.98 59.94 9.41
N LEU D 153 42.12 60.65 8.67
CA LEU D 153 41.02 59.98 7.98
C LEU D 153 41.52 59.06 6.88
N ILE D 154 42.71 59.33 6.35
CA ILE D 154 43.29 58.48 5.31
C ILE D 154 43.86 57.21 5.92
N HIS D 155 44.54 57.32 7.06
CA HIS D 155 45.13 56.15 7.70
C HIS D 155 44.07 55.21 8.25
N ILE D 156 42.94 55.75 8.70
CA ILE D 156 41.86 54.89 9.19
C ILE D 156 41.24 54.10 8.06
N ALA D 157 41.09 54.72 6.88
CA ALA D 157 40.52 54.03 5.73
C ALA D 157 41.44 52.91 5.24
N LYS D 158 42.75 53.10 5.34
CA LYS D 158 43.69 52.06 4.89
C LYS D 158 43.60 50.81 5.77
N THR D 159 43.27 50.98 7.06
CA THR D 159 43.16 49.83 7.95
C THR D 159 41.88 49.03 7.68
N THR D 160 40.76 49.72 7.45
CA THR D 160 39.50 49.03 7.20
C THR D 160 39.52 48.33 5.84
N LEU D 161 40.05 49.02 4.81
CA LEU D 161 40.10 48.44 3.48
C LEU D 161 41.15 47.34 3.34
N SER D 162 42.00 47.15 4.35
CA SER D 162 43.05 46.14 4.25
C SER D 162 42.49 44.74 4.43
N SER D 163 41.49 44.58 5.30
CA SER D 163 40.92 43.26 5.55
C SER D 163 40.06 42.76 4.39
N LYS D 164 39.66 43.65 3.49
CA LYS D 164 38.82 43.30 2.36
C LYS D 164 39.68 43.05 1.12
N ILE D 165 39.04 42.85 -0.02
CA ILE D 165 39.75 42.60 -1.27
C ILE D 165 40.43 43.85 -1.82
N LEU D 166 40.19 45.01 -1.21
CA LEU D 166 40.71 46.27 -1.71
C LEU D 166 42.10 46.60 -1.15
N SER D 167 42.70 45.69 -0.39
CA SER D 167 43.99 45.96 0.25
C SER D 167 45.08 46.31 -0.75
N GLN D 168 44.95 45.88 -2.00
CA GLN D 168 45.96 46.22 -3.00
C GLN D 168 45.80 47.66 -3.48
N ASP D 169 44.57 48.07 -3.79
CA ASP D 169 44.29 49.40 -4.29
C ASP D 169 43.86 50.38 -3.20
N LYS D 170 43.90 49.96 -1.93
CA LYS D 170 43.44 50.81 -0.84
C LYS D 170 44.17 52.14 -0.76
N ASP D 171 45.39 52.21 -1.29
CA ASP D 171 46.11 53.49 -1.30
C ASP D 171 45.42 54.50 -2.20
N HIS D 172 44.90 54.05 -3.35
CA HIS D 172 44.16 54.94 -4.23
C HIS D 172 42.73 55.18 -3.75
N PHE D 173 42.15 54.23 -3.03
CA PHE D 173 40.79 54.35 -2.54
C PHE D 173 40.70 55.03 -1.17
N ALA D 174 41.84 55.27 -0.51
CA ALA D 174 41.81 55.96 0.77
C ALA D 174 41.42 57.43 0.60
N GLU D 175 41.88 58.06 -0.48
CA GLU D 175 41.52 59.45 -0.74
C GLU D 175 40.07 59.59 -1.18
N LEU D 176 39.54 58.57 -1.87
CA LEU D 176 38.15 58.63 -2.31
C LEU D 176 37.19 58.54 -1.12
N ALA D 177 37.51 57.71 -0.13
CA ALA D 177 36.67 57.60 1.05
C ALA D 177 36.90 58.76 2.01
N THR D 178 38.10 59.33 2.04
CA THR D 178 38.37 60.47 2.90
C THR D 178 37.66 61.72 2.41
N ASN D 179 37.72 61.99 1.09
CA ASN D 179 37.06 63.17 0.54
C ASN D 179 35.55 63.04 0.61
N ALA D 180 35.02 61.83 0.48
CA ALA D 180 33.57 61.64 0.51
C ALA D 180 32.99 62.02 1.88
N ILE D 181 33.74 61.79 2.95
CA ILE D 181 33.29 62.18 4.28
C ILE D 181 33.48 63.67 4.49
N LEU D 182 34.56 64.24 3.93
CA LEU D 182 34.76 65.68 4.00
C LEU D 182 33.66 66.44 3.28
N ARG D 183 33.10 65.85 2.22
CA ARG D 183 32.00 66.49 1.51
C ARG D 183 30.74 66.56 2.36
N LEU D 184 30.54 65.58 3.25
CA LEU D 184 29.36 65.59 4.12
C LEU D 184 29.42 66.69 5.17
N LYS D 185 30.61 67.22 5.46
CA LYS D 185 30.80 68.31 6.42
C LYS D 185 30.27 67.92 7.81
N GLY D 186 30.67 66.75 8.28
CA GLY D 186 30.29 66.27 9.59
C GLY D 186 29.01 65.45 9.62
N SER D 187 28.36 65.25 8.48
CA SER D 187 27.13 64.46 8.47
C SER D 187 27.44 62.98 8.62
N THR D 188 26.76 62.32 9.55
CA THR D 188 26.97 60.91 9.80
C THR D 188 26.01 60.01 9.01
N ASN D 189 25.16 60.59 8.18
CA ASN D 189 24.20 59.82 7.40
C ASN D 189 24.86 59.33 6.12
N LEU D 190 24.87 58.01 5.93
CA LEU D 190 25.46 57.40 4.75
C LEU D 190 24.45 57.21 3.62
N GLU D 191 23.17 57.50 3.85
CA GLU D 191 22.18 57.39 2.79
C GLU D 191 22.24 58.56 1.81
N HIS D 192 23.06 59.57 2.07
CA HIS D 192 23.23 60.69 1.16
C HIS D 192 24.28 60.42 0.09
N ILE D 193 25.05 59.34 0.21
CA ILE D 193 26.09 58.99 -0.76
C ILE D 193 25.58 57.82 -1.59
N GLN D 194 25.53 58.00 -2.91
CA GLN D 194 25.05 56.96 -3.81
C GLN D 194 26.22 56.13 -4.31
N ILE D 195 26.00 54.82 -4.39
CA ILE D 195 27.02 53.89 -4.86
C ILE D 195 26.46 53.20 -6.10
N ILE D 196 27.08 53.47 -7.25
CA ILE D 196 26.69 52.86 -8.52
C ILE D 196 27.76 51.84 -8.89
N LYS D 197 27.35 50.58 -9.01
CA LYS D 197 28.25 49.48 -9.31
C LYS D 197 28.21 49.19 -10.80
N ILE D 198 29.37 49.22 -11.44
CA ILE D 198 29.50 48.97 -12.87
C ILE D 198 30.38 47.74 -13.06
N LEU D 199 29.93 46.82 -13.91
CA LEU D 199 30.63 45.56 -14.14
C LEU D 199 31.60 45.72 -15.31
N GLY D 200 32.83 45.26 -15.12
CA GLY D 200 33.85 45.32 -16.13
C GLY D 200 34.91 46.36 -15.82
N GLY D 201 36.03 46.25 -16.53
CA GLY D 201 37.12 47.17 -16.39
C GLY D 201 38.03 46.84 -15.21
N LYS D 202 39.05 47.66 -15.06
CA LYS D 202 40.00 47.48 -13.96
C LYS D 202 39.36 47.84 -12.62
N LEU D 203 39.80 47.16 -11.56
CA LEU D 203 39.27 47.45 -10.24
C LEU D 203 39.77 48.80 -9.72
N SER D 204 40.91 49.26 -10.21
CA SER D 204 41.48 50.54 -9.78
C SER D 204 40.89 51.73 -10.51
N ASP D 205 39.94 51.51 -11.43
CA ASP D 205 39.33 52.59 -12.19
C ASP D 205 38.21 53.29 -11.43
N SER D 206 37.91 52.85 -10.21
CA SER D 206 36.87 53.51 -9.41
C SER D 206 37.27 54.94 -9.09
N PHE D 207 36.35 55.87 -9.33
CA PHE D 207 36.60 57.29 -9.13
C PHE D 207 35.40 57.91 -8.42
N LEU D 208 35.61 59.15 -7.95
CA LEU D 208 34.56 59.92 -7.29
C LEU D 208 34.44 61.27 -8.00
N ASP D 209 33.32 61.47 -8.69
CA ASP D 209 33.04 62.74 -9.33
C ASP D 209 32.45 63.73 -8.33
N GLU D 210 32.62 65.02 -8.62
CA GLU D 210 31.97 66.07 -7.85
C GLU D 210 30.65 66.41 -8.55
N GLY D 211 29.55 66.03 -7.92
CA GLY D 211 28.24 66.21 -8.50
C GLY D 211 27.31 65.09 -8.05
N PHE D 212 26.25 64.90 -8.83
CA PHE D 212 25.30 63.82 -8.60
C PHE D 212 25.13 63.04 -9.89
N ILE D 213 25.53 61.77 -9.88
CA ILE D 213 25.42 60.90 -11.05
C ILE D 213 24.11 60.14 -10.94
N LEU D 214 23.18 60.42 -11.85
CA LEU D 214 21.87 59.80 -11.86
C LEU D 214 21.79 58.78 -13.00
N ALA D 215 21.25 57.61 -12.69
CA ALA D 215 21.12 56.57 -13.71
C ALA D 215 19.98 56.86 -14.69
N LYS D 216 19.03 57.71 -14.30
CA LYS D 216 17.91 58.03 -15.17
C LYS D 216 18.33 59.00 -16.27
N LYS D 217 17.57 58.98 -17.36
CA LYS D 217 17.85 59.78 -18.53
C LYS D 217 16.63 60.64 -18.87
N PHE D 218 16.87 61.65 -19.70
CA PHE D 218 15.79 62.54 -20.14
C PHE D 218 14.78 61.75 -20.97
N GLY D 219 13.53 62.18 -20.92
CA GLY D 219 12.45 61.38 -21.48
C GLY D 219 12.45 61.21 -22.99
N ASN D 220 12.36 62.30 -23.75
CA ASN D 220 12.35 62.15 -25.20
C ASN D 220 13.28 63.12 -25.93
N ASN D 221 12.91 64.40 -25.97
CA ASN D 221 13.56 65.38 -26.82
C ASN D 221 14.58 66.24 -26.09
N GLN D 222 14.76 66.06 -24.79
CA GLN D 222 15.65 66.93 -24.04
C GLN D 222 17.10 66.65 -24.42
N PRO D 223 17.89 67.67 -24.73
CA PRO D 223 19.29 67.44 -25.12
C PRO D 223 20.09 66.80 -24.00
N LYS D 224 21.16 66.11 -24.40
CA LYS D 224 22.00 65.41 -23.44
C LYS D 224 22.84 66.38 -22.62
N ARG D 225 23.54 67.29 -23.29
CA ARG D 225 24.43 68.24 -22.65
C ARG D 225 23.84 69.65 -22.73
N ILE D 226 23.82 70.34 -21.60
CA ILE D 226 23.33 71.71 -21.53
C ILE D 226 24.10 72.44 -20.45
N GLU D 227 24.40 73.72 -20.68
CA GLU D 227 25.16 74.54 -19.76
C GLU D 227 24.27 75.59 -19.12
N ASN D 228 24.57 75.92 -17.86
CA ASN D 228 23.83 76.92 -17.09
C ASN D 228 22.34 76.58 -17.03
N ALA D 229 22.07 75.47 -16.33
CA ALA D 229 20.71 74.95 -16.19
C ALA D 229 20.31 74.97 -14.72
N LYS D 230 19.20 75.61 -14.42
CA LYS D 230 18.67 75.67 -13.06
C LYS D 230 17.83 74.42 -12.82
N ILE D 231 18.13 73.72 -11.72
CA ILE D 231 17.50 72.44 -11.41
C ILE D 231 16.38 72.68 -10.39
N LEU D 232 15.20 72.13 -10.68
CA LEU D 232 14.04 72.25 -9.80
C LEU D 232 13.52 70.85 -9.48
N ILE D 233 13.04 70.67 -8.25
CA ILE D 233 12.55 69.38 -7.77
C ILE D 233 11.11 69.56 -7.30
N ALA D 234 10.22 68.71 -7.80
CA ALA D 234 8.81 68.71 -7.41
C ALA D 234 8.42 67.28 -7.08
N ASN D 235 7.92 67.07 -5.87
CA ASN D 235 7.61 65.72 -5.41
C ASN D 235 6.26 65.22 -5.90
N THR D 236 5.24 66.07 -5.88
CA THR D 236 3.85 65.63 -5.85
C THR D 236 3.16 65.81 -7.19
N THR D 237 2.21 64.91 -7.48
CA THR D 237 1.17 65.00 -8.53
C THR D 237 1.78 65.46 -9.84
N LEU D 238 1.21 66.46 -10.51
CA LEU D 238 1.56 67.06 -11.81
C LEU D 238 1.31 66.11 -12.98
N ASP D 239 0.89 64.88 -12.74
CA ASP D 239 0.51 63.96 -13.80
C ASP D 239 -0.94 63.52 -13.62
N THR D 240 -1.80 63.97 -14.54
CA THR D 240 -3.24 63.71 -14.48
C THR D 240 -3.79 63.92 -13.07
N ASP D 241 -3.86 65.17 -12.63
CA ASP D 241 -4.25 65.47 -11.26
C ASP D 241 -5.63 64.92 -10.95
N LYS D 242 -5.71 64.14 -9.87
CA LYS D 242 -6.96 63.58 -9.36
C LYS D 242 -7.63 64.49 -8.34
N VAL D 243 -7.10 65.71 -8.16
CA VAL D 243 -7.49 66.62 -7.09
C VAL D 243 -7.16 65.91 -5.79
N LYS D 244 -8.13 65.75 -4.90
CA LYS D 244 -7.87 65.08 -3.63
C LYS D 244 -8.92 64.03 -3.32
N ILE D 245 -10.16 64.46 -3.06
CA ILE D 245 -11.22 63.54 -2.69
C ILE D 245 -11.60 62.67 -3.88
N PHE D 246 -11.96 61.43 -3.58
CA PHE D 246 -12.35 60.46 -4.59
C PHE D 246 -13.84 60.45 -4.88
N GLY D 247 -14.61 61.34 -4.23
CA GLY D 247 -16.04 61.37 -4.43
C GLY D 247 -16.49 62.38 -5.46
N THR D 248 -15.58 62.79 -6.34
CA THR D 248 -15.89 63.73 -7.41
C THR D 248 -16.22 62.98 -8.69
N LYS D 249 -17.24 63.46 -9.39
CA LYS D 249 -17.71 62.86 -10.63
C LYS D 249 -18.14 63.96 -11.59
N PHE D 250 -18.31 63.58 -12.86
CA PHE D 250 -18.75 64.50 -13.90
C PHE D 250 -20.15 64.11 -14.34
N LYS D 251 -21.12 64.99 -14.11
CA LYS D 251 -22.49 64.79 -14.55
C LYS D 251 -22.63 65.42 -15.93
N VAL D 252 -22.90 64.59 -16.93
CA VAL D 252 -22.88 65.01 -18.33
C VAL D 252 -24.24 64.72 -18.94
N ASP D 253 -24.91 65.78 -19.41
CA ASP D 253 -26.18 65.59 -20.12
C ASP D 253 -25.95 65.17 -21.57
N SER D 254 -24.96 65.77 -22.23
CA SER D 254 -24.62 65.43 -23.61
C SER D 254 -23.11 65.50 -23.77
N THR D 255 -22.58 64.62 -24.63
CA THR D 255 -21.14 64.52 -24.80
C THR D 255 -20.50 65.79 -25.33
N ALA D 256 -21.29 66.75 -25.81
CA ALA D 256 -20.73 68.05 -26.21
C ALA D 256 -20.10 68.75 -25.01
N LYS D 257 -20.73 68.65 -23.84
CA LYS D 257 -20.17 69.21 -22.62
C LYS D 257 -19.08 68.34 -22.03
N LEU D 258 -19.09 67.03 -22.32
CA LEU D 258 -18.06 66.14 -21.79
C LEU D 258 -16.70 66.46 -22.39
N ALA D 259 -16.66 66.86 -23.66
CA ALA D 259 -15.40 67.23 -24.28
C ALA D 259 -14.80 68.49 -23.64
N GLN D 260 -15.65 69.38 -23.13
CA GLN D 260 -15.15 70.57 -22.46
C GLN D 260 -14.68 70.28 -21.05
N LEU D 261 -15.22 69.24 -20.41
CA LEU D 261 -14.79 68.89 -19.06
C LEU D 261 -13.39 68.28 -19.08
N GLU D 262 -13.13 67.37 -20.02
CA GLU D 262 -11.80 66.79 -20.14
C GLU D 262 -10.79 67.82 -20.65
N LYS D 263 -11.23 68.73 -21.51
CA LYS D 263 -10.35 69.80 -21.97
C LYS D 263 -9.95 70.72 -20.81
N ALA D 264 -10.83 70.91 -19.84
CA ALA D 264 -10.49 71.72 -18.68
C ALA D 264 -9.40 71.05 -17.84
N GLU D 265 -9.32 69.73 -17.87
CA GLU D 265 -8.25 69.04 -17.17
C GLU D 265 -6.90 69.33 -17.81
N ARG D 266 -6.85 69.42 -19.14
CA ARG D 266 -5.62 69.80 -19.81
C ARG D 266 -5.28 71.26 -19.59
N GLU D 267 -6.30 72.11 -19.40
CA GLU D 267 -6.04 73.51 -19.08
C GLU D 267 -5.40 73.65 -17.70
N LYS D 268 -5.78 72.79 -16.75
CA LYS D 268 -5.11 72.79 -15.45
C LYS D 268 -3.67 72.35 -15.57
N MET D 269 -3.37 71.46 -16.52
CA MET D 269 -2.00 71.03 -16.73
C MET D 269 -1.16 72.15 -17.36
N LYS D 270 -1.73 72.87 -18.33
CA LYS D 270 -0.99 73.94 -19.00
C LYS D 270 -0.78 75.11 -18.05
N ASN D 271 -1.75 75.39 -17.18
CA ASN D 271 -1.62 76.50 -16.24
C ASN D 271 -0.57 76.21 -15.17
N LYS D 272 -0.41 74.94 -14.79
CA LYS D 272 0.58 74.60 -13.77
C LYS D 272 1.99 74.63 -14.35
N ILE D 273 2.18 74.19 -15.59
CA ILE D 273 3.49 74.23 -16.21
C ILE D 273 3.88 75.67 -16.55
N ALA D 274 2.89 76.51 -16.86
CA ALA D 274 3.19 77.91 -17.17
C ALA D 274 3.74 78.64 -15.96
N LYS D 275 3.31 78.26 -14.76
CA LYS D 275 3.85 78.86 -13.54
C LYS D 275 5.27 78.38 -13.26
N ILE D 276 5.66 77.22 -13.77
CA ILE D 276 7.03 76.74 -13.57
C ILE D 276 8.01 77.54 -14.42
N SER D 277 7.58 77.95 -15.62
CA SER D 277 8.44 78.72 -16.50
C SER D 277 8.75 80.11 -15.95
N LYS D 278 7.98 80.58 -14.97
CA LYS D 278 8.24 81.88 -14.37
C LYS D 278 9.53 81.90 -13.56
N PHE D 279 10.06 80.74 -13.18
CA PHE D 279 11.30 80.68 -12.42
C PHE D 279 12.53 80.92 -13.28
N GLY D 280 12.43 80.70 -14.59
CA GLY D 280 13.59 80.82 -15.46
C GLY D 280 14.54 79.65 -15.38
N ILE D 281 14.02 78.45 -15.22
CA ILE D 281 14.83 77.24 -15.07
C ILE D 281 14.96 76.55 -16.41
N ASN D 282 16.14 75.98 -16.67
CA ASN D 282 16.36 75.18 -17.87
C ASN D 282 16.12 73.69 -17.65
N THR D 283 15.90 73.26 -16.41
CA THR D 283 15.74 71.84 -16.10
C THR D 283 14.70 71.67 -15.00
N PHE D 284 13.82 70.69 -15.19
CA PHE D 284 12.80 70.34 -14.21
C PHE D 284 12.87 68.85 -13.93
N ILE D 285 12.71 68.47 -12.66
CA ILE D 285 12.83 67.09 -12.22
C ILE D 285 11.64 66.74 -11.36
N ASN D 286 11.00 65.61 -11.67
CA ASN D 286 9.88 65.07 -10.91
C ASN D 286 10.20 63.67 -10.46
N ARG D 287 9.95 63.38 -9.18
CA ARG D 287 10.16 62.02 -8.69
C ARG D 287 9.08 61.07 -9.19
N GLN D 288 7.87 61.59 -9.42
CA GLN D 288 6.82 60.80 -10.07
C GLN D 288 7.00 60.83 -11.58
N LEU D 289 6.65 59.72 -12.22
CA LEU D 289 6.77 59.62 -13.66
C LEU D 289 5.85 60.62 -14.36
N ILE D 290 6.34 61.17 -15.47
CA ILE D 290 5.64 62.22 -16.20
C ILE D 290 5.07 61.61 -17.49
N TYR D 291 3.81 61.91 -17.76
CA TYR D 291 3.13 61.40 -18.95
C TYR D 291 3.61 62.15 -20.19
N ASP D 292 3.02 61.82 -21.34
CA ASP D 292 3.45 62.42 -22.60
C ASP D 292 2.91 63.83 -22.77
N TYR D 293 1.68 64.09 -22.31
CA TYR D 293 1.11 65.42 -22.49
C TYR D 293 1.85 66.49 -21.67
N PRO D 294 2.10 66.32 -20.37
CA PRO D 294 2.84 67.37 -19.64
C PRO D 294 4.29 67.47 -20.06
N GLU D 295 4.87 66.43 -20.66
CA GLU D 295 6.26 66.50 -21.08
C GLU D 295 6.43 67.37 -22.32
N GLN D 296 5.45 67.35 -23.23
CA GLN D 296 5.54 68.15 -24.45
C GLN D 296 5.43 69.64 -24.17
N LEU D 297 4.87 70.03 -23.02
CA LEU D 297 4.77 71.45 -22.68
C LEU D 297 6.13 72.06 -22.37
N PHE D 298 7.13 71.25 -22.01
CA PHE D 298 8.46 71.76 -21.73
C PHE D 298 9.30 71.93 -22.99
N THR D 299 8.80 71.49 -24.15
CA THR D 299 9.57 71.62 -25.38
C THR D 299 9.67 73.06 -25.83
N ASP D 300 8.53 73.76 -25.90
CA ASP D 300 8.53 75.15 -26.31
C ASP D 300 9.17 76.07 -25.26
N LEU D 301 9.21 75.63 -24.01
CA LEU D 301 9.81 76.43 -22.94
C LEU D 301 11.30 76.17 -22.76
N GLY D 302 11.84 75.17 -23.45
CA GLY D 302 13.26 74.86 -23.32
C GLY D 302 13.66 74.35 -21.95
N ILE D 303 12.78 73.60 -21.29
CA ILE D 303 13.01 73.10 -19.95
C ILE D 303 13.18 71.59 -20.02
N ASN D 304 14.21 71.08 -19.35
CA ASN D 304 14.45 69.65 -19.31
C ASN D 304 13.45 68.95 -18.38
N SER D 305 13.24 67.67 -18.61
CA SER D 305 12.29 66.88 -17.84
C SER D 305 12.92 65.54 -17.47
N ILE D 306 12.74 65.14 -16.21
CA ILE D 306 13.26 63.88 -15.70
C ILE D 306 12.16 63.21 -14.88
N GLU D 307 11.95 61.92 -15.11
CA GLU D 307 10.87 61.17 -14.50
C GLU D 307 11.39 59.95 -13.75
N HIS D 308 10.53 59.41 -12.89
CA HIS D 308 10.79 58.17 -12.16
C HIS D 308 12.06 58.27 -11.31
N ALA D 309 12.11 59.31 -10.47
CA ALA D 309 13.19 59.48 -9.51
C ALA D 309 12.76 58.93 -8.16
N ASP D 310 13.64 58.17 -7.51
CA ASP D 310 13.33 57.56 -6.23
C ASP D 310 13.41 58.60 -5.12
N PHE D 311 12.57 58.42 -4.10
CA PHE D 311 12.49 59.41 -3.03
C PHE D 311 13.78 59.49 -2.22
N GLU D 312 14.49 58.37 -2.09
CA GLU D 312 15.77 58.40 -1.40
C GLU D 312 16.86 59.08 -2.25
N GLY D 313 16.63 59.20 -3.55
CA GLY D 313 17.55 59.92 -4.41
C GLY D 313 17.22 61.40 -4.49
N VAL D 314 15.99 61.76 -4.14
CA VAL D 314 15.59 63.17 -4.11
C VAL D 314 16.37 63.91 -3.02
N GLU D 315 16.46 63.31 -1.84
CA GLU D 315 17.27 63.91 -0.77
C GLU D 315 18.74 63.96 -1.16
N ARG D 316 19.22 62.93 -1.86
CA ARG D 316 20.59 62.95 -2.37
C ARG D 316 20.76 64.02 -3.45
N LEU D 317 19.72 64.25 -4.24
CA LEU D 317 19.80 65.24 -5.31
C LEU D 317 19.66 66.66 -4.76
N ALA D 318 18.82 66.84 -3.73
CA ALA D 318 18.62 68.17 -3.16
C ALA D 318 19.89 68.68 -2.48
N LEU D 319 20.70 67.79 -1.91
CA LEU D 319 21.92 68.21 -1.23
C LEU D 319 23.06 68.52 -2.20
N VAL D 320 23.06 67.90 -3.38
CA VAL D 320 24.10 68.20 -4.36
C VAL D 320 23.86 69.55 -5.02
N THR D 321 22.62 69.81 -5.43
CA THR D 321 22.29 71.07 -6.08
C THR D 321 22.19 72.23 -5.10
N GLY D 322 22.05 71.96 -3.81
CA GLY D 322 21.91 73.02 -2.83
C GLY D 322 20.61 73.78 -2.93
N GLY D 323 19.63 73.25 -3.64
CA GLY D 323 18.34 73.90 -3.82
C GLY D 323 17.35 73.53 -2.76
N GLU D 324 16.07 73.65 -3.11
CA GLU D 324 14.97 73.39 -2.20
C GLU D 324 13.84 72.71 -2.96
N VAL D 325 13.23 71.70 -2.33
CA VAL D 325 12.07 71.04 -2.94
C VAL D 325 10.91 72.01 -2.99
N VAL D 326 10.32 72.17 -4.17
CA VAL D 326 9.33 73.20 -4.43
C VAL D 326 8.04 72.55 -4.91
N SER D 327 6.96 72.75 -4.14
CA SER D 327 5.60 72.50 -4.59
C SER D 327 4.81 73.79 -4.38
N THR D 328 3.55 73.78 -4.79
CA THR D 328 2.68 74.95 -4.72
C THR D 328 3.38 76.17 -5.32
N PHE D 329 3.52 76.13 -6.65
CA PHE D 329 4.32 77.07 -7.41
C PHE D 329 3.74 78.48 -7.44
N ASP D 330 2.55 78.69 -6.86
CA ASP D 330 1.90 80.00 -6.92
C ASP D 330 2.81 81.11 -6.37
N GLU D 331 3.62 80.80 -5.35
CA GLU D 331 4.49 81.80 -4.75
C GLU D 331 5.93 81.56 -5.18
N PRO D 332 6.48 82.37 -6.09
CA PRO D 332 7.89 82.19 -6.46
C PRO D 332 8.88 82.66 -5.40
N SER D 333 8.47 83.55 -4.50
CA SER D 333 9.43 84.21 -3.61
C SER D 333 10.00 83.23 -2.58
N LYS D 334 9.12 82.54 -1.85
CA LYS D 334 9.57 81.66 -0.78
C LYS D 334 10.23 80.38 -1.28
N CYS D 335 10.21 80.13 -2.59
CA CYS D 335 10.76 78.91 -3.16
C CYS D 335 12.17 79.14 -3.66
N LYS D 336 13.04 78.15 -3.48
CA LYS D 336 14.43 78.22 -3.88
C LYS D 336 14.74 77.11 -4.89
N LEU D 337 15.61 77.42 -5.84
CA LEU D 337 16.00 76.49 -6.88
C LEU D 337 17.49 76.20 -6.80
N GLY D 338 17.89 75.05 -7.35
CA GLY D 338 19.28 74.66 -7.37
C GLY D 338 20.00 75.14 -8.62
N GLU D 339 21.32 75.26 -8.50
CA GLU D 339 22.17 75.75 -9.57
C GLU D 339 23.21 74.70 -9.93
N CYS D 340 23.46 74.55 -11.24
CA CYS D 340 24.46 73.63 -11.75
C CYS D 340 25.16 74.26 -12.94
N ASP D 341 26.49 74.08 -13.01
CA ASP D 341 27.25 74.69 -14.09
C ASP D 341 26.96 74.02 -15.43
N VAL D 342 27.08 72.69 -15.48
CA VAL D 342 26.88 71.95 -16.73
C VAL D 342 26.24 70.60 -16.39
N ILE D 343 25.34 70.16 -17.26
CA ILE D 343 24.66 68.87 -17.11
C ILE D 343 24.84 68.10 -18.42
N GLU D 344 25.53 66.97 -18.34
CA GLU D 344 25.81 66.15 -19.52
C GLU D 344 25.37 64.71 -19.25
N GLU D 345 24.80 64.08 -20.27
CA GLU D 345 24.40 62.68 -20.20
C GLU D 345 25.52 61.83 -20.79
N ILE D 346 26.18 61.04 -19.93
CA ILE D 346 27.27 60.18 -20.36
C ILE D 346 26.78 58.74 -20.40
N MET D 347 27.67 57.81 -20.74
CA MET D 347 27.35 56.39 -20.76
C MET D 347 28.50 55.61 -20.15
N LEU D 348 28.20 54.85 -19.11
CA LEU D 348 29.16 53.92 -18.51
C LEU D 348 28.63 52.51 -18.72
N GLY D 349 29.31 51.75 -19.58
CA GLY D 349 28.82 50.43 -19.95
C GLY D 349 27.67 50.50 -20.93
N GLU D 350 26.70 49.59 -20.79
CA GLU D 350 25.55 49.57 -21.68
C GLU D 350 24.50 50.61 -21.31
N GLN D 351 24.44 51.04 -20.05
CA GLN D 351 23.39 51.94 -19.58
C GLN D 351 23.91 53.36 -19.55
N PRO D 352 23.27 54.30 -20.25
CA PRO D 352 23.70 55.71 -20.17
C PRO D 352 23.30 56.32 -18.84
N PHE D 353 24.14 57.24 -18.37
CA PHE D 353 23.98 57.88 -17.08
C PHE D 353 23.88 59.40 -17.24
N LEU D 354 23.37 60.05 -16.20
CA LEU D 354 23.25 61.50 -16.15
C LEU D 354 24.28 62.04 -15.18
N LYS D 355 25.26 62.77 -15.69
CA LYS D 355 26.37 63.28 -14.90
C LYS D 355 26.21 64.77 -14.65
N PHE D 356 26.44 65.19 -13.41
CA PHE D 356 26.42 66.59 -13.02
C PHE D 356 27.83 67.06 -12.70
N SER D 357 28.10 68.33 -12.98
CA SER D 357 29.41 68.91 -12.73
C SER D 357 29.26 70.37 -12.38
N GLY D 358 30.15 70.86 -11.51
CA GLY D 358 30.12 72.25 -11.11
C GLY D 358 28.97 72.62 -10.22
N CYS D 359 28.56 71.72 -9.32
CA CYS D 359 27.46 72.00 -8.41
C CYS D 359 27.92 72.90 -7.27
N LYS D 360 26.98 73.70 -6.77
CA LYS D 360 27.32 74.66 -5.72
C LYS D 360 27.58 73.96 -4.39
N ALA D 361 26.67 73.10 -3.97
CA ALA D 361 26.79 72.42 -2.69
C ALA D 361 27.47 71.06 -2.86
N GLY D 362 28.37 70.75 -1.94
CA GLY D 362 29.09 69.49 -1.96
C GLY D 362 28.61 68.52 -0.89
N GLU D 363 27.45 68.79 -0.30
CA GLU D 363 26.97 68.00 0.83
C GLU D 363 26.65 66.55 0.47
N ALA D 364 26.65 66.19 -0.81
CA ALA D 364 26.41 64.81 -1.21
C ALA D 364 27.17 64.54 -2.50
N CYS D 365 27.43 63.25 -2.74
CA CYS D 365 28.18 62.83 -3.92
C CYS D 365 27.69 61.44 -4.33
N THR D 366 28.31 60.91 -5.39
CA THR D 366 27.97 59.60 -5.92
C THR D 366 29.25 58.85 -6.26
N ILE D 367 29.37 57.62 -5.76
CA ILE D 367 30.56 56.80 -5.96
C ILE D 367 30.28 55.79 -7.06
N VAL D 368 31.20 55.67 -8.01
CA VAL D 368 31.10 54.71 -9.11
C VAL D 368 32.21 53.68 -8.93
N LEU D 369 31.85 52.40 -9.01
CA LEU D 369 32.80 51.30 -8.80
C LEU D 369 32.90 50.46 -10.06
N ARG D 370 34.05 49.79 -10.22
CA ARG D 370 34.30 48.90 -11.33
C ARG D 370 34.81 47.57 -10.80
N GLY D 371 34.35 46.48 -11.39
CA GLY D 371 34.74 45.16 -10.94
C GLY D 371 34.64 44.13 -12.05
N ALA D 372 35.39 43.04 -11.87
CA ALA D 372 35.40 41.97 -12.87
C ALA D 372 34.15 41.10 -12.75
N THR D 373 33.68 40.84 -11.54
CA THR D 373 32.48 40.05 -11.32
C THR D 373 31.55 40.80 -10.38
N ASP D 374 30.28 40.37 -10.37
CA ASP D 374 29.31 40.98 -9.47
C ASP D 374 29.61 40.65 -8.01
N GLN D 375 30.30 39.53 -7.76
CA GLN D 375 30.70 39.21 -6.40
C GLN D 375 31.73 40.21 -5.89
N THR D 376 32.63 40.67 -6.77
CA THR D 376 33.57 41.72 -6.38
C THR D 376 32.87 43.07 -6.25
N LEU D 377 31.79 43.28 -7.01
CA LEU D 377 31.03 44.52 -6.87
C LEU D 377 30.29 44.55 -5.54
N ASP D 378 29.62 43.44 -5.19
CA ASP D 378 28.95 43.36 -3.89
C ASP D 378 29.95 43.47 -2.75
N GLU D 379 31.18 43.02 -2.98
CA GLU D 379 32.21 43.14 -1.95
C GLU D 379 32.77 44.56 -1.88
N ALA D 380 32.91 45.22 -3.04
CA ALA D 380 33.43 46.58 -3.05
C ALA D 380 32.47 47.56 -2.40
N GLU D 381 31.17 47.33 -2.52
CA GLU D 381 30.20 48.22 -1.88
C GLU D 381 30.19 48.01 -0.37
N ARG D 382 30.26 46.76 0.08
CA ARG D 382 30.29 46.49 1.52
C ARG D 382 31.63 46.89 2.13
N SER D 383 32.71 46.84 1.34
CA SER D 383 34.01 47.25 1.86
C SER D 383 34.05 48.75 2.11
N LEU D 384 33.44 49.54 1.20
CA LEU D 384 33.38 50.98 1.40
C LEU D 384 32.32 51.36 2.43
N HIS D 385 31.25 50.57 2.56
CA HIS D 385 30.23 50.86 3.55
C HIS D 385 30.79 50.73 4.96
N ASP D 386 31.74 49.82 5.18
CA ASP D 386 32.38 49.69 6.48
C ASP D 386 33.42 50.78 6.71
N ALA D 387 34.06 51.26 5.64
CA ALA D 387 35.06 52.32 5.78
C ALA D 387 34.41 53.69 5.95
N LEU D 388 33.35 53.97 5.19
CA LEU D 388 32.67 55.25 5.31
C LEU D 388 31.90 55.39 6.62
N SER D 389 31.54 54.28 7.25
CA SER D 389 30.81 54.35 8.52
C SER D 389 31.74 54.75 9.66
N VAL D 390 32.98 54.24 9.67
CA VAL D 390 33.92 54.62 10.71
C VAL D 390 34.36 56.07 10.54
N LEU D 391 34.62 56.48 9.29
CA LEU D 391 35.04 57.86 9.04
C LEU D 391 33.91 58.85 9.32
N SER D 392 32.66 58.42 9.20
CA SER D 392 31.53 59.29 9.52
C SER D 392 31.45 59.53 11.03
N GLN D 393 31.64 58.48 11.83
CA GLN D 393 31.63 58.64 13.28
C GLN D 393 32.88 59.34 13.79
N THR D 394 33.94 59.40 12.98
CA THR D 394 35.16 60.10 13.40
C THR D 394 34.93 61.60 13.46
N THR D 395 34.10 62.13 12.55
CA THR D 395 33.79 63.56 12.59
C THR D 395 33.06 63.94 13.87
N LYS D 396 32.27 63.03 14.43
CA LYS D 396 31.61 63.28 15.71
C LYS D 396 32.61 63.14 16.86
N GLU D 397 33.11 61.92 17.07
CA GLU D 397 34.11 61.65 18.09
C GLU D 397 35.46 61.51 17.39
N THR D 398 36.36 62.46 17.62
CA THR D 398 37.61 62.55 16.88
C THR D 398 38.76 61.78 17.53
N ARG D 399 38.50 61.08 18.63
CA ARG D 399 39.56 60.32 19.28
C ARG D 399 39.91 59.08 18.46
N THR D 400 41.21 58.78 18.36
CA THR D 400 41.70 57.65 17.59
C THR D 400 42.68 56.83 18.43
N VAL D 401 42.74 55.54 18.12
CA VAL D 401 43.63 54.60 18.82
C VAL D 401 44.36 53.77 17.78
N LEU D 402 45.66 53.57 18.00
CA LEU D 402 46.47 52.77 17.07
C LEU D 402 45.97 51.33 17.04
N GLY D 403 45.94 50.75 15.85
CA GLY D 403 45.53 49.39 15.65
C GLY D 403 46.71 48.47 15.33
N GLY D 404 46.39 47.34 14.69
CA GLY D 404 47.41 46.39 14.31
C GLY D 404 48.02 45.66 15.49
N GLY D 405 47.19 45.14 16.39
CA GLY D 405 47.65 44.44 17.56
C GLY D 405 48.14 45.30 18.69
N CYS D 406 48.25 46.61 18.49
CA CYS D 406 48.74 47.50 19.56
C CYS D 406 47.67 47.74 20.62
N ALA D 407 46.45 48.06 20.19
CA ALA D 407 45.39 48.42 21.13
C ALA D 407 45.00 47.25 22.03
N GLU D 408 45.11 46.02 21.53
CA GLU D 408 44.71 44.86 22.32
C GLU D 408 45.73 44.57 23.42
N MET D 409 47.02 44.78 23.13
CA MET D 409 48.05 44.48 24.13
C MET D 409 48.17 45.58 25.17
N VAL D 410 47.85 46.83 24.83
CA VAL D 410 47.91 47.91 25.80
C VAL D 410 46.83 47.72 26.86
N MET D 411 45.65 47.25 26.46
CA MET D 411 44.60 46.99 27.43
C MET D 411 44.99 45.87 28.39
N SER D 412 45.68 44.85 27.88
CA SER D 412 46.10 43.73 28.74
C SER D 412 47.15 44.16 29.75
N LYS D 413 47.83 45.29 29.53
CA LYS D 413 48.82 45.76 30.49
C LYS D 413 48.15 46.21 31.79
N ALA D 414 47.01 46.90 31.68
CA ALA D 414 46.30 47.36 32.86
C ALA D 414 45.49 46.25 33.53
N VAL D 415 45.18 45.18 32.80
CA VAL D 415 44.42 44.08 33.39
C VAL D 415 45.29 43.29 34.37
N ASP D 416 46.54 43.04 34.00
CA ASP D 416 47.44 42.31 34.88
C ASP D 416 47.78 43.09 36.14
N THR D 417 47.69 44.42 36.11
CA THR D 417 47.99 45.21 37.29
C THR D 417 46.89 45.11 38.33
N GLU D 418 45.63 45.15 37.89
CA GLU D 418 44.51 45.07 38.83
C GLU D 418 44.29 43.66 39.36
N ALA D 419 44.90 42.65 38.73
CA ALA D 419 44.71 41.27 39.17
C ALA D 419 45.41 40.99 40.49
N GLN D 420 46.42 41.78 40.85
CA GLN D 420 47.15 41.54 42.09
C GLN D 420 46.39 42.04 43.31
N ASN D 421 45.70 43.17 43.18
CA ASN D 421 44.98 43.76 44.31
C ASN D 421 43.66 43.04 44.61
N ILE D 422 43.13 42.28 43.66
CA ILE D 422 41.86 41.60 43.88
C ILE D 422 42.06 40.35 44.74
N ASP D 423 43.14 39.61 44.49
CA ASP D 423 43.45 38.34 45.18
C ASP D 423 42.25 37.41 44.97
N GLY D 424 41.84 36.65 45.98
CA GLY D 424 40.72 35.73 45.85
C GLY D 424 40.96 34.71 44.75
N LYS D 425 39.84 34.16 44.27
CA LYS D 425 39.86 33.30 43.10
C LYS D 425 39.53 34.04 41.81
N LYS D 426 39.24 35.34 41.89
CA LYS D 426 39.00 36.14 40.70
C LYS D 426 40.28 36.43 39.92
N SER D 427 41.45 36.22 40.52
CA SER D 427 42.70 36.46 39.81
C SER D 427 42.82 35.57 38.58
N LEU D 428 42.33 34.33 38.67
CA LEU D 428 42.32 33.46 37.51
C LEU D 428 41.34 33.95 36.46
N ALA D 429 40.25 34.61 36.87
CA ALA D 429 39.29 35.14 35.92
C ALA D 429 39.77 36.45 35.30
N VAL D 430 40.44 37.28 36.09
CA VAL D 430 40.95 38.55 35.55
C VAL D 430 42.10 38.29 34.59
N GLU D 431 43.02 37.40 34.97
CA GLU D 431 44.12 37.04 34.07
C GLU D 431 43.62 36.30 32.83
N ALA D 432 42.46 35.64 32.92
CA ALA D 432 41.88 35.01 31.74
C ALA D 432 41.43 36.05 30.72
N PHE D 433 41.00 37.23 31.18
CA PHE D 433 40.65 38.31 30.27
C PHE D 433 41.88 38.87 29.58
N ALA D 434 43.04 38.84 30.25
CA ALA D 434 44.26 39.33 29.63
C ALA D 434 44.76 38.37 28.55
N ARG D 435 44.66 37.06 28.82
CA ARG D 435 45.04 36.07 27.80
C ARG D 435 44.06 36.05 26.65
N ALA D 436 42.80 36.42 26.90
CA ALA D 436 41.83 36.50 25.82
C ALA D 436 42.14 37.67 24.89
N LEU D 437 42.73 38.74 25.40
CA LEU D 437 43.15 39.84 24.56
C LEU D 437 44.38 39.49 23.71
N ARG D 438 45.11 38.44 24.10
CA ARG D 438 46.25 38.01 23.30
C ARG D 438 45.83 37.34 22.00
N GLN D 439 44.59 36.85 21.92
CA GLN D 439 44.17 36.07 20.77
C GLN D 439 44.00 36.95 19.53
N LEU D 440 43.56 38.19 19.70
CA LEU D 440 43.35 39.06 18.53
C LEU D 440 44.64 39.35 17.77
N PRO D 441 45.73 39.78 18.41
CA PRO D 441 47.00 39.90 17.67
C PRO D 441 47.59 38.57 17.27
N THR D 442 47.25 37.48 17.96
CA THR D 442 47.78 36.18 17.61
C THR D 442 47.16 35.66 16.31
N ILE D 443 45.85 35.82 16.15
CA ILE D 443 45.18 35.37 14.93
C ILE D 443 45.67 36.18 13.73
N LEU D 444 46.06 37.43 13.94
CA LEU D 444 46.62 38.24 12.86
C LEU D 444 47.87 37.57 12.28
N ALA D 445 48.71 36.99 13.15
CA ALA D 445 49.90 36.29 12.70
C ALA D 445 49.59 34.89 12.18
N ASP D 446 48.48 34.29 12.59
CA ASP D 446 48.14 32.94 12.14
C ASP D 446 47.68 32.95 10.69
N ASN D 447 46.91 33.97 10.29
CA ASN D 447 46.45 34.05 8.92
C ASN D 447 47.58 34.38 7.95
N ALA D 448 48.67 34.97 8.43
CA ALA D 448 49.83 35.29 7.60
C ALA D 448 50.89 34.21 7.63
N GLY D 449 50.67 33.11 8.35
CA GLY D 449 51.66 32.05 8.42
C GLY D 449 52.84 32.34 9.29
N PHE D 450 52.65 33.10 10.37
CA PHE D 450 53.73 33.46 11.28
C PHE D 450 53.64 32.63 12.56
N ASP D 451 54.55 32.90 13.48
CA ASP D 451 54.57 32.19 14.75
C ASP D 451 53.59 32.84 15.73
N SER D 452 52.87 32.00 16.48
CA SER D 452 51.86 32.47 17.42
C SER D 452 52.39 32.63 18.84
N SER D 453 53.68 32.40 19.06
CA SER D 453 54.25 32.47 20.41
C SER D 453 55.40 33.46 20.48
N GLU D 454 56.50 33.22 19.78
CA GLU D 454 57.65 34.11 19.87
C GLU D 454 57.35 35.49 19.31
N LEU D 455 56.56 35.54 18.22
CA LEU D 455 56.22 36.84 17.64
C LEU D 455 55.33 37.65 18.57
N VAL D 456 54.41 36.98 19.28
CA VAL D 456 53.55 37.68 20.23
C VAL D 456 54.36 38.09 21.46
N SER D 457 55.34 37.27 21.86
CA SER D 457 56.15 37.60 23.02
C SER D 457 57.03 38.82 22.78
N LYS D 458 57.46 39.03 21.54
CA LYS D 458 58.26 40.22 21.22
C LYS D 458 57.41 41.49 21.35
N LEU D 459 56.14 41.42 20.99
CA LEU D 459 55.26 42.58 21.13
C LEU D 459 54.90 42.83 22.58
N ARG D 460 54.80 41.77 23.39
CA ARG D 460 54.42 41.95 24.78
C ARG D 460 55.59 42.51 25.60
N SER D 461 56.81 42.01 25.34
CA SER D 461 57.97 42.48 26.10
C SER D 461 58.38 43.89 25.72
N SER D 462 57.98 44.38 24.54
CA SER D 462 58.36 45.72 24.12
C SER D 462 57.51 46.79 24.80
N ILE D 463 56.29 46.47 25.19
CA ILE D 463 55.42 47.45 25.85
C ILE D 463 55.82 47.63 27.31
N TYR D 464 56.20 46.54 27.98
CA TYR D 464 56.61 46.63 29.38
C TYR D 464 57.95 47.33 29.57
N ASN D 465 58.67 47.63 28.50
CA ASN D 465 59.94 48.35 28.58
C ASN D 465 59.76 49.85 28.51
N GLY D 466 58.53 50.35 28.42
CA GLY D 466 58.25 51.76 28.37
C GLY D 466 57.92 52.32 27.00
N ILE D 467 57.75 51.48 25.99
CA ILE D 467 57.42 51.92 24.64
C ILE D 467 55.99 51.49 24.36
N SER D 468 55.07 52.46 24.28
CA SER D 468 53.67 52.19 24.01
C SER D 468 53.33 52.26 22.52
N THR D 469 54.26 52.70 21.68
CA THR D 469 54.01 52.84 20.25
C THR D 469 54.36 51.60 19.45
N SER D 470 54.80 50.53 20.11
CA SER D 470 55.14 49.31 19.40
C SER D 470 53.88 48.61 18.89
N GLY D 471 54.04 47.91 17.76
CA GLY D 471 52.92 47.22 17.14
C GLY D 471 53.41 46.04 16.33
N LEU D 472 52.46 45.36 15.69
CA LEU D 472 52.73 44.18 14.89
C LEU D 472 52.71 44.55 13.41
N ASP D 473 53.73 44.10 12.68
CA ASP D 473 53.85 44.33 11.24
C ASP D 473 53.73 42.99 10.54
N LEU D 474 52.62 42.81 9.80
CA LEU D 474 52.39 41.56 9.10
C LEU D 474 53.14 41.45 7.78
N ASN D 475 53.59 42.58 7.23
CA ASN D 475 54.31 42.54 5.96
C ASN D 475 55.70 41.97 6.14
N ASN D 476 56.46 42.51 7.10
CA ASN D 476 57.82 42.03 7.37
C ASN D 476 57.88 40.96 8.43
N GLY D 477 56.77 40.68 9.12
CA GLY D 477 56.76 39.66 10.15
C GLY D 477 57.61 39.99 11.35
N THR D 478 57.61 41.24 11.79
CA THR D 478 58.41 41.67 12.93
C THR D 478 57.68 42.80 13.64
N ILE D 479 58.33 43.38 14.64
CA ILE D 479 57.76 44.48 15.41
C ILE D 479 58.17 45.80 14.77
N ALA D 480 57.18 46.63 14.46
CA ALA D 480 57.41 47.92 13.82
C ALA D 480 56.58 48.98 14.52
N ASP D 481 56.92 50.25 14.23
CA ASP D 481 56.21 51.37 14.83
C ASP D 481 54.93 51.66 14.07
N MET D 482 53.82 51.80 14.81
CA MET D 482 52.53 52.05 14.19
C MET D 482 52.35 53.50 13.75
N ARG D 483 53.07 54.44 14.36
CA ARG D 483 52.95 55.83 13.96
C ARG D 483 53.54 56.05 12.57
N GLN D 484 54.62 55.34 12.24
CA GLN D 484 55.23 55.49 10.93
C GLN D 484 54.46 54.74 9.85
N LEU D 485 53.96 53.54 10.18
CA LEU D 485 53.21 52.76 9.20
C LEU D 485 51.82 53.33 8.93
N GLY D 486 51.29 54.13 9.85
CA GLY D 486 49.99 54.74 9.65
C GLY D 486 48.82 53.79 9.87
N ILE D 487 48.89 52.95 10.89
CA ILE D 487 47.81 52.04 11.23
C ILE D 487 47.12 52.59 12.47
N VAL D 488 45.89 53.07 12.30
CA VAL D 488 45.13 53.67 13.40
C VAL D 488 43.65 53.44 13.13
N GLU D 489 42.88 53.31 14.22
CA GLU D 489 41.44 53.11 14.14
C GLU D 489 40.75 54.08 15.09
N SER D 490 39.44 54.22 14.92
CA SER D 490 38.67 55.14 15.73
C SER D 490 38.54 54.62 17.16
N TYR D 491 38.41 55.56 18.10
CA TYR D 491 38.26 55.18 19.50
C TYR D 491 36.90 54.56 19.77
N LYS D 492 35.87 54.96 19.02
CA LYS D 492 34.55 54.36 19.20
C LYS D 492 34.56 52.90 18.80
N LEU D 493 35.36 52.52 17.79
CA LEU D 493 35.46 51.12 17.40
C LEU D 493 36.15 50.30 18.47
N LYS D 494 37.14 50.88 19.16
CA LYS D 494 37.85 50.16 20.21
C LYS D 494 36.94 49.88 21.40
N ARG D 495 36.15 50.86 21.82
CA ARG D 495 35.24 50.67 22.94
C ARG D 495 34.09 49.75 22.58
N ALA D 496 33.62 49.80 21.33
CA ALA D 496 32.49 48.98 20.93
C ALA D 496 32.83 47.50 20.95
N VAL D 497 34.04 47.14 20.52
CA VAL D 497 34.43 45.73 20.48
C VAL D 497 34.60 45.19 21.89
N VAL D 498 35.20 45.98 22.79
CA VAL D 498 35.43 45.52 24.15
C VAL D 498 34.11 45.45 24.92
N SER D 499 33.24 46.45 24.74
CA SER D 499 32.00 46.47 25.49
C SER D 499 31.03 45.40 25.00
N SER D 500 30.94 45.20 23.68
CA SER D 500 30.01 44.21 23.16
C SER D 500 30.44 42.79 23.50
N ALA D 501 31.75 42.52 23.47
CA ALA D 501 32.23 41.19 23.79
C ALA D 501 32.13 40.89 25.28
N SER D 502 32.33 41.91 26.13
CA SER D 502 32.23 41.71 27.57
C SER D 502 30.78 41.46 27.98
N GLU D 503 29.84 42.15 27.33
CA GLU D 503 28.43 41.94 27.65
C GLU D 503 27.91 40.62 27.07
N ALA D 504 28.39 40.25 25.87
CA ALA D 504 27.95 39.00 25.27
C ALA D 504 28.52 37.79 26.01
N ALA D 505 29.72 37.93 26.59
CA ALA D 505 30.29 36.83 27.36
C ALA D 505 29.51 36.60 28.66
N GLU D 506 28.93 37.65 29.23
CA GLU D 506 28.13 37.51 30.44
C GLU D 506 26.77 36.87 30.16
N VAL D 507 26.42 36.65 28.90
CA VAL D 507 25.12 36.05 28.57
C VAL D 507 25.17 34.53 28.74
N LEU D 508 26.00 33.86 27.95
CA LEU D 508 26.01 32.40 27.95
C LEU D 508 26.57 31.82 29.24
N LEU D 509 27.40 32.58 29.96
CA LEU D 509 27.91 32.08 31.24
C LEU D 509 26.84 32.04 32.32
N ARG D 510 25.71 32.71 32.11
CA ARG D 510 24.61 32.71 33.06
C ARG D 510 23.56 31.65 32.76
N VAL D 511 23.75 30.82 31.75
CA VAL D 511 22.75 29.84 31.34
C VAL D 511 23.18 28.47 31.86
N ASP D 512 22.49 28.00 32.89
CA ASP D 512 22.67 26.62 33.35
C ASP D 512 21.83 25.63 32.55
N ASN D 513 20.63 26.05 32.12
CA ASN D 513 19.66 25.17 31.48
C ASN D 513 19.21 25.77 30.15
N ILE D 514 19.13 24.91 29.14
CA ILE D 514 18.66 25.29 27.81
C ILE D 514 17.39 24.50 27.52
N ILE D 515 16.29 25.21 27.27
CA ILE D 515 14.99 24.60 27.00
C ILE D 515 14.62 24.87 25.55
N ARG D 516 14.29 23.82 24.82
CA ARG D 516 13.92 23.91 23.41
C ARG D 516 12.49 23.44 23.24
N ALA D 517 11.59 24.36 22.90
CA ALA D 517 10.21 24.01 22.63
C ALA D 517 10.08 23.30 21.28
N ARG D 518 8.98 22.58 21.11
CA ARG D 518 8.72 21.89 19.86
C ARG D 518 8.61 22.89 18.72
N PRO D 519 9.33 22.71 17.63
CA PRO D 519 9.27 23.67 16.52
C PRO D 519 7.87 23.75 15.92
N ARG D 520 7.59 24.88 15.27
CA ARG D 520 6.30 25.12 14.66
C ARG D 520 6.42 25.26 13.15
N VAL E 5 33.18 35.36 51.28
CA VAL E 5 33.12 33.94 51.61
C VAL E 5 32.84 33.07 50.38
N PRO E 6 31.86 33.44 49.52
CA PRO E 6 31.70 32.71 48.26
C PRO E 6 32.79 33.06 47.26
N SER E 7 32.67 32.57 46.03
CA SER E 7 33.60 32.77 44.93
C SER E 7 34.95 32.09 45.18
N ASN E 8 35.16 31.49 46.36
CA ASN E 8 36.40 30.84 46.72
C ASN E 8 36.19 29.34 46.85
N ALA E 9 37.24 28.64 47.26
CA ALA E 9 37.25 27.19 47.44
C ALA E 9 36.93 26.55 46.08
N THR E 10 35.91 25.72 45.95
CA THR E 10 35.58 25.07 44.70
C THR E 10 34.10 25.24 44.38
N PHE E 11 33.75 25.00 43.12
CA PHE E 11 32.38 25.06 42.65
C PHE E 11 31.97 23.70 42.10
N LYS E 12 30.75 23.29 42.43
CA LYS E 12 30.28 21.97 42.03
C LYS E 12 29.99 21.93 40.54
N ASN E 13 30.52 20.92 39.87
CA ASN E 13 30.34 20.71 38.43
C ASN E 13 29.75 19.32 38.20
N LYS E 14 29.26 19.11 36.98
CA LYS E 14 28.57 17.89 36.55
C LYS E 14 27.56 17.45 37.61
N GLU E 15 26.46 18.19 37.72
CA GLU E 15 25.45 17.93 38.74
C GLU E 15 24.48 16.83 38.35
N LYS E 16 24.65 16.22 37.18
CA LYS E 16 23.78 15.11 36.79
C LYS E 16 23.76 13.97 37.80
N PRO E 17 24.88 13.52 38.38
CA PRO E 17 24.80 12.50 39.44
C PRO E 17 23.90 12.88 40.60
N GLN E 18 23.77 14.17 40.91
CA GLN E 18 22.82 14.58 41.94
C GLN E 18 21.39 14.28 41.53
N GLU E 19 21.10 14.42 40.23
CA GLU E 19 19.77 14.07 39.73
C GLU E 19 19.61 12.57 39.53
N VAL E 20 20.69 11.87 39.16
CA VAL E 20 20.62 10.42 38.97
C VAL E 20 20.34 9.73 40.30
N ARG E 21 20.98 10.19 41.38
CA ARG E 21 20.71 9.60 42.69
C ARG E 21 19.27 9.87 43.14
N LYS E 22 18.72 11.02 42.78
CA LYS E 22 17.32 11.29 43.11
C LYS E 22 16.38 10.41 42.28
N ALA E 23 16.72 10.20 41.00
CA ALA E 23 15.89 9.35 40.16
C ALA E 23 15.93 7.89 40.61
N ASN E 24 17.04 7.46 41.21
CA ASN E 24 17.14 6.09 41.71
C ASN E 24 16.39 5.91 43.02
N ILE E 25 16.36 6.94 43.87
CA ILE E 25 15.63 6.84 45.13
C ILE E 25 14.13 6.87 44.89
N ILE E 26 13.67 7.78 44.01
CA ILE E 26 12.24 7.88 43.72
C ILE E 26 11.73 6.60 43.08
N ALA E 27 12.52 6.02 42.17
CA ALA E 27 12.11 4.78 41.52
C ALA E 27 12.13 3.60 42.49
N ALA E 28 13.02 3.63 43.47
CA ALA E 28 13.07 2.54 44.46
C ALA E 28 11.95 2.66 45.48
N ARG E 29 11.61 3.89 45.88
CA ARG E 29 10.52 4.07 46.83
C ARG E 29 9.17 3.76 46.19
N SER E 30 9.05 3.91 44.88
CA SER E 30 7.81 3.57 44.20
C SER E 30 7.55 2.06 44.23
N VAL E 31 8.61 1.26 44.16
CA VAL E 31 8.46 -0.18 44.28
C VAL E 31 8.14 -0.59 45.71
N ALA E 32 8.73 0.13 46.69
CA ALA E 32 8.49 -0.18 48.09
C ALA E 32 7.08 0.19 48.53
N ASP E 33 6.37 1.01 47.76
CA ASP E 33 5.01 1.39 48.13
C ASP E 33 4.01 0.28 47.84
N ALA E 34 4.22 -0.49 46.76
CA ALA E 34 3.31 -1.57 46.44
C ALA E 34 3.45 -2.73 47.44
N ILE E 35 4.68 -3.04 47.84
CA ILE E 35 4.90 -4.11 48.81
C ILE E 35 4.54 -3.66 50.22
N ARG E 36 4.47 -2.35 50.47
CA ARG E 36 4.16 -1.86 51.80
C ARG E 36 2.78 -2.29 52.28
N THR E 37 1.82 -2.40 51.35
CA THR E 37 0.47 -2.81 51.72
C THR E 37 0.39 -4.26 52.17
N SER E 38 1.42 -5.06 51.94
CA SER E 38 1.44 -6.47 52.34
C SER E 38 2.12 -6.70 53.68
N LEU E 39 2.56 -5.64 54.35
CA LEU E 39 3.26 -5.78 55.62
C LEU E 39 2.27 -6.01 56.77
N GLY E 40 2.66 -6.88 57.69
CA GLY E 40 1.87 -7.14 58.87
C GLY E 40 0.75 -8.14 58.63
N PRO E 41 0.10 -8.58 59.71
CA PRO E 41 -1.03 -9.51 59.56
C PRO E 41 -2.17 -8.96 58.73
N LYS E 42 -2.28 -7.64 58.61
CA LYS E 42 -3.30 -7.01 57.80
C LYS E 42 -2.91 -6.87 56.33
N GLY E 43 -1.74 -7.38 55.95
CA GLY E 43 -1.32 -7.30 54.57
C GLY E 43 -2.19 -8.14 53.65
N MET E 44 -2.10 -7.84 52.36
CA MET E 44 -2.87 -8.53 51.33
C MET E 44 -1.92 -9.21 50.35
N ASP E 45 -2.42 -10.26 49.71
CA ASP E 45 -1.64 -10.99 48.74
C ASP E 45 -1.55 -10.21 47.42
N LYS E 46 -0.49 -10.48 46.66
CA LYS E 46 -0.25 -9.84 45.38
C LYS E 46 -0.27 -10.90 44.28
N MET E 47 -1.25 -10.80 43.39
CA MET E 47 -1.39 -11.74 42.29
C MET E 47 -0.65 -11.21 41.06
N ILE E 48 0.25 -12.03 40.53
CA ILE E 48 1.10 -11.64 39.40
C ILE E 48 0.96 -12.70 38.31
N LYS E 49 0.69 -12.26 37.09
CA LYS E 49 0.58 -13.14 35.93
C LYS E 49 1.88 -13.05 35.13
N THR E 50 2.55 -14.18 34.96
CA THR E 50 3.82 -14.21 34.25
C THR E 50 3.59 -14.12 32.74
N SER E 51 4.69 -14.12 31.99
CA SER E 51 4.61 -14.02 30.53
C SER E 51 4.25 -15.36 29.90
N ARG E 52 4.60 -16.48 30.54
CA ARG E 52 4.32 -17.80 30.00
C ARG E 52 2.91 -18.29 30.32
N GLY E 53 2.13 -17.51 31.06
CA GLY E 53 0.77 -17.90 31.43
C GLY E 53 0.62 -18.36 32.87
N GLU E 54 1.72 -18.66 33.56
CA GLU E 54 1.63 -19.10 34.94
C GLU E 54 1.26 -17.92 35.84
N ILE E 55 0.29 -18.15 36.73
CA ILE E 55 -0.21 -17.13 37.64
C ILE E 55 0.14 -17.56 39.06
N ILE E 56 0.85 -16.70 39.78
CA ILE E 56 1.35 -17.00 41.11
C ILE E 56 0.82 -15.94 42.08
N ILE E 57 0.12 -16.39 43.12
CA ILE E 57 -0.35 -15.52 44.19
C ILE E 57 0.55 -15.79 45.40
N SER E 58 1.37 -14.80 45.75
CA SER E 58 2.37 -14.97 46.80
C SER E 58 2.32 -13.81 47.78
N ASN E 59 2.30 -14.13 49.07
CA ASN E 59 2.41 -13.10 50.10
C ASN E 59 3.86 -12.69 50.29
N ASP E 60 4.79 -13.64 50.16
CA ASP E 60 6.21 -13.35 50.37
C ASP E 60 6.69 -12.31 49.37
N GLY E 61 7.35 -11.27 49.88
CA GLY E 61 7.83 -10.19 49.03
C GLY E 61 8.93 -10.60 48.07
N HIS E 62 9.62 -11.71 48.35
CA HIS E 62 10.67 -12.17 47.45
C HIS E 62 10.09 -12.65 46.13
N THR E 63 9.07 -13.52 46.20
CA THR E 63 8.44 -14.00 44.98
C THR E 63 7.73 -12.88 44.23
N ILE E 64 7.16 -11.92 44.96
CA ILE E 64 6.50 -10.78 44.33
C ILE E 64 7.48 -9.99 43.48
N LEU E 65 8.67 -9.74 44.02
CA LEU E 65 9.68 -8.98 43.28
C LEU E 65 10.38 -9.83 42.23
N LYS E 66 10.50 -11.14 42.47
CA LYS E 66 11.20 -12.00 41.51
C LYS E 66 10.36 -12.26 40.27
N GLN E 67 9.07 -12.58 40.47
CA GLN E 67 8.20 -12.84 39.32
C GLN E 67 7.85 -11.59 38.55
N MET E 68 8.02 -10.41 39.15
CA MET E 68 7.72 -9.14 38.49
C MET E 68 8.98 -8.61 37.82
N ALA E 69 8.86 -8.28 36.54
CA ALA E 69 9.98 -7.76 35.75
C ALA E 69 9.99 -6.25 35.84
N ILE E 70 11.04 -5.68 36.42
CA ILE E 70 11.17 -4.25 36.61
C ILE E 70 12.12 -3.72 35.54
N LEU E 71 11.72 -2.63 34.87
CA LEU E 71 12.55 -2.03 33.84
C LEU E 71 13.65 -1.14 34.40
N HIS E 72 13.52 -0.68 35.64
CA HIS E 72 14.49 0.25 36.19
C HIS E 72 15.71 -0.51 36.69
N PRO E 73 16.93 -0.07 36.36
CA PRO E 73 18.12 -0.84 36.77
C PRO E 73 18.29 -0.95 38.27
N VAL E 74 18.12 0.15 39.00
CA VAL E 74 18.37 0.12 40.44
C VAL E 74 17.21 -0.52 41.19
N ALA E 75 15.97 -0.36 40.69
CA ALA E 75 14.83 -0.94 41.37
C ALA E 75 14.86 -2.46 41.37
N ARG E 76 15.62 -3.07 40.47
CA ARG E 76 15.77 -4.53 40.48
C ARG E 76 16.70 -5.00 41.57
N MET E 77 17.49 -4.10 42.16
CA MET E 77 18.38 -4.51 43.25
C MET E 77 17.59 -4.91 44.49
N LEU E 78 16.37 -4.39 44.65
CA LEU E 78 15.52 -4.80 45.76
C LEU E 78 15.09 -6.25 45.66
N VAL E 79 15.11 -6.82 44.44
CA VAL E 79 14.78 -8.23 44.29
C VAL E 79 15.82 -9.11 44.97
N GLU E 80 17.10 -8.74 44.85
CA GLU E 80 18.17 -9.50 45.48
C GLU E 80 18.31 -9.18 46.97
N VAL E 81 17.70 -8.10 47.45
CA VAL E 81 17.70 -7.81 48.88
C VAL E 81 16.88 -8.85 49.62
N SER E 82 15.67 -9.15 49.11
CA SER E 82 14.85 -10.20 49.69
C SER E 82 15.47 -11.57 49.51
N ALA E 83 16.34 -11.75 48.51
CA ALA E 83 17.03 -13.02 48.35
C ALA E 83 18.01 -13.28 49.48
N ALA E 84 18.75 -12.25 49.90
CA ALA E 84 19.66 -12.42 51.03
C ALA E 84 18.88 -12.59 52.34
N GLN E 85 17.70 -11.99 52.45
CA GLN E 85 16.88 -12.18 53.65
C GLN E 85 16.28 -13.57 53.68
N ASP E 86 15.90 -14.12 52.52
CA ASP E 86 15.32 -15.45 52.47
C ASP E 86 16.38 -16.54 52.56
N SER E 87 17.60 -16.27 52.11
CA SER E 87 18.65 -17.28 52.11
C SER E 87 19.23 -17.48 53.51
N GLU E 88 19.43 -16.39 54.25
CA GLU E 88 20.04 -16.47 55.58
C GLU E 88 18.98 -16.75 56.65
N ALA E 89 18.17 -15.74 56.96
CA ALA E 89 17.15 -15.90 58.00
C ALA E 89 15.92 -16.61 57.47
N GLY E 90 15.47 -16.27 56.26
CA GLY E 90 14.28 -16.86 55.68
C GLY E 90 12.99 -16.16 56.01
N ASP E 91 13.00 -15.20 56.94
CA ASP E 91 11.82 -14.46 57.33
C ASP E 91 12.13 -12.97 57.32
N GLY E 92 11.11 -12.17 57.02
CA GLY E 92 11.26 -10.74 56.97
C GLY E 92 11.66 -10.18 55.62
N THR E 93 11.39 -10.91 54.53
CA THR E 93 11.74 -10.41 53.21
C THR E 93 10.89 -9.20 52.82
N THR E 94 9.69 -9.08 53.37
CA THR E 94 8.85 -7.92 53.09
C THR E 94 9.31 -6.70 53.89
N SER E 95 9.74 -6.91 55.13
CA SER E 95 10.16 -5.79 55.97
C SER E 95 11.48 -5.20 55.50
N VAL E 96 12.41 -6.04 55.04
CA VAL E 96 13.73 -5.56 54.64
C VAL E 96 13.62 -4.69 53.40
N VAL E 97 12.62 -4.92 52.54
CA VAL E 97 12.43 -4.06 51.38
C VAL E 97 11.87 -2.72 51.80
N ILE E 98 10.96 -2.71 52.77
CA ILE E 98 10.40 -1.45 53.25
C ILE E 98 11.44 -0.64 54.00
N LEU E 99 12.26 -1.30 54.82
CA LEU E 99 13.32 -0.60 55.54
C LEU E 99 14.35 -0.02 54.58
N THR E 100 14.61 -0.69 53.46
CA THR E 100 15.53 -0.16 52.47
C THR E 100 14.96 1.08 51.79
N GLY E 101 13.68 1.03 51.41
CA GLY E 101 13.04 2.19 50.82
C GLY E 101 12.84 3.33 51.80
N ALA E 102 12.75 3.02 53.10
CA ALA E 102 12.59 4.07 54.09
C ALA E 102 13.90 4.82 54.32
N LEU E 103 15.03 4.10 54.31
CA LEU E 103 16.32 4.77 54.47
C LEU E 103 16.65 5.63 53.26
N LEU E 104 16.19 5.24 52.07
CA LEU E 104 16.41 6.06 50.89
C LEU E 104 15.58 7.34 50.95
N GLY E 105 14.38 7.26 51.52
CA GLY E 105 13.57 8.46 51.66
C GLY E 105 14.13 9.42 52.69
N ALA E 106 14.73 8.90 53.75
CA ALA E 106 15.35 9.76 54.76
C ALA E 106 16.64 10.36 54.24
N ALA E 107 17.39 9.60 53.43
CA ALA E 107 18.63 10.09 52.85
C ALA E 107 18.39 10.94 51.60
N GLU E 108 17.16 11.00 51.11
CA GLU E 108 16.87 11.81 49.93
C GLU E 108 16.95 13.30 50.26
N ARG E 109 16.41 13.71 51.41
CA ARG E 109 16.50 15.10 51.83
C ARG E 109 17.90 15.48 52.29
N LEU E 110 18.73 14.50 52.64
CA LEU E 110 20.09 14.78 53.08
C LEU E 110 21.01 15.17 51.94
N LEU E 111 20.64 14.86 50.70
CA LEU E 111 21.50 15.20 49.56
C LEU E 111 21.44 16.70 49.27
N ASN E 112 20.27 17.31 49.40
CA ASN E 112 20.12 18.75 49.16
C ASN E 112 20.66 19.60 50.31
N LYS E 113 21.02 18.99 51.43
CA LYS E 113 21.51 19.73 52.58
C LYS E 113 23.03 19.85 52.63
N GLY E 114 23.73 19.35 51.61
CA GLY E 114 25.16 19.51 51.52
C GLY E 114 25.99 18.40 52.14
N ILE E 115 25.42 17.21 52.31
CA ILE E 115 26.12 16.08 52.90
C ILE E 115 26.59 15.17 51.78
N HIS E 116 27.85 14.75 51.83
CA HIS E 116 28.41 13.90 50.79
C HIS E 116 27.77 12.52 50.86
N PRO E 117 27.54 11.86 49.72
CA PRO E 117 26.89 10.54 49.75
C PRO E 117 27.64 9.51 50.56
N THR E 118 28.98 9.51 50.52
CA THR E 118 29.74 8.56 51.30
C THR E 118 29.59 8.80 52.79
N ILE E 119 29.36 10.05 53.19
CA ILE E 119 29.10 10.34 54.60
C ILE E 119 27.77 9.74 55.02
N ILE E 120 26.77 9.79 54.13
CA ILE E 120 25.48 9.16 54.41
C ILE E 120 25.62 7.65 54.48
N ALA E 121 26.40 7.06 53.57
CA ALA E 121 26.58 5.62 53.57
C ALA E 121 27.37 5.16 54.79
N ASP E 122 28.39 5.92 55.18
CA ASP E 122 29.16 5.56 56.37
C ASP E 122 28.36 5.79 57.65
N SER E 123 27.35 6.66 57.60
CA SER E 123 26.53 6.90 58.78
C SER E 123 25.53 5.77 59.00
N PHE E 124 25.00 5.18 57.92
CA PHE E 124 24.07 4.08 58.07
C PHE E 124 24.79 2.80 58.51
N GLN E 125 26.00 2.58 58.01
CA GLN E 125 26.75 1.40 58.43
C GLN E 125 27.14 1.47 59.90
N SER E 126 27.47 2.67 60.39
CA SER E 126 27.78 2.82 61.80
C SER E 126 26.53 2.72 62.66
N ALA E 127 25.38 3.15 62.14
CA ALA E 127 24.13 3.05 62.89
C ALA E 127 23.57 1.64 62.85
N ALA E 128 23.81 0.89 61.77
CA ALA E 128 23.32 -0.49 61.70
C ALA E 128 24.11 -1.40 62.63
N LYS E 129 25.41 -1.15 62.77
CA LYS E 129 26.22 -1.95 63.68
C LYS E 129 25.83 -1.69 65.13
N ARG E 130 25.51 -0.43 65.46
CA ARG E 130 25.03 -0.12 66.80
C ARG E 130 23.65 -0.70 67.05
N SER E 131 22.81 -0.79 66.00
CA SER E 131 21.48 -1.37 66.16
C SER E 131 21.53 -2.87 66.44
N VAL E 132 22.63 -3.54 66.10
CA VAL E 132 22.74 -4.97 66.39
C VAL E 132 22.87 -5.19 67.89
N ASP E 133 23.73 -4.42 68.56
CA ASP E 133 23.89 -4.54 70.00
C ASP E 133 22.64 -4.14 70.77
N ILE E 134 21.76 -3.35 70.16
CA ILE E 134 20.50 -2.99 70.81
C ILE E 134 19.61 -4.22 70.96
N LEU E 135 19.56 -5.06 69.93
CA LEU E 135 18.74 -6.26 69.98
C LEU E 135 19.37 -7.40 70.76
N LEU E 136 20.68 -7.36 70.99
CA LEU E 136 21.34 -8.43 71.72
C LEU E 136 21.02 -8.40 73.20
N GLU E 137 20.79 -7.21 73.75
CA GLU E 137 20.44 -7.11 75.17
C GLU E 137 18.98 -7.43 75.43
N MET E 138 18.09 -7.12 74.48
CA MET E 138 16.67 -7.32 74.69
C MET E 138 16.24 -8.76 74.47
N CYS E 139 16.94 -9.50 73.61
CA CYS E 139 16.56 -10.88 73.34
C CYS E 139 16.86 -11.77 74.55
N HIS E 140 16.08 -12.84 74.67
CA HIS E 140 16.23 -13.79 75.77
C HIS E 140 16.48 -15.18 75.19
N LYS E 141 17.43 -15.89 75.76
CA LYS E 141 17.74 -17.24 75.32
C LYS E 141 16.64 -18.20 75.75
N VAL E 142 16.47 -19.27 74.96
CA VAL E 142 15.43 -20.25 75.20
C VAL E 142 16.07 -21.63 75.32
N SER E 143 15.30 -22.56 75.91
CA SER E 143 15.76 -23.93 76.07
C SER E 143 15.83 -24.63 74.72
N LEU E 144 16.56 -25.75 74.70
CA LEU E 144 16.73 -26.52 73.48
C LEU E 144 15.39 -26.87 72.85
N SER E 145 14.49 -27.48 73.63
CA SER E 145 13.16 -27.84 73.16
C SER E 145 12.13 -27.27 74.14
N ASP E 146 11.33 -26.31 73.67
CA ASP E 146 10.28 -25.72 74.47
C ASP E 146 9.03 -25.59 73.62
N ARG E 147 7.94 -26.23 74.05
CA ARG E 147 6.69 -26.17 73.30
C ARG E 147 6.02 -24.81 73.39
N GLU E 148 6.31 -24.02 74.43
CA GLU E 148 5.66 -22.73 74.59
C GLU E 148 6.30 -21.67 73.69
N GLN E 149 7.63 -21.63 73.62
CA GLN E 149 8.29 -20.57 72.86
C GLN E 149 8.30 -20.87 71.36
N LEU E 150 8.45 -22.14 70.97
CA LEU E 150 8.57 -22.47 69.56
C LEU E 150 7.24 -22.39 68.83
N VAL E 151 6.17 -22.87 69.47
CA VAL E 151 4.86 -22.87 68.80
C VAL E 151 4.32 -21.45 68.66
N ARG E 152 4.44 -20.65 69.71
CA ARG E 152 3.93 -19.27 69.65
C ARG E 152 4.73 -18.42 68.66
N ALA E 153 6.03 -18.72 68.50
CA ALA E 153 6.83 -17.98 67.54
C ALA E 153 6.57 -18.43 66.11
N ALA E 154 6.18 -19.69 65.91
CA ALA E 154 5.89 -20.17 64.57
C ALA E 154 4.55 -19.63 64.05
N SER E 155 3.54 -19.60 64.92
CA SER E 155 2.24 -19.06 64.53
C SER E 155 2.30 -17.56 64.31
N THR E 156 3.14 -16.87 65.09
CA THR E 156 3.29 -15.42 64.91
C THR E 156 4.02 -15.09 63.62
N SER E 157 5.04 -15.89 63.28
CA SER E 157 5.81 -15.64 62.06
C SER E 157 4.96 -15.81 60.81
N LEU E 158 3.87 -16.57 60.88
CA LEU E 158 2.98 -16.69 59.73
C LEU E 158 2.36 -15.34 59.38
N SER E 159 1.78 -14.67 60.37
CA SER E 159 1.22 -13.32 60.22
C SER E 159 0.17 -13.35 59.12
N SER E 160 0.36 -12.66 58.00
CA SER E 160 -0.68 -12.49 56.99
C SER E 160 -0.82 -13.68 56.05
N LYS E 161 -0.03 -14.75 56.23
CA LYS E 161 -0.16 -15.92 55.36
C LYS E 161 -1.56 -16.51 55.47
N ILE E 162 -2.00 -17.13 54.37
CA ILE E 162 -3.34 -17.73 54.32
C ILE E 162 -3.50 -18.85 55.33
N VAL E 163 -2.38 -19.41 55.82
CA VAL E 163 -2.44 -20.51 56.78
C VAL E 163 -2.59 -20.03 58.21
N SER E 164 -2.70 -18.72 58.43
CA SER E 164 -2.85 -18.20 59.80
C SER E 164 -4.10 -18.73 60.46
N GLN E 165 -5.19 -18.88 59.69
CA GLN E 165 -6.40 -19.48 60.25
C GLN E 165 -6.24 -20.98 60.44
N TYR E 166 -5.39 -21.62 59.64
CA TYR E 166 -5.07 -23.03 59.79
C TYR E 166 -3.89 -23.28 60.72
N SER E 167 -3.34 -22.23 61.33
CA SER E 167 -2.15 -22.34 62.16
C SER E 167 -2.35 -23.16 63.42
N SER E 168 -3.58 -23.58 63.73
CA SER E 168 -3.83 -24.34 64.94
C SER E 168 -3.02 -25.64 64.96
N PHE E 169 -3.21 -26.48 63.95
CA PHE E 169 -2.44 -27.71 63.84
C PHE E 169 -1.15 -27.54 63.05
N LEU E 170 -0.97 -26.43 62.33
CA LEU E 170 0.23 -26.22 61.56
C LEU E 170 1.39 -25.71 62.41
N ALA E 171 1.09 -25.02 63.52
CA ALA E 171 2.17 -24.52 64.37
C ALA E 171 2.96 -25.66 65.03
N PRO E 172 2.32 -26.69 65.61
CA PRO E 172 3.12 -27.84 66.08
C PRO E 172 3.76 -28.63 64.95
N LEU E 173 3.28 -28.47 63.72
CA LEU E 173 3.85 -29.23 62.60
C LEU E 173 5.26 -28.75 62.29
N ALA E 174 5.46 -27.43 62.22
CA ALA E 174 6.79 -26.90 61.91
C ALA E 174 7.73 -27.04 63.09
N VAL E 175 7.21 -27.02 64.32
CA VAL E 175 8.06 -27.18 65.50
C VAL E 175 8.58 -28.60 65.59
N ASP E 176 7.69 -29.59 65.51
CA ASP E 176 8.10 -30.99 65.61
C ASP E 176 9.00 -31.42 64.47
N SER E 177 8.98 -30.71 63.34
CA SER E 177 9.85 -31.07 62.22
C SER E 177 11.30 -30.73 62.54
N VAL E 178 11.54 -29.58 63.18
CA VAL E 178 12.90 -29.18 63.50
C VAL E 178 13.43 -29.92 64.73
N LEU E 179 12.56 -30.23 65.69
CA LEU E 179 12.99 -30.90 66.92
C LEU E 179 13.57 -32.28 66.66
N LYS E 180 13.27 -32.89 65.51
CA LYS E 180 13.84 -34.20 65.20
C LYS E 180 15.34 -34.12 64.94
N ILE E 181 15.86 -32.95 64.56
CA ILE E 181 17.28 -32.73 64.36
C ILE E 181 17.74 -31.74 65.42
N SER E 182 18.53 -32.21 66.38
CA SER E 182 19.00 -31.38 67.49
C SER E 182 20.52 -31.47 67.59
N ASP E 183 21.15 -30.31 67.79
CA ASP E 183 22.59 -30.24 67.94
C ASP E 183 22.94 -29.06 68.83
N GLU E 184 24.05 -29.18 69.56
CA GLU E 184 24.55 -28.10 70.39
C GLU E 184 25.46 -27.14 69.64
N ASN E 185 25.87 -27.48 68.42
CA ASN E 185 26.74 -26.61 67.62
C ASN E 185 25.98 -25.57 66.83
N SER E 186 24.64 -25.55 66.93
CA SER E 186 23.80 -24.57 66.23
C SER E 186 24.02 -24.62 64.72
N LYS E 187 23.91 -25.83 64.16
CA LYS E 187 24.02 -25.99 62.72
C LYS E 187 22.82 -25.36 62.02
N ASN E 188 23.00 -25.10 60.71
CA ASN E 188 21.98 -24.42 59.92
C ASN E 188 20.70 -25.24 59.75
N VAL E 189 20.70 -26.51 60.18
CA VAL E 189 19.51 -27.36 60.12
C VAL E 189 19.04 -27.46 58.68
N ASP E 190 19.77 -28.22 57.87
CA ASP E 190 19.43 -28.39 56.46
C ASP E 190 17.99 -28.83 56.30
N LEU E 191 17.27 -28.19 55.38
CA LEU E 191 15.86 -28.47 55.13
C LEU E 191 15.66 -29.56 54.09
N ASN E 192 16.73 -30.17 53.58
CA ASN E 192 16.58 -31.26 52.62
C ASN E 192 15.91 -32.47 53.26
N ASP E 193 16.11 -32.67 54.57
CA ASP E 193 15.44 -33.77 55.26
C ASP E 193 13.95 -33.52 55.43
N ILE E 194 13.52 -32.26 55.41
CA ILE E 194 12.11 -31.91 55.52
C ILE E 194 11.57 -31.76 54.09
N ARG E 195 10.69 -32.68 53.69
CA ARG E 195 10.14 -32.68 52.34
C ARG E 195 8.66 -32.34 52.41
N LEU E 196 8.27 -31.28 51.68
CA LEU E 196 6.88 -30.86 51.57
C LEU E 196 6.38 -31.24 50.18
N VAL E 197 5.49 -32.23 50.13
CA VAL E 197 4.97 -32.77 48.87
C VAL E 197 3.62 -32.14 48.60
N LYS E 198 3.42 -31.67 47.37
CA LYS E 198 2.20 -31.00 46.97
C LYS E 198 1.30 -31.96 46.19
N LYS E 199 0.03 -32.00 46.57
CA LYS E 199 -0.97 -32.83 45.88
C LYS E 199 -2.17 -31.96 45.55
N VAL E 200 -2.65 -32.06 44.31
CA VAL E 200 -3.78 -31.26 43.86
C VAL E 200 -5.06 -31.88 44.38
N GLY E 201 -5.92 -31.06 44.98
CA GLY E 201 -7.19 -31.51 45.50
C GLY E 201 -7.19 -31.58 47.01
N GLY E 202 -8.40 -31.64 47.58
CA GLY E 202 -8.56 -31.72 49.01
C GLY E 202 -8.60 -30.36 49.67
N THR E 203 -8.43 -30.38 50.99
CA THR E 203 -8.43 -29.17 51.80
C THR E 203 -7.14 -29.11 52.62
N ILE E 204 -6.80 -27.90 53.06
CA ILE E 204 -5.59 -27.72 53.86
C ILE E 204 -5.76 -28.35 55.24
N ASP E 205 -7.00 -28.48 55.71
CA ASP E 205 -7.23 -29.09 57.01
C ASP E 205 -6.78 -30.54 57.05
N ASP E 206 -6.74 -31.21 55.90
CA ASP E 206 -6.29 -32.60 55.83
C ASP E 206 -4.78 -32.74 55.89
N THR E 207 -4.04 -31.64 55.85
CA THR E 207 -2.58 -31.71 55.91
C THR E 207 -2.13 -32.19 57.29
N GLU E 208 -1.29 -33.21 57.30
CA GLU E 208 -0.78 -33.77 58.54
C GLU E 208 0.58 -34.41 58.27
N MET E 209 1.36 -34.58 59.35
CA MET E 209 2.67 -35.19 59.23
C MET E 209 2.53 -36.69 59.01
N ILE E 210 3.30 -37.22 58.06
CA ILE E 210 3.32 -38.64 57.75
C ILE E 210 4.41 -39.30 58.57
N ASP E 211 4.10 -40.46 59.14
CA ASP E 211 5.06 -41.17 59.99
C ASP E 211 6.21 -41.79 59.20
N GLY E 212 6.17 -41.74 57.87
CA GLY E 212 7.20 -42.35 57.06
C GLY E 212 7.34 -41.64 55.73
N VAL E 213 8.24 -42.16 54.90
CA VAL E 213 8.52 -41.56 53.61
C VAL E 213 7.31 -41.73 52.68
N VAL E 214 6.96 -40.66 51.98
CA VAL E 214 5.86 -40.67 51.02
C VAL E 214 6.46 -40.66 49.62
N LEU E 215 5.79 -41.35 48.69
CA LEU E 215 6.22 -41.43 47.31
C LEU E 215 5.32 -40.56 46.45
N THR E 216 5.92 -39.67 45.66
CA THR E 216 5.14 -38.78 44.80
C THR E 216 4.51 -39.55 43.65
N GLN E 217 5.31 -40.32 42.93
CA GLN E 217 4.79 -41.10 41.81
C GLN E 217 3.98 -42.29 42.30
N THR E 218 3.09 -42.76 41.44
CA THR E 218 2.21 -43.88 41.77
C THR E 218 2.84 -45.19 41.31
N ALA E 219 2.13 -46.29 41.54
CA ALA E 219 2.60 -47.60 41.14
C ALA E 219 2.49 -47.78 39.63
N ILE E 220 3.25 -48.74 39.11
CA ILE E 220 3.22 -49.03 37.68
C ILE E 220 1.83 -49.48 37.26
N LYS E 221 1.24 -50.40 38.03
CA LYS E 221 -0.12 -50.91 37.88
C LYS E 221 -0.34 -51.72 36.61
N SER E 222 0.67 -51.84 35.74
CA SER E 222 0.53 -52.69 34.56
C SER E 222 0.18 -54.12 34.94
N ALA E 223 1.01 -54.73 35.79
CA ALA E 223 0.65 -56.03 36.35
C ALA E 223 -0.40 -55.88 37.44
N GLY E 224 -0.16 -54.98 38.40
CA GLY E 224 -1.12 -54.68 39.44
C GLY E 224 -1.54 -55.88 40.27
N GLY E 225 -0.62 -56.81 40.51
CA GLY E 225 -0.94 -58.02 41.24
C GLY E 225 -1.30 -57.77 42.70
N PRO E 226 -0.38 -57.21 43.47
CA PRO E 226 -0.69 -56.90 44.88
C PRO E 226 -1.66 -55.73 44.99
N THR E 227 -2.69 -55.92 45.80
CA THR E 227 -3.60 -54.82 46.11
C THR E 227 -3.05 -53.95 47.25
N ARG E 228 -2.52 -54.58 48.30
CA ARG E 228 -2.04 -53.87 49.48
C ARG E 228 -0.91 -54.69 50.09
N LYS E 229 0.09 -54.00 50.63
CA LYS E 229 1.28 -54.64 51.18
C LYS E 229 1.38 -54.31 52.67
N GLU E 230 1.54 -55.35 53.49
CA GLU E 230 1.71 -55.21 54.93
C GLU E 230 2.97 -55.95 55.36
N LYS E 231 3.78 -55.29 56.19
CA LYS E 231 5.04 -55.85 56.69
C LYS E 231 5.94 -56.27 55.52
N ALA E 232 6.38 -55.26 54.79
CA ALA E 232 7.19 -55.45 53.59
C ALA E 232 8.52 -54.74 53.74
N LYS E 233 9.53 -55.23 53.02
CA LYS E 233 10.85 -54.64 53.00
C LYS E 233 11.02 -53.85 51.71
N ILE E 234 11.28 -52.55 51.84
CA ILE E 234 11.38 -51.67 50.68
C ILE E 234 12.78 -51.76 50.11
N GLY E 235 12.89 -52.14 48.84
CA GLY E 235 14.15 -52.22 48.16
C GLY E 235 14.43 -50.98 47.31
N LEU E 236 15.70 -50.82 46.95
CA LEU E 236 16.14 -49.71 46.09
C LEU E 236 16.98 -50.28 44.96
N ILE E 237 16.52 -50.09 43.73
CA ILE E 237 17.17 -50.61 42.55
C ILE E 237 17.71 -49.44 41.74
N GLN E 238 19.03 -49.32 41.69
CA GLN E 238 19.67 -48.29 40.88
C GLN E 238 20.02 -48.78 39.47
N PHE E 239 19.88 -50.07 39.20
CA PHE E 239 20.14 -50.64 37.89
C PHE E 239 18.82 -50.76 37.11
N GLN E 240 18.90 -51.37 35.94
CA GLN E 240 17.74 -51.58 35.07
C GLN E 240 17.36 -53.05 35.02
N ILE E 241 16.06 -53.31 35.00
CA ILE E 241 15.53 -54.67 34.90
C ILE E 241 15.02 -54.85 33.48
N SER E 242 15.71 -55.69 32.70
CA SER E 242 15.39 -55.91 31.30
C SER E 242 16.11 -57.16 30.82
N PRO E 243 15.90 -57.60 29.57
CA PRO E 243 16.76 -58.67 29.04
C PRO E 243 18.19 -58.20 28.92
N PRO E 244 19.17 -59.10 29.04
CA PRO E 244 20.56 -58.66 29.10
C PRO E 244 20.97 -57.94 27.82
N LYS E 245 21.51 -56.73 27.99
CA LYS E 245 22.10 -55.95 26.92
C LYS E 245 23.26 -55.18 27.50
N PRO E 246 24.34 -55.00 26.75
CA PRO E 246 25.39 -54.07 27.19
C PRO E 246 24.90 -52.64 27.13
N ASP E 247 25.62 -51.76 27.84
CA ASP E 247 25.30 -50.33 27.78
C ASP E 247 25.70 -49.71 26.45
N THR E 248 26.35 -50.46 25.57
CA THR E 248 26.77 -50.00 24.26
C THR E 248 26.19 -50.92 23.20
N GLU E 249 26.24 -50.46 21.95
CA GLU E 249 25.66 -51.19 20.83
C GLU E 249 26.22 -52.60 20.74
N ASN E 250 25.34 -53.57 20.50
CA ASN E 250 25.69 -54.97 20.40
C ASN E 250 25.00 -55.59 19.19
N ASN E 251 25.43 -56.80 18.83
CA ASN E 251 24.86 -57.52 17.71
C ASN E 251 24.57 -58.95 18.14
N ILE E 252 23.42 -59.47 17.71
CA ILE E 252 23.02 -60.85 17.98
C ILE E 252 22.66 -61.49 16.64
N ILE E 253 23.44 -62.50 16.24
CA ILE E 253 23.28 -63.18 14.97
C ILE E 253 22.70 -64.56 15.22
N VAL E 254 21.66 -64.91 14.48
CA VAL E 254 20.97 -66.19 14.61
C VAL E 254 21.23 -66.99 13.34
N ASN E 255 22.03 -68.05 13.45
CA ASN E 255 22.38 -68.89 12.30
C ASN E 255 21.52 -70.14 12.20
N ASP E 256 20.61 -70.38 13.16
CA ASP E 256 19.81 -71.60 13.15
C ASP E 256 18.47 -71.30 13.79
N TYR E 257 17.41 -71.93 13.27
CA TYR E 257 16.08 -71.73 13.83
C TYR E 257 15.95 -72.29 15.24
N ARG E 258 16.79 -73.26 15.61
CA ARG E 258 16.76 -73.80 16.96
C ARG E 258 17.40 -72.84 17.96
N GLN E 259 18.14 -71.83 17.49
CA GLN E 259 18.76 -70.88 18.41
C GLN E 259 17.74 -69.91 18.97
N MET E 260 16.70 -69.56 18.20
CA MET E 260 15.69 -68.64 18.70
C MET E 260 14.88 -69.24 19.85
N ASP E 261 14.78 -70.57 19.90
CA ASP E 261 14.08 -71.20 21.01
C ASP E 261 14.83 -71.01 22.31
N LYS E 262 16.16 -71.02 22.26
CA LYS E 262 16.96 -70.79 23.47
C LYS E 262 17.03 -69.32 23.83
N ILE E 263 16.91 -68.42 22.84
CA ILE E 263 16.99 -66.98 23.13
C ILE E 263 15.78 -66.54 23.94
N LEU E 264 14.58 -66.92 23.52
CA LEU E 264 13.37 -66.50 24.22
C LEU E 264 13.31 -67.09 25.63
N LYS E 265 13.91 -68.26 25.84
CA LYS E 265 13.90 -68.87 27.17
C LYS E 265 14.96 -68.24 28.07
N GLU E 266 16.13 -67.91 27.51
CA GLU E 266 17.21 -67.35 28.32
C GLU E 266 17.00 -65.87 28.63
N GLU E 267 16.33 -65.13 27.74
CA GLU E 267 15.98 -63.75 28.05
C GLU E 267 15.00 -63.68 29.21
N ARG E 268 14.06 -64.62 29.28
CA ARG E 268 13.16 -64.71 30.41
C ARG E 268 13.80 -65.36 31.62
N ALA E 269 14.85 -66.15 31.42
CA ALA E 269 15.54 -66.77 32.55
C ALA E 269 16.37 -65.74 33.32
N TYR E 270 16.89 -64.73 32.64
CA TYR E 270 17.63 -63.67 33.34
C TYR E 270 16.70 -62.86 34.23
N LEU E 271 15.51 -62.51 33.72
CA LEU E 271 14.54 -61.81 34.54
C LEU E 271 13.99 -62.71 35.65
N LEU E 272 14.04 -64.03 35.44
CA LEU E 272 13.59 -64.98 36.46
C LEU E 272 14.62 -65.12 37.56
N ASN E 273 15.92 -65.13 37.21
CA ASN E 273 16.96 -65.26 38.22
C ASN E 273 17.03 -64.04 39.12
N ILE E 274 16.65 -62.87 38.60
CA ILE E 274 16.61 -61.67 39.44
C ILE E 274 15.52 -61.80 40.50
N CYS E 275 14.35 -62.34 40.11
CA CYS E 275 13.27 -62.52 41.06
C CYS E 275 13.57 -63.60 42.10
N LYS E 276 14.48 -64.53 41.79
CA LYS E 276 14.83 -65.57 42.75
C LYS E 276 15.60 -64.99 43.93
N LYS E 277 16.58 -64.12 43.65
CA LYS E 277 17.35 -63.52 44.73
C LYS E 277 16.52 -62.54 45.55
N ILE E 278 15.51 -61.92 44.93
CA ILE E 278 14.63 -61.01 45.66
C ILE E 278 13.71 -61.81 46.58
N LYS E 279 13.21 -62.95 46.11
CA LYS E 279 12.32 -63.77 46.93
C LYS E 279 13.06 -64.37 48.12
N LYS E 280 14.34 -64.69 47.97
CA LYS E 280 15.11 -65.25 49.08
C LYS E 280 15.29 -64.23 50.20
N ALA E 281 15.39 -62.95 49.87
CA ALA E 281 15.52 -61.90 50.86
C ALA E 281 14.18 -61.34 51.32
N LYS E 282 13.08 -61.83 50.76
CA LYS E 282 11.73 -61.40 51.15
C LYS E 282 11.56 -59.89 51.00
N CYS E 283 11.88 -59.38 49.80
CA CYS E 283 11.72 -57.96 49.49
C CYS E 283 10.47 -57.80 48.64
N ASN E 284 9.43 -57.23 49.24
CA ASN E 284 8.15 -57.07 48.58
C ASN E 284 7.96 -55.72 47.89
N VAL E 285 8.87 -54.77 48.10
CA VAL E 285 8.75 -53.43 47.54
C VAL E 285 10.06 -53.07 46.85
N LEU E 286 9.97 -52.61 45.61
CA LEU E 286 11.14 -52.24 44.82
C LEU E 286 10.95 -50.84 44.27
N LEU E 287 12.05 -50.09 44.20
CA LEU E 287 12.06 -48.74 43.67
C LEU E 287 13.16 -48.63 42.62
N ILE E 288 12.80 -48.15 41.43
CA ILE E 288 13.71 -48.14 40.29
C ILE E 288 13.84 -46.72 39.77
N GLN E 289 15.05 -46.34 39.38
CA GLN E 289 15.31 -45.04 38.79
C GLN E 289 14.66 -44.92 37.42
N LYS E 290 14.52 -43.67 36.97
CA LYS E 290 13.92 -43.39 35.67
C LYS E 290 14.60 -44.19 34.56
N SER E 291 15.92 -44.04 34.43
CA SER E 291 16.72 -44.75 33.43
C SER E 291 16.21 -44.46 32.02
N ILE E 292 16.44 -43.23 31.58
CA ILE E 292 16.01 -42.82 30.26
C ILE E 292 16.81 -43.51 29.15
N LEU E 293 18.03 -43.97 29.46
CA LEU E 293 18.86 -44.61 28.44
C LEU E 293 18.41 -46.04 28.16
N ARG E 294 18.17 -46.82 29.21
CA ARG E 294 17.77 -48.22 29.08
C ARG E 294 16.45 -48.45 29.79
N ASP E 295 15.58 -49.24 29.16
CA ASP E 295 14.25 -49.49 29.71
C ASP E 295 14.35 -50.08 31.11
N ALA E 296 13.66 -49.45 32.06
CA ALA E 296 13.72 -49.89 33.45
C ALA E 296 12.83 -51.09 33.72
N VAL E 297 11.69 -51.18 33.04
CA VAL E 297 10.73 -52.26 33.25
C VAL E 297 10.41 -52.91 31.92
N ASN E 298 9.82 -54.09 32.00
CA ASN E 298 9.44 -54.86 30.82
C ASN E 298 8.18 -55.65 31.14
N ASP E 299 7.40 -55.96 30.10
CA ASP E 299 6.19 -56.74 30.29
C ASP E 299 6.51 -58.14 30.81
N LEU E 300 7.65 -58.70 30.40
CA LEU E 300 8.05 -60.01 30.93
C LEU E 300 8.56 -59.90 32.36
N ALA E 301 9.13 -58.74 32.72
CA ALA E 301 9.63 -58.55 34.08
C ALA E 301 8.50 -58.27 35.06
N LEU E 302 7.50 -57.49 34.65
CA LEU E 302 6.39 -57.20 35.54
C LEU E 302 5.51 -58.42 35.78
N HIS E 303 5.46 -59.34 34.82
CA HIS E 303 4.70 -60.56 35.02
C HIS E 303 5.36 -61.49 36.03
N PHE E 304 6.69 -61.51 36.06
CA PHE E 304 7.40 -62.31 37.06
C PHE E 304 7.21 -61.73 38.45
N LEU E 305 7.18 -60.40 38.57
CA LEU E 305 6.97 -59.76 39.87
C LEU E 305 5.53 -59.83 40.32
N SER E 306 4.58 -60.03 39.40
CA SER E 306 3.18 -60.14 39.78
C SER E 306 2.89 -61.46 40.49
N LYS E 307 3.65 -62.51 40.15
CA LYS E 307 3.45 -63.80 40.82
C LYS E 307 3.88 -63.73 42.28
N LEU E 308 4.94 -62.98 42.57
CA LEU E 308 5.42 -62.81 43.93
C LEU E 308 4.76 -61.65 44.65
N ASN E 309 3.85 -60.92 43.99
CA ASN E 309 3.14 -59.79 44.58
C ASN E 309 4.13 -58.73 45.11
N ILE E 310 5.03 -58.31 44.23
CA ILE E 310 6.04 -57.31 44.57
C ILE E 310 5.63 -55.99 43.95
N MET E 311 5.46 -54.97 44.78
CA MET E 311 5.08 -53.64 44.30
C MET E 311 6.32 -52.88 43.86
N VAL E 312 6.25 -52.30 42.66
CA VAL E 312 7.37 -51.59 42.07
C VAL E 312 6.90 -50.20 41.62
N VAL E 313 7.64 -49.17 42.00
CA VAL E 313 7.35 -47.80 41.60
C VAL E 313 8.57 -47.26 40.87
N LYS E 314 8.35 -46.73 39.66
CA LYS E 314 9.41 -46.23 38.81
C LYS E 314 9.26 -44.72 38.62
N ASP E 315 10.13 -44.16 37.78
CA ASP E 315 10.13 -42.71 37.48
C ASP E 315 10.37 -41.89 38.74
N ILE E 316 11.40 -42.28 39.50
CA ILE E 316 11.79 -41.60 40.73
C ILE E 316 12.96 -40.69 40.44
N GLU E 317 12.93 -39.48 41.01
CA GLU E 317 14.01 -38.53 40.82
C GLU E 317 15.32 -39.10 41.37
N ARG E 318 16.44 -38.68 40.75
CA ARG E 318 17.74 -39.15 41.17
C ARG E 318 18.21 -38.46 42.44
N GLU E 319 17.87 -37.18 42.60
CA GLU E 319 18.30 -36.42 43.78
C GLU E 319 17.50 -36.77 45.02
N GLU E 320 16.44 -37.56 44.90
CA GLU E 320 15.61 -37.93 46.04
C GLU E 320 16.08 -39.20 46.75
N ILE E 321 17.21 -39.78 46.31
CA ILE E 321 17.69 -41.01 46.93
C ILE E 321 18.13 -40.74 48.37
N GLU E 322 18.75 -39.58 48.62
CA GLU E 322 19.17 -39.23 49.96
C GLU E 322 17.98 -39.14 50.91
N PHE E 323 16.82 -38.73 50.41
CA PHE E 323 15.61 -38.72 51.22
C PHE E 323 15.00 -40.11 51.35
N LEU E 324 15.17 -40.95 50.33
CA LEU E 324 14.66 -42.32 50.39
C LEU E 324 15.58 -43.22 51.22
N SER E 325 16.89 -43.02 51.12
CA SER E 325 17.83 -43.90 51.82
C SER E 325 17.84 -43.60 53.32
N LYS E 326 17.89 -42.32 53.69
CA LYS E 326 17.93 -41.97 55.10
C LYS E 326 16.56 -42.08 55.76
N GLY E 327 15.50 -41.75 55.03
CA GLY E 327 14.17 -41.82 55.62
C GLY E 327 13.71 -43.25 55.87
N LEU E 328 13.80 -44.09 54.83
CA LEU E 328 13.40 -45.48 54.95
C LEU E 328 14.48 -46.37 55.57
N GLY E 329 15.70 -45.88 55.69
CA GLY E 329 16.78 -46.70 56.23
C GLY E 329 17.16 -47.87 55.36
N CYS E 330 17.27 -47.64 54.05
CA CYS E 330 17.57 -48.70 53.09
C CYS E 330 18.77 -48.29 52.25
N LYS E 331 19.74 -49.18 52.14
CA LYS E 331 20.90 -48.92 51.29
C LYS E 331 20.58 -49.28 49.85
N PRO E 332 20.81 -48.37 48.90
CA PRO E 332 20.50 -48.67 47.50
C PRO E 332 21.33 -49.85 46.99
N ILE E 333 20.70 -50.64 46.12
CA ILE E 333 21.32 -51.82 45.54
C ILE E 333 21.49 -51.56 44.05
N ALA E 334 22.74 -51.39 43.62
CA ALA E 334 23.05 -51.14 42.21
C ALA E 334 23.49 -52.39 41.47
N ASP E 335 23.57 -53.54 42.13
CA ASP E 335 24.04 -54.77 41.50
C ASP E 335 23.26 -55.95 42.07
N ILE E 336 22.90 -56.89 41.19
CA ILE E 336 22.14 -58.05 41.63
C ILE E 336 22.99 -58.93 42.55
N GLU E 337 24.32 -58.86 42.43
CA GLU E 337 25.18 -59.63 43.32
C GLU E 337 25.31 -58.98 44.69
N LEU E 338 25.26 -57.65 44.76
CA LEU E 338 25.33 -56.96 46.04
C LEU E 338 24.02 -56.95 46.80
N PHE E 339 22.94 -57.44 46.19
CA PHE E 339 21.65 -57.47 46.86
C PHE E 339 21.64 -58.49 47.98
N THR E 340 21.30 -58.05 49.19
CA THR E 340 21.27 -58.93 50.35
C THR E 340 20.19 -58.44 51.30
N GLU E 341 20.04 -59.16 52.42
CA GLU E 341 19.03 -58.81 53.41
C GLU E 341 19.46 -57.65 54.29
N ASP E 342 20.78 -57.49 54.52
CA ASP E 342 21.25 -56.44 55.40
C ASP E 342 20.99 -55.05 54.84
N ARG E 343 21.06 -54.90 53.52
CA ARG E 343 20.79 -53.60 52.91
C ARG E 343 19.32 -53.24 52.89
N LEU E 344 18.44 -54.22 53.07
CA LEU E 344 17.01 -53.97 53.07
C LEU E 344 16.55 -53.49 54.45
N GLY E 345 15.58 -52.59 54.46
CA GLY E 345 15.00 -52.05 55.67
C GLY E 345 13.74 -52.79 56.09
N SER E 346 12.85 -52.07 56.75
CA SER E 346 11.57 -52.64 57.19
C SER E 346 10.50 -51.55 57.13
N ALA E 347 9.30 -51.95 56.72
CA ALA E 347 8.17 -51.05 56.65
C ALA E 347 6.91 -51.79 57.07
N ASP E 348 6.10 -51.16 57.92
CA ASP E 348 4.89 -51.81 58.42
C ASP E 348 3.83 -51.91 57.33
N LEU E 349 3.50 -50.78 56.69
CA LEU E 349 2.40 -50.72 55.72
C LEU E 349 2.84 -49.90 54.52
N VAL E 350 2.78 -50.48 53.34
CA VAL E 350 3.03 -49.78 52.09
C VAL E 350 1.77 -49.93 51.24
N GLU E 351 1.06 -48.84 51.01
CA GLU E 351 -0.20 -48.88 50.28
C GLU E 351 -0.34 -47.62 49.44
N GLU E 352 -1.27 -47.67 48.50
CA GLU E 352 -1.64 -46.53 47.67
C GLU E 352 -3.10 -46.23 47.92
N ILE E 353 -3.38 -45.08 48.53
CA ILE E 353 -4.73 -44.69 48.91
C ILE E 353 -5.24 -43.69 47.89
N ASP E 354 -6.30 -44.07 47.17
CA ASP E 354 -6.96 -43.18 46.21
C ASP E 354 -8.12 -42.51 46.93
N SER E 355 -8.02 -41.20 47.13
CA SER E 355 -9.03 -40.42 47.83
C SER E 355 -9.41 -39.23 46.96
N ASP E 356 -10.66 -39.20 46.50
CA ASP E 356 -11.20 -38.08 45.73
C ASP E 356 -10.38 -37.84 44.46
N GLY E 357 -9.97 -38.92 43.79
CA GLY E 357 -9.19 -38.83 42.59
C GLY E 357 -7.71 -38.59 42.79
N SER E 358 -7.27 -38.26 44.00
CA SER E 358 -5.86 -38.02 44.29
C SER E 358 -5.23 -39.31 44.79
N LYS E 359 -4.31 -39.86 44.01
CA LYS E 359 -3.63 -41.10 44.35
C LYS E 359 -2.26 -40.79 44.94
N ILE E 360 -1.94 -41.45 46.05
CA ILE E 360 -0.70 -41.20 46.77
C ILE E 360 -0.24 -42.49 47.42
N VAL E 361 1.08 -42.70 47.44
CA VAL E 361 1.69 -43.89 48.04
C VAL E 361 2.41 -43.45 49.32
N ARG E 362 1.99 -44.01 50.45
CA ARG E 362 2.54 -43.65 51.74
C ARG E 362 3.10 -44.89 52.44
N VAL E 363 4.11 -44.67 53.28
CA VAL E 363 4.72 -45.72 54.08
C VAL E 363 4.59 -45.33 55.54
N THR E 364 4.19 -46.30 56.38
CA THR E 364 3.92 -46.06 57.80
C THR E 364 4.98 -46.76 58.63
N GLY E 365 5.83 -45.99 59.28
CA GLY E 365 6.80 -46.51 60.24
C GLY E 365 8.09 -46.95 59.58
N ILE E 366 9.19 -46.83 60.35
CA ILE E 366 10.51 -47.28 59.95
C ILE E 366 11.14 -47.98 61.14
N ARG E 367 11.50 -49.26 60.96
CA ARG E 367 12.10 -50.05 62.01
C ARG E 367 13.62 -49.95 62.06
N ASN E 368 14.24 -49.35 61.05
CA ASN E 368 15.69 -49.15 61.07
C ASN E 368 16.12 -48.35 62.29
N ASN E 369 15.64 -47.10 62.40
CA ASN E 369 16.02 -46.17 63.47
C ASN E 369 17.52 -45.90 63.44
N ASN E 370 17.93 -45.20 62.39
CA ASN E 370 19.32 -44.81 62.20
C ASN E 370 19.61 -43.56 63.02
N ALA E 371 20.76 -42.93 62.75
CA ALA E 371 21.22 -41.80 63.56
C ALA E 371 20.21 -40.67 63.59
N ARG E 372 19.83 -40.15 62.42
CA ARG E 372 18.90 -39.04 62.36
C ARG E 372 17.74 -39.36 61.43
N PRO E 373 16.51 -38.98 61.80
CA PRO E 373 15.36 -39.27 60.95
C PRO E 373 15.09 -38.17 59.93
N THR E 374 14.00 -38.30 59.18
CA THR E 374 13.58 -37.30 58.20
C THR E 374 12.13 -36.93 58.47
N VAL E 375 11.71 -35.80 57.87
CA VAL E 375 10.36 -35.28 58.02
C VAL E 375 9.65 -35.38 56.68
N SER E 376 8.42 -35.89 56.71
CA SER E 376 7.60 -36.04 55.51
C SER E 376 6.21 -35.49 55.79
N VAL E 377 5.81 -34.48 55.02
CA VAL E 377 4.51 -33.83 55.18
C VAL E 377 3.87 -33.71 53.81
N VAL E 378 2.61 -34.13 53.70
CA VAL E 378 1.84 -34.05 52.46
C VAL E 378 0.94 -32.83 52.54
N ILE E 379 1.02 -31.97 51.53
CA ILE E 379 0.25 -30.73 51.49
C ILE E 379 -0.94 -30.91 50.57
N ARG E 380 -2.13 -30.55 51.06
CA ARG E 380 -3.36 -30.60 50.28
C ARG E 380 -3.98 -29.23 50.22
N GLY E 381 -4.74 -28.97 49.15
CA GLY E 381 -5.40 -27.70 48.99
C GLY E 381 -6.39 -27.74 47.85
N ALA E 382 -7.38 -26.84 47.93
CA ALA E 382 -8.40 -26.78 46.89
C ALA E 382 -7.86 -26.22 45.59
N ASN E 383 -7.22 -25.06 45.65
CA ASN E 383 -6.69 -24.40 44.47
C ASN E 383 -5.20 -24.67 44.36
N ASN E 384 -4.74 -24.95 43.13
CA ASN E 384 -3.33 -25.22 42.91
C ASN E 384 -2.48 -23.98 43.21
N MET E 385 -3.06 -22.79 43.08
CA MET E 385 -2.32 -21.57 43.42
C MET E 385 -2.09 -21.48 44.92
N ILE E 386 -3.07 -21.92 45.72
CA ILE E 386 -2.91 -21.92 47.17
C ILE E 386 -1.95 -23.03 47.61
N ILE E 387 -1.96 -24.16 46.90
CA ILE E 387 -1.06 -25.26 47.23
C ILE E 387 0.39 -24.83 47.10
N ASP E 388 0.72 -24.11 46.02
CA ASP E 388 2.08 -23.59 45.88
C ASP E 388 2.39 -22.55 46.95
N GLU E 389 1.39 -21.80 47.39
CA GLU E 389 1.59 -20.82 48.46
C GLU E 389 1.64 -21.48 49.84
N THR E 390 0.93 -22.60 50.01
CA THR E 390 0.94 -23.28 51.30
C THR E 390 2.34 -23.78 51.66
N GLU E 391 3.06 -24.32 50.67
CA GLU E 391 4.43 -24.77 50.91
C GLU E 391 5.32 -23.59 51.25
N ARG E 392 5.15 -22.46 50.55
CA ARG E 392 5.94 -21.27 50.87
C ARG E 392 5.50 -20.63 52.17
N SER E 393 4.23 -20.79 52.54
CA SER E 393 3.77 -20.29 53.84
C SER E 393 4.35 -21.13 54.97
N LEU E 394 4.39 -22.46 54.80
CA LEU E 394 5.01 -23.33 55.78
C LEU E 394 6.54 -23.23 55.74
N HIS E 395 7.11 -22.72 54.64
CA HIS E 395 8.55 -22.54 54.58
C HIS E 395 9.02 -21.47 55.57
N ASP E 396 8.23 -20.39 55.72
CA ASP E 396 8.56 -19.38 56.72
C ASP E 396 8.38 -19.91 58.13
N ALA E 397 7.46 -20.84 58.33
CA ALA E 397 7.30 -21.48 59.63
C ALA E 397 8.47 -22.39 59.98
N LEU E 398 9.17 -22.91 58.97
CA LEU E 398 10.37 -23.69 59.22
C LEU E 398 11.57 -22.81 59.49
N CYS E 399 11.60 -21.61 58.89
CA CYS E 399 12.74 -20.71 59.06
C CYS E 399 12.71 -19.99 60.40
N VAL E 400 11.52 -19.71 60.94
CA VAL E 400 11.43 -19.04 62.23
C VAL E 400 11.97 -19.93 63.34
N ILE E 401 11.77 -21.25 63.23
CA ILE E 401 12.36 -22.16 64.19
C ILE E 401 13.83 -22.38 63.87
N ARG E 402 14.21 -22.31 62.59
CA ARG E 402 15.61 -22.48 62.21
C ARG E 402 16.48 -21.36 62.77
N CYS E 403 15.93 -20.14 62.82
CA CYS E 403 16.68 -19.02 63.38
C CYS E 403 16.86 -19.16 64.89
N LEU E 404 15.87 -19.74 65.58
CA LEU E 404 16.00 -19.93 67.02
C LEU E 404 17.03 -20.99 67.36
N VAL E 405 17.14 -22.02 66.53
CA VAL E 405 18.21 -23.01 66.69
C VAL E 405 19.58 -22.34 66.63
N LYS E 406 19.90 -21.73 65.49
CA LYS E 406 21.22 -21.13 65.30
C LYS E 406 21.49 -20.04 66.32
N GLU E 407 20.48 -19.25 66.66
CA GLU E 407 20.63 -18.14 67.62
C GLU E 407 19.49 -18.20 68.62
N ARG E 408 19.83 -18.35 69.90
CA ARG E 408 18.83 -18.42 70.95
C ARG E 408 18.10 -17.11 71.19
N GLY E 409 18.56 -16.01 70.58
CA GLY E 409 17.94 -14.72 70.82
C GLY E 409 16.53 -14.66 70.26
N LEU E 410 15.59 -14.25 71.09
CA LEU E 410 14.19 -14.10 70.68
C LEU E 410 13.67 -12.77 71.22
N ILE E 411 13.28 -11.88 70.32
CA ILE E 411 12.79 -10.56 70.73
C ILE E 411 11.27 -10.51 70.58
N ALA E 412 10.68 -9.37 70.96
CA ALA E 412 9.25 -9.17 70.80
C ALA E 412 8.92 -8.74 69.37
N GLY E 413 7.70 -9.06 68.94
CA GLY E 413 7.22 -8.67 67.64
C GLY E 413 6.16 -7.58 67.72
N GLY E 414 5.51 -7.36 66.58
CA GLY E 414 4.43 -6.40 66.49
C GLY E 414 4.87 -4.96 66.67
N GLY E 415 5.88 -4.53 65.92
CA GLY E 415 6.36 -3.17 66.00
C GLY E 415 7.14 -2.82 67.25
N ALA E 416 7.44 -3.81 68.11
CA ALA E 416 8.18 -3.52 69.33
C ALA E 416 9.62 -3.10 69.07
N PRO E 417 10.43 -3.84 68.30
CA PRO E 417 11.85 -3.46 68.18
C PRO E 417 12.07 -2.17 67.40
N GLU E 418 11.17 -1.81 66.49
CA GLU E 418 11.37 -0.60 65.69
C GLU E 418 11.28 0.66 66.55
N ILE E 419 10.42 0.66 67.56
CA ILE E 419 10.33 1.82 68.45
C ILE E 419 11.48 1.83 69.45
N GLU E 420 11.91 0.65 69.91
CA GLU E 420 13.00 0.58 70.89
C GLU E 420 14.32 1.05 70.28
N ILE E 421 14.59 0.65 69.03
CA ILE E 421 15.85 1.05 68.39
C ILE E 421 15.86 2.54 68.10
N SER E 422 14.73 3.08 67.62
CA SER E 422 14.67 4.50 67.30
C SER E 422 14.75 5.37 68.55
N ARG E 423 14.31 4.85 69.69
CA ARG E 423 14.34 5.64 70.92
C ARG E 423 15.74 5.67 71.53
N ARG E 424 16.45 4.54 71.51
CA ARG E 424 17.78 4.51 72.12
C ARG E 424 18.81 5.25 71.28
N LEU E 425 18.64 5.27 69.96
CA LEU E 425 19.56 5.99 69.09
C LEU E 425 19.32 7.50 69.10
N SER E 426 18.12 7.95 69.50
CA SER E 426 17.85 9.37 69.53
C SER E 426 18.56 10.05 70.70
N LYS E 427 18.82 9.32 71.79
CA LYS E 427 19.49 9.90 72.93
C LYS E 427 20.99 10.03 72.68
N GLU E 428 21.58 9.04 72.00
CA GLU E 428 23.02 9.08 71.75
C GLU E 428 23.39 10.03 70.62
N ALA E 429 22.47 10.24 69.66
CA ALA E 429 22.78 11.08 68.51
C ALA E 429 22.88 12.56 68.91
N ARG E 430 22.10 12.98 69.90
CA ARG E 430 22.11 14.39 70.29
C ARG E 430 23.41 14.81 70.95
N SER E 431 24.19 13.87 71.48
CA SER E 431 25.45 14.18 72.14
C SER E 431 26.67 14.02 71.23
N MET E 432 26.47 13.66 69.96
CA MET E 432 27.60 13.43 69.08
C MET E 432 28.19 14.75 68.55
N GLU E 433 27.33 15.74 68.27
CA GLU E 433 27.75 17.06 67.80
C GLU E 433 28.56 16.94 66.51
N GLY E 434 27.83 16.62 65.44
CA GLY E 434 28.43 16.52 64.12
C GLY E 434 27.36 16.32 63.06
N VAL E 435 27.78 16.43 61.81
CA VAL E 435 26.88 16.20 60.69
C VAL E 435 26.46 14.73 60.61
N GLN E 436 27.28 13.82 61.15
CA GLN E 436 26.86 12.43 61.22
C GLN E 436 25.73 12.22 62.21
N ALA E 437 25.68 13.07 63.25
CA ALA E 437 24.59 12.99 64.22
C ALA E 437 23.26 13.43 63.61
N PHE E 438 23.31 14.42 62.72
CA PHE E 438 22.08 14.87 62.06
C PHE E 438 21.52 13.81 61.13
N ILE E 439 22.38 12.93 60.62
CA ILE E 439 21.91 11.83 59.76
C ILE E 439 21.23 10.76 60.62
N TRP E 440 21.76 10.51 61.82
CA TRP E 440 21.18 9.51 62.71
C TRP E 440 19.77 9.90 63.16
N GLN E 441 19.44 11.19 63.17
CA GLN E 441 18.09 11.60 63.51
C GLN E 441 17.10 11.12 62.45
N GLU E 442 17.50 11.12 61.19
CA GLU E 442 16.66 10.56 60.13
C GLU E 442 16.70 9.05 60.09
N PHE E 443 17.75 8.42 60.63
CA PHE E 443 17.81 6.97 60.67
C PHE E 443 16.80 6.40 61.66
N ALA E 444 16.59 7.09 62.79
CA ALA E 444 15.61 6.63 63.75
C ALA E 444 14.19 6.85 63.25
N SER E 445 13.94 7.98 62.57
CA SER E 445 12.62 8.24 62.02
C SER E 445 12.31 7.35 60.83
N ALA E 446 13.32 6.80 60.16
CA ALA E 446 13.08 5.92 59.02
C ALA E 446 12.56 4.57 59.47
N LEU E 447 12.89 4.14 60.69
CA LEU E 447 12.42 2.87 61.22
C LEU E 447 10.97 2.93 61.69
N GLU E 448 10.39 4.14 61.79
CA GLU E 448 9.00 4.28 62.21
C GLU E 448 8.01 3.87 61.14
N VAL E 449 8.48 3.52 59.93
CA VAL E 449 7.56 3.16 58.86
C VAL E 449 6.90 1.81 59.15
N ILE E 450 7.57 0.92 59.87
CA ILE E 450 7.03 -0.40 60.16
C ILE E 450 5.83 -0.29 61.10
N PRO E 451 5.90 0.41 62.24
CA PRO E 451 4.69 0.57 63.06
C PRO E 451 3.65 1.46 62.41
N THR E 452 4.06 2.38 61.55
CA THR E 452 3.10 3.21 60.84
C THR E 452 2.30 2.39 59.83
N THR E 453 2.98 1.47 59.13
CA THR E 453 2.28 0.63 58.17
C THR E 453 1.28 -0.30 58.85
N LEU E 454 1.61 -0.78 60.06
CA LEU E 454 0.69 -1.66 60.78
C LEU E 454 -0.62 -0.95 61.10
N ALA E 455 -0.57 0.36 61.38
CA ALA E 455 -1.78 1.10 61.69
C ALA E 455 -2.57 1.43 60.43
N GLU E 456 -1.87 1.73 59.34
CA GLU E 456 -2.56 2.09 58.09
C GLU E 456 -3.28 0.90 57.50
N ASN E 457 -2.66 -0.28 57.54
CA ASN E 457 -3.30 -1.49 57.01
C ASN E 457 -4.46 -1.96 57.88
N ALA E 458 -4.46 -1.60 59.16
CA ALA E 458 -5.53 -1.98 60.07
C ALA E 458 -6.61 -0.90 60.19
N GLY E 459 -6.45 0.22 59.51
CA GLY E 459 -7.43 1.29 59.55
C GLY E 459 -7.25 2.29 60.69
N LEU E 460 -6.44 1.96 61.68
CA LEU E 460 -6.24 2.86 62.82
C LEU E 460 -5.36 4.05 62.41
N ASN E 461 -5.48 5.13 63.17
CA ASN E 461 -4.66 6.30 62.93
C ASN E 461 -3.24 6.02 63.39
N SER E 462 -2.26 6.40 62.55
CA SER E 462 -0.87 6.13 62.88
C SER E 462 -0.37 7.04 63.99
N ILE E 463 -0.69 8.33 63.91
CA ILE E 463 -0.18 9.29 64.90
C ILE E 463 -0.76 8.98 66.27
N LYS E 464 -2.05 8.62 66.34
CA LYS E 464 -2.66 8.29 67.62
C LYS E 464 -1.99 7.09 68.27
N VAL E 465 -1.52 6.13 67.46
CA VAL E 465 -0.79 4.98 68.00
C VAL E 465 0.62 5.38 68.40
N VAL E 466 1.33 6.08 67.50
CA VAL E 466 2.72 6.47 67.79
C VAL E 466 2.78 7.38 69.01
N THR E 467 1.76 8.23 69.19
CA THR E 467 1.69 9.05 70.40
C THR E 467 1.64 8.17 71.64
N GLU E 468 0.92 7.06 71.58
CA GLU E 468 0.90 6.10 72.68
C GLU E 468 2.16 5.22 72.69
N LEU E 469 2.78 5.02 71.53
CA LEU E 469 4.00 4.23 71.48
C LEU E 469 5.16 4.94 72.16
N ARG E 470 5.31 6.25 71.91
CA ARG E 470 6.42 7.00 72.50
C ARG E 470 6.29 7.10 74.01
N SER E 471 5.06 7.21 74.53
CA SER E 471 4.86 7.35 75.97
C SER E 471 5.07 6.03 76.70
N LYS E 472 4.61 4.92 76.11
CA LYS E 472 4.72 3.63 76.77
C LYS E 472 6.12 3.05 76.66
N HIS E 473 6.79 3.27 75.53
CA HIS E 473 8.14 2.74 75.34
C HIS E 473 9.20 3.50 76.12
N GLU E 474 8.85 4.65 76.71
CA GLU E 474 9.82 5.38 77.52
C GLU E 474 10.08 4.65 78.84
N ASN E 475 9.01 4.32 79.56
CA ASN E 475 9.17 3.59 80.82
C ASN E 475 9.42 2.11 80.56
N GLY E 476 8.63 1.50 79.68
CA GLY E 476 8.82 0.08 79.38
C GLY E 476 10.07 -0.13 78.54
N GLU E 477 10.87 -1.12 78.92
CA GLU E 477 12.10 -1.40 78.20
C GLU E 477 11.88 -2.21 76.92
N LEU E 478 10.78 -2.95 76.83
CA LEU E 478 10.51 -3.84 75.71
C LEU E 478 9.15 -4.51 75.85
N ASN E 479 8.76 -5.31 74.85
CA ASN E 479 7.47 -6.01 74.77
C ASN E 479 6.32 -5.06 74.49
N ASP E 480 6.60 -3.76 74.43
CA ASP E 480 5.57 -2.79 74.08
C ASP E 480 5.49 -2.66 72.57
N GLY E 481 4.32 -2.94 72.01
CA GLY E 481 4.16 -2.92 70.57
C GLY E 481 2.71 -2.84 70.17
N ILE E 482 2.48 -2.99 68.86
CA ILE E 482 1.14 -2.89 68.28
C ILE E 482 0.57 -4.29 68.14
N SER E 483 -0.67 -4.47 68.60
CA SER E 483 -1.39 -5.73 68.49
C SER E 483 -2.53 -5.57 67.50
N VAL E 484 -2.56 -6.41 66.48
CA VAL E 484 -3.58 -6.29 65.44
C VAL E 484 -4.93 -6.86 65.87
N ARG E 485 -4.94 -7.77 66.84
CA ARG E 485 -6.21 -8.36 67.29
C ARG E 485 -6.99 -7.40 68.17
N ARG E 486 -6.31 -6.76 69.14
CA ARG E 486 -6.96 -5.83 70.04
C ARG E 486 -7.09 -4.43 69.44
N SER E 487 -6.42 -4.14 68.34
CA SER E 487 -6.46 -2.85 67.66
C SER E 487 -6.04 -1.72 68.61
N GLY E 488 -4.77 -1.74 68.97
CA GLY E 488 -4.24 -0.75 69.87
C GLY E 488 -2.83 -1.12 70.31
N THR E 489 -2.42 -0.56 71.44
CA THR E 489 -1.11 -0.77 72.01
C THR E 489 -1.24 -1.55 73.31
N THR E 490 -0.52 -2.67 73.41
CA THR E 490 -0.55 -3.51 74.61
C THR E 490 0.75 -4.29 74.67
N ASN E 491 0.85 -5.17 75.68
CA ASN E 491 2.04 -5.99 75.87
C ASN E 491 2.05 -7.11 74.85
N THR E 492 3.13 -7.20 74.07
CA THR E 492 3.25 -8.26 73.07
C THR E 492 3.63 -9.59 73.70
N TYR E 493 4.31 -9.57 74.84
CA TYR E 493 4.67 -10.83 75.50
C TYR E 493 3.43 -11.55 76.03
N GLU E 494 2.49 -10.81 76.61
CA GLU E 494 1.25 -11.42 77.07
C GLU E 494 0.39 -11.90 75.91
N GLU E 495 0.53 -11.27 74.74
CA GLU E 495 -0.18 -11.68 73.54
C GLU E 495 0.57 -12.75 72.75
N HIS E 496 1.73 -13.20 73.25
CA HIS E 496 2.56 -14.25 72.68
C HIS E 496 3.23 -13.87 71.36
N ILE E 497 2.96 -12.67 70.84
CA ILE E 497 3.60 -12.25 69.60
C ILE E 497 5.10 -12.14 69.83
N LEU E 498 5.87 -12.85 69.00
CA LEU E 498 7.32 -12.90 69.13
C LEU E 498 7.94 -13.13 67.77
N GLN E 499 9.18 -12.67 67.60
CA GLN E 499 9.93 -12.88 66.37
C GLN E 499 11.39 -13.07 66.73
N PRO E 500 12.13 -13.87 65.96
CA PRO E 500 13.55 -14.08 66.26
C PRO E 500 14.36 -12.80 66.10
N VAL E 501 15.55 -12.81 66.70
CA VAL E 501 16.44 -11.65 66.61
C VAL E 501 17.12 -11.61 65.24
N LEU E 502 17.34 -12.78 64.61
CA LEU E 502 17.99 -12.80 63.31
C LEU E 502 17.13 -12.18 62.22
N VAL E 503 15.81 -12.15 62.39
CA VAL E 503 14.94 -11.55 61.40
C VAL E 503 15.09 -10.03 61.41
N SER E 504 15.11 -9.44 62.60
CA SER E 504 15.25 -7.99 62.72
C SER E 504 16.70 -7.53 62.52
N THR E 505 17.66 -8.36 62.93
CA THR E 505 19.07 -7.97 62.78
C THR E 505 19.47 -7.97 61.31
N SER E 506 19.10 -9.00 60.57
CA SER E 506 19.44 -9.06 59.15
C SER E 506 18.66 -8.01 58.35
N ALA E 507 17.47 -7.63 58.81
CA ALA E 507 16.69 -6.63 58.11
C ALA E 507 17.38 -5.26 58.16
N ILE E 508 18.03 -4.96 59.28
CA ILE E 508 18.74 -3.69 59.40
C ILE E 508 20.08 -3.74 58.67
N THR E 509 20.75 -4.90 58.70
CA THR E 509 22.05 -5.01 58.07
C THR E 509 21.93 -4.99 56.55
N LEU E 510 20.99 -5.77 56.00
CA LEU E 510 20.83 -5.81 54.55
C LEU E 510 20.29 -4.51 53.99
N ALA E 511 19.52 -3.76 54.79
CA ALA E 511 19.00 -2.48 54.32
C ALA E 511 20.11 -1.42 54.24
N SER E 512 21.01 -1.43 55.23
CA SER E 512 22.10 -0.46 55.23
C SER E 512 23.11 -0.74 54.13
N GLU E 513 23.31 -2.02 53.79
CA GLU E 513 24.25 -2.36 52.72
C GLU E 513 23.68 -2.07 51.35
N CYS E 514 22.35 -2.09 51.20
CA CYS E 514 21.74 -1.78 49.91
C CYS E 514 21.74 -0.29 49.64
N VAL E 515 21.49 0.53 50.66
CA VAL E 515 21.50 1.98 50.49
C VAL E 515 22.91 2.45 50.14
N LYS E 516 23.93 1.81 50.71
CA LYS E 516 25.31 2.18 50.37
C LYS E 516 25.62 1.90 48.92
N SER E 517 25.06 0.82 48.37
CA SER E 517 25.31 0.48 46.97
C SER E 517 24.53 1.35 46.01
N ILE E 518 23.36 1.85 46.43
CA ILE E 518 22.56 2.68 45.54
C ILE E 518 23.11 4.10 45.46
N LEU E 519 23.53 4.65 46.61
CA LEU E 519 24.03 6.02 46.64
C LEU E 519 25.37 6.18 45.93
N ARG E 520 26.04 5.10 45.56
CA ARG E 520 27.32 5.17 44.88
C ARG E 520 27.18 5.18 43.35
N ILE E 521 25.95 5.18 42.83
CA ILE E 521 25.72 5.18 41.39
C ILE E 521 25.55 6.64 40.96
N ASP E 522 26.51 7.14 40.18
CA ASP E 522 26.49 8.52 39.71
C ASP E 522 25.91 8.68 38.31
N ASP E 523 25.55 7.58 37.64
CA ASP E 523 25.09 7.64 36.26
C ASP E 523 24.70 6.22 35.84
N ILE E 524 23.93 6.14 34.75
CA ILE E 524 23.52 4.88 34.16
C ILE E 524 23.80 4.95 32.67
N ALA E 525 24.69 4.10 32.18
CA ALA E 525 25.10 4.09 30.79
C ALA E 525 24.61 2.83 30.09
N PHE E 526 24.19 2.97 28.84
CA PHE E 526 23.72 1.84 28.05
C PHE E 526 24.90 1.01 27.58
N SER E 527 24.83 -0.30 27.78
CA SER E 527 25.90 -1.22 27.42
C SER E 527 25.34 -2.33 26.55
N ARG E 528 26.21 -3.26 26.17
CA ARG E 528 25.81 -4.38 25.33
C ARG E 528 25.58 -5.63 26.17
N PRO F 6 62.24 22.96 10.14
CA PRO F 6 62.11 21.60 10.67
C PRO F 6 60.96 21.46 11.67
N SER F 7 61.28 21.10 12.91
CA SER F 7 60.25 20.94 13.92
C SER F 7 59.69 22.27 14.40
N ASN F 8 60.35 23.38 14.09
CA ASN F 8 59.90 24.70 14.52
C ASN F 8 58.91 25.33 13.55
N ALA F 9 58.56 24.65 12.47
CA ALA F 9 57.64 25.20 11.50
C ALA F 9 56.21 25.23 12.04
N THR F 10 55.39 26.09 11.45
CA THR F 10 53.99 26.24 11.84
C THR F 10 53.13 25.30 11.01
N PHE F 11 52.38 24.43 11.69
CA PHE F 11 51.53 23.46 11.01
C PHE F 11 50.21 24.07 10.53
N LYS F 12 49.79 25.20 11.11
CA LYS F 12 48.62 25.97 10.70
C LYS F 12 47.31 25.23 10.99
N ASN F 13 47.38 23.95 11.33
CA ASN F 13 46.26 23.16 11.82
C ASN F 13 45.17 22.92 10.77
N LYS F 14 45.23 23.63 9.64
CA LYS F 14 44.17 23.54 8.63
C LYS F 14 44.81 23.27 7.27
N GLU F 15 44.55 22.09 6.72
CA GLU F 15 44.83 21.79 5.33
C GLU F 15 43.59 21.94 4.45
N LYS F 16 42.45 22.28 5.04
CA LYS F 16 41.19 22.46 4.31
C LYS F 16 41.22 23.65 3.36
N PRO F 17 41.74 24.83 3.76
CA PRO F 17 41.71 25.97 2.83
C PRO F 17 42.38 25.69 1.49
N GLN F 18 43.47 24.93 1.48
CA GLN F 18 44.12 24.61 0.21
C GLN F 18 43.39 23.49 -0.54
N GLU F 19 42.66 22.63 0.16
CA GLU F 19 41.89 21.59 -0.50
C GLU F 19 40.59 22.11 -1.10
N VAL F 20 39.99 23.13 -0.47
CA VAL F 20 38.76 23.71 -1.02
C VAL F 20 39.06 24.42 -2.34
N ARG F 21 40.20 25.11 -2.42
CA ARG F 21 40.56 25.78 -3.67
C ARG F 21 40.83 24.79 -4.79
N LYS F 22 41.32 23.58 -4.45
CA LYS F 22 41.54 22.57 -5.47
C LYS F 22 40.22 22.10 -6.08
N ALA F 23 39.18 21.95 -5.25
CA ALA F 23 37.88 21.55 -5.77
C ALA F 23 37.23 22.67 -6.57
N ASN F 24 37.58 23.92 -6.28
CA ASN F 24 37.01 25.04 -7.03
C ASN F 24 37.68 25.22 -8.39
N ILE F 25 38.97 24.88 -8.50
CA ILE F 25 39.67 25.03 -9.77
C ILE F 25 39.25 23.93 -10.74
N ILE F 26 39.03 22.71 -10.24
CA ILE F 26 38.64 21.61 -11.12
C ILE F 26 37.29 21.88 -11.76
N ALA F 27 36.33 22.37 -10.96
CA ALA F 27 35.01 22.66 -11.51
C ALA F 27 35.02 23.89 -12.41
N ALA F 28 35.93 24.84 -12.14
CA ALA F 28 36.00 26.02 -12.98
C ALA F 28 36.65 25.73 -14.33
N ARG F 29 37.70 24.90 -14.33
CA ARG F 29 38.34 24.54 -15.60
C ARG F 29 37.44 23.62 -16.43
N SER F 30 36.59 22.82 -15.79
CA SER F 30 35.69 21.95 -16.53
C SER F 30 34.67 22.75 -17.32
N VAL F 31 34.28 23.93 -16.82
CA VAL F 31 33.35 24.77 -17.56
C VAL F 31 34.04 25.48 -18.71
N ALA F 32 35.28 25.92 -18.50
CA ALA F 32 36.02 26.60 -19.56
C ALA F 32 36.43 25.64 -20.66
N ASP F 33 36.61 24.36 -20.34
CA ASP F 33 37.01 23.38 -21.35
C ASP F 33 35.85 22.96 -22.24
N ALA F 34 34.60 23.21 -21.82
CA ALA F 34 33.45 22.86 -22.64
C ALA F 34 33.33 23.79 -23.84
N ILE F 35 33.55 25.09 -23.63
CA ILE F 35 33.49 26.06 -24.72
C ILE F 35 34.81 26.20 -25.45
N ARG F 36 35.83 25.42 -25.07
CA ARG F 36 37.12 25.50 -25.74
C ARG F 36 37.00 25.16 -27.22
N THR F 37 36.15 24.19 -27.56
CA THR F 37 35.98 23.79 -28.95
C THR F 37 35.21 24.83 -29.77
N SER F 38 34.65 25.85 -29.13
CA SER F 38 33.89 26.89 -29.82
C SER F 38 34.73 28.12 -30.15
N LEU F 39 36.02 28.12 -29.83
CA LEU F 39 36.86 29.29 -30.03
C LEU F 39 37.47 29.29 -31.43
N GLY F 40 37.46 30.47 -32.06
CA GLY F 40 38.09 30.64 -33.35
C GLY F 40 37.16 30.40 -34.51
N PRO F 41 37.62 30.70 -35.73
CA PRO F 41 36.80 30.41 -36.91
C PRO F 41 36.46 28.94 -37.08
N LYS F 42 37.25 28.04 -36.50
CA LYS F 42 36.98 26.61 -36.53
C LYS F 42 36.10 26.15 -35.37
N GLY F 43 35.61 27.08 -34.55
CA GLY F 43 34.78 26.71 -33.43
C GLY F 43 33.47 26.07 -33.85
N MET F 44 32.85 25.39 -32.90
CA MET F 44 31.59 24.69 -33.11
C MET F 44 30.49 25.34 -32.28
N ASP F 45 29.28 25.39 -32.85
CA ASP F 45 28.16 25.98 -32.14
C ASP F 45 27.72 25.06 -31.00
N LYS F 46 27.03 25.66 -30.02
CA LYS F 46 26.52 24.93 -28.87
C LYS F 46 25.03 25.17 -28.75
N MET F 47 24.25 24.10 -28.76
CA MET F 47 22.80 24.16 -28.67
C MET F 47 22.38 23.87 -27.24
N ILE F 48 21.62 24.79 -26.65
CA ILE F 48 21.16 24.67 -25.27
C ILE F 48 19.64 24.72 -25.26
N LYS F 49 19.03 23.74 -24.60
CA LYS F 49 17.57 23.67 -24.46
C LYS F 49 17.19 24.20 -23.09
N THR F 50 16.51 25.34 -23.07
CA THR F 50 16.09 25.95 -21.81
C THR F 50 15.02 25.11 -21.13
N SER F 51 14.84 25.35 -19.83
CA SER F 51 13.82 24.64 -19.08
C SER F 51 12.42 24.88 -19.64
N ARG F 52 12.20 26.03 -20.28
CA ARG F 52 10.93 26.33 -20.91
C ARG F 52 10.92 25.78 -22.34
N GLY F 53 9.90 26.14 -23.11
CA GLY F 53 9.78 25.69 -24.48
C GLY F 53 10.68 26.39 -25.48
N GLU F 54 11.60 27.22 -25.02
CA GLU F 54 12.51 27.96 -25.89
C GLU F 54 13.84 27.21 -26.01
N ILE F 55 14.39 27.22 -27.22
CA ILE F 55 15.67 26.57 -27.50
C ILE F 55 16.57 27.60 -28.19
N ILE F 56 17.81 27.71 -27.72
CA ILE F 56 18.75 28.72 -28.21
C ILE F 56 20.00 28.01 -28.72
N ILE F 57 20.38 28.30 -29.97
CA ILE F 57 21.62 27.83 -30.56
C ILE F 57 22.54 29.04 -30.68
N SER F 58 23.60 29.05 -29.88
CA SER F 58 24.48 30.22 -29.83
C SER F 58 25.93 29.78 -29.71
N ASN F 59 26.79 30.39 -30.53
CA ASN F 59 28.23 30.24 -30.40
C ASN F 59 28.84 31.26 -29.44
N ASP F 60 28.08 32.28 -29.05
CA ASP F 60 28.58 33.32 -28.16
C ASP F 60 28.88 32.73 -26.79
N GLY F 61 30.09 32.98 -26.30
CA GLY F 61 30.49 32.42 -25.01
C GLY F 61 29.66 32.92 -23.85
N HIS F 62 29.17 34.15 -23.93
CA HIS F 62 28.34 34.69 -22.85
C HIS F 62 26.94 34.10 -22.87
N THR F 63 26.36 33.95 -24.06
CA THR F 63 25.01 33.39 -24.16
C THR F 63 24.99 31.93 -23.74
N ILE F 64 26.05 31.18 -24.03
CA ILE F 64 26.13 29.78 -23.61
C ILE F 64 26.14 29.69 -22.09
N LEU F 65 27.01 30.48 -21.44
CA LEU F 65 27.11 30.42 -19.99
C LEU F 65 25.86 30.99 -19.31
N LYS F 66 25.16 31.90 -19.97
CA LYS F 66 23.98 32.51 -19.36
C LYS F 66 22.81 31.54 -19.32
N GLN F 67 22.54 30.84 -20.42
CA GLN F 67 21.43 29.90 -20.48
C GLN F 67 21.76 28.55 -19.87
N MET F 68 23.01 28.31 -19.49
CA MET F 68 23.43 27.06 -18.88
C MET F 68 23.62 27.30 -17.39
N ALA F 69 22.76 26.71 -16.57
CA ALA F 69 22.85 26.86 -15.14
C ALA F 69 23.99 26.01 -14.58
N ILE F 70 24.70 26.56 -13.61
CA ILE F 70 25.87 25.91 -13.02
C ILE F 70 25.64 25.74 -11.52
N LEU F 71 25.98 24.57 -10.99
CA LEU F 71 25.79 24.25 -9.59
C LEU F 71 27.00 24.58 -8.72
N HIS F 72 28.11 25.04 -9.31
CA HIS F 72 29.31 25.34 -8.55
C HIS F 72 29.48 26.85 -8.44
N PRO F 73 29.59 27.40 -7.22
CA PRO F 73 29.60 28.87 -7.08
C PRO F 73 30.77 29.54 -7.79
N VAL F 74 31.98 29.00 -7.68
CA VAL F 74 33.13 29.60 -8.36
C VAL F 74 32.94 29.50 -9.86
N ALA F 75 32.36 28.39 -10.34
CA ALA F 75 32.07 28.26 -11.76
C ALA F 75 30.90 29.14 -12.19
N ARG F 76 30.02 29.53 -11.27
CA ARG F 76 29.00 30.51 -11.59
C ARG F 76 29.61 31.87 -11.91
N MET F 77 30.77 32.19 -11.31
CA MET F 77 31.42 33.47 -11.56
C MET F 77 31.93 33.60 -12.98
N LEU F 78 32.16 32.49 -13.67
CA LEU F 78 32.59 32.56 -15.06
C LEU F 78 31.50 33.16 -15.95
N VAL F 79 30.24 33.05 -15.54
CA VAL F 79 29.15 33.69 -16.28
C VAL F 79 29.27 35.21 -16.17
N GLU F 80 29.61 35.70 -14.98
CA GLU F 80 29.76 37.14 -14.78
C GLU F 80 31.02 37.69 -15.44
N VAL F 81 32.03 36.86 -15.65
CA VAL F 81 33.23 37.30 -16.35
C VAL F 81 32.92 37.61 -17.80
N SER F 82 32.12 36.76 -18.45
CA SER F 82 31.73 37.01 -19.83
C SER F 82 30.82 38.24 -19.92
N ALA F 83 30.06 38.53 -18.87
CA ALA F 83 29.23 39.73 -18.87
C ALA F 83 30.09 40.99 -18.73
N ALA F 84 31.20 40.91 -18.00
CA ALA F 84 32.08 42.06 -17.87
C ALA F 84 32.80 42.35 -19.18
N GLN F 85 33.12 41.30 -19.95
CA GLN F 85 33.78 41.50 -21.25
C GLN F 85 32.81 41.97 -22.31
N ASP F 86 31.56 41.52 -22.25
CA ASP F 86 30.57 41.93 -23.25
C ASP F 86 30.04 43.33 -23.02
N SER F 87 29.93 43.74 -21.75
CA SER F 87 29.38 45.06 -21.45
C SER F 87 30.36 46.16 -21.79
N GLU F 88 31.61 46.03 -21.36
CA GLU F 88 32.60 47.08 -21.60
C GLU F 88 33.08 47.08 -23.04
N ALA F 89 33.42 45.91 -23.58
CA ALA F 89 33.93 45.79 -24.94
C ALA F 89 32.90 45.14 -25.86
N GLY F 90 32.61 43.86 -25.67
CA GLY F 90 31.66 43.14 -26.50
C GLY F 90 32.26 42.16 -27.47
N ASP F 91 33.58 42.15 -27.63
CA ASP F 91 34.26 41.23 -28.53
C ASP F 91 35.26 40.38 -27.75
N GLY F 92 35.41 39.14 -28.17
CA GLY F 92 36.33 38.23 -27.50
C GLY F 92 35.90 37.84 -26.11
N THR F 93 34.60 37.66 -25.88
CA THR F 93 34.11 37.29 -24.55
C THR F 93 34.30 35.81 -24.25
N THR F 94 34.51 34.98 -25.27
CA THR F 94 34.78 33.57 -25.03
C THR F 94 36.26 33.29 -24.76
N SER F 95 37.13 34.25 -25.06
CA SER F 95 38.56 34.08 -24.79
C SER F 95 38.90 34.34 -23.33
N VAL F 96 38.20 35.27 -22.68
CA VAL F 96 38.49 35.58 -21.29
C VAL F 96 38.08 34.44 -20.37
N VAL F 97 37.07 33.67 -20.75
CA VAL F 97 36.64 32.54 -19.95
C VAL F 97 37.66 31.40 -20.06
N ILE F 98 38.16 31.15 -21.27
CA ILE F 98 39.18 30.12 -21.45
C ILE F 98 40.48 30.55 -20.78
N LEU F 99 40.82 31.83 -20.88
CA LEU F 99 42.04 32.32 -20.23
C LEU F 99 41.93 32.28 -18.71
N THR F 100 40.73 32.50 -18.18
CA THR F 100 40.54 32.41 -16.73
C THR F 100 40.79 31.00 -16.23
N GLY F 101 40.29 29.99 -16.96
CA GLY F 101 40.54 28.61 -16.58
C GLY F 101 41.99 28.20 -16.75
N ALA F 102 42.70 28.86 -17.66
CA ALA F 102 44.12 28.55 -17.85
C ALA F 102 44.96 29.14 -16.72
N LEU F 103 44.60 30.33 -16.24
CA LEU F 103 45.31 30.91 -15.10
C LEU F 103 45.09 30.12 -13.83
N LEU F 104 43.90 29.52 -13.68
CA LEU F 104 43.65 28.67 -12.50
C LEU F 104 44.42 27.37 -12.60
N GLY F 105 44.58 26.83 -13.81
CA GLY F 105 45.36 25.62 -13.97
C GLY F 105 46.84 25.85 -13.79
N ALA F 106 47.33 27.01 -14.22
CA ALA F 106 48.74 27.34 -14.03
C ALA F 106 49.05 27.62 -12.57
N ALA F 107 48.10 28.24 -11.85
CA ALA F 107 48.27 28.51 -10.44
C ALA F 107 47.91 27.32 -9.55
N GLU F 108 47.38 26.24 -10.13
CA GLU F 108 47.04 25.08 -9.32
C GLU F 108 48.30 24.36 -8.82
N ARG F 109 49.30 24.21 -9.68
CA ARG F 109 50.55 23.60 -9.25
C ARG F 109 51.35 24.50 -8.34
N LEU F 110 51.13 25.82 -8.40
CA LEU F 110 51.83 26.75 -7.51
C LEU F 110 51.33 26.66 -6.08
N LEU F 111 50.11 26.16 -5.86
CA LEU F 111 49.60 26.04 -4.50
C LEU F 111 50.30 24.92 -3.74
N ASN F 112 50.68 23.84 -4.44
CA ASN F 112 51.39 22.74 -3.82
C ASN F 112 52.85 23.05 -3.55
N LYS F 113 53.36 24.17 -4.06
CA LYS F 113 54.75 24.57 -3.86
C LYS F 113 54.96 25.39 -2.60
N GLY F 114 53.90 25.67 -1.84
CA GLY F 114 54.03 26.43 -0.62
C GLY F 114 53.98 27.93 -0.79
N ILE F 115 53.33 28.41 -1.84
CA ILE F 115 53.21 29.85 -2.10
C ILE F 115 51.87 30.32 -1.59
N HIS F 116 51.87 31.47 -0.92
CA HIS F 116 50.64 32.00 -0.34
C HIS F 116 49.71 32.47 -1.46
N PRO F 117 48.39 32.26 -1.31
CA PRO F 117 47.47 32.63 -2.40
C PRO F 117 47.53 34.11 -2.77
N THR F 118 47.70 35.00 -1.79
CA THR F 118 47.77 36.43 -2.10
C THR F 118 49.02 36.76 -2.90
N ILE F 119 50.12 36.05 -2.67
CA ILE F 119 51.32 36.26 -3.47
C ILE F 119 51.06 35.88 -4.92
N ILE F 120 50.29 34.81 -5.14
CA ILE F 120 49.91 34.43 -6.50
C ILE F 120 48.90 35.43 -7.06
N ALA F 121 48.01 35.93 -6.22
CA ALA F 121 46.98 36.85 -6.70
C ALA F 121 47.56 38.23 -6.98
N ASP F 122 48.42 38.73 -6.08
CA ASP F 122 49.00 40.06 -6.27
C ASP F 122 49.97 40.08 -7.45
N SER F 123 50.58 38.95 -7.77
CA SER F 123 51.48 38.89 -8.92
C SER F 123 50.71 38.97 -10.23
N PHE F 124 49.45 38.51 -10.24
CA PHE F 124 48.65 38.60 -11.45
C PHE F 124 48.17 40.03 -11.70
N GLN F 125 47.96 40.81 -10.64
CA GLN F 125 47.58 42.21 -10.82
C GLN F 125 48.71 43.01 -11.47
N SER F 126 49.95 42.72 -11.09
CA SER F 126 51.09 43.36 -11.74
C SER F 126 51.33 42.80 -13.13
N ALA F 127 50.87 41.57 -13.41
CA ALA F 127 51.03 41.00 -14.74
C ALA F 127 50.04 41.59 -15.74
N ALA F 128 48.85 41.98 -15.27
CA ALA F 128 47.87 42.59 -16.16
C ALA F 128 48.32 43.99 -16.58
N LYS F 129 48.94 44.74 -15.65
CA LYS F 129 49.41 46.08 -15.99
C LYS F 129 50.59 46.02 -16.95
N ARG F 130 51.45 45.00 -16.81
CA ARG F 130 52.58 44.86 -17.73
C ARG F 130 52.12 44.44 -19.12
N SER F 131 51.06 43.65 -19.21
CA SER F 131 50.56 43.22 -20.52
C SER F 131 49.94 44.38 -21.30
N VAL F 132 49.42 45.38 -20.60
CA VAL F 132 48.84 46.54 -21.27
C VAL F 132 49.94 47.36 -21.95
N ASP F 133 51.06 47.57 -21.25
CA ASP F 133 52.15 48.35 -21.82
C ASP F 133 52.77 47.65 -23.03
N ILE F 134 52.73 46.32 -23.07
CA ILE F 134 53.25 45.59 -24.22
C ILE F 134 52.34 45.78 -25.42
N LEU F 135 51.01 45.76 -25.20
CA LEU F 135 50.07 45.95 -26.29
C LEU F 135 50.10 47.36 -26.84
N LEU F 136 50.58 48.34 -26.07
CA LEU F 136 50.68 49.70 -26.58
C LEU F 136 51.76 49.82 -27.65
N GLU F 137 52.82 49.02 -27.56
CA GLU F 137 53.85 49.03 -28.59
C GLU F 137 53.35 48.38 -29.88
N MET F 138 52.59 47.30 -29.76
CA MET F 138 52.01 46.64 -30.92
C MET F 138 50.78 47.37 -31.46
N CYS F 139 50.30 48.39 -30.75
CA CYS F 139 49.12 49.13 -31.20
C CYS F 139 49.44 49.95 -32.45
N HIS F 140 48.65 49.75 -33.49
CA HIS F 140 48.79 50.48 -34.75
C HIS F 140 47.64 51.48 -34.85
N LYS F 141 47.97 52.76 -34.76
CA LYS F 141 46.95 53.80 -34.81
C LYS F 141 46.28 53.83 -36.18
N VAL F 142 44.95 53.79 -36.20
CA VAL F 142 44.18 53.81 -37.43
C VAL F 142 43.46 55.15 -37.54
N SER F 143 43.27 55.60 -38.77
CA SER F 143 42.62 56.88 -39.03
C SER F 143 41.10 56.68 -39.15
N LEU F 144 40.35 57.61 -38.60
CA LEU F 144 38.90 57.56 -38.68
C LEU F 144 38.44 57.80 -40.12
N SER F 145 37.21 57.37 -40.40
CA SER F 145 36.53 57.45 -41.69
C SER F 145 37.17 56.57 -42.76
N ASP F 146 38.28 55.90 -42.46
CA ASP F 146 38.92 55.01 -43.41
C ASP F 146 38.20 53.67 -43.40
N ARG F 147 37.68 53.27 -44.57
CA ARG F 147 36.95 52.01 -44.70
C ARG F 147 37.86 50.82 -44.96
N GLU F 148 39.17 51.03 -45.08
CA GLU F 148 40.09 49.92 -45.28
C GLU F 148 40.36 49.17 -43.99
N GLN F 149 40.62 49.90 -42.91
CA GLN F 149 40.96 49.27 -41.63
C GLN F 149 39.74 48.73 -40.91
N LEU F 150 38.63 49.48 -40.93
CA LEU F 150 37.48 49.11 -40.12
C LEU F 150 36.70 47.94 -40.72
N VAL F 151 36.53 47.92 -42.05
CA VAL F 151 35.78 46.84 -42.67
C VAL F 151 36.53 45.51 -42.54
N ARG F 152 37.85 45.53 -42.74
CA ARG F 152 38.62 44.30 -42.62
C ARG F 152 38.74 43.84 -41.17
N ALA F 153 38.61 44.77 -40.21
CA ALA F 153 38.67 44.38 -38.80
C ALA F 153 37.35 43.80 -38.33
N ALA F 154 36.22 44.30 -38.84
CA ALA F 154 34.92 43.77 -38.41
C ALA F 154 34.68 42.37 -38.94
N SER F 155 35.22 42.05 -40.12
CA SER F 155 35.04 40.72 -40.69
C SER F 155 35.86 39.66 -39.97
N THR F 156 36.83 40.05 -39.15
CA THR F 156 37.63 39.09 -38.41
C THR F 156 36.82 38.42 -37.31
N SER F 157 36.09 39.22 -36.52
CA SER F 157 35.28 38.67 -35.45
C SER F 157 34.09 37.86 -35.95
N LEU F 158 33.67 38.09 -37.20
CA LEU F 158 32.53 37.35 -37.75
C LEU F 158 32.93 35.98 -38.27
N SER F 159 34.23 35.73 -38.47
CA SER F 159 34.66 34.43 -39.00
C SER F 159 34.41 33.31 -38.01
N SER F 160 34.35 33.62 -36.72
CA SER F 160 34.09 32.63 -35.68
C SER F 160 32.60 32.40 -35.45
N LYS F 161 31.73 33.06 -36.21
CA LYS F 161 30.29 32.99 -36.03
C LYS F 161 29.62 32.64 -37.35
N ILE F 162 28.34 32.29 -37.27
CA ILE F 162 27.56 32.00 -38.46
C ILE F 162 27.42 33.26 -39.31
N VAL F 163 27.08 33.07 -40.58
CA VAL F 163 26.86 34.13 -41.57
C VAL F 163 28.23 34.63 -42.04
N SER F 164 29.30 34.06 -41.48
CA SER F 164 30.66 34.43 -41.86
C SER F 164 30.86 34.38 -43.38
N GLN F 165 30.20 33.46 -44.07
CA GLN F 165 30.28 33.43 -45.52
C GLN F 165 29.62 34.66 -46.14
N TYR F 166 28.43 35.01 -45.65
CA TYR F 166 27.75 36.22 -46.10
C TYR F 166 28.32 37.49 -45.47
N SER F 167 29.25 37.37 -44.52
CA SER F 167 29.79 38.52 -43.82
C SER F 167 30.60 39.45 -44.72
N SER F 168 30.84 39.06 -45.98
CA SER F 168 31.60 39.91 -46.89
C SER F 168 30.93 41.27 -47.05
N PHE F 169 29.62 41.28 -47.30
CA PHE F 169 28.89 42.53 -47.43
C PHE F 169 28.25 43.00 -46.12
N LEU F 170 28.32 42.20 -45.05
CA LEU F 170 27.90 42.68 -43.74
C LEU F 170 28.97 43.55 -43.08
N ALA F 171 30.23 43.36 -43.44
CA ALA F 171 31.30 44.15 -42.84
C ALA F 171 31.20 45.64 -43.17
N PRO F 172 31.00 46.06 -44.43
CA PRO F 172 30.83 47.50 -44.67
C PRO F 172 29.54 48.07 -44.11
N LEU F 173 28.55 47.23 -43.81
CA LEU F 173 27.31 47.73 -43.21
C LEU F 173 27.51 48.04 -41.73
N ALA F 174 28.25 47.19 -41.01
CA ALA F 174 28.48 47.44 -39.58
C ALA F 174 29.39 48.63 -39.36
N VAL F 175 30.24 48.95 -40.33
CA VAL F 175 31.13 50.11 -40.20
C VAL F 175 30.36 51.40 -40.42
N ASP F 176 29.54 51.45 -41.46
CA ASP F 176 28.79 52.66 -41.77
C ASP F 176 27.64 52.90 -40.79
N SER F 177 27.24 51.87 -40.04
CA SER F 177 26.14 52.01 -39.09
C SER F 177 26.60 52.43 -37.69
N VAL F 178 27.90 52.54 -37.46
CA VAL F 178 28.43 52.90 -36.15
C VAL F 178 29.18 54.22 -36.25
N LEU F 179 30.28 54.23 -37.01
CA LEU F 179 31.10 55.43 -37.11
C LEU F 179 30.35 56.57 -37.79
N LYS F 180 29.59 56.26 -38.84
CA LYS F 180 28.86 57.28 -39.58
C LYS F 180 27.47 57.55 -39.02
N ILE F 181 27.08 56.86 -37.94
CA ILE F 181 25.75 57.03 -37.38
C ILE F 181 25.85 57.44 -35.90
N SER F 182 26.31 56.51 -35.06
CA SER F 182 26.39 56.74 -33.62
C SER F 182 27.23 57.97 -33.29
N ASP F 183 28.55 57.87 -33.48
CA ASP F 183 29.43 59.01 -33.23
C ASP F 183 30.64 58.87 -34.14
N GLU F 184 31.17 60.02 -34.58
CA GLU F 184 32.29 60.05 -35.49
C GLU F 184 33.63 60.26 -34.81
N ASN F 185 33.66 60.39 -33.48
CA ASN F 185 34.91 60.74 -32.82
C ASN F 185 35.35 59.73 -31.77
N SER F 186 34.72 59.75 -30.60
CA SER F 186 35.24 59.00 -29.46
C SER F 186 34.14 58.89 -28.40
N LYS F 187 34.53 58.45 -27.21
CA LYS F 187 33.70 58.38 -26.01
C LYS F 187 32.57 57.36 -26.22
N ASN F 188 31.31 57.74 -26.02
CA ASN F 188 30.26 56.74 -25.81
C ASN F 188 30.03 55.89 -27.05
N VAL F 189 29.70 56.53 -28.18
CA VAL F 189 29.34 55.84 -29.41
C VAL F 189 28.22 54.84 -29.09
N ASP F 190 27.02 55.36 -28.82
CA ASP F 190 25.91 54.53 -28.39
C ASP F 190 25.50 53.57 -29.51
N LEU F 191 25.43 52.28 -29.18
CA LEU F 191 24.95 51.28 -30.13
C LEU F 191 23.46 50.99 -29.99
N ASN F 192 22.78 51.59 -29.01
CA ASN F 192 21.33 51.43 -28.90
C ASN F 192 20.60 52.14 -30.02
N ASP F 193 21.27 53.09 -30.70
CA ASP F 193 20.66 53.75 -31.85
C ASP F 193 20.38 52.75 -32.96
N ILE F 194 21.28 51.79 -33.16
CA ILE F 194 21.10 50.78 -34.18
C ILE F 194 19.93 49.87 -33.79
N ARG F 195 18.97 49.72 -34.70
CA ARG F 195 17.78 48.92 -34.47
C ARG F 195 17.78 47.73 -35.42
N LEU F 196 17.86 46.52 -34.87
CA LEU F 196 17.86 45.29 -35.64
C LEU F 196 16.49 44.65 -35.51
N VAL F 197 15.73 44.63 -36.60
CA VAL F 197 14.38 44.10 -36.63
C VAL F 197 14.43 42.66 -37.13
N LYS F 198 13.73 41.77 -36.43
CA LYS F 198 13.73 40.34 -36.74
C LYS F 198 12.40 39.97 -37.41
N LYS F 199 12.50 39.26 -38.53
CA LYS F 199 11.34 38.76 -39.26
C LYS F 199 11.51 37.28 -39.54
N VAL F 200 10.51 36.48 -39.18
CA VAL F 200 10.60 35.03 -39.38
C VAL F 200 10.51 34.71 -40.86
N GLY F 201 11.25 33.69 -41.27
CA GLY F 201 11.26 33.25 -42.66
C GLY F 201 12.33 33.94 -43.48
N GLY F 202 12.47 33.46 -44.71
CA GLY F 202 13.44 34.02 -45.63
C GLY F 202 14.80 33.39 -45.51
N THR F 203 15.77 34.04 -46.15
CA THR F 203 17.16 33.60 -46.16
C THR F 203 18.06 34.71 -45.64
N ILE F 204 19.28 34.33 -45.28
CA ILE F 204 20.24 35.30 -44.76
C ILE F 204 20.67 36.27 -45.86
N ASP F 205 20.71 35.81 -47.11
CA ASP F 205 21.11 36.69 -48.21
C ASP F 205 20.16 37.86 -48.39
N ASP F 206 18.91 37.71 -47.96
CA ASP F 206 17.93 38.79 -48.08
C ASP F 206 18.18 39.92 -47.09
N THR F 207 19.10 39.77 -46.16
CA THR F 207 19.40 40.83 -45.20
C THR F 207 20.07 42.00 -45.91
N GLU F 208 19.51 43.20 -45.70
CA GLU F 208 20.05 44.41 -46.31
C GLU F 208 19.76 45.59 -45.41
N MET F 209 20.51 46.66 -45.63
CA MET F 209 20.35 47.88 -44.84
C MET F 209 19.36 48.81 -45.52
N ILE F 210 18.51 49.46 -44.71
CA ILE F 210 17.49 50.38 -45.19
C ILE F 210 17.97 51.80 -44.97
N ASP F 211 17.63 52.69 -45.90
CA ASP F 211 18.05 54.09 -45.84
C ASP F 211 17.15 54.94 -44.96
N GLY F 212 16.15 54.34 -44.30
CA GLY F 212 15.25 55.10 -43.45
C GLY F 212 14.73 54.22 -42.33
N VAL F 213 13.87 54.82 -41.50
CA VAL F 213 13.35 54.13 -40.33
C VAL F 213 12.41 53.01 -40.77
N VAL F 214 12.63 51.81 -40.24
CA VAL F 214 11.78 50.65 -40.52
C VAL F 214 10.79 50.52 -39.38
N LEU F 215 9.50 50.42 -39.73
CA LEU F 215 8.43 50.31 -38.74
C LEU F 215 8.14 48.84 -38.50
N THR F 216 8.42 48.37 -37.28
CA THR F 216 8.16 46.97 -36.95
C THR F 216 6.66 46.69 -36.88
N GLN F 217 5.90 47.62 -36.32
CA GLN F 217 4.46 47.45 -36.22
C GLN F 217 3.81 47.52 -37.61
N THR F 218 2.60 46.98 -37.69
CA THR F 218 1.85 46.92 -38.94
C THR F 218 0.58 47.73 -38.83
N ALA F 219 0.03 48.10 -39.98
CA ALA F 219 -1.16 48.94 -40.03
C ALA F 219 -2.38 48.15 -39.58
N ILE F 220 -3.53 48.83 -39.59
CA ILE F 220 -4.78 48.24 -39.13
C ILE F 220 -5.44 47.48 -40.27
N LYS F 221 -5.82 48.21 -41.33
CA LYS F 221 -6.47 47.70 -42.54
C LYS F 221 -7.89 47.20 -42.30
N SER F 222 -8.37 47.21 -41.05
CA SER F 222 -9.73 46.77 -40.78
C SER F 222 -10.77 47.65 -41.48
N ALA F 223 -10.47 48.93 -41.63
CA ALA F 223 -11.34 49.87 -42.33
C ALA F 223 -10.98 50.04 -43.80
N GLY F 224 -9.98 49.30 -44.29
CA GLY F 224 -9.57 49.41 -45.68
C GLY F 224 -8.77 50.67 -45.97
N GLY F 225 -7.80 50.97 -45.12
CA GLY F 225 -6.96 52.13 -45.30
C GLY F 225 -5.81 51.86 -46.26
N PRO F 226 -5.38 52.90 -46.98
CA PRO F 226 -4.25 52.73 -47.91
C PRO F 226 -2.98 52.33 -47.18
N THR F 227 -2.33 51.28 -47.69
CA THR F 227 -1.09 50.78 -47.11
C THR F 227 0.16 51.42 -47.71
N ARG F 228 0.02 52.20 -48.78
CA ARG F 228 1.16 52.82 -49.46
C ARG F 228 0.85 54.30 -49.66
N LYS F 229 1.72 55.17 -49.13
CA LYS F 229 1.57 56.61 -49.26
C LYS F 229 2.87 57.19 -49.80
N GLU F 230 2.78 57.81 -50.98
CA GLU F 230 3.94 58.42 -51.62
C GLU F 230 3.96 59.91 -51.30
N LYS F 231 5.13 60.39 -50.85
CA LYS F 231 5.34 61.79 -50.48
C LYS F 231 4.33 62.21 -49.40
N ALA F 232 4.48 61.59 -48.24
CA ALA F 232 3.62 61.83 -47.09
C ALA F 232 4.43 62.26 -45.88
N LYS F 233 3.77 62.95 -44.97
CA LYS F 233 4.38 63.41 -43.73
C LYS F 233 3.97 62.50 -42.60
N ILE F 234 4.95 61.83 -41.99
CA ILE F 234 4.69 60.87 -40.93
C ILE F 234 4.55 61.63 -39.60
N GLY F 235 3.42 61.46 -38.94
CA GLY F 235 3.17 62.08 -37.66
C GLY F 235 3.32 61.11 -36.49
N LEU F 236 3.30 61.68 -35.29
CA LEU F 236 3.39 60.91 -34.05
C LEU F 236 2.27 61.36 -33.12
N ILE F 237 1.46 60.41 -32.66
CA ILE F 237 0.32 60.69 -31.78
C ILE F 237 0.61 60.05 -30.43
N GLN F 238 0.83 60.90 -29.42
CA GLN F 238 0.96 60.41 -28.05
C GLN F 238 -0.36 60.37 -27.30
N PHE F 239 -1.41 60.95 -27.86
CA PHE F 239 -2.73 60.91 -27.24
C PHE F 239 -3.52 59.72 -27.78
N GLN F 240 -4.81 59.66 -27.45
CA GLN F 240 -5.67 58.56 -27.86
C GLN F 240 -6.90 59.12 -28.55
N ILE F 241 -7.24 58.56 -29.70
CA ILE F 241 -8.39 59.00 -30.47
C ILE F 241 -9.58 58.13 -30.08
N SER F 242 -10.58 58.72 -29.43
CA SER F 242 -11.72 58.00 -28.87
C SER F 242 -12.69 59.01 -28.27
N PRO F 243 -13.93 58.62 -27.98
CA PRO F 243 -14.83 59.50 -27.25
C PRO F 243 -14.21 59.90 -25.92
N PRO F 244 -14.57 61.08 -25.40
CA PRO F 244 -13.93 61.57 -24.17
C PRO F 244 -14.15 60.62 -23.00
N LYS F 245 -13.05 60.24 -22.35
CA LYS F 245 -13.09 59.36 -21.19
C LYS F 245 -12.05 59.84 -20.19
N PRO F 246 -12.39 60.84 -19.37
CA PRO F 246 -11.46 61.32 -18.35
C PRO F 246 -11.10 60.22 -17.35
N ASP F 247 -9.95 60.40 -16.70
CA ASP F 247 -9.51 59.42 -15.71
C ASP F 247 -10.46 59.35 -14.53
N THR F 248 -11.06 60.48 -14.15
CA THR F 248 -12.06 60.48 -13.08
C THR F 248 -13.35 59.87 -13.58
N GLU F 249 -13.95 59.01 -12.75
CA GLU F 249 -15.20 58.35 -13.13
C GLU F 249 -16.30 59.38 -13.36
N ASN F 250 -16.93 59.30 -14.52
CA ASN F 250 -17.99 60.22 -14.92
C ASN F 250 -19.31 59.48 -15.08
N ASN F 251 -20.40 60.21 -14.91
CA ASN F 251 -21.74 59.66 -15.02
C ASN F 251 -22.52 60.50 -16.02
N ILE F 252 -22.90 59.90 -17.15
CA ILE F 252 -23.67 60.58 -18.17
C ILE F 252 -25.14 60.25 -17.94
N ILE F 253 -25.93 61.27 -17.59
CA ILE F 253 -27.35 61.12 -17.32
C ILE F 253 -28.12 61.74 -18.47
N VAL F 254 -29.01 60.96 -19.07
CA VAL F 254 -29.83 61.40 -20.20
C VAL F 254 -31.22 61.70 -19.66
N ASN F 255 -31.58 62.98 -19.60
CA ASN F 255 -32.86 63.38 -19.05
C ASN F 255 -33.99 63.23 -20.08
N ASP F 256 -33.74 63.64 -21.32
CA ASP F 256 -34.76 63.66 -22.36
C ASP F 256 -34.41 62.65 -23.45
N TYR F 257 -35.45 62.06 -24.04
CA TYR F 257 -35.23 61.09 -25.12
C TYR F 257 -34.64 61.76 -26.36
N ARG F 258 -34.89 63.06 -26.53
CA ARG F 258 -34.29 63.80 -27.64
C ARG F 258 -32.81 64.07 -27.43
N GLN F 259 -32.30 63.90 -26.20
CA GLN F 259 -30.88 64.12 -25.96
C GLN F 259 -30.03 62.99 -26.51
N MET F 260 -30.60 61.78 -26.64
CA MET F 260 -29.83 60.66 -27.18
C MET F 260 -29.45 60.89 -28.63
N ASP F 261 -30.22 61.70 -29.35
CA ASP F 261 -29.88 62.01 -30.73
C ASP F 261 -28.68 62.95 -30.81
N LYS F 262 -28.61 63.93 -29.90
CA LYS F 262 -27.49 64.85 -29.89
C LYS F 262 -26.21 64.19 -29.40
N ILE F 263 -26.33 63.17 -28.55
CA ILE F 263 -25.14 62.49 -28.04
C ILE F 263 -24.42 61.75 -29.16
N LEU F 264 -25.16 60.95 -29.95
CA LEU F 264 -24.54 60.21 -31.03
C LEU F 264 -23.97 61.14 -32.11
N LYS F 265 -24.52 62.34 -32.24
CA LYS F 265 -24.00 63.30 -33.20
C LYS F 265 -22.74 63.99 -32.69
N GLU F 266 -22.65 64.26 -31.38
CA GLU F 266 -21.47 64.91 -30.83
C GLU F 266 -20.31 63.93 -30.64
N GLU F 267 -20.60 62.65 -30.42
CA GLU F 267 -19.53 61.67 -30.31
C GLU F 267 -18.76 61.52 -31.61
N ARG F 268 -19.48 61.46 -32.74
CA ARG F 268 -18.82 61.41 -34.04
C ARG F 268 -18.25 62.77 -34.44
N ALA F 269 -18.84 63.86 -33.94
CA ALA F 269 -18.31 65.18 -34.24
C ALA F 269 -17.01 65.45 -33.47
N TYR F 270 -16.89 64.90 -32.25
CA TYR F 270 -15.65 65.05 -31.51
C TYR F 270 -14.51 64.33 -32.19
N LEU F 271 -14.78 63.16 -32.77
CA LEU F 271 -13.76 62.42 -33.52
C LEU F 271 -13.54 63.00 -34.91
N LEU F 272 -14.53 63.71 -35.46
CA LEU F 272 -14.36 64.31 -36.78
C LEU F 272 -13.49 65.56 -36.72
N ASN F 273 -13.70 66.42 -35.73
CA ASN F 273 -12.89 67.63 -35.61
C ASN F 273 -11.42 67.32 -35.37
N ILE F 274 -11.13 66.18 -34.73
CA ILE F 274 -9.74 65.76 -34.56
C ILE F 274 -9.14 65.39 -35.92
N CYS F 275 -9.91 64.72 -36.76
CA CYS F 275 -9.43 64.33 -38.09
C CYS F 275 -9.43 65.48 -39.07
N LYS F 276 -10.27 66.50 -38.86
CA LYS F 276 -10.27 67.66 -39.76
C LYS F 276 -8.99 68.47 -39.61
N LYS F 277 -8.48 68.60 -38.39
CA LYS F 277 -7.23 69.33 -38.17
C LYS F 277 -6.03 68.57 -38.72
N ILE F 278 -6.13 67.26 -38.86
CA ILE F 278 -5.01 66.48 -39.42
C ILE F 278 -4.91 66.70 -40.92
N LYS F 279 -6.06 66.77 -41.60
CA LYS F 279 -6.04 67.00 -43.05
C LYS F 279 -5.53 68.38 -43.39
N LYS F 280 -5.72 69.36 -42.50
CA LYS F 280 -5.24 70.72 -42.77
C LYS F 280 -3.72 70.77 -42.84
N ALA F 281 -3.03 69.91 -42.09
CA ALA F 281 -1.58 69.84 -42.12
C ALA F 281 -1.06 68.84 -43.14
N LYS F 282 -1.95 68.17 -43.87
CA LYS F 282 -1.57 67.21 -44.90
C LYS F 282 -0.69 66.09 -44.33
N CYS F 283 -1.16 65.49 -43.24
CA CYS F 283 -0.46 64.38 -42.60
C CYS F 283 -1.16 63.09 -42.99
N ASN F 284 -0.52 62.28 -43.84
CA ASN F 284 -1.09 61.04 -44.34
C ASN F 284 -0.71 59.81 -43.53
N VAL F 285 0.23 59.95 -42.58
CA VAL F 285 0.71 58.81 -41.80
C VAL F 285 0.65 59.20 -40.32
N LEU F 286 -0.04 58.38 -39.53
CA LEU F 286 -0.19 58.61 -38.10
C LEU F 286 0.32 57.40 -37.33
N LEU F 287 1.18 57.63 -36.35
CA LEU F 287 1.73 56.58 -35.51
C LEU F 287 1.23 56.78 -34.07
N ILE F 288 0.65 55.72 -33.51
CA ILE F 288 0.04 55.77 -32.18
C ILE F 288 0.73 54.75 -31.29
N GLN F 289 1.13 55.19 -30.10
CA GLN F 289 1.75 54.30 -29.12
C GLN F 289 0.71 53.38 -28.50
N LYS F 290 1.20 52.30 -27.89
CA LYS F 290 0.33 51.34 -27.22
C LYS F 290 -0.57 52.04 -26.22
N SER F 291 -1.82 51.58 -26.14
CA SER F 291 -2.86 52.23 -25.35
C SER F 291 -3.10 51.48 -24.05
N ILE F 292 -3.39 52.23 -23.00
CA ILE F 292 -3.78 51.68 -21.70
C ILE F 292 -5.20 52.18 -21.41
N LEU F 293 -5.93 51.41 -20.60
CA LEU F 293 -7.35 51.67 -20.31
C LEU F 293 -8.09 51.69 -21.63
N ARG F 294 -8.69 52.80 -22.05
CA ARG F 294 -9.45 52.83 -23.29
C ARG F 294 -8.54 52.59 -24.49
N ASP F 295 -9.16 52.13 -25.59
CA ASP F 295 -8.42 51.77 -26.78
C ASP F 295 -7.78 53.01 -27.43
N ALA F 296 -6.76 52.74 -28.25
CA ALA F 296 -6.04 53.83 -28.90
C ALA F 296 -6.91 54.55 -29.92
N VAL F 297 -7.49 53.81 -30.86
CA VAL F 297 -8.30 54.37 -31.93
C VAL F 297 -9.62 53.62 -31.96
N ASN F 298 -10.72 54.36 -31.91
CA ASN F 298 -12.05 53.76 -31.97
C ASN F 298 -12.37 53.35 -33.40
N ASP F 299 -13.27 52.37 -33.54
CA ASP F 299 -13.68 51.91 -34.86
C ASP F 299 -14.46 52.99 -35.61
N LEU F 300 -15.13 53.89 -34.88
CA LEU F 300 -15.86 54.96 -35.54
C LEU F 300 -14.91 55.97 -36.18
N ALA F 301 -13.73 56.18 -35.58
CA ALA F 301 -12.74 57.09 -36.14
C ALA F 301 -11.97 56.49 -37.31
N LEU F 302 -12.04 55.17 -37.50
CA LEU F 302 -11.34 54.55 -38.62
C LEU F 302 -11.95 54.96 -39.96
N HIS F 303 -13.26 55.17 -40.01
CA HIS F 303 -13.90 55.58 -41.25
C HIS F 303 -13.53 57.01 -41.63
N PHE F 304 -13.19 57.84 -40.64
CA PHE F 304 -12.83 59.23 -40.94
C PHE F 304 -11.48 59.30 -41.66
N LEU F 305 -10.48 58.60 -41.16
CA LEU F 305 -9.15 58.64 -41.74
C LEU F 305 -9.01 57.75 -42.97
N SER F 306 -9.93 56.80 -43.16
CA SER F 306 -9.86 55.94 -44.34
C SER F 306 -10.36 56.64 -45.59
N LYS F 307 -11.45 57.41 -45.47
CA LYS F 307 -11.96 58.16 -46.62
C LYS F 307 -11.03 59.28 -47.04
N LEU F 308 -10.19 59.77 -46.13
CA LEU F 308 -9.23 60.82 -46.43
C LEU F 308 -7.90 60.28 -46.91
N ASN F 309 -7.76 58.96 -47.05
CA ASN F 309 -6.53 58.30 -47.49
C ASN F 309 -5.36 58.65 -46.57
N ILE F 310 -5.47 58.15 -45.34
CA ILE F 310 -4.47 58.37 -44.30
C ILE F 310 -4.14 57.03 -43.65
N MET F 311 -2.87 56.67 -43.66
CA MET F 311 -2.43 55.40 -43.08
C MET F 311 -2.34 55.54 -41.55
N VAL F 312 -2.83 54.51 -40.86
CA VAL F 312 -2.90 54.52 -39.40
C VAL F 312 -2.18 53.27 -38.88
N VAL F 313 -1.25 53.47 -37.95
CA VAL F 313 -0.53 52.37 -37.31
C VAL F 313 -0.58 52.60 -35.81
N LYS F 314 -0.98 51.58 -35.06
CA LYS F 314 -1.10 51.69 -33.60
C LYS F 314 -0.33 50.57 -32.91
N ASP F 315 -0.47 50.50 -31.58
CA ASP F 315 0.21 49.48 -30.77
C ASP F 315 1.72 49.55 -30.93
N ILE F 316 2.26 50.75 -30.77
CA ILE F 316 3.70 50.99 -30.85
C ILE F 316 4.26 51.09 -29.44
N GLU F 317 5.38 50.40 -29.20
CA GLU F 317 5.98 50.38 -27.87
C GLU F 317 6.38 51.80 -27.45
N ARG F 318 6.19 52.11 -26.16
CA ARG F 318 6.54 53.43 -25.66
C ARG F 318 8.03 53.68 -25.72
N GLU F 319 8.84 52.64 -25.55
CA GLU F 319 10.29 52.81 -25.62
C GLU F 319 10.79 53.08 -27.03
N GLU F 320 9.95 52.83 -28.04
CA GLU F 320 10.30 53.09 -29.43
C GLU F 320 9.96 54.51 -29.88
N ILE F 321 9.35 55.31 -29.01
CA ILE F 321 9.01 56.68 -29.39
C ILE F 321 10.27 57.53 -29.54
N GLU F 322 11.27 57.27 -28.70
CA GLU F 322 12.52 58.02 -28.79
C GLU F 322 13.24 57.73 -30.10
N PHE F 323 13.15 56.49 -30.59
CA PHE F 323 13.79 56.15 -31.86
C PHE F 323 13.04 56.76 -33.03
N LEU F 324 11.70 56.78 -32.97
CA LEU F 324 10.92 57.35 -34.05
C LEU F 324 11.02 58.87 -34.07
N SER F 325 11.27 59.49 -32.93
CA SER F 325 11.36 60.95 -32.87
C SER F 325 12.64 61.45 -33.55
N LYS F 326 13.79 60.88 -33.17
CA LYS F 326 15.05 61.29 -33.77
C LYS F 326 15.27 60.70 -35.15
N GLY F 327 14.66 59.54 -35.43
CA GLY F 327 14.87 58.90 -36.72
C GLY F 327 14.20 59.67 -37.85
N LEU F 328 12.92 59.99 -37.69
CA LEU F 328 12.16 60.70 -38.71
C LEU F 328 12.14 62.20 -38.49
N GLY F 329 12.74 62.69 -37.41
CA GLY F 329 12.75 64.12 -37.13
C GLY F 329 11.39 64.70 -36.86
N CYS F 330 10.42 63.88 -36.46
CA CYS F 330 9.06 64.33 -36.20
C CYS F 330 8.87 64.53 -34.70
N LYS F 331 8.48 65.74 -34.31
CA LYS F 331 8.19 66.00 -32.90
C LYS F 331 6.84 65.38 -32.55
N PRO F 332 6.78 64.56 -31.49
CA PRO F 332 5.50 63.92 -31.13
C PRO F 332 4.44 64.96 -30.77
N ILE F 333 3.20 64.61 -31.10
CA ILE F 333 2.05 65.49 -30.86
C ILE F 333 1.18 64.82 -29.80
N ALA F 334 1.16 65.39 -28.60
CA ALA F 334 0.37 64.86 -27.48
C ALA F 334 -0.96 65.55 -27.32
N ASP F 335 -1.27 66.58 -28.11
CA ASP F 335 -2.51 67.32 -27.98
C ASP F 335 -2.96 67.79 -29.35
N ILE F 336 -4.27 67.77 -29.59
CA ILE F 336 -4.80 68.20 -30.87
C ILE F 336 -4.62 69.71 -31.05
N GLU F 337 -4.51 70.45 -29.95
CA GLU F 337 -4.28 71.89 -30.04
C GLU F 337 -2.84 72.21 -30.40
N LEU F 338 -1.89 71.38 -29.99
CA LEU F 338 -0.48 71.57 -30.31
C LEU F 338 -0.09 70.96 -31.65
N PHE F 339 -1.04 70.35 -32.37
CA PHE F 339 -0.76 69.73 -33.66
C PHE F 339 -0.57 70.81 -34.71
N THR F 340 0.57 70.79 -35.39
CA THR F 340 0.86 71.76 -36.44
C THR F 340 1.73 71.09 -37.49
N GLU F 341 2.06 71.85 -38.54
CA GLU F 341 2.87 71.32 -39.63
C GLU F 341 4.35 71.27 -39.29
N ASP F 342 4.84 72.21 -38.48
CA ASP F 342 6.26 72.24 -38.15
C ASP F 342 6.68 71.06 -37.30
N ARG F 343 5.75 70.46 -36.55
CA ARG F 343 6.04 69.30 -35.72
C ARG F 343 5.94 67.98 -36.47
N LEU F 344 5.62 68.02 -37.76
CA LEU F 344 5.49 66.81 -38.56
C LEU F 344 6.75 66.57 -39.37
N GLY F 345 7.12 65.30 -39.51
CA GLY F 345 8.28 64.92 -40.28
C GLY F 345 8.00 64.92 -41.78
N SER F 346 8.91 64.29 -42.52
CA SER F 346 8.78 64.19 -43.96
C SER F 346 9.37 62.88 -44.44
N ALA F 347 8.75 62.28 -45.45
CA ALA F 347 9.22 61.03 -46.02
C ALA F 347 8.93 61.02 -47.51
N ASP F 348 9.86 60.47 -48.29
CA ASP F 348 9.70 60.43 -49.74
C ASP F 348 8.69 59.37 -50.14
N LEU F 349 8.82 58.16 -49.61
CA LEU F 349 7.91 57.06 -49.93
C LEU F 349 7.63 56.25 -48.68
N VAL F 350 6.36 55.98 -48.41
CA VAL F 350 5.93 55.13 -47.31
C VAL F 350 5.13 53.99 -47.91
N GLU F 351 5.66 52.77 -47.80
CA GLU F 351 5.03 51.59 -48.39
C GLU F 351 5.17 50.42 -47.44
N GLU F 352 4.13 49.59 -47.39
CA GLU F 352 4.12 48.37 -46.58
C GLU F 352 4.40 47.19 -47.51
N ILE F 353 5.57 46.57 -47.34
CA ILE F 353 5.98 45.47 -48.20
C ILE F 353 5.40 44.17 -47.65
N ASP F 354 4.61 43.48 -48.47
CA ASP F 354 4.02 42.20 -48.11
C ASP F 354 4.64 41.13 -49.00
N SER F 355 5.46 40.26 -48.41
CA SER F 355 6.12 39.19 -49.14
C SER F 355 6.23 37.96 -48.25
N ASP F 356 6.00 36.79 -48.85
CA ASP F 356 6.10 35.51 -48.16
C ASP F 356 5.18 35.46 -46.93
N GLY F 357 4.01 36.07 -47.06
CA GLY F 357 3.05 36.07 -45.96
C GLY F 357 3.43 36.94 -44.79
N SER F 358 4.40 37.83 -44.95
CA SER F 358 4.85 38.71 -43.88
C SER F 358 4.80 40.15 -44.36
N LYS F 359 4.24 41.02 -43.53
CA LYS F 359 4.09 42.44 -43.85
C LYS F 359 5.09 43.26 -43.02
N ILE F 360 5.70 44.25 -43.68
CA ILE F 360 6.66 45.12 -43.02
C ILE F 360 6.52 46.52 -43.62
N VAL F 361 6.65 47.53 -42.78
CA VAL F 361 6.53 48.93 -43.18
C VAL F 361 7.93 49.54 -43.20
N ARG F 362 8.32 50.06 -44.36
CA ARG F 362 9.62 50.68 -44.53
C ARG F 362 9.46 52.09 -45.06
N VAL F 363 10.36 52.97 -44.63
CA VAL F 363 10.36 54.37 -45.05
C VAL F 363 11.61 54.62 -45.88
N THR F 364 11.41 55.15 -47.09
CA THR F 364 12.51 55.42 -48.02
C THR F 364 12.82 56.91 -48.01
N GLY F 365 13.97 57.26 -47.47
CA GLY F 365 14.43 58.64 -47.46
C GLY F 365 14.04 59.37 -46.19
N ILE F 366 14.92 60.29 -45.78
CA ILE F 366 14.70 61.12 -44.60
C ILE F 366 15.13 62.55 -44.94
N ARG F 367 14.24 63.51 -44.78
CA ARG F 367 14.54 64.92 -45.04
C ARG F 367 14.13 65.73 -43.81
N ASN F 368 15.11 66.30 -43.14
CA ASN F 368 14.93 67.08 -41.92
C ASN F 368 16.30 67.57 -41.45
N ASN F 369 16.29 68.39 -40.40
CA ASN F 369 17.51 68.83 -39.74
C ASN F 369 17.74 67.90 -38.56
N ASN F 370 18.76 67.05 -38.65
CA ASN F 370 19.05 66.06 -37.62
C ASN F 370 20.56 65.96 -37.44
N ALA F 371 21.02 66.07 -36.20
CA ALA F 371 22.42 65.90 -35.87
C ALA F 371 22.75 64.48 -35.42
N ARG F 372 21.75 63.61 -35.31
CA ARG F 372 21.94 62.23 -34.87
C ARG F 372 21.08 61.32 -35.73
N PRO F 373 21.56 60.95 -36.91
CA PRO F 373 20.78 60.05 -37.77
C PRO F 373 20.70 58.64 -37.18
N THR F 374 19.77 57.86 -37.71
CA THR F 374 19.52 56.51 -37.24
C THR F 374 19.76 55.52 -38.38
N VAL F 375 19.63 54.23 -38.05
CA VAL F 375 19.81 53.16 -39.03
C VAL F 375 18.98 51.96 -38.58
N SER F 376 18.49 51.19 -39.55
CA SER F 376 17.71 50.00 -39.27
C SER F 376 18.05 48.91 -40.28
N VAL F 377 18.14 47.68 -39.80
CA VAL F 377 18.49 46.52 -40.62
C VAL F 377 17.47 45.42 -40.35
N VAL F 378 16.95 44.82 -41.42
CA VAL F 378 15.98 43.73 -41.32
C VAL F 378 16.74 42.41 -41.37
N ILE F 379 16.41 41.50 -40.46
CA ILE F 379 17.09 40.22 -40.33
C ILE F 379 16.11 39.11 -40.66
N ARG F 380 16.51 38.18 -41.52
CA ARG F 380 15.72 37.03 -41.91
C ARG F 380 16.46 35.75 -41.49
N GLY F 381 15.85 34.61 -41.81
CA GLY F 381 16.46 33.33 -41.48
C GLY F 381 15.44 32.22 -41.49
N ALA F 382 15.95 31.00 -41.31
CA ALA F 382 15.10 29.82 -41.36
C ALA F 382 14.17 29.75 -40.16
N ASN F 383 14.72 29.83 -38.96
CA ASN F 383 13.94 29.73 -37.72
C ASN F 383 14.38 30.83 -36.76
N ASN F 384 13.71 30.88 -35.60
CA ASN F 384 14.05 31.89 -34.61
C ASN F 384 15.42 31.65 -34.00
N MET F 385 15.89 30.39 -34.01
CA MET F 385 17.21 30.09 -33.46
C MET F 385 18.32 30.68 -34.34
N ILE F 386 18.13 30.64 -35.66
CA ILE F 386 19.12 31.21 -36.56
C ILE F 386 19.01 32.72 -36.61
N ILE F 387 17.78 33.26 -36.58
CA ILE F 387 17.59 34.69 -36.63
C ILE F 387 18.15 35.36 -35.38
N ASP F 388 17.90 34.76 -34.21
CA ASP F 388 18.45 35.31 -32.97
C ASP F 388 19.98 35.24 -32.98
N GLU F 389 20.54 34.16 -33.51
CA GLU F 389 21.99 34.05 -33.61
C GLU F 389 22.55 34.99 -34.67
N THR F 390 21.78 35.24 -35.74
CA THR F 390 22.21 36.22 -36.74
C THR F 390 22.31 37.61 -36.12
N GLU F 391 21.38 37.94 -35.22
CA GLU F 391 21.47 39.23 -34.53
C GLU F 391 22.61 39.23 -33.53
N ARG F 392 22.78 38.15 -32.76
CA ARG F 392 23.88 38.07 -31.82
C ARG F 392 25.23 38.12 -32.51
N SER F 393 25.31 37.63 -33.75
CA SER F 393 26.54 37.78 -34.52
C SER F 393 26.79 39.22 -34.90
N LEU F 394 25.73 40.03 -35.03
CA LEU F 394 25.90 41.44 -35.35
C LEU F 394 26.33 42.26 -34.15
N HIS F 395 25.88 41.88 -32.94
CA HIS F 395 26.30 42.58 -31.74
C HIS F 395 27.82 42.52 -31.57
N ASP F 396 28.41 41.35 -31.81
CA ASP F 396 29.86 41.23 -31.72
C ASP F 396 30.55 42.01 -32.82
N ALA F 397 29.89 42.21 -33.96
CA ALA F 397 30.47 42.99 -35.05
C ALA F 397 30.35 44.48 -34.78
N LEU F 398 29.25 44.92 -34.17
CA LEU F 398 29.07 46.34 -33.87
C LEU F 398 29.99 46.80 -32.74
N CYS F 399 30.39 45.88 -31.86
CA CYS F 399 31.28 46.23 -30.76
C CYS F 399 32.73 46.37 -31.22
N VAL F 400 33.10 45.78 -32.36
CA VAL F 400 34.45 45.93 -32.87
C VAL F 400 34.70 47.38 -33.27
N ILE F 401 33.75 47.98 -33.98
CA ILE F 401 33.90 49.37 -34.39
C ILE F 401 33.79 50.31 -33.20
N ARG F 402 32.96 49.95 -32.21
CA ARG F 402 32.82 50.80 -31.02
C ARG F 402 34.13 50.89 -30.26
N CYS F 403 34.88 49.79 -30.17
CA CYS F 403 36.17 49.81 -29.48
C CYS F 403 37.21 50.59 -30.27
N LEU F 404 37.09 50.62 -31.60
CA LEU F 404 38.06 51.35 -32.42
C LEU F 404 37.79 52.85 -32.39
N VAL F 405 36.52 53.25 -32.37
CA VAL F 405 36.19 54.68 -32.35
C VAL F 405 36.46 55.25 -30.96
N LYS F 406 36.10 54.51 -29.91
CA LYS F 406 36.36 54.98 -28.55
C LYS F 406 37.85 55.03 -28.26
N GLU F 407 38.56 53.92 -28.51
CA GLU F 407 40.01 53.85 -28.33
C GLU F 407 40.65 53.69 -29.71
N ARG F 408 41.35 54.73 -30.15
CA ARG F 408 41.98 54.70 -31.45
C ARG F 408 43.16 53.74 -31.47
N GLY F 409 43.27 52.97 -32.53
CA GLY F 409 44.34 52.02 -32.69
C GLY F 409 43.87 50.59 -32.50
N LEU F 410 44.63 49.66 -33.09
CA LEU F 410 44.31 48.24 -33.02
C LEU F 410 45.59 47.43 -33.19
N ILE F 411 45.52 46.17 -32.77
CA ILE F 411 46.64 45.25 -32.92
C ILE F 411 46.25 44.14 -33.88
N ALA F 412 47.15 43.18 -34.08
CA ALA F 412 46.90 42.04 -34.95
C ALA F 412 46.51 40.83 -34.11
N GLY F 413 45.44 40.16 -34.51
CA GLY F 413 44.94 39.00 -33.80
C GLY F 413 45.44 37.70 -34.36
N GLY F 414 44.70 36.62 -34.09
CA GLY F 414 45.07 35.32 -34.59
C GLY F 414 46.20 34.66 -33.86
N GLY F 415 46.46 35.05 -32.61
CA GLY F 415 47.54 34.47 -31.83
C GLY F 415 48.75 35.36 -31.67
N ALA F 416 48.75 36.56 -32.26
CA ALA F 416 49.93 37.44 -32.15
C ALA F 416 50.13 37.95 -30.73
N PRO F 417 49.14 38.55 -30.06
CA PRO F 417 49.42 39.12 -28.72
C PRO F 417 49.68 38.07 -27.66
N GLU F 418 49.22 36.84 -27.84
CA GLU F 418 49.41 35.82 -26.82
C GLU F 418 50.85 35.34 -26.78
N ILE F 419 51.47 35.13 -27.95
CA ILE F 419 52.84 34.63 -27.99
C ILE F 419 53.84 35.74 -27.71
N GLU F 420 53.55 36.96 -28.19
CA GLU F 420 54.49 38.07 -28.01
C GLU F 420 54.62 38.45 -26.54
N ILE F 421 53.50 38.55 -25.83
CA ILE F 421 53.55 38.90 -24.42
C ILE F 421 54.23 37.79 -23.62
N SER F 422 54.02 36.53 -24.01
CA SER F 422 54.65 35.42 -23.30
C SER F 422 56.15 35.44 -23.48
N ARG F 423 56.64 35.84 -24.64
CA ARG F 423 58.07 35.90 -24.88
C ARG F 423 58.73 37.08 -24.19
N ARG F 424 58.08 38.26 -24.26
CA ARG F 424 58.64 39.44 -23.61
C ARG F 424 58.64 39.31 -22.10
N LEU F 425 57.69 38.55 -21.54
CA LEU F 425 57.64 38.35 -20.09
C LEU F 425 58.68 37.34 -19.63
N SER F 426 58.95 36.31 -20.44
CA SER F 426 59.91 35.29 -20.05
C SER F 426 61.31 35.86 -19.94
N LYS F 427 61.62 36.90 -20.71
CA LYS F 427 62.94 37.52 -20.62
C LYS F 427 63.07 38.34 -19.35
N GLU F 428 62.01 39.07 -18.98
CA GLU F 428 62.04 39.89 -17.77
C GLU F 428 61.82 39.07 -16.51
N ALA F 429 61.20 37.89 -16.62
CA ALA F 429 60.96 37.07 -15.43
C ALA F 429 62.25 36.49 -14.88
N ARG F 430 63.26 36.26 -15.74
CA ARG F 430 64.52 35.72 -15.26
C ARG F 430 65.35 36.76 -14.53
N SER F 431 65.16 38.04 -14.84
CA SER F 431 65.90 39.11 -14.18
C SER F 431 65.34 39.44 -12.80
N MET F 432 64.08 39.11 -12.55
CA MET F 432 63.48 39.40 -11.23
C MET F 432 63.93 38.42 -10.17
N GLU F 433 64.15 37.15 -10.55
CA GLU F 433 64.54 36.09 -9.63
C GLU F 433 63.58 35.99 -8.46
N GLY F 434 64.11 35.80 -7.25
CA GLY F 434 63.29 35.68 -6.07
C GLY F 434 62.38 34.45 -6.13
N VAL F 435 61.34 34.48 -5.30
CA VAL F 435 60.35 33.41 -5.27
C VAL F 435 59.19 33.67 -6.23
N GLN F 436 59.10 34.86 -6.80
CA GLN F 436 58.03 35.19 -7.73
C GLN F 436 58.36 34.81 -9.17
N ALA F 437 59.61 34.47 -9.47
CA ALA F 437 59.98 34.13 -10.84
C ALA F 437 59.21 32.92 -11.35
N PHE F 438 58.85 31.99 -10.45
CA PHE F 438 58.06 30.84 -10.88
C PHE F 438 56.62 31.22 -11.16
N ILE F 439 56.13 32.29 -10.53
CA ILE F 439 54.76 32.73 -10.78
C ILE F 439 54.66 33.49 -12.09
N TRP F 440 55.64 34.37 -12.37
CA TRP F 440 55.65 35.09 -13.63
C TRP F 440 55.85 34.16 -14.83
N GLN F 441 56.50 33.01 -14.61
CA GLN F 441 56.71 32.06 -15.69
C GLN F 441 55.42 31.32 -16.03
N GLU F 442 54.61 31.00 -15.02
CA GLU F 442 53.36 30.30 -15.26
C GLU F 442 52.33 31.21 -15.93
N PHE F 443 52.42 32.52 -15.71
CA PHE F 443 51.49 33.44 -16.35
C PHE F 443 51.75 33.55 -17.84
N ALA F 444 53.02 33.46 -18.26
CA ALA F 444 53.33 33.52 -19.67
C ALA F 444 52.92 32.24 -20.39
N SER F 445 53.05 31.10 -19.72
CA SER F 445 52.64 29.83 -20.33
C SER F 445 51.12 29.71 -20.39
N ALA F 446 50.42 30.39 -19.49
CA ALA F 446 48.95 30.33 -19.49
C ALA F 446 48.33 31.18 -20.59
N LEU F 447 49.05 32.19 -21.09
CA LEU F 447 48.54 33.02 -22.18
C LEU F 447 48.60 32.31 -23.53
N GLU F 448 49.32 31.19 -23.63
CA GLU F 448 49.47 30.47 -24.89
C GLU F 448 48.36 29.48 -25.14
N VAL F 449 47.35 29.42 -24.27
CA VAL F 449 46.24 28.48 -24.50
C VAL F 449 45.37 28.93 -25.66
N ILE F 450 45.30 30.23 -25.92
CA ILE F 450 44.47 30.77 -27.00
C ILE F 450 45.03 30.33 -28.36
N PRO F 451 46.31 30.52 -28.67
CA PRO F 451 46.80 30.01 -29.96
C PRO F 451 46.85 28.49 -30.00
N THR F 452 47.02 27.83 -28.86
CA THR F 452 46.98 26.37 -28.84
C THR F 452 45.57 25.86 -29.17
N THR F 453 44.54 26.55 -28.68
CA THR F 453 43.17 26.16 -28.99
C THR F 453 42.87 26.31 -30.46
N LEU F 454 43.41 27.36 -31.10
CA LEU F 454 43.18 27.57 -32.53
C LEU F 454 43.77 26.45 -33.37
N ALA F 455 44.90 25.87 -32.92
CA ALA F 455 45.50 24.77 -33.66
C ALA F 455 44.79 23.45 -33.43
N GLU F 456 44.20 23.26 -32.25
CA GLU F 456 43.50 22.01 -31.96
C GLU F 456 42.15 21.96 -32.67
N ASN F 457 41.44 23.09 -32.73
CA ASN F 457 40.15 23.13 -33.40
C ASN F 457 40.28 23.06 -34.92
N ALA F 458 41.43 23.47 -35.47
CA ALA F 458 41.65 23.43 -36.90
C ALA F 458 42.22 22.09 -37.38
N GLY F 459 42.44 21.14 -36.48
CA GLY F 459 42.98 19.85 -36.84
C GLY F 459 44.48 19.81 -36.99
N LEU F 460 45.18 20.91 -36.76
CA LEU F 460 46.63 20.95 -36.86
C LEU F 460 47.28 20.42 -35.58
N ASN F 461 48.61 20.40 -35.58
CA ASN F 461 49.38 19.95 -34.43
C ASN F 461 49.94 21.19 -33.72
N SER F 462 49.43 21.46 -32.52
CA SER F 462 49.86 22.65 -31.78
C SER F 462 51.29 22.55 -31.26
N ILE F 463 51.89 21.36 -31.29
CA ILE F 463 53.26 21.23 -30.81
C ILE F 463 54.24 21.87 -31.79
N LYS F 464 54.11 21.55 -33.07
CA LYS F 464 55.03 22.07 -34.06
C LYS F 464 54.73 23.52 -34.44
N VAL F 465 53.46 23.92 -34.38
CA VAL F 465 53.09 25.28 -34.76
C VAL F 465 53.57 26.28 -33.72
N VAL F 466 53.27 26.04 -32.45
CA VAL F 466 53.67 26.97 -31.40
C VAL F 466 55.18 27.01 -31.25
N THR F 467 55.85 25.88 -31.46
CA THR F 467 57.32 25.87 -31.36
C THR F 467 57.94 26.76 -32.43
N GLU F 468 57.41 26.74 -33.65
CA GLU F 468 57.94 27.58 -34.71
C GLU F 468 57.63 29.06 -34.49
N LEU F 469 56.63 29.38 -33.66
CA LEU F 469 56.30 30.78 -33.41
C LEU F 469 57.41 31.48 -32.65
N ARG F 470 58.01 30.81 -31.67
CA ARG F 470 59.10 31.42 -30.91
C ARG F 470 60.31 31.72 -31.78
N SER F 471 60.50 30.97 -32.86
CA SER F 471 61.60 31.23 -33.77
C SER F 471 61.32 32.42 -34.68
N LYS F 472 60.05 32.69 -34.98
CA LYS F 472 59.71 33.82 -35.85
C LYS F 472 59.77 35.14 -35.09
N HIS F 473 59.28 35.17 -33.85
CA HIS F 473 59.33 36.40 -33.07
C HIS F 473 60.75 36.76 -32.64
N GLU F 474 61.64 35.77 -32.54
CA GLU F 474 63.03 36.06 -32.20
C GLU F 474 63.76 36.78 -33.32
N ASN F 475 63.30 36.62 -34.56
CA ASN F 475 63.93 37.27 -35.71
C ASN F 475 63.43 38.68 -35.94
N GLY F 476 62.54 39.20 -35.08
CA GLY F 476 62.02 40.54 -35.21
C GLY F 476 60.63 40.65 -35.80
N GLU F 477 59.89 39.55 -35.90
CA GLU F 477 58.52 39.57 -36.42
C GLU F 477 57.57 39.70 -35.24
N LEU F 478 56.90 40.85 -35.14
CA LEU F 478 55.98 41.09 -34.03
C LEU F 478 54.63 40.40 -34.25
N ASN F 479 54.12 40.44 -35.48
CA ASN F 479 52.80 39.92 -35.80
C ASN F 479 52.97 38.55 -36.46
N ASP F 480 52.56 37.50 -35.76
CA ASP F 480 52.57 36.15 -36.30
C ASP F 480 51.48 35.35 -35.63
N GLY F 481 50.88 34.43 -36.37
CA GLY F 481 49.79 33.65 -35.82
C GLY F 481 49.41 32.51 -36.73
N ILE F 482 48.24 31.93 -36.46
CA ILE F 482 47.73 30.78 -37.19
C ILE F 482 46.64 31.25 -38.14
N SER F 483 46.78 30.90 -39.41
CA SER F 483 45.79 31.21 -40.42
C SER F 483 44.96 29.96 -40.70
N VAL F 484 43.64 30.13 -40.76
CA VAL F 484 42.76 28.98 -40.97
C VAL F 484 42.84 28.49 -42.41
N ARG F 485 43.02 29.40 -43.37
CA ARG F 485 43.13 28.98 -44.76
C ARG F 485 44.53 28.46 -45.09
N ARG F 486 45.57 29.11 -44.57
CA ARG F 486 46.93 28.67 -44.85
C ARG F 486 47.32 27.44 -44.03
N SER F 487 46.69 27.25 -42.87
CA SER F 487 46.97 26.12 -41.99
C SER F 487 48.45 26.05 -41.61
N GLY F 488 48.96 27.17 -41.13
CA GLY F 488 50.36 27.23 -40.74
C GLY F 488 50.69 28.54 -40.07
N THR F 489 51.98 28.82 -39.98
CA THR F 489 52.49 30.03 -39.36
C THR F 489 52.73 31.09 -40.43
N THR F 490 52.08 32.24 -40.29
CA THR F 490 52.23 33.33 -41.24
C THR F 490 51.90 34.64 -40.54
N ASN F 491 52.35 35.73 -41.13
CA ASN F 491 52.11 37.05 -40.57
C ASN F 491 50.63 37.42 -40.68
N THR F 492 50.02 37.75 -39.54
CA THR F 492 48.61 38.09 -39.54
C THR F 492 48.34 39.48 -40.10
N TYR F 493 49.36 40.34 -40.17
CA TYR F 493 49.16 41.66 -40.77
C TYR F 493 48.93 41.56 -42.27
N GLU F 494 49.68 40.71 -42.95
CA GLU F 494 49.47 40.50 -44.38
C GLU F 494 48.14 39.77 -44.63
N GLU F 495 47.74 38.90 -43.72
CA GLU F 495 46.48 38.17 -43.84
C GLU F 495 45.26 39.04 -43.53
N HIS F 496 45.47 40.28 -43.11
CA HIS F 496 44.45 41.29 -42.79
C HIS F 496 43.70 40.99 -41.51
N ILE F 497 43.97 39.86 -40.84
CA ILE F 497 43.33 39.58 -39.56
C ILE F 497 43.75 40.63 -38.55
N LEU F 498 42.77 41.29 -37.94
CA LEU F 498 43.02 42.38 -37.00
C LEU F 498 41.98 42.34 -35.90
N GLN F 499 42.35 42.86 -34.73
CA GLN F 499 41.44 42.94 -33.59
C GLN F 499 41.73 44.21 -32.81
N PRO F 500 40.72 44.79 -32.19
CA PRO F 500 40.94 46.00 -31.37
C PRO F 500 41.82 45.72 -30.17
N VAL F 501 42.37 46.80 -29.61
CA VAL F 501 43.23 46.67 -28.45
C VAL F 501 42.42 46.31 -27.20
N LEU F 502 41.23 46.91 -27.07
CA LEU F 502 40.41 46.67 -25.89
C LEU F 502 39.93 45.22 -25.80
N VAL F 503 40.00 44.47 -26.89
CA VAL F 503 39.57 43.07 -26.85
C VAL F 503 40.56 42.24 -26.04
N SER F 504 41.85 42.33 -26.38
CA SER F 504 42.88 41.58 -25.67
C SER F 504 43.25 42.22 -24.34
N THR F 505 43.16 43.55 -24.25
CA THR F 505 43.51 44.23 -23.01
C THR F 505 42.54 43.86 -21.88
N SER F 506 41.24 43.96 -22.14
CA SER F 506 40.26 43.61 -21.13
C SER F 506 40.17 42.11 -20.88
N ALA F 507 40.58 41.29 -21.85
CA ALA F 507 40.54 39.84 -21.65
C ALA F 507 41.59 39.40 -20.63
N ILE F 508 42.75 40.06 -20.62
CA ILE F 508 43.79 39.70 -19.66
C ILE F 508 43.47 40.29 -18.29
N THR F 509 42.91 41.49 -18.26
CA THR F 509 42.61 42.14 -16.99
C THR F 509 41.50 41.41 -16.24
N LEU F 510 40.40 41.10 -16.94
CA LEU F 510 39.28 40.44 -16.29
C LEU F 510 39.63 39.01 -15.88
N ALA F 511 40.57 38.38 -16.58
CA ALA F 511 40.98 37.02 -16.23
C ALA F 511 41.88 37.02 -15.00
N SER F 512 42.74 38.03 -14.86
CA SER F 512 43.63 38.09 -13.71
C SER F 512 42.88 38.54 -12.45
N GLU F 513 41.89 39.42 -12.60
CA GLU F 513 41.12 39.86 -11.45
C GLU F 513 40.16 38.78 -10.97
N CYS F 514 39.74 37.88 -11.86
CA CYS F 514 38.84 36.80 -11.44
C CYS F 514 39.59 35.78 -10.59
N VAL F 515 40.83 35.47 -10.95
CA VAL F 515 41.62 34.52 -10.17
C VAL F 515 41.91 35.06 -8.78
N LYS F 516 42.07 36.38 -8.65
CA LYS F 516 42.33 36.97 -7.34
C LYS F 516 41.16 36.73 -6.40
N SER F 517 39.93 36.79 -6.91
CA SER F 517 38.76 36.57 -6.06
C SER F 517 38.52 35.10 -5.78
N ILE F 518 38.99 34.21 -6.66
CA ILE F 518 38.78 32.78 -6.46
C ILE F 518 39.72 32.24 -5.38
N LEU F 519 41.00 32.65 -5.42
CA LEU F 519 41.98 32.16 -4.47
C LEU F 519 41.75 32.66 -3.05
N ARG F 520 40.85 33.61 -2.85
CA ARG F 520 40.56 34.16 -1.54
C ARG F 520 39.43 33.43 -0.82
N ILE F 521 38.87 32.37 -1.41
CA ILE F 521 37.79 31.61 -0.80
C ILE F 521 38.40 30.34 -0.22
N ASP F 522 38.49 30.27 1.11
CA ASP F 522 39.07 29.13 1.79
C ASP F 522 38.03 28.14 2.32
N ASP F 523 36.74 28.43 2.17
CA ASP F 523 35.71 27.58 2.74
C ASP F 523 34.44 27.71 1.92
N ILE F 524 33.62 26.66 1.94
CA ILE F 524 32.31 26.64 1.29
C ILE F 524 31.28 26.38 2.37
N ALA F 525 30.43 27.36 2.62
CA ALA F 525 29.42 27.28 3.66
C ALA F 525 28.03 27.38 3.06
N PHE F 526 27.06 26.79 3.75
CA PHE F 526 25.67 26.79 3.33
C PHE F 526 24.93 27.92 4.02
N SER F 527 24.22 28.73 3.24
CA SER F 527 23.47 29.88 3.74
C SER F 527 21.99 29.73 3.37
N ARG F 528 21.22 30.74 3.73
CA ARG F 528 19.79 30.75 3.44
C ARG F 528 19.47 31.69 2.28
N MET G 25 12.89 0.74 -37.05
CA MET G 25 13.47 0.71 -35.72
C MET G 25 12.49 1.27 -34.68
N GLY G 26 12.11 0.42 -33.73
CA GLY G 26 11.19 0.82 -32.68
C GLY G 26 11.89 1.52 -31.53
N ARG G 27 11.11 1.79 -30.48
CA ARG G 27 11.67 2.45 -29.31
C ARG G 27 12.69 1.58 -28.58
N PRO G 28 12.43 0.32 -28.27
CA PRO G 28 13.46 -0.50 -27.58
C PRO G 28 14.70 -0.66 -28.44
N PHE G 29 15.85 -0.36 -27.85
CA PHE G 29 17.15 -0.55 -28.49
C PHE G 29 18.03 -1.33 -27.53
N ILE G 30 18.38 -2.56 -27.89
CA ILE G 30 19.14 -3.45 -27.03
C ILE G 30 20.18 -4.17 -27.85
N ILE G 31 21.44 -4.11 -27.41
CA ILE G 31 22.52 -4.89 -28.00
C ILE G 31 23.24 -5.64 -26.88
N VAL G 32 23.86 -4.89 -25.98
CA VAL G 32 24.53 -5.46 -24.81
C VAL G 32 23.53 -5.56 -23.67
N LYS G 33 23.58 -6.68 -22.95
CA LYS G 33 22.65 -6.88 -21.83
C LYS G 33 22.94 -5.87 -20.72
N ASP G 34 21.86 -5.41 -20.08
CA ASP G 34 21.92 -4.48 -18.95
C ASP G 34 22.62 -3.17 -19.37
N GLN G 35 21.92 -2.42 -20.22
CA GLN G 35 22.41 -1.12 -20.65
C GLN G 35 22.20 -0.03 -19.61
N GLY G 36 21.31 -0.25 -18.64
CA GLY G 36 21.07 0.77 -17.64
C GLY G 36 22.20 0.90 -16.64
N ASN G 37 22.69 -0.24 -16.15
CA ASN G 37 23.78 -0.22 -15.16
C ASN G 37 25.14 0.01 -15.80
N LYS G 38 25.29 -0.26 -17.09
CA LYS G 38 26.56 -0.08 -17.78
C LYS G 38 26.62 1.32 -18.39
N LYS G 39 27.63 2.09 -18.01
CA LYS G 39 27.84 3.44 -18.51
C LYS G 39 29.13 3.49 -19.31
N ARG G 40 29.15 4.37 -20.32
CA ARG G 40 30.28 4.49 -21.23
C ARG G 40 30.94 5.85 -21.04
N GLN G 41 32.23 5.82 -20.74
CA GLN G 41 33.03 7.04 -20.55
C GLN G 41 34.02 7.17 -21.70
N HIS G 42 34.03 8.34 -22.33
CA HIS G 42 34.82 8.55 -23.53
C HIS G 42 35.14 10.03 -23.68
N GLY G 43 36.12 10.32 -24.54
CA GLY G 43 36.46 11.68 -24.88
C GLY G 43 37.62 12.22 -24.07
N LEU G 44 37.87 13.52 -24.27
CA LEU G 44 38.92 14.19 -23.51
C LEU G 44 38.59 14.28 -22.03
N GLU G 45 37.29 14.42 -21.70
CA GLU G 45 36.88 14.46 -20.30
C GLU G 45 37.08 13.11 -19.62
N ALA G 46 37.20 12.02 -20.38
CA ALA G 46 37.47 10.73 -19.77
C ALA G 46 38.87 10.69 -19.18
N LYS G 47 39.88 11.13 -19.94
CA LYS G 47 41.24 11.19 -19.42
C LYS G 47 41.34 12.16 -18.25
N LYS G 48 40.56 13.25 -18.28
CA LYS G 48 40.63 14.23 -17.19
C LYS G 48 40.04 13.67 -15.90
N SER G 49 39.08 12.76 -16.00
CA SER G 49 38.44 12.22 -14.79
C SER G 49 39.30 11.17 -14.11
N HIS G 50 39.93 10.28 -14.88
CA HIS G 50 40.70 9.20 -14.29
C HIS G 50 42.05 9.68 -13.76
N ILE G 51 42.63 10.72 -14.37
CA ILE G 51 43.91 11.23 -13.91
C ILE G 51 43.73 12.01 -12.61
N LEU G 52 42.71 12.87 -12.56
CA LEU G 52 42.43 13.63 -11.34
C LEU G 52 41.92 12.76 -10.21
N ALA G 53 41.37 11.58 -10.53
CA ALA G 53 40.92 10.67 -9.48
C ALA G 53 42.09 9.98 -8.81
N ALA G 54 43.09 9.57 -9.60
CA ALA G 54 44.27 8.93 -9.04
C ALA G 54 45.10 9.89 -8.19
N ARG G 55 44.98 11.19 -8.42
CA ARG G 55 45.71 12.15 -7.59
C ARG G 55 45.14 12.24 -6.19
N SER G 56 43.83 12.04 -6.04
CA SER G 56 43.22 12.09 -4.71
C SER G 56 43.68 10.92 -3.84
N VAL G 57 44.01 9.78 -4.45
CA VAL G 57 44.51 8.65 -3.67
C VAL G 57 45.92 8.94 -3.16
N ALA G 58 46.78 9.48 -4.02
CA ALA G 58 48.14 9.82 -3.60
C ALA G 58 48.15 11.01 -2.65
N SER G 59 47.17 11.90 -2.77
CA SER G 59 47.11 13.06 -1.88
C SER G 59 46.81 12.64 -0.44
N ILE G 60 46.12 11.52 -0.25
CA ILE G 60 45.87 11.02 1.10
C ILE G 60 47.16 10.53 1.74
N ILE G 61 47.93 9.73 1.00
CA ILE G 61 49.20 9.21 1.52
C ILE G 61 50.35 10.16 1.26
N LYS G 62 50.11 11.33 0.67
CA LYS G 62 51.18 12.30 0.44
C LYS G 62 51.77 12.77 1.76
N THR G 63 50.93 12.97 2.77
CA THR G 63 51.41 13.36 4.10
C THR G 63 52.00 12.21 4.88
N SER G 64 51.89 10.98 4.38
CA SER G 64 52.42 9.80 5.06
C SER G 64 53.81 9.40 4.59
N LEU G 65 54.40 10.17 3.68
CA LEU G 65 55.71 9.84 3.12
C LEU G 65 56.82 10.44 3.98
N GLY G 66 57.82 9.62 4.31
CA GLY G 66 58.94 10.07 5.08
C GLY G 66 58.79 9.81 6.57
N PRO G 67 59.82 10.17 7.35
CA PRO G 67 59.72 9.97 8.81
C PRO G 67 58.68 10.87 9.46
N ARG G 68 58.43 12.05 8.89
CA ARG G 68 57.37 12.93 9.36
C ARG G 68 55.98 12.43 9.01
N GLY G 69 55.88 11.34 8.23
CA GLY G 69 54.59 10.86 7.80
C GLY G 69 53.68 10.49 8.96
N LEU G 70 52.38 10.47 8.65
CA LEU G 70 51.35 10.22 9.64
C LEU G 70 50.57 8.96 9.28
N ASP G 71 50.00 8.32 10.31
CA ASP G 71 49.32 7.05 10.13
C ASP G 71 47.91 7.27 9.57
N LYS G 72 47.20 6.16 9.34
CA LYS G 72 45.84 6.18 8.83
C LYS G 72 45.03 5.11 9.57
N ILE G 73 43.81 5.44 9.96
CA ILE G 73 42.93 4.50 10.62
C ILE G 73 42.11 3.76 9.57
N LEU G 74 42.07 2.44 9.66
CA LEU G 74 41.32 1.59 8.75
C LEU G 74 40.28 0.82 9.56
N ILE G 75 39.01 0.94 9.16
CA ILE G 75 37.90 0.28 9.83
C ILE G 75 37.36 -0.80 8.91
N SER G 76 37.30 -2.03 9.43
CA SER G 76 36.74 -3.15 8.68
C SER G 76 35.24 -3.25 8.91
N PRO G 77 34.50 -3.83 7.96
CA PRO G 77 33.05 -3.98 8.16
C PRO G 77 32.68 -4.82 9.37
N ASP G 78 33.58 -5.69 9.85
CA ASP G 78 33.30 -6.51 11.01
C ASP G 78 33.53 -5.79 12.33
N GLY G 79 34.08 -4.58 12.29
CA GLY G 79 34.34 -3.80 13.48
C GLY G 79 35.80 -3.72 13.89
N GLU G 80 36.67 -4.56 13.34
CA GLU G 80 38.08 -4.51 13.68
C GLU G 80 38.73 -3.31 13.02
N ILE G 81 39.55 -2.59 13.78
CA ILE G 81 40.21 -1.38 13.31
C ILE G 81 41.71 -1.64 13.24
N THR G 82 42.36 -0.98 12.28
CA THR G 82 43.80 -1.11 12.06
C THR G 82 44.36 0.26 11.72
N ILE G 83 45.46 0.64 12.37
CA ILE G 83 46.09 1.93 12.18
C ILE G 83 47.47 1.71 11.60
N THR G 84 47.66 2.12 10.34
CA THR G 84 48.95 1.96 9.67
C THR G 84 49.11 3.05 8.62
N ASN G 85 50.35 3.48 8.42
CA ASN G 85 50.69 4.44 7.37
C ASN G 85 51.23 3.77 6.11
N ASP G 86 51.33 2.44 6.09
CA ASP G 86 51.88 1.73 4.94
C ASP G 86 50.85 1.71 3.82
N GLY G 87 51.24 2.22 2.64
CA GLY G 87 50.32 2.30 1.52
C GLY G 87 49.82 0.96 1.03
N ALA G 88 50.53 -0.12 1.33
CA ALA G 88 50.08 -1.44 0.91
C ALA G 88 48.84 -1.87 1.70
N THR G 89 48.87 -1.68 3.02
CA THR G 89 47.73 -2.06 3.85
C THR G 89 46.60 -1.05 3.76
N ILE G 90 46.92 0.23 3.60
CA ILE G 90 45.88 1.25 3.47
C ILE G 90 44.99 0.97 2.26
N LEU G 91 45.61 0.77 1.09
CA LEU G 91 44.85 0.45 -0.10
C LEU G 91 44.19 -0.91 0.00
N SER G 92 44.77 -1.82 0.78
CA SER G 92 44.16 -3.13 1.00
C SER G 92 42.95 -3.00 1.93
N GLN G 93 42.10 -4.02 1.87
CA GLN G 93 40.88 -4.15 2.69
C GLN G 93 40.09 -2.85 2.73
N MET G 94 40.01 -2.14 1.60
CA MET G 94 39.31 -0.88 1.51
C MET G 94 38.31 -0.95 0.35
N GLU G 95 37.10 -0.43 0.60
CA GLU G 95 36.05 -0.44 -0.40
C GLU G 95 36.32 0.66 -1.43
N LEU G 96 36.39 0.29 -2.71
CA LEU G 96 36.62 1.24 -3.78
C LEU G 96 35.55 1.06 -4.86
N ASP G 97 35.46 2.06 -5.73
CA ASP G 97 34.52 2.04 -6.85
C ASP G 97 35.23 2.19 -8.18
N ASN G 98 35.90 3.33 -8.42
CA ASN G 98 36.61 3.54 -9.67
C ASN G 98 37.70 2.48 -9.84
N GLU G 99 37.86 2.00 -11.06
CA GLU G 99 38.82 0.94 -11.35
C GLU G 99 40.24 1.45 -11.48
N ILE G 100 40.44 2.76 -11.66
CA ILE G 100 41.79 3.29 -11.78
C ILE G 100 42.51 3.24 -10.44
N ALA G 101 41.82 3.63 -9.35
CA ALA G 101 42.42 3.56 -8.03
C ALA G 101 42.57 2.11 -7.57
N LYS G 102 41.74 1.20 -8.07
CA LYS G 102 41.90 -0.21 -7.75
C LYS G 102 43.19 -0.77 -8.35
N LEU G 103 43.64 -0.19 -9.47
CA LEU G 103 44.94 -0.57 -10.01
C LEU G 103 46.07 -0.10 -9.10
N LEU G 104 45.88 1.03 -8.41
CA LEU G 104 46.87 1.47 -7.44
C LEU G 104 46.91 0.55 -6.23
N VAL G 105 45.78 -0.06 -5.88
CA VAL G 105 45.77 -1.04 -4.80
C VAL G 105 46.66 -2.23 -5.14
N GLN G 106 46.53 -2.73 -6.37
CA GLN G 106 47.42 -3.79 -6.84
C GLN G 106 48.83 -3.29 -7.08
N LEU G 107 49.01 -1.99 -7.26
CA LEU G 107 50.36 -1.43 -7.42
C LEU G 107 51.13 -1.50 -6.11
N SER G 108 50.50 -1.07 -5.02
CA SER G 108 51.16 -1.14 -3.72
C SER G 108 51.37 -2.59 -3.27
N LYS G 109 50.46 -3.49 -3.66
CA LYS G 109 50.65 -4.90 -3.35
C LYS G 109 51.83 -5.47 -4.12
N SER G 110 52.07 -4.98 -5.34
CA SER G 110 53.22 -5.43 -6.11
C SER G 110 54.53 -4.98 -5.47
N GLN G 111 54.56 -3.74 -4.96
CA GLN G 111 55.75 -3.24 -4.30
C GLN G 111 55.99 -3.91 -2.96
N ASP G 112 54.92 -4.32 -2.28
CA ASP G 112 55.04 -4.91 -0.95
C ASP G 112 55.46 -6.38 -1.00
N ASP G 113 55.03 -7.12 -2.01
CA ASP G 113 55.29 -8.56 -2.03
C ASP G 113 56.77 -8.84 -2.30
N GLU G 114 57.30 -8.35 -3.41
CA GLU G 114 58.67 -8.66 -3.78
C GLU G 114 59.68 -7.89 -2.92
N ILE G 115 59.57 -6.56 -2.92
CA ILE G 115 60.56 -5.74 -2.22
C ILE G 115 60.25 -5.64 -0.73
N GLY G 116 58.98 -5.41 -0.38
CA GLY G 116 58.59 -5.23 1.00
C GLY G 116 58.73 -3.82 1.54
N ASP G 117 59.15 -2.87 0.71
CA ASP G 117 59.31 -1.49 1.18
C ASP G 117 59.10 -0.55 0.00
N GLY G 118 58.68 0.67 0.31
CA GLY G 118 58.48 1.69 -0.70
C GLY G 118 57.12 1.72 -1.33
N THR G 119 56.09 1.16 -0.67
CA THR G 119 54.76 1.14 -1.27
C THR G 119 54.15 2.53 -1.34
N THR G 120 54.55 3.43 -0.44
CA THR G 120 53.99 4.78 -0.44
C THR G 120 54.57 5.62 -1.57
N GLY G 121 55.89 5.54 -1.79
CA GLY G 121 56.54 6.35 -2.81
C GLY G 121 56.16 5.97 -4.23
N VAL G 122 55.71 4.74 -4.47
CA VAL G 122 55.35 4.32 -5.81
C VAL G 122 54.02 4.92 -6.23
N VAL G 123 53.03 4.93 -5.33
CA VAL G 123 51.73 5.49 -5.67
C VAL G 123 51.83 7.00 -5.86
N VAL G 124 52.66 7.67 -5.06
CA VAL G 124 52.86 9.11 -5.23
C VAL G 124 53.55 9.39 -6.55
N LEU G 125 54.55 8.57 -6.91
CA LEU G 125 55.22 8.74 -8.20
C LEU G 125 54.32 8.39 -9.36
N ALA G 126 53.44 7.39 -9.19
CA ALA G 126 52.53 7.03 -10.26
C ALA G 126 51.53 8.14 -10.55
N SER G 127 51.05 8.82 -9.51
CA SER G 127 50.14 9.94 -9.72
C SER G 127 50.87 11.15 -10.27
N ALA G 128 52.15 11.31 -9.95
CA ALA G 128 52.92 12.42 -10.49
C ALA G 128 53.16 12.26 -11.98
N LEU G 129 53.27 11.03 -12.46
CA LEU G 129 53.41 10.80 -13.90
C LEU G 129 52.12 11.11 -14.65
N LEU G 130 50.97 10.92 -14.00
CA LEU G 130 49.69 11.23 -14.63
C LEU G 130 49.40 12.72 -14.61
N ASP G 131 49.78 13.40 -13.52
CA ASP G 131 49.53 14.84 -13.44
C ASP G 131 50.36 15.60 -14.47
N GLN G 132 51.61 15.18 -14.69
CA GLN G 132 52.43 15.82 -15.71
C GLN G 132 51.97 15.45 -17.12
N ALA G 133 51.43 14.25 -17.29
CA ALA G 133 50.91 13.83 -18.59
C ALA G 133 49.55 14.44 -18.91
N LEU G 134 48.81 14.89 -17.89
CA LEU G 134 47.50 15.48 -18.13
C LEU G 134 47.62 16.79 -18.92
N GLU G 135 48.63 17.59 -18.62
CA GLU G 135 48.84 18.83 -19.37
C GLU G 135 49.33 18.56 -20.78
N LEU G 136 50.02 17.43 -20.99
CA LEU G 136 50.51 17.09 -22.32
C LEU G 136 49.42 16.54 -23.22
N ILE G 137 48.35 15.98 -22.66
CA ILE G 137 47.24 15.49 -23.48
C ILE G 137 46.51 16.65 -24.13
N GLN G 138 46.28 17.73 -23.37
CA GLN G 138 45.58 18.89 -23.90
C GLN G 138 46.39 19.65 -24.95
N LYS G 139 47.70 19.39 -25.05
CA LYS G 139 48.53 20.06 -26.04
C LYS G 139 48.44 19.42 -27.42
N GLY G 140 47.75 18.29 -27.55
CA GLY G 140 47.60 17.63 -28.82
C GLY G 140 48.48 16.42 -29.05
N ILE G 141 49.22 15.97 -28.05
CA ILE G 141 50.10 14.81 -28.17
C ILE G 141 49.29 13.56 -27.86
N HIS G 142 49.50 12.52 -28.66
CA HIS G 142 48.78 11.27 -28.45
C HIS G 142 49.20 10.65 -27.11
N PRO G 143 48.25 10.06 -26.37
CA PRO G 143 48.60 9.53 -25.04
C PRO G 143 49.69 8.47 -25.07
N ILE G 144 49.74 7.63 -26.11
CA ILE G 144 50.78 6.62 -26.19
C ILE G 144 52.13 7.28 -26.46
N LYS G 145 52.15 8.31 -27.30
CA LYS G 145 53.39 9.05 -27.52
C LYS G 145 53.90 9.70 -26.23
N ILE G 146 52.99 10.02 -25.31
CA ILE G 146 53.40 10.51 -24.00
C ILE G 146 54.01 9.36 -23.19
N ALA G 147 53.39 8.19 -23.24
CA ALA G 147 53.88 7.05 -22.47
C ALA G 147 55.13 6.43 -23.09
N ASN G 148 55.30 6.56 -24.41
CA ASN G 148 56.50 6.04 -25.05
C ASN G 148 57.75 6.79 -24.60
N GLY G 149 57.61 8.09 -24.31
CA GLY G 149 58.74 8.86 -23.81
C GLY G 149 59.08 8.56 -22.37
N PHE G 150 58.14 8.00 -21.60
CA PHE G 150 58.43 7.65 -20.22
C PHE G 150 59.29 6.39 -20.13
N ASP G 151 59.10 5.44 -21.05
CA ASP G 151 59.89 4.23 -21.04
C ASP G 151 61.35 4.51 -21.41
N GLU G 152 61.56 5.41 -22.38
CA GLU G 152 62.92 5.76 -22.77
C GLU G 152 63.59 6.64 -21.72
N ALA G 153 62.82 7.45 -21.01
CA ALA G 153 63.38 8.29 -19.95
C ALA G 153 63.66 7.51 -18.68
N ALA G 154 62.92 6.42 -18.44
CA ALA G 154 63.17 5.61 -17.25
C ALA G 154 64.47 4.81 -17.37
N LYS G 155 64.83 4.42 -18.59
CA LYS G 155 66.08 3.68 -18.77
C LYS G 155 67.29 4.58 -18.59
N LEU G 156 67.19 5.85 -18.95
CA LEU G 156 68.30 6.77 -18.75
C LEU G 156 68.47 7.13 -17.27
N ALA G 157 67.39 7.10 -16.50
CA ALA G 157 67.48 7.40 -15.07
C ALA G 157 68.12 6.24 -14.31
N ILE G 158 67.80 5.01 -14.70
CA ILE G 158 68.38 3.85 -14.02
C ILE G 158 69.86 3.72 -14.36
N SER G 159 70.23 3.94 -15.62
CA SER G 159 71.63 3.84 -16.02
C SER G 159 72.48 4.92 -15.37
N LYS G 160 71.89 6.08 -15.07
CA LYS G 160 72.64 7.15 -14.41
C LYS G 160 72.88 6.84 -12.94
N LEU G 161 71.85 6.33 -12.25
CA LEU G 161 72.00 6.00 -10.83
C LEU G 161 72.89 4.78 -10.64
N GLU G 162 72.87 3.84 -11.59
CA GLU G 162 73.71 2.66 -11.48
C GLU G 162 75.19 3.00 -11.57
N GLU G 163 75.54 4.02 -12.36
CA GLU G 163 76.94 4.40 -12.49
C GLU G 163 77.49 4.97 -11.19
N THR G 164 76.69 5.74 -10.46
CA THR G 164 77.09 6.33 -9.20
C THR G 164 76.75 5.45 -8.00
N CYS G 165 76.20 4.26 -8.23
CA CYS G 165 75.82 3.36 -7.14
C CYS G 165 77.07 2.69 -6.57
N ASP G 166 77.28 2.84 -5.28
CA ASP G 166 78.44 2.25 -4.62
C ASP G 166 78.17 0.78 -4.27
N ASP G 167 79.24 -0.02 -4.33
CA ASP G 167 79.18 -1.43 -4.02
C ASP G 167 79.87 -1.67 -2.69
N ILE G 168 79.12 -2.19 -1.70
CA ILE G 168 79.66 -2.44 -0.38
C ILE G 168 80.15 -3.86 -0.19
N SER G 169 80.10 -4.69 -1.24
CA SER G 169 80.53 -6.08 -1.13
C SER G 169 82.04 -6.22 -1.02
N ALA G 170 82.80 -5.17 -1.30
CA ALA G 170 84.26 -5.24 -1.22
C ALA G 170 84.77 -5.27 0.21
N SER G 171 83.94 -4.95 1.19
CA SER G 171 84.35 -4.95 2.59
C SER G 171 84.22 -6.35 3.18
N ASN G 172 84.57 -6.48 4.46
CA ASN G 172 84.49 -7.75 5.15
C ASN G 172 83.14 -7.86 5.87
N ASP G 173 82.98 -8.91 6.68
CA ASP G 173 81.74 -9.10 7.42
C ASP G 173 81.61 -8.14 8.61
N GLU G 174 82.73 -7.57 9.07
CA GLU G 174 82.66 -6.63 10.18
C GLU G 174 82.00 -5.32 9.75
N LEU G 175 82.46 -4.74 8.64
CA LEU G 175 81.86 -3.52 8.14
C LEU G 175 80.50 -3.76 7.50
N PHE G 176 80.23 -4.99 7.05
CA PHE G 176 78.93 -5.29 6.45
C PHE G 176 77.82 -5.31 7.49
N ARG G 177 78.15 -5.64 8.74
CA ARG G 177 77.14 -5.65 9.80
C ARG G 177 76.61 -4.24 10.05
N ASP G 178 77.49 -3.24 10.06
CA ASP G 178 77.06 -1.86 10.24
C ASP G 178 76.34 -1.32 9.01
N PHE G 179 76.57 -1.92 7.84
CA PHE G 179 75.87 -1.47 6.64
C PHE G 179 74.39 -1.85 6.67
N LEU G 180 74.07 -2.98 7.29
CA LEU G 180 72.67 -3.37 7.42
C LEU G 180 71.94 -2.49 8.43
N LEU G 181 72.67 -1.92 9.39
CA LEU G 181 72.04 -1.03 10.37
C LEU G 181 71.61 0.28 9.71
N ARG G 182 72.40 0.77 8.76
CA ARG G 182 72.02 2.00 8.06
C ARG G 182 70.75 1.82 7.25
N ALA G 183 70.54 0.64 6.68
CA ALA G 183 69.35 0.38 5.88
C ALA G 183 68.13 0.12 6.76
N ALA G 184 68.33 -0.43 7.96
CA ALA G 184 67.21 -0.74 8.84
C ALA G 184 66.69 0.51 9.54
N LYS G 185 67.59 1.37 10.01
CA LYS G 185 67.18 2.57 10.74
C LYS G 185 66.42 3.56 9.87
N THR G 186 66.60 3.51 8.55
CA THR G 186 65.89 4.44 7.67
C THR G 186 64.42 4.07 7.52
N SER G 187 64.14 2.78 7.32
CA SER G 187 62.77 2.34 7.13
C SER G 187 61.97 2.34 8.44
N LEU G 188 62.64 2.24 9.59
CA LEU G 188 61.95 2.22 10.87
C LEU G 188 61.63 3.61 11.39
N GLY G 189 62.09 4.67 10.71
CA GLY G 189 61.81 6.02 11.17
C GLY G 189 60.43 6.53 10.86
N SER G 190 59.73 5.90 9.93
CA SER G 190 58.39 6.32 9.53
C SER G 190 57.28 5.60 10.29
N LYS G 191 57.62 4.74 11.24
CA LYS G 191 56.66 3.95 11.99
C LYS G 191 56.65 4.38 13.45
N ILE G 192 55.81 3.72 14.26
CA ILE G 192 55.81 3.96 15.69
C ILE G 192 57.06 3.41 16.35
N VAL G 193 57.72 2.44 15.71
CA VAL G 193 58.96 1.87 16.22
C VAL G 193 60.11 2.89 16.23
N SER G 194 59.91 4.06 15.61
CA SER G 194 60.95 5.06 15.50
C SER G 194 61.39 5.64 16.83
N LYS G 195 60.72 5.30 17.93
CA LYS G 195 61.09 5.85 19.24
C LYS G 195 62.56 5.57 19.56
N ASP G 196 62.97 4.30 19.49
CA ASP G 196 64.38 3.92 19.59
C ASP G 196 64.75 3.17 18.32
N HIS G 197 65.55 3.80 17.46
CA HIS G 197 66.02 3.14 16.24
C HIS G 197 67.25 2.27 16.51
N ASP G 198 68.04 2.61 17.53
CA ASP G 198 69.28 1.88 17.78
C ASP G 198 69.00 0.50 18.36
N ARG G 199 68.15 0.42 19.39
CA ARG G 199 67.95 -0.84 20.10
C ARG G 199 67.18 -1.84 19.25
N PHE G 200 66.21 -1.37 18.47
CA PHE G 200 65.35 -2.27 17.70
C PHE G 200 65.90 -2.60 16.32
N ALA G 201 67.02 -1.99 15.92
CA ALA G 201 67.65 -2.34 14.66
C ALA G 201 68.46 -3.63 14.77
N GLU G 202 68.99 -3.92 15.96
CA GLU G 202 69.77 -5.14 16.15
C GLU G 202 68.90 -6.38 16.04
N MET G 203 67.62 -6.28 16.41
CA MET G 203 66.73 -7.44 16.33
C MET G 203 66.51 -7.88 14.89
N ALA G 204 66.44 -6.93 13.95
CA ALA G 204 66.22 -7.28 12.56
C ALA G 204 67.50 -7.79 11.90
N VAL G 205 68.65 -7.19 12.22
CA VAL G 205 69.90 -7.56 11.58
C VAL G 205 70.42 -8.89 12.11
N GLU G 206 70.45 -9.04 13.44
CA GLU G 206 70.99 -10.27 14.02
C GLU G 206 70.13 -11.48 13.70
N ALA G 207 68.83 -11.29 13.46
CA ALA G 207 67.98 -12.40 13.07
C ALA G 207 68.31 -12.90 11.68
N VAL G 208 68.77 -12.00 10.79
CA VAL G 208 69.15 -12.41 9.44
C VAL G 208 70.53 -13.05 9.42
N ILE G 209 71.45 -12.55 10.25
CA ILE G 209 72.82 -13.05 10.24
C ILE G 209 72.88 -14.54 10.52
N ASN G 210 71.96 -15.05 11.35
CA ASN G 210 71.99 -16.47 11.69
C ASN G 210 71.73 -17.37 10.50
N VAL G 211 70.90 -16.92 9.54
CA VAL G 211 70.57 -17.73 8.38
C VAL G 211 71.45 -17.43 7.18
N MET G 212 72.41 -16.52 7.31
CA MET G 212 73.26 -16.16 6.19
C MET G 212 74.37 -17.19 6.01
N ASP G 213 74.75 -17.44 4.76
CA ASP G 213 75.68 -18.49 4.39
C ASP G 213 77.13 -18.01 4.36
N LYS G 214 77.37 -16.70 4.50
CA LYS G 214 78.70 -16.08 4.46
C LYS G 214 79.30 -16.14 3.05
N ASP G 215 78.70 -16.94 2.17
CA ASP G 215 79.09 -16.99 0.77
C ASP G 215 77.85 -17.32 -0.06
N ARG G 216 77.74 -16.69 -1.22
CA ARG G 216 76.57 -16.81 -2.12
C ARG G 216 75.28 -16.74 -1.30
N LYS G 217 75.21 -15.73 -0.45
CA LYS G 217 74.25 -15.70 0.64
C LYS G 217 72.83 -15.51 0.13
N ASP G 218 71.90 -16.30 0.70
CA ASP G 218 70.47 -16.16 0.47
C ASP G 218 69.79 -15.95 1.82
N VAL G 219 68.76 -15.10 1.84
CA VAL G 219 68.13 -14.74 3.11
C VAL G 219 67.26 -15.88 3.63
N ASP G 220 66.52 -16.56 2.75
CA ASP G 220 65.59 -17.62 3.12
C ASP G 220 64.66 -17.15 4.24
N PHE G 221 63.76 -16.24 3.86
CA PHE G 221 62.84 -15.63 4.81
C PHE G 221 61.92 -16.65 5.47
N ASP G 222 61.79 -17.85 4.89
CA ASP G 222 60.93 -18.88 5.48
C ASP G 222 61.41 -19.26 6.88
N LEU G 223 62.73 -19.28 7.08
CA LEU G 223 63.27 -19.63 8.39
C LEU G 223 62.97 -18.57 9.44
N ILE G 224 62.67 -17.34 9.03
CA ILE G 224 62.40 -16.25 9.95
C ILE G 224 60.90 -16.24 10.25
N LYS G 225 60.56 -16.30 11.54
CA LYS G 225 59.18 -16.26 11.99
C LYS G 225 58.93 -15.02 12.84
N MET G 226 57.68 -14.58 12.86
CA MET G 226 57.27 -13.40 13.61
C MET G 226 56.01 -13.74 14.41
N GLN G 227 56.11 -13.67 15.73
CA GLN G 227 55.00 -13.97 16.62
C GLN G 227 54.82 -12.79 17.58
N GLY G 228 53.69 -12.09 17.47
CA GLY G 228 53.42 -10.97 18.34
C GLY G 228 52.62 -11.35 19.58
N ARG G 229 52.76 -10.53 20.62
CA ARG G 229 52.03 -10.70 21.86
C ARG G 229 51.54 -9.34 22.33
N VAL G 230 50.29 -9.28 22.76
CA VAL G 230 49.67 -8.03 23.18
C VAL G 230 49.82 -7.90 24.69
N GLY G 231 50.63 -6.95 25.12
CA GLY G 231 50.80 -6.67 26.54
C GLY G 231 52.15 -6.04 26.80
N GLY G 232 52.35 -5.63 28.06
CA GLY G 232 53.60 -5.04 28.46
C GLY G 232 53.91 -3.77 27.72
N SER G 233 55.18 -3.57 27.39
CA SER G 233 55.65 -2.42 26.65
C SER G 233 56.55 -2.89 25.50
N ILE G 234 56.73 -2.01 24.52
CA ILE G 234 57.55 -2.34 23.36
C ILE G 234 59.02 -2.48 23.72
N SER G 235 59.46 -1.83 24.81
CA SER G 235 60.85 -1.92 25.21
C SER G 235 61.23 -3.30 25.72
N ASP G 236 60.23 -4.11 26.10
CA ASP G 236 60.50 -5.47 26.57
C ASP G 236 60.68 -6.46 25.44
N SER G 237 60.49 -6.05 24.19
CA SER G 237 60.66 -6.95 23.06
C SER G 237 62.13 -7.31 22.89
N LYS G 238 62.41 -8.62 22.82
CA LYS G 238 63.77 -9.11 22.69
C LYS G 238 63.80 -10.24 21.66
N LEU G 239 64.95 -10.40 21.02
CA LEU G 239 65.13 -11.43 20.01
C LEU G 239 65.47 -12.76 20.68
N ILE G 240 64.65 -13.78 20.43
CA ILE G 240 64.83 -15.10 20.99
C ILE G 240 64.93 -16.10 19.85
N ASN G 241 65.93 -16.96 19.89
CA ASN G 241 66.13 -17.99 18.87
C ASN G 241 65.44 -19.26 19.32
N GLY G 242 64.40 -19.65 18.60
CA GLY G 242 63.62 -20.82 18.97
C GLY G 242 62.23 -20.76 18.38
N VAL G 243 61.31 -21.47 19.02
CA VAL G 243 59.92 -21.57 18.58
C VAL G 243 59.03 -21.10 19.72
N ILE G 244 58.04 -20.27 19.38
CA ILE G 244 57.06 -19.77 20.35
C ILE G 244 55.76 -20.53 20.14
N LEU G 245 55.28 -21.19 21.18
CA LEU G 245 54.03 -21.93 21.15
C LEU G 245 53.15 -21.46 22.30
N ASP G 246 51.87 -21.25 22.01
CA ASP G 246 50.91 -20.79 23.00
C ASP G 246 50.16 -21.94 23.69
N LYS G 247 50.51 -23.19 23.37
CA LYS G 247 49.82 -24.34 23.94
C LYS G 247 50.43 -24.71 25.28
N ASP G 248 49.60 -24.81 26.30
CA ASP G 248 50.05 -25.18 27.63
C ASP G 248 50.38 -26.67 27.70
N PHE G 249 51.15 -27.03 28.72
CA PHE G 249 51.52 -28.42 28.93
C PHE G 249 50.28 -29.27 29.22
N SER G 250 50.41 -30.57 28.96
CA SER G 250 49.29 -31.48 29.16
C SER G 250 48.91 -31.60 30.63
N HIS G 251 49.87 -31.52 31.54
CA HIS G 251 49.56 -31.63 32.95
C HIS G 251 50.10 -30.40 33.69
N PRO G 252 49.33 -29.86 34.65
CA PRO G 252 49.75 -28.60 35.29
C PRO G 252 50.93 -28.73 36.24
N GLN G 253 51.13 -29.90 36.85
CA GLN G 253 52.08 -30.02 37.95
C GLN G 253 53.52 -30.28 37.52
N MET G 254 53.77 -30.48 36.23
CA MET G 254 55.14 -30.65 35.79
C MET G 254 55.92 -29.33 35.93
N PRO G 255 57.22 -29.39 36.13
CA PRO G 255 57.99 -28.16 36.35
C PRO G 255 57.97 -27.25 35.12
N LYS G 256 58.00 -25.94 35.39
CA LYS G 256 57.93 -24.96 34.30
C LYS G 256 59.21 -24.98 33.47
N CYS G 257 60.37 -24.93 34.12
CA CYS G 257 61.65 -24.91 33.44
C CYS G 257 62.19 -26.32 33.29
N VAL G 258 62.79 -26.59 32.13
CA VAL G 258 63.39 -27.89 31.83
C VAL G 258 64.87 -27.66 31.57
N LEU G 259 65.71 -28.33 32.36
CA LEU G 259 67.15 -28.20 32.24
C LEU G 259 67.80 -29.58 32.15
N PRO G 260 68.87 -29.71 31.36
CA PRO G 260 69.55 -31.00 31.25
C PRO G 260 70.32 -31.34 32.52
N LYS G 261 70.64 -32.62 32.65
CA LYS G 261 71.36 -33.14 33.81
C LYS G 261 72.72 -33.66 33.37
N GLU G 262 73.76 -33.31 34.12
CA GLU G 262 75.15 -33.73 33.86
C GLU G 262 75.51 -33.32 32.44
N GLY G 263 76.14 -34.19 31.66
CA GLY G 263 76.47 -33.91 30.28
C GLY G 263 75.26 -34.00 29.38
N SER G 264 75.52 -33.94 28.07
CA SER G 264 74.49 -33.99 27.05
C SER G 264 73.44 -32.90 27.27
N ASP G 265 73.88 -31.66 27.04
CA ASP G 265 73.02 -30.49 27.27
C ASP G 265 71.74 -30.54 26.46
N GLY G 266 71.69 -31.32 25.39
CA GLY G 266 70.45 -31.46 24.64
C GLY G 266 69.39 -32.18 25.46
N VAL G 267 68.15 -31.67 25.35
CA VAL G 267 67.04 -32.24 26.12
C VAL G 267 66.42 -33.44 25.45
N LYS G 268 66.92 -33.85 24.28
CA LYS G 268 66.40 -35.00 23.53
C LYS G 268 64.92 -34.78 23.18
N LEU G 269 64.62 -33.62 22.62
CA LEU G 269 63.26 -33.29 22.23
C LEU G 269 62.77 -34.23 21.12
N ALA G 270 61.61 -34.83 21.34
CA ALA G 270 61.03 -35.77 20.39
C ALA G 270 59.74 -35.18 19.82
N ILE G 271 59.61 -35.23 18.50
CA ILE G 271 58.44 -34.72 17.80
C ILE G 271 57.77 -35.91 17.11
N LEU G 272 56.57 -36.26 17.56
CA LEU G 272 55.84 -37.42 17.05
C LEU G 272 54.48 -36.97 16.54
N THR G 273 54.20 -37.24 15.27
CA THR G 273 52.91 -36.91 14.69
C THR G 273 51.79 -37.82 15.18
N CYS G 274 52.13 -38.91 15.86
CA CYS G 274 51.14 -39.84 16.38
C CYS G 274 51.07 -39.73 17.89
N PRO G 275 49.95 -39.29 18.45
CA PRO G 275 49.84 -39.19 19.91
C PRO G 275 49.73 -40.56 20.58
N PHE G 276 49.46 -40.58 21.88
CA PHE G 276 49.26 -41.84 22.59
C PHE G 276 47.76 -42.15 22.59
N GLU G 277 47.37 -43.15 21.82
CA GLU G 277 45.99 -43.56 21.68
C GLU G 277 45.95 -45.06 21.44
N PRO G 278 44.84 -45.71 21.76
CA PRO G 278 44.68 -47.13 21.42
C PRO G 278 44.81 -47.33 19.92
N PRO G 279 45.65 -48.27 19.49
CA PRO G 279 45.86 -48.47 18.05
C PRO G 279 44.58 -48.89 17.35
N LYS G 280 44.26 -48.19 16.26
CA LYS G 280 43.09 -48.51 15.45
C LYS G 280 43.41 -48.20 14.00
N PRO G 281 42.85 -48.97 13.06
CA PRO G 281 43.05 -48.64 11.64
C PRO G 281 42.20 -47.45 11.21
N LYS G 282 42.69 -46.76 10.19
CA LYS G 282 41.98 -45.58 9.69
C LYS G 282 40.66 -45.97 9.04
N THR G 283 40.62 -47.10 8.35
CA THR G 283 39.38 -47.56 7.74
C THR G 283 38.41 -48.06 8.81
N LYS G 284 37.13 -48.10 8.44
CA LYS G 284 36.11 -48.58 9.35
C LYS G 284 36.31 -50.06 9.64
N HIS G 285 36.35 -50.41 10.92
CA HIS G 285 36.60 -51.77 11.35
C HIS G 285 35.61 -52.16 12.43
N LYS G 286 35.40 -53.47 12.58
CA LYS G 286 34.50 -54.02 13.59
C LYS G 286 35.20 -55.17 14.29
N LEU G 287 35.38 -55.05 15.60
CA LEU G 287 36.04 -56.06 16.41
C LEU G 287 34.99 -56.88 17.13
N ASP G 288 34.95 -58.19 16.83
CA ASP G 288 33.98 -59.10 17.43
C ASP G 288 34.65 -59.84 18.58
N ILE G 289 34.03 -59.80 19.75
CA ILE G 289 34.55 -60.42 20.96
C ILE G 289 33.59 -61.51 21.41
N SER G 290 34.13 -62.67 21.76
CA SER G 290 33.32 -63.84 22.12
C SER G 290 33.32 -63.99 23.64
N SER G 291 32.18 -63.72 24.26
CA SER G 291 31.93 -63.95 25.68
C SER G 291 33.00 -63.34 26.59
N VAL G 292 33.36 -64.06 27.65
CA VAL G 292 34.28 -63.55 28.65
C VAL G 292 35.73 -63.72 28.22
N GLU G 293 36.04 -64.85 27.58
CA GLU G 293 37.44 -65.22 27.31
C GLU G 293 38.15 -64.14 26.50
N GLU G 294 37.61 -63.81 25.32
CA GLU G 294 38.22 -62.77 24.51
C GLU G 294 38.08 -61.38 25.11
N TYR G 295 37.06 -61.17 25.95
CA TYR G 295 36.88 -59.88 26.60
C TYR G 295 38.01 -59.58 27.59
N GLN G 296 38.47 -60.62 28.30
CA GLN G 296 39.55 -60.43 29.27
C GLN G 296 40.92 -60.35 28.59
N LYS G 297 41.07 -60.97 27.42
CA LYS G 297 42.35 -60.92 26.73
C LYS G 297 42.66 -59.53 26.20
N LEU G 298 41.62 -58.81 25.74
CA LEU G 298 41.83 -57.46 25.22
C LEU G 298 42.08 -56.46 26.33
N GLN G 299 41.68 -56.77 27.57
CA GLN G 299 41.97 -55.90 28.70
C GLN G 299 43.48 -55.74 28.89
N THR G 300 44.19 -56.87 28.98
CA THR G 300 45.64 -56.83 29.12
C THR G 300 46.31 -56.27 27.87
N TYR G 301 45.66 -56.37 26.71
CA TYR G 301 46.25 -55.87 25.47
C TYR G 301 46.56 -54.38 25.55
N GLU G 302 45.54 -53.57 25.86
CA GLU G 302 45.75 -52.13 25.93
C GLU G 302 46.63 -51.74 27.11
N GLN G 303 46.52 -52.46 28.23
CA GLN G 303 47.35 -52.16 29.39
C GLN G 303 48.83 -52.36 29.09
N ASP G 304 49.15 -53.26 28.16
CA ASP G 304 50.53 -53.45 27.72
C ASP G 304 50.95 -52.44 26.67
N LYS G 305 50.00 -51.72 26.07
CA LYS G 305 50.36 -50.70 25.08
C LYS G 305 50.93 -49.46 25.74
N PHE G 306 50.32 -49.01 26.85
CA PHE G 306 50.85 -47.86 27.57
C PHE G 306 52.23 -48.16 28.13
N LYS G 307 52.46 -49.41 28.57
CA LYS G 307 53.80 -49.79 29.03
C LYS G 307 54.78 -49.89 27.87
N GLU G 308 54.28 -50.19 26.66
CA GLU G 308 55.14 -50.25 25.49
C GLU G 308 55.47 -48.85 24.97
N MET G 309 54.52 -47.92 25.06
CA MET G 309 54.76 -46.56 24.60
C MET G 309 55.73 -45.82 25.51
N ILE G 310 55.69 -46.11 26.82
CA ILE G 310 56.57 -45.41 27.75
C ILE G 310 57.98 -45.97 27.70
N ASP G 311 58.14 -47.26 27.36
CA ASP G 311 59.47 -47.85 27.31
C ASP G 311 60.25 -47.38 26.09
N ASP G 312 59.55 -47.01 25.01
CA ASP G 312 60.24 -46.50 23.82
C ASP G 312 60.86 -45.14 24.09
N VAL G 313 60.19 -44.29 24.87
CA VAL G 313 60.73 -42.98 25.18
C VAL G 313 61.90 -43.09 26.15
N LYS G 314 61.79 -43.98 27.14
CA LYS G 314 62.87 -44.16 28.09
C LYS G 314 64.07 -44.85 27.46
N LYS G 315 63.85 -45.67 26.44
CA LYS G 315 64.97 -46.33 25.77
C LYS G 315 65.79 -45.34 24.95
N ALA G 316 65.13 -44.44 24.23
CA ALA G 316 65.82 -43.44 23.45
C ALA G 316 66.26 -42.23 24.27
N GLY G 317 65.75 -42.08 25.50
CA GLY G 317 66.13 -40.96 26.33
C GLY G 317 65.41 -39.67 26.05
N ALA G 318 64.30 -39.71 25.33
CA ALA G 318 63.55 -38.50 25.02
C ALA G 318 62.90 -37.94 26.29
N ASP G 319 62.59 -36.64 26.24
CA ASP G 319 62.00 -35.95 27.39
C ASP G 319 60.66 -35.33 27.02
N VAL G 320 60.65 -34.27 26.23
CA VAL G 320 59.41 -33.59 25.86
C VAL G 320 58.87 -34.20 24.56
N VAL G 321 57.60 -34.57 24.58
CA VAL G 321 56.94 -35.18 23.43
C VAL G 321 55.75 -34.31 23.04
N ILE G 322 55.68 -33.95 21.76
CA ILE G 322 54.60 -33.11 21.23
C ILE G 322 53.91 -33.86 20.11
N CYS G 323 52.61 -33.59 19.94
CA CYS G 323 51.80 -34.32 18.98
C CYS G 323 50.59 -33.48 18.59
N GLN G 324 49.95 -33.88 17.49
CA GLN G 324 48.83 -33.11 16.97
C GLN G 324 47.60 -33.23 17.87
N TRP G 325 47.28 -34.44 18.31
CA TRP G 325 46.08 -34.69 19.09
C TRP G 325 46.42 -34.90 20.56
N GLY G 326 45.50 -34.45 21.42
CA GLY G 326 45.75 -34.53 22.84
C GLY G 326 45.86 -35.96 23.34
N PHE G 327 46.64 -36.14 24.40
CA PHE G 327 46.82 -37.45 25.00
C PHE G 327 45.55 -37.88 25.74
N ASP G 328 45.43 -39.18 25.95
CA ASP G 328 44.34 -39.72 26.75
C ASP G 328 44.56 -39.41 28.23
N ASP G 329 43.46 -39.48 28.99
CA ASP G 329 43.53 -39.18 30.42
C ASP G 329 44.49 -40.12 31.15
N GLU G 330 44.63 -41.36 30.66
CA GLU G 330 45.58 -42.28 31.26
C GLU G 330 47.01 -42.00 30.82
N ALA G 331 47.19 -41.40 29.63
CA ALA G 331 48.52 -41.09 29.13
C ALA G 331 49.08 -39.79 29.68
N ASN G 332 48.24 -38.94 30.29
CA ASN G 332 48.74 -37.69 30.83
C ASN G 332 49.62 -37.91 32.04
N HIS G 333 49.13 -38.66 33.03
CA HIS G 333 49.91 -38.92 34.24
C HIS G 333 50.97 -39.98 34.03
N LEU G 334 50.84 -40.83 33.01
CA LEU G 334 51.85 -41.83 32.73
C LEU G 334 53.20 -41.19 32.42
N LEU G 335 53.17 -40.03 31.76
CA LEU G 335 54.41 -39.31 31.47
C LEU G 335 54.89 -38.47 32.64
N LEU G 336 54.03 -38.24 33.65
CA LEU G 336 54.44 -37.43 34.79
C LEU G 336 55.28 -38.22 35.78
N GLN G 337 54.95 -39.50 35.99
CA GLN G 337 55.72 -40.30 36.94
C GLN G 337 57.15 -40.54 36.46
N ASN G 338 57.36 -40.53 35.15
CA ASN G 338 58.68 -40.73 34.56
C ASN G 338 59.44 -39.43 34.35
N ASP G 339 58.89 -38.30 34.81
CA ASP G 339 59.49 -36.98 34.62
C ASP G 339 59.70 -36.70 33.14
N LEU G 340 58.61 -36.83 32.37
CA LEU G 340 58.64 -36.63 30.93
C LEU G 340 57.56 -35.62 30.57
N PRO G 341 57.91 -34.33 30.51
CA PRO G 341 56.92 -33.32 30.10
C PRO G 341 56.39 -33.58 28.71
N ALA G 342 55.22 -33.04 28.43
CA ALA G 342 54.58 -33.22 27.14
C ALA G 342 53.69 -32.03 26.83
N VAL G 343 53.49 -31.78 25.54
CA VAL G 343 52.62 -30.72 25.05
C VAL G 343 51.68 -31.33 24.01
N ARG G 344 50.40 -30.98 24.11
CA ARG G 344 49.38 -31.58 23.25
C ARG G 344 48.64 -30.49 22.48
N TRP G 345 47.93 -30.93 21.43
CA TRP G 345 47.14 -30.04 20.57
C TRP G 345 48.02 -29.00 19.90
N VAL G 346 49.12 -29.46 19.30
CA VAL G 346 50.04 -28.61 18.56
C VAL G 346 49.69 -28.71 17.08
N GLY G 347 49.64 -27.57 16.40
CA GLY G 347 49.29 -27.55 15.00
C GLY G 347 50.32 -28.27 14.14
N GLY G 348 49.88 -28.68 12.96
CA GLY G 348 50.77 -29.39 12.05
C GLY G 348 51.90 -28.53 11.52
N GLN G 349 51.62 -27.26 11.27
CA GLN G 349 52.66 -26.35 10.79
C GLN G 349 53.68 -26.05 11.88
N GLU G 350 53.25 -26.03 13.15
CA GLU G 350 54.17 -25.74 14.23
C GLU G 350 55.12 -26.91 14.50
N LEU G 351 54.74 -28.11 14.10
CA LEU G 351 55.60 -29.28 14.34
C LEU G 351 56.85 -29.22 13.47
N GLU G 352 56.71 -28.71 12.24
CA GLU G 352 57.83 -28.74 11.30
C GLU G 352 58.87 -27.68 11.65
N HIS G 353 58.43 -26.51 12.14
CA HIS G 353 59.37 -25.44 12.45
C HIS G 353 60.22 -25.75 13.68
N ILE G 354 59.78 -26.66 14.55
CA ILE G 354 60.54 -26.98 15.74
C ILE G 354 61.72 -27.89 15.41
N ALA G 355 61.51 -28.87 14.53
CA ALA G 355 62.56 -29.84 14.21
C ALA G 355 63.73 -29.20 13.50
N ILE G 356 63.55 -28.03 12.88
CA ILE G 356 64.65 -27.38 12.17
C ILE G 356 65.62 -26.74 13.15
N SER G 357 65.10 -26.02 14.14
CA SER G 357 65.96 -25.35 15.11
C SER G 357 66.66 -26.35 16.02
N THR G 358 66.06 -27.52 16.22
CA THR G 358 66.62 -28.55 17.09
C THR G 358 67.50 -29.55 16.35
N ASN G 359 67.66 -29.40 15.04
CA ASN G 359 68.44 -30.31 14.21
C ASN G 359 67.94 -31.75 14.30
N GLY G 360 66.66 -31.92 14.60
CA GLY G 360 66.06 -33.23 14.72
C GLY G 360 65.17 -33.57 13.54
N ARG G 361 64.64 -34.80 13.60
CA ARG G 361 63.72 -35.31 12.60
C ARG G 361 62.45 -35.80 13.27
N ILE G 362 61.31 -35.51 12.65
CA ILE G 362 60.03 -35.88 13.24
C ILE G 362 59.86 -37.39 13.14
N VAL G 363 59.52 -38.02 14.26
CA VAL G 363 59.39 -39.47 14.35
C VAL G 363 58.01 -39.89 13.84
N PRO G 364 57.93 -40.60 12.71
CA PRO G 364 56.61 -40.94 12.17
C PRO G 364 55.84 -41.96 13.00
N ARG G 365 56.52 -42.95 13.58
CA ARG G 365 55.85 -44.01 14.31
C ARG G 365 56.70 -44.41 15.51
N PHE G 366 56.05 -45.11 16.45
CA PHE G 366 56.73 -45.49 17.69
C PHE G 366 57.89 -46.42 17.44
N GLN G 367 57.82 -47.24 16.39
CA GLN G 367 58.89 -48.19 16.09
C GLN G 367 60.11 -47.51 15.48
N ASP G 368 59.96 -46.32 14.91
CA ASP G 368 61.07 -45.60 14.28
C ASP G 368 61.74 -44.62 15.24
N LEU G 369 61.33 -44.58 16.51
CA LEU G 369 61.94 -43.66 17.45
C LEU G 369 63.39 -44.06 17.73
N SER G 370 64.29 -43.10 17.60
CA SER G 370 65.71 -43.34 17.79
C SER G 370 66.38 -42.07 18.29
N LYS G 371 67.59 -42.23 18.83
CA LYS G 371 68.32 -41.09 19.36
C LYS G 371 68.76 -40.11 18.27
N ASP G 372 68.86 -40.57 17.03
CA ASP G 372 69.27 -39.69 15.94
C ASP G 372 68.19 -38.69 15.55
N LYS G 373 66.93 -39.00 15.83
CA LYS G 373 65.82 -38.13 15.50
C LYS G 373 65.43 -37.19 16.64
N LEU G 374 66.15 -37.24 17.75
CA LEU G 374 65.82 -36.39 18.90
C LEU G 374 66.39 -35.00 18.72
N GLY G 375 65.66 -34.00 19.24
CA GLY G 375 66.05 -32.62 19.10
C GLY G 375 66.99 -32.17 20.22
N THR G 376 67.39 -30.89 20.13
CA THR G 376 68.29 -30.29 21.08
C THR G 376 67.80 -28.90 21.44
N CYS G 377 67.61 -28.66 22.74
CA CYS G 377 67.17 -27.36 23.24
C CYS G 377 68.00 -26.97 24.45
N SER G 378 68.47 -25.73 24.47
CA SER G 378 69.29 -25.27 25.60
C SER G 378 68.46 -25.12 26.86
N ARG G 379 67.37 -24.37 26.79
CA ARG G 379 66.50 -24.17 27.94
C ARG G 379 65.07 -23.95 27.46
N ILE G 380 64.12 -24.52 28.20
CA ILE G 380 62.70 -24.35 27.92
C ILE G 380 61.99 -24.09 29.23
N TYR G 381 61.32 -22.93 29.33
CA TYR G 381 60.56 -22.59 30.52
C TYR G 381 59.16 -22.15 30.12
N GLU G 382 58.27 -22.12 31.11
CA GLU G 382 56.84 -21.91 30.89
C GLU G 382 56.51 -20.46 31.23
N GLN G 383 56.18 -19.67 30.21
CA GLN G 383 55.91 -18.25 30.40
C GLN G 383 54.47 -18.00 30.82
N GLU G 384 54.29 -16.98 31.66
CA GLU G 384 52.98 -16.56 32.13
C GLU G 384 52.87 -15.04 32.01
N PHE G 385 51.69 -14.57 31.61
CA PHE G 385 51.47 -13.15 31.36
C PHE G 385 50.39 -12.62 32.31
N GLY G 386 50.81 -11.76 33.23
CA GLY G 386 49.88 -11.00 34.06
C GLY G 386 48.83 -11.85 34.75
N THR G 387 47.63 -11.30 34.84
CA THR G 387 46.51 -11.98 35.47
C THR G 387 45.75 -12.91 34.51
N THR G 388 45.97 -12.76 33.21
CA THR G 388 45.31 -13.65 32.26
C THR G 388 45.90 -15.05 32.34
N LYS G 389 45.14 -16.03 31.87
CA LYS G 389 45.54 -17.43 31.93
C LYS G 389 46.02 -17.84 30.55
N ASP G 390 47.33 -17.99 30.42
CA ASP G 390 47.95 -18.49 29.19
C ASP G 390 49.34 -19.00 29.53
N ARG G 391 49.85 -19.88 28.68
CA ARG G 391 51.20 -20.42 28.82
C ARG G 391 51.88 -20.42 27.47
N MET G 392 52.99 -19.70 27.37
CA MET G 392 53.74 -19.59 26.12
C MET G 392 55.03 -20.39 26.23
N LEU G 393 55.25 -21.29 25.27
CA LEU G 393 56.46 -22.11 25.25
C LEU G 393 57.60 -21.31 24.60
N ILE G 394 58.75 -21.30 25.26
CA ILE G 394 59.92 -20.57 24.79
C ILE G 394 61.07 -21.55 24.66
N ILE G 395 61.56 -21.73 23.43
CA ILE G 395 62.72 -22.57 23.16
C ILE G 395 63.91 -21.66 22.92
N GLU G 396 65.04 -21.97 23.55
CA GLU G 396 66.25 -21.18 23.44
C GLU G 396 67.40 -22.06 22.99
N GLN G 397 68.36 -21.45 22.30
CA GLN G 397 69.54 -22.13 21.80
C GLN G 397 70.77 -21.34 22.23
N SER G 398 71.68 -22.00 22.96
CA SER G 398 72.91 -21.35 23.39
C SER G 398 73.88 -21.12 22.23
N LYS G 399 73.67 -21.76 21.09
CA LYS G 399 74.53 -21.61 19.92
C LYS G 399 73.68 -21.19 18.72
N GLU G 400 74.37 -20.72 17.69
CA GLU G 400 73.69 -20.30 16.47
C GLU G 400 72.93 -21.47 15.85
N THR G 401 71.64 -21.26 15.61
CA THR G 401 70.76 -22.30 15.08
C THR G 401 70.23 -21.89 13.71
N LYS G 402 69.38 -22.74 13.14
CA LYS G 402 68.92 -22.54 11.77
C LYS G 402 67.81 -21.49 11.66
N THR G 403 66.97 -21.34 12.68
CA THR G 403 65.82 -20.47 12.60
C THR G 403 65.85 -19.41 13.69
N VAL G 404 65.10 -18.33 13.46
CA VAL G 404 64.93 -17.26 14.44
C VAL G 404 63.44 -16.96 14.55
N THR G 405 63.07 -16.32 15.66
CA THR G 405 61.68 -15.97 15.92
C THR G 405 61.63 -14.58 16.55
N CYS G 406 60.74 -13.73 16.04
CA CYS G 406 60.61 -12.37 16.52
C CYS G 406 59.58 -12.32 17.65
N PHE G 407 59.95 -11.69 18.76
CA PHE G 407 59.09 -11.55 19.92
C PHE G 407 58.81 -10.06 20.13
N VAL G 408 57.56 -9.66 19.96
CA VAL G 408 57.16 -8.25 19.99
C VAL G 408 56.08 -8.06 21.05
N ARG G 409 56.22 -7.00 21.83
CA ARG G 409 55.24 -6.61 22.84
C ARG G 409 54.77 -5.19 22.58
N GLY G 410 53.63 -4.84 23.17
CA GLY G 410 53.10 -3.51 23.01
C GLY G 410 51.95 -3.25 23.96
N SER G 411 51.73 -1.97 24.25
CA SER G 411 50.69 -1.55 25.17
C SER G 411 49.29 -1.56 24.54
N ASN G 412 49.19 -1.80 23.23
CA ASN G 412 47.91 -1.82 22.55
C ASN G 412 47.93 -2.93 21.51
N LYS G 413 46.75 -3.48 21.23
CA LYS G 413 46.65 -4.55 20.24
C LYS G 413 47.05 -4.07 18.86
N MET G 414 46.77 -2.81 18.53
CA MET G 414 47.16 -2.25 17.24
C MET G 414 48.63 -1.90 17.19
N ILE G 415 49.20 -1.45 18.32
CA ILE G 415 50.63 -1.16 18.35
C ILE G 415 51.45 -2.42 18.13
N VAL G 416 50.98 -3.55 18.66
CA VAL G 416 51.64 -4.83 18.41
C VAL G 416 51.58 -5.16 16.93
N ASP G 417 50.38 -5.07 16.33
CA ASP G 417 50.24 -5.34 14.91
C ASP G 417 51.00 -4.33 14.05
N GLU G 418 51.08 -3.08 14.50
CA GLU G 418 51.85 -2.08 13.77
C GLU G 418 53.35 -2.36 13.89
N ALA G 419 53.80 -2.81 15.05
CA ALA G 419 55.21 -3.17 15.21
C ALA G 419 55.55 -4.41 14.41
N GLU G 420 54.57 -5.27 14.14
CA GLU G 420 54.82 -6.43 13.28
C GLU G 420 55.11 -5.99 11.85
N ARG G 421 54.24 -5.15 11.28
CA ARG G 421 54.46 -4.66 9.93
C ARG G 421 55.69 -3.75 9.85
N ALA G 422 55.99 -3.03 10.94
CA ALA G 422 57.20 -2.21 10.96
C ALA G 422 58.45 -3.08 10.97
N LEU G 423 58.44 -4.15 11.76
CA LEU G 423 59.58 -5.06 11.79
C LEU G 423 59.64 -5.93 10.53
N HIS G 424 58.48 -6.24 9.95
CA HIS G 424 58.46 -7.01 8.71
C HIS G 424 59.07 -6.20 7.56
N ASP G 425 58.74 -4.91 7.48
CA ASP G 425 59.34 -4.07 6.46
C ASP G 425 60.84 -3.90 6.68
N SER G 426 61.29 -3.94 7.93
CA SER G 426 62.71 -3.84 8.20
C SER G 426 63.44 -5.10 7.72
N LEU G 427 62.82 -6.27 7.90
CA LEU G 427 63.43 -7.50 7.41
C LEU G 427 63.44 -7.56 5.88
N CYS G 428 62.49 -6.89 5.23
CA CYS G 428 62.46 -6.85 3.78
C CYS G 428 63.54 -5.96 3.20
N VAL G 429 64.01 -4.96 3.96
CA VAL G 429 65.11 -4.13 3.49
C VAL G 429 66.45 -4.83 3.66
N VAL G 430 66.60 -5.60 4.73
CA VAL G 430 67.86 -6.29 4.98
C VAL G 430 68.08 -7.38 3.94
N ARG G 431 67.02 -8.11 3.58
CA ARG G 431 67.15 -9.18 2.59
C ARG G 431 67.48 -8.65 1.20
N ASN G 432 67.12 -7.39 0.91
CA ASN G 432 67.47 -6.81 -0.38
C ASN G 432 68.97 -6.58 -0.51
N LEU G 433 69.65 -6.34 0.61
CA LEU G 433 71.10 -6.17 0.60
C LEU G 433 71.84 -7.50 0.56
N VAL G 434 71.16 -8.61 0.84
CA VAL G 434 71.82 -9.92 0.83
C VAL G 434 72.03 -10.39 -0.60
N LYS G 435 71.00 -10.27 -1.45
CA LYS G 435 71.12 -10.70 -2.84
C LYS G 435 71.92 -9.69 -3.66
N ASP G 436 71.60 -8.40 -3.52
CA ASP G 436 72.28 -7.34 -4.24
C ASP G 436 72.89 -6.38 -3.22
N SER G 437 74.22 -6.32 -3.17
CA SER G 437 74.91 -5.44 -2.24
C SER G 437 74.91 -3.98 -2.69
N ARG G 438 74.48 -3.71 -3.92
CA ARG G 438 74.47 -2.34 -4.41
C ARG G 438 73.37 -1.54 -3.71
N VAL G 439 73.75 -0.42 -3.11
CA VAL G 439 72.83 0.43 -2.35
C VAL G 439 73.00 1.87 -2.81
N VAL G 440 71.94 2.66 -2.58
CA VAL G 440 71.92 4.08 -2.92
C VAL G 440 71.49 4.87 -1.69
N TYR G 441 71.73 6.17 -1.76
CA TYR G 441 71.38 7.09 -0.68
C TYR G 441 70.04 7.74 -1.02
N GLY G 442 69.02 7.43 -0.21
CA GLY G 442 67.69 7.96 -0.41
C GLY G 442 67.48 9.30 0.27
N GLY G 443 66.21 9.60 0.54
CA GLY G 443 65.86 10.84 1.19
C GLY G 443 66.01 12.05 0.28
N GLY G 444 65.50 11.95 -0.94
CA GLY G 444 65.59 13.03 -1.89
C GLY G 444 66.86 13.07 -2.71
N ALA G 445 67.87 12.29 -2.34
CA ALA G 445 69.13 12.31 -3.09
C ALA G 445 69.04 11.50 -4.37
N ALA G 446 68.33 10.37 -4.34
CA ALA G 446 68.24 9.51 -5.51
C ALA G 446 67.27 10.05 -6.55
N GLU G 447 66.19 10.70 -6.11
CA GLU G 447 65.20 11.21 -7.06
C GLU G 447 65.73 12.39 -7.85
N VAL G 448 66.43 13.31 -7.19
CA VAL G 448 66.98 14.48 -7.88
C VAL G 448 68.12 14.07 -8.80
N THR G 449 68.91 13.07 -8.40
CA THR G 449 70.01 12.62 -9.26
C THR G 449 69.48 12.04 -10.57
N MET G 450 68.40 11.26 -10.51
CA MET G 450 67.81 10.69 -11.71
C MET G 450 66.94 11.69 -12.47
N SER G 451 66.48 12.76 -11.81
CA SER G 451 65.64 13.74 -12.49
C SER G 451 66.46 14.65 -13.40
N LEU G 452 67.63 15.11 -12.93
CA LEU G 452 68.46 15.98 -13.75
C LEU G 452 69.09 15.26 -14.93
N ALA G 453 69.23 13.93 -14.85
CA ALA G 453 69.78 13.18 -15.97
C ALA G 453 68.86 13.19 -17.18
N VAL G 454 67.54 13.23 -16.94
CA VAL G 454 66.59 13.26 -18.03
C VAL G 454 66.51 14.65 -18.66
N SER G 455 66.61 15.69 -17.82
CA SER G 455 66.53 17.05 -18.33
C SER G 455 67.72 17.40 -19.22
N GLU G 456 68.90 16.84 -18.94
CA GLU G 456 70.07 17.11 -19.77
C GLU G 456 69.95 16.45 -21.13
N GLU G 457 69.29 15.29 -21.20
CA GLU G 457 69.11 14.59 -22.48
C GLU G 457 67.91 15.11 -23.27
N ALA G 458 67.04 15.91 -22.65
CA ALA G 458 65.88 16.43 -23.36
C ALA G 458 66.26 17.59 -24.28
N ASP G 459 67.18 18.45 -23.85
CA ASP G 459 67.59 19.58 -24.66
C ASP G 459 68.55 19.18 -25.78
N LYS G 460 69.23 18.04 -25.65
CA LYS G 460 70.16 17.60 -26.68
C LYS G 460 69.41 17.01 -27.87
N GLN G 461 68.44 16.14 -27.62
CA GLN G 461 67.70 15.51 -28.70
C GLN G 461 66.64 16.42 -29.30
N ARG G 462 66.02 17.26 -28.47
CA ARG G 462 64.94 18.17 -28.88
C ARG G 462 63.83 17.32 -29.49
N GLY G 463 63.26 17.68 -30.63
CA GLY G 463 62.20 16.90 -31.22
C GLY G 463 60.88 17.03 -30.48
N ILE G 464 59.96 16.12 -30.79
CA ILE G 464 58.65 16.11 -30.15
C ILE G 464 58.64 15.37 -28.82
N ASP G 465 59.72 14.66 -28.49
CA ASP G 465 59.81 13.92 -27.24
C ASP G 465 60.41 14.73 -26.09
N GLN G 466 60.76 15.99 -26.33
CA GLN G 466 61.34 16.81 -25.27
C GLN G 466 60.30 17.16 -24.21
N TYR G 467 59.02 17.20 -24.58
CA TYR G 467 57.98 17.47 -23.60
C TYR G 467 57.67 16.26 -22.73
N ALA G 468 57.80 15.05 -23.29
CA ALA G 468 57.59 13.85 -22.49
C ALA G 468 58.75 13.60 -21.54
N PHE G 469 59.94 14.08 -21.87
CA PHE G 469 61.09 13.93 -21.00
C PHE G 469 61.04 14.92 -19.84
N ARG G 470 60.65 16.17 -20.11
CA ARG G 470 60.53 17.15 -19.05
C ARG G 470 59.40 16.80 -18.08
N GLY G 471 58.32 16.20 -18.58
CA GLY G 471 57.25 15.78 -17.69
C GLY G 471 57.67 14.64 -16.78
N PHE G 472 58.57 13.78 -17.24
CA PHE G 472 59.08 12.70 -16.39
C PHE G 472 60.09 13.22 -15.37
N ALA G 473 60.86 14.26 -15.74
CA ALA G 473 61.83 14.82 -14.80
C ALA G 473 61.14 15.62 -13.71
N GLN G 474 60.09 16.37 -14.06
CA GLN G 474 59.35 17.12 -13.05
C GLN G 474 58.54 16.21 -12.15
N ALA G 475 58.16 15.02 -12.64
CA ALA G 475 57.43 14.08 -11.81
C ALA G 475 58.33 13.45 -10.75
N LEU G 476 59.61 13.25 -11.07
CA LEU G 476 60.55 12.72 -10.09
C LEU G 476 60.84 13.74 -9.00
N ASP G 477 60.68 15.04 -9.30
CA ASP G 477 60.91 16.09 -8.31
C ASP G 477 59.78 16.19 -7.29
N THR G 478 58.68 15.46 -7.48
CA THR G 478 57.58 15.55 -6.52
C THR G 478 57.92 14.84 -5.21
N ILE G 479 58.74 13.81 -5.25
CA ILE G 479 59.13 13.06 -4.07
C ILE G 479 59.98 13.91 -3.13
N PRO G 480 61.06 14.57 -3.60
CA PRO G 480 61.83 15.42 -2.67
C PRO G 480 61.06 16.65 -2.21
N MET G 481 60.13 17.16 -3.02
CA MET G 481 59.30 18.28 -2.58
C MET G 481 58.27 17.84 -1.55
N THR G 482 57.85 16.57 -1.61
CA THR G 482 56.91 16.06 -0.63
C THR G 482 57.58 15.87 0.73
N LEU G 483 58.83 15.38 0.73
CA LEU G 483 59.55 15.21 1.98
C LEU G 483 59.82 16.54 2.67
N ALA G 484 60.07 17.59 1.89
CA ALA G 484 60.33 18.90 2.47
C ALA G 484 59.05 19.59 2.92
N GLU G 485 57.92 19.30 2.27
CA GLU G 485 56.66 19.94 2.66
C GLU G 485 56.15 19.37 3.97
N ASN G 486 56.26 18.05 4.16
CA ASN G 486 55.79 17.44 5.40
C ASN G 486 56.70 17.80 6.58
N SER G 487 57.96 18.10 6.32
CA SER G 487 58.91 18.47 7.36
C SER G 487 58.92 19.95 7.67
N GLY G 488 58.12 20.76 6.96
CA GLY G 488 58.06 22.17 7.18
C GLY G 488 58.99 23.00 6.32
N LEU G 489 59.94 22.38 5.63
CA LEU G 489 60.86 23.11 4.78
C LEU G 489 60.15 23.66 3.54
N ASP G 490 60.74 24.68 2.95
CA ASP G 490 60.17 25.28 1.74
C ASP G 490 60.52 24.43 0.53
N PRO G 491 59.54 23.89 -0.19
CA PRO G 491 59.85 23.09 -1.38
C PRO G 491 60.58 23.87 -2.46
N ILE G 492 60.40 25.19 -2.52
CA ILE G 492 61.09 25.99 -3.51
C ILE G 492 62.57 26.12 -3.18
N GLY G 493 62.87 26.44 -1.92
CA GLY G 493 64.26 26.57 -1.51
C GLY G 493 64.99 25.24 -1.42
N THR G 494 64.25 24.16 -1.16
CA THR G 494 64.88 22.85 -1.05
C THR G 494 65.22 22.28 -2.42
N LEU G 495 64.29 22.39 -3.38
CA LEU G 495 64.54 21.84 -4.71
C LEU G 495 65.62 22.62 -5.44
N SER G 496 65.66 23.94 -5.27
CA SER G 496 66.69 24.74 -5.92
C SER G 496 68.06 24.50 -5.32
N THR G 497 68.12 24.14 -4.02
CA THR G 497 69.40 23.87 -3.40
C THR G 497 69.97 22.53 -3.86
N LEU G 498 69.10 21.53 -4.04
CA LEU G 498 69.57 20.21 -4.47
C LEU G 498 70.12 20.24 -5.89
N LYS G 499 69.45 20.95 -6.80
CA LYS G 499 69.92 21.04 -8.17
C LYS G 499 71.23 21.82 -8.29
N SER G 500 71.51 22.71 -7.34
CA SER G 500 72.76 23.47 -7.40
C SER G 500 73.95 22.60 -7.01
N LYS G 501 73.81 21.79 -5.97
CA LYS G 501 74.91 20.93 -5.53
C LYS G 501 75.04 19.69 -6.41
N GLN G 502 73.96 19.26 -7.06
CA GLN G 502 74.03 18.07 -7.91
C GLN G 502 74.66 18.39 -9.26
N LEU G 503 74.38 19.57 -9.81
CA LEU G 503 74.95 19.95 -11.10
C LEU G 503 76.41 20.37 -10.96
N LYS G 504 76.71 21.21 -9.96
CA LYS G 504 78.07 21.70 -9.80
C LYS G 504 79.00 20.59 -9.29
N GLU G 505 78.61 19.92 -8.22
CA GLU G 505 79.42 18.85 -7.63
C GLU G 505 78.88 17.49 -8.07
N LYS G 506 79.79 16.58 -8.40
CA LYS G 506 79.42 15.24 -8.84
C LYS G 506 78.90 14.38 -7.70
N ILE G 507 78.98 14.83 -6.46
CA ILE G 507 78.53 14.04 -5.32
C ILE G 507 77.01 14.05 -5.29
N SER G 508 76.40 12.86 -5.32
CA SER G 508 74.96 12.72 -5.28
C SER G 508 74.41 12.51 -3.88
N ASN G 509 75.27 12.55 -2.85
CA ASN G 509 74.84 12.29 -1.48
C ASN G 509 73.94 13.38 -0.91
N ILE G 510 73.85 14.53 -1.58
CA ILE G 510 73.01 15.62 -1.08
C ILE G 510 71.55 15.29 -1.33
N GLY G 511 70.73 15.40 -0.29
CA GLY G 511 69.32 15.08 -0.38
C GLY G 511 68.51 15.84 0.63
N VAL G 512 67.20 15.58 0.63
CA VAL G 512 66.29 16.27 1.54
C VAL G 512 66.49 15.75 2.95
N ASP G 513 66.56 16.66 3.91
CA ASP G 513 66.71 16.32 5.32
C ASP G 513 65.39 16.65 6.02
N CYS G 514 64.67 15.61 6.43
CA CYS G 514 63.38 15.80 7.09
C CYS G 514 63.51 16.10 8.58
N LEU G 515 64.65 15.75 9.20
CA LEU G 515 64.82 15.94 10.63
C LEU G 515 65.45 17.28 10.98
N GLY G 516 65.93 18.04 10.00
CA GLY G 516 66.42 19.37 10.25
C GLY G 516 67.84 19.48 10.78
N TYR G 517 68.72 18.55 10.41
CA TYR G 517 70.11 18.68 10.79
C TYR G 517 70.78 19.81 10.01
N GLY G 518 71.90 20.30 10.54
CA GLY G 518 72.63 21.38 9.92
C GLY G 518 73.32 21.02 8.62
N SER G 519 73.31 19.75 8.23
CA SER G 519 73.93 19.29 7.00
C SER G 519 72.93 18.49 6.18
N ASN G 520 72.95 18.72 4.87
CA ASN G 520 72.07 18.01 3.94
C ASN G 520 72.68 16.72 3.41
N ASP G 521 73.88 16.35 3.87
CA ASP G 521 74.51 15.13 3.40
C ASP G 521 73.79 13.91 3.95
N MET G 522 73.39 13.01 3.04
CA MET G 522 72.71 11.78 3.45
C MET G 522 73.70 10.71 3.89
N LYS G 523 74.98 10.85 3.58
CA LYS G 523 75.96 9.86 3.98
C LYS G 523 76.33 10.00 5.46
N GLU G 524 76.47 11.24 5.94
CA GLU G 524 76.80 11.47 7.33
C GLU G 524 75.62 11.17 8.26
N LEU G 525 74.40 11.12 7.74
CA LEU G 525 73.22 10.85 8.54
C LEU G 525 72.89 9.36 8.62
N PHE G 526 73.73 8.50 8.02
CA PHE G 526 73.55 7.05 8.07
C PHE G 526 72.22 6.64 7.42
N VAL G 527 71.89 7.27 6.30
CA VAL G 527 70.67 6.96 5.55
C VAL G 527 71.09 6.19 4.30
N VAL G 528 70.75 4.91 4.26
CA VAL G 528 71.10 4.03 3.15
C VAL G 528 69.86 3.24 2.76
N ASP G 529 69.58 3.19 1.47
CA ASP G 529 68.42 2.47 0.93
C ASP G 529 68.87 1.50 -0.15
N PRO G 530 68.20 0.36 -0.29
CA PRO G 530 68.61 -0.61 -1.32
C PRO G 530 68.29 -0.10 -2.72
N PHE G 531 69.13 -0.51 -3.67
CA PHE G 531 68.95 -0.08 -5.05
C PHE G 531 67.78 -0.79 -5.71
N ILE G 532 67.55 -2.06 -5.35
CA ILE G 532 66.44 -2.80 -5.96
C ILE G 532 65.10 -2.24 -5.51
N GLY G 533 65.05 -1.60 -4.34
CA GLY G 533 63.83 -0.99 -3.85
C GLY G 533 63.51 0.30 -4.56
N LYS G 534 64.53 1.14 -4.79
CA LYS G 534 64.32 2.41 -5.47
C LYS G 534 64.18 2.22 -6.98
N LYS G 535 64.73 1.15 -7.54
CA LYS G 535 64.61 0.91 -8.97
C LYS G 535 63.18 0.53 -9.34
N GLN G 536 62.54 -0.31 -8.52
CA GLN G 536 61.16 -0.71 -8.78
C GLN G 536 60.16 0.41 -8.61
N GLN G 537 60.55 1.52 -7.96
CA GLN G 537 59.63 2.64 -7.81
C GLN G 537 59.31 3.28 -9.14
N ILE G 538 60.32 3.47 -9.99
CA ILE G 538 60.09 4.04 -11.31
C ILE G 538 59.52 3.00 -12.26
N LEU G 539 59.97 1.74 -12.13
CA LEU G 539 59.51 0.69 -13.03
C LEU G 539 58.03 0.41 -12.87
N LEU G 540 57.57 0.25 -11.62
CA LEU G 540 56.16 -0.05 -11.39
C LEU G 540 55.26 1.15 -11.69
N ALA G 541 55.78 2.37 -11.49
CA ALA G 541 54.97 3.55 -11.74
C ALA G 541 54.86 3.85 -13.23
N THR G 542 55.95 3.66 -13.98
CA THR G 542 55.94 3.98 -15.40
C THR G 542 55.12 2.96 -16.19
N GLN G 543 55.22 1.68 -15.84
CA GLN G 543 54.50 0.65 -16.57
C GLN G 543 53.00 0.72 -16.31
N LEU G 544 52.59 1.23 -15.15
CA LEU G 544 51.17 1.32 -14.84
C LEU G 544 50.50 2.48 -15.57
N CYS G 545 51.13 3.66 -15.55
CA CYS G 545 50.54 4.82 -16.20
C CYS G 545 50.50 4.68 -17.71
N ARG G 546 51.32 3.81 -18.29
CA ARG G 546 51.28 3.58 -19.73
C ARG G 546 49.97 2.93 -20.14
N MET G 547 49.46 2.00 -19.32
CA MET G 547 48.17 1.39 -19.62
C MET G 547 47.02 2.34 -19.33
N ILE G 548 47.16 3.19 -18.31
CA ILE G 548 46.10 4.14 -17.97
C ILE G 548 45.87 5.11 -19.12
N LEU G 549 46.95 5.61 -19.73
CA LEU G 549 46.82 6.49 -20.88
C LEU G 549 46.24 5.78 -22.09
N LYS G 550 46.32 4.45 -22.13
CA LYS G 550 45.75 3.66 -23.21
C LYS G 550 44.28 3.31 -22.99
N ILE G 551 43.70 3.70 -21.86
CA ILE G 551 42.31 3.39 -21.56
C ILE G 551 41.44 4.52 -22.09
N ASP G 552 40.56 4.21 -23.04
CA ASP G 552 39.63 5.19 -23.60
C ASP G 552 38.20 4.84 -23.22
N ASN G 553 37.64 3.77 -23.80
CA ASN G 553 36.29 3.36 -23.46
C ASN G 553 36.28 2.72 -22.08
N VAL G 554 35.43 3.25 -21.19
CA VAL G 554 35.31 2.75 -19.82
C VAL G 554 33.87 2.29 -19.63
N ILE G 555 33.68 0.99 -19.43
CA ILE G 555 32.36 0.40 -19.23
C ILE G 555 32.31 -0.09 -17.78
N ILE G 556 31.48 0.57 -16.97
CA ILE G 556 31.33 0.23 -15.56
C ILE G 556 29.88 -0.19 -15.32
N SER G 557 29.68 -1.42 -14.88
CA SER G 557 28.35 -1.95 -14.62
C SER G 557 28.01 -1.72 -13.15
N GLY G 558 26.81 -1.18 -12.89
CA GLY G 558 26.40 -0.94 -11.53
C GLY G 558 26.05 -2.23 -10.81
N LYS G 559 26.43 -2.30 -9.54
CA LYS G 559 26.17 -3.48 -8.73
C LYS G 559 25.02 -3.24 -7.76
N GLU H 24 -18.26 -7.14 31.92
CA GLU H 24 -18.54 -6.46 30.67
C GLU H 24 -19.82 -7.02 30.03
N MET H 25 -20.04 -8.32 30.23
CA MET H 25 -21.22 -9.05 29.78
C MET H 25 -21.29 -9.21 28.26
N GLY H 26 -20.36 -8.62 27.51
CA GLY H 26 -20.33 -8.77 26.06
C GLY H 26 -20.79 -7.58 25.28
N ARG H 27 -21.14 -6.48 25.93
CA ARG H 27 -21.55 -5.27 25.24
C ARG H 27 -20.60 -4.13 25.57
N PRO H 28 -20.34 -3.22 24.63
CA PRO H 28 -19.42 -2.10 24.92
C PRO H 28 -20.00 -1.17 25.96
N PHE H 29 -19.17 -0.84 26.96
CA PHE H 29 -19.57 0.02 28.07
C PHE H 29 -18.77 1.31 27.97
N ILE H 30 -19.45 2.39 27.57
CA ILE H 30 -18.81 3.70 27.42
C ILE H 30 -19.67 4.73 28.16
N ILE H 31 -19.13 5.29 29.23
CA ILE H 31 -19.84 6.35 29.94
C ILE H 31 -19.64 7.69 29.27
N VAL H 32 -18.41 8.00 28.85
CA VAL H 32 -18.05 9.31 28.33
C VAL H 32 -17.36 9.13 26.99
N LYS H 33 -17.63 10.06 26.07
CA LYS H 33 -16.98 10.05 24.76
C LYS H 33 -15.46 10.11 24.92
N ASP H 34 -14.75 9.49 23.97
CA ASP H 34 -13.30 9.33 24.04
C ASP H 34 -12.90 8.57 25.32
N GLN H 35 -13.51 7.41 25.51
CA GLN H 35 -13.25 6.58 26.68
C GLN H 35 -11.76 6.25 26.79
N GLY H 36 -11.24 5.49 25.81
CA GLY H 36 -9.85 5.07 25.86
C GLY H 36 -8.84 6.20 25.75
N ASN H 37 -9.28 7.37 25.31
CA ASN H 37 -8.36 8.50 25.18
C ASN H 37 -8.04 9.11 26.54
N LYS H 38 -9.05 9.31 27.38
CA LYS H 38 -8.86 9.92 28.68
C LYS H 38 -8.38 8.87 29.69
N LYS H 39 -7.55 9.33 30.63
CA LYS H 39 -7.01 8.48 31.68
C LYS H 39 -7.44 9.01 33.05
N ARG H 40 -7.41 8.12 34.03
CA ARG H 40 -7.86 8.45 35.39
C ARG H 40 -6.79 8.04 36.38
N GLN H 41 -6.46 8.95 37.31
CA GLN H 41 -5.48 8.70 38.35
C GLN H 41 -6.14 8.87 39.71
N HIS H 42 -5.84 7.94 40.63
CA HIS H 42 -6.46 7.96 41.95
C HIS H 42 -5.53 7.27 42.94
N GLY H 43 -5.79 7.50 44.22
CA GLY H 43 -5.03 6.85 45.26
C GLY H 43 -3.70 7.54 45.53
N LEU H 44 -2.74 6.77 46.04
CA LEU H 44 -1.42 7.30 46.34
C LEU H 44 -0.66 7.67 45.08
N GLU H 45 -0.87 6.94 43.98
CA GLU H 45 -0.17 7.24 42.75
C GLU H 45 -0.56 8.61 42.18
N ALA H 46 -1.80 9.04 42.43
CA ALA H 46 -2.21 10.37 41.96
C ALA H 46 -1.54 11.48 42.76
N LYS H 47 -1.28 11.24 44.05
CA LYS H 47 -0.60 12.26 44.86
C LYS H 47 0.89 12.28 44.60
N LYS H 48 1.49 11.13 44.32
CA LYS H 48 2.93 11.09 44.04
C LYS H 48 3.26 11.81 42.73
N SER H 49 2.38 11.71 41.74
CA SER H 49 2.62 12.38 40.46
C SER H 49 2.48 13.89 40.59
N HIS H 50 1.67 14.36 41.54
CA HIS H 50 1.50 15.79 41.73
C HIS H 50 2.67 16.41 42.47
N ILE H 51 3.24 15.68 43.44
CA ILE H 51 4.37 16.21 44.18
C ILE H 51 5.62 16.24 43.31
N LEU H 52 5.86 15.17 42.54
CA LEU H 52 7.02 15.12 41.67
C LEU H 52 6.92 16.12 40.54
N ALA H 53 5.70 16.49 40.13
CA ALA H 53 5.55 17.52 39.11
C ALA H 53 5.99 18.88 39.64
N ALA H 54 5.77 19.15 40.92
CA ALA H 54 6.24 20.39 41.52
C ALA H 54 7.73 20.35 41.84
N ARG H 55 8.27 19.18 42.15
CA ARG H 55 9.70 19.07 42.41
C ARG H 55 10.52 19.31 41.14
N SER H 56 9.99 18.92 39.99
CA SER H 56 10.68 19.21 38.74
C SER H 56 10.70 20.70 38.43
N VAL H 57 9.62 21.41 38.78
CA VAL H 57 9.60 22.86 38.60
C VAL H 57 10.42 23.57 39.67
N ALA H 58 10.44 23.02 40.89
CA ALA H 58 11.19 23.66 41.97
C ALA H 58 12.69 23.65 41.67
N SER H 59 13.25 22.48 41.36
CA SER H 59 14.67 22.37 41.06
C SER H 59 15.10 23.26 39.91
N ILE H 60 14.17 23.60 39.00
CA ILE H 60 14.48 24.56 37.95
C ILE H 60 14.57 25.97 38.53
N ILE H 61 13.63 26.34 39.39
CA ILE H 61 13.61 27.70 39.92
C ILE H 61 14.64 27.88 41.03
N LYS H 62 14.94 26.82 41.79
CA LYS H 62 15.90 26.94 42.89
C LYS H 62 17.30 27.30 42.38
N THR H 63 17.61 26.97 41.13
CA THR H 63 18.94 27.30 40.61
C THR H 63 19.04 28.79 40.27
N SER H 64 17.93 29.42 39.91
CA SER H 64 17.93 30.83 39.55
C SER H 64 17.56 31.74 40.70
N LEU H 65 17.32 31.19 41.89
CA LEU H 65 16.93 31.99 43.04
C LEU H 65 18.18 32.57 43.71
N GLY H 66 18.13 33.87 44.02
CA GLY H 66 19.22 34.54 44.68
C GLY H 66 20.13 35.25 43.71
N PRO H 67 20.96 36.18 44.22
CA PRO H 67 21.87 36.92 43.34
C PRO H 67 22.94 36.05 42.69
N ARG H 68 23.20 34.86 43.23
CA ARG H 68 24.13 33.92 42.63
C ARG H 68 23.47 32.99 41.62
N GLY H 69 22.18 33.17 41.35
CA GLY H 69 21.48 32.32 40.42
C GLY H 69 21.95 32.49 38.99
N LEU H 70 21.36 31.68 38.11
CA LEU H 70 21.74 31.65 36.71
C LEU H 70 20.48 31.76 35.83
N ASP H 71 20.64 32.41 34.69
CA ASP H 71 19.53 32.59 33.76
C ASP H 71 19.29 31.30 32.99
N LYS H 72 18.27 31.32 32.13
CA LYS H 72 17.89 30.15 31.35
C LYS H 72 17.39 30.60 29.98
N ILE H 73 17.72 29.82 28.95
CA ILE H 73 17.34 30.12 27.58
C ILE H 73 15.94 29.58 27.32
N LEU H 74 15.08 30.43 26.74
CA LEU H 74 13.71 30.06 26.38
C LEU H 74 13.61 30.11 24.87
N ILE H 75 13.45 28.94 24.24
CA ILE H 75 13.32 28.85 22.79
C ILE H 75 11.83 28.85 22.45
N SER H 76 11.41 29.82 21.64
CA SER H 76 10.04 29.89 21.19
C SER H 76 9.84 29.07 19.92
N PRO H 77 8.63 28.59 19.66
CA PRO H 77 8.39 27.84 18.42
C PRO H 77 8.69 28.61 17.16
N ASP H 78 8.68 29.94 17.21
CA ASP H 78 8.97 30.77 16.03
C ASP H 78 10.45 31.01 15.83
N GLY H 79 11.31 30.53 16.73
CA GLY H 79 12.74 30.70 16.62
C GLY H 79 13.33 31.74 17.54
N GLU H 80 12.52 32.64 18.08
CA GLU H 80 13.01 33.66 18.98
C GLU H 80 13.44 33.04 20.31
N ILE H 81 14.50 33.59 20.89
CA ILE H 81 15.05 33.09 22.14
C ILE H 81 14.87 34.13 23.22
N THR H 82 14.79 33.66 24.46
CA THR H 82 14.64 34.53 25.63
C THR H 82 15.51 34.00 26.75
N ILE H 83 16.32 34.87 27.34
CA ILE H 83 17.22 34.51 28.44
C ILE H 83 16.80 35.31 29.66
N THR H 84 16.27 34.62 30.67
CA THR H 84 15.84 35.28 31.90
C THR H 84 15.85 34.27 33.04
N ASN H 85 15.99 34.80 34.26
CA ASN H 85 15.81 34.03 35.48
C ASN H 85 14.44 34.20 36.10
N ASP H 86 13.59 35.03 35.52
CA ASP H 86 12.29 35.35 36.11
C ASP H 86 11.36 34.14 36.01
N GLY H 87 10.84 33.69 37.15
CA GLY H 87 9.95 32.55 37.16
C GLY H 87 8.65 32.80 36.43
N ALA H 88 8.24 34.06 36.31
CA ALA H 88 7.02 34.38 35.58
C ALA H 88 7.24 34.31 34.08
N THR H 89 8.40 34.76 33.60
CA THR H 89 8.68 34.74 32.18
C THR H 89 9.08 33.34 31.71
N ILE H 90 9.82 32.61 32.53
CA ILE H 90 10.25 31.25 32.14
C ILE H 90 9.03 30.35 31.97
N LEU H 91 8.11 30.37 32.95
CA LEU H 91 6.96 29.50 32.90
C LEU H 91 5.93 29.97 31.87
N SER H 92 5.93 31.25 31.51
CA SER H 92 4.96 31.74 30.54
C SER H 92 5.19 31.15 29.15
N GLN H 93 6.43 31.18 28.69
CA GLN H 93 6.79 30.61 27.39
C GLN H 93 7.10 29.13 27.46
N MET H 94 7.01 28.52 28.64
CA MET H 94 7.29 27.10 28.80
C MET H 94 6.08 26.27 28.36
N GLU H 95 6.32 25.34 27.44
CA GLU H 95 5.27 24.42 26.99
C GLU H 95 5.29 23.18 27.87
N LEU H 96 4.20 22.94 28.58
CA LEU H 96 4.10 21.84 29.53
C LEU H 96 3.01 20.86 29.09
N ASP H 97 2.85 19.81 29.89
CA ASP H 97 1.84 18.78 29.63
C ASP H 97 0.98 18.57 30.87
N ASN H 98 1.60 18.13 31.96
CA ASN H 98 0.87 17.92 33.21
C ASN H 98 0.26 19.24 33.68
N GLU H 99 -0.98 19.16 34.16
CA GLU H 99 -1.70 20.36 34.59
C GLU H 99 -1.23 20.88 35.94
N ILE H 100 -0.61 20.02 36.76
CA ILE H 100 -0.10 20.48 38.05
C ILE H 100 1.05 21.45 37.85
N ALA H 101 1.94 21.17 36.91
CA ALA H 101 3.02 22.10 36.60
C ALA H 101 2.50 23.36 35.94
N LYS H 102 1.34 23.28 35.28
CA LYS H 102 0.74 24.47 34.69
C LYS H 102 0.09 25.36 35.74
N LEU H 103 -0.29 24.80 36.89
CA LEU H 103 -0.81 25.64 37.97
C LEU H 103 0.29 26.51 38.57
N LEU H 104 1.54 26.04 38.56
CA LEU H 104 2.65 26.85 39.04
C LEU H 104 3.01 27.95 38.05
N VAL H 105 2.60 27.82 36.79
CA VAL H 105 2.84 28.87 35.80
C VAL H 105 2.07 30.13 36.18
N GLN H 106 0.78 29.98 36.45
CA GLN H 106 -0.03 31.12 36.89
C GLN H 106 0.26 31.54 38.32
N LEU H 107 0.99 30.71 39.08
CA LEU H 107 1.41 31.13 40.41
C LEU H 107 2.42 32.27 40.33
N SER H 108 3.47 32.11 39.53
CA SER H 108 4.42 33.19 39.32
C SER H 108 3.81 34.33 38.53
N LYS H 109 2.85 34.03 37.66
CA LYS H 109 2.15 35.09 36.93
C LYS H 109 1.31 35.94 37.89
N SER H 110 0.72 35.32 38.91
CA SER H 110 -0.01 36.07 39.92
C SER H 110 0.92 36.98 40.72
N GLN H 111 2.18 36.58 40.88
CA GLN H 111 3.13 37.38 41.64
C GLN H 111 3.66 38.55 40.81
N ASP H 112 3.83 38.35 39.49
CA ASP H 112 4.37 39.40 38.64
C ASP H 112 3.32 40.44 38.26
N ASP H 113 2.06 40.04 38.10
CA ASP H 113 1.03 40.96 37.65
C ASP H 113 0.72 42.01 38.70
N GLU H 114 0.53 41.60 39.95
CA GLU H 114 0.15 42.52 41.03
C GLU H 114 1.39 43.15 41.66
N ILE H 115 2.15 42.36 42.41
CA ILE H 115 3.30 42.90 43.13
C ILE H 115 4.47 43.11 42.18
N GLY H 116 4.77 42.11 41.35
CA GLY H 116 5.89 42.21 40.43
C GLY H 116 7.24 41.88 41.01
N ASP H 117 7.30 41.36 42.22
CA ASP H 117 8.56 41.01 42.86
C ASP H 117 8.41 39.67 43.58
N GLY H 118 9.46 38.87 43.55
CA GLY H 118 9.44 37.58 44.20
C GLY H 118 8.72 36.50 43.43
N THR H 119 8.81 36.51 42.10
CA THR H 119 8.18 35.47 41.30
C THR H 119 8.89 34.13 41.44
N THR H 120 10.20 34.16 41.71
CA THR H 120 10.95 32.93 41.91
C THR H 120 10.78 32.36 43.31
N GLY H 121 10.33 33.17 44.27
CA GLY H 121 10.18 32.68 45.63
C GLY H 121 8.86 31.97 45.88
N VAL H 122 7.83 32.30 45.11
CA VAL H 122 6.53 31.67 45.32
C VAL H 122 6.53 30.24 44.81
N VAL H 123 7.37 29.93 43.83
CA VAL H 123 7.43 28.57 43.30
C VAL H 123 8.20 27.67 44.23
N VAL H 124 9.31 28.16 44.80
CA VAL H 124 10.10 27.36 45.72
C VAL H 124 9.35 27.12 47.02
N LEU H 125 8.63 28.14 47.50
CA LEU H 125 7.90 28.00 48.76
C LEU H 125 6.69 27.09 48.61
N ALA H 126 6.02 27.15 47.45
CA ALA H 126 4.86 26.29 47.23
C ALA H 126 5.27 24.83 47.13
N SER H 127 6.34 24.54 46.39
CA SER H 127 6.82 23.17 46.30
C SER H 127 7.38 22.67 47.63
N ALA H 128 7.91 23.57 48.45
CA ALA H 128 8.38 23.18 49.78
C ALA H 128 7.22 22.76 50.67
N LEU H 129 6.07 23.41 50.52
CA LEU H 129 4.87 22.98 51.24
C LEU H 129 4.38 21.63 50.76
N LEU H 130 4.51 21.35 49.46
CA LEU H 130 4.09 20.07 48.93
C LEU H 130 5.06 18.95 49.28
N ASP H 131 6.35 19.26 49.42
CA ASP H 131 7.32 18.24 49.80
C ASP H 131 7.09 17.79 51.25
N GLN H 132 6.82 18.74 52.14
CA GLN H 132 6.51 18.39 53.53
C GLN H 132 5.12 17.77 53.66
N ALA H 133 4.22 18.03 52.71
CA ALA H 133 2.90 17.42 52.75
C ALA H 133 2.91 15.98 52.28
N LEU H 134 3.82 15.63 51.37
CA LEU H 134 3.91 14.25 50.90
C LEU H 134 4.33 13.31 52.01
N GLU H 135 5.22 13.77 52.90
CA GLU H 135 5.62 12.96 54.03
C GLU H 135 4.46 12.77 55.01
N LEU H 136 3.58 13.77 55.13
CA LEU H 136 2.44 13.66 56.04
C LEU H 136 1.34 12.79 55.46
N ILE H 137 1.22 12.75 54.14
CA ILE H 137 0.21 11.89 53.52
C ILE H 137 0.56 10.42 53.71
N GLN H 138 1.85 10.08 53.59
CA GLN H 138 2.28 8.70 53.79
C GLN H 138 2.08 8.24 55.22
N LYS H 139 1.98 9.17 56.18
CA LYS H 139 1.72 8.83 57.57
C LYS H 139 0.25 8.62 57.87
N GLY H 140 -0.63 8.82 56.91
CA GLY H 140 -2.05 8.62 57.10
C GLY H 140 -2.85 9.85 57.46
N ILE H 141 -2.30 11.04 57.26
CA ILE H 141 -3.02 12.27 57.59
C ILE H 141 -3.93 12.64 56.42
N HIS H 142 -5.16 13.04 56.74
CA HIS H 142 -6.09 13.45 55.71
C HIS H 142 -5.62 14.76 55.07
N PRO H 143 -5.70 14.87 53.74
CA PRO H 143 -5.18 16.08 53.08
C PRO H 143 -5.83 17.37 53.54
N ILE H 144 -7.10 17.35 53.91
CA ILE H 144 -7.76 18.56 54.40
C ILE H 144 -7.15 18.98 55.73
N LYS H 145 -6.81 18.02 56.58
CA LYS H 145 -6.15 18.35 57.84
C LYS H 145 -4.78 18.97 57.60
N ILE H 146 -4.12 18.62 56.50
CA ILE H 146 -2.86 19.26 56.16
C ILE H 146 -3.10 20.69 55.69
N ALA H 147 -4.13 20.89 54.86
CA ALA H 147 -4.43 22.24 54.38
C ALA H 147 -4.96 23.13 55.51
N ASN H 148 -5.68 22.56 56.47
CA ASN H 148 -6.16 23.36 57.60
C ASN H 148 -5.02 23.84 58.48
N GLY H 149 -3.93 23.06 58.57
CA GLY H 149 -2.79 23.47 59.36
C GLY H 149 -1.96 24.55 58.71
N PHE H 150 -1.90 24.57 57.37
CA PHE H 150 -1.14 25.61 56.69
C PHE H 150 -1.85 26.95 56.71
N ASP H 151 -3.18 26.94 56.68
CA ASP H 151 -3.93 28.20 56.71
C ASP H 151 -3.79 28.89 58.06
N GLU H 152 -3.83 28.12 59.15
CA GLU H 152 -3.65 28.70 60.48
C GLU H 152 -2.22 29.14 60.71
N ALA H 153 -1.26 28.39 60.15
CA ALA H 153 0.15 28.76 60.30
C ALA H 153 0.53 29.94 59.42
N ALA H 154 -0.24 30.22 58.36
CA ALA H 154 0.09 31.35 57.50
C ALA H 154 -0.20 32.67 58.19
N LYS H 155 -1.30 32.74 58.95
CA LYS H 155 -1.64 33.98 59.64
C LYS H 155 -0.75 34.22 60.84
N LEU H 156 -0.21 33.15 61.44
CA LEU H 156 0.70 33.32 62.57
C LEU H 156 2.05 33.87 62.13
N ALA H 157 2.48 33.54 60.92
CA ALA H 157 3.76 34.03 60.42
C ALA H 157 3.65 35.49 59.97
N ILE H 158 2.52 35.86 59.37
CA ILE H 158 2.34 37.24 58.91
C ILE H 158 2.19 38.17 60.10
N SER H 159 1.43 37.75 61.12
CA SER H 159 1.24 38.59 62.30
C SER H 159 2.52 38.73 63.10
N LYS H 160 3.42 37.75 63.03
CA LYS H 160 4.68 37.84 63.75
C LYS H 160 5.65 38.81 63.06
N LEU H 161 5.73 38.73 61.73
CA LEU H 161 6.62 39.63 61.00
C LEU H 161 6.10 41.07 60.99
N GLU H 162 4.78 41.24 61.08
CA GLU H 162 4.21 42.58 61.08
C GLU H 162 4.59 43.36 62.33
N GLU H 163 4.76 42.66 63.46
CA GLU H 163 5.15 43.33 64.70
C GLU H 163 6.64 43.66 64.76
N THR H 164 7.46 42.95 64.00
CA THR H 164 8.91 43.18 64.05
C THR H 164 9.32 44.41 63.25
N CYS H 165 8.66 44.67 62.13
CA CYS H 165 9.03 45.79 61.28
C CYS H 165 8.62 47.11 61.93
N ASP H 166 9.27 48.18 61.49
CA ASP H 166 9.03 49.52 62.00
C ASP H 166 8.61 50.44 60.86
N ASP H 167 7.97 51.55 61.24
CA ASP H 167 7.46 52.53 60.28
C ASP H 167 8.54 53.54 59.96
N ILE H 168 8.89 53.67 58.67
CA ILE H 168 9.89 54.63 58.21
C ILE H 168 9.28 55.93 57.74
N SER H 169 7.96 56.08 57.81
CA SER H 169 7.30 57.28 57.31
C SER H 169 7.59 58.52 58.16
N ALA H 170 8.15 58.34 59.35
CA ALA H 170 8.48 59.49 60.19
C ALA H 170 9.63 60.31 59.61
N SER H 171 10.46 59.72 58.75
CA SER H 171 11.56 60.44 58.15
C SER H 171 11.04 61.41 57.08
N ASN H 172 11.86 62.42 56.79
CA ASN H 172 11.52 63.43 55.80
C ASN H 172 11.73 62.88 54.39
N ASP H 173 11.57 63.74 53.38
CA ASP H 173 11.76 63.31 52.01
C ASP H 173 13.22 63.06 51.67
N GLU H 174 14.15 63.64 52.43
CA GLU H 174 15.58 63.40 52.18
C GLU H 174 15.96 61.97 52.52
N LEU H 175 15.52 61.48 53.68
CA LEU H 175 15.80 60.11 54.07
C LEU H 175 14.91 59.11 53.35
N PHE H 176 13.71 59.54 52.93
CA PHE H 176 12.81 58.64 52.22
C PHE H 176 13.38 58.19 50.89
N ARG H 177 14.19 59.05 50.25
CA ARG H 177 14.86 58.66 49.01
C ARG H 177 15.90 57.56 49.26
N ASP H 178 16.50 57.54 50.45
CA ASP H 178 17.49 56.52 50.75
C ASP H 178 16.88 55.13 50.82
N PHE H 179 15.70 55.02 51.44
CA PHE H 179 15.02 53.73 51.52
C PHE H 179 14.62 53.22 50.14
N LEU H 180 14.32 54.13 49.21
CA LEU H 180 14.02 53.71 47.85
C LEU H 180 15.27 53.21 47.14
N LEU H 181 16.43 53.78 47.44
CA LEU H 181 17.68 53.28 46.87
C LEU H 181 18.08 51.95 47.47
N ARG H 182 17.66 51.67 48.71
CA ARG H 182 18.01 50.42 49.36
C ARG H 182 17.29 49.24 48.72
N ALA H 183 15.96 49.35 48.54
CA ALA H 183 15.19 48.27 47.96
C ALA H 183 15.39 48.16 46.45
N ALA H 184 15.93 49.20 45.82
CA ALA H 184 16.17 49.16 44.37
C ALA H 184 17.32 48.22 44.04
N LYS H 185 18.46 48.40 44.73
CA LYS H 185 19.63 47.58 44.47
C LYS H 185 19.39 46.10 44.76
N THR H 186 18.41 45.77 45.60
CA THR H 186 18.14 44.38 45.89
C THR H 186 17.43 43.68 44.73
N SER H 187 16.42 44.34 44.15
CA SER H 187 15.69 43.75 43.03
C SER H 187 16.51 43.75 41.75
N LEU H 188 17.50 44.65 41.63
CA LEU H 188 18.33 44.68 40.44
C LEU H 188 19.29 43.51 40.35
N GLY H 189 19.62 42.88 41.48
CA GLY H 189 20.47 41.72 41.47
C GLY H 189 19.80 40.50 40.85
N SER H 190 20.55 39.41 40.80
CA SER H 190 20.14 38.10 40.28
C SER H 190 19.88 38.11 38.78
N LYS H 191 19.96 39.26 38.12
CA LYS H 191 19.63 39.37 36.71
C LYS H 191 20.85 39.84 35.92
N ILE H 192 20.81 39.62 34.60
CA ILE H 192 21.92 39.98 33.74
C ILE H 192 22.14 41.50 33.77
N VAL H 193 23.38 41.89 33.50
CA VAL H 193 23.81 43.29 33.54
C VAL H 193 23.51 43.83 34.94
N SER H 194 24.05 43.15 35.95
CA SER H 194 23.91 43.58 37.34
C SER H 194 25.07 44.44 37.80
N LYS H 195 26.03 44.73 36.93
CA LYS H 195 27.15 45.59 37.29
C LYS H 195 26.77 47.06 37.28
N ASP H 196 25.75 47.43 36.51
CA ASP H 196 25.30 48.80 36.39
C ASP H 196 24.19 49.12 37.40
N HIS H 197 23.88 48.19 38.30
CA HIS H 197 22.77 48.39 39.24
C HIS H 197 22.93 49.66 40.05
N ASP H 198 24.16 50.14 40.23
CA ASP H 198 24.38 51.39 40.95
C ASP H 198 23.69 52.56 40.26
N ARG H 199 23.83 52.66 38.93
CA ARG H 199 23.15 53.71 38.20
C ARG H 199 21.69 53.38 37.95
N PHE H 200 21.34 52.10 37.80
CA PHE H 200 19.95 51.71 37.62
C PHE H 200 19.12 52.07 38.84
N ALA H 201 19.68 51.89 40.04
CA ALA H 201 18.95 52.24 41.26
C ALA H 201 18.72 53.73 41.37
N GLU H 202 19.65 54.54 40.88
CA GLU H 202 19.47 55.99 40.92
C GLU H 202 18.41 56.44 39.93
N MET H 203 18.39 55.83 38.74
CA MET H 203 17.44 56.24 37.71
C MET H 203 16.03 55.74 38.01
N ALA H 204 15.90 54.60 38.70
CA ALA H 204 14.57 54.07 38.99
C ALA H 204 13.87 54.88 40.07
N VAL H 205 14.63 55.46 41.01
CA VAL H 205 14.01 56.25 42.07
C VAL H 205 13.63 57.63 41.57
N GLU H 206 14.48 58.25 40.75
CA GLU H 206 14.19 59.58 40.23
C GLU H 206 12.94 59.61 39.36
N ALA H 207 12.56 58.47 38.78
CA ALA H 207 11.32 58.41 38.01
C ALA H 207 10.10 58.60 38.91
N VAL H 208 10.14 58.01 40.11
CA VAL H 208 9.02 58.17 41.03
C VAL H 208 9.09 59.53 41.73
N ILE H 209 10.29 60.09 41.93
CA ILE H 209 10.40 61.40 42.52
C ILE H 209 9.74 62.45 41.64
N ASN H 210 9.87 62.31 40.32
CA ASN H 210 9.25 63.26 39.40
C ASN H 210 7.76 63.01 39.25
N VAL H 211 7.35 61.75 39.16
CA VAL H 211 5.95 61.38 38.97
C VAL H 211 5.46 60.74 40.26
N MET H 212 4.60 61.45 40.98
CA MET H 212 4.06 61.00 42.26
C MET H 212 3.09 62.04 42.77
N ASP H 213 2.24 61.61 43.71
CA ASP H 213 1.32 62.52 44.38
C ASP H 213 2.04 63.27 45.49
N LYS H 214 1.53 64.47 45.81
CA LYS H 214 2.14 65.28 46.86
C LYS H 214 2.01 64.66 48.24
N ASP H 215 1.04 63.77 48.44
CA ASP H 215 0.82 63.12 49.73
C ASP H 215 1.58 61.80 49.85
N ARG H 216 2.40 61.44 48.87
CA ARG H 216 3.18 60.20 48.88
C ARG H 216 2.25 58.98 48.94
N LYS H 217 1.26 58.96 48.05
CA LYS H 217 0.27 57.90 48.02
C LYS H 217 -0.16 57.67 46.58
N ASP H 218 -0.59 56.43 46.31
CA ASP H 218 -1.31 56.01 45.09
C ASP H 218 -0.70 56.61 43.82
N VAL H 219 0.62 56.49 43.70
CA VAL H 219 1.31 56.96 42.50
C VAL H 219 0.82 56.18 41.28
N ASP H 220 0.70 56.88 40.15
CA ASP H 220 0.25 56.27 38.90
C ASP H 220 1.43 55.68 38.17
N PHE H 221 1.41 54.36 37.97
CA PHE H 221 2.50 53.67 37.28
C PHE H 221 2.40 53.82 35.77
N ASP H 222 1.19 54.00 35.23
CA ASP H 222 1.01 54.06 33.79
C ASP H 222 1.65 55.30 33.17
N LEU H 223 1.97 56.32 33.98
CA LEU H 223 2.63 57.50 33.44
C LEU H 223 4.09 57.27 33.09
N ILE H 224 4.67 56.15 33.50
CA ILE H 224 6.06 55.80 33.18
C ILE H 224 6.03 54.72 32.11
N LYS H 225 6.63 55.00 30.96
CA LYS H 225 6.67 54.08 29.84
C LYS H 225 8.07 53.50 29.68
N MET H 226 8.12 52.24 29.24
CA MET H 226 9.37 51.52 29.03
C MET H 226 9.61 51.42 27.52
N GLN H 227 10.62 52.13 27.04
CA GLN H 227 10.97 52.13 25.62
C GLN H 227 12.40 51.62 25.46
N GLY H 228 12.54 50.45 24.84
CA GLY H 228 13.85 49.86 24.62
C GLY H 228 14.45 50.28 23.29
N ARG H 229 15.78 50.26 23.23
CA ARG H 229 16.52 50.59 22.03
C ARG H 229 17.73 49.68 21.92
N VAL H 230 17.97 49.14 20.73
CA VAL H 230 19.01 48.15 20.51
C VAL H 230 20.21 48.84 19.88
N GLY H 231 21.29 48.94 20.62
CA GLY H 231 22.52 49.50 20.11
C GLY H 231 23.34 50.11 21.23
N GLY H 232 24.52 50.59 20.85
CA GLY H 232 25.39 51.26 21.81
C GLY H 232 25.83 50.33 22.92
N SER H 233 25.98 50.90 24.12
CA SER H 233 26.39 50.17 25.31
C SER H 233 25.47 50.51 26.46
N ILE H 234 25.56 49.73 27.53
CA ILE H 234 24.69 49.93 28.69
C ILE H 234 25.01 51.23 29.41
N SER H 235 26.22 51.75 29.26
CA SER H 235 26.61 52.98 29.93
C SER H 235 25.91 54.21 29.36
N ASP H 236 25.25 54.09 28.20
CA ASP H 236 24.55 55.20 27.59
C ASP H 236 23.11 55.36 28.10
N SER H 237 22.68 54.49 29.00
CA SER H 237 21.32 54.59 29.53
C SER H 237 21.20 55.78 30.48
N LYS H 238 20.23 56.65 30.20
CA LYS H 238 20.02 57.83 31.03
C LYS H 238 18.54 58.18 31.01
N LEU H 239 18.14 59.00 31.97
CA LEU H 239 16.74 59.41 32.08
C LEU H 239 16.45 60.58 31.15
N ILE H 240 15.37 60.44 30.37
CA ILE H 240 14.88 61.51 29.50
C ILE H 240 13.40 61.68 29.77
N ASN H 241 13.00 62.87 30.19
CA ASN H 241 11.60 63.17 30.48
C ASN H 241 10.96 63.74 29.22
N GLY H 242 10.03 62.99 28.65
CA GLY H 242 9.39 63.41 27.42
C GLY H 242 8.85 62.21 26.66
N VAL H 243 8.70 62.39 25.35
CA VAL H 243 8.12 61.39 24.47
C VAL H 243 9.17 60.96 23.45
N ILE H 244 9.33 59.65 23.28
CA ILE H 244 10.25 59.09 22.30
C ILE H 244 9.43 58.38 21.24
N LEU H 245 9.46 58.89 20.01
CA LEU H 245 8.67 58.35 18.91
C LEU H 245 9.59 57.75 17.86
N ASP H 246 9.08 56.74 17.15
CA ASP H 246 9.83 56.07 16.10
C ASP H 246 9.70 56.77 14.75
N LYS H 247 8.86 57.80 14.64
CA LYS H 247 8.66 58.52 13.39
C LYS H 247 9.51 59.78 13.38
N ASP H 248 10.05 60.10 12.20
CA ASP H 248 10.90 61.25 12.01
C ASP H 248 10.10 62.43 11.48
N PHE H 249 10.78 63.56 11.26
CA PHE H 249 10.13 64.73 10.70
C PHE H 249 9.82 64.50 9.23
N SER H 250 8.60 64.83 8.83
CA SER H 250 8.21 64.72 7.43
C SER H 250 8.95 65.74 6.59
N HIS H 251 9.31 65.35 5.36
CA HIS H 251 10.06 66.19 4.43
C HIS H 251 11.33 66.70 5.11
N PRO H 252 12.33 65.85 5.30
CA PRO H 252 13.47 66.23 6.15
C PRO H 252 14.41 67.25 5.51
N GLN H 253 13.87 68.36 5.04
CA GLN H 253 14.66 69.51 4.65
C GLN H 253 14.82 70.51 5.79
N MET H 254 14.12 70.31 6.89
CA MET H 254 14.13 71.14 8.08
C MET H 254 15.23 70.70 9.04
N PRO H 255 15.69 71.58 9.92
CA PRO H 255 16.73 71.18 10.88
C PRO H 255 16.21 70.12 11.84
N LYS H 256 17.11 69.21 12.22
CA LYS H 256 16.73 68.10 13.08
C LYS H 256 16.40 68.58 14.50
N CYS H 257 17.27 69.40 15.08
CA CYS H 257 17.06 69.91 16.42
C CYS H 257 16.30 71.23 16.34
N VAL H 258 15.10 71.25 16.93
CA VAL H 258 14.25 72.43 16.92
C VAL H 258 14.57 73.27 18.16
N LEU H 259 14.72 74.58 17.96
CA LEU H 259 15.04 75.48 19.05
C LEU H 259 13.93 76.51 19.22
N PRO H 260 13.62 76.90 20.45
CA PRO H 260 12.58 77.91 20.68
C PRO H 260 13.06 79.30 20.33
N LYS H 261 12.09 80.21 20.20
CA LYS H 261 12.39 81.62 19.97
C LYS H 261 13.10 82.21 21.17
N GLU H 262 13.77 83.36 20.95
CA GLU H 262 14.56 84.02 21.98
C GLU H 262 13.78 84.15 23.28
N GLY H 263 12.79 85.05 23.32
CA GLY H 263 11.78 85.01 24.35
C GLY H 263 10.65 84.07 23.94
N SER H 264 10.16 83.30 24.90
CA SER H 264 9.01 82.44 24.64
C SER H 264 8.38 82.02 25.97
N ASP H 265 7.11 81.63 25.90
CA ASP H 265 6.50 80.83 26.96
C ASP H 265 6.84 79.36 26.82
N GLY H 266 7.15 78.90 25.61
CA GLY H 266 7.48 77.52 25.37
C GLY H 266 7.62 77.28 23.88
N VAL H 267 7.66 75.98 23.53
CA VAL H 267 7.75 75.61 22.11
C VAL H 267 6.41 75.57 21.42
N LYS H 268 5.30 75.58 22.18
CA LYS H 268 3.95 75.56 21.63
C LYS H 268 3.74 74.35 20.72
N LEU H 269 4.02 73.17 21.25
CA LEU H 269 3.82 71.93 20.51
C LEU H 269 2.34 71.73 20.18
N ALA H 270 2.06 71.36 18.94
CA ALA H 270 0.70 71.14 18.46
C ALA H 270 0.47 69.66 18.20
N ILE H 271 -0.70 69.18 18.59
CA ILE H 271 -1.10 67.78 18.39
C ILE H 271 -2.43 67.78 17.65
N LEU H 272 -2.48 67.05 16.53
CA LEU H 272 -3.67 67.00 15.68
C LEU H 272 -3.93 65.55 15.30
N THR H 273 -5.14 65.07 15.60
CA THR H 273 -5.56 63.74 15.19
C THR H 273 -6.17 63.71 13.79
N CYS H 274 -6.30 64.87 13.15
CA CYS H 274 -6.91 64.96 11.83
C CYS H 274 -5.84 65.20 10.78
N PRO H 275 -5.78 64.38 9.74
CA PRO H 275 -4.83 64.62 8.65
C PRO H 275 -5.18 65.89 7.89
N PHE H 276 -4.23 66.37 7.10
CA PHE H 276 -4.43 67.60 6.34
C PHE H 276 -5.00 67.23 4.97
N GLU H 277 -6.28 67.51 4.78
CA GLU H 277 -6.99 67.22 3.55
C GLU H 277 -8.10 68.24 3.39
N PRO H 278 -8.57 68.49 2.17
CA PRO H 278 -9.78 69.29 2.00
C PRO H 278 -10.96 68.59 2.65
N PRO H 279 -11.85 69.33 3.29
CA PRO H 279 -12.94 68.70 4.05
C PRO H 279 -13.81 67.82 3.17
N LYS H 280 -14.04 66.59 3.63
CA LYS H 280 -14.89 65.64 2.94
C LYS H 280 -15.83 64.98 3.93
N PRO H 281 -17.06 64.67 3.51
CA PRO H 281 -17.99 64.00 4.41
C PRO H 281 -17.50 62.60 4.77
N LYS H 282 -17.79 62.18 6.00
CA LYS H 282 -17.45 60.83 6.42
C LYS H 282 -18.23 59.80 5.60
N THR H 283 -19.49 60.09 5.31
CA THR H 283 -20.28 59.23 4.44
C THR H 283 -19.76 59.32 3.00
N LYS H 284 -20.06 58.29 2.22
CA LYS H 284 -19.70 58.31 0.82
C LYS H 284 -20.50 59.39 0.09
N HIS H 285 -19.81 60.24 -0.66
CA HIS H 285 -20.42 61.38 -1.31
C HIS H 285 -20.13 61.34 -2.81
N LYS H 286 -21.00 62.00 -3.58
CA LYS H 286 -20.85 62.11 -5.02
C LYS H 286 -20.92 63.60 -5.38
N LEU H 287 -19.81 64.13 -5.88
CA LEU H 287 -19.73 65.53 -6.29
C LEU H 287 -19.81 65.56 -7.81
N ASP H 288 -20.92 66.09 -8.32
CA ASP H 288 -21.19 66.12 -9.76
C ASP H 288 -20.85 67.50 -10.31
N ILE H 289 -19.94 67.54 -11.29
CA ILE H 289 -19.55 68.78 -11.95
C ILE H 289 -20.21 68.79 -13.32
N SER H 290 -21.19 69.67 -13.49
CA SER H 290 -21.98 69.73 -14.71
C SER H 290 -21.50 70.77 -15.70
N SER H 291 -20.47 71.54 -15.37
CA SER H 291 -19.99 72.58 -16.26
C SER H 291 -18.53 72.88 -15.96
N VAL H 292 -17.87 73.54 -16.92
CA VAL H 292 -16.47 73.90 -16.73
C VAL H 292 -16.32 74.94 -15.62
N GLU H 293 -17.29 75.83 -15.47
CA GLU H 293 -17.22 76.84 -14.43
C GLU H 293 -17.25 76.20 -13.04
N GLU H 294 -18.01 75.11 -12.89
CA GLU H 294 -18.02 74.41 -11.61
C GLU H 294 -16.71 73.67 -11.37
N TYR H 295 -16.01 73.27 -12.43
CA TYR H 295 -14.71 72.62 -12.27
C TYR H 295 -13.61 73.63 -11.95
N GLN H 296 -13.70 74.84 -12.49
CA GLN H 296 -12.69 75.85 -12.19
C GLN H 296 -12.80 76.34 -10.76
N LYS H 297 -14.01 76.35 -10.19
CA LYS H 297 -14.17 76.75 -8.79
C LYS H 297 -13.54 75.73 -7.84
N LEU H 298 -13.55 74.45 -8.23
CA LEU H 298 -12.91 73.43 -7.40
C LEU H 298 -11.40 73.61 -7.36
N GLN H 299 -10.81 74.16 -8.43
CA GLN H 299 -9.38 74.40 -8.45
C GLN H 299 -8.97 75.43 -7.40
N THR H 300 -9.69 76.56 -7.36
CA THR H 300 -9.40 77.58 -6.36
C THR H 300 -9.79 77.11 -4.96
N TYR H 301 -10.93 76.41 -4.85
CA TYR H 301 -11.36 75.88 -3.56
C TYR H 301 -10.36 74.87 -3.00
N GLU H 302 -9.62 74.19 -3.87
CA GLU H 302 -8.64 73.21 -3.40
C GLU H 302 -7.46 73.90 -2.71
N GLN H 303 -6.86 74.88 -3.37
CA GLN H 303 -5.68 75.54 -2.83
C GLN H 303 -6.00 76.48 -1.67
N ASP H 304 -7.25 76.94 -1.57
CA ASP H 304 -7.60 77.85 -0.48
C ASP H 304 -7.63 77.13 0.87
N LYS H 305 -7.89 75.82 0.87
CA LYS H 305 -7.95 75.09 2.13
C LYS H 305 -6.56 74.79 2.67
N PHE H 306 -5.62 74.40 1.80
CA PHE H 306 -4.25 74.16 2.25
C PHE H 306 -3.59 75.45 2.70
N LYS H 307 -3.98 76.59 2.12
CA LYS H 307 -3.46 77.88 2.57
C LYS H 307 -4.09 78.31 3.88
N GLU H 308 -5.34 77.92 4.14
CA GLU H 308 -6.01 78.30 5.37
C GLU H 308 -5.54 77.44 6.55
N MET H 309 -5.26 76.16 6.31
CA MET H 309 -4.85 75.28 7.39
C MET H 309 -3.45 75.64 7.91
N ILE H 310 -2.56 76.07 7.03
CA ILE H 310 -1.21 76.42 7.46
C ILE H 310 -1.18 77.79 8.15
N ASP H 311 -2.16 78.65 7.89
CA ASP H 311 -2.20 79.95 8.55
C ASP H 311 -2.73 79.86 9.97
N ASP H 312 -3.62 78.91 10.25
CA ASP H 312 -4.15 78.75 11.60
C ASP H 312 -3.05 78.33 12.58
N VAL H 313 -2.08 77.55 12.10
CA VAL H 313 -0.98 77.13 12.97
C VAL H 313 -0.02 78.30 13.21
N LYS H 314 0.22 79.11 12.18
CA LYS H 314 1.14 80.24 12.32
C LYS H 314 0.55 81.32 13.23
N LYS H 315 -0.77 81.55 13.13
CA LYS H 315 -1.40 82.55 13.97
C LYS H 315 -1.46 82.10 15.43
N ALA H 316 -1.45 80.80 15.67
CA ALA H 316 -1.47 80.27 17.03
C ALA H 316 -0.09 80.20 17.66
N GLY H 317 0.97 80.48 16.90
CA GLY H 317 2.32 80.43 17.41
C GLY H 317 2.94 79.05 17.50
N ALA H 318 2.22 78.01 17.10
CA ALA H 318 2.73 76.66 17.19
C ALA H 318 3.89 76.45 16.21
N ASP H 319 4.74 75.48 16.52
CA ASP H 319 5.89 75.15 15.69
C ASP H 319 5.81 73.72 15.18
N VAL H 320 6.01 72.72 16.04
CA VAL H 320 5.97 71.32 15.62
C VAL H 320 4.52 70.85 15.59
N VAL H 321 4.10 70.31 14.46
CA VAL H 321 2.74 69.82 14.26
C VAL H 321 2.80 68.29 14.20
N ILE H 322 1.92 67.64 14.96
CA ILE H 322 1.85 66.18 15.02
C ILE H 322 0.54 65.74 14.39
N CYS H 323 0.62 64.87 13.39
CA CYS H 323 -0.55 64.36 12.69
C CYS H 323 -0.64 62.85 12.88
N GLN H 324 -1.85 62.37 13.13
CA GLN H 324 -2.06 60.94 13.34
C GLN H 324 -2.01 60.16 12.03
N TRP H 325 -2.73 60.63 11.01
CA TRP H 325 -2.79 59.97 9.72
C TRP H 325 -1.80 60.55 8.71
N GLY H 326 -0.99 61.53 9.10
CA GLY H 326 -0.07 62.15 8.17
C GLY H 326 -0.76 63.20 7.32
N PHE H 327 -0.12 63.54 6.20
CA PHE H 327 -0.68 64.51 5.28
C PHE H 327 -0.07 64.30 3.91
N ASP H 328 -0.75 64.85 2.90
CA ASP H 328 -0.31 64.72 1.52
C ASP H 328 0.94 65.53 1.26
N ASP H 329 1.63 65.19 0.17
CA ASP H 329 2.88 65.86 -0.19
C ASP H 329 2.69 67.33 -0.55
N GLU H 330 1.44 67.79 -0.68
CA GLU H 330 1.20 69.20 -0.96
C GLU H 330 1.71 70.09 0.16
N ALA H 331 1.57 69.64 1.41
CA ALA H 331 1.94 70.43 2.57
C ALA H 331 3.40 70.30 2.97
N ASN H 332 4.19 69.51 2.22
CA ASN H 332 5.61 69.39 2.54
C ASN H 332 6.32 70.73 2.40
N HIS H 333 6.16 71.39 1.25
CA HIS H 333 6.77 72.69 1.04
C HIS H 333 5.99 73.81 1.72
N LEU H 334 4.68 73.62 1.96
CA LEU H 334 3.90 74.65 2.65
C LEU H 334 4.37 74.81 4.09
N LEU H 335 4.53 73.70 4.81
CA LEU H 335 5.04 73.75 6.17
C LEU H 335 6.53 74.07 6.21
N LEU H 336 7.24 73.91 5.09
CA LEU H 336 8.65 74.26 5.04
C LEU H 336 8.87 75.76 4.91
N GLN H 337 7.95 76.47 4.27
CA GLN H 337 8.08 77.92 4.16
C GLN H 337 7.93 78.59 5.52
N ASN H 338 7.00 78.11 6.33
CA ASN H 338 6.72 78.68 7.64
C ASN H 338 7.62 78.09 8.73
N ASP H 339 8.53 77.20 8.38
CA ASP H 339 9.43 76.55 9.34
C ASP H 339 8.64 75.83 10.42
N LEU H 340 7.72 74.97 9.98
CA LEU H 340 6.88 74.21 10.90
C LEU H 340 7.23 72.73 10.80
N PRO H 341 7.89 72.14 11.79
CA PRO H 341 8.15 70.70 11.74
C PRO H 341 6.86 69.90 11.80
N ALA H 342 6.88 68.74 11.15
CA ALA H 342 5.69 67.90 11.06
C ALA H 342 6.10 66.44 11.02
N VAL H 343 5.26 65.59 11.61
CA VAL H 343 5.45 64.15 11.60
C VAL H 343 4.20 63.50 11.02
N ARG H 344 4.36 62.26 10.54
CA ARG H 344 3.29 61.55 9.87
C ARG H 344 3.15 60.15 10.44
N TRP H 345 1.92 59.62 10.35
CA TRP H 345 1.61 58.25 10.76
C TRP H 345 2.00 57.97 12.21
N VAL H 346 1.51 58.82 13.11
CA VAL H 346 1.71 58.64 14.54
C VAL H 346 0.57 57.79 15.08
N GLY H 347 0.91 56.78 15.88
CA GLY H 347 -0.11 55.90 16.43
C GLY H 347 -1.02 56.61 17.40
N GLY H 348 -2.24 56.08 17.52
CA GLY H 348 -3.21 56.68 18.43
C GLY H 348 -2.83 56.55 19.89
N GLN H 349 -2.16 55.45 20.26
CA GLN H 349 -1.73 55.28 21.64
C GLN H 349 -0.61 56.26 22.00
N GLU H 350 0.23 56.60 21.03
CA GLU H 350 1.32 57.53 21.30
C GLU H 350 0.82 58.96 21.46
N LEU H 351 -0.33 59.29 20.87
CA LEU H 351 -0.88 60.63 21.00
C LEU H 351 -1.27 60.93 22.44
N GLU H 352 -1.78 59.92 23.15
CA GLU H 352 -2.06 60.09 24.57
C GLU H 352 -0.77 60.33 25.36
N HIS H 353 0.31 59.69 24.95
CA HIS H 353 1.58 59.85 25.65
C HIS H 353 2.19 61.23 25.42
N ILE H 354 1.85 61.87 24.30
CA ILE H 354 2.42 63.18 23.98
C ILE H 354 1.76 64.27 24.79
N ALA H 355 0.43 64.24 24.90
CA ALA H 355 -0.29 65.30 25.60
C ALA H 355 -0.01 65.30 27.10
N ILE H 356 0.46 64.19 27.66
CA ILE H 356 0.73 64.14 29.10
C ILE H 356 2.05 64.82 29.41
N SER H 357 3.07 64.61 28.58
CA SER H 357 4.39 65.17 28.85
C SER H 357 4.38 66.69 28.76
N THR H 358 3.86 67.23 27.65
CA THR H 358 3.85 68.66 27.40
C THR H 358 2.66 69.36 28.03
N ASN H 359 1.79 68.63 28.73
CA ASN H 359 0.60 69.20 29.37
C ASN H 359 -0.30 69.92 28.37
N GLY H 360 -0.32 69.44 27.12
CA GLY H 360 -1.12 70.04 26.09
C GLY H 360 -2.48 69.37 25.94
N ARG H 361 -3.26 69.87 24.99
CA ARG H 361 -4.60 69.36 24.71
C ARG H 361 -4.72 69.07 23.22
N ILE H 362 -5.26 67.90 22.90
CA ILE H 362 -5.42 67.50 21.50
C ILE H 362 -6.48 68.38 20.85
N VAL H 363 -6.13 68.94 19.69
CA VAL H 363 -7.02 69.85 18.96
C VAL H 363 -7.72 69.04 17.88
N PRO H 364 -9.04 68.85 17.95
CA PRO H 364 -9.72 68.03 16.94
C PRO H 364 -9.79 68.68 15.56
N ARG H 365 -9.84 70.00 15.48
CA ARG H 365 -9.97 70.67 14.20
C ARG H 365 -9.43 72.09 14.30
N PHE H 366 -9.13 72.67 13.14
CA PHE H 366 -8.54 74.01 13.10
C PHE H 366 -9.47 75.07 13.67
N GLN H 367 -10.79 74.84 13.58
CA GLN H 367 -11.73 75.82 14.12
C GLN H 367 -11.66 75.91 15.63
N ASP H 368 -11.28 74.81 16.29
CA ASP H 368 -11.11 74.80 17.74
C ASP H 368 -9.66 75.05 18.17
N LEU H 369 -8.76 75.33 17.23
CA LEU H 369 -7.37 75.52 17.55
C LEU H 369 -7.16 76.83 18.31
N SER H 370 -6.51 76.75 19.46
CA SER H 370 -6.22 77.92 20.28
C SER H 370 -4.83 77.79 20.86
N LYS H 371 -4.30 78.90 21.37
CA LYS H 371 -2.96 78.91 21.95
C LYS H 371 -2.90 78.24 23.32
N ASP H 372 -4.05 78.07 23.98
CA ASP H 372 -4.05 77.45 25.31
C ASP H 372 -3.97 75.93 25.24
N LYS H 373 -4.28 75.33 24.10
CA LYS H 373 -4.25 73.88 23.94
C LYS H 373 -2.90 73.38 23.44
N LEU H 374 -1.92 74.26 23.27
CA LEU H 374 -0.61 73.85 22.76
C LEU H 374 0.28 73.38 23.90
N GLY H 375 1.01 72.28 23.65
CA GLY H 375 1.90 71.76 24.65
C GLY H 375 3.20 72.52 24.75
N THR H 376 3.90 72.30 25.85
CA THR H 376 5.16 73.00 26.14
C THR H 376 6.20 71.99 26.61
N CYS H 377 7.32 71.93 25.89
CA CYS H 377 8.45 71.11 26.30
C CYS H 377 9.73 71.90 26.09
N SER H 378 10.83 71.41 26.67
CA SER H 378 12.08 72.16 26.63
C SER H 378 12.69 72.17 25.23
N ARG H 379 12.90 70.99 24.65
CA ARG H 379 13.57 70.89 23.37
C ARG H 379 13.09 69.65 22.63
N ILE H 380 13.05 69.75 21.30
CA ILE H 380 12.67 68.64 20.43
C ILE H 380 13.83 68.40 19.47
N TYR H 381 14.36 67.18 19.47
CA TYR H 381 15.52 66.84 18.66
C TYR H 381 15.53 65.35 18.39
N GLU H 382 16.32 64.96 17.40
CA GLU H 382 16.50 63.56 17.05
C GLU H 382 17.97 63.16 17.17
N GLN H 383 18.20 61.88 17.42
CA GLN H 383 19.53 61.34 17.59
C GLN H 383 19.87 60.44 16.40
N GLU H 384 21.16 60.40 16.04
CA GLU H 384 21.61 59.57 14.94
C GLU H 384 21.69 58.09 15.31
N PHE H 385 21.84 57.76 16.60
CA PHE H 385 21.96 56.39 17.09
C PHE H 385 23.13 55.73 16.37
N GLY H 386 22.92 54.68 15.59
CA GLY H 386 23.99 53.96 14.94
C GLY H 386 24.27 54.47 13.54
N THR H 387 24.68 53.54 12.67
CA THR H 387 25.03 53.88 11.30
C THR H 387 23.78 54.23 10.49
N THR H 388 22.93 53.24 10.25
CA THR H 388 21.68 53.49 9.56
C THR H 388 20.50 53.41 10.53
N LYS H 389 20.12 52.19 10.91
CA LYS H 389 19.02 51.93 11.85
C LYS H 389 17.79 52.72 11.40
N ASP H 390 17.10 53.42 12.29
CA ASP H 390 15.97 54.25 11.94
C ASP H 390 16.06 55.57 12.71
N ARG H 391 15.26 56.54 12.28
CA ARG H 391 15.25 57.86 12.90
C ARG H 391 14.20 57.90 14.01
N MET H 392 14.62 58.34 15.19
CA MET H 392 13.75 58.41 16.35
C MET H 392 13.76 59.82 16.93
N LEU H 393 12.59 60.29 17.35
CA LEU H 393 12.43 61.63 17.89
C LEU H 393 12.46 61.59 19.41
N ILE H 394 13.08 62.61 20.00
CA ILE H 394 13.26 62.68 21.45
C ILE H 394 12.77 64.04 21.94
N ILE H 395 12.02 64.04 23.03
CA ILE H 395 11.49 65.25 23.64
C ILE H 395 12.02 65.36 25.07
N GLU H 396 12.46 66.55 25.44
CA GLU H 396 12.94 66.83 26.79
C GLU H 396 12.03 67.85 27.47
N GLN H 397 12.00 67.80 28.80
CA GLN H 397 11.23 68.72 29.61
C GLN H 397 12.15 69.64 30.39
N SER H 398 11.69 70.87 30.62
CA SER H 398 12.48 71.89 31.31
C SER H 398 12.28 71.88 32.82
N LYS H 399 11.33 71.10 33.33
CA LYS H 399 11.05 71.06 34.76
C LYS H 399 10.42 69.70 35.08
N GLU H 400 9.96 69.56 36.32
CA GLU H 400 9.32 68.32 36.74
C GLU H 400 7.95 68.18 36.07
N THR H 401 7.73 67.03 35.45
CA THR H 401 6.49 66.75 34.73
C THR H 401 5.93 65.40 35.17
N LYS H 402 4.82 65.01 34.57
CA LYS H 402 4.15 63.76 34.88
C LYS H 402 4.57 62.61 33.97
N THR H 403 5.53 62.83 33.08
CA THR H 403 5.97 61.81 32.14
C THR H 403 7.46 61.54 32.31
N VAL H 404 7.81 60.27 32.54
CA VAL H 404 9.20 59.83 32.60
C VAL H 404 9.33 58.59 31.72
N THR H 405 10.17 58.69 30.69
CA THR H 405 10.38 57.61 29.75
C THR H 405 11.75 56.99 29.99
N CYS H 406 11.78 55.67 30.13
CA CYS H 406 13.03 54.96 30.38
C CYS H 406 13.77 54.72 29.07
N PHE H 407 15.07 54.97 29.09
CA PHE H 407 15.93 54.85 27.91
C PHE H 407 17.02 53.83 28.22
N VAL H 408 16.99 52.70 27.50
CA VAL H 408 17.91 51.59 27.73
C VAL H 408 18.62 51.26 26.43
N ARG H 409 19.93 51.07 26.52
CA ARG H 409 20.75 50.67 25.38
C ARG H 409 21.49 49.38 25.72
N GLY H 410 21.90 48.66 24.68
CA GLY H 410 22.64 47.43 24.86
C GLY H 410 23.23 46.95 23.56
N SER H 411 24.29 46.16 23.68
CA SER H 411 25.01 45.63 22.53
C SER H 411 24.38 44.35 21.98
N ASN H 412 23.33 43.84 22.61
CA ASN H 412 22.68 42.62 22.17
C ASN H 412 21.17 42.79 22.27
N LYS H 413 20.46 42.12 21.38
CA LYS H 413 18.99 42.16 21.42
C LYS H 413 18.45 41.53 22.68
N MET H 414 19.13 40.50 23.21
CA MET H 414 18.69 39.87 24.44
C MET H 414 18.91 40.77 25.64
N ILE H 415 19.97 41.58 25.62
CA ILE H 415 20.24 42.49 26.74
C ILE H 415 19.21 43.61 26.77
N VAL H 416 18.90 44.18 25.60
CA VAL H 416 17.90 45.25 25.53
C VAL H 416 16.54 44.75 25.96
N ASP H 417 16.25 43.48 25.73
CA ASP H 417 14.96 42.91 26.12
C ASP H 417 14.90 42.71 27.63
N GLU H 418 15.79 41.87 28.17
CA GLU H 418 15.77 41.56 29.59
C GLU H 418 15.92 42.80 30.45
N ALA H 419 16.67 43.81 29.99
CA ALA H 419 16.83 45.02 30.78
C ALA H 419 15.52 45.76 30.97
N GLU H 420 14.60 45.64 30.01
CA GLU H 420 13.27 46.22 30.17
C GLU H 420 12.58 45.65 31.40
N ARG H 421 12.31 44.34 31.40
CA ARG H 421 11.65 43.71 32.54
C ARG H 421 12.51 43.73 33.80
N ALA H 422 13.82 43.90 33.66
CA ALA H 422 14.67 44.04 34.85
C ALA H 422 14.38 45.35 35.56
N LEU H 423 14.31 46.45 34.81
CA LEU H 423 13.94 47.73 35.40
C LEU H 423 12.44 47.82 35.64
N HIS H 424 11.65 47.05 34.90
CA HIS H 424 10.21 47.02 35.14
C HIS H 424 9.91 46.43 36.52
N ASP H 425 10.54 45.31 36.85
CA ASP H 425 10.37 44.74 38.18
C ASP H 425 11.00 45.63 39.25
N SER H 426 12.02 46.40 38.90
CA SER H 426 12.60 47.34 39.86
C SER H 426 11.64 48.47 40.17
N LEU H 427 10.87 48.92 39.17
CA LEU H 427 9.86 49.94 39.42
C LEU H 427 8.69 49.38 40.20
N CYS H 428 8.42 48.07 40.07
CA CYS H 428 7.34 47.46 40.84
C CYS H 428 7.67 47.40 42.33
N VAL H 429 8.96 47.37 42.67
CA VAL H 429 9.35 47.37 44.07
C VAL H 429 9.23 48.78 44.67
N VAL H 430 9.55 49.80 43.88
CA VAL H 430 9.51 51.17 44.38
C VAL H 430 8.07 51.63 44.59
N ARG H 431 7.18 51.30 43.65
CA ARG H 431 5.78 51.69 43.80
C ARG H 431 5.10 50.98 44.96
N ASN H 432 5.60 49.81 45.37
CA ASN H 432 5.05 49.14 46.54
C ASN H 432 5.48 49.81 47.83
N LEU H 433 6.66 50.45 47.82
CA LEU H 433 7.10 51.21 48.99
C LEU H 433 6.29 52.50 49.16
N VAL H 434 5.56 52.92 48.14
CA VAL H 434 4.68 54.08 48.27
C VAL H 434 3.60 53.80 49.30
N LYS H 435 3.16 52.56 49.40
CA LYS H 435 2.22 52.17 50.45
C LYS H 435 2.85 52.39 51.82
N ASP H 436 2.04 52.87 52.76
CA ASP H 436 2.56 53.33 54.04
C ASP H 436 2.80 52.19 55.01
N SER H 437 3.91 52.28 55.73
CA SER H 437 4.18 51.43 56.91
C SER H 437 4.32 49.95 56.54
N ARG H 438 4.94 49.67 55.40
CA ARG H 438 5.27 48.29 55.03
C ARG H 438 6.71 48.25 54.54
N VAL H 439 7.59 47.61 55.32
CA VAL H 439 8.98 47.38 54.96
C VAL H 439 9.46 46.10 55.63
N VAL H 440 10.32 45.35 54.96
CA VAL H 440 11.02 44.21 55.52
C VAL H 440 12.46 44.20 55.01
N TYR H 441 13.29 43.39 55.65
CA TYR H 441 14.68 43.20 55.24
C TYR H 441 14.84 41.81 54.65
N GLY H 442 15.46 41.73 53.49
CA GLY H 442 15.61 40.48 52.76
C GLY H 442 16.83 39.70 53.17
N GLY H 443 17.36 38.92 52.23
CA GLY H 443 18.50 38.08 52.51
C GLY H 443 18.20 36.85 53.33
N GLY H 444 16.95 36.38 53.29
CA GLY H 444 16.56 35.21 54.06
C GLY H 444 16.24 35.48 55.51
N ALA H 445 16.31 36.73 55.97
CA ALA H 445 16.04 37.03 57.37
C ALA H 445 14.55 36.99 57.68
N ALA H 446 13.68 37.15 56.68
CA ALA H 446 12.24 37.14 56.93
C ALA H 446 11.72 35.72 57.13
N GLU H 447 12.20 34.77 56.31
CA GLU H 447 11.71 33.40 56.41
C GLU H 447 12.17 32.72 57.70
N VAL H 448 13.37 33.05 58.18
CA VAL H 448 13.87 32.44 59.40
C VAL H 448 13.11 32.96 60.61
N THR H 449 12.78 34.26 60.61
CA THR H 449 12.04 34.83 61.74
C THR H 449 10.64 34.23 61.84
N MET H 450 9.97 34.05 60.71
CA MET H 450 8.63 33.48 60.71
C MET H 450 8.62 31.97 60.87
N SER H 451 9.77 31.31 60.71
CA SER H 451 9.82 29.86 60.84
C SER H 451 9.79 29.44 62.31
N LEU H 452 10.58 30.10 63.16
CA LEU H 452 10.64 29.73 64.57
C LEU H 452 9.36 30.10 65.31
N ALA H 453 8.60 31.09 64.82
CA ALA H 453 7.35 31.44 65.47
C ALA H 453 6.29 30.36 65.25
N VAL H 454 6.34 29.67 64.11
CA VAL H 454 5.37 28.61 63.85
C VAL H 454 5.74 27.33 64.61
N SER H 455 7.04 27.03 64.68
CA SER H 455 7.49 25.82 65.38
C SER H 455 7.24 25.92 66.88
N GLU H 456 7.21 27.14 67.42
CA GLU H 456 6.95 27.30 68.85
C GLU H 456 5.49 27.01 69.18
N GLU H 457 4.58 27.36 68.27
CA GLU H 457 3.16 27.11 68.51
C GLU H 457 2.83 25.63 68.42
N ALA H 458 3.63 24.85 67.69
CA ALA H 458 3.36 23.43 67.55
C ALA H 458 3.49 22.69 68.88
N ASP H 459 4.35 23.17 69.77
CA ASP H 459 4.50 22.51 71.07
C ASP H 459 3.34 22.82 71.99
N LYS H 460 2.72 23.99 71.85
CA LYS H 460 1.59 24.35 72.70
C LYS H 460 0.30 23.69 72.22
N GLN H 461 0.09 23.63 70.90
CA GLN H 461 -1.16 23.08 70.38
C GLN H 461 -1.17 21.56 70.49
N ARG H 462 -0.09 20.91 70.06
CA ARG H 462 0.03 19.44 70.02
C ARG H 462 -1.14 18.91 69.18
N GLY H 463 -1.80 17.84 69.59
CA GLY H 463 -2.92 17.31 68.84
C GLY H 463 -2.51 16.72 67.51
N ILE H 464 -3.49 16.62 66.61
CA ILE H 464 -3.23 16.08 65.28
C ILE H 464 -2.55 17.10 64.37
N ASP H 465 -2.70 18.39 64.66
CA ASP H 465 -2.12 19.45 63.84
C ASP H 465 -0.68 19.78 64.24
N GLN H 466 -0.12 19.07 65.22
CA GLN H 466 1.26 19.34 65.64
C GLN H 466 2.23 19.12 64.49
N TYR H 467 1.99 18.12 63.67
CA TYR H 467 2.83 17.86 62.50
C TYR H 467 2.57 18.81 61.35
N ALA H 468 1.45 19.55 61.39
CA ALA H 468 1.17 20.49 60.31
C ALA H 468 2.04 21.74 60.43
N PHE H 469 2.24 22.23 61.66
CA PHE H 469 3.09 23.40 61.86
C PHE H 469 4.56 23.07 61.61
N ARG H 470 4.95 21.80 61.80
CA ARG H 470 6.32 21.41 61.54
C ARG H 470 6.62 21.43 60.04
N GLY H 471 5.65 21.00 59.22
CA GLY H 471 5.85 21.03 57.79
C GLY H 471 5.92 22.43 57.22
N PHE H 472 5.17 23.37 57.82
CA PHE H 472 5.23 24.75 57.38
C PHE H 472 6.48 25.46 57.86
N ALA H 473 7.03 25.04 59.01
CA ALA H 473 8.26 25.64 59.50
C ALA H 473 9.47 25.19 58.70
N GLN H 474 9.50 23.90 58.32
CA GLN H 474 10.59 23.39 57.51
C GLN H 474 10.53 23.90 56.07
N ALA H 475 9.34 24.33 55.61
CA ALA H 475 9.22 24.84 54.26
C ALA H 475 9.74 26.27 54.14
N LEU H 476 9.60 27.07 55.20
CA LEU H 476 10.12 28.44 55.16
C LEU H 476 11.64 28.46 55.17
N ASP H 477 12.27 27.47 55.80
CA ASP H 477 13.73 27.40 55.85
C ASP H 477 14.34 26.97 54.52
N THR H 478 13.53 26.55 53.56
CA THR H 478 14.09 26.11 52.28
C THR H 478 14.67 27.27 51.48
N ILE H 479 14.09 28.47 51.61
CA ILE H 479 14.56 29.64 50.88
C ILE H 479 15.95 30.04 51.36
N PRO H 480 16.20 30.16 52.68
CA PRO H 480 17.58 30.43 53.11
C PRO H 480 18.55 29.33 52.74
N MET H 481 18.11 28.07 52.78
CA MET H 481 18.98 26.97 52.40
C MET H 481 19.23 26.96 50.89
N THR H 482 18.28 27.45 50.09
CA THR H 482 18.49 27.54 48.65
C THR H 482 19.53 28.60 48.32
N LEU H 483 19.55 29.70 49.08
CA LEU H 483 20.55 30.74 48.86
C LEU H 483 21.96 30.24 49.11
N ALA H 484 22.12 29.32 50.06
CA ALA H 484 23.44 28.76 50.35
C ALA H 484 23.90 27.77 49.29
N GLU H 485 22.98 27.21 48.49
CA GLU H 485 23.37 26.28 47.45
C GLU H 485 24.00 27.00 46.27
N ASN H 486 23.40 28.11 45.84
CA ASN H 486 23.95 28.88 44.73
C ASN H 486 25.24 29.59 45.09
N SER H 487 25.46 29.88 46.36
CA SER H 487 26.68 30.54 46.82
C SER H 487 27.76 29.54 47.24
N GLY H 488 27.49 28.24 47.14
CA GLY H 488 28.48 27.24 47.51
C GLY H 488 28.74 27.14 48.99
N LEU H 489 27.73 27.37 49.82
CA LEU H 489 27.84 27.29 51.26
C LEU H 489 27.19 26.01 51.77
N ASP H 490 27.22 25.83 53.09
CA ASP H 490 26.62 24.68 53.73
C ASP H 490 25.25 25.07 54.25
N PRO H 491 24.16 24.56 53.67
CA PRO H 491 22.82 24.93 54.16
C PRO H 491 22.58 24.53 55.60
N ILE H 492 23.25 23.48 56.09
CA ILE H 492 23.05 23.04 57.47
C ILE H 492 23.72 24.03 58.43
N GLY H 493 24.97 24.38 58.16
CA GLY H 493 25.68 25.30 59.03
C GLY H 493 25.15 26.72 58.97
N THR H 494 24.58 27.11 57.82
CA THR H 494 24.03 28.45 57.69
C THR H 494 22.69 28.57 58.40
N LEU H 495 21.82 27.57 58.26
CA LEU H 495 20.52 27.61 58.91
C LEU H 495 20.64 27.48 60.42
N SER H 496 21.61 26.69 60.88
CA SER H 496 21.80 26.52 62.32
C SER H 496 22.28 27.82 62.98
N THR H 497 23.02 28.64 62.25
CA THR H 497 23.48 29.92 62.80
C THR H 497 22.32 30.91 62.90
N LEU H 498 21.44 30.92 61.91
CA LEU H 498 20.31 31.85 61.92
C LEU H 498 19.30 31.48 63.00
N LYS H 499 19.06 30.17 63.19
CA LYS H 499 18.12 29.75 64.21
C LYS H 499 18.65 30.02 65.62
N SER H 500 19.96 29.81 65.83
CA SER H 500 20.55 30.08 67.13
C SER H 500 20.64 31.56 67.43
N LYS H 501 20.68 32.41 66.40
CA LYS H 501 20.75 33.85 66.62
C LYS H 501 19.41 34.42 67.07
N GLN H 502 18.31 33.91 66.51
CA GLN H 502 16.99 34.42 66.89
C GLN H 502 16.59 33.97 68.28
N LEU H 503 17.14 32.85 68.76
CA LEU H 503 16.83 32.38 70.11
C LEU H 503 17.63 33.15 71.16
N LYS H 504 18.87 33.51 70.85
CA LYS H 504 19.69 34.25 71.81
C LYS H 504 19.29 35.72 71.90
N GLU H 505 19.10 36.36 70.75
CA GLU H 505 18.70 37.76 70.70
C GLU H 505 17.44 37.90 69.86
N LYS H 506 16.69 38.96 70.13
CA LYS H 506 15.42 39.22 69.45
C LYS H 506 15.60 39.92 68.11
N ILE H 507 16.83 40.22 67.70
CA ILE H 507 17.05 40.91 66.43
C ILE H 507 16.74 39.96 65.30
N SER H 508 15.82 40.36 64.42
CA SER H 508 15.40 39.57 63.27
C SER H 508 16.16 39.93 62.00
N ASN H 509 17.13 40.84 62.08
CA ASN H 509 17.80 41.39 60.91
C ASN H 509 18.96 40.53 60.43
N ILE H 510 19.23 39.39 61.07
CA ILE H 510 20.32 38.51 60.66
C ILE H 510 19.80 37.56 59.58
N GLY H 511 20.55 37.46 58.47
CA GLY H 511 20.14 36.66 57.35
C GLY H 511 21.33 36.16 56.55
N VAL H 512 21.02 35.45 55.47
CA VAL H 512 22.04 34.86 54.61
C VAL H 512 22.67 35.95 53.74
N ASP H 513 23.98 35.90 53.60
CA ASP H 513 24.73 36.82 52.75
C ASP H 513 25.33 36.03 51.60
N CYS H 514 24.80 36.24 50.39
CA CYS H 514 25.34 35.58 49.20
C CYS H 514 26.50 36.33 48.58
N LEU H 515 26.70 37.60 48.93
CA LEU H 515 27.80 38.40 48.40
C LEU H 515 29.07 38.28 49.24
N GLY H 516 28.99 37.73 50.45
CA GLY H 516 30.17 37.50 51.26
C GLY H 516 30.87 38.77 51.73
N TYR H 517 30.12 39.84 51.96
CA TYR H 517 30.68 41.07 52.48
C TYR H 517 30.73 41.09 54.00
N GLY H 518 30.31 40.01 54.66
CA GLY H 518 30.25 39.99 56.11
C GLY H 518 29.10 40.82 56.64
N SER H 519 29.06 40.94 57.96
CA SER H 519 28.04 41.73 58.67
C SER H 519 26.63 41.25 58.30
N ASN H 520 26.29 40.08 58.84
CA ASN H 520 25.02 39.43 58.55
C ASN H 520 23.82 40.30 58.90
N ASP H 521 24.01 41.37 59.67
CA ASP H 521 22.94 42.31 59.93
C ASP H 521 22.53 43.00 58.64
N MET H 522 21.23 42.95 58.33
CA MET H 522 20.71 43.61 57.13
C MET H 522 20.74 45.12 57.23
N LYS H 523 20.82 45.66 58.45
CA LYS H 523 20.84 47.12 58.61
C LYS H 523 22.10 47.72 58.01
N GLU H 524 23.25 47.08 58.20
CA GLU H 524 24.50 47.58 57.64
C GLU H 524 24.66 47.26 56.16
N LEU H 525 23.97 46.22 55.66
CA LEU H 525 24.04 45.86 54.25
C LEU H 525 22.99 46.55 53.40
N PHE H 526 22.05 47.28 54.01
CA PHE H 526 21.05 48.12 53.36
C PHE H 526 20.01 47.33 52.58
N VAL H 527 20.11 45.99 52.53
CA VAL H 527 19.13 45.21 51.78
C VAL H 527 17.75 45.41 52.38
N VAL H 528 16.79 45.82 51.55
CA VAL H 528 15.43 46.11 51.98
C VAL H 528 14.46 45.54 50.95
N ASP H 529 13.38 44.94 51.41
CA ASP H 529 12.33 44.39 50.58
C ASP H 529 10.98 44.92 51.03
N PRO H 530 9.99 44.97 50.15
CA PRO H 530 8.65 45.36 50.57
C PRO H 530 7.96 44.24 51.34
N PHE H 531 7.18 44.62 52.36
CA PHE H 531 6.42 43.64 53.11
C PHE H 531 5.26 43.08 52.30
N ILE H 532 4.67 43.89 51.42
CA ILE H 532 3.55 43.43 50.62
C ILE H 532 4.01 42.37 49.62
N GLY H 533 5.29 42.37 49.27
CA GLY H 533 5.83 41.35 48.38
C GLY H 533 6.05 40.03 49.10
N LYS H 534 6.56 40.09 50.33
CA LYS H 534 6.79 38.86 51.09
C LYS H 534 5.49 38.29 51.66
N LYS H 535 4.50 39.14 51.92
CA LYS H 535 3.23 38.65 52.44
C LYS H 535 2.49 37.85 51.38
N GLN H 536 2.60 38.25 50.11
CA GLN H 536 1.92 37.51 49.04
C GLN H 536 2.60 36.17 48.77
N GLN H 537 3.90 36.06 49.05
CA GLN H 537 4.60 34.80 48.81
C GLN H 537 4.03 33.68 49.68
N ILE H 538 3.68 33.99 50.93
CA ILE H 538 3.09 32.99 51.81
C ILE H 538 1.65 32.71 51.41
N LEU H 539 0.91 33.75 51.05
CA LEU H 539 -0.50 33.58 50.70
C LEU H 539 -0.66 32.80 49.39
N LEU H 540 0.15 33.13 48.38
CA LEU H 540 0.04 32.45 47.10
C LEU H 540 0.51 30.99 47.20
N ALA H 541 1.48 30.71 48.07
CA ALA H 541 1.97 29.34 48.20
C ALA H 541 1.03 28.48 49.03
N THR H 542 0.50 29.03 50.13
CA THR H 542 -0.37 28.26 51.01
C THR H 542 -1.72 28.00 50.36
N GLN H 543 -2.31 29.02 49.74
CA GLN H 543 -3.64 28.87 49.16
C GLN H 543 -3.63 28.00 47.91
N LEU H 544 -2.49 27.92 47.22
CA LEU H 544 -2.41 27.06 46.04
C LEU H 544 -2.27 25.60 46.43
N CYS H 545 -1.46 25.31 47.47
CA CYS H 545 -1.32 23.93 47.92
C CYS H 545 -2.61 23.39 48.51
N ARG H 546 -3.47 24.27 49.04
CA ARG H 546 -4.75 23.82 49.57
C ARG H 546 -5.64 23.26 48.47
N MET H 547 -5.57 23.82 47.26
CA MET H 547 -6.34 23.30 46.14
C MET H 547 -5.70 22.04 45.55
N ILE H 548 -4.36 21.98 45.53
CA ILE H 548 -3.69 20.84 44.92
C ILE H 548 -3.92 19.57 45.74
N LEU H 549 -3.86 19.69 47.07
CA LEU H 549 -4.05 18.52 47.93
C LEU H 549 -5.48 17.98 47.86
N LYS H 550 -6.44 18.77 47.40
CA LYS H 550 -7.81 18.31 47.27
C LYS H 550 -8.06 17.53 45.99
N ILE H 551 -7.11 17.52 45.05
CA ILE H 551 -7.29 16.83 43.78
C ILE H 551 -7.15 15.33 43.99
N ASP H 552 -8.16 14.58 43.57
CA ASP H 552 -8.14 13.12 43.68
C ASP H 552 -8.19 12.48 42.31
N ASN H 553 -9.32 12.52 41.61
CA ASN H 553 -9.41 11.94 40.28
C ASN H 553 -8.89 12.93 39.25
N VAL H 554 -7.94 12.48 38.44
CA VAL H 554 -7.31 13.31 37.42
C VAL H 554 -7.70 12.75 36.05
N ILE H 555 -8.48 13.51 35.31
CA ILE H 555 -8.94 13.12 33.98
C ILE H 555 -8.25 14.05 32.98
N ILE H 556 -7.36 13.48 32.17
CA ILE H 556 -6.61 14.23 31.17
C ILE H 556 -6.92 13.63 29.80
N SER H 557 -7.52 14.44 28.93
CA SER H 557 -7.86 13.99 27.58
C SER H 557 -6.63 14.02 26.68
N GLY H 558 -6.64 13.16 25.67
CA GLY H 558 -5.52 13.11 24.74
C GLY H 558 -5.58 14.27 23.74
N LYS H 559 -4.40 14.78 23.40
CA LYS H 559 -4.29 15.89 22.46
C LYS H 559 -4.50 15.42 21.03
N VAL I 5 -8.44 -7.91 29.08
CA VAL I 5 -9.01 -9.01 29.84
C VAL I 5 -9.97 -9.81 28.98
N VAL I 6 -11.06 -9.16 28.57
CA VAL I 6 -12.06 -9.70 27.66
C VAL I 6 -12.87 -10.80 28.35
N PHE I 7 -12.37 -11.28 29.49
CA PHE I 7 -13.00 -12.35 30.27
C PHE I 7 -13.16 -13.56 29.37
N MET I 8 -14.38 -14.03 29.10
CA MET I 8 -14.56 -15.16 28.20
C MET I 8 -14.18 -14.77 26.78
N ASN I 9 -13.30 -15.56 26.16
CA ASN I 9 -12.94 -15.35 24.77
C ASN I 9 -13.96 -15.95 23.81
N ALA I 10 -14.92 -16.72 24.30
CA ALA I 10 -15.91 -17.38 23.47
C ALA I 10 -17.28 -16.78 23.76
N SER I 11 -17.80 -16.01 22.81
CA SER I 11 -19.15 -15.46 22.88
C SER I 11 -19.39 -14.73 24.20
N GLN I 12 -18.52 -13.75 24.46
CA GLN I 12 -18.72 -12.91 25.64
C GLN I 12 -20.09 -12.26 25.65
N GLU I 13 -20.62 -11.92 24.48
CA GLU I 13 -22.01 -11.51 24.37
C GLU I 13 -22.92 -12.74 24.31
N ARG I 14 -24.10 -12.62 24.90
CA ARG I 14 -25.00 -13.75 25.05
C ARG I 14 -26.39 -13.40 24.57
N THR I 15 -27.04 -14.35 23.91
CA THR I 15 -28.43 -14.23 23.49
C THR I 15 -29.25 -15.26 24.27
N THR I 16 -30.08 -14.79 25.19
CA THR I 16 -30.85 -15.65 26.07
C THR I 16 -32.29 -15.16 26.14
N GLY I 17 -33.15 -15.99 26.71
CA GLY I 17 -34.56 -15.67 26.81
C GLY I 17 -35.35 -16.12 25.60
N ARG I 18 -36.42 -15.38 25.27
CA ARG I 18 -37.25 -15.75 24.12
C ARG I 18 -36.51 -15.59 22.80
N GLN I 19 -35.44 -14.80 22.77
CA GLN I 19 -34.68 -14.65 21.52
C GLN I 19 -33.98 -15.94 21.14
N ALA I 20 -33.53 -16.71 22.12
CA ALA I 20 -32.87 -17.99 21.83
C ALA I 20 -33.88 -19.08 21.49
N GLN I 21 -35.11 -18.98 22.02
CA GLN I 21 -36.12 -19.97 21.70
C GLN I 21 -36.67 -19.80 20.29
N ILE I 22 -36.78 -18.55 19.83
CA ILE I 22 -37.27 -18.30 18.48
C ILE I 22 -36.25 -18.78 17.45
N SER I 23 -34.96 -18.54 17.72
CA SER I 23 -33.92 -18.96 16.79
C SER I 23 -33.85 -20.48 16.67
N ASN I 24 -34.19 -21.19 17.74
CA ASN I 24 -34.18 -22.66 17.69
C ASN I 24 -35.40 -23.20 16.99
N ILE I 25 -36.55 -22.55 17.14
CA ILE I 25 -37.77 -23.02 16.50
C ILE I 25 -37.80 -22.65 15.03
N THR I 26 -37.37 -21.43 14.70
CA THR I 26 -37.40 -20.99 13.30
C THR I 26 -36.44 -21.80 12.46
N ALA I 27 -35.25 -22.10 12.98
CA ALA I 27 -34.28 -22.89 12.22
C ALA I 27 -34.75 -24.33 12.07
N ALA I 28 -35.44 -24.87 13.09
CA ALA I 28 -35.94 -26.22 12.99
C ALA I 28 -37.10 -26.33 12.01
N LYS I 29 -37.90 -25.27 11.87
CA LYS I 29 -38.99 -25.30 10.90
C LYS I 29 -38.46 -25.24 9.47
N ALA I 30 -37.36 -24.50 9.24
CA ALA I 30 -36.79 -24.42 7.91
C ALA I 30 -36.24 -25.74 7.42
N VAL I 31 -35.88 -26.65 8.33
CA VAL I 31 -35.39 -27.97 7.93
C VAL I 31 -36.52 -28.80 7.34
N ALA I 32 -37.70 -28.75 7.96
CA ALA I 32 -38.85 -29.51 7.49
C ALA I 32 -39.54 -28.86 6.30
N ASP I 33 -39.42 -27.54 6.13
CA ASP I 33 -40.12 -26.86 5.05
C ASP I 33 -39.57 -27.22 3.68
N VAL I 34 -38.27 -27.51 3.59
CA VAL I 34 -37.68 -27.82 2.28
C VAL I 34 -38.08 -29.21 1.82
N ILE I 35 -38.34 -30.12 2.75
CA ILE I 35 -38.70 -31.49 2.39
C ILE I 35 -40.20 -31.72 2.32
N ARG I 36 -41.02 -30.66 2.50
CA ARG I 36 -42.46 -30.83 2.39
C ARG I 36 -42.87 -31.34 1.02
N THR I 37 -42.16 -30.92 -0.03
CA THR I 37 -42.42 -31.41 -1.37
C THR I 37 -41.85 -32.81 -1.60
N CYS I 38 -41.10 -33.35 -0.65
CA CYS I 38 -40.49 -34.67 -0.78
C CYS I 38 -41.35 -35.80 -0.25
N LEU I 39 -42.58 -35.51 0.21
CA LEU I 39 -43.47 -36.51 0.75
C LEU I 39 -44.63 -36.77 -0.20
N GLY I 40 -44.99 -38.04 -0.34
CA GLY I 40 -46.09 -38.43 -1.18
C GLY I 40 -45.65 -39.08 -2.48
N PRO I 41 -46.59 -39.77 -3.16
CA PRO I 41 -46.24 -40.40 -4.44
C PRO I 41 -45.98 -39.39 -5.55
N LYS I 42 -46.54 -38.19 -5.47
CA LYS I 42 -46.30 -37.13 -6.43
C LYS I 42 -45.12 -36.25 -6.05
N ALA I 43 -44.39 -36.61 -4.99
CA ALA I 43 -43.30 -35.80 -4.49
C ALA I 43 -42.27 -35.53 -5.57
N MET I 44 -41.64 -34.36 -5.49
CA MET I 44 -40.64 -33.92 -6.45
C MET I 44 -39.27 -34.47 -6.03
N LEU I 45 -38.23 -34.02 -6.71
CA LEU I 45 -36.86 -34.44 -6.40
C LEU I 45 -36.01 -33.23 -6.03
N LYS I 46 -34.92 -33.49 -5.33
CA LYS I 46 -33.99 -32.44 -4.89
C LYS I 46 -32.59 -32.82 -5.34
N MET I 47 -31.90 -31.87 -5.94
CA MET I 47 -30.52 -32.05 -6.40
C MET I 47 -29.57 -31.32 -5.46
N LEU I 48 -28.47 -31.98 -5.13
CA LEU I 48 -27.48 -31.46 -4.19
C LEU I 48 -26.12 -31.38 -4.86
N LEU I 49 -25.34 -30.36 -4.49
CA LEU I 49 -24.00 -30.15 -5.03
C LEU I 49 -23.00 -30.18 -3.88
N ASP I 50 -22.15 -31.20 -3.87
CA ASP I 50 -21.08 -31.31 -2.90
C ASP I 50 -19.84 -30.57 -3.38
N PRO I 51 -18.91 -30.23 -2.47
CA PRO I 51 -17.66 -29.60 -2.92
C PRO I 51 -16.80 -30.49 -3.80
N MET I 52 -17.03 -31.80 -3.79
CA MET I 52 -16.28 -32.70 -4.66
C MET I 52 -16.79 -32.69 -6.10
N GLY I 53 -18.05 -32.31 -6.32
CA GLY I 53 -18.63 -32.25 -7.64
C GLY I 53 -19.63 -33.35 -7.94
N GLY I 54 -19.73 -34.37 -7.10
CA GLY I 54 -20.69 -35.44 -7.35
C GLY I 54 -22.12 -34.97 -7.13
N LEU I 55 -22.99 -35.26 -8.08
CA LEU I 55 -24.38 -34.86 -8.02
C LEU I 55 -25.22 -35.98 -7.42
N VAL I 56 -26.05 -35.63 -6.45
CA VAL I 56 -26.94 -36.59 -5.80
C VAL I 56 -28.36 -36.06 -5.96
N LEU I 57 -29.19 -36.79 -6.71
CA LEU I 57 -30.57 -36.40 -6.96
C LEU I 57 -31.48 -37.47 -6.38
N THR I 58 -32.20 -37.13 -5.32
CA THR I 58 -33.10 -38.07 -4.67
C THR I 58 -34.14 -37.30 -3.87
N ASN I 59 -35.25 -37.99 -3.59
CA ASN I 59 -36.29 -37.47 -2.72
C ASN I 59 -36.17 -37.99 -1.29
N ASP I 60 -35.15 -38.80 -1.00
CA ASP I 60 -35.00 -39.36 0.34
C ASP I 60 -34.70 -38.26 1.35
N GLY I 61 -35.25 -38.41 2.55
CA GLY I 61 -35.07 -37.39 3.56
C GLY I 61 -33.67 -37.35 4.14
N HIS I 62 -33.10 -38.52 4.42
CA HIS I 62 -31.77 -38.57 5.04
C HIS I 62 -30.68 -38.12 4.07
N ALA I 63 -30.78 -38.52 2.80
CA ALA I 63 -29.74 -38.18 1.84
C ALA I 63 -29.66 -36.68 1.59
N ILE I 64 -30.78 -35.97 1.79
CA ILE I 64 -30.77 -34.52 1.60
C ILE I 64 -30.15 -33.82 2.80
N LEU I 65 -30.44 -34.31 4.01
CA LEU I 65 -30.01 -33.59 5.22
C LEU I 65 -28.51 -33.71 5.44
N ARG I 66 -27.96 -34.92 5.29
CA ARG I 66 -26.55 -35.15 5.62
C ARG I 66 -25.60 -34.49 4.63
N GLU I 67 -26.07 -34.18 3.42
CA GLU I 67 -25.22 -33.54 2.41
C GLU I 67 -25.33 -32.03 2.38
N ILE I 68 -26.13 -31.44 3.26
CA ILE I 68 -26.28 -29.99 3.36
C ILE I 68 -25.59 -29.52 4.62
N ASP I 69 -24.75 -28.49 4.49
CA ASP I 69 -24.03 -27.91 5.61
C ASP I 69 -24.88 -26.78 6.19
N VAL I 70 -25.31 -26.94 7.44
CA VAL I 70 -26.13 -25.96 8.13
C VAL I 70 -25.27 -25.23 9.15
N ALA I 71 -25.21 -23.90 9.04
CA ALA I 71 -24.43 -23.10 9.97
C ALA I 71 -25.13 -22.90 11.31
N HIS I 72 -26.44 -23.11 11.37
CA HIS I 72 -27.17 -22.94 12.62
C HIS I 72 -26.88 -24.10 13.55
N PRO I 73 -26.41 -23.85 14.77
CA PRO I 73 -26.01 -24.97 15.65
C PRO I 73 -27.14 -25.89 16.03
N ALA I 74 -28.32 -25.34 16.37
CA ALA I 74 -29.41 -26.19 16.82
C ALA I 74 -30.10 -26.89 15.66
N ALA I 75 -30.02 -26.31 14.45
CA ALA I 75 -30.60 -26.96 13.29
C ALA I 75 -29.81 -28.17 12.84
N LYS I 76 -28.56 -28.31 13.27
CA LYS I 76 -27.77 -29.49 12.94
C LYS I 76 -28.33 -30.73 13.65
N SER I 77 -28.94 -30.55 14.82
CA SER I 77 -29.59 -31.67 15.49
C SER I 77 -30.72 -32.25 14.65
N MET I 78 -31.38 -31.41 13.86
CA MET I 78 -32.39 -31.92 12.94
C MET I 78 -31.78 -32.75 11.83
N LEU I 79 -30.52 -32.50 11.49
CA LEU I 79 -29.86 -33.25 10.42
C LEU I 79 -29.56 -34.68 10.86
N GLU I 80 -29.25 -34.89 12.14
CA GLU I 80 -28.89 -36.21 12.65
C GLU I 80 -30.10 -37.06 13.04
N LEU I 81 -31.30 -36.49 13.00
CA LEU I 81 -32.49 -37.27 13.33
C LEU I 81 -32.78 -38.31 12.26
N SER I 82 -32.56 -37.95 10.99
CA SER I 82 -32.77 -38.91 9.91
C SER I 82 -31.77 -40.06 9.97
N ARG I 83 -30.59 -39.82 10.53
CA ARG I 83 -29.61 -40.89 10.69
C ARG I 83 -30.10 -41.93 11.69
N THR I 84 -30.81 -41.49 12.74
CA THR I 84 -31.39 -42.44 13.68
C THR I 84 -32.45 -43.29 13.01
N GLN I 85 -33.27 -42.69 12.15
CA GLN I 85 -34.29 -43.45 11.44
C GLN I 85 -33.69 -44.33 10.35
N ASP I 86 -32.58 -43.89 9.75
CA ASP I 86 -31.98 -44.64 8.65
C ASP I 86 -31.18 -45.83 9.15
N GLU I 87 -30.41 -45.66 10.23
CA GLU I 87 -29.57 -46.75 10.72
C GLU I 87 -30.40 -47.83 11.40
N GLU I 88 -31.42 -47.43 12.16
CA GLU I 88 -32.23 -48.41 12.88
C GLU I 88 -33.22 -49.11 11.95
N VAL I 89 -33.87 -48.36 11.07
CA VAL I 89 -34.87 -48.92 10.17
C VAL I 89 -34.46 -48.69 8.72
N GLY I 90 -34.41 -47.43 8.31
CA GLY I 90 -34.09 -47.06 6.94
C GLY I 90 -35.26 -46.55 6.14
N ASP I 91 -36.48 -46.63 6.66
CA ASP I 91 -37.68 -46.14 5.98
C ASP I 91 -38.37 -45.12 6.87
N GLY I 92 -38.93 -44.09 6.23
CA GLY I 92 -39.65 -43.06 6.96
C GLY I 92 -38.80 -41.93 7.48
N THR I 93 -37.61 -41.71 6.91
CA THR I 93 -36.75 -40.63 7.36
C THR I 93 -37.33 -39.26 7.06
N THR I 94 -38.21 -39.15 6.05
CA THR I 94 -38.81 -37.86 5.72
C THR I 94 -39.91 -37.49 6.71
N THR I 95 -40.73 -38.46 7.12
CA THR I 95 -41.83 -38.18 8.03
C THR I 95 -41.34 -37.83 9.44
N VAL I 96 -40.10 -38.17 9.78
CA VAL I 96 -39.58 -37.85 11.10
C VAL I 96 -39.34 -36.36 11.23
N ILE I 97 -38.73 -35.75 10.22
CA ILE I 97 -38.40 -34.33 10.29
C ILE I 97 -39.67 -33.49 10.13
N ILE I 98 -40.59 -33.92 9.28
CA ILE I 98 -41.85 -33.20 9.10
C ILE I 98 -42.65 -33.20 10.41
N LEU I 99 -42.64 -34.33 11.12
CA LEU I 99 -43.35 -34.40 12.39
C LEU I 99 -42.61 -33.62 13.47
N ALA I 100 -41.29 -33.82 13.58
CA ALA I 100 -40.52 -33.10 14.59
C ALA I 100 -40.49 -31.60 14.31
N GLY I 101 -40.47 -31.22 13.04
CA GLY I 101 -40.51 -29.81 12.69
C GLY I 101 -41.85 -29.16 12.96
N GLU I 102 -42.93 -29.94 12.89
CA GLU I 102 -44.26 -29.40 13.17
C GLU I 102 -44.51 -29.26 14.66
N ILE I 103 -43.92 -30.14 15.47
CA ILE I 103 -44.09 -30.05 16.93
C ILE I 103 -43.58 -28.70 17.43
N LEU I 104 -42.32 -28.38 17.11
CA LEU I 104 -41.75 -27.11 17.55
C LEU I 104 -42.48 -25.94 16.91
N ALA I 105 -43.01 -26.11 15.70
CA ALA I 105 -43.82 -25.06 15.09
C ALA I 105 -45.13 -24.86 15.85
N GLN I 106 -45.73 -25.95 16.31
CA GLN I 106 -46.96 -25.84 17.10
C GLN I 106 -46.69 -25.47 18.55
N CYS I 107 -45.53 -25.88 19.09
CA CYS I 107 -45.17 -25.56 20.47
C CYS I 107 -44.64 -24.14 20.64
N ALA I 108 -44.44 -23.41 19.54
CA ALA I 108 -43.90 -22.06 19.65
C ALA I 108 -44.82 -21.10 20.40
N PRO I 109 -46.16 -21.00 20.11
CA PRO I 109 -47.03 -20.06 20.84
C PRO I 109 -47.41 -20.54 22.24
N TYR I 110 -46.41 -20.89 23.04
CA TYR I 110 -46.62 -21.25 24.43
C TYR I 110 -45.67 -20.47 25.34
N LEU I 111 -44.36 -20.70 25.18
CA LEU I 111 -43.38 -19.94 25.96
C LEU I 111 -43.52 -18.45 25.70
N ILE I 112 -43.85 -18.06 24.47
CA ILE I 112 -44.04 -16.66 24.15
C ILE I 112 -45.41 -16.18 24.60
N GLU I 113 -46.45 -17.00 24.38
CA GLU I 113 -47.82 -16.60 24.68
C GLU I 113 -48.26 -17.05 26.06
N LYS I 114 -48.46 -18.36 26.24
CA LYS I 114 -48.95 -18.89 27.50
C LYS I 114 -47.92 -18.83 28.62
N ASN I 115 -46.65 -18.62 28.29
CA ASN I 115 -45.56 -18.54 29.28
C ASN I 115 -45.47 -19.83 30.09
N ILE I 116 -45.63 -20.96 29.42
CA ILE I 116 -45.53 -22.27 30.06
C ILE I 116 -44.07 -22.72 30.06
N HIS I 117 -43.61 -23.22 31.20
CA HIS I 117 -42.23 -23.63 31.32
C HIS I 117 -41.97 -24.87 30.47
N PRO I 118 -40.79 -24.98 29.85
CA PRO I 118 -40.53 -26.14 28.97
C PRO I 118 -40.66 -27.48 29.65
N VAL I 119 -40.19 -27.61 30.90
CA VAL I 119 -40.28 -28.88 31.61
C VAL I 119 -41.74 -29.28 31.80
N ILE I 120 -42.61 -28.31 32.01
CA ILE I 120 -44.04 -28.59 32.09
C ILE I 120 -44.54 -29.16 30.77
N ILE I 121 -44.04 -28.64 29.65
CA ILE I 121 -44.42 -29.19 28.35
C ILE I 121 -43.78 -30.56 28.15
N ILE I 122 -42.54 -30.73 28.61
CA ILE I 122 -41.86 -32.02 28.47
C ILE I 122 -42.62 -33.12 29.18
N GLN I 123 -43.14 -32.83 30.38
CA GLN I 123 -43.94 -33.82 31.10
C GLN I 123 -45.21 -34.16 30.33
N ALA I 124 -45.74 -33.22 29.57
CA ALA I 124 -46.91 -33.51 28.74
C ALA I 124 -46.52 -34.26 27.46
N LEU I 125 -45.34 -34.00 26.91
CA LEU I 125 -44.90 -34.70 25.72
C LEU I 125 -44.59 -36.17 26.01
N LYS I 126 -44.09 -36.47 27.21
CA LYS I 126 -43.81 -37.85 27.56
C LYS I 126 -45.10 -38.63 27.81
N LYS I 127 -46.09 -37.99 28.44
CA LYS I 127 -47.38 -38.65 28.63
C LYS I 127 -48.11 -38.83 27.31
N ALA I 128 -47.97 -37.87 26.40
CA ALA I 128 -48.58 -38.00 25.08
C ALA I 128 -47.84 -39.03 24.23
N LEU I 129 -46.56 -39.26 24.50
CA LEU I 129 -45.81 -40.28 23.76
C LEU I 129 -46.26 -41.68 24.15
N THR I 130 -46.56 -41.90 25.43
CA THR I 130 -47.03 -43.21 25.87
C THR I 130 -48.41 -43.52 25.29
N ASP I 131 -49.32 -42.53 25.30
CA ASP I 131 -50.64 -42.74 24.74
C ASP I 131 -50.61 -42.89 23.23
N ALA I 132 -49.62 -42.26 22.56
CA ALA I 132 -49.51 -42.40 21.12
C ALA I 132 -49.08 -43.81 20.73
N LEU I 133 -48.21 -44.43 21.52
CA LEU I 133 -47.78 -45.79 21.23
C LEU I 133 -48.90 -46.80 21.43
N GLU I 134 -49.83 -46.51 22.34
CA GLU I 134 -50.95 -47.42 22.54
C GLU I 134 -51.94 -47.34 21.37
N VAL I 135 -52.17 -46.13 20.85
CA VAL I 135 -53.07 -45.97 19.71
C VAL I 135 -52.50 -46.67 18.48
N ILE I 136 -51.18 -46.57 18.28
CA ILE I 136 -50.55 -47.25 17.16
C ILE I 136 -50.61 -48.76 17.35
N LYS I 137 -50.52 -49.24 18.58
CA LYS I 137 -50.61 -50.68 18.83
C LYS I 137 -52.02 -51.20 18.61
N GLN I 138 -53.04 -50.39 18.92
CA GLN I 138 -54.42 -50.83 18.73
C GLN I 138 -54.78 -50.88 17.25
N VAL I 139 -54.33 -49.90 16.47
CA VAL I 139 -54.64 -49.87 15.03
C VAL I 139 -53.82 -50.86 14.24
N SER I 140 -52.83 -51.50 14.85
CA SER I 140 -51.99 -52.47 14.16
C SER I 140 -52.62 -53.85 14.18
N LYS I 141 -52.54 -54.55 13.06
CA LYS I 141 -53.09 -55.89 12.94
C LYS I 141 -52.01 -56.86 12.47
N PRO I 142 -51.97 -58.07 13.02
CA PRO I 142 -50.96 -59.05 12.58
C PRO I 142 -51.33 -59.67 11.24
N VAL I 143 -50.29 -60.06 10.50
CA VAL I 143 -50.44 -60.70 9.20
C VAL I 143 -49.46 -61.87 9.13
N ASP I 144 -49.65 -62.72 8.12
CA ASP I 144 -48.79 -63.86 7.93
C ASP I 144 -47.44 -63.41 7.39
N VAL I 145 -46.36 -63.79 8.09
CA VAL I 145 -45.02 -63.41 7.67
C VAL I 145 -44.44 -64.38 6.64
N GLU I 146 -45.04 -65.55 6.48
CA GLU I 146 -44.56 -66.55 5.52
C GLU I 146 -45.26 -66.46 4.18
N ASN I 147 -46.17 -65.51 4.00
CA ASN I 147 -46.89 -65.35 2.74
C ASN I 147 -46.06 -64.48 1.80
N ASP I 148 -45.69 -65.04 0.65
CA ASP I 148 -44.89 -64.30 -0.31
C ASP I 148 -45.71 -63.24 -1.02
N ALA I 149 -46.99 -63.52 -1.29
CA ALA I 149 -47.84 -62.55 -1.97
C ALA I 149 -48.18 -61.37 -1.06
N ALA I 150 -48.22 -61.60 0.25
CA ALA I 150 -48.52 -60.51 1.18
C ALA I 150 -47.34 -59.59 1.39
N MET I 151 -46.11 -60.11 1.34
CA MET I 151 -44.93 -59.27 1.53
C MET I 151 -44.62 -58.42 0.30
N LYS I 152 -45.11 -58.82 -0.88
CA LYS I 152 -44.88 -58.01 -2.08
C LYS I 152 -45.64 -56.70 -2.01
N LYS I 153 -46.86 -56.72 -1.47
CA LYS I 153 -47.63 -55.49 -1.32
C LYS I 153 -47.10 -54.59 -0.22
N LEU I 154 -46.38 -55.15 0.75
CA LEU I 154 -45.81 -54.35 1.82
C LEU I 154 -44.57 -53.58 1.37
N ILE I 155 -43.79 -54.16 0.46
CA ILE I 155 -42.60 -53.48 -0.04
C ILE I 155 -42.99 -52.31 -0.93
N GLN I 156 -44.15 -52.42 -1.61
CA GLN I 156 -44.63 -51.34 -2.48
C GLN I 156 -45.00 -50.08 -1.72
N ALA I 157 -45.05 -50.11 -0.39
CA ALA I 157 -45.39 -48.92 0.39
C ALA I 157 -44.35 -47.83 0.19
N SER I 158 -43.07 -48.17 0.36
CA SER I 158 -42.00 -47.20 0.14
C SER I 158 -41.67 -47.03 -1.34
N ILE I 159 -42.09 -47.96 -2.19
CA ILE I 159 -41.81 -47.85 -3.62
C ILE I 159 -42.76 -46.85 -4.29
N GLY I 160 -43.99 -46.74 -3.78
CA GLY I 160 -44.95 -45.83 -4.40
C GLY I 160 -44.47 -44.39 -4.44
N THR I 161 -43.65 -43.99 -3.47
CA THR I 161 -43.07 -42.65 -3.50
C THR I 161 -41.90 -42.56 -4.47
N LYS I 162 -41.08 -43.60 -4.52
CA LYS I 162 -39.88 -43.59 -5.35
C LYS I 162 -40.22 -43.77 -6.82
N TYR I 163 -39.28 -43.36 -7.67
CA TYR I 163 -39.43 -43.44 -9.12
C TYR I 163 -39.46 -44.87 -9.65
N VAL I 164 -39.18 -45.87 -8.79
CA VAL I 164 -39.08 -47.25 -9.24
C VAL I 164 -40.44 -47.92 -9.21
N ILE I 165 -41.49 -47.13 -8.93
CA ILE I 165 -42.85 -47.66 -8.91
C ILE I 165 -43.24 -48.24 -10.27
N HIS I 166 -42.62 -47.76 -11.35
CA HIS I 166 -42.89 -48.34 -12.66
C HIS I 166 -42.37 -49.77 -12.75
N TRP I 167 -41.23 -50.04 -12.13
CA TRP I 167 -40.64 -51.37 -12.05
C TRP I 167 -41.04 -52.11 -10.78
N SER I 168 -41.94 -51.54 -9.98
CA SER I 168 -42.30 -52.12 -8.69
C SER I 168 -42.65 -53.60 -8.80
N GLU I 169 -43.34 -53.99 -9.87
CA GLU I 169 -43.66 -55.41 -10.07
C GLU I 169 -42.39 -56.24 -10.17
N LYS I 170 -41.37 -55.72 -10.87
CA LYS I 170 -40.10 -56.42 -10.96
C LYS I 170 -39.24 -56.20 -9.71
N MET I 171 -39.34 -55.02 -9.08
CA MET I 171 -38.49 -54.71 -7.95
C MET I 171 -38.85 -55.53 -6.71
N CYS I 172 -40.12 -55.90 -6.56
CA CYS I 172 -40.52 -56.70 -5.40
C CYS I 172 -39.91 -58.09 -5.46
N GLU I 173 -39.80 -58.68 -6.66
CA GLU I 173 -39.17 -59.98 -6.80
C GLU I 173 -37.68 -59.93 -6.52
N LEU I 174 -37.05 -58.77 -6.71
CA LEU I 174 -35.62 -58.65 -6.42
C LEU I 174 -35.36 -58.52 -4.92
N ALA I 175 -36.17 -57.72 -4.23
CA ALA I 175 -35.98 -57.51 -2.79
C ALA I 175 -36.50 -58.66 -1.94
N LEU I 176 -37.46 -59.44 -2.45
CA LEU I 176 -38.01 -60.54 -1.66
C LEU I 176 -36.99 -61.67 -1.51
N ASP I 177 -36.39 -62.10 -2.62
CA ASP I 177 -35.42 -63.18 -2.56
C ASP I 177 -34.09 -62.73 -1.94
N ALA I 178 -33.85 -61.42 -1.85
CA ALA I 178 -32.61 -60.95 -1.25
C ALA I 178 -32.63 -61.07 0.27
N VAL I 179 -33.76 -60.70 0.89
CA VAL I 179 -33.86 -60.79 2.34
C VAL I 179 -34.00 -62.23 2.77
N LYS I 180 -34.74 -63.04 2.01
CA LYS I 180 -34.94 -64.44 2.36
C LYS I 180 -33.65 -65.26 2.25
N THR I 181 -32.69 -64.81 1.44
CA THR I 181 -31.46 -65.56 1.26
C THR I 181 -30.50 -65.36 2.43
N VAL I 182 -30.35 -64.12 2.90
CA VAL I 182 -29.38 -63.84 3.95
C VAL I 182 -29.92 -64.14 5.34
N ARG I 183 -31.23 -64.26 5.50
CA ARG I 183 -31.79 -64.53 6.82
C ARG I 183 -31.59 -66.00 7.20
N LYS I 184 -31.57 -66.26 8.50
CA LYS I 184 -31.38 -67.61 9.02
C LYS I 184 -32.00 -67.71 10.40
N ASP I 185 -32.25 -68.94 10.83
CA ASP I 185 -32.82 -69.20 12.15
C ASP I 185 -31.71 -69.20 13.20
N LEU I 186 -32.01 -68.64 14.36
CA LEU I 186 -31.04 -68.59 15.45
C LEU I 186 -31.72 -68.85 16.79
N ASN I 195 -31.82 -63.67 17.58
CA ASN I 195 -33.02 -62.84 17.56
C ASN I 195 -33.76 -62.98 16.23
N PHE I 196 -34.42 -64.13 16.06
CA PHE I 196 -35.20 -64.45 14.86
C PHE I 196 -34.26 -64.47 13.66
N GLU I 197 -34.53 -63.70 12.59
CA GLU I 197 -33.78 -63.85 11.36
C GLU I 197 -32.44 -63.12 11.38
N ILE I 198 -32.27 -62.14 12.27
CA ILE I 198 -31.03 -61.37 12.48
C ILE I 198 -30.37 -60.98 11.16
N ASP I 199 -31.18 -60.58 10.18
CA ASP I 199 -30.64 -60.18 8.89
C ASP I 199 -29.88 -58.87 9.01
N ILE I 200 -28.83 -58.74 8.19
CA ILE I 200 -27.94 -57.59 8.22
C ILE I 200 -27.68 -57.16 6.77
N LYS I 201 -27.65 -55.83 6.55
CA LYS I 201 -27.39 -55.30 5.22
C LYS I 201 -26.00 -55.67 4.70
N ARG I 202 -25.05 -55.96 5.58
CA ARG I 202 -23.69 -56.28 5.15
C ARG I 202 -23.62 -57.60 4.39
N TYR I 203 -24.55 -58.51 4.62
CA TYR I 203 -24.57 -59.77 3.87
C TYR I 203 -25.15 -59.59 2.47
N VAL I 204 -26.01 -58.60 2.28
CA VAL I 204 -26.60 -58.34 0.97
C VAL I 204 -25.63 -57.48 0.17
N ARG I 205 -25.30 -57.95 -1.03
CA ARG I 205 -24.38 -57.25 -1.92
C ARG I 205 -25.16 -56.64 -3.08
N VAL I 206 -25.04 -55.33 -3.26
CA VAL I 206 -25.69 -54.62 -4.36
C VAL I 206 -24.58 -54.07 -5.25
N GLU I 207 -24.46 -54.62 -6.46
CA GLU I 207 -23.45 -54.18 -7.41
C GLU I 207 -24.08 -53.26 -8.44
N LYS I 208 -23.39 -52.16 -8.74
CA LYS I 208 -23.86 -51.15 -9.67
C LYS I 208 -23.08 -51.29 -10.97
N ILE I 209 -23.77 -51.73 -12.03
CA ILE I 209 -23.18 -51.92 -13.34
C ILE I 209 -23.80 -50.91 -14.29
N PRO I 210 -23.04 -49.94 -14.81
CA PRO I 210 -23.61 -48.96 -15.74
C PRO I 210 -24.12 -49.62 -17.01
N GLY I 211 -25.14 -49.01 -17.61
CA GLY I 211 -25.73 -49.53 -18.83
C GLY I 211 -26.71 -50.66 -18.56
N GLY I 212 -27.37 -51.08 -19.63
CA GLY I 212 -28.35 -52.14 -19.56
C GLY I 212 -29.77 -51.63 -19.44
N ASP I 213 -30.66 -52.52 -19.01
CA ASP I 213 -32.07 -52.23 -18.87
C ASP I 213 -32.51 -52.57 -17.45
N VAL I 214 -33.40 -51.73 -16.89
CA VAL I 214 -33.90 -51.98 -15.55
C VAL I 214 -34.90 -53.13 -15.55
N LEU I 215 -35.67 -53.28 -16.64
CA LEU I 215 -36.66 -54.35 -16.71
C LEU I 215 -36.00 -55.74 -16.68
N ASP I 216 -34.76 -55.85 -17.13
CA ASP I 216 -34.03 -57.11 -17.15
C ASP I 216 -33.08 -57.13 -15.95
N SER I 217 -33.38 -57.98 -14.98
CA SER I 217 -32.55 -58.13 -13.80
C SER I 217 -32.82 -59.50 -13.18
N ARG I 218 -31.87 -59.96 -12.37
CA ARG I 218 -32.00 -61.24 -11.70
C ARG I 218 -31.22 -61.20 -10.39
N VAL I 219 -31.70 -61.97 -9.42
CA VAL I 219 -31.03 -62.10 -8.13
C VAL I 219 -30.00 -63.21 -8.25
N LEU I 220 -28.73 -62.87 -8.04
CA LEU I 220 -27.63 -63.81 -8.14
C LEU I 220 -27.08 -64.07 -6.73
N LYS I 221 -27.00 -65.34 -6.36
CA LYS I 221 -26.47 -65.72 -5.06
C LYS I 221 -24.98 -66.03 -5.22
N GLY I 222 -24.14 -65.18 -4.64
CA GLY I 222 -22.71 -65.29 -4.80
C GLY I 222 -22.07 -63.92 -4.68
N VAL I 223 -20.85 -63.81 -5.21
CA VAL I 223 -20.08 -62.58 -5.19
C VAL I 223 -19.66 -62.25 -6.61
N LEU I 224 -19.99 -61.04 -7.06
CA LEU I 224 -19.63 -60.58 -8.40
C LEU I 224 -18.33 -59.79 -8.31
N LEU I 225 -17.27 -60.32 -8.90
CA LEU I 225 -15.95 -59.69 -8.87
C LEU I 225 -15.62 -59.09 -10.22
N ASN I 226 -14.99 -57.92 -10.20
CA ASN I 226 -14.60 -57.22 -11.41
C ASN I 226 -13.18 -57.53 -11.86
N LYS I 227 -12.47 -58.40 -11.15
CA LYS I 227 -11.09 -58.73 -11.51
C LYS I 227 -11.06 -59.78 -12.61
N ASP I 228 -10.09 -59.64 -13.51
CA ASP I 228 -9.92 -60.58 -14.61
C ASP I 228 -9.06 -61.75 -14.14
N VAL I 229 -8.85 -62.73 -15.02
CA VAL I 229 -8.02 -63.88 -14.71
C VAL I 229 -6.54 -63.48 -14.80
N VAL I 230 -5.71 -64.16 -14.03
CA VAL I 230 -4.29 -63.83 -14.01
C VAL I 230 -3.51 -64.46 -15.17
N HIS I 231 -4.09 -65.45 -15.85
CA HIS I 231 -3.40 -66.12 -16.94
C HIS I 231 -4.42 -66.43 -18.04
N PRO I 232 -4.03 -66.34 -19.31
CA PRO I 232 -4.99 -66.58 -20.39
C PRO I 232 -5.52 -68.00 -20.43
N LYS I 233 -4.67 -68.99 -20.11
CA LYS I 233 -5.09 -70.38 -20.17
C LYS I 233 -6.16 -70.72 -19.14
N MET I 234 -6.31 -69.89 -18.10
CA MET I 234 -7.27 -70.17 -17.04
C MET I 234 -8.68 -70.31 -17.62
N SER I 235 -9.33 -71.42 -17.29
CA SER I 235 -10.67 -71.68 -17.81
C SER I 235 -11.69 -70.74 -17.17
N ARG I 236 -12.43 -70.02 -18.00
CA ARG I 236 -13.44 -69.08 -17.51
C ARG I 236 -14.79 -69.73 -17.26
N HIS I 237 -14.96 -71.00 -17.60
CA HIS I 237 -16.20 -71.72 -17.38
C HIS I 237 -15.89 -73.08 -16.76
N ILE I 238 -16.41 -73.31 -15.56
CA ILE I 238 -16.18 -74.55 -14.82
C ILE I 238 -17.53 -75.15 -14.48
N GLU I 239 -17.68 -76.46 -14.73
CA GLU I 239 -18.94 -77.14 -14.45
C GLU I 239 -19.14 -77.30 -12.94
N ASN I 240 -18.14 -77.82 -12.24
CA ASN I 240 -18.18 -78.03 -10.79
C ASN I 240 -17.05 -77.25 -10.15
N PRO I 241 -17.25 -75.96 -9.87
CA PRO I 241 -16.17 -75.16 -9.29
C PRO I 241 -15.93 -75.49 -7.83
N ARG I 242 -14.68 -75.31 -7.42
CA ARG I 242 -14.26 -75.50 -6.03
C ARG I 242 -13.45 -74.29 -5.61
N VAL I 243 -13.94 -73.54 -4.64
CA VAL I 243 -13.34 -72.28 -4.21
C VAL I 243 -12.56 -72.50 -2.94
N VAL I 244 -11.30 -72.06 -2.93
CA VAL I 244 -10.44 -72.10 -1.76
C VAL I 244 -9.88 -70.71 -1.52
N LEU I 245 -10.25 -70.10 -0.39
CA LEU I 245 -9.85 -68.75 -0.07
C LEU I 245 -8.52 -68.78 0.68
N LEU I 246 -7.59 -67.91 0.25
CA LEU I 246 -6.25 -67.84 0.86
C LEU I 246 -5.92 -66.37 1.10
N ASP I 247 -5.67 -66.02 2.37
CA ASP I 247 -5.26 -64.67 2.70
C ASP I 247 -3.78 -64.42 2.45
N CYS I 248 -2.97 -65.47 2.35
CA CYS I 248 -1.54 -65.31 2.12
C CYS I 248 -1.28 -65.08 0.63
N PRO I 249 -0.46 -64.10 0.26
CA PRO I 249 -0.17 -63.88 -1.15
C PRO I 249 0.70 -64.99 -1.72
N LEU I 250 0.48 -65.30 -3.00
CA LEU I 250 1.29 -66.30 -3.69
C LEU I 250 2.69 -65.80 -4.00
N GLU I 251 2.96 -64.51 -3.82
CA GLU I 251 4.30 -63.98 -4.01
C GLU I 251 5.23 -64.50 -2.93
N TYR I 252 6.53 -64.44 -3.21
CA TYR I 252 7.53 -64.88 -2.25
C TYR I 252 7.48 -64.01 -1.00
N LYS I 253 7.35 -64.66 0.15
CA LYS I 253 7.25 -63.95 1.42
C LYS I 253 8.63 -63.53 1.90
N LYS I 254 8.71 -62.29 2.40
CA LYS I 254 9.94 -61.74 2.93
C LYS I 254 9.78 -61.51 4.43
N GLY I 255 10.77 -61.91 5.21
CA GLY I 255 10.71 -61.73 6.65
C GLY I 255 10.83 -60.27 7.03
N GLU I 256 10.04 -59.87 8.02
CA GLU I 256 10.07 -58.49 8.51
C GLU I 256 11.30 -58.18 9.35
N SER I 257 12.10 -59.19 9.69
CA SER I 257 13.30 -58.98 10.49
C SER I 257 14.41 -58.30 9.71
N GLN I 258 14.24 -58.07 8.41
CA GLN I 258 15.26 -57.46 7.56
C GLN I 258 16.55 -58.29 7.57
N THR I 259 16.41 -59.58 7.30
CA THR I 259 17.55 -60.49 7.30
C THR I 259 18.51 -60.13 6.17
N ASN I 260 19.78 -59.96 6.51
CA ASN I 260 20.83 -59.68 5.55
C ASN I 260 21.72 -60.91 5.42
N ILE I 261 21.86 -61.40 4.20
CA ILE I 261 22.64 -62.61 3.92
C ILE I 261 24.00 -62.20 3.41
N GLU I 262 25.06 -62.71 4.03
CA GLU I 262 26.42 -62.46 3.58
C GLU I 262 26.85 -63.60 2.68
N ILE I 263 27.05 -63.29 1.40
CA ILE I 263 27.39 -64.30 0.39
C ILE I 263 28.91 -64.35 0.25
N GLU I 264 29.46 -65.56 0.43
CA GLU I 264 30.90 -65.78 0.29
C GLU I 264 31.21 -66.71 -0.89
N LYS I 265 30.77 -67.95 -0.83
CA LYS I 265 31.01 -68.89 -1.92
C LYS I 265 30.21 -68.49 -3.16
N GLU I 266 30.66 -68.97 -4.31
CA GLU I 266 30.02 -68.63 -5.58
C GLU I 266 28.69 -69.32 -5.76
N GLU I 267 28.46 -70.44 -5.08
CA GLU I 267 27.21 -71.18 -5.20
C GLU I 267 26.15 -70.72 -4.21
N ASP I 268 26.46 -69.73 -3.37
CA ASP I 268 25.49 -69.26 -2.39
C ASP I 268 24.43 -68.35 -3.02
N TRP I 269 24.84 -67.47 -3.92
CA TRP I 269 23.89 -66.55 -4.54
C TRP I 269 22.95 -67.28 -5.50
N ASN I 270 23.49 -68.26 -6.25
CA ASN I 270 22.65 -69.01 -7.17
C ASN I 270 21.67 -69.92 -6.43
N ARG I 271 22.01 -70.33 -5.22
CA ARG I 271 21.12 -71.20 -4.45
C ARG I 271 19.95 -70.42 -3.84
N ILE I 272 20.16 -69.14 -3.52
CA ILE I 272 19.09 -68.34 -2.92
C ILE I 272 17.92 -68.21 -3.89
N LEU I 273 18.21 -67.93 -5.16
CA LEU I 273 17.15 -67.80 -6.15
C LEU I 273 16.47 -69.14 -6.42
N GLN I 274 17.20 -70.24 -6.29
CA GLN I 274 16.60 -71.56 -6.49
C GLN I 274 15.65 -71.91 -5.34
N ILE I 275 16.06 -71.60 -4.11
CA ILE I 275 15.21 -71.89 -2.95
C ILE I 275 13.93 -71.06 -3.02
N GLU I 276 14.04 -69.82 -3.50
CA GLU I 276 12.84 -69.01 -3.70
C GLU I 276 11.89 -69.64 -4.71
N GLU I 277 12.44 -70.32 -5.73
CA GLU I 277 11.60 -71.01 -6.70
C GLU I 277 11.09 -72.34 -6.15
N GLU I 278 11.82 -72.96 -5.22
CA GLU I 278 11.38 -74.23 -4.66
C GLU I 278 10.23 -74.05 -3.68
N GLN I 279 10.25 -72.96 -2.90
CA GLN I 279 9.18 -72.73 -1.93
C GLN I 279 7.87 -72.36 -2.63
N VAL I 280 7.95 -71.54 -3.69
CA VAL I 280 6.77 -71.20 -4.46
C VAL I 280 6.16 -72.46 -5.06
N GLN I 281 7.01 -73.36 -5.58
CA GLN I 281 6.51 -74.65 -6.06
C GLN I 281 6.01 -75.51 -4.91
N LEU I 282 6.64 -75.38 -3.73
CA LEU I 282 6.19 -76.15 -2.57
C LEU I 282 4.82 -75.68 -2.08
N MET I 283 4.60 -74.36 -2.07
CA MET I 283 3.29 -73.85 -1.65
C MET I 283 2.20 -74.23 -2.63
N CYS I 284 2.54 -74.41 -3.90
CA CYS I 284 1.55 -74.86 -4.87
C CYS I 284 1.23 -76.33 -4.68
N GLU I 285 2.22 -77.13 -4.27
CA GLU I 285 1.96 -78.54 -4.00
C GLU I 285 1.06 -78.72 -2.79
N GLN I 286 1.15 -77.83 -1.80
CA GLN I 286 0.24 -77.89 -0.67
C GLN I 286 -1.18 -77.53 -1.09
N ILE I 287 -1.33 -76.69 -2.10
CA ILE I 287 -2.66 -76.34 -2.60
C ILE I 287 -3.22 -77.47 -3.45
N LEU I 288 -2.39 -78.07 -4.31
CA LEU I 288 -2.82 -79.15 -5.18
C LEU I 288 -3.16 -80.43 -4.43
N ALA I 289 -2.90 -80.49 -3.12
CA ALA I 289 -3.26 -81.68 -2.35
C ALA I 289 -4.75 -81.94 -2.40
N VAL I 290 -5.56 -80.88 -2.29
CA VAL I 290 -7.02 -81.02 -2.41
C VAL I 290 -7.51 -80.84 -3.83
N ARG I 291 -6.63 -80.42 -4.76
CA ARG I 291 -6.94 -80.20 -6.17
C ARG I 291 -8.12 -79.25 -6.34
N PRO I 292 -7.99 -77.98 -5.96
CA PRO I 292 -9.09 -77.02 -6.17
C PRO I 292 -9.18 -76.58 -7.62
N THR I 293 -10.42 -76.35 -8.07
CA THR I 293 -10.63 -75.82 -9.41
C THR I 293 -10.43 -74.31 -9.47
N LEU I 294 -10.69 -73.61 -8.36
CA LEU I 294 -10.57 -72.16 -8.31
C LEU I 294 -9.69 -71.75 -7.14
N VAL I 295 -9.00 -70.62 -7.29
CA VAL I 295 -8.18 -70.03 -6.25
C VAL I 295 -8.50 -68.56 -6.18
N ILE I 296 -8.80 -68.06 -4.98
CA ILE I 296 -9.14 -66.66 -4.77
C ILE I 296 -8.32 -66.13 -3.60
N THR I 297 -7.56 -65.06 -3.84
CA THR I 297 -6.75 -64.44 -2.81
C THR I 297 -6.99 -62.93 -2.82
N GLU I 298 -6.73 -62.31 -1.67
CA GLU I 298 -6.95 -60.88 -1.50
C GLU I 298 -5.70 -60.05 -1.75
N LYS I 299 -4.58 -60.68 -2.07
CA LYS I 299 -3.31 -59.99 -2.30
C LYS I 299 -2.79 -60.31 -3.69
N GLY I 300 -1.61 -59.78 -4.00
CA GLY I 300 -1.02 -60.01 -5.30
C GLY I 300 -0.51 -61.43 -5.47
N VAL I 301 -0.33 -61.81 -6.73
CA VAL I 301 0.13 -63.14 -7.10
C VAL I 301 1.35 -63.00 -8.00
N SER I 302 2.43 -63.72 -7.66
CA SER I 302 3.64 -63.67 -8.46
C SER I 302 3.46 -64.43 -9.76
N ASP I 303 4.29 -64.09 -10.74
CA ASP I 303 4.23 -64.75 -12.04
C ASP I 303 4.79 -66.17 -12.01
N LEU I 304 5.56 -66.51 -10.97
CA LEU I 304 6.12 -67.85 -10.87
C LEU I 304 5.08 -68.86 -10.38
N ALA I 305 4.22 -68.46 -9.45
CA ALA I 305 3.18 -69.34 -8.93
C ALA I 305 2.07 -69.58 -9.93
N GLN I 306 2.04 -68.83 -11.04
CA GLN I 306 0.98 -69.01 -12.03
C GLN I 306 1.18 -70.26 -12.86
N HIS I 307 2.44 -70.55 -13.24
CA HIS I 307 2.71 -71.70 -14.09
C HIS I 307 2.54 -73.01 -13.34
N TYR I 308 2.90 -73.04 -12.06
CA TYR I 308 2.79 -74.27 -11.28
C TYR I 308 1.35 -74.71 -11.08
N LEU I 309 0.39 -73.79 -11.18
CA LEU I 309 -1.02 -74.11 -11.04
C LEU I 309 -1.71 -74.34 -12.38
N LEU I 310 -0.98 -74.21 -13.49
CA LEU I 310 -1.59 -74.49 -14.80
C LEU I 310 -1.80 -75.98 -15.03
N LYS I 311 -0.93 -76.82 -14.46
CA LYS I 311 -1.08 -78.26 -14.63
C LYS I 311 -2.31 -78.79 -13.89
N GLY I 312 -2.62 -78.22 -12.73
CA GLY I 312 -3.78 -78.62 -11.97
C GLY I 312 -5.07 -77.93 -12.33
N GLY I 313 -5.02 -76.93 -13.19
CA GLY I 313 -6.21 -76.21 -13.59
C GLY I 313 -6.79 -75.36 -12.47
N CYS I 314 -5.95 -74.55 -11.84
CA CYS I 314 -6.35 -73.69 -10.73
C CYS I 314 -6.44 -72.25 -11.23
N SER I 315 -7.66 -71.73 -11.33
CA SER I 315 -7.86 -70.35 -11.74
C SER I 315 -7.66 -69.44 -10.53
N VAL I 316 -6.77 -68.46 -10.68
CA VAL I 316 -6.34 -67.60 -9.57
C VAL I 316 -6.88 -66.20 -9.80
N LEU I 317 -7.50 -65.64 -8.77
CA LEU I 317 -7.97 -64.25 -8.76
C LEU I 317 -7.22 -63.50 -7.67
N ARG I 318 -6.72 -62.32 -8.00
CA ARG I 318 -5.88 -61.55 -7.09
C ARG I 318 -6.53 -60.21 -6.77
N ARG I 319 -6.12 -59.64 -5.63
CA ARG I 319 -6.57 -58.33 -5.18
C ARG I 319 -8.10 -58.28 -5.02
N VAL I 320 -8.63 -59.26 -4.30
CA VAL I 320 -10.05 -59.31 -3.97
C VAL I 320 -10.28 -58.53 -2.69
N LYS I 321 -11.40 -57.81 -2.64
CA LYS I 321 -11.71 -56.99 -1.48
C LYS I 321 -11.84 -57.86 -0.23
N LYS I 322 -11.41 -57.29 0.90
CA LYS I 322 -11.38 -58.06 2.15
C LYS I 322 -12.78 -58.50 2.58
N SER I 323 -13.76 -57.60 2.48
CA SER I 323 -15.12 -57.95 2.87
C SER I 323 -15.76 -58.93 1.91
N ASP I 324 -15.27 -59.02 0.67
CA ASP I 324 -15.85 -59.96 -0.29
C ASP I 324 -15.47 -61.39 0.04
N ASN I 325 -14.31 -61.59 0.69
CA ASN I 325 -13.90 -62.95 1.04
C ASN I 325 -14.85 -63.56 2.06
N ASN I 326 -15.32 -62.77 3.02
CA ASN I 326 -16.30 -63.27 3.97
C ASN I 326 -17.62 -63.58 3.31
N ARG I 327 -17.96 -62.87 2.22
CA ARG I 327 -19.17 -63.17 1.48
C ARG I 327 -19.02 -64.38 0.57
N ILE I 328 -17.80 -64.67 0.12
CA ILE I 328 -17.56 -65.88 -0.65
C ILE I 328 -17.67 -67.11 0.25
N ALA I 329 -17.18 -67.01 1.48
CA ALA I 329 -17.24 -68.14 2.42
C ALA I 329 -18.67 -68.51 2.78
N ARG I 330 -19.62 -67.58 2.68
CA ARG I 330 -21.00 -67.90 3.00
C ARG I 330 -21.67 -68.68 1.87
N VAL I 331 -21.48 -68.24 0.62
CA VAL I 331 -22.11 -68.90 -0.51
C VAL I 331 -21.42 -70.21 -0.84
N THR I 332 -20.09 -70.19 -0.93
CA THR I 332 -19.34 -71.38 -1.31
C THR I 332 -19.13 -72.34 -0.14
N GLY I 333 -19.32 -71.89 1.09
CA GLY I 333 -19.12 -72.74 2.24
C GLY I 333 -17.67 -73.01 2.60
N ALA I 334 -16.73 -72.36 1.94
CA ALA I 334 -15.31 -72.57 2.21
C ALA I 334 -14.90 -71.87 3.50
N THR I 335 -13.83 -72.37 4.10
CA THR I 335 -13.26 -71.81 5.33
C THR I 335 -11.97 -71.09 4.99
N ILE I 336 -11.84 -69.86 5.47
CA ILE I 336 -10.66 -69.04 5.19
C ILE I 336 -9.50 -69.54 6.05
N VAL I 337 -8.41 -69.93 5.40
CA VAL I 337 -7.20 -70.40 6.08
C VAL I 337 -6.01 -69.69 5.45
N ASN I 338 -5.18 -69.05 6.29
CA ASN I 338 -4.08 -68.26 5.78
C ASN I 338 -2.92 -69.14 5.30
N ARG I 339 -2.53 -70.12 6.11
CA ARG I 339 -1.42 -70.99 5.76
C ARG I 339 -1.89 -72.12 4.84
N VAL I 340 -1.04 -72.47 3.88
CA VAL I 340 -1.37 -73.54 2.93
C VAL I 340 -1.19 -74.93 3.53
N GLU I 341 -0.55 -75.05 4.69
CA GLU I 341 -0.35 -76.35 5.32
C GLU I 341 -1.60 -76.88 6.00
N ASP I 342 -2.52 -76.01 6.39
CA ASP I 342 -3.74 -76.41 7.07
C ASP I 342 -4.91 -76.65 6.11
N LEU I 343 -4.67 -76.53 4.80
CA LEU I 343 -5.74 -76.73 3.83
C LEU I 343 -6.21 -78.18 3.83
N LYS I 344 -7.52 -78.38 3.95
CA LYS I 344 -8.12 -79.70 3.98
C LYS I 344 -9.31 -79.72 3.04
N GLU I 345 -9.81 -80.93 2.76
CA GLU I 345 -10.96 -81.07 1.88
C GLU I 345 -12.21 -80.44 2.49
N SER I 346 -12.29 -80.36 3.82
CA SER I 346 -13.44 -79.74 4.45
C SER I 346 -13.45 -78.22 4.25
N ASP I 347 -12.27 -77.62 4.11
CA ASP I 347 -12.17 -76.18 3.93
C ASP I 347 -12.39 -75.76 2.48
N VAL I 348 -12.48 -76.71 1.55
CA VAL I 348 -12.69 -76.40 0.15
C VAL I 348 -14.16 -76.09 -0.08
N GLY I 349 -14.43 -75.06 -0.88
CA GLY I 349 -15.81 -74.70 -1.15
C GLY I 349 -16.52 -75.79 -1.94
N THR I 350 -17.76 -76.05 -1.56
CA THR I 350 -18.57 -77.10 -2.17
C THR I 350 -19.94 -76.55 -2.50
N ASN I 351 -20.69 -77.32 -3.30
CA ASN I 351 -22.07 -77.04 -3.74
C ASN I 351 -22.16 -75.85 -4.68
N CYS I 352 -21.07 -75.13 -4.93
CA CYS I 352 -21.11 -74.01 -5.85
C CYS I 352 -21.13 -74.51 -7.30
N GLY I 353 -21.77 -73.73 -8.16
CA GLY I 353 -21.87 -74.09 -9.56
C GLY I 353 -22.11 -72.88 -10.43
N LEU I 354 -22.20 -73.13 -11.74
CA LEU I 354 -22.46 -72.10 -12.74
C LEU I 354 -21.42 -70.98 -12.65
N PHE I 355 -20.16 -71.38 -12.74
CA PHE I 355 -19.04 -70.44 -12.76
C PHE I 355 -18.74 -70.07 -14.21
N LYS I 356 -18.97 -68.81 -14.56
CA LYS I 356 -18.77 -68.35 -15.92
C LYS I 356 -18.35 -66.89 -15.89
N VAL I 357 -17.45 -66.52 -16.79
CA VAL I 357 -16.97 -65.15 -16.93
C VAL I 357 -17.59 -64.57 -18.20
N GLU I 358 -18.52 -63.64 -18.02
CA GLU I 358 -19.15 -62.98 -19.15
C GLU I 358 -18.26 -61.85 -19.67
N MET I 359 -18.20 -61.72 -20.99
CA MET I 359 -17.33 -60.72 -21.62
C MET I 359 -18.09 -59.42 -21.80
N ILE I 360 -17.64 -58.37 -21.12
CA ILE I 360 -18.20 -57.03 -21.24
C ILE I 360 -17.04 -56.07 -21.44
N GLY I 361 -17.23 -55.11 -22.35
CA GLY I 361 -16.15 -54.21 -22.72
C GLY I 361 -15.60 -53.40 -21.55
N ASP I 362 -16.45 -53.05 -20.59
CA ASP I 362 -16.00 -52.24 -19.47
C ASP I 362 -15.10 -53.03 -18.53
N GLU I 363 -15.58 -54.16 -18.04
CA GLU I 363 -14.84 -54.95 -17.06
C GLU I 363 -15.18 -56.42 -17.23
N TYR I 364 -14.34 -57.28 -16.65
CA TYR I 364 -14.55 -58.71 -16.63
C TYR I 364 -15.32 -59.09 -15.37
N PHE I 365 -16.45 -59.77 -15.55
CA PHE I 365 -17.31 -60.15 -14.44
C PHE I 365 -17.31 -61.66 -14.26
N SER I 366 -17.34 -62.09 -13.00
CA SER I 366 -17.35 -63.51 -12.66
C SER I 366 -18.64 -63.85 -11.92
N PHE I 367 -19.28 -64.94 -12.32
CA PHE I 367 -20.56 -65.35 -11.78
C PHE I 367 -20.42 -66.58 -10.90
N LEU I 368 -21.26 -66.66 -9.87
CA LEU I 368 -21.30 -67.78 -8.95
C LEU I 368 -22.75 -68.11 -8.63
N ASP I 369 -23.06 -69.40 -8.53
CA ASP I 369 -24.41 -69.85 -8.22
C ASP I 369 -24.33 -70.97 -7.19
N ASN I 370 -24.97 -70.75 -6.03
CA ASN I 370 -25.03 -71.78 -5.01
C ASN I 370 -26.02 -72.87 -5.41
N CYS I 371 -25.89 -74.03 -4.76
CA CYS I 371 -26.75 -75.17 -5.03
C CYS I 371 -28.23 -74.82 -4.84
N GLY I 432 -24.48 -72.90 9.56
CA GLY I 432 -24.13 -72.76 8.15
C GLY I 432 -25.30 -72.31 7.30
N LEU I 433 -26.35 -71.83 7.95
CA LEU I 433 -27.54 -71.35 7.25
C LEU I 433 -27.37 -69.95 6.68
N GLN I 434 -26.32 -69.25 7.05
CA GLN I 434 -26.10 -67.90 6.54
C GLN I 434 -25.63 -67.94 5.09
N LYS I 435 -26.33 -67.23 4.22
CA LYS I 435 -26.01 -67.16 2.81
C LYS I 435 -25.83 -65.70 2.40
N ALA I 436 -25.55 -65.49 1.10
CA ALA I 436 -25.37 -64.15 0.57
C ALA I 436 -25.86 -64.12 -0.86
N CYS I 437 -26.16 -62.91 -1.33
CA CYS I 437 -26.66 -62.73 -2.69
C CYS I 437 -26.12 -61.41 -3.23
N THR I 438 -25.88 -61.39 -4.54
CA THR I 438 -25.38 -60.21 -5.24
C THR I 438 -26.41 -59.79 -6.29
N ILE I 439 -27.01 -58.62 -6.10
CA ILE I 439 -28.04 -58.12 -6.99
C ILE I 439 -27.37 -57.26 -8.06
N MET I 440 -27.53 -57.63 -9.32
CA MET I 440 -26.98 -56.87 -10.43
C MET I 440 -28.04 -55.91 -10.95
N LEU I 441 -27.80 -54.61 -10.79
CA LEU I 441 -28.72 -53.57 -11.22
C LEU I 441 -28.17 -52.91 -12.48
N ARG I 442 -28.98 -52.89 -13.54
CA ARG I 442 -28.61 -52.29 -14.81
C ARG I 442 -29.51 -51.09 -15.04
N GLY I 443 -28.92 -49.88 -14.98
CA GLY I 443 -29.65 -48.65 -15.18
C GLY I 443 -29.35 -48.02 -16.53
N GLY I 444 -29.92 -46.83 -16.72
CA GLY I 444 -29.71 -46.07 -17.93
C GLY I 444 -28.52 -45.14 -17.84
N SER I 445 -28.13 -44.79 -16.61
CA SER I 445 -26.99 -43.91 -16.39
C SER I 445 -26.43 -44.21 -14.99
N LYS I 446 -25.20 -43.75 -14.76
CA LYS I 446 -24.53 -44.01 -13.50
C LYS I 446 -25.24 -43.32 -12.34
N ASP I 447 -25.80 -42.13 -12.56
CA ASP I 447 -26.46 -41.40 -11.48
C ASP I 447 -27.84 -41.96 -11.17
N ILE I 448 -28.58 -42.38 -12.21
CA ILE I 448 -29.85 -43.06 -11.97
C ILE I 448 -29.61 -44.41 -11.31
N LEU I 449 -28.53 -45.09 -11.70
CA LEU I 449 -28.20 -46.37 -11.07
C LEU I 449 -27.89 -46.21 -9.59
N ASN I 450 -27.37 -45.05 -9.19
CA ASN I 450 -27.18 -44.77 -7.78
C ASN I 450 -28.51 -44.59 -7.06
N GLU I 451 -29.55 -44.17 -7.79
CA GLU I 451 -30.86 -44.01 -7.17
C GLU I 451 -31.53 -45.35 -6.91
N ILE I 452 -31.42 -46.27 -7.88
CA ILE I 452 -32.00 -47.60 -7.69
C ILE I 452 -31.30 -48.34 -6.57
N ASP I 453 -29.99 -48.11 -6.39
CA ASP I 453 -29.27 -48.70 -5.26
C ASP I 453 -29.85 -48.22 -3.94
N ARG I 454 -30.10 -46.92 -3.82
CA ARG I 454 -30.71 -46.39 -2.60
C ARG I 454 -32.16 -46.84 -2.46
N ASN I 455 -32.88 -46.98 -3.57
CA ASN I 455 -34.27 -47.42 -3.51
C ASN I 455 -34.36 -48.90 -3.17
N LEU I 456 -33.35 -49.68 -3.56
CA LEU I 456 -33.36 -51.11 -3.24
C LEU I 456 -33.09 -51.35 -1.76
N GLN I 457 -32.23 -50.53 -1.15
CA GLN I 457 -31.94 -50.69 0.27
C GLN I 457 -33.15 -50.33 1.12
N ASP I 458 -33.89 -49.28 0.73
CA ASP I 458 -35.09 -48.91 1.47
C ASP I 458 -36.22 -49.91 1.23
N ALA I 459 -36.21 -50.58 0.08
CA ALA I 459 -37.23 -51.59 -0.19
C ALA I 459 -37.00 -52.84 0.66
N MET I 460 -35.74 -53.25 0.82
CA MET I 460 -35.43 -54.41 1.65
C MET I 460 -35.57 -54.11 3.13
N ALA I 461 -35.46 -52.84 3.53
CA ALA I 461 -35.61 -52.48 4.93
C ALA I 461 -37.05 -52.62 5.41
N VAL I 462 -38.02 -52.52 4.50
CA VAL I 462 -39.41 -52.68 4.90
C VAL I 462 -39.69 -54.13 5.28
N ALA I 463 -39.15 -55.08 4.52
CA ALA I 463 -39.36 -56.50 4.81
C ALA I 463 -38.64 -56.95 6.07
N ARG I 464 -37.71 -56.16 6.60
CA ARG I 464 -37.02 -56.56 7.83
C ARG I 464 -37.96 -56.51 9.03
N ASN I 465 -38.62 -55.36 9.23
CA ASN I 465 -39.53 -55.21 10.37
C ASN I 465 -40.75 -56.12 10.26
N VAL I 466 -41.12 -56.51 9.04
CA VAL I 466 -42.24 -57.45 8.88
C VAL I 466 -41.85 -58.82 9.41
N MET I 467 -40.62 -59.26 9.15
CA MET I 467 -40.16 -60.55 9.63
C MET I 467 -39.81 -60.55 11.11
N LEU I 468 -39.47 -59.38 11.67
CA LEU I 468 -39.16 -59.32 13.09
C LEU I 468 -40.41 -59.48 13.93
N SER I 469 -41.46 -58.72 13.62
CA SER I 469 -42.71 -58.80 14.35
C SER I 469 -43.87 -58.91 13.38
N PRO I 470 -44.88 -59.72 13.69
CA PRO I 470 -46.06 -59.82 12.82
C PRO I 470 -46.88 -58.54 12.75
N SER I 471 -46.69 -57.61 13.68
CA SER I 471 -47.52 -56.41 13.75
C SER I 471 -47.39 -55.60 12.47
N LEU I 472 -48.54 -55.13 11.96
CA LEU I 472 -48.59 -54.34 10.74
C LEU I 472 -49.59 -53.21 10.95
N SER I 473 -49.16 -51.98 10.65
CA SER I 473 -49.97 -50.80 10.91
C SER I 473 -50.37 -50.11 9.61
N PRO I 474 -51.49 -49.40 9.59
CA PRO I 474 -51.88 -48.66 8.39
C PRO I 474 -50.99 -47.45 8.17
N GLY I 475 -51.05 -46.92 6.95
CA GLY I 475 -50.24 -45.78 6.56
C GLY I 475 -50.95 -44.95 5.51
N GLY I 476 -50.32 -43.85 5.15
CA GLY I 476 -50.88 -42.94 4.17
C GLY I 476 -51.84 -41.92 4.73
N GLY I 477 -51.69 -41.55 6.00
CA GLY I 477 -52.57 -40.59 6.64
C GLY I 477 -53.55 -41.20 7.63
N ALA I 478 -53.68 -42.53 7.65
CA ALA I 478 -54.61 -43.16 8.58
C ALA I 478 -54.04 -43.26 9.99
N THR I 479 -52.75 -43.58 10.11
CA THR I 479 -52.15 -43.74 11.43
C THR I 479 -51.95 -42.38 12.11
N GLU I 480 -51.55 -41.36 11.33
CA GLU I 480 -51.31 -40.05 11.92
C GLU I 480 -52.59 -39.42 12.44
N MET I 481 -53.70 -39.58 11.71
CA MET I 481 -54.97 -39.00 12.15
C MET I 481 -55.63 -39.84 13.25
N ALA I 482 -55.36 -41.15 13.28
CA ALA I 482 -55.93 -41.98 14.33
C ALA I 482 -55.42 -41.60 15.71
N VAL I 483 -54.19 -41.08 15.78
CA VAL I 483 -53.65 -40.66 17.06
C VAL I 483 -54.22 -39.31 17.48
N SER I 484 -54.38 -38.39 16.52
CA SER I 484 -54.87 -37.05 16.84
C SER I 484 -56.31 -37.09 17.36
N VAL I 485 -57.11 -38.04 16.89
CA VAL I 485 -58.49 -38.13 17.36
C VAL I 485 -58.53 -38.61 18.80
N LYS I 486 -57.68 -39.59 19.15
CA LYS I 486 -57.65 -40.08 20.52
C LYS I 486 -57.09 -39.04 21.48
N LEU I 487 -56.19 -38.17 21.00
CA LEU I 487 -55.65 -37.13 21.87
C LEU I 487 -56.66 -36.01 22.13
N ALA I 488 -57.65 -35.85 21.26
CA ALA I 488 -58.64 -34.79 21.46
C ALA I 488 -59.66 -35.15 22.53
N GLU I 489 -59.93 -36.44 22.73
CA GLU I 489 -60.90 -36.85 23.74
C GLU I 489 -60.33 -36.75 25.14
N LYS I 490 -59.06 -37.11 25.31
CA LYS I 490 -58.42 -37.05 26.61
C LYS I 490 -58.02 -35.63 27.01
N ALA I 491 -57.83 -34.74 26.03
CA ALA I 491 -57.40 -33.38 26.34
C ALA I 491 -58.46 -32.62 27.14
N LYS I 492 -59.73 -32.74 26.76
CA LYS I 492 -60.79 -32.04 27.47
C LYS I 492 -61.03 -32.61 28.86
N GLN I 493 -60.59 -33.84 29.12
CA GLN I 493 -60.78 -34.47 30.43
C GLN I 493 -59.65 -34.17 31.41
N LEU I 494 -58.54 -33.59 30.95
CA LEU I 494 -57.43 -33.31 31.86
C LEU I 494 -57.78 -32.17 32.81
N GLU I 495 -58.19 -31.02 32.26
CA GLU I 495 -58.55 -29.84 33.04
C GLU I 495 -57.44 -29.46 34.01
N GLY I 496 -56.33 -29.01 33.43
CA GLY I 496 -55.18 -28.63 34.22
C GLY I 496 -54.21 -27.81 33.42
N ILE I 497 -53.03 -27.58 34.01
CA ILE I 497 -52.00 -26.79 33.37
C ILE I 497 -51.37 -27.53 32.18
N GLN I 498 -51.42 -28.86 32.18
CA GLN I 498 -50.84 -29.65 31.10
C GLN I 498 -51.78 -29.84 29.93
N GLN I 499 -52.99 -29.27 29.98
CA GLN I 499 -53.95 -29.44 28.89
C GLN I 499 -53.48 -28.75 27.61
N TRP I 500 -52.87 -27.57 27.75
CA TRP I 500 -52.42 -26.84 26.56
C TRP I 500 -51.27 -27.55 25.84
N PRO I 501 -50.18 -27.96 26.51
CA PRO I 501 -49.12 -28.68 25.78
C PRO I 501 -49.54 -30.06 25.32
N TYR I 502 -50.57 -30.66 25.94
CA TYR I 502 -51.03 -31.98 25.51
C TYR I 502 -51.74 -31.91 24.17
N GLN I 503 -52.35 -30.76 23.84
CA GLN I 503 -53.02 -30.59 22.56
C GLN I 503 -52.06 -30.27 21.43
N ALA I 504 -50.79 -29.99 21.72
CA ALA I 504 -49.83 -29.68 20.67
C ALA I 504 -49.50 -30.90 19.83
N VAL I 505 -49.47 -32.10 20.45
CA VAL I 505 -49.17 -33.30 19.70
C VAL I 505 -50.33 -33.67 18.78
N ALA I 506 -51.57 -33.38 19.19
CA ALA I 506 -52.73 -33.69 18.35
C ALA I 506 -52.68 -32.89 17.05
N ASP I 507 -52.32 -31.61 17.14
CA ASP I 507 -52.18 -30.80 15.94
C ASP I 507 -50.87 -31.05 15.20
N ALA I 508 -49.89 -31.66 15.87
CA ALA I 508 -48.62 -31.97 15.22
C ALA I 508 -48.72 -33.19 14.32
N MET I 509 -49.60 -34.14 14.65
CA MET I 509 -49.79 -35.32 13.83
C MET I 509 -50.53 -35.02 12.53
N GLU I 510 -51.05 -33.81 12.37
CA GLU I 510 -51.83 -33.44 11.20
C GLU I 510 -50.97 -33.00 10.02
N CYS I 511 -49.68 -32.73 10.24
CA CYS I 511 -48.84 -32.21 9.16
C CYS I 511 -48.64 -33.24 8.07
N ILE I 512 -48.46 -34.51 8.44
CA ILE I 512 -48.20 -35.58 7.47
C ILE I 512 -49.40 -35.80 6.56
N PRO I 513 -50.63 -35.97 7.08
CA PRO I 513 -51.77 -36.12 6.16
C PRO I 513 -52.09 -34.84 5.40
N ARG I 514 -51.77 -33.67 5.96
CA ARG I 514 -52.00 -32.42 5.25
C ARG I 514 -51.00 -32.24 4.12
N THR I 515 -49.76 -32.70 4.31
CA THR I 515 -48.75 -32.59 3.27
C THR I 515 -49.11 -33.45 2.06
N LEU I 516 -49.71 -34.62 2.28
CA LEU I 516 -50.08 -35.48 1.17
C LEU I 516 -51.12 -34.83 0.27
N ILE I 517 -51.98 -33.98 0.83
CA ILE I 517 -53.00 -33.31 0.03
C ILE I 517 -52.41 -32.15 -0.75
N GLN I 518 -51.51 -31.38 -0.13
CA GLN I 518 -50.91 -30.23 -0.80
C GLN I 518 -50.06 -30.66 -1.98
N ASN I 519 -49.39 -31.82 -1.87
CA ASN I 519 -48.59 -32.32 -2.98
C ASN I 519 -49.43 -32.99 -4.07
N ALA I 520 -50.67 -33.37 -3.74
CA ALA I 520 -51.56 -34.00 -4.71
C ALA I 520 -52.42 -33.00 -5.46
N GLY I 521 -52.40 -31.72 -5.07
CA GLY I 521 -53.20 -30.70 -5.73
C GLY I 521 -54.60 -30.56 -5.23
N GLY I 522 -54.97 -31.25 -4.14
CA GLY I 522 -56.30 -31.17 -3.59
C GLY I 522 -56.46 -30.04 -2.58
N ASP I 523 -57.66 -29.93 -2.04
CA ASP I 523 -57.97 -28.90 -1.06
C ASP I 523 -57.86 -29.49 0.34
N PRO I 524 -56.84 -29.14 1.12
CA PRO I 524 -56.73 -29.68 2.48
C PRO I 524 -57.81 -29.20 3.43
N ILE I 525 -58.50 -28.11 3.09
CA ILE I 525 -59.51 -27.56 4.00
C ILE I 525 -60.71 -28.48 4.10
N ARG I 526 -61.29 -28.85 2.96
CA ARG I 526 -62.50 -29.66 2.97
C ARG I 526 -62.22 -31.14 3.21
N LEU I 527 -61.04 -31.62 2.80
CA LEU I 527 -60.72 -33.03 2.98
C LEU I 527 -60.43 -33.35 4.45
N LEU I 528 -59.58 -32.55 5.09
CA LEU I 528 -59.26 -32.80 6.49
C LEU I 528 -60.44 -32.51 7.41
N SER I 529 -61.37 -31.65 6.98
CA SER I 529 -62.55 -31.38 7.79
C SER I 529 -63.46 -32.60 7.85
N GLN I 530 -63.69 -33.24 6.70
CA GLN I 530 -64.47 -34.46 6.66
C GLN I 530 -63.68 -35.69 7.09
N LEU I 531 -62.35 -35.62 7.08
CA LEU I 531 -61.54 -36.76 7.46
C LEU I 531 -61.66 -37.04 8.96
N ARG I 532 -61.63 -35.99 9.79
CA ARG I 532 -61.77 -36.18 11.23
C ARG I 532 -63.15 -36.72 11.59
N ALA I 533 -64.17 -36.38 10.81
CA ALA I 533 -65.51 -36.90 11.07
C ALA I 533 -65.60 -38.39 10.78
N LYS I 534 -64.75 -38.89 9.88
CA LYS I 534 -64.78 -40.32 9.58
C LYS I 534 -64.17 -41.14 10.72
N HIS I 535 -63.06 -40.68 11.29
CA HIS I 535 -62.42 -41.40 12.38
C HIS I 535 -63.30 -41.46 13.62
N ALA I 536 -64.25 -40.54 13.77
CA ALA I 536 -65.17 -40.58 14.89
C ALA I 536 -66.23 -41.67 14.75
N GLN I 537 -66.35 -42.28 13.56
CA GLN I 537 -67.31 -43.35 13.34
C GLN I 537 -66.82 -44.70 13.82
N GLY I 538 -65.57 -44.82 14.25
CA GLY I 538 -65.04 -46.05 14.79
C GLY I 538 -64.14 -46.83 13.87
N ASN I 539 -63.76 -46.29 12.71
CA ASN I 539 -62.86 -46.96 11.78
C ASN I 539 -61.55 -46.19 11.69
N PHE I 540 -60.44 -46.90 11.90
CA PHE I 540 -59.11 -46.31 11.85
C PHE I 540 -58.42 -46.47 10.50
N THR I 541 -59.08 -47.13 9.54
CA THR I 541 -58.46 -47.47 8.27
C THR I 541 -58.62 -46.38 7.21
N THR I 542 -59.24 -45.24 7.55
CA THR I 542 -59.46 -44.19 6.57
C THR I 542 -58.18 -43.38 6.37
N GLY I 543 -57.64 -43.41 5.17
CA GLY I 543 -56.45 -42.68 4.81
C GLY I 543 -56.73 -41.52 3.88
N ILE I 544 -55.69 -41.12 3.14
CA ILE I 544 -55.78 -40.09 2.11
C ILE I 544 -55.06 -40.61 0.86
N ASP I 545 -55.76 -40.59 -0.26
CA ASP I 545 -55.17 -41.03 -1.52
C ASP I 545 -54.12 -40.03 -1.99
N GLY I 546 -53.08 -40.56 -2.62
CA GLY I 546 -52.00 -39.71 -3.11
C GLY I 546 -52.23 -39.16 -4.49
N ASP I 547 -53.13 -39.81 -5.25
CA ASP I 547 -53.42 -39.37 -6.61
C ASP I 547 -54.71 -38.56 -6.66
N LYS I 548 -55.85 -39.22 -6.47
CA LYS I 548 -57.14 -38.54 -6.50
C LYS I 548 -57.46 -37.81 -5.21
N GLY I 549 -56.80 -38.17 -4.10
CA GLY I 549 -57.10 -37.54 -2.83
C GLY I 549 -58.42 -37.96 -2.23
N LYS I 550 -58.88 -39.17 -2.53
CA LYS I 550 -60.15 -39.65 -2.02
C LYS I 550 -60.05 -39.99 -0.54
N ILE I 551 -61.20 -40.03 0.11
CA ILE I 551 -61.30 -40.35 1.54
C ILE I 551 -61.48 -41.85 1.71
N VAL I 552 -61.42 -42.58 0.60
CA VAL I 552 -61.60 -44.03 0.65
C VAL I 552 -60.56 -44.67 1.57
N ASP I 553 -60.97 -45.75 2.24
CA ASP I 553 -60.11 -46.41 3.21
C ASP I 553 -58.89 -47.02 2.53
N MET I 554 -57.83 -47.20 3.32
CA MET I 554 -56.59 -47.77 2.82
C MET I 554 -56.65 -49.29 2.67
N VAL I 555 -57.71 -49.92 3.15
CA VAL I 555 -57.85 -51.37 2.98
C VAL I 555 -58.07 -51.73 1.52
N SER I 556 -58.76 -50.86 0.77
CA SER I 556 -59.03 -51.14 -0.64
C SER I 556 -57.74 -51.08 -1.45
N TYR I 557 -56.97 -50.00 -1.31
CA TYR I 557 -55.74 -49.88 -2.08
C TYR I 557 -54.60 -50.71 -1.49
N GLY I 558 -54.61 -50.93 -0.18
CA GLY I 558 -53.67 -51.82 0.44
C GLY I 558 -52.42 -51.21 1.04
N ILE I 559 -52.41 -49.91 1.34
CA ILE I 559 -51.25 -49.30 1.97
C ILE I 559 -51.11 -49.83 3.39
N TRP I 560 -49.95 -50.41 3.70
CA TRP I 560 -49.65 -50.90 5.03
C TRP I 560 -48.16 -50.77 5.27
N GLU I 561 -47.78 -50.42 6.49
CA GLU I 561 -46.39 -50.24 6.86
C GLU I 561 -46.14 -50.85 8.23
N PRO I 562 -44.94 -51.37 8.47
CA PRO I 562 -44.65 -51.97 9.78
C PRO I 562 -44.82 -50.97 10.91
N GLU I 563 -45.17 -51.50 12.08
CA GLU I 563 -45.38 -50.65 13.25
C GLU I 563 -44.08 -50.01 13.72
N VAL I 564 -42.94 -50.66 13.47
CA VAL I 564 -41.66 -50.13 13.90
C VAL I 564 -41.38 -48.78 13.22
N ILE I 565 -41.77 -48.66 11.95
CA ILE I 565 -41.59 -47.40 11.23
C ILE I 565 -42.43 -46.30 11.87
N LYS I 566 -43.67 -46.63 12.27
CA LYS I 566 -44.52 -45.64 12.91
C LYS I 566 -44.04 -45.30 14.32
N GLN I 567 -43.47 -46.28 15.03
CA GLN I 567 -43.00 -46.02 16.39
C GLN I 567 -41.71 -45.20 16.37
N GLN I 568 -40.75 -45.58 15.53
CA GLN I 568 -39.50 -44.86 15.47
C GLN I 568 -39.67 -43.42 14.98
N SER I 569 -40.74 -43.16 14.22
CA SER I 569 -40.98 -41.81 13.74
C SER I 569 -41.55 -40.92 14.86
N VAL I 570 -42.41 -41.48 15.71
CA VAL I 570 -43.00 -40.69 16.79
C VAL I 570 -42.01 -40.54 17.94
N LYS I 571 -41.29 -41.61 18.28
CA LYS I 571 -40.37 -41.55 19.41
C LYS I 571 -39.24 -40.56 19.14
N THR I 572 -38.74 -40.51 17.90
CA THR I 572 -37.64 -39.61 17.60
C THR I 572 -38.09 -38.15 17.63
N ALA I 573 -39.32 -37.87 17.19
CA ALA I 573 -39.80 -36.50 17.16
C ALA I 573 -40.03 -35.96 18.57
N ILE I 574 -40.50 -36.81 19.49
CA ILE I 574 -40.75 -36.35 20.85
C ILE I 574 -39.44 -36.15 21.60
N GLU I 575 -38.48 -37.05 21.43
CA GLU I 575 -37.19 -36.91 22.11
C GLU I 575 -36.41 -35.72 21.56
N SER I 576 -36.57 -35.40 20.28
CA SER I 576 -35.87 -34.26 19.70
C SER I 576 -36.51 -32.94 20.07
N ALA I 577 -37.83 -32.91 20.24
CA ALA I 577 -38.51 -31.67 20.61
C ALA I 577 -38.12 -31.22 22.00
N CYS I 578 -37.98 -32.16 22.94
CA CYS I 578 -37.59 -31.82 24.30
C CYS I 578 -36.14 -31.32 24.38
N LEU I 579 -35.31 -31.64 23.39
CA LEU I 579 -33.92 -31.22 23.42
C LEU I 579 -33.76 -29.75 23.06
N LEU I 580 -34.45 -29.31 22.01
CA LEU I 580 -34.29 -27.93 21.54
C LEU I 580 -35.09 -26.94 22.40
N LEU I 581 -36.15 -27.39 23.05
CA LEU I 581 -36.91 -26.51 23.94
C LEU I 581 -36.18 -26.20 25.23
N ARG I 582 -35.14 -26.97 25.57
CA ARG I 582 -34.37 -26.75 26.78
C ARG I 582 -33.15 -25.88 26.57
N VAL I 583 -32.93 -25.37 25.35
CA VAL I 583 -31.77 -24.54 25.06
C VAL I 583 -32.19 -23.09 25.20
N ASP I 584 -31.70 -22.42 26.25
CA ASP I 584 -31.99 -21.02 26.50
C ASP I 584 -30.88 -20.08 26.04
N ASP I 585 -29.77 -20.61 25.54
CA ASP I 585 -28.65 -19.77 25.16
C ASP I 585 -27.86 -20.46 24.05
N ILE I 586 -27.27 -19.64 23.16
CA ILE I 586 -26.44 -20.12 22.07
C ILE I 586 -25.14 -19.33 22.10
N VAL I 587 -24.02 -20.02 22.32
CA VAL I 587 -22.71 -19.39 22.39
C VAL I 587 -21.76 -20.14 21.45
N SER I 588 -20.75 -19.44 20.96
CA SER I 588 -19.79 -19.99 20.03
C SER I 588 -18.40 -19.47 20.39
N GLY I 589 -17.41 -19.83 19.57
CA GLY I 589 -16.05 -19.39 19.78
C GLY I 589 -15.22 -20.25 20.71
N VAL I 590 -15.73 -21.42 21.12
CA VAL I 590 -14.99 -22.26 22.05
C VAL I 590 -13.73 -22.81 21.39
N ARG I 591 -13.88 -23.44 20.23
CA ARG I 591 -12.77 -24.04 19.48
C ARG I 591 -12.02 -25.06 20.35
N LYS I 592 -12.71 -26.16 20.62
CA LYS I 592 -12.15 -27.24 21.43
C LYS I 592 -11.07 -27.98 20.66
N VAL J 6 13.85 8.29 -26.39
CA VAL J 6 12.66 8.36 -27.23
C VAL J 6 12.67 9.63 -28.07
N PHE J 7 11.80 9.68 -29.07
CA PHE J 7 11.70 10.83 -29.96
C PHE J 7 10.24 11.16 -30.20
N MET J 8 9.88 12.43 -30.00
CA MET J 8 8.56 12.99 -30.30
C MET J 8 7.42 12.12 -29.78
N ASN J 9 6.36 11.99 -30.57
CA ASN J 9 5.28 11.03 -30.31
C ASN J 9 5.15 10.18 -31.57
N ALA J 10 5.51 8.91 -31.47
CA ALA J 10 5.78 8.07 -32.64
C ALA J 10 6.18 6.67 -32.22
N SER J 11 6.48 5.82 -33.21
CA SER J 11 6.95 4.44 -33.00
C SER J 11 5.84 3.65 -32.31
N GLN J 12 6.06 3.10 -31.12
CA GLN J 12 5.20 2.06 -30.54
C GLN J 12 5.27 0.88 -31.51
N GLU J 13 4.15 0.42 -32.07
CA GLU J 13 4.17 -0.60 -33.12
C GLU J 13 3.80 0.06 -34.43
N ARG J 14 4.77 0.20 -35.33
CA ARG J 14 4.54 0.79 -36.64
C ARG J 14 4.22 -0.32 -37.63
N THR J 15 3.07 -0.20 -38.30
CA THR J 15 2.66 -1.18 -39.30
C THR J 15 3.10 -0.68 -40.68
N THR J 16 4.06 -1.37 -41.28
CA THR J 16 4.63 -0.96 -42.56
C THR J 16 4.58 -2.13 -43.54
N GLY J 17 4.77 -1.81 -44.82
CA GLY J 17 4.78 -2.84 -45.84
C GLY J 17 3.39 -3.16 -46.35
N ARG J 18 3.22 -4.41 -46.78
CA ARG J 18 1.94 -4.86 -47.32
C ARG J 18 0.90 -5.12 -46.24
N GLN J 19 1.33 -5.37 -45.00
CA GLN J 19 0.37 -5.65 -43.93
C GLN J 19 -0.41 -4.41 -43.52
N ALA J 20 0.08 -3.21 -43.86
CA ALA J 20 -0.68 -2.00 -43.55
C ALA J 20 -1.89 -1.87 -44.46
N GLN J 21 -1.76 -2.27 -45.72
CA GLN J 21 -2.90 -2.28 -46.64
C GLN J 21 -3.82 -3.46 -46.37
N ILE J 22 -3.27 -4.59 -45.92
CA ILE J 22 -4.09 -5.74 -45.58
C ILE J 22 -4.97 -5.42 -44.37
N SER J 23 -4.43 -4.72 -43.38
CA SER J 23 -5.22 -4.32 -42.23
C SER J 23 -6.31 -3.34 -42.61
N ASN J 24 -6.09 -2.55 -43.66
CA ASN J 24 -7.11 -1.62 -44.13
C ASN J 24 -8.21 -2.34 -44.91
N ILE J 25 -7.86 -3.44 -45.59
CA ILE J 25 -8.86 -4.19 -46.33
C ILE J 25 -9.69 -5.05 -45.39
N THR J 26 -9.05 -5.68 -44.41
CA THR J 26 -9.77 -6.55 -43.48
C THR J 26 -10.70 -5.76 -42.58
N ALA J 27 -10.26 -4.60 -42.11
CA ALA J 27 -11.10 -3.79 -41.23
C ALA J 27 -12.29 -3.21 -41.98
N ALA J 28 -12.08 -2.75 -43.22
CA ALA J 28 -13.19 -2.20 -43.99
C ALA J 28 -14.15 -3.29 -44.46
N LYS J 29 -13.65 -4.52 -44.63
CA LYS J 29 -14.53 -5.61 -45.02
C LYS J 29 -15.47 -6.01 -43.89
N ALA J 30 -15.03 -5.86 -42.64
CA ALA J 30 -15.88 -6.21 -41.50
C ALA J 30 -17.04 -5.22 -41.34
N VAL J 31 -16.94 -4.04 -41.93
CA VAL J 31 -18.04 -3.08 -41.84
C VAL J 31 -19.23 -3.55 -42.65
N ALA J 32 -18.99 -4.06 -43.86
CA ALA J 32 -20.08 -4.54 -44.70
C ALA J 32 -20.59 -5.91 -44.30
N ASP J 33 -19.84 -6.65 -43.48
CA ASP J 33 -20.29 -7.97 -43.07
C ASP J 33 -21.38 -7.92 -42.02
N VAL J 34 -21.45 -6.84 -41.24
CA VAL J 34 -22.48 -6.72 -40.22
C VAL J 34 -23.83 -6.41 -40.85
N ILE J 35 -23.84 -5.50 -41.82
CA ILE J 35 -25.09 -5.10 -42.49
C ILE J 35 -25.30 -5.95 -43.73
N ARG J 36 -24.44 -6.96 -43.93
CA ARG J 36 -24.59 -7.86 -45.06
C ARG J 36 -25.98 -8.50 -45.10
N THR J 37 -26.56 -8.77 -43.92
CA THR J 37 -27.91 -9.31 -43.84
C THR J 37 -28.98 -8.23 -43.86
N CYS J 38 -28.59 -6.95 -43.96
CA CYS J 38 -29.54 -5.85 -43.97
C CYS J 38 -29.98 -5.46 -45.37
N LEU J 39 -29.55 -6.18 -46.40
CA LEU J 39 -29.92 -5.90 -47.78
C LEU J 39 -30.95 -6.92 -48.27
N GLY J 40 -31.96 -6.42 -48.98
CA GLY J 40 -32.99 -7.27 -49.54
C GLY J 40 -34.32 -7.14 -48.83
N PRO J 41 -35.39 -7.63 -49.46
CA PRO J 41 -36.71 -7.58 -48.82
C PRO J 41 -36.83 -8.49 -47.62
N LYS J 42 -36.05 -9.57 -47.56
CA LYS J 42 -36.05 -10.49 -46.43
C LYS J 42 -35.05 -10.09 -45.36
N ALA J 43 -34.41 -8.93 -45.50
CA ALA J 43 -33.37 -8.51 -44.58
C ALA J 43 -33.87 -8.48 -43.14
N MET J 44 -32.99 -8.85 -42.22
CA MET J 44 -33.31 -8.90 -40.80
C MET J 44 -33.17 -7.51 -40.20
N LEU J 45 -33.24 -7.42 -38.88
CA LEU J 45 -33.09 -6.16 -38.16
C LEU J 45 -31.88 -6.23 -37.23
N LYS J 46 -31.37 -5.05 -36.88
CA LYS J 46 -30.22 -4.93 -35.99
C LYS J 46 -30.58 -3.99 -34.85
N MET J 47 -30.46 -4.47 -33.62
CA MET J 47 -30.74 -3.67 -32.43
C MET J 47 -29.44 -3.08 -31.90
N LEU J 48 -29.44 -1.77 -31.69
CA LEU J 48 -28.27 -1.05 -31.23
C LEU J 48 -28.49 -0.53 -29.81
N LEU J 49 -27.41 -0.50 -29.04
CA LEU J 49 -27.44 -0.02 -27.66
C LEU J 49 -26.53 1.20 -27.56
N ASP J 50 -27.13 2.36 -27.33
CA ASP J 50 -26.40 3.61 -27.21
C ASP J 50 -25.98 3.86 -25.77
N PRO J 51 -24.94 4.67 -25.56
CA PRO J 51 -24.54 4.99 -24.17
C PRO J 51 -25.55 5.86 -23.43
N MET J 52 -26.46 6.52 -24.15
CA MET J 52 -27.47 7.35 -23.48
C MET J 52 -28.55 6.52 -22.82
N GLY J 53 -28.69 5.24 -23.19
CA GLY J 53 -29.69 4.37 -22.60
C GLY J 53 -30.89 4.08 -23.47
N GLY J 54 -30.94 4.63 -24.69
CA GLY J 54 -32.05 4.39 -25.59
C GLY J 54 -31.89 3.09 -26.36
N LEU J 55 -32.68 2.96 -27.41
CA LEU J 55 -32.66 1.78 -28.27
C LEU J 55 -32.89 2.21 -29.71
N VAL J 56 -32.10 1.67 -30.62
CA VAL J 56 -32.24 1.91 -32.05
C VAL J 56 -32.31 0.57 -32.74
N LEU J 57 -33.48 0.25 -33.32
CA LEU J 57 -33.70 -1.00 -34.05
C LEU J 57 -34.12 -0.65 -35.47
N THR J 58 -33.25 -0.95 -36.43
CA THR J 58 -33.55 -0.67 -37.83
C THR J 58 -32.70 -1.57 -38.72
N ASN J 59 -33.16 -1.74 -39.96
CA ASN J 59 -32.42 -2.47 -40.97
C ASN J 59 -31.61 -1.56 -41.89
N ASP J 60 -31.71 -0.24 -41.71
CA ASP J 60 -31.01 0.71 -42.56
C ASP J 60 -29.55 0.80 -42.11
N GLY J 61 -28.63 0.58 -43.04
CA GLY J 61 -27.22 0.66 -42.72
C GLY J 61 -26.74 2.03 -42.31
N HIS J 62 -27.52 3.07 -42.61
CA HIS J 62 -27.14 4.43 -42.22
C HIS J 62 -27.23 4.61 -40.71
N ALA J 63 -28.39 4.29 -40.14
CA ALA J 63 -28.57 4.45 -38.69
C ALA J 63 -27.78 3.41 -37.90
N ILE J 64 -27.47 2.27 -38.50
CA ILE J 64 -26.70 1.25 -37.79
C ILE J 64 -25.25 1.69 -37.64
N LEU J 65 -24.64 2.12 -38.74
CA LEU J 65 -23.23 2.54 -38.70
C LEU J 65 -23.04 3.89 -38.03
N ARG J 66 -24.10 4.67 -37.83
CA ARG J 66 -23.96 5.98 -37.22
C ARG J 66 -23.75 5.88 -35.72
N GLU J 67 -24.58 5.08 -35.03
CA GLU J 67 -24.48 4.97 -33.58
C GLU J 67 -23.35 4.07 -33.13
N ILE J 68 -22.97 3.09 -33.95
CA ILE J 68 -21.88 2.18 -33.58
C ILE J 68 -20.56 2.94 -33.59
N ASP J 69 -19.80 2.83 -32.50
CA ASP J 69 -18.51 3.48 -32.37
C ASP J 69 -17.44 2.50 -32.82
N VAL J 70 -16.78 2.80 -33.93
CA VAL J 70 -15.72 1.97 -34.49
C VAL J 70 -14.42 2.77 -34.41
N ALA J 71 -13.44 2.24 -33.68
CA ALA J 71 -12.14 2.88 -33.53
C ALA J 71 -11.14 2.17 -34.44
N HIS J 72 -10.74 2.84 -35.52
CA HIS J 72 -9.80 2.34 -36.50
C HIS J 72 -9.61 3.40 -37.58
N PRO J 73 -8.38 3.64 -38.03
CA PRO J 73 -8.18 4.70 -39.04
C PRO J 73 -8.89 4.45 -40.35
N ALA J 74 -8.81 3.23 -40.90
CA ALA J 74 -9.44 2.95 -42.18
C ALA J 74 -10.92 2.65 -42.04
N ALA J 75 -11.32 1.94 -40.98
CA ALA J 75 -12.71 1.53 -40.82
C ALA J 75 -13.65 2.71 -40.59
N LYS J 76 -13.14 3.83 -40.09
CA LYS J 76 -14.00 4.99 -39.87
C LYS J 76 -14.36 5.66 -41.20
N SER J 77 -13.50 5.52 -42.21
CA SER J 77 -13.82 6.08 -43.53
C SER J 77 -15.06 5.43 -44.12
N MET J 78 -15.31 4.15 -43.80
CA MET J 78 -16.53 3.50 -44.26
C MET J 78 -17.75 4.04 -43.51
N LEU J 79 -17.57 4.51 -42.28
CA LEU J 79 -18.69 5.08 -41.53
C LEU J 79 -19.14 6.41 -42.12
N GLU J 80 -18.19 7.19 -42.68
CA GLU J 80 -18.55 8.47 -43.27
C GLU J 80 -19.31 8.32 -44.57
N LEU J 81 -19.22 7.16 -45.22
CA LEU J 81 -19.94 6.95 -46.47
C LEU J 81 -21.44 6.81 -46.24
N SER J 82 -21.87 6.58 -45.00
CA SER J 82 -23.31 6.46 -44.73
C SER J 82 -24.02 7.79 -44.90
N ARG J 83 -23.43 8.88 -44.37
CA ARG J 83 -24.02 10.20 -44.53
C ARG J 83 -23.85 10.76 -45.94
N THR J 84 -22.98 10.17 -46.75
CA THR J 84 -22.85 10.62 -48.14
C THR J 84 -24.09 10.26 -48.94
N GLN J 85 -24.62 9.06 -48.75
CA GLN J 85 -25.82 8.64 -49.47
C GLN J 85 -27.08 9.23 -48.85
N ASP J 86 -27.09 9.47 -47.54
CA ASP J 86 -28.28 10.00 -46.88
C ASP J 86 -28.49 11.47 -47.23
N GLU J 87 -27.44 12.29 -47.05
CA GLU J 87 -27.61 13.73 -47.24
C GLU J 87 -27.81 14.10 -48.70
N GLU J 88 -27.16 13.39 -49.62
CA GLU J 88 -27.32 13.70 -51.03
C GLU J 88 -28.62 13.14 -51.59
N VAL J 89 -28.98 11.92 -51.20
CA VAL J 89 -30.19 11.27 -51.71
C VAL J 89 -31.06 10.81 -50.56
N GLY J 90 -30.55 9.88 -49.76
CA GLY J 90 -31.30 9.30 -48.66
C GLY J 90 -31.71 7.87 -48.86
N ASP J 91 -31.53 7.30 -50.05
CA ASP J 91 -31.86 5.92 -50.33
C ASP J 91 -30.64 5.20 -50.86
N GLY J 92 -30.44 3.96 -50.41
CA GLY J 92 -29.30 3.17 -50.84
C GLY J 92 -28.09 3.25 -49.94
N THR J 93 -28.26 3.66 -48.69
CA THR J 93 -27.12 3.75 -47.78
C THR J 93 -26.52 2.38 -47.49
N THR J 94 -27.37 1.35 -47.40
CA THR J 94 -26.87 0.00 -47.15
C THR J 94 -26.15 -0.55 -48.36
N THR J 95 -26.63 -0.22 -49.56
CA THR J 95 -26.02 -0.74 -50.78
C THR J 95 -24.62 -0.17 -50.99
N VAL J 96 -24.40 1.10 -50.63
CA VAL J 96 -23.10 1.72 -50.84
C VAL J 96 -22.04 1.09 -49.96
N ILE J 97 -22.38 0.84 -48.69
CA ILE J 97 -21.40 0.28 -47.76
C ILE J 97 -21.03 -1.15 -48.16
N ILE J 98 -22.03 -1.94 -48.57
CA ILE J 98 -21.77 -3.31 -49.00
C ILE J 98 -20.94 -3.30 -50.29
N LEU J 99 -21.26 -2.41 -51.21
CA LEU J 99 -20.51 -2.34 -52.47
C LEU J 99 -19.09 -1.84 -52.23
N ALA J 100 -18.93 -0.73 -51.51
CA ALA J 100 -17.60 -0.19 -51.25
C ALA J 100 -16.77 -1.15 -50.40
N GLY J 101 -17.42 -1.94 -49.54
CA GLY J 101 -16.68 -2.91 -48.76
C GLY J 101 -16.18 -4.08 -49.60
N GLU J 102 -16.96 -4.49 -50.60
CA GLU J 102 -16.54 -5.57 -51.47
C GLU J 102 -15.54 -5.11 -52.52
N ILE J 103 -15.66 -3.86 -53.00
CA ILE J 103 -14.74 -3.37 -54.01
C ILE J 103 -13.30 -3.40 -53.49
N LEU J 104 -13.10 -2.93 -52.26
CA LEU J 104 -11.74 -2.91 -51.71
C LEU J 104 -11.16 -4.31 -51.62
N ALA J 105 -11.98 -5.30 -51.28
CA ALA J 105 -11.50 -6.68 -51.20
C ALA J 105 -11.45 -7.34 -52.57
N GLN J 106 -12.48 -7.15 -53.40
CA GLN J 106 -12.55 -7.87 -54.68
C GLN J 106 -11.70 -7.20 -55.75
N CYS J 107 -11.68 -5.87 -55.80
CA CYS J 107 -10.94 -5.20 -56.85
C CYS J 107 -9.44 -5.10 -56.55
N ALA J 108 -9.04 -5.19 -55.28
CA ALA J 108 -7.62 -5.11 -54.92
C ALA J 108 -7.26 -6.19 -53.89
N PRO J 109 -7.40 -7.47 -54.25
CA PRO J 109 -6.66 -8.51 -53.50
C PRO J 109 -5.18 -8.49 -53.81
N TYR J 110 -4.81 -7.95 -54.96
CA TYR J 110 -3.43 -7.90 -55.42
C TYR J 110 -2.64 -6.86 -54.62
N LEU J 111 -1.31 -6.95 -54.75
CA LEU J 111 -0.25 -6.41 -53.92
C LEU J 111 0.04 -7.34 -52.75
N ILE J 112 -0.85 -8.30 -52.46
CA ILE J 112 -0.48 -9.45 -51.67
C ILE J 112 0.23 -10.50 -52.53
N GLU J 113 -0.12 -10.56 -53.81
CA GLU J 113 0.42 -11.56 -54.73
C GLU J 113 1.10 -10.90 -55.93
N LYS J 114 0.32 -10.21 -56.76
CA LYS J 114 0.86 -9.59 -57.96
C LYS J 114 1.84 -8.45 -57.67
N ASN J 115 1.73 -7.83 -56.49
CA ASN J 115 2.55 -6.66 -56.15
C ASN J 115 2.34 -5.52 -57.16
N ILE J 116 1.07 -5.22 -57.42
CA ILE J 116 0.69 -4.13 -58.32
C ILE J 116 0.59 -2.85 -57.52
N HIS J 117 1.11 -1.75 -58.08
CA HIS J 117 1.10 -0.48 -57.39
C HIS J 117 -0.33 0.05 -57.30
N PRO J 118 -0.70 0.69 -56.19
CA PRO J 118 -2.10 1.14 -56.03
C PRO J 118 -2.53 2.16 -57.08
N VAL J 119 -1.67 3.11 -57.44
CA VAL J 119 -2.05 4.13 -58.41
C VAL J 119 -2.37 3.51 -59.76
N ILE J 120 -1.66 2.44 -60.12
CA ILE J 120 -1.98 1.72 -61.36
C ILE J 120 -3.40 1.16 -61.30
N ILE J 121 -3.81 0.70 -60.11
CA ILE J 121 -5.19 0.23 -59.94
C ILE J 121 -6.16 1.42 -59.95
N ILE J 122 -5.75 2.54 -59.38
CA ILE J 122 -6.61 3.72 -59.33
C ILE J 122 -6.90 4.23 -60.74
N GLN J 123 -5.88 4.21 -61.60
CA GLN J 123 -6.09 4.66 -62.98
C GLN J 123 -7.09 3.78 -63.71
N ALA J 124 -7.16 2.49 -63.34
CA ALA J 124 -8.16 1.61 -63.95
C ALA J 124 -9.54 1.81 -63.35
N LEU J 125 -9.62 2.24 -62.09
CA LEU J 125 -10.92 2.48 -61.47
C LEU J 125 -11.58 3.74 -62.04
N LYS J 126 -10.79 4.72 -62.44
CA LYS J 126 -11.36 5.93 -63.04
C LYS J 126 -11.96 5.63 -64.41
N LYS J 127 -11.30 4.80 -65.20
CA LYS J 127 -11.87 4.41 -66.49
C LYS J 127 -13.03 3.45 -66.32
N ALA J 128 -13.03 2.65 -65.25
CA ALA J 128 -14.15 1.74 -65.00
C ALA J 128 -15.38 2.50 -64.51
N LEU J 129 -15.18 3.63 -63.82
CA LEU J 129 -16.31 4.42 -63.36
C LEU J 129 -16.98 5.14 -64.51
N THR J 130 -16.20 5.60 -65.50
CA THR J 130 -16.77 6.29 -66.64
C THR J 130 -17.59 5.33 -67.50
N ASP J 131 -17.08 4.11 -67.73
CA ASP J 131 -17.83 3.13 -68.52
C ASP J 131 -19.03 2.60 -67.77
N ALA J 132 -18.98 2.57 -66.44
CA ALA J 132 -20.12 2.08 -65.66
C ALA J 132 -21.29 3.05 -65.74
N LEU J 133 -21.03 4.34 -65.87
CA LEU J 133 -22.11 5.32 -65.98
C LEU J 133 -22.83 5.20 -67.30
N GLU J 134 -22.10 4.92 -68.39
CA GLU J 134 -22.73 4.79 -69.69
C GLU J 134 -23.61 3.54 -69.76
N VAL J 135 -23.20 2.47 -69.08
CA VAL J 135 -24.02 1.26 -69.07
C VAL J 135 -25.33 1.51 -68.36
N ILE J 136 -25.31 2.26 -67.26
CA ILE J 136 -26.53 2.56 -66.52
C ILE J 136 -27.45 3.45 -67.35
N LYS J 137 -26.87 4.39 -68.11
CA LYS J 137 -27.69 5.28 -68.93
C LYS J 137 -28.37 4.53 -70.07
N GLN J 138 -27.74 3.47 -70.58
CA GLN J 138 -28.34 2.72 -71.68
C GLN J 138 -29.46 1.79 -71.20
N VAL J 139 -29.34 1.25 -69.99
CA VAL J 139 -30.36 0.35 -69.45
C VAL J 139 -31.47 1.10 -68.73
N SER J 140 -31.43 2.42 -68.69
CA SER J 140 -32.41 3.23 -67.99
C SER J 140 -33.48 3.69 -68.97
N LYS J 141 -34.74 3.39 -68.66
CA LYS J 141 -35.87 3.80 -69.48
C LYS J 141 -36.62 4.92 -68.78
N PRO J 142 -36.83 6.06 -69.45
CA PRO J 142 -37.50 7.19 -68.79
C PRO J 142 -38.97 6.86 -68.49
N VAL J 143 -39.47 7.49 -67.43
CA VAL J 143 -40.83 7.27 -66.96
C VAL J 143 -41.50 8.63 -66.76
N ASP J 144 -42.80 8.68 -67.04
CA ASP J 144 -43.56 9.92 -66.88
C ASP J 144 -43.70 10.26 -65.39
N VAL J 145 -43.43 11.52 -65.04
CA VAL J 145 -43.54 11.95 -63.66
C VAL J 145 -44.94 12.42 -63.30
N GLU J 146 -45.82 12.61 -64.27
CA GLU J 146 -47.18 13.05 -64.02
C GLU J 146 -48.16 11.91 -63.82
N ASN J 147 -47.70 10.67 -63.87
CA ASN J 147 -48.56 9.50 -63.68
C ASN J 147 -48.59 9.15 -62.20
N ASP J 148 -49.77 9.21 -61.59
CA ASP J 148 -49.89 8.88 -60.18
C ASP J 148 -49.71 7.39 -59.95
N ALA J 149 -50.17 6.56 -60.89
CA ALA J 149 -50.02 5.12 -60.73
C ALA J 149 -48.57 4.68 -60.87
N ALA J 150 -47.77 5.42 -61.64
CA ALA J 150 -46.36 5.08 -61.80
C ALA J 150 -45.53 5.48 -60.58
N MET J 151 -45.93 6.56 -59.90
CA MET J 151 -45.18 7.01 -58.72
C MET J 151 -45.46 6.13 -57.51
N LYS J 152 -46.64 5.49 -57.46
CA LYS J 152 -46.95 4.61 -56.34
C LYS J 152 -46.05 3.38 -56.32
N LYS J 153 -45.86 2.75 -57.48
CA LYS J 153 -44.98 1.60 -57.56
C LYS J 153 -43.51 1.98 -57.42
N LEU J 154 -43.17 3.24 -57.67
CA LEU J 154 -41.79 3.69 -57.52
C LEU J 154 -41.43 3.92 -56.06
N ILE J 155 -42.38 4.43 -55.27
CA ILE J 155 -42.13 4.65 -53.85
C ILE J 155 -42.03 3.32 -53.11
N GLN J 156 -42.76 2.30 -53.57
CA GLN J 156 -42.72 0.98 -52.94
C GLN J 156 -41.37 0.28 -53.09
N ALA J 157 -40.45 0.83 -53.88
CA ALA J 157 -39.13 0.22 -54.05
C ALA J 157 -38.40 0.16 -52.71
N SER J 158 -38.26 1.30 -52.04
CA SER J 158 -37.64 1.32 -50.72
C SER J 158 -38.55 0.73 -49.65
N ILE J 159 -39.85 0.63 -49.92
CA ILE J 159 -40.77 0.08 -48.93
C ILE J 159 -40.68 -1.44 -48.89
N GLY J 160 -40.37 -2.08 -50.02
CA GLY J 160 -40.33 -3.53 -50.08
C GLY J 160 -39.33 -4.17 -49.13
N THR J 161 -38.28 -3.45 -48.76
CA THR J 161 -37.26 -3.97 -47.85
C THR J 161 -37.54 -3.59 -46.40
N LYS J 162 -38.58 -2.82 -46.12
CA LYS J 162 -38.89 -2.35 -44.79
C LYS J 162 -40.09 -3.11 -44.22
N TYR J 163 -40.49 -2.73 -43.01
CA TYR J 163 -41.61 -3.33 -42.31
C TYR J 163 -42.95 -2.75 -42.73
N VAL J 164 -42.96 -1.64 -43.45
CA VAL J 164 -44.19 -0.93 -43.80
C VAL J 164 -44.76 -1.47 -45.11
N ILE J 165 -44.15 -2.53 -45.64
CA ILE J 165 -44.62 -3.13 -46.88
C ILE J 165 -46.05 -3.63 -46.75
N HIS J 166 -46.48 -3.98 -45.53
CA HIS J 166 -47.86 -4.38 -45.33
C HIS J 166 -48.80 -3.20 -45.53
N TRP J 167 -48.37 -1.99 -45.15
CA TRP J 167 -49.13 -0.77 -45.35
C TRP J 167 -48.74 -0.05 -46.63
N SER J 168 -47.90 -0.65 -47.47
CA SER J 168 -47.39 0.02 -48.67
C SER J 168 -48.50 0.63 -49.51
N GLU J 169 -49.67 0.01 -49.52
CA GLU J 169 -50.81 0.60 -50.23
C GLU J 169 -51.23 1.92 -49.58
N LYS J 170 -51.20 1.98 -48.25
CA LYS J 170 -51.47 3.23 -47.55
C LYS J 170 -50.25 4.14 -47.52
N MET J 171 -49.04 3.58 -47.50
CA MET J 171 -47.84 4.39 -47.37
C MET J 171 -47.58 5.22 -48.63
N CYS J 172 -47.89 4.68 -49.80
CA CYS J 172 -47.66 5.44 -51.03
C CYS J 172 -48.60 6.64 -51.12
N GLU J 173 -49.75 6.58 -50.46
CA GLU J 173 -50.64 7.73 -50.41
C GLU J 173 -50.05 8.86 -49.57
N LEU J 174 -49.30 8.51 -48.53
CA LEU J 174 -48.74 9.53 -47.65
C LEU J 174 -47.50 10.18 -48.25
N ALA J 175 -46.69 9.39 -48.97
CA ALA J 175 -45.45 9.92 -49.53
C ALA J 175 -45.71 10.73 -50.80
N LEU J 176 -46.74 10.39 -51.57
CA LEU J 176 -47.01 11.12 -52.81
C LEU J 176 -47.56 12.51 -52.53
N ASP J 177 -48.49 12.63 -51.57
CA ASP J 177 -49.06 13.92 -51.25
C ASP J 177 -48.08 14.82 -50.47
N ALA J 178 -47.10 14.23 -49.81
CA ALA J 178 -46.14 15.03 -49.04
C ALA J 178 -45.10 15.68 -49.95
N VAL J 179 -44.64 14.95 -50.97
CA VAL J 179 -43.63 15.51 -51.88
C VAL J 179 -44.26 16.48 -52.86
N LYS J 180 -45.48 16.19 -53.31
CA LYS J 180 -46.16 17.07 -54.27
C LYS J 180 -46.50 18.42 -53.63
N THR J 181 -46.82 18.43 -52.33
CA THR J 181 -47.15 19.68 -51.68
C THR J 181 -45.92 20.56 -51.49
N VAL J 182 -44.80 19.96 -51.08
CA VAL J 182 -43.58 20.73 -50.85
C VAL J 182 -42.99 21.19 -52.18
N ARG J 183 -43.25 20.45 -53.26
CA ARG J 183 -42.71 20.81 -54.56
C ARG J 183 -43.20 22.19 -54.99
N LYS J 184 -42.26 23.05 -55.39
CA LYS J 184 -42.55 24.41 -55.80
C LYS J 184 -42.05 24.63 -57.22
N ASP J 185 -42.90 25.21 -58.07
CA ASP J 185 -42.53 25.48 -59.45
C ASP J 185 -41.95 26.89 -59.57
N PHE J 196 -35.66 23.50 -61.29
CA PHE J 196 -37.12 23.41 -61.34
C PHE J 196 -37.63 22.31 -60.41
N GLU J 197 -38.79 22.56 -59.80
CA GLU J 197 -39.41 21.61 -58.88
C GLU J 197 -38.47 21.22 -57.74
N ILE J 198 -37.91 22.23 -57.10
CA ILE J 198 -36.96 22.03 -56.01
C ILE J 198 -37.71 21.94 -54.70
N ASP J 199 -37.48 20.86 -53.95
CA ASP J 199 -38.11 20.65 -52.66
C ASP J 199 -37.04 20.32 -51.62
N ILE J 200 -37.44 20.44 -50.35
CA ILE J 200 -36.52 20.21 -49.24
C ILE J 200 -37.32 19.65 -48.06
N LYS J 201 -36.68 18.80 -47.27
CA LYS J 201 -37.33 18.13 -46.16
C LYS J 201 -37.31 18.94 -44.87
N ARG J 202 -36.74 20.15 -44.88
CA ARG J 202 -36.76 20.98 -43.68
C ARG J 202 -38.17 21.43 -43.33
N TYR J 203 -39.05 21.53 -44.31
CA TYR J 203 -40.43 21.90 -44.07
C TYR J 203 -41.34 20.71 -43.81
N VAL J 204 -40.86 19.49 -43.99
CA VAL J 204 -41.64 18.30 -43.69
C VAL J 204 -41.51 17.99 -42.20
N ARG J 205 -42.65 17.81 -41.53
CA ARG J 205 -42.66 17.64 -40.09
C ARG J 205 -42.61 16.15 -39.75
N VAL J 206 -41.71 15.79 -38.82
CA VAL J 206 -41.53 14.41 -38.40
C VAL J 206 -42.35 14.08 -37.15
N GLU J 207 -43.16 15.02 -36.67
CA GLU J 207 -43.89 14.86 -35.42
C GLU J 207 -44.71 13.58 -35.43
N LYS J 208 -44.70 12.87 -34.31
CA LYS J 208 -45.30 11.54 -34.18
C LYS J 208 -46.36 11.53 -33.09
N ILE J 209 -47.36 10.69 -33.27
CA ILE J 209 -48.44 10.49 -32.30
C ILE J 209 -48.29 9.09 -31.72
N PRO J 210 -48.10 8.94 -30.42
CA PRO J 210 -48.00 7.59 -29.84
C PRO J 210 -49.35 6.89 -29.85
N GLY J 211 -49.33 5.60 -30.16
CA GLY J 211 -50.54 4.80 -30.22
C GLY J 211 -51.36 5.10 -31.46
N GLY J 212 -52.43 4.32 -31.61
CA GLY J 212 -53.34 4.47 -32.74
C GLY J 212 -53.14 3.40 -33.79
N ASP J 213 -53.94 3.52 -34.85
CA ASP J 213 -53.90 2.58 -35.97
C ASP J 213 -53.20 3.23 -37.15
N VAL J 214 -52.32 2.46 -37.81
CA VAL J 214 -51.55 2.99 -38.93
C VAL J 214 -52.47 3.42 -40.06
N LEU J 215 -53.57 2.69 -40.26
CA LEU J 215 -54.51 3.05 -41.32
C LEU J 215 -55.19 4.38 -41.05
N ASP J 216 -55.32 4.76 -39.77
CA ASP J 216 -55.93 6.04 -39.42
C ASP J 216 -54.98 7.22 -39.58
N SER J 217 -53.68 6.96 -39.75
CA SER J 217 -52.73 8.05 -39.93
C SER J 217 -52.87 8.64 -41.33
N ARG J 218 -52.83 9.97 -41.40
CA ARG J 218 -52.99 10.66 -42.67
C ARG J 218 -52.20 11.96 -42.63
N VAL J 219 -51.78 12.42 -43.80
CA VAL J 219 -51.08 13.70 -43.91
C VAL J 219 -52.11 14.82 -43.91
N LEU J 220 -51.99 15.72 -42.95
CA LEU J 220 -52.90 16.86 -42.82
C LEU J 220 -52.13 18.15 -43.04
N LYS J 221 -52.65 19.01 -43.92
CA LYS J 221 -52.01 20.29 -44.18
C LYS J 221 -52.07 21.16 -42.94
N GLY J 222 -51.06 22.01 -42.80
CA GLY J 222 -50.94 22.87 -41.64
C GLY J 222 -49.89 22.37 -40.67
N VAL J 223 -49.89 23.01 -39.50
CA VAL J 223 -48.93 22.71 -38.43
C VAL J 223 -49.69 22.21 -37.23
N LEU J 224 -49.24 21.09 -36.67
CA LEU J 224 -49.86 20.50 -35.49
C LEU J 224 -49.15 21.03 -34.24
N LEU J 225 -49.87 21.77 -33.41
CA LEU J 225 -49.33 22.34 -32.19
C LEU J 225 -49.74 21.47 -31.00
N ASN J 226 -48.82 21.32 -30.06
CA ASN J 226 -49.02 20.47 -28.89
C ASN J 226 -49.60 21.24 -27.71
N LYS J 227 -49.97 22.52 -27.90
CA LYS J 227 -50.34 23.40 -26.81
C LYS J 227 -51.83 23.69 -26.84
N ASP J 228 -52.46 23.58 -25.67
CA ASP J 228 -53.87 23.94 -25.52
C ASP J 228 -54.05 25.46 -25.51
N VAL J 229 -55.29 25.89 -25.75
CA VAL J 229 -55.60 27.32 -25.68
C VAL J 229 -55.31 27.84 -24.27
N VAL J 230 -54.92 29.11 -24.18
CA VAL J 230 -54.46 29.67 -22.92
C VAL J 230 -55.63 29.95 -21.99
N HIS J 231 -56.74 30.47 -22.53
CA HIS J 231 -57.85 30.90 -21.70
C HIS J 231 -59.11 30.10 -22.01
N PRO J 232 -59.93 29.79 -21.01
CA PRO J 232 -61.12 28.97 -21.25
C PRO J 232 -62.10 29.61 -22.23
N LYS J 233 -62.16 30.94 -22.30
CA LYS J 233 -63.08 31.62 -23.21
C LYS J 233 -62.54 31.71 -24.62
N MET J 234 -61.32 31.24 -24.88
CA MET J 234 -60.80 31.21 -26.23
C MET J 234 -61.55 30.16 -27.05
N SER J 235 -62.03 30.57 -28.22
CA SER J 235 -62.81 29.67 -29.06
C SER J 235 -61.92 28.58 -29.62
N ARG J 236 -62.29 27.33 -29.38
CA ARG J 236 -61.57 26.17 -29.91
C ARG J 236 -62.10 25.72 -31.26
N HIS J 237 -63.15 26.35 -31.77
CA HIS J 237 -63.72 26.03 -33.08
C HIS J 237 -63.93 27.33 -33.84
N ILE J 238 -63.23 27.49 -34.96
CA ILE J 238 -63.30 28.69 -35.77
C ILE J 238 -63.46 28.28 -37.23
N GLU J 239 -64.40 28.91 -37.93
CA GLU J 239 -64.65 28.55 -39.33
C GLU J 239 -63.51 29.03 -40.23
N ASN J 240 -63.13 30.30 -40.12
CA ASN J 240 -62.07 30.88 -40.94
C ASN J 240 -61.06 31.57 -40.04
N PRO J 241 -60.10 30.82 -39.50
CA PRO J 241 -59.10 31.43 -38.63
C PRO J 241 -58.19 32.39 -39.39
N ARG J 242 -57.78 33.45 -38.71
CA ARG J 242 -56.85 34.45 -39.23
C ARG J 242 -55.64 34.48 -38.31
N VAL J 243 -54.50 34.04 -38.83
CA VAL J 243 -53.29 33.83 -38.03
C VAL J 243 -52.32 34.99 -38.26
N VAL J 244 -51.77 35.52 -37.17
CA VAL J 244 -50.75 36.56 -37.22
C VAL J 244 -49.61 36.15 -36.30
N LEU J 245 -48.40 36.16 -36.84
CA LEU J 245 -47.21 35.72 -36.11
C LEU J 245 -46.51 36.92 -35.49
N LEU J 246 -46.14 36.80 -34.22
CA LEU J 246 -45.42 37.85 -33.49
C LEU J 246 -44.17 37.25 -32.87
N ASP J 247 -43.01 37.80 -33.21
CA ASP J 247 -41.76 37.36 -32.59
C ASP J 247 -41.56 37.98 -31.22
N CYS J 248 -42.08 39.20 -31.00
CA CYS J 248 -41.86 39.87 -29.73
C CYS J 248 -42.81 39.34 -28.66
N PRO J 249 -42.35 39.26 -27.41
CA PRO J 249 -43.23 38.81 -26.34
C PRO J 249 -44.24 39.89 -25.96
N LEU J 250 -45.42 39.44 -25.53
CA LEU J 250 -46.47 40.35 -25.10
C LEU J 250 -46.19 40.95 -23.72
N GLU J 251 -45.15 40.49 -23.03
CA GLU J 251 -44.83 41.01 -21.71
C GLU J 251 -44.21 42.41 -21.84
N TYR J 252 -43.86 42.99 -20.69
CA TYR J 252 -43.24 44.31 -20.66
C TYR J 252 -41.74 44.16 -20.90
N LYS J 253 -41.24 44.84 -21.94
CA LYS J 253 -39.83 44.79 -22.26
C LYS J 253 -39.05 45.67 -21.30
N LYS J 254 -38.05 45.10 -20.63
CA LYS J 254 -37.24 45.87 -19.69
C LYS J 254 -36.35 46.86 -20.42
N GLY J 255 -35.82 46.48 -21.57
CA GLY J 255 -34.94 47.32 -22.36
C GLY J 255 -33.49 46.88 -22.27
N GLU J 256 -32.69 47.45 -23.17
CA GLU J 256 -31.26 47.11 -23.21
C GLU J 256 -30.52 47.76 -22.05
N SER J 257 -30.89 48.98 -21.68
CA SER J 257 -30.26 49.71 -20.61
C SER J 257 -31.23 49.85 -19.43
N GLN J 258 -30.67 49.93 -18.23
CA GLN J 258 -31.50 50.05 -17.04
C GLN J 258 -32.23 51.38 -17.01
N THR J 259 -33.49 51.35 -16.58
CA THR J 259 -34.29 52.57 -16.51
C THR J 259 -33.88 53.44 -15.33
N ASN J 260 -33.81 52.85 -14.14
CA ASN J 260 -33.32 53.53 -12.93
C ASN J 260 -34.11 54.81 -12.66
N ILE J 261 -35.43 54.66 -12.56
CA ILE J 261 -36.29 55.80 -12.29
C ILE J 261 -36.04 56.29 -10.87
N GLU J 262 -35.80 57.60 -10.73
CA GLU J 262 -35.68 58.24 -9.44
C GLU J 262 -37.04 58.84 -9.09
N ILE J 263 -37.67 58.32 -8.04
CA ILE J 263 -39.03 58.69 -7.68
C ILE J 263 -38.97 59.67 -6.51
N GLU J 264 -39.28 60.94 -6.79
CA GLU J 264 -39.28 61.96 -5.75
C GLU J 264 -40.57 61.96 -4.95
N LYS J 265 -41.71 61.82 -5.62
CA LYS J 265 -43.01 61.90 -4.97
C LYS J 265 -43.72 60.55 -5.06
N GLU J 266 -44.56 60.28 -4.05
CA GLU J 266 -45.23 58.99 -3.96
C GLU J 266 -46.17 58.72 -5.14
N GLU J 267 -46.61 59.77 -5.84
CA GLU J 267 -47.51 59.58 -6.97
C GLU J 267 -46.80 59.08 -8.21
N ASP J 268 -45.46 59.15 -8.25
CA ASP J 268 -44.71 58.73 -9.43
C ASP J 268 -44.56 57.21 -9.48
N TRP J 269 -44.51 56.54 -8.34
CA TRP J 269 -44.32 55.09 -8.33
C TRP J 269 -45.55 54.37 -8.83
N ASN J 270 -46.74 54.84 -8.46
CA ASN J 270 -47.97 54.21 -8.94
C ASN J 270 -48.14 54.40 -10.44
N ARG J 271 -47.61 55.49 -11.00
CA ARG J 271 -47.68 55.69 -12.44
C ARG J 271 -46.77 54.73 -13.19
N ILE J 272 -45.66 54.32 -12.57
CA ILE J 272 -44.77 53.35 -13.21
C ILE J 272 -45.51 52.03 -13.44
N LEU J 273 -46.18 51.53 -12.42
CA LEU J 273 -46.95 50.30 -12.55
C LEU J 273 -48.21 50.50 -13.37
N GLN J 274 -48.70 51.73 -13.48
CA GLN J 274 -49.89 51.99 -14.29
C GLN J 274 -49.55 52.02 -15.78
N ILE J 275 -48.37 52.54 -16.13
CA ILE J 275 -47.96 52.56 -17.53
C ILE J 275 -47.68 51.15 -18.03
N GLU J 276 -47.09 50.30 -17.18
CA GLU J 276 -46.82 48.93 -17.57
C GLU J 276 -48.10 48.20 -17.97
N GLU J 277 -49.24 48.56 -17.38
CA GLU J 277 -50.51 48.02 -17.82
C GLU J 277 -50.99 48.71 -19.10
N GLU J 278 -50.74 50.01 -19.22
CA GLU J 278 -51.16 50.74 -20.41
C GLU J 278 -50.22 50.52 -21.58
N GLN J 279 -48.93 50.30 -21.33
CA GLN J 279 -47.98 50.06 -22.41
C GLN J 279 -48.29 48.74 -23.11
N VAL J 280 -48.58 47.69 -22.33
CA VAL J 280 -48.98 46.42 -22.92
C VAL J 280 -50.34 46.56 -23.60
N GLN J 281 -51.24 47.35 -23.01
CA GLN J 281 -52.53 47.62 -23.63
C GLN J 281 -52.37 48.35 -24.95
N LEU J 282 -51.38 49.23 -25.05
CA LEU J 282 -51.15 49.94 -26.31
C LEU J 282 -50.74 48.99 -27.42
N MET J 283 -49.95 47.96 -27.09
CA MET J 283 -49.58 46.97 -28.10
C MET J 283 -50.75 46.05 -28.44
N CYS J 284 -51.69 45.88 -27.52
CA CYS J 284 -52.86 45.06 -27.82
C CYS J 284 -53.87 45.78 -28.68
N GLU J 285 -53.97 47.11 -28.55
CA GLU J 285 -54.90 47.87 -29.39
C GLU J 285 -54.45 47.90 -30.85
N GLN J 286 -53.14 47.93 -31.09
CA GLN J 286 -52.65 47.89 -32.46
C GLN J 286 -52.89 46.53 -33.11
N ILE J 287 -52.92 45.47 -32.31
CA ILE J 287 -53.22 44.15 -32.86
C ILE J 287 -54.69 44.05 -33.26
N LEU J 288 -55.57 44.64 -32.47
CA LEU J 288 -57.01 44.58 -32.74
C LEU J 288 -57.40 45.34 -34.00
N ALA J 289 -56.49 46.10 -34.60
CA ALA J 289 -56.81 46.81 -35.83
C ALA J 289 -57.12 45.84 -36.97
N VAL J 290 -56.36 44.73 -37.04
CA VAL J 290 -56.61 43.70 -38.04
C VAL J 290 -57.53 42.60 -37.53
N ARG J 291 -58.04 42.72 -36.31
CA ARG J 291 -58.89 41.74 -35.64
C ARG J 291 -58.53 40.28 -35.95
N PRO J 292 -57.33 39.85 -35.59
CA PRO J 292 -56.95 38.46 -35.86
C PRO J 292 -57.66 37.50 -34.92
N THR J 293 -58.07 36.36 -35.46
CA THR J 293 -58.73 35.35 -34.65
C THR J 293 -57.74 34.53 -33.83
N LEU J 294 -56.52 34.34 -34.32
CA LEU J 294 -55.50 33.56 -33.64
C LEU J 294 -54.19 34.34 -33.67
N VAL J 295 -53.63 34.59 -32.49
CA VAL J 295 -52.36 35.31 -32.36
C VAL J 295 -51.33 34.34 -31.81
N ILE J 296 -50.21 34.20 -32.53
CA ILE J 296 -49.13 33.31 -32.16
C ILE J 296 -47.91 34.14 -31.78
N THR J 297 -47.38 33.90 -30.59
CA THR J 297 -46.23 34.62 -30.07
C THR J 297 -45.05 33.66 -29.91
N GLU J 298 -43.88 34.09 -30.38
CA GLU J 298 -42.70 33.23 -30.31
C GLU J 298 -42.21 33.07 -28.87
N LYS J 299 -42.28 34.14 -28.09
CA LYS J 299 -41.82 34.13 -26.71
C LYS J 299 -43.00 34.01 -25.75
N GLY J 300 -42.70 34.07 -24.45
CA GLY J 300 -43.74 33.97 -23.45
C GLY J 300 -44.70 35.15 -23.49
N VAL J 301 -45.87 34.94 -22.90
CA VAL J 301 -46.93 35.94 -22.88
C VAL J 301 -47.36 36.17 -21.44
N SER J 302 -47.65 37.43 -21.10
CA SER J 302 -48.14 37.77 -19.78
C SER J 302 -49.63 37.50 -19.67
N ASP J 303 -50.09 37.26 -18.44
CA ASP J 303 -51.51 37.05 -18.20
C ASP J 303 -52.31 38.34 -18.29
N LEU J 304 -51.65 39.49 -18.35
CA LEU J 304 -52.36 40.77 -18.50
C LEU J 304 -52.75 41.01 -19.96
N ALA J 305 -51.90 40.63 -20.91
CA ALA J 305 -52.16 40.89 -22.31
C ALA J 305 -53.27 40.01 -22.88
N GLN J 306 -53.52 38.85 -22.28
CA GLN J 306 -54.53 37.94 -22.81
C GLN J 306 -55.94 38.47 -22.63
N HIS J 307 -56.17 39.37 -21.68
CA HIS J 307 -57.52 39.87 -21.43
C HIS J 307 -57.96 40.81 -22.54
N TYR J 308 -57.13 41.79 -22.90
CA TYR J 308 -57.50 42.73 -23.94
C TYR J 308 -57.56 42.06 -25.31
N LEU J 309 -56.82 40.97 -25.50
CA LEU J 309 -56.94 40.20 -26.74
C LEU J 309 -58.19 39.34 -26.76
N LEU J 310 -58.63 38.85 -25.59
CA LEU J 310 -59.86 38.08 -25.54
C LEU J 310 -61.09 38.94 -25.77
N LYS J 311 -61.05 40.21 -25.35
CA LYS J 311 -62.19 41.10 -25.54
C LYS J 311 -62.43 41.37 -27.03
N GLY J 312 -61.37 41.45 -27.82
CA GLY J 312 -61.49 41.69 -29.25
C GLY J 312 -61.65 40.45 -30.10
N GLY J 313 -61.50 39.26 -29.51
CA GLY J 313 -61.63 38.03 -30.25
C GLY J 313 -60.32 37.32 -30.58
N CYS J 314 -59.19 37.89 -30.16
CA CYS J 314 -57.90 37.26 -30.44
C CYS J 314 -57.68 36.05 -29.54
N SER J 315 -56.84 35.14 -30.01
CA SER J 315 -56.51 33.92 -29.28
C SER J 315 -55.02 33.92 -28.95
N VAL J 316 -54.69 33.49 -27.74
CA VAL J 316 -53.32 33.47 -27.25
C VAL J 316 -52.85 32.02 -27.18
N LEU J 317 -51.57 31.82 -27.45
CA LEU J 317 -50.95 30.49 -27.40
C LEU J 317 -49.64 30.55 -26.63
N ARG J 318 -49.12 29.38 -26.28
CA ARG J 318 -47.83 29.27 -25.62
C ARG J 318 -46.71 29.70 -26.56
N ARG J 319 -45.55 29.97 -25.97
CA ARG J 319 -44.37 30.34 -26.76
C ARG J 319 -44.06 29.27 -27.80
N VAL J 320 -43.65 29.71 -28.99
CA VAL J 320 -43.44 28.83 -30.12
C VAL J 320 -41.97 28.88 -30.52
N LYS J 321 -41.40 27.72 -30.84
CA LYS J 321 -40.03 27.66 -31.32
C LYS J 321 -39.91 28.30 -32.69
N LYS J 322 -38.68 28.69 -33.04
CA LYS J 322 -38.45 29.36 -34.32
C LYS J 322 -38.68 28.42 -35.50
N SER J 323 -38.50 27.12 -35.30
CA SER J 323 -38.68 26.18 -36.40
C SER J 323 -40.13 26.10 -36.84
N ASP J 324 -41.07 26.19 -35.89
CA ASP J 324 -42.49 26.11 -36.23
C ASP J 324 -43.04 27.40 -36.81
N ASN J 325 -42.38 28.54 -36.54
CA ASN J 325 -42.88 29.81 -37.08
C ASN J 325 -42.75 29.87 -38.60
N ASN J 326 -41.73 29.20 -39.16
CA ASN J 326 -41.56 29.23 -40.60
C ASN J 326 -42.59 28.36 -41.32
N ARG J 327 -43.02 27.27 -40.70
CA ARG J 327 -44.01 26.40 -41.32
C ARG J 327 -45.41 26.98 -41.25
N ILE J 328 -45.72 27.74 -40.20
CA ILE J 328 -47.04 28.36 -40.08
C ILE J 328 -47.21 29.46 -41.12
N ALA J 329 -46.14 30.21 -41.39
CA ALA J 329 -46.22 31.30 -42.36
C ALA J 329 -46.44 30.79 -43.77
N ARG J 330 -46.00 29.56 -44.07
CA ARG J 330 -46.18 29.02 -45.42
C ARG J 330 -47.59 28.49 -45.65
N VAL J 331 -48.22 27.94 -44.62
CA VAL J 331 -49.54 27.33 -44.78
C VAL J 331 -50.59 28.41 -45.01
N THR J 332 -50.66 29.40 -44.13
CA THR J 332 -51.66 30.46 -44.20
C THR J 332 -51.21 31.65 -45.03
N GLY J 333 -50.00 31.61 -45.58
CA GLY J 333 -49.49 32.75 -46.33
C GLY J 333 -49.16 33.96 -45.50
N ALA J 334 -49.09 33.83 -44.18
CA ALA J 334 -48.81 34.96 -43.31
C ALA J 334 -47.34 35.35 -43.40
N THR J 335 -47.07 36.60 -43.01
CA THR J 335 -45.71 37.12 -42.94
C THR J 335 -45.38 37.43 -41.49
N ILE J 336 -44.21 37.00 -41.04
CA ILE J 336 -43.82 37.22 -39.65
C ILE J 336 -43.64 38.72 -39.42
N VAL J 337 -44.34 39.24 -38.41
CA VAL J 337 -44.31 40.66 -38.09
C VAL J 337 -43.82 40.81 -36.66
N ASN J 338 -42.60 41.35 -36.51
CA ASN J 338 -42.06 41.58 -35.18
C ASN J 338 -42.62 42.85 -34.56
N ARG J 339 -42.63 43.95 -35.32
CA ARG J 339 -43.08 45.24 -34.80
C ARG J 339 -44.60 45.31 -34.83
N VAL J 340 -45.21 45.52 -33.66
CA VAL J 340 -46.66 45.57 -33.57
C VAL J 340 -47.21 46.80 -34.28
N GLU J 341 -46.49 47.91 -34.23
CA GLU J 341 -46.95 49.14 -34.88
C GLU J 341 -46.98 49.01 -36.39
N ASP J 342 -46.11 48.20 -36.96
CA ASP J 342 -46.04 48.01 -38.40
C ASP J 342 -46.98 46.92 -38.91
N LEU J 343 -47.76 46.30 -38.02
CA LEU J 343 -48.67 45.24 -38.44
C LEU J 343 -49.75 45.80 -39.35
N LYS J 344 -49.96 45.14 -40.50
CA LYS J 344 -50.94 45.56 -41.48
C LYS J 344 -51.77 44.35 -41.91
N GLU J 345 -52.87 44.63 -42.61
CA GLU J 345 -53.75 43.58 -43.08
C GLU J 345 -53.12 42.73 -44.17
N SER J 346 -52.07 43.22 -44.83
CA SER J 346 -51.45 42.46 -45.91
C SER J 346 -50.65 41.27 -45.38
N ASP J 347 -50.11 41.38 -44.16
CA ASP J 347 -49.32 40.31 -43.57
C ASP J 347 -50.14 39.35 -42.73
N VAL J 348 -51.45 39.53 -42.66
CA VAL J 348 -52.30 38.65 -41.87
C VAL J 348 -52.60 37.39 -42.68
N GLY J 349 -52.41 36.24 -42.04
CA GLY J 349 -52.67 34.98 -42.73
C GLY J 349 -54.16 34.73 -42.87
N THR J 350 -54.54 34.15 -44.00
CA THR J 350 -55.93 33.84 -44.30
C THR J 350 -56.00 32.45 -44.93
N ASN J 351 -57.21 32.07 -45.35
CA ASN J 351 -57.47 30.79 -46.00
C ASN J 351 -57.06 29.62 -45.09
N CYS J 352 -57.54 29.66 -43.85
CA CYS J 352 -57.35 28.58 -42.89
C CYS J 352 -58.64 27.78 -42.80
N GLY J 353 -58.56 26.48 -43.08
CA GLY J 353 -59.73 25.64 -43.16
C GLY J 353 -60.47 25.44 -41.84
N LEU J 354 -59.76 24.95 -40.82
CA LEU J 354 -60.39 24.61 -39.57
C LEU J 354 -59.38 24.74 -38.42
N PHE J 355 -59.89 25.13 -37.26
CA PHE J 355 -59.10 25.20 -36.03
C PHE J 355 -59.81 24.41 -34.96
N LYS J 356 -59.18 23.33 -34.49
CA LYS J 356 -59.80 22.47 -33.49
C LYS J 356 -58.72 21.92 -32.57
N VAL J 357 -59.15 21.45 -31.40
CA VAL J 357 -58.27 20.87 -30.40
C VAL J 357 -58.87 19.54 -29.97
N GLU J 358 -58.10 18.47 -30.08
CA GLU J 358 -58.52 17.13 -29.67
C GLU J 358 -57.78 16.71 -28.42
N MET J 359 -58.45 15.90 -27.59
CA MET J 359 -57.92 15.48 -26.31
C MET J 359 -57.18 14.16 -26.46
N ILE J 360 -55.92 14.13 -26.04
CA ILE J 360 -55.14 12.91 -25.94
C ILE J 360 -54.42 12.95 -24.58
N GLY J 361 -54.35 11.80 -23.92
CA GLY J 361 -53.89 11.76 -22.54
C GLY J 361 -52.51 12.35 -22.34
N ASP J 362 -51.61 12.15 -23.30
CA ASP J 362 -50.25 12.65 -23.15
C ASP J 362 -50.22 14.17 -23.18
N GLU J 363 -50.70 14.78 -24.26
CA GLU J 363 -50.66 16.21 -24.44
C GLU J 363 -51.85 16.66 -25.26
N TYR J 364 -52.14 17.96 -25.21
CA TYR J 364 -53.13 18.54 -26.10
C TYR J 364 -52.56 18.66 -27.52
N PHE J 365 -53.47 18.76 -28.49
CA PHE J 365 -53.06 18.91 -29.88
C PHE J 365 -53.97 19.92 -30.57
N SER J 366 -53.37 20.91 -31.22
CA SER J 366 -54.10 21.94 -31.94
C SER J 366 -53.93 21.74 -33.43
N PHE J 367 -55.04 21.76 -34.16
CA PHE J 367 -55.05 21.49 -35.60
C PHE J 367 -55.32 22.78 -36.36
N LEU J 368 -54.54 23.01 -37.42
CA LEU J 368 -54.73 24.12 -38.34
C LEU J 368 -54.87 23.55 -39.73
N ASP J 369 -56.06 23.69 -40.33
CA ASP J 369 -56.35 23.14 -41.64
C ASP J 369 -56.24 24.22 -42.71
N ASN J 370 -55.75 23.83 -43.87
CA ASN J 370 -55.59 24.73 -45.02
C ASN J 370 -56.80 24.62 -45.93
N CYS J 371 -57.19 25.75 -46.52
CA CYS J 371 -58.31 25.77 -47.45
C CYS J 371 -57.94 25.30 -48.85
N LYS J 372 -56.66 24.96 -49.08
CA LYS J 372 -56.14 24.25 -50.25
C LYS J 372 -56.35 25.02 -51.56
N GLU J 373 -57.08 26.14 -51.49
CA GLU J 373 -57.28 26.99 -52.66
C GLU J 373 -57.67 28.40 -52.25
N SER J 431 -47.37 29.85 -58.69
CA SER J 431 -48.61 30.23 -58.01
C SER J 431 -48.32 31.01 -56.73
N GLY J 432 -47.14 30.80 -56.18
CA GLY J 432 -46.73 31.48 -54.96
C GLY J 432 -45.74 30.62 -54.20
N LEU J 433 -45.62 30.92 -52.91
CA LEU J 433 -44.71 30.17 -52.05
C LEU J 433 -45.17 28.73 -51.90
N GLN J 434 -44.22 27.84 -51.60
CA GLN J 434 -44.54 26.43 -51.44
C GLN J 434 -45.31 26.21 -50.14
N LYS J 435 -46.29 25.31 -50.21
CA LYS J 435 -47.10 25.00 -49.04
C LYS J 435 -46.37 24.04 -48.11
N ALA J 436 -46.71 24.12 -46.82
CA ALA J 436 -46.14 23.25 -45.81
C ALA J 436 -47.22 22.31 -45.27
N CYS J 437 -46.80 21.13 -44.83
CA CYS J 437 -47.72 20.13 -44.32
C CYS J 437 -47.00 19.26 -43.30
N THR J 438 -47.78 18.68 -42.40
CA THR J 438 -47.27 17.76 -41.38
C THR J 438 -47.79 16.36 -41.64
N ILE J 439 -47.00 15.37 -41.22
CA ILE J 439 -47.32 13.96 -41.43
C ILE J 439 -47.66 13.36 -40.07
N MET J 440 -48.93 13.01 -39.88
CA MET J 440 -49.37 12.34 -38.67
C MET J 440 -49.17 10.83 -38.81
N LEU J 441 -48.67 10.20 -37.75
CA LEU J 441 -48.37 8.78 -37.75
C LEU J 441 -48.88 8.15 -36.46
N ARG J 442 -49.64 7.06 -36.60
CA ARG J 442 -50.17 6.32 -35.46
C ARG J 442 -49.51 4.95 -35.44
N GLY J 443 -48.64 4.73 -34.45
CA GLY J 443 -47.93 3.49 -34.30
C GLY J 443 -48.42 2.64 -33.14
N GLY J 444 -47.64 1.62 -32.82
CA GLY J 444 -47.95 0.74 -31.71
C GLY J 444 -47.16 1.07 -30.46
N SER J 445 -46.10 1.86 -30.60
CA SER J 445 -45.24 2.24 -29.50
C SER J 445 -44.43 3.46 -29.92
N LYS J 446 -43.49 3.86 -29.07
CA LYS J 446 -42.64 5.01 -29.38
C LYS J 446 -41.54 4.64 -30.36
N ASP J 447 -41.00 3.44 -30.26
CA ASP J 447 -39.91 3.03 -31.16
C ASP J 447 -40.42 2.67 -32.54
N ILE J 448 -41.64 2.16 -32.66
CA ILE J 448 -42.21 1.88 -33.97
C ILE J 448 -42.40 3.17 -34.76
N LEU J 449 -42.74 4.26 -34.07
CA LEU J 449 -42.89 5.54 -34.75
C LEU J 449 -41.58 6.01 -35.36
N ASN J 450 -40.47 5.83 -34.63
CA ASN J 450 -39.17 6.23 -35.17
C ASN J 450 -38.73 5.36 -36.33
N GLU J 451 -39.22 4.12 -36.39
CA GLU J 451 -38.86 3.24 -37.50
C GLU J 451 -39.61 3.62 -38.77
N ILE J 452 -40.90 3.94 -38.66
CA ILE J 452 -41.66 4.33 -39.83
C ILE J 452 -41.23 5.71 -40.32
N ASP J 453 -40.86 6.60 -39.39
CA ASP J 453 -40.35 7.91 -39.79
C ASP J 453 -39.10 7.79 -40.65
N ARG J 454 -38.19 6.87 -40.27
CA ARG J 454 -37.03 6.61 -41.11
C ARG J 454 -37.42 5.92 -42.41
N ASN J 455 -38.54 5.19 -42.41
CA ASN J 455 -39.02 4.57 -43.63
C ASN J 455 -39.67 5.60 -44.56
N LEU J 456 -40.33 6.61 -43.99
CA LEU J 456 -40.92 7.66 -44.81
C LEU J 456 -39.85 8.54 -45.43
N GLN J 457 -38.80 8.87 -44.67
CA GLN J 457 -37.71 9.67 -45.21
C GLN J 457 -37.01 8.96 -46.35
N ASP J 458 -36.94 7.62 -46.29
CA ASP J 458 -36.34 6.87 -47.39
C ASP J 458 -37.31 6.72 -48.56
N ALA J 459 -38.61 6.65 -48.29
CA ALA J 459 -39.60 6.50 -49.35
C ALA J 459 -39.88 7.82 -50.04
N MET J 460 -39.95 8.92 -49.29
CA MET J 460 -40.22 10.22 -49.89
C MET J 460 -39.02 10.73 -50.67
N ALA J 461 -37.80 10.30 -50.30
CA ALA J 461 -36.61 10.71 -51.03
C ALA J 461 -36.55 10.11 -52.42
N VAL J 462 -37.27 9.01 -52.66
CA VAL J 462 -37.28 8.40 -53.99
C VAL J 462 -38.02 9.28 -54.98
N ALA J 463 -39.11 9.94 -54.53
CA ALA J 463 -39.87 10.80 -55.40
C ALA J 463 -39.12 12.07 -55.78
N ARG J 464 -38.08 12.43 -55.04
CA ARG J 464 -37.30 13.62 -55.37
C ARG J 464 -36.36 13.37 -56.54
N ASN J 465 -35.92 12.13 -56.73
CA ASN J 465 -34.98 11.83 -57.82
C ASN J 465 -35.69 11.75 -59.16
N VAL J 466 -36.91 11.22 -59.19
CA VAL J 466 -37.62 11.07 -60.46
C VAL J 466 -38.06 12.43 -60.99
N MET J 467 -38.34 13.39 -60.10
CA MET J 467 -38.76 14.70 -60.56
C MET J 467 -37.59 15.49 -61.16
N LEU J 468 -36.43 15.45 -60.51
CA LEU J 468 -35.25 16.13 -61.04
C LEU J 468 -34.60 15.32 -62.17
N SER J 469 -34.66 13.99 -62.09
CA SER J 469 -34.06 13.11 -63.09
C SER J 469 -35.13 12.13 -63.55
N PRO J 470 -35.85 12.45 -64.63
CA PRO J 470 -36.91 11.55 -65.11
C PRO J 470 -36.41 10.17 -65.49
N SER J 471 -35.11 9.99 -65.69
CA SER J 471 -34.58 8.67 -66.03
C SER J 471 -34.82 7.69 -64.89
N LEU J 472 -35.05 6.42 -65.26
CA LEU J 472 -35.41 5.38 -64.30
C LEU J 472 -34.54 4.16 -64.56
N SER J 473 -33.73 3.79 -63.57
CA SER J 473 -32.76 2.70 -63.68
C SER J 473 -33.39 1.37 -63.29
N PRO J 474 -32.82 0.25 -63.73
CA PRO J 474 -33.34 -1.05 -63.32
C PRO J 474 -32.98 -1.35 -61.86
N GLY J 475 -33.92 -1.97 -61.15
CA GLY J 475 -33.75 -2.33 -59.78
C GLY J 475 -33.56 -3.82 -59.57
N GLY J 476 -33.66 -4.22 -58.31
CA GLY J 476 -33.54 -5.63 -57.96
C GLY J 476 -32.20 -6.25 -58.27
N GLY J 477 -31.13 -5.45 -58.20
CA GLY J 477 -29.81 -5.95 -58.52
C GLY J 477 -29.49 -6.06 -59.99
N ALA J 478 -30.38 -5.59 -60.86
CA ALA J 478 -30.13 -5.66 -62.30
C ALA J 478 -29.16 -4.60 -62.77
N THR J 479 -29.06 -3.48 -62.04
CA THR J 479 -28.12 -2.43 -62.43
C THR J 479 -26.68 -2.87 -62.21
N GLU J 480 -26.39 -3.47 -61.07
CA GLU J 480 -25.02 -3.87 -60.76
C GLU J 480 -24.57 -5.05 -61.62
N MET J 481 -25.49 -5.96 -61.94
CA MET J 481 -25.13 -7.10 -62.78
C MET J 481 -24.96 -6.71 -64.23
N ALA J 482 -25.75 -5.73 -64.70
CA ALA J 482 -25.60 -5.27 -66.07
C ALA J 482 -24.24 -4.62 -66.30
N VAL J 483 -23.70 -3.94 -65.29
CA VAL J 483 -22.37 -3.35 -65.41
C VAL J 483 -21.31 -4.45 -65.41
N SER J 484 -21.49 -5.48 -64.58
CA SER J 484 -20.51 -6.55 -64.49
C SER J 484 -20.38 -7.30 -65.81
N VAL J 485 -21.45 -7.40 -66.57
CA VAL J 485 -21.38 -8.10 -67.86
C VAL J 485 -20.62 -7.26 -68.88
N LYS J 486 -20.86 -5.95 -68.89
CA LYS J 486 -20.18 -5.08 -69.85
C LYS J 486 -18.70 -4.92 -69.53
N LEU J 487 -18.33 -4.95 -68.25
CA LEU J 487 -16.92 -4.82 -67.89
C LEU J 487 -16.14 -6.07 -68.25
N ALA J 488 -16.77 -7.25 -68.19
CA ALA J 488 -16.07 -8.47 -68.55
C ALA J 488 -15.82 -8.56 -70.05
N GLU J 489 -16.68 -7.95 -70.86
CA GLU J 489 -16.49 -7.99 -72.31
C GLU J 489 -15.35 -7.06 -72.73
N LYS J 490 -15.28 -5.88 -72.13
CA LYS J 490 -14.23 -4.92 -72.46
C LYS J 490 -12.91 -5.22 -71.76
N ALA J 491 -12.89 -6.18 -70.83
CA ALA J 491 -11.65 -6.51 -70.13
C ALA J 491 -10.67 -7.22 -71.07
N LYS J 492 -11.19 -8.10 -71.93
CA LYS J 492 -10.32 -8.82 -72.86
C LYS J 492 -9.90 -7.94 -74.03
N GLN J 493 -10.71 -6.95 -74.39
CA GLN J 493 -10.36 -6.06 -75.49
C GLN J 493 -9.35 -5.00 -75.06
N LEU J 494 -9.32 -4.66 -73.77
CA LEU J 494 -8.39 -3.64 -73.30
C LEU J 494 -6.97 -4.18 -73.19
N GLU J 495 -6.81 -5.38 -72.65
CA GLU J 495 -5.51 -6.03 -72.44
C GLU J 495 -4.66 -5.09 -71.57
N GLY J 496 -3.38 -4.91 -71.89
CA GLY J 496 -2.53 -4.02 -71.11
C GLY J 496 -2.29 -4.51 -69.70
N ILE J 497 -1.66 -3.62 -68.91
CA ILE J 497 -1.39 -3.93 -67.52
C ILE J 497 -2.59 -3.67 -66.63
N GLN J 498 -3.57 -2.92 -67.11
CA GLN J 498 -4.75 -2.55 -66.31
C GLN J 498 -5.90 -3.55 -66.46
N GLN J 499 -5.69 -4.65 -67.18
CA GLN J 499 -6.78 -5.60 -67.40
C GLN J 499 -7.22 -6.26 -66.10
N TRP J 500 -6.27 -6.54 -65.19
CA TRP J 500 -6.65 -7.17 -63.93
C TRP J 500 -7.45 -6.24 -63.03
N PRO J 501 -7.03 -4.99 -62.78
CA PRO J 501 -7.90 -4.10 -61.97
C PRO J 501 -9.22 -3.78 -62.63
N TYR J 502 -9.26 -3.75 -63.97
CA TYR J 502 -10.50 -3.42 -64.67
C TYR J 502 -11.48 -4.60 -64.62
N GLN J 503 -10.98 -5.82 -64.80
CA GLN J 503 -11.86 -6.98 -64.76
C GLN J 503 -12.32 -7.29 -63.34
N ALA J 504 -11.51 -6.94 -62.34
CA ALA J 504 -11.87 -7.20 -60.95
C ALA J 504 -13.04 -6.34 -60.49
N VAL J 505 -13.38 -5.28 -61.22
CA VAL J 505 -14.52 -4.46 -60.84
C VAL J 505 -15.82 -5.20 -61.10
N ALA J 506 -15.86 -6.01 -62.17
CA ALA J 506 -17.06 -6.78 -62.46
C ALA J 506 -17.34 -7.83 -61.39
N ASP J 507 -16.29 -8.32 -60.71
CA ASP J 507 -16.50 -9.29 -59.65
C ASP J 507 -17.09 -8.64 -58.40
N ALA J 508 -16.78 -7.37 -58.16
CA ALA J 508 -17.32 -6.67 -57.01
C ALA J 508 -18.74 -6.17 -57.25
N MET J 509 -19.16 -6.02 -58.51
CA MET J 509 -20.51 -5.55 -58.80
C MET J 509 -21.54 -6.66 -58.66
N GLU J 510 -21.14 -7.92 -58.86
CA GLU J 510 -22.06 -9.04 -58.76
C GLU J 510 -22.27 -9.52 -57.32
N CYS J 511 -21.62 -8.90 -56.34
CA CYS J 511 -21.80 -9.30 -54.96
C CYS J 511 -23.12 -8.79 -54.38
N ILE J 512 -23.61 -7.66 -54.87
CA ILE J 512 -24.88 -7.09 -54.40
C ILE J 512 -26.05 -8.00 -54.79
N PRO J 513 -26.18 -8.42 -56.06
CA PRO J 513 -27.25 -9.38 -56.37
C PRO J 513 -27.01 -10.75 -55.75
N ARG J 514 -25.76 -11.09 -55.41
CA ARG J 514 -25.49 -12.35 -54.72
C ARG J 514 -26.02 -12.32 -53.30
N THR J 515 -26.04 -11.14 -52.67
CA THR J 515 -26.57 -11.02 -51.33
C THR J 515 -28.07 -11.30 -51.30
N LEU J 516 -28.78 -10.91 -52.36
CA LEU J 516 -30.22 -11.18 -52.44
C LEU J 516 -30.52 -12.67 -52.42
N ILE J 517 -29.61 -13.49 -52.96
CA ILE J 517 -29.82 -14.93 -52.98
C ILE J 517 -29.53 -15.54 -51.61
N GLN J 518 -28.46 -15.07 -50.95
CA GLN J 518 -28.11 -15.62 -49.64
C GLN J 518 -29.18 -15.33 -48.61
N ASN J 519 -29.85 -14.18 -48.70
CA ASN J 519 -30.92 -13.86 -47.76
C ASN J 519 -32.20 -14.61 -48.10
N ALA J 520 -32.42 -14.94 -49.38
CA ALA J 520 -33.60 -15.67 -49.78
C ALA J 520 -33.48 -17.17 -49.52
N GLY J 521 -32.27 -17.69 -49.37
CA GLY J 521 -32.07 -19.10 -49.12
C GLY J 521 -31.86 -19.95 -50.34
N GLY J 522 -31.51 -19.35 -51.48
CA GLY J 522 -31.29 -20.08 -52.70
C GLY J 522 -29.81 -20.41 -52.92
N ASP J 523 -29.55 -21.03 -54.08
CA ASP J 523 -28.19 -21.40 -54.44
C ASP J 523 -27.61 -20.32 -55.33
N PRO J 524 -26.64 -19.53 -54.85
CA PRO J 524 -26.08 -18.46 -55.69
C PRO J 524 -25.25 -18.98 -56.87
N ILE J 525 -24.80 -20.23 -56.84
CA ILE J 525 -24.00 -20.76 -57.93
C ILE J 525 -24.86 -20.94 -59.18
N ARG J 526 -25.99 -21.63 -59.04
CA ARG J 526 -26.83 -21.93 -60.19
C ARG J 526 -27.66 -20.74 -60.64
N LEU J 527 -28.04 -19.85 -59.72
CA LEU J 527 -28.88 -18.71 -60.09
C LEU J 527 -28.06 -17.64 -60.82
N LEU J 528 -26.89 -17.30 -60.30
CA LEU J 528 -26.05 -16.30 -60.95
C LEU J 528 -25.48 -16.80 -62.27
N SER J 529 -25.32 -18.12 -62.43
CA SER J 529 -24.84 -18.64 -63.70
C SER J 529 -25.88 -18.45 -64.81
N GLN J 530 -27.15 -18.71 -64.51
CA GLN J 530 -28.22 -18.48 -65.47
C GLN J 530 -28.59 -17.01 -65.58
N LEU J 531 -28.26 -16.19 -64.57
CA LEU J 531 -28.55 -14.77 -64.65
C LEU J 531 -27.67 -14.07 -65.69
N ARG J 532 -26.39 -14.43 -65.73
CA ARG J 532 -25.48 -13.83 -66.70
C ARG J 532 -25.77 -14.31 -68.11
N ALA J 533 -26.21 -15.55 -68.27
CA ALA J 533 -26.50 -16.08 -69.61
C ALA J 533 -27.77 -15.46 -70.17
N LYS J 534 -28.82 -15.34 -69.36
CA LYS J 534 -30.07 -14.75 -69.80
C LYS J 534 -30.02 -13.23 -69.86
N HIS J 535 -28.95 -12.61 -69.37
CA HIS J 535 -28.87 -11.16 -69.40
C HIS J 535 -28.54 -10.66 -70.81
N ALA J 536 -27.64 -11.33 -71.50
CA ALA J 536 -27.28 -10.91 -72.85
C ALA J 536 -28.40 -11.19 -73.84
N GLN J 537 -28.89 -12.43 -73.86
CA GLN J 537 -29.88 -12.82 -74.86
C GLN J 537 -31.26 -12.25 -74.53
N GLY J 538 -31.74 -12.47 -73.30
CA GLY J 538 -33.10 -12.13 -72.97
C GLY J 538 -33.43 -10.66 -72.95
N ASN J 539 -32.75 -9.89 -72.11
CA ASN J 539 -32.98 -8.45 -71.92
C ASN J 539 -32.05 -7.95 -70.82
N PHE J 540 -31.97 -6.63 -70.70
CA PHE J 540 -31.18 -5.99 -69.66
C PHE J 540 -31.96 -5.80 -68.36
N THR J 541 -33.25 -6.16 -68.35
CA THR J 541 -34.08 -6.00 -67.17
C THR J 541 -34.15 -7.25 -66.31
N THR J 542 -33.41 -8.30 -66.66
CA THR J 542 -33.44 -9.54 -65.88
C THR J 542 -32.74 -9.33 -64.55
N GLY J 543 -33.36 -9.81 -63.47
CA GLY J 543 -32.83 -9.65 -62.13
C GLY J 543 -33.27 -10.77 -61.22
N ILE J 544 -32.84 -10.67 -59.97
CA ILE J 544 -33.13 -11.68 -58.96
C ILE J 544 -34.41 -11.32 -58.22
N ASP J 545 -35.30 -12.29 -58.05
CA ASP J 545 -36.52 -12.07 -57.29
C ASP J 545 -36.23 -12.21 -55.80
N GLY J 546 -36.72 -11.26 -55.01
CA GLY J 546 -36.43 -11.27 -53.59
C GLY J 546 -37.19 -12.36 -52.84
N ASP J 547 -38.50 -12.44 -53.07
CA ASP J 547 -39.33 -13.37 -52.31
C ASP J 547 -39.13 -14.82 -52.75
N LYS J 548 -39.23 -15.07 -54.06
CA LYS J 548 -39.16 -16.44 -54.58
C LYS J 548 -37.74 -16.88 -54.90
N GLY J 549 -36.76 -15.98 -54.92
CA GLY J 549 -35.40 -16.35 -55.23
C GLY J 549 -35.23 -16.95 -56.62
N LYS J 550 -36.01 -16.50 -57.59
CA LYS J 550 -35.99 -17.04 -58.94
C LYS J 550 -35.49 -15.97 -59.92
N ILE J 551 -35.46 -16.33 -61.19
CA ILE J 551 -35.02 -15.44 -62.26
C ILE J 551 -36.25 -14.80 -62.87
N VAL J 552 -36.39 -13.49 -62.69
CA VAL J 552 -37.52 -12.74 -63.22
C VAL J 552 -36.99 -11.47 -63.88
N ASP J 553 -37.87 -10.83 -64.66
CA ASP J 553 -37.55 -9.58 -65.34
C ASP J 553 -38.20 -8.42 -64.61
N MET J 554 -37.52 -7.28 -64.57
CA MET J 554 -38.04 -6.10 -63.89
C MET J 554 -39.22 -5.48 -64.61
N VAL J 555 -39.46 -5.85 -65.87
CA VAL J 555 -40.63 -5.35 -66.58
C VAL J 555 -41.91 -5.90 -65.96
N SER J 556 -41.96 -7.21 -65.75
CA SER J 556 -43.09 -7.84 -65.10
C SER J 556 -43.02 -7.77 -63.58
N TYR J 557 -41.86 -7.42 -63.01
CA TYR J 557 -41.73 -7.33 -61.56
C TYR J 557 -42.44 -6.11 -61.01
N GLY J 558 -42.63 -5.07 -61.83
CA GLY J 558 -43.45 -3.94 -61.47
C GLY J 558 -42.81 -2.90 -60.59
N ILE J 559 -41.57 -3.10 -60.15
CA ILE J 559 -40.89 -2.18 -59.25
C ILE J 559 -39.60 -1.72 -59.90
N TRP J 560 -39.32 -0.42 -59.81
CA TRP J 560 -38.14 0.18 -60.42
C TRP J 560 -37.53 1.16 -59.42
N GLU J 561 -36.30 1.59 -59.71
CA GLU J 561 -35.59 2.52 -58.84
C GLU J 561 -34.94 3.62 -59.68
N PRO J 562 -34.90 4.85 -59.17
CA PRO J 562 -34.32 5.95 -59.93
C PRO J 562 -32.84 5.74 -60.22
N GLU J 563 -32.34 6.45 -61.23
CA GLU J 563 -30.94 6.33 -61.62
C GLU J 563 -30.02 7.06 -60.66
N VAL J 564 -30.50 8.12 -60.01
CA VAL J 564 -29.67 8.88 -59.08
C VAL J 564 -29.19 7.98 -57.94
N ILE J 565 -30.04 7.04 -57.51
CA ILE J 565 -29.64 6.12 -56.45
C ILE J 565 -28.52 5.21 -56.92
N LYS J 566 -28.60 4.73 -58.16
CA LYS J 566 -27.56 3.85 -58.69
C LYS J 566 -26.28 4.62 -58.99
N GLN J 567 -26.39 5.87 -59.45
CA GLN J 567 -25.20 6.66 -59.75
C GLN J 567 -24.44 6.99 -58.47
N GLN J 568 -25.15 7.30 -57.39
CA GLN J 568 -24.47 7.58 -56.13
C GLN J 568 -23.84 6.34 -55.53
N SER J 569 -24.37 5.16 -55.84
CA SER J 569 -23.80 3.93 -55.31
C SER J 569 -22.49 3.58 -56.00
N VAL J 570 -22.41 3.83 -57.31
CA VAL J 570 -21.20 3.49 -58.06
C VAL J 570 -20.11 4.53 -57.83
N LYS J 571 -20.47 5.81 -57.82
CA LYS J 571 -19.48 6.87 -57.69
C LYS J 571 -18.86 6.89 -56.30
N THR J 572 -19.70 6.87 -55.25
CA THR J 572 -19.20 6.98 -53.90
C THR J 572 -18.35 5.78 -53.51
N ALA J 573 -18.73 4.59 -53.97
CA ALA J 573 -17.99 3.39 -53.60
C ALA J 573 -16.61 3.36 -54.25
N ILE J 574 -16.51 3.81 -55.51
CA ILE J 574 -15.23 3.77 -56.20
C ILE J 574 -14.32 4.89 -55.74
N GLU J 575 -14.87 6.10 -55.55
CA GLU J 575 -14.04 7.21 -55.10
C GLU J 575 -13.51 7.00 -53.69
N SER J 576 -14.25 6.26 -52.86
CA SER J 576 -13.78 5.97 -51.50
C SER J 576 -12.73 4.87 -51.49
N ALA J 577 -12.81 3.92 -52.43
CA ALA J 577 -11.82 2.85 -52.48
C ALA J 577 -10.44 3.38 -52.87
N CYS J 578 -10.38 4.41 -53.70
CA CYS J 578 -9.10 5.00 -54.10
C CYS J 578 -8.40 5.69 -52.93
N LEU J 579 -9.16 6.11 -51.91
CA LEU J 579 -8.54 6.78 -50.77
C LEU J 579 -7.81 5.79 -49.87
N LEU J 580 -8.39 4.61 -49.66
CA LEU J 580 -7.78 3.60 -48.80
C LEU J 580 -6.60 2.90 -49.47
N LEU J 581 -6.55 2.87 -50.80
CA LEU J 581 -5.44 2.23 -51.48
C LEU J 581 -4.16 3.06 -51.41
N ARG J 582 -4.27 4.36 -51.17
CA ARG J 582 -3.10 5.24 -51.11
C ARG J 582 -2.46 5.27 -49.73
N VAL J 583 -2.98 4.52 -48.76
CA VAL J 583 -2.45 4.52 -47.41
C VAL J 583 -1.17 3.70 -47.38
N ASP J 584 -0.09 4.29 -46.83
CA ASP J 584 1.18 3.59 -46.71
C ASP J 584 1.38 3.06 -45.31
N ASP J 585 1.51 3.96 -44.33
CA ASP J 585 1.72 3.59 -42.94
C ASP J 585 0.63 4.23 -42.08
N ILE J 586 0.50 3.70 -40.87
CA ILE J 586 -0.52 4.15 -39.92
C ILE J 586 0.16 4.41 -38.58
N VAL J 587 -0.02 5.62 -38.04
CA VAL J 587 0.51 6.01 -36.75
C VAL J 587 -0.65 6.51 -35.90
N SER J 588 -0.81 5.92 -34.72
CA SER J 588 -1.94 6.22 -33.84
C SER J 588 -1.47 6.96 -32.59
N GLY J 589 -2.35 7.84 -32.09
CA GLY J 589 -2.10 8.56 -30.85
C GLY J 589 -0.95 9.53 -30.93
N VAL J 590 -0.90 10.34 -31.99
CA VAL J 590 0.17 11.31 -32.13
C VAL J 590 0.01 12.44 -31.12
N ARG J 591 -1.14 13.10 -31.12
CA ARG J 591 -1.44 14.22 -30.24
C ARG J 591 -2.87 14.67 -30.55
N LYS J 592 -3.36 15.61 -29.74
CA LYS J 592 -4.70 16.16 -29.94
C LYS J 592 -4.62 17.59 -30.48
N MET K 1 -24.95 -20.14 -31.07
CA MET K 1 -23.92 -21.13 -31.39
C MET K 1 -22.65 -20.86 -30.61
N ASN K 2 -22.39 -19.60 -30.31
CA ASN K 2 -21.23 -19.23 -29.51
C ASN K 2 -21.39 -19.70 -28.07
N PHE K 3 -20.25 -19.82 -27.38
CA PHE K 3 -20.28 -20.30 -26.01
C PHE K 3 -20.93 -19.29 -25.08
N GLY K 4 -20.45 -18.05 -25.10
CA GLY K 4 -21.07 -17.02 -24.30
C GLY K 4 -20.31 -15.71 -24.42
N SER K 5 -21.01 -14.63 -24.09
CA SER K 5 -20.47 -13.26 -24.07
C SER K 5 -19.84 -12.99 -25.45
N GLN K 6 -18.65 -12.39 -25.51
CA GLN K 6 -17.97 -12.13 -26.77
C GLN K 6 -16.65 -12.90 -26.78
N THR K 7 -16.18 -13.22 -27.98
CA THR K 7 -14.93 -13.96 -28.13
C THR K 7 -13.90 -13.09 -28.83
N PRO K 8 -12.81 -12.72 -28.16
CA PRO K 8 -11.78 -11.90 -28.81
C PRO K 8 -10.99 -12.70 -29.82
N THR K 9 -10.33 -11.97 -30.72
CA THR K 9 -9.51 -12.59 -31.75
C THR K 9 -8.24 -13.18 -31.13
N ILE K 10 -7.77 -14.26 -31.73
CA ILE K 10 -6.58 -14.96 -31.28
C ILE K 10 -5.40 -14.53 -32.14
N VAL K 11 -4.38 -13.96 -31.50
CA VAL K 11 -3.17 -13.57 -32.22
C VAL K 11 -2.40 -14.81 -32.65
N VAL K 12 -1.92 -14.81 -33.89
CA VAL K 12 -1.17 -15.92 -34.44
C VAL K 12 0.03 -16.25 -33.57
N LEU K 13 0.99 -15.33 -33.51
CA LEU K 13 2.15 -15.51 -32.66
C LEU K 13 1.79 -15.35 -31.19
N LYS K 14 2.63 -15.91 -30.33
CA LYS K 14 2.41 -15.81 -28.89
C LYS K 14 2.51 -14.35 -28.45
N GLU K 15 1.70 -13.98 -27.46
CA GLU K 15 1.70 -12.62 -26.95
C GLU K 15 3.05 -12.26 -26.35
N GLY K 16 3.62 -11.14 -26.81
CA GLY K 16 4.93 -10.72 -26.38
C GLY K 16 6.05 -11.01 -27.35
N THR K 17 5.75 -11.62 -28.49
CA THR K 17 6.76 -11.94 -29.49
C THR K 17 6.97 -10.74 -30.41
N ASP K 18 8.23 -10.31 -30.52
CA ASP K 18 8.57 -9.18 -31.37
C ASP K 18 8.93 -9.68 -32.76
N ALA K 19 8.14 -9.28 -33.75
CA ALA K 19 8.38 -9.68 -35.14
C ALA K 19 8.15 -8.49 -36.05
N SER K 20 9.14 -8.20 -36.89
CA SER K 20 9.05 -7.11 -37.86
C SER K 20 9.77 -7.52 -39.13
N GLN K 21 9.18 -7.17 -40.28
CA GLN K 21 9.71 -7.55 -41.58
C GLN K 21 9.79 -6.32 -42.47
N GLY K 22 10.49 -6.49 -43.60
CA GLY K 22 10.69 -5.42 -44.55
C GLY K 22 12.11 -4.88 -44.48
N LYS K 23 12.34 -3.83 -45.28
CA LYS K 23 13.66 -3.20 -45.34
C LYS K 23 14.04 -2.55 -44.02
N GLY K 24 13.06 -2.17 -43.19
CA GLY K 24 13.38 -1.56 -41.91
C GLY K 24 14.01 -2.50 -40.91
N GLN K 25 13.82 -3.82 -41.08
CA GLN K 25 14.43 -4.78 -40.17
C GLN K 25 15.91 -4.97 -40.47
N ILE K 26 16.30 -4.92 -41.74
CA ILE K 26 17.70 -5.09 -42.09
C ILE K 26 18.51 -3.88 -41.64
N ILE K 27 17.95 -2.67 -41.78
CA ILE K 27 18.65 -1.48 -41.32
C ILE K 27 18.84 -1.51 -39.81
N SER K 28 17.86 -2.05 -39.08
CA SER K 28 18.02 -2.21 -37.65
C SER K 28 19.07 -3.26 -37.31
N ASN K 29 19.22 -4.27 -38.17
CA ASN K 29 20.25 -5.29 -37.95
C ASN K 29 21.64 -4.77 -38.29
N ILE K 30 21.75 -3.89 -39.28
CA ILE K 30 23.05 -3.33 -39.63
C ILE K 30 23.49 -2.31 -38.58
N ASN K 31 22.57 -1.48 -38.10
CA ASN K 31 22.91 -0.51 -37.07
C ASN K 31 23.35 -1.18 -35.78
N ALA K 32 22.91 -2.42 -35.54
CA ALA K 32 23.37 -3.15 -34.37
C ALA K 32 24.83 -3.56 -34.53
N CYS K 33 25.25 -3.88 -35.75
CA CYS K 33 26.64 -4.23 -36.00
C CYS K 33 27.54 -3.00 -36.06
N VAL K 34 27.03 -1.87 -36.54
CA VAL K 34 27.83 -0.65 -36.60
C VAL K 34 28.08 -0.11 -35.20
N ALA K 35 27.08 -0.17 -34.33
CA ALA K 35 27.25 0.32 -32.97
C ALA K 35 28.31 -0.47 -32.23
N VAL K 36 28.39 -1.77 -32.47
CA VAL K 36 29.46 -2.58 -31.87
C VAL K 36 30.80 -2.23 -32.51
N GLN K 37 30.81 -1.90 -33.81
CA GLN K 37 32.05 -1.55 -34.48
C GLN K 37 32.62 -0.23 -33.96
N GLU K 38 31.77 0.68 -33.49
CA GLU K 38 32.25 1.98 -33.03
C GLU K 38 33.23 1.85 -31.88
N ALA K 39 33.08 0.81 -31.05
CA ALA K 39 34.01 0.62 -29.95
C ALA K 39 35.34 0.05 -30.40
N LEU K 40 35.36 -0.72 -31.48
CA LEU K 40 36.57 -1.35 -31.97
C LEU K 40 37.29 -0.53 -33.04
N LYS K 41 36.72 0.62 -33.45
CA LYS K 41 37.42 1.47 -34.41
C LYS K 41 38.71 2.06 -33.85
N PRO K 42 38.70 2.73 -32.68
CA PRO K 42 39.96 3.30 -32.19
C PRO K 42 40.98 2.26 -31.76
N THR K 43 40.57 1.02 -31.53
CA THR K 43 41.51 -0.02 -31.08
C THR K 43 42.41 -0.51 -32.22
N LEU K 44 42.03 -0.28 -33.47
CA LEU K 44 42.83 -0.76 -34.59
C LEU K 44 44.08 0.07 -34.76
N GLY K 45 45.21 -0.60 -34.96
CA GLY K 45 46.48 0.07 -35.17
C GLY K 45 47.39 0.00 -33.97
N PRO K 46 48.70 0.14 -34.20
CA PRO K 46 49.65 0.12 -33.08
C PRO K 46 49.39 1.22 -32.06
N LEU K 47 48.77 2.32 -32.47
CA LEU K 47 48.43 3.41 -31.58
C LEU K 47 47.04 3.26 -30.97
N GLY K 48 46.38 2.12 -31.21
CA GLY K 48 45.06 1.91 -30.66
C GLY K 48 45.04 1.95 -29.13
N SER K 49 43.84 2.19 -28.60
CA SER K 49 43.65 2.37 -27.17
C SER K 49 42.89 1.19 -26.57
N ASP K 50 43.21 0.87 -25.33
CA ASP K 50 42.56 -0.23 -24.62
C ASP K 50 41.16 0.19 -24.20
N ILE K 51 40.32 -0.81 -23.94
CA ILE K 51 38.94 -0.62 -23.49
C ILE K 51 38.79 -1.25 -22.12
N LEU K 52 38.28 -0.48 -21.16
CA LEU K 52 38.02 -0.96 -19.80
C LEU K 52 36.56 -1.39 -19.71
N ILE K 53 36.33 -2.64 -19.30
CA ILE K 53 35.00 -3.20 -19.21
C ILE K 53 34.82 -3.83 -17.83
N VAL K 54 33.72 -3.51 -17.16
CA VAL K 54 33.38 -4.09 -15.87
C VAL K 54 32.05 -4.84 -16.03
N THR K 55 32.06 -6.12 -15.68
CA THR K 55 30.88 -6.95 -15.81
C THR K 55 29.98 -6.77 -14.59
N SER K 56 28.92 -7.58 -14.51
CA SER K 56 28.00 -7.49 -13.37
C SER K 56 28.62 -8.02 -12.08
N ASN K 57 29.69 -8.80 -12.18
CA ASN K 57 30.38 -9.34 -11.01
C ASN K 57 31.49 -8.42 -10.52
N GLN K 58 31.65 -7.25 -11.12
CA GLN K 58 32.71 -6.30 -10.75
C GLN K 58 34.09 -6.91 -10.92
N LYS K 59 34.26 -7.70 -11.97
CA LYS K 59 35.54 -8.32 -12.31
C LYS K 59 36.20 -7.49 -13.40
N THR K 60 37.32 -6.85 -13.06
CA THR K 60 38.02 -5.98 -14.00
C THR K 60 38.77 -6.81 -15.03
N THR K 61 38.52 -6.53 -16.30
CA THR K 61 39.23 -7.18 -17.40
C THR K 61 39.54 -6.15 -18.47
N ILE K 62 40.81 -6.07 -18.87
CA ILE K 62 41.27 -5.13 -19.89
C ILE K 62 41.85 -5.93 -21.04
N SER K 63 41.27 -5.76 -22.23
CA SER K 63 41.75 -6.44 -23.43
C SER K 63 41.71 -5.49 -24.61
N ASN K 64 42.80 -5.43 -25.36
CA ASN K 64 42.85 -4.56 -26.54
C ASN K 64 42.16 -5.19 -27.74
N ASP K 65 42.36 -6.48 -27.96
CA ASP K 65 41.77 -7.15 -29.11
C ASP K 65 40.27 -7.32 -28.95
N GLY K 66 39.57 -7.36 -30.09
CA GLY K 66 38.13 -7.47 -30.09
C GLY K 66 37.58 -8.84 -29.77
N ALA K 67 38.45 -9.85 -29.63
CA ALA K 67 37.98 -11.19 -29.32
C ALA K 67 37.50 -11.28 -27.87
N THR K 68 38.31 -10.80 -26.92
CA THR K 68 37.93 -10.87 -25.52
C THR K 68 36.94 -9.77 -25.15
N ILE K 69 37.01 -8.62 -25.82
CA ILE K 69 36.07 -7.53 -25.54
C ILE K 69 34.63 -8.00 -25.75
N LEU K 70 34.38 -8.74 -26.83
CA LEU K 70 33.04 -9.24 -27.09
C LEU K 70 32.64 -10.38 -26.16
N LYS K 71 33.63 -11.03 -25.53
CA LYS K 71 33.32 -12.08 -24.56
C LYS K 71 32.88 -11.52 -23.22
N LEU K 72 33.37 -10.34 -22.86
CA LEU K 72 33.02 -9.76 -21.56
C LEU K 72 31.57 -9.31 -21.54
N LEU K 73 31.16 -8.51 -22.52
CA LEU K 73 29.78 -8.05 -22.59
C LEU K 73 28.87 -9.15 -23.10
N ASP K 74 27.66 -9.20 -22.57
CA ASP K 74 26.67 -10.18 -22.98
C ASP K 74 25.84 -9.59 -24.12
N VAL K 75 25.95 -10.19 -25.31
CA VAL K 75 25.30 -9.67 -26.50
C VAL K 75 23.89 -10.24 -26.58
N VAL K 76 22.92 -9.39 -26.85
CA VAL K 76 21.50 -9.77 -26.94
C VAL K 76 21.04 -9.83 -28.39
N HIS K 77 21.09 -8.70 -29.10
CA HIS K 77 20.60 -8.63 -30.46
C HIS K 77 21.27 -9.69 -31.34
N PRO K 78 20.51 -10.43 -32.14
CA PRO K 78 21.11 -11.54 -32.89
C PRO K 78 22.19 -11.13 -33.88
N ALA K 79 21.97 -10.03 -34.62
CA ALA K 79 22.94 -9.62 -35.63
C ALA K 79 24.27 -9.22 -35.00
N ALA K 80 24.23 -8.68 -33.78
CA ALA K 80 25.47 -8.33 -33.09
C ALA K 80 26.26 -9.55 -32.63
N LYS K 81 25.59 -10.70 -32.50
CA LYS K 81 26.30 -11.93 -32.17
C LYS K 81 27.15 -12.44 -33.33
N THR K 82 26.84 -12.01 -34.56
CA THR K 82 27.63 -12.44 -35.71
C THR K 82 29.05 -11.92 -35.63
N LEU K 83 29.22 -10.67 -35.18
CA LEU K 83 30.56 -10.11 -34.98
C LEU K 83 31.30 -10.81 -33.84
N VAL K 84 30.58 -11.45 -32.92
CA VAL K 84 31.23 -12.17 -31.84
C VAL K 84 31.74 -13.52 -32.34
N ASP K 85 30.99 -14.17 -33.24
CA ASP K 85 31.40 -15.47 -33.74
C ASP K 85 32.66 -15.37 -34.60
N ILE K 86 32.75 -14.32 -35.43
CA ILE K 86 33.94 -14.15 -36.26
C ILE K 86 35.15 -13.78 -35.43
N SER K 87 34.93 -13.17 -34.26
CA SER K 87 36.05 -12.82 -33.39
C SER K 87 36.58 -14.06 -32.67
N ARG K 88 35.69 -14.98 -32.28
CA ARG K 88 36.12 -16.20 -31.63
C ARG K 88 36.66 -17.22 -32.63
N ALA K 89 36.13 -17.22 -33.86
CA ALA K 89 36.67 -18.11 -34.89
C ALA K 89 38.05 -17.66 -35.33
N GLN K 90 38.25 -16.34 -35.47
CA GLN K 90 39.57 -15.83 -35.81
C GLN K 90 40.57 -16.04 -34.69
N ASP K 91 40.10 -16.04 -33.44
CA ASP K 91 40.99 -16.23 -32.30
C ASP K 91 41.45 -17.69 -32.21
N ALA K 92 40.52 -18.63 -32.36
CA ALA K 92 40.87 -20.05 -32.23
C ALA K 92 41.69 -20.52 -33.42
N GLU K 93 41.33 -20.12 -34.64
CA GLU K 93 42.05 -20.58 -35.82
C GLU K 93 43.44 -19.94 -35.89
N VAL K 94 43.50 -18.62 -35.82
CA VAL K 94 44.78 -17.91 -35.91
C VAL K 94 45.02 -17.13 -34.64
N GLY K 95 44.19 -16.13 -34.36
CA GLY K 95 44.32 -15.29 -33.19
C GLY K 95 44.80 -13.89 -33.46
N ASP K 96 45.23 -13.58 -34.68
CA ASP K 96 45.70 -12.25 -35.05
C ASP K 96 44.65 -11.56 -35.92
N GLY K 97 44.54 -10.25 -35.76
CA GLY K 97 43.57 -9.50 -36.55
C GLY K 97 42.13 -9.74 -36.18
N THR K 98 41.85 -10.19 -34.95
CA THR K 98 40.48 -10.42 -34.54
C THR K 98 39.67 -9.13 -34.55
N THR K 99 40.32 -7.99 -34.32
CA THR K 99 39.63 -6.71 -34.40
C THR K 99 39.39 -6.28 -35.84
N SER K 100 40.38 -6.51 -36.71
CA SER K 100 40.26 -6.11 -38.11
C SER K 100 39.16 -6.88 -38.82
N VAL K 101 38.89 -8.11 -38.39
CA VAL K 101 37.80 -8.88 -39.02
C VAL K 101 36.46 -8.24 -38.72
N THR K 102 36.26 -7.76 -37.49
CA THR K 102 35.01 -7.08 -37.16
C THR K 102 34.88 -5.77 -37.90
N ILE K 103 35.99 -5.05 -38.10
CA ILE K 103 35.95 -3.79 -38.83
C ILE K 103 35.57 -4.02 -40.29
N LEU K 104 36.11 -5.08 -40.90
CA LEU K 104 35.78 -5.36 -42.30
C LEU K 104 34.36 -5.89 -42.43
N ALA K 105 33.92 -6.74 -41.50
CA ALA K 105 32.58 -7.30 -41.58
C ALA K 105 31.52 -6.22 -41.38
N GLY K 106 31.80 -5.23 -40.52
CA GLY K 106 30.85 -4.16 -40.32
C GLY K 106 30.90 -3.09 -41.39
N GLU K 107 32.06 -2.91 -42.03
CA GLU K 107 32.17 -1.92 -43.10
C GLU K 107 31.42 -2.37 -44.35
N LEU K 108 31.40 -3.67 -44.63
CA LEU K 108 30.64 -4.18 -45.77
C LEU K 108 29.15 -3.91 -45.58
N MET K 109 28.67 -4.02 -44.34
CA MET K 109 27.28 -3.68 -44.05
C MET K 109 27.04 -2.17 -44.15
N LYS K 110 28.07 -1.37 -43.85
CA LYS K 110 27.93 0.07 -43.93
C LYS K 110 27.88 0.55 -45.38
N GLU K 111 28.69 -0.06 -46.25
CA GLU K 111 28.66 0.30 -47.66
C GLU K 111 27.41 -0.21 -48.36
N ALA K 112 26.72 -1.19 -47.78
CA ALA K 112 25.46 -1.68 -48.34
C ALA K 112 24.26 -0.85 -47.91
N LYS K 113 24.46 0.16 -47.05
CA LYS K 113 23.34 1.00 -46.64
C LYS K 113 22.75 1.81 -47.79
N PRO K 114 23.53 2.51 -48.62
CA PRO K 114 22.92 3.22 -49.76
C PRO K 114 22.36 2.30 -50.82
N PHE K 115 22.82 1.04 -50.89
CA PHE K 115 22.29 0.10 -51.86
C PHE K 115 20.93 -0.42 -51.45
N LEU K 116 20.71 -0.62 -50.14
CA LEU K 116 19.41 -1.08 -49.66
C LEU K 116 18.36 0.02 -49.74
N GLU K 117 18.78 1.28 -49.59
CA GLU K 117 17.84 2.38 -49.75
C GLU K 117 17.35 2.52 -51.19
N GLU K 118 18.08 1.97 -52.15
CA GLU K 118 17.66 1.96 -53.54
C GLU K 118 16.69 0.80 -53.77
N GLY K 119 16.36 0.54 -55.03
CA GLY K 119 15.49 -0.57 -55.37
C GLY K 119 16.16 -1.92 -55.46
N ILE K 120 17.46 -2.00 -55.16
CA ILE K 120 18.19 -3.25 -55.24
C ILE K 120 17.93 -4.05 -53.97
N SER K 121 17.35 -5.24 -54.13
CA SER K 121 17.15 -6.14 -52.99
C SER K 121 18.48 -6.78 -52.58
N SER K 122 18.51 -7.28 -51.35
CA SER K 122 19.75 -7.78 -50.75
C SER K 122 20.29 -9.03 -51.43
N HIS K 123 19.51 -9.70 -52.29
CA HIS K 123 20.00 -10.92 -52.90
C HIS K 123 21.06 -10.62 -53.97
N LEU K 124 20.87 -9.54 -54.72
CA LEU K 124 21.86 -9.16 -55.73
C LEU K 124 23.11 -8.53 -55.11
N ILE K 125 22.99 -7.98 -53.89
CA ILE K 125 24.15 -7.38 -53.24
C ILE K 125 25.11 -8.47 -52.77
N MET K 126 24.58 -9.59 -52.26
CA MET K 126 25.44 -10.67 -51.81
C MET K 126 26.19 -11.32 -52.97
N LYS K 127 25.63 -11.25 -54.18
CA LYS K 127 26.30 -11.86 -55.33
C LYS K 127 27.59 -11.13 -55.66
N GLY K 128 27.62 -9.81 -55.46
CA GLY K 128 28.84 -9.05 -55.72
C GLY K 128 29.94 -9.34 -54.72
N TYR K 129 29.55 -9.56 -53.46
CA TYR K 129 30.55 -9.88 -52.43
C TYR K 129 31.08 -11.30 -52.60
N ARG K 130 30.21 -12.24 -52.96
CA ARG K 130 30.65 -13.62 -53.16
C ARG K 130 31.56 -13.73 -54.39
N LYS K 131 31.36 -12.88 -55.39
CA LYS K 131 32.23 -12.90 -56.56
C LYS K 131 33.55 -12.19 -56.29
N ALA K 132 33.53 -11.12 -55.48
CA ALA K 132 34.75 -10.36 -55.22
C ALA K 132 35.64 -11.04 -54.19
N VAL K 133 35.07 -11.84 -53.29
CA VAL K 133 35.88 -12.50 -52.27
C VAL K 133 36.73 -13.61 -52.88
N SER K 134 36.27 -14.21 -53.99
CA SER K 134 37.03 -15.26 -54.64
C SER K 134 38.27 -14.70 -55.32
N LEU K 135 38.16 -13.51 -55.92
CA LEU K 135 39.29 -12.90 -56.59
C LEU K 135 40.26 -12.25 -55.60
N ALA K 136 39.75 -11.78 -54.45
CA ALA K 136 40.62 -11.14 -53.47
C ALA K 136 41.56 -12.13 -52.80
N VAL K 137 41.12 -13.38 -52.63
CA VAL K 137 41.98 -14.40 -52.03
C VAL K 137 43.09 -14.79 -52.99
N GLU K 138 42.77 -14.88 -54.29
CA GLU K 138 43.79 -15.25 -55.27
C GLU K 138 44.85 -14.16 -55.41
N LYS K 139 44.51 -12.92 -55.08
CA LYS K 139 45.49 -11.84 -55.17
C LYS K 139 46.53 -11.94 -54.05
N ILE K 140 46.13 -12.43 -52.87
CA ILE K 140 47.06 -12.55 -51.76
C ILE K 140 48.11 -13.63 -52.05
N ASN K 141 47.68 -14.75 -52.65
CA ASN K 141 48.63 -15.81 -52.96
C ASN K 141 49.63 -15.39 -54.03
N GLU K 142 49.24 -14.47 -54.91
CA GLU K 142 50.16 -13.98 -55.93
C GLU K 142 51.17 -12.98 -55.38
N LEU K 143 50.84 -12.32 -54.27
CA LEU K 143 51.75 -11.36 -53.64
C LEU K 143 52.65 -11.99 -52.58
N ALA K 144 52.51 -13.29 -52.33
CA ALA K 144 53.32 -13.98 -51.34
C ALA K 144 54.62 -14.44 -51.98
N VAL K 145 55.75 -14.13 -51.34
CA VAL K 145 57.07 -14.49 -51.81
C VAL K 145 57.66 -15.52 -50.87
N ASP K 146 58.19 -16.61 -51.43
CA ASP K 146 58.78 -17.66 -50.60
C ASP K 146 60.06 -17.16 -49.95
N ILE K 147 60.24 -17.52 -48.68
CA ILE K 147 61.41 -17.07 -47.94
C ILE K 147 62.65 -17.89 -48.31
N THR K 148 62.46 -19.12 -48.78
CA THR K 148 63.60 -19.97 -49.12
C THR K 148 64.26 -19.56 -50.43
N SER K 149 63.67 -18.63 -51.19
CA SER K 149 64.28 -18.18 -52.43
C SER K 149 65.55 -17.36 -52.16
N GLU K 150 65.58 -16.62 -51.05
CA GLU K 150 66.75 -15.84 -50.68
C GLU K 150 67.75 -16.61 -49.83
N LYS K 151 67.38 -17.82 -49.39
CA LYS K 151 68.24 -18.67 -48.57
C LYS K 151 68.68 -17.95 -47.29
N SER K 152 67.69 -17.39 -46.58
CA SER K 152 67.94 -16.69 -45.34
C SER K 152 67.86 -17.66 -44.16
N SER K 153 68.09 -17.13 -42.96
CA SER K 153 68.06 -17.95 -41.75
C SER K 153 66.63 -18.13 -41.27
N GLY K 154 66.36 -19.31 -40.71
CA GLY K 154 65.04 -19.62 -40.19
C GLY K 154 64.73 -18.98 -38.85
N ARG K 155 65.76 -18.65 -38.07
CA ARG K 155 65.54 -18.02 -36.77
C ARG K 155 65.13 -16.56 -36.92
N GLU K 156 65.77 -15.83 -37.83
CA GLU K 156 65.44 -14.43 -38.05
C GLU K 156 64.09 -14.25 -38.74
N LEU K 157 63.57 -15.31 -39.37
CA LEU K 157 62.26 -15.22 -40.01
C LEU K 157 61.15 -15.08 -38.97
N LEU K 158 61.22 -15.85 -37.89
CA LEU K 158 60.19 -15.81 -36.86
C LEU K 158 60.31 -14.57 -35.97
N GLU K 159 61.47 -13.92 -35.95
CA GLU K 159 61.64 -12.75 -35.10
C GLU K 159 60.94 -11.52 -35.68
N ARG K 160 61.03 -11.31 -36.99
CA ARG K 160 60.39 -10.15 -37.60
C ARG K 160 58.88 -10.30 -37.62
N CYS K 161 58.38 -11.53 -37.74
CA CYS K 161 56.93 -11.73 -37.73
C CYS K 161 56.34 -11.60 -36.34
N ALA K 162 57.14 -11.90 -35.30
CA ALA K 162 56.64 -11.81 -33.93
C ALA K 162 56.55 -10.35 -33.47
N ARG K 163 57.45 -9.49 -33.95
CA ARG K 163 57.41 -8.09 -33.55
C ARG K 163 56.21 -7.35 -34.12
N THR K 164 55.56 -7.90 -35.15
CA THR K 164 54.38 -7.25 -35.71
C THR K 164 53.18 -7.38 -34.77
N ALA K 165 52.98 -8.57 -34.20
CA ALA K 165 51.88 -8.79 -33.28
C ALA K 165 52.07 -8.07 -31.96
N MET K 166 53.31 -7.66 -31.64
CA MET K 166 53.57 -6.94 -30.40
C MET K 166 53.03 -5.51 -30.43
N SER K 167 52.64 -5.01 -31.60
CA SER K 167 52.10 -3.66 -31.71
C SER K 167 50.74 -3.57 -31.04
N SER K 168 50.34 -2.34 -30.71
CA SER K 168 49.06 -2.03 -30.08
C SER K 168 48.97 -2.56 -28.65
N LYS K 169 49.99 -3.30 -28.21
CA LYS K 169 50.04 -3.84 -26.87
C LYS K 169 51.04 -3.05 -26.03
N LEU K 170 51.19 -3.46 -24.77
CA LEU K 170 52.17 -2.85 -23.88
C LEU K 170 53.60 -3.30 -24.16
N ILE K 171 53.77 -4.28 -25.04
CA ILE K 171 55.10 -4.83 -25.32
C ILE K 171 55.87 -4.00 -26.33
N HIS K 172 55.18 -3.12 -27.07
CA HIS K 172 55.80 -2.40 -28.18
C HIS K 172 57.10 -1.71 -27.77
N ASN K 173 57.14 -1.13 -26.57
CA ASN K 173 58.38 -0.50 -26.10
C ASN K 173 59.37 -1.52 -25.58
N ASN K 174 58.87 -2.58 -24.93
CA ASN K 174 59.70 -3.61 -24.32
C ASN K 174 59.94 -4.80 -25.25
N ALA K 175 59.49 -4.71 -26.51
CA ALA K 175 59.57 -5.85 -27.43
C ALA K 175 61.00 -6.35 -27.64
N ASP K 176 62.02 -5.56 -27.28
CA ASP K 176 63.40 -6.03 -27.42
C ASP K 176 63.63 -7.32 -26.65
N PHE K 177 63.29 -7.33 -25.36
CA PHE K 177 63.50 -8.51 -24.54
C PHE K 177 62.41 -9.56 -24.71
N PHE K 178 61.16 -9.14 -24.95
CA PHE K 178 60.04 -10.07 -24.93
C PHE K 178 59.93 -10.90 -26.21
N VAL K 179 60.31 -10.35 -27.36
CA VAL K 179 60.23 -11.11 -28.60
C VAL K 179 61.23 -12.27 -28.58
N LYS K 180 62.40 -12.06 -27.98
CA LYS K 180 63.39 -13.11 -27.88
C LYS K 180 62.93 -14.30 -27.05
N MET K 181 61.81 -14.15 -26.32
CA MET K 181 61.26 -15.25 -25.53
C MET K 181 60.34 -16.14 -26.36
N CYS K 182 59.25 -15.56 -26.87
CA CYS K 182 58.26 -16.35 -27.60
C CYS K 182 58.85 -17.03 -28.83
N VAL K 183 59.85 -16.41 -29.45
CA VAL K 183 60.49 -17.04 -30.61
C VAL K 183 61.19 -18.33 -30.19
N ASP K 184 61.87 -18.30 -29.04
CA ASP K 184 62.49 -19.50 -28.51
C ASP K 184 61.49 -20.49 -27.93
N ALA K 185 60.25 -20.07 -27.73
CA ALA K 185 59.24 -20.96 -27.17
C ALA K 185 58.69 -21.92 -28.21
N VAL K 186 58.53 -21.46 -29.45
CA VAL K 186 57.99 -22.31 -30.50
C VAL K 186 59.06 -23.28 -31.01
N LEU K 187 60.34 -22.90 -30.93
CA LEU K 187 61.40 -23.77 -31.40
C LEU K 187 61.57 -24.99 -30.51
N SER K 188 61.19 -24.89 -29.24
CA SER K 188 61.25 -26.04 -28.34
C SER K 188 60.20 -27.08 -28.71
N LEU K 189 59.03 -26.63 -29.14
CA LEU K 189 57.97 -27.55 -29.55
C LEU K 189 58.36 -28.25 -30.85
N ASP K 190 57.74 -29.41 -31.08
CA ASP K 190 57.98 -30.15 -32.30
C ASP K 190 57.33 -29.44 -33.48
N ARG K 191 58.01 -29.44 -34.63
CA ARG K 191 57.46 -28.79 -35.81
C ARG K 191 56.22 -29.50 -36.33
N ASN K 192 56.10 -30.80 -36.06
CA ASN K 192 54.93 -31.55 -36.51
C ASN K 192 53.73 -31.33 -35.60
N ASP K 193 53.97 -31.19 -34.29
CA ASP K 193 52.88 -31.03 -33.31
C ASP K 193 53.15 -29.77 -32.50
N LEU K 194 52.28 -28.78 -32.65
CA LEU K 194 52.37 -27.53 -31.91
C LEU K 194 51.16 -27.41 -30.99
N ASP K 195 51.40 -27.10 -29.72
CA ASP K 195 50.37 -27.12 -28.70
C ASP K 195 50.33 -25.80 -27.95
N ASP K 196 49.13 -25.29 -27.72
CA ASP K 196 48.93 -24.06 -26.97
C ASP K 196 48.76 -24.29 -25.47
N LYS K 197 48.58 -25.54 -25.03
CA LYS K 197 48.48 -25.82 -23.61
C LYS K 197 49.84 -25.89 -22.95
N LEU K 198 50.88 -26.27 -23.70
CA LEU K 198 52.22 -26.36 -23.13
C LEU K 198 52.85 -24.99 -22.92
N ILE K 199 52.37 -23.96 -23.63
CA ILE K 199 52.93 -22.62 -23.54
C ILE K 199 52.17 -21.81 -22.49
N GLY K 200 51.26 -22.47 -21.79
CA GLY K 200 50.43 -21.81 -20.78
C GLY K 200 51.20 -20.98 -19.78
N ILE K 201 50.74 -19.75 -19.56
CA ILE K 201 51.45 -18.77 -18.73
C ILE K 201 50.76 -18.69 -17.38
N LYS K 202 51.54 -18.76 -16.31
CA LYS K 202 51.02 -18.58 -14.97
C LYS K 202 50.94 -17.10 -14.62
N LYS K 203 49.93 -16.74 -13.85
CA LYS K 203 49.72 -15.37 -13.39
C LYS K 203 50.35 -15.22 -12.01
N ILE K 204 51.41 -14.43 -11.93
CA ILE K 204 52.13 -14.20 -10.68
C ILE K 204 51.97 -12.72 -10.32
N PRO K 205 51.19 -12.38 -9.30
CA PRO K 205 51.01 -10.97 -8.94
C PRO K 205 52.32 -10.34 -8.49
N GLY K 206 52.51 -9.08 -8.87
CA GLY K 206 53.70 -8.34 -8.49
C GLY K 206 54.85 -8.52 -9.47
N GLY K 207 55.89 -7.75 -9.24
CA GLY K 207 57.09 -7.84 -10.05
C GLY K 207 57.10 -6.90 -11.23
N ALA K 208 58.13 -7.03 -12.04
CA ALA K 208 58.31 -6.23 -13.25
C ALA K 208 58.32 -7.13 -14.47
N MET K 209 57.84 -6.59 -15.59
CA MET K 209 57.72 -7.39 -16.81
C MET K 209 59.08 -7.74 -17.39
N GLU K 210 60.03 -6.80 -17.35
CA GLU K 210 61.36 -7.06 -17.90
C GLU K 210 62.17 -8.03 -17.03
N GLU K 211 61.69 -8.36 -15.85
CA GLU K 211 62.36 -9.33 -14.98
C GLU K 211 61.97 -10.78 -15.30
N SER K 212 61.12 -10.98 -16.31
CA SER K 212 60.69 -12.33 -16.67
C SER K 212 61.85 -13.14 -17.23
N LEU K 213 61.71 -14.45 -17.16
CA LEU K 213 62.73 -15.39 -17.64
C LEU K 213 62.09 -16.45 -18.53
N PHE K 214 62.92 -17.08 -19.34
CA PHE K 214 62.50 -18.16 -20.23
C PHE K 214 63.44 -19.33 -20.05
N ILE K 215 62.89 -20.47 -19.62
CA ILE K 215 63.65 -21.70 -19.43
C ILE K 215 62.84 -22.85 -20.01
N ASN K 216 63.53 -23.79 -20.67
CA ASN K 216 62.87 -24.92 -21.31
C ASN K 216 62.12 -25.81 -20.33
N GLY K 217 62.36 -25.67 -19.02
CA GLY K 217 61.67 -26.45 -18.02
C GLY K 217 60.24 -25.98 -17.81
N VAL K 218 59.64 -26.48 -16.72
CA VAL K 218 58.27 -26.19 -16.37
C VAL K 218 58.18 -25.95 -14.87
N ALA K 219 57.04 -25.39 -14.44
CA ALA K 219 56.80 -25.09 -13.03
C ALA K 219 55.39 -25.55 -12.67
N PHE K 220 55.31 -26.46 -11.70
CA PHE K 220 54.04 -26.98 -11.21
C PHE K 220 53.52 -26.23 -9.99
N LYS K 221 54.18 -25.15 -9.58
CA LYS K 221 53.80 -24.32 -8.42
C LYS K 221 53.81 -25.23 -7.18
N LYS K 222 52.85 -25.08 -6.27
CA LYS K 222 52.77 -25.90 -5.07
C LYS K 222 51.35 -25.82 -4.53
N THR K 223 51.01 -26.77 -3.66
CA THR K 223 49.68 -26.82 -3.08
C THR K 223 49.74 -26.77 -1.56
N PHE K 224 50.20 -27.82 -0.89
CA PHE K 224 50.16 -27.91 0.56
C PHE K 224 51.55 -27.88 1.17
N SER K 225 52.44 -28.80 0.75
CA SER K 225 53.74 -29.02 1.35
C SER K 225 53.60 -29.55 2.79
N TYR K 226 53.26 -30.83 2.90
CA TYR K 226 52.95 -31.48 4.17
C TYR K 226 54.17 -31.53 5.07
N ALA K 227 53.99 -32.16 6.24
CA ALA K 227 55.06 -32.27 7.22
C ALA K 227 56.29 -32.91 6.59
N GLY K 228 57.46 -32.32 6.87
CA GLY K 228 58.69 -32.71 6.23
C GLY K 228 59.18 -31.73 5.19
N PHE K 229 58.42 -30.68 4.90
CA PHE K 229 58.83 -29.67 3.93
C PHE K 229 59.90 -28.77 4.57
N GLU K 230 60.46 -27.89 3.73
CA GLU K 230 61.38 -26.79 4.09
C GLU K 230 62.66 -27.29 4.75
N GLN K 231 62.69 -28.57 5.15
CA GLN K 231 63.94 -29.21 5.52
C GLN K 231 64.69 -29.73 4.30
N GLN K 232 63.96 -30.22 3.30
CA GLN K 232 64.58 -30.80 2.12
C GLN K 232 65.25 -29.71 1.30
N PRO K 233 66.43 -29.98 0.73
CA PRO K 233 67.09 -28.98 -0.11
C PRO K 233 66.25 -28.64 -1.33
N LYS K 234 66.17 -27.35 -1.64
CA LYS K 234 65.43 -26.87 -2.79
C LYS K 234 66.32 -26.68 -4.01
N LYS K 235 67.61 -27.01 -3.91
CA LYS K 235 68.55 -26.91 -5.02
C LYS K 235 69.14 -28.28 -5.29
N PHE K 236 68.90 -28.82 -6.48
CA PHE K 236 69.38 -30.12 -6.87
C PHE K 236 70.38 -29.99 -8.02
N ASN K 237 71.28 -30.96 -8.13
CA ASN K 237 72.26 -31.00 -9.22
C ASN K 237 71.71 -31.79 -10.39
N ASN K 238 71.61 -33.11 -10.23
CA ASN K 238 71.07 -34.00 -11.27
C ASN K 238 70.02 -34.91 -10.64
N PRO K 239 68.84 -34.38 -10.33
CA PRO K 239 67.80 -35.19 -9.72
C PRO K 239 67.12 -36.10 -10.75
N LYS K 240 66.50 -37.16 -10.23
CA LYS K 240 65.73 -38.10 -11.04
C LYS K 240 64.25 -37.82 -10.80
N ILE K 241 63.57 -37.30 -11.81
CA ILE K 241 62.17 -36.90 -11.67
C ILE K 241 61.29 -38.13 -11.84
N LEU K 242 60.43 -38.37 -10.84
CA LEU K 242 59.47 -39.47 -10.86
C LEU K 242 58.08 -38.91 -10.65
N SER K 243 57.11 -39.47 -11.39
CA SER K 243 55.72 -39.05 -11.29
C SER K 243 54.84 -40.28 -11.06
N LEU K 244 53.82 -40.11 -10.22
CA LEU K 244 52.96 -41.21 -9.82
C LEU K 244 51.51 -40.78 -9.95
N ASN K 245 50.71 -41.56 -10.67
CA ASN K 245 49.28 -41.35 -10.71
C ASN K 245 48.54 -41.97 -9.52
N VAL K 246 49.21 -42.85 -8.79
CA VAL K 246 48.60 -43.49 -7.62
C VAL K 246 48.64 -42.51 -6.44
N GLU K 247 47.61 -42.55 -5.61
CA GLU K 247 47.52 -41.69 -4.45
C GLU K 247 48.17 -42.38 -3.25
N LEU K 248 49.00 -41.64 -2.52
CA LEU K 248 49.64 -42.14 -1.32
C LEU K 248 48.90 -41.59 -0.12
N GLU K 249 48.14 -42.45 0.54
CA GLU K 249 47.33 -42.10 1.70
C GLU K 249 47.15 -43.35 2.56
N LEU K 250 46.73 -43.14 3.80
CA LEU K 250 46.34 -44.24 4.66
C LEU K 250 44.82 -44.20 4.79
N LYS K 251 44.15 -45.13 4.12
CA LYS K 251 42.69 -45.26 4.13
C LYS K 251 41.98 -43.92 4.04
N ALA K 252 42.13 -43.22 2.92
CA ALA K 252 41.50 -41.91 2.74
C ALA K 252 40.48 -41.93 1.62
N GLU K 253 40.90 -41.99 0.36
CA GLU K 253 39.97 -42.02 -0.76
C GLU K 253 39.54 -43.44 -1.11
N LYS K 254 40.16 -44.46 -0.52
CA LYS K 254 39.73 -45.84 -0.75
C LYS K 254 38.36 -46.06 -0.16
N ASP K 255 37.58 -46.92 -0.83
CA ASP K 255 36.24 -47.23 -0.36
C ASP K 255 36.30 -47.95 0.99
N ASN K 256 35.20 -47.85 1.73
CA ASN K 256 35.15 -48.43 3.08
C ASN K 256 35.20 -49.95 3.00
N ALA K 257 36.15 -50.53 3.72
CA ALA K 257 36.34 -51.98 3.76
C ALA K 257 36.08 -52.46 5.18
N GLU K 258 35.03 -53.24 5.36
CA GLU K 258 34.68 -53.76 6.68
C GLU K 258 35.68 -54.84 7.09
N VAL K 259 36.30 -54.66 8.25
CA VAL K 259 37.30 -55.59 8.77
C VAL K 259 36.74 -56.21 10.04
N ARG K 260 36.57 -57.53 10.03
CA ARG K 260 36.06 -58.28 11.18
C ARG K 260 37.16 -59.22 11.66
N VAL K 261 37.59 -59.04 12.90
CA VAL K 261 38.64 -59.86 13.51
C VAL K 261 38.07 -60.46 14.79
N GLU K 262 38.11 -61.78 14.89
CA GLU K 262 37.55 -62.50 16.03
C GLU K 262 38.57 -62.80 17.12
N HIS K 263 39.81 -62.33 16.99
CA HIS K 263 40.85 -62.59 17.97
C HIS K 263 41.54 -61.30 18.36
N VAL K 264 42.09 -61.29 19.58
CA VAL K 264 42.81 -60.12 20.05
C VAL K 264 44.23 -60.10 19.48
N GLU K 265 44.88 -61.25 19.42
CA GLU K 265 46.24 -61.31 18.88
C GLU K 265 46.25 -60.98 17.39
N ASP K 266 45.22 -61.41 16.66
CA ASP K 266 45.14 -61.09 15.23
C ASP K 266 44.87 -59.62 14.98
N TYR K 267 44.36 -58.90 15.99
CA TYR K 267 44.11 -57.47 15.82
C TYR K 267 45.42 -56.67 15.79
N GLN K 268 46.45 -57.16 16.47
CA GLN K 268 47.74 -56.48 16.44
C GLN K 268 48.39 -56.59 15.06
N ALA K 269 48.06 -57.64 14.31
CA ALA K 269 48.67 -57.83 13.00
C ALA K 269 48.11 -56.86 11.96
N ILE K 270 46.79 -56.63 11.99
CA ILE K 270 46.18 -55.75 10.99
C ILE K 270 46.56 -54.29 11.22
N VAL K 271 46.93 -53.92 12.45
CA VAL K 271 47.37 -52.55 12.71
C VAL K 271 48.73 -52.29 12.06
N ASP K 272 49.69 -53.18 12.30
CA ASP K 272 51.01 -53.07 11.69
C ASP K 272 51.00 -53.43 10.20
N ALA K 273 49.92 -54.06 9.72
CA ALA K 273 49.86 -54.40 8.29
C ALA K 273 49.70 -53.15 7.43
N GLU K 274 48.90 -52.18 7.89
CA GLU K 274 48.76 -50.93 7.14
C GLU K 274 50.07 -50.15 7.11
N TRP K 275 50.88 -50.24 8.18
CA TRP K 275 52.18 -49.60 8.16
C TRP K 275 53.12 -50.25 7.16
N GLN K 276 52.99 -51.57 6.95
CA GLN K 276 53.84 -52.26 5.99
C GLN K 276 53.39 -52.03 4.56
N LEU K 277 52.09 -51.86 4.33
CA LEU K 277 51.60 -51.64 2.97
C LEU K 277 51.99 -50.25 2.46
N ILE K 278 51.97 -49.25 3.34
CA ILE K 278 52.33 -47.90 2.91
C ILE K 278 53.83 -47.78 2.73
N PHE K 279 54.61 -48.36 3.65
CA PHE K 279 56.06 -48.27 3.55
C PHE K 279 56.64 -49.19 2.48
N GLU K 280 55.84 -50.14 1.98
CA GLU K 280 56.32 -50.99 0.88
C GLU K 280 56.40 -50.19 -0.42
N LYS K 281 55.38 -49.37 -0.69
CA LYS K 281 55.42 -48.52 -1.88
C LYS K 281 56.46 -47.42 -1.74
N LEU K 282 56.73 -46.96 -0.52
CA LEU K 282 57.74 -45.92 -0.32
C LEU K 282 59.14 -46.48 -0.46
N ARG K 283 59.35 -47.74 -0.05
CA ARG K 283 60.68 -48.34 -0.18
C ARG K 283 61.04 -48.60 -1.63
N GLN K 284 60.05 -48.96 -2.46
CA GLN K 284 60.31 -49.21 -3.87
C GLN K 284 60.68 -47.95 -4.63
N VAL K 285 60.31 -46.77 -4.11
CA VAL K 285 60.70 -45.53 -4.76
C VAL K 285 62.17 -45.22 -4.50
N GLU K 286 62.65 -45.48 -3.28
CA GLU K 286 64.04 -45.21 -2.96
C GLU K 286 64.98 -46.14 -3.74
N GLU K 287 64.53 -47.36 -4.04
CA GLU K 287 65.38 -48.29 -4.78
C GLU K 287 65.67 -47.79 -6.19
N THR K 288 64.76 -46.99 -6.75
CA THR K 288 64.97 -46.44 -8.09
C THR K 288 65.89 -45.22 -8.09
N GLY K 289 66.09 -44.58 -6.94
CA GLY K 289 66.95 -43.42 -6.87
C GLY K 289 66.34 -42.16 -7.42
N ALA K 290 65.04 -41.96 -7.25
CA ALA K 290 64.34 -40.79 -7.75
C ALA K 290 64.38 -39.69 -6.70
N ASN K 291 64.97 -38.54 -7.07
CA ASN K 291 65.10 -37.42 -6.15
C ASN K 291 63.91 -36.47 -6.17
N ILE K 292 62.99 -36.63 -7.13
CA ILE K 292 61.80 -35.79 -7.22
C ILE K 292 60.60 -36.69 -7.45
N VAL K 293 59.57 -36.53 -6.62
CA VAL K 293 58.34 -37.31 -6.71
C VAL K 293 57.18 -36.34 -6.94
N LEU K 294 56.42 -36.58 -8.00
CA LEU K 294 55.25 -35.78 -8.33
C LEU K 294 54.02 -36.66 -8.43
N SER K 295 52.87 -36.10 -8.11
CA SER K 295 51.63 -36.85 -8.15
C SER K 295 50.46 -35.91 -8.43
N LYS K 296 49.44 -36.44 -9.10
CA LYS K 296 48.22 -35.67 -9.35
C LYS K 296 47.34 -35.63 -8.10
N LEU K 297 47.24 -36.76 -7.39
CA LEU K 297 46.44 -36.89 -6.19
C LEU K 297 47.26 -36.52 -4.96
N PRO K 298 46.60 -36.17 -3.85
CA PRO K 298 47.33 -35.71 -2.67
C PRO K 298 48.30 -36.75 -2.13
N ILE K 299 49.29 -36.26 -1.39
CA ILE K 299 50.33 -37.09 -0.80
C ILE K 299 50.11 -37.18 0.70
N GLY K 300 50.19 -38.39 1.24
CA GLY K 300 49.99 -38.59 2.66
C GLY K 300 51.12 -38.03 3.50
N ASP K 301 50.88 -38.00 4.81
CA ASP K 301 51.89 -37.48 5.73
C ASP K 301 53.07 -38.44 5.86
N LEU K 302 52.78 -39.74 6.01
CA LEU K 302 53.84 -40.72 6.17
C LEU K 302 54.77 -40.77 4.97
N ALA K 303 54.24 -40.51 3.77
CA ALA K 303 55.07 -40.44 2.58
C ALA K 303 56.16 -39.38 2.72
N THR K 304 55.75 -38.11 2.88
CA THR K 304 56.72 -37.03 3.01
C THR K 304 57.65 -37.24 4.20
N GLN K 305 57.17 -37.90 5.26
CA GLN K 305 58.05 -38.21 6.39
C GLN K 305 59.14 -39.20 6.00
N PHE K 306 58.84 -40.11 5.06
CA PHE K 306 59.85 -41.07 4.62
C PHE K 306 60.91 -40.39 3.75
N PHE K 307 60.49 -39.51 2.84
CA PHE K 307 61.43 -38.81 1.97
C PHE K 307 62.10 -37.63 2.64
N ALA K 308 61.69 -37.27 3.86
CA ALA K 308 62.32 -36.15 4.56
C ALA K 308 63.75 -36.50 4.96
N ASP K 309 63.99 -37.73 5.41
CA ASP K 309 65.34 -38.13 5.77
C ASP K 309 66.22 -38.34 4.54
N ARG K 310 65.62 -38.66 3.41
CA ARG K 310 66.35 -38.91 2.18
C ARG K 310 66.49 -37.68 1.29
N ASN K 311 65.98 -36.53 1.73
CA ASN K 311 66.03 -35.25 1.03
C ASN K 311 65.21 -35.24 -0.26
N ILE K 312 64.59 -36.36 -0.63
CA ILE K 312 63.84 -36.43 -1.88
C ILE K 312 62.62 -35.51 -1.79
N PHE K 313 62.48 -34.63 -2.76
CA PHE K 313 61.37 -33.69 -2.79
C PHE K 313 60.11 -34.35 -3.34
N CYS K 314 58.99 -34.10 -2.68
CA CYS K 314 57.70 -34.66 -3.08
C CYS K 314 56.63 -33.59 -2.97
N ALA K 315 55.89 -33.36 -4.05
CA ALA K 315 54.80 -32.40 -4.08
C ALA K 315 53.64 -33.00 -4.85
N GLY K 316 52.47 -33.06 -4.22
CA GLY K 316 51.28 -33.63 -4.83
C GLY K 316 50.26 -32.57 -5.21
N ARG K 317 49.04 -33.06 -5.51
CA ARG K 317 47.91 -32.21 -5.86
C ARG K 317 48.19 -31.35 -7.09
N VAL K 318 48.97 -31.86 -8.02
CA VAL K 318 49.29 -31.14 -9.25
C VAL K 318 48.22 -31.43 -10.28
N SER K 319 47.79 -30.38 -11.00
CA SER K 319 46.73 -30.52 -11.98
C SER K 319 47.18 -31.43 -13.13
N ALA K 320 46.19 -32.02 -13.81
CA ALA K 320 46.49 -32.92 -14.91
C ALA K 320 47.08 -32.19 -16.10
N ASP K 321 46.68 -30.93 -16.32
CA ASP K 321 47.26 -30.16 -17.42
C ASP K 321 48.72 -29.85 -17.20
N ASP K 322 49.14 -29.70 -15.94
CA ASP K 322 50.55 -29.46 -15.65
C ASP K 322 51.37 -30.74 -15.74
N MET K 323 50.82 -31.86 -15.27
CA MET K 323 51.54 -33.13 -15.33
C MET K 323 51.77 -33.57 -16.76
N ASN K 324 50.78 -33.39 -17.63
CA ASN K 324 50.96 -33.71 -19.05
C ASN K 324 52.03 -32.82 -19.69
N ARG K 325 52.26 -31.63 -19.12
CA ARG K 325 53.35 -30.79 -19.60
C ARG K 325 54.71 -31.24 -19.06
N VAL K 326 54.72 -31.90 -17.91
CA VAL K 326 55.97 -32.36 -17.32
C VAL K 326 56.47 -33.62 -18.01
N ILE K 327 55.56 -34.54 -18.35
CA ILE K 327 55.96 -35.84 -18.87
C ILE K 327 56.68 -35.75 -20.20
N GLN K 328 56.55 -34.63 -20.91
CA GLN K 328 57.21 -34.50 -22.21
C GLN K 328 58.69 -34.18 -22.05
N ALA K 329 59.04 -33.30 -21.12
CA ALA K 329 60.44 -32.89 -20.94
C ALA K 329 61.25 -33.87 -20.11
N VAL K 330 60.59 -34.75 -19.34
CA VAL K 330 61.28 -35.65 -18.43
C VAL K 330 61.57 -36.98 -19.10
N GLY K 331 61.33 -37.07 -20.41
CA GLY K 331 61.43 -38.35 -21.06
C GLY K 331 60.31 -39.30 -20.68
N GLY K 332 60.64 -40.44 -20.09
CA GLY K 332 59.69 -41.48 -19.80
C GLY K 332 58.47 -41.03 -19.01
N SER K 333 57.42 -41.84 -19.01
CA SER K 333 56.08 -41.41 -18.66
C SER K 333 55.62 -42.07 -17.37
N ILE K 334 54.61 -41.45 -16.75
CA ILE K 334 54.16 -41.79 -15.41
C ILE K 334 53.88 -43.28 -15.31
N GLN K 335 54.35 -43.89 -14.22
CA GLN K 335 54.05 -45.27 -13.88
C GLN K 335 53.34 -45.27 -12.53
N SER K 336 52.06 -45.64 -12.53
CA SER K 336 51.24 -45.58 -11.33
C SER K 336 51.42 -46.77 -10.41
N THR K 337 52.25 -47.74 -10.79
CA THR K 337 52.55 -48.89 -9.93
C THR K 337 53.98 -48.76 -9.44
N THR K 338 54.14 -48.77 -8.11
CA THR K 338 55.46 -48.58 -7.54
C THR K 338 56.38 -49.76 -7.82
N SER K 339 55.83 -50.97 -7.90
CA SER K 339 56.64 -52.14 -8.20
C SER K 339 56.99 -52.25 -9.68
N ASP K 340 56.26 -51.57 -10.54
CA ASP K 340 56.50 -51.60 -11.99
C ASP K 340 57.40 -50.45 -12.45
N ILE K 341 57.88 -49.61 -11.54
CA ILE K 341 58.75 -48.50 -11.94
C ILE K 341 60.08 -49.04 -12.42
N LYS K 342 60.51 -48.58 -13.58
CA LYS K 342 61.76 -49.00 -14.21
C LYS K 342 62.70 -47.81 -14.34
N PRO K 343 64.01 -48.05 -14.41
CA PRO K 343 64.97 -46.92 -14.45
C PRO K 343 64.79 -46.00 -15.64
N GLU K 344 64.34 -46.51 -16.79
CA GLU K 344 64.24 -45.66 -17.97
C GLU K 344 63.06 -44.71 -17.92
N HIS K 345 62.15 -44.86 -16.96
CA HIS K 345 61.02 -43.94 -16.83
C HIS K 345 61.38 -42.69 -16.04
N LEU K 346 62.53 -42.66 -15.39
CA LEU K 346 62.93 -41.49 -14.60
C LEU K 346 63.45 -40.38 -15.50
N GLY K 347 63.33 -39.14 -15.02
CA GLY K 347 63.82 -37.99 -15.73
C GLY K 347 65.14 -37.48 -15.17
N THR K 348 65.59 -36.35 -15.71
CA THR K 348 66.83 -35.73 -15.29
C THR K 348 66.82 -34.27 -15.74
N CYS K 349 67.90 -33.56 -15.42
CA CYS K 349 68.09 -32.16 -15.76
C CYS K 349 69.47 -31.74 -15.28
N ALA K 350 69.96 -30.62 -15.82
CA ALA K 350 71.30 -30.14 -15.45
C ALA K 350 71.28 -29.40 -14.12
N LEU K 351 70.22 -28.65 -13.84
CA LEU K 351 70.14 -27.89 -12.60
C LEU K 351 68.68 -27.77 -12.18
N PHE K 352 68.46 -27.77 -10.87
CA PHE K 352 67.13 -27.60 -10.29
C PHE K 352 67.23 -26.64 -9.12
N GLU K 353 66.37 -25.62 -9.12
CA GLU K 353 66.35 -24.63 -8.04
C GLU K 353 64.93 -24.15 -7.83
N GLU K 354 64.56 -23.93 -6.57
CA GLU K 354 63.25 -23.42 -6.19
C GLU K 354 63.43 -22.06 -5.55
N MET K 355 62.93 -21.02 -6.21
CA MET K 355 63.02 -19.65 -5.72
C MET K 355 61.64 -19.07 -5.53
N GLN K 356 61.53 -18.09 -4.63
CA GLN K 356 60.26 -17.49 -4.26
C GLN K 356 60.11 -16.13 -4.93
N ILE K 357 58.98 -15.93 -5.61
CA ILE K 357 58.65 -14.66 -6.24
C ILE K 357 57.21 -14.32 -5.91
N GLY K 358 56.96 -13.05 -5.58
CA GLY K 358 55.63 -12.61 -5.24
C GLY K 358 55.01 -13.37 -4.07
N SER K 359 55.80 -13.65 -3.03
CA SER K 359 55.36 -14.41 -1.88
C SER K 359 54.85 -15.80 -2.26
N GLU K 360 55.37 -16.35 -3.36
CA GLU K 360 54.99 -17.67 -3.83
C GLU K 360 56.23 -18.39 -4.33
N ARG K 361 56.35 -19.66 -3.95
CA ARG K 361 57.50 -20.48 -4.30
C ARG K 361 57.18 -21.37 -5.50
N TYR K 362 58.11 -21.44 -6.45
CA TYR K 362 57.93 -22.19 -7.67
C TYR K 362 59.13 -23.09 -7.90
N ASN K 363 58.86 -24.35 -8.24
CA ASN K 363 59.92 -25.29 -8.61
C ASN K 363 60.19 -25.17 -10.09
N LEU K 364 61.42 -24.80 -10.44
CA LEU K 364 61.79 -24.52 -11.83
C LEU K 364 62.78 -25.57 -12.31
N PHE K 365 62.40 -26.29 -13.36
CA PHE K 365 63.30 -27.22 -14.02
C PHE K 365 64.24 -26.46 -14.95
N GLN K 366 65.54 -26.70 -14.82
CA GLN K 366 66.53 -25.98 -15.61
C GLN K 366 67.50 -26.97 -16.25
N GLY K 367 68.16 -26.51 -17.31
CA GLY K 367 69.15 -27.31 -17.99
C GLY K 367 68.60 -28.56 -18.64
N CYS K 368 67.59 -28.39 -19.50
CA CYS K 368 66.95 -29.49 -20.22
C CYS K 368 67.08 -29.23 -21.72
N PRO K 369 68.18 -29.65 -22.35
CA PRO K 369 68.32 -29.40 -23.79
C PRO K 369 67.36 -30.23 -24.63
N GLN K 370 66.93 -31.39 -24.16
CA GLN K 370 66.00 -32.24 -24.89
C GLN K 370 64.53 -31.93 -24.57
N ALA K 371 64.28 -30.93 -23.74
CA ALA K 371 62.90 -30.58 -23.38
C ALA K 371 62.15 -30.05 -24.59
N LYS K 372 60.99 -30.64 -24.88
CA LYS K 372 60.13 -30.20 -25.97
C LYS K 372 59.07 -29.21 -25.53
N THR K 373 59.05 -28.83 -24.26
CA THR K 373 58.08 -27.88 -23.72
C THR K 373 58.80 -26.61 -23.28
N CYS K 374 58.01 -25.66 -22.78
CA CYS K 374 58.55 -24.39 -22.32
C CYS K 374 57.57 -23.78 -21.32
N THR K 375 58.07 -22.83 -20.54
CA THR K 375 57.26 -22.12 -19.56
C THR K 375 57.52 -20.63 -19.67
N LEU K 376 56.52 -19.84 -19.26
CA LEU K 376 56.62 -18.39 -19.28
C LEU K 376 56.09 -17.84 -17.95
N LEU K 377 56.93 -17.12 -17.23
CA LEU K 377 56.56 -16.51 -15.96
C LEU K 377 56.53 -15.00 -16.16
N LEU K 378 55.32 -14.43 -16.12
CA LEU K 378 55.13 -13.01 -16.35
C LEU K 378 54.84 -12.30 -15.03
N ARG K 379 55.31 -11.06 -14.93
CA ARG K 379 55.12 -10.23 -13.75
C ARG K 379 54.51 -8.90 -14.16
N GLY K 380 54.24 -8.06 -13.17
CA GLY K 380 53.76 -6.71 -13.44
C GLY K 380 53.19 -6.08 -12.19
N GLY K 381 53.03 -4.77 -12.24
CA GLY K 381 52.46 -4.03 -11.12
C GLY K 381 50.99 -4.32 -10.92
N ALA K 382 50.18 -4.07 -11.93
CA ALA K 382 48.77 -4.39 -11.90
C ALA K 382 48.55 -5.86 -12.27
N GLU K 383 47.46 -6.43 -11.76
CA GLU K 383 47.07 -7.78 -12.16
C GLU K 383 46.40 -7.79 -13.53
N GLN K 384 45.95 -6.65 -14.01
CA GLN K 384 45.38 -6.57 -15.35
C GLN K 384 46.46 -6.52 -16.43
N VAL K 385 47.63 -5.97 -16.10
CA VAL K 385 48.75 -5.95 -17.05
C VAL K 385 49.21 -7.38 -17.34
N ILE K 386 49.18 -8.24 -16.32
CA ILE K 386 49.60 -9.63 -16.49
C ILE K 386 48.65 -10.34 -17.45
N ALA K 387 47.34 -10.12 -17.29
CA ALA K 387 46.37 -10.75 -18.19
C ALA K 387 46.46 -10.17 -19.60
N GLU K 388 46.89 -8.92 -19.72
CA GLU K 388 47.04 -8.32 -21.05
C GLU K 388 48.29 -8.84 -21.75
N VAL K 389 49.41 -8.93 -21.04
CA VAL K 389 50.63 -9.43 -21.65
C VAL K 389 50.51 -10.92 -21.95
N GLU K 390 49.80 -11.67 -21.10
CA GLU K 390 49.59 -13.09 -21.37
C GLU K 390 48.80 -13.29 -22.66
N ARG K 391 47.72 -12.53 -22.84
CA ARG K 391 46.98 -12.59 -24.10
C ARG K 391 47.77 -11.94 -25.24
N SER K 392 48.68 -11.03 -24.93
CA SER K 392 49.54 -10.46 -25.97
C SER K 392 50.54 -11.48 -26.48
N LEU K 393 51.17 -12.22 -25.56
CA LEU K 393 52.10 -13.27 -25.97
C LEU K 393 51.37 -14.48 -26.55
N HIS K 394 50.12 -14.69 -26.14
CA HIS K 394 49.35 -15.80 -26.69
C HIS K 394 49.11 -15.61 -28.18
N ASP K 395 48.67 -14.41 -28.57
CA ASP K 395 48.49 -14.11 -29.99
C ASP K 395 49.82 -13.95 -30.71
N ALA K 396 50.90 -13.66 -29.99
CA ALA K 396 52.21 -13.52 -30.61
C ALA K 396 52.82 -14.89 -30.93
N ILE K 397 52.63 -15.86 -30.03
CA ILE K 397 53.13 -17.20 -30.31
C ILE K 397 52.35 -17.83 -31.47
N MET K 398 51.07 -17.48 -31.62
CA MET K 398 50.29 -17.98 -32.74
C MET K 398 50.81 -17.48 -34.08
N ILE K 399 51.53 -16.36 -34.09
CA ILE K 399 52.15 -15.89 -35.33
C ILE K 399 53.26 -16.83 -35.77
N VAL K 400 54.20 -17.12 -34.86
CA VAL K 400 55.27 -18.06 -35.17
C VAL K 400 54.81 -19.51 -35.18
N LYS K 401 53.61 -19.78 -34.62
CA LYS K 401 53.07 -21.13 -34.68
C LYS K 401 52.58 -21.46 -36.09
N ARG K 402 51.80 -20.56 -36.69
CA ARG K 402 51.29 -20.76 -38.05
C ARG K 402 52.33 -20.49 -39.12
N ALA K 403 53.45 -19.84 -38.77
CA ALA K 403 54.47 -19.54 -39.76
C ALA K 403 55.32 -20.77 -40.11
N LEU K 404 55.53 -21.67 -39.15
CA LEU K 404 56.33 -22.85 -39.44
C LEU K 404 55.61 -23.82 -40.38
N GLN K 405 54.29 -23.89 -40.30
CA GLN K 405 53.54 -24.77 -41.20
C GLN K 405 53.63 -24.29 -42.64
N ASN K 406 53.29 -23.02 -42.88
CA ASN K 406 53.37 -22.43 -44.21
C ASN K 406 54.08 -21.08 -44.09
N LYS K 407 55.13 -20.91 -44.89
CA LYS K 407 55.93 -19.69 -44.88
C LYS K 407 55.54 -18.84 -46.09
N LEU K 408 54.85 -17.73 -45.84
CA LEU K 408 54.43 -16.82 -46.89
C LEU K 408 54.58 -15.39 -46.39
N ILE K 409 55.18 -14.54 -47.22
CA ILE K 409 55.42 -13.14 -46.88
C ILE K 409 54.27 -12.31 -47.43
N VAL K 410 53.50 -11.71 -46.54
CA VAL K 410 52.35 -10.89 -46.92
C VAL K 410 52.50 -9.51 -46.26
N ALA K 411 52.20 -8.47 -47.02
CA ALA K 411 52.32 -7.11 -46.51
C ALA K 411 51.29 -6.86 -45.40
N GLY K 412 51.57 -5.85 -44.59
CA GLY K 412 50.70 -5.50 -43.48
C GLY K 412 50.73 -4.02 -43.20
N GLY K 413 49.80 -3.58 -42.36
CA GLY K 413 49.68 -2.17 -42.05
C GLY K 413 49.04 -1.34 -43.13
N GLY K 414 47.98 -1.85 -43.75
CA GLY K 414 47.30 -1.13 -44.81
C GLY K 414 47.91 -1.28 -46.19
N ALA K 415 49.01 -2.03 -46.32
CA ALA K 415 49.64 -2.19 -47.63
C ALA K 415 48.92 -3.23 -48.48
N THR K 416 48.38 -4.28 -47.85
CA THR K 416 47.70 -5.32 -48.60
C THR K 416 46.30 -4.89 -49.04
N GLU K 417 45.57 -4.20 -48.16
CA GLU K 417 44.19 -3.82 -48.47
C GLU K 417 44.13 -2.80 -49.60
N MET K 418 45.15 -1.95 -49.74
CA MET K 418 45.14 -0.96 -50.80
C MET K 418 45.52 -1.57 -52.15
N GLU K 419 46.36 -2.60 -52.15
CA GLU K 419 46.75 -3.23 -53.41
C GLU K 419 45.63 -4.12 -53.96
N VAL K 420 44.93 -4.83 -53.07
CA VAL K 420 43.83 -5.67 -53.52
C VAL K 420 42.65 -4.83 -53.99
N SER K 421 42.44 -3.67 -53.38
CA SER K 421 41.30 -2.83 -53.75
C SER K 421 41.44 -2.28 -55.16
N LYS K 422 42.66 -1.92 -55.55
CA LYS K 422 42.87 -1.38 -56.90
C LYS K 422 42.70 -2.46 -57.96
N CYS K 423 43.12 -3.69 -57.66
CA CYS K 423 42.95 -4.77 -58.61
C CYS K 423 41.47 -5.09 -58.83
N LEU K 424 40.63 -4.82 -57.84
CA LEU K 424 39.19 -5.04 -58.00
C LEU K 424 38.52 -3.93 -58.79
N ARG K 425 39.07 -2.71 -58.73
CA ARG K 425 38.48 -1.61 -59.49
C ARG K 425 38.72 -1.77 -60.99
N ASP K 426 39.88 -2.29 -61.37
CA ASP K 426 40.15 -2.54 -62.79
C ASP K 426 39.29 -3.67 -63.32
N TYR K 427 38.95 -4.66 -62.47
CA TYR K 427 38.08 -5.74 -62.89
C TYR K 427 36.62 -5.31 -62.93
N SER K 428 36.23 -4.35 -62.10
CA SER K 428 34.85 -3.89 -62.08
C SER K 428 34.49 -3.05 -63.30
N LYS K 429 35.48 -2.43 -63.95
CA LYS K 429 35.20 -1.61 -65.12
C LYS K 429 34.69 -2.42 -66.30
N THR K 430 34.99 -3.71 -66.35
CA THR K 430 34.54 -4.57 -67.44
C THR K 430 33.23 -5.30 -67.12
N ILE K 431 32.67 -5.10 -65.94
CA ILE K 431 31.44 -5.78 -65.58
C ILE K 431 30.25 -5.15 -66.31
N ALA K 432 30.14 -3.82 -66.27
CA ALA K 432 29.06 -3.09 -66.92
C ALA K 432 27.69 -3.59 -66.45
N GLY K 433 27.51 -3.59 -65.13
CA GLY K 433 26.26 -4.08 -64.57
C GLY K 433 26.12 -3.67 -63.12
N LYS K 434 25.16 -4.31 -62.44
CA LYS K 434 24.92 -4.02 -61.04
C LYS K 434 26.14 -4.34 -60.18
N GLN K 435 26.93 -5.33 -60.57
CA GLN K 435 28.12 -5.71 -59.81
C GLN K 435 29.23 -4.67 -59.92
N GLN K 436 29.15 -3.74 -60.87
CA GLN K 436 30.18 -2.72 -60.99
C GLN K 436 30.19 -1.80 -59.77
N MET K 437 29.02 -1.39 -59.30
CA MET K 437 28.93 -0.55 -58.12
C MET K 437 29.18 -1.32 -56.83
N ILE K 438 28.93 -2.64 -56.82
CA ILE K 438 29.15 -3.42 -55.62
C ILE K 438 30.62 -3.72 -55.42
N ILE K 439 31.33 -4.07 -56.50
CA ILE K 439 32.77 -4.34 -56.39
C ILE K 439 33.52 -3.06 -56.05
N ASN K 440 33.12 -1.93 -56.65
CA ASN K 440 33.72 -0.65 -56.28
C ASN K 440 33.44 -0.29 -54.84
N ALA K 441 32.26 -0.67 -54.32
CA ALA K 441 31.98 -0.47 -52.91
C ALA K 441 32.71 -1.49 -52.05
N PHE K 442 32.94 -2.70 -52.57
CA PHE K 442 33.70 -3.70 -51.82
C PHE K 442 35.16 -3.31 -51.72
N ALA K 443 35.73 -2.79 -52.81
CA ALA K 443 37.12 -2.33 -52.78
C ALA K 443 37.26 -1.10 -51.89
N LYS K 444 36.27 -0.22 -51.89
CA LYS K 444 36.30 0.93 -51.00
C LYS K 444 36.12 0.51 -49.54
N ALA K 445 35.37 -0.57 -49.30
CA ALA K 445 35.18 -1.04 -47.93
C ALA K 445 36.45 -1.65 -47.36
N LEU K 446 37.34 -2.15 -48.21
CA LEU K 446 38.60 -2.69 -47.73
C LEU K 446 39.57 -1.61 -47.28
N GLU K 447 39.31 -0.35 -47.62
CA GLU K 447 40.16 0.76 -47.21
C GLU K 447 39.94 1.18 -45.76
N VAL K 448 39.00 0.56 -45.06
CA VAL K 448 38.67 1.00 -43.71
C VAL K 448 39.81 0.71 -42.74
N ILE K 449 40.63 -0.31 -43.01
CA ILE K 449 41.74 -0.65 -42.13
C ILE K 449 42.80 0.46 -42.17
N PRO K 450 43.22 0.95 -43.34
CA PRO K 450 44.11 2.12 -43.34
C PRO K 450 43.48 3.38 -42.75
N ARG K 451 42.16 3.44 -42.65
CA ARG K 451 41.52 4.62 -42.09
C ARG K 451 41.86 4.79 -40.61
N GLN K 452 41.61 3.75 -39.81
CA GLN K 452 41.87 3.84 -38.38
C GLN K 452 43.36 3.93 -38.06
N LEU K 453 44.23 3.57 -39.01
CA LEU K 453 45.66 3.73 -38.79
C LEU K 453 46.04 5.20 -38.72
N CYS K 454 45.55 6.01 -39.67
CA CYS K 454 45.88 7.42 -39.69
C CYS K 454 45.04 8.21 -38.69
N GLU K 455 43.78 7.82 -38.48
CA GLU K 455 42.94 8.55 -37.54
C GLU K 455 43.45 8.43 -36.11
N ASN K 456 43.92 7.24 -35.72
CA ASN K 456 44.47 7.06 -34.38
C ASN K 456 45.86 7.68 -34.24
N ALA K 457 46.51 8.00 -35.35
CA ALA K 457 47.84 8.61 -35.32
C ALA K 457 47.80 10.13 -35.29
N GLY K 458 46.62 10.74 -35.44
CA GLY K 458 46.49 12.18 -35.45
C GLY K 458 46.57 12.82 -36.81
N PHE K 459 47.16 12.15 -37.80
CA PHE K 459 47.24 12.69 -39.14
C PHE K 459 45.90 12.50 -39.87
N ASP K 460 45.65 13.39 -40.83
CA ASP K 460 44.43 13.30 -41.62
C ASP K 460 44.47 12.08 -42.53
N ALA K 461 43.31 11.44 -42.68
CA ALA K 461 43.20 10.25 -43.54
C ALA K 461 42.83 10.59 -44.97
N ILE K 462 42.48 11.84 -45.26
CA ILE K 462 42.13 12.23 -46.62
C ILE K 462 43.39 12.40 -47.47
N GLU K 463 44.41 13.07 -46.93
CA GLU K 463 45.64 13.31 -47.68
C GLU K 463 46.42 12.03 -47.89
N ILE K 464 46.36 11.10 -46.93
CA ILE K 464 47.12 9.86 -47.06
C ILE K 464 46.55 8.99 -48.18
N LEU K 465 45.22 8.83 -48.20
CA LEU K 465 44.60 8.02 -49.25
C LEU K 465 44.80 8.63 -50.63
N ASN K 466 44.86 9.96 -50.71
CA ASN K 466 45.11 10.61 -51.99
C ASN K 466 46.53 10.32 -52.48
N LYS K 467 47.49 10.25 -51.56
CA LYS K 467 48.85 9.90 -51.95
C LYS K 467 48.98 8.43 -52.30
N LEU K 468 48.16 7.57 -51.70
CA LEU K 468 48.21 6.15 -52.01
C LEU K 468 47.76 5.89 -53.44
N ARG K 469 46.56 6.37 -53.80
CA ARG K 469 46.01 6.10 -55.13
C ARG K 469 46.90 6.64 -56.23
N LEU K 470 47.59 7.76 -55.99
CA LEU K 470 48.54 8.26 -56.97
C LEU K 470 49.80 7.39 -57.02
N ALA K 471 50.19 6.81 -55.88
CA ALA K 471 51.35 5.93 -55.85
C ALA K 471 51.03 4.54 -56.37
N HIS K 472 49.87 4.00 -56.00
CA HIS K 472 49.48 2.67 -56.47
C HIS K 472 49.17 2.62 -57.95
N SER K 473 49.11 3.77 -58.63
CA SER K 473 48.86 3.78 -60.07
C SER K 473 49.90 2.95 -60.80
N LYS K 474 51.18 3.26 -60.60
CA LYS K 474 52.24 2.39 -61.08
C LYS K 474 52.31 1.13 -60.22
N GLY K 475 52.90 0.09 -60.79
CA GLY K 475 52.97 -1.18 -60.08
C GLY K 475 53.80 -1.09 -58.81
N GLU K 476 53.17 -1.42 -57.67
CA GLU K 476 53.82 -1.35 -56.38
C GLU K 476 53.23 -2.42 -55.47
N LYS K 477 54.03 -2.87 -54.50
CA LYS K 477 53.58 -3.85 -53.52
C LYS K 477 54.39 -3.66 -52.25
N TRP K 478 53.78 -4.05 -51.12
CA TRP K 478 54.22 -3.76 -49.76
C TRP K 478 54.14 -2.28 -49.39
N TYR K 479 53.76 -1.41 -50.33
CA TYR K 479 53.72 0.02 -50.08
C TYR K 479 52.57 0.34 -49.12
N GLY K 480 52.89 1.00 -48.02
CA GLY K 480 51.91 1.24 -46.99
C GLY K 480 52.30 2.41 -46.10
N VAL K 481 51.54 2.59 -45.02
CA VAL K 481 51.75 3.68 -44.08
C VAL K 481 52.80 3.25 -43.05
N VAL K 482 53.64 4.20 -42.65
CA VAL K 482 54.68 3.98 -41.65
C VAL K 482 54.49 5.01 -40.54
N PHE K 483 54.33 4.53 -39.30
CA PHE K 483 54.07 5.42 -38.18
C PHE K 483 55.34 6.09 -37.67
N GLU K 484 56.49 5.41 -37.73
CA GLU K 484 57.71 5.96 -37.15
C GLU K 484 58.22 7.17 -37.94
N THR K 485 58.39 7.00 -39.25
CA THR K 485 58.90 8.07 -40.09
C THR K 485 57.84 9.11 -40.45
N GLU K 486 56.57 8.86 -40.10
CA GLU K 486 55.42 9.72 -40.37
C GLU K 486 55.09 9.82 -41.85
N ASN K 487 55.90 9.25 -42.74
CA ASN K 487 55.67 9.28 -44.17
C ASN K 487 55.35 7.87 -44.64
N ILE K 488 54.42 7.76 -45.60
CA ILE K 488 54.02 6.47 -46.14
C ILE K 488 55.08 6.00 -47.13
N GLY K 489 55.38 4.71 -47.10
CA GLY K 489 56.41 4.18 -47.96
C GLY K 489 56.38 2.66 -48.00
N ASP K 490 57.45 2.10 -48.56
CA ASP K 490 57.55 0.66 -48.69
C ASP K 490 57.76 0.01 -47.34
N ASN K 491 56.90 -0.95 -47.00
CA ASN K 491 57.03 -1.70 -45.76
C ASN K 491 58.00 -2.86 -45.86
N PHE K 492 58.40 -3.25 -47.07
CA PHE K 492 59.38 -4.33 -47.22
C PHE K 492 60.73 -3.93 -46.63
N ALA K 493 61.12 -2.66 -46.80
CA ALA K 493 62.35 -2.17 -46.18
C ALA K 493 62.20 -2.02 -44.67
N LYS K 494 60.98 -1.88 -44.17
CA LYS K 494 60.73 -1.79 -42.74
C LYS K 494 60.78 -3.15 -42.05
N PHE K 495 60.88 -4.24 -42.82
CA PHE K 495 60.99 -5.62 -42.36
C PHE K 495 59.73 -6.13 -41.67
N VAL K 496 58.70 -5.31 -41.50
CA VAL K 496 57.48 -5.76 -40.86
C VAL K 496 56.75 -6.72 -41.79
N TRP K 497 56.51 -7.94 -41.33
CA TRP K 497 55.88 -8.98 -42.12
C TRP K 497 54.70 -9.56 -41.33
N GLU K 498 53.78 -10.19 -42.07
CA GLU K 498 52.61 -10.81 -41.47
C GLU K 498 52.32 -12.12 -42.18
N PRO K 499 51.83 -13.12 -41.46
CA PRO K 499 51.47 -14.39 -42.10
C PRO K 499 50.32 -14.24 -43.07
N ALA K 500 50.18 -15.23 -43.94
CA ALA K 500 49.13 -15.21 -44.96
C ALA K 500 47.77 -15.64 -44.41
N LEU K 501 47.74 -16.38 -43.30
CA LEU K 501 46.48 -16.84 -42.74
C LEU K 501 45.66 -15.71 -42.12
N VAL K 502 46.30 -14.57 -41.84
CA VAL K 502 45.57 -13.45 -41.25
C VAL K 502 44.72 -12.74 -42.30
N LYS K 503 45.31 -12.47 -43.47
CA LYS K 503 44.58 -11.74 -44.51
C LYS K 503 43.58 -12.61 -45.24
N ILE K 504 43.88 -13.90 -45.42
CA ILE K 504 42.96 -14.80 -46.13
C ILE K 504 41.71 -15.03 -45.30
N ASN K 505 41.89 -15.30 -44.00
CA ASN K 505 40.75 -15.56 -43.13
C ASN K 505 39.95 -14.29 -42.84
N ALA K 506 40.57 -13.11 -42.91
CA ALA K 506 39.85 -11.87 -42.64
C ALA K 506 38.88 -11.55 -43.77
N LEU K 507 39.25 -11.85 -45.02
CA LEU K 507 38.36 -11.58 -46.13
C LEU K 507 37.22 -12.59 -46.20
N ASN K 508 37.51 -13.85 -45.87
CA ASN K 508 36.47 -14.89 -45.92
C ASN K 508 35.51 -14.78 -44.74
N SER K 509 35.98 -14.31 -43.58
CA SER K 509 35.09 -14.16 -42.44
C SER K 509 34.22 -12.92 -42.56
N ALA K 510 34.77 -11.83 -43.11
CA ALA K 510 33.98 -10.61 -43.28
C ALA K 510 32.88 -10.80 -44.31
N THR K 511 33.17 -11.51 -45.40
CA THR K 511 32.16 -11.77 -46.42
C THR K 511 31.10 -12.73 -45.89
N GLU K 512 31.51 -13.75 -45.15
CA GLU K 512 30.55 -14.70 -44.59
C GLU K 512 29.68 -14.06 -43.54
N ALA K 513 30.24 -13.17 -42.72
CA ALA K 513 29.46 -12.49 -41.69
C ALA K 513 28.51 -11.46 -42.31
N THR K 514 28.91 -10.84 -43.41
CA THR K 514 28.06 -9.82 -44.04
C THR K 514 26.89 -10.45 -44.78
N ASN K 515 27.14 -11.52 -45.54
CA ASN K 515 26.08 -12.15 -46.31
C ASN K 515 25.08 -12.87 -45.43
N LEU K 516 25.42 -13.15 -44.16
CA LEU K 516 24.50 -13.84 -43.27
C LEU K 516 23.39 -12.91 -42.78
N ILE K 517 23.74 -11.68 -42.41
CA ILE K 517 22.75 -10.76 -41.89
C ILE K 517 21.93 -10.13 -43.01
N LEU K 518 22.57 -9.83 -44.15
CA LEU K 518 21.85 -9.24 -45.27
C LEU K 518 20.81 -10.19 -45.86
N SER K 519 20.96 -11.49 -45.63
CA SER K 519 20.01 -12.47 -46.12
C SER K 519 18.81 -12.65 -45.19
N VAL K 520 18.76 -11.93 -44.08
CA VAL K 520 17.67 -12.02 -43.12
C VAL K 520 16.93 -10.69 -43.12
N ASP K 521 15.72 -10.69 -43.67
CA ASP K 521 14.89 -9.49 -43.73
C ASP K 521 13.86 -9.42 -42.62
N GLU K 522 13.77 -10.44 -41.76
CA GLU K 522 12.79 -10.45 -40.68
C GLU K 522 13.39 -11.15 -39.46
N THR K 523 13.13 -10.58 -38.28
CA THR K 523 13.64 -11.12 -37.02
C THR K 523 12.46 -11.37 -36.09
N ILE K 524 12.40 -12.59 -35.55
CA ILE K 524 11.33 -13.00 -34.65
C ILE K 524 11.98 -13.42 -33.33
N THR K 525 11.55 -12.79 -32.23
CA THR K 525 12.05 -13.09 -30.90
C THR K 525 10.88 -13.38 -29.98
N ASN K 526 10.81 -14.61 -29.47
CA ASN K 526 9.73 -15.02 -28.59
C ASN K 526 10.07 -14.63 -27.15
N LYS K 527 9.21 -15.03 -26.22
CA LYS K 527 9.37 -14.73 -24.80
C LYS K 527 9.53 -13.23 -24.53
N ASN L 2 -36.90 -14.17 -5.92
CA ASN L 2 -37.01 -14.83 -7.21
C ASN L 2 -36.13 -14.16 -8.26
N PHE L 3 -35.78 -12.89 -8.01
CA PHE L 3 -34.93 -12.15 -8.91
C PHE L 3 -33.47 -12.56 -8.82
N GLY L 4 -33.10 -13.39 -7.85
CA GLY L 4 -31.73 -13.84 -7.72
C GLY L 4 -31.64 -15.05 -6.82
N SER L 5 -30.54 -15.80 -6.99
CA SER L 5 -30.32 -16.99 -6.17
C SER L 5 -29.93 -16.64 -4.75
N GLN L 6 -29.50 -15.41 -4.49
CA GLN L 6 -29.13 -15.00 -3.14
C GLN L 6 -30.33 -15.07 -2.20
N THR L 7 -31.40 -14.34 -2.56
CA THR L 7 -32.61 -14.21 -1.75
C THR L 7 -32.23 -13.80 -0.32
N PRO L 8 -31.81 -12.55 -0.11
CA PRO L 8 -31.38 -12.14 1.23
C PRO L 8 -32.51 -12.22 2.24
N THR L 9 -32.14 -12.41 3.51
CA THR L 9 -33.10 -12.45 4.59
C THR L 9 -33.31 -11.04 5.13
N ILE L 10 -34.57 -10.62 5.20
CA ILE L 10 -34.89 -9.26 5.64
C ILE L 10 -34.67 -9.15 7.14
N VAL L 11 -33.90 -8.15 7.55
CA VAL L 11 -33.67 -7.84 8.96
C VAL L 11 -34.63 -6.74 9.37
N VAL L 12 -35.23 -6.89 10.55
CA VAL L 12 -36.26 -5.95 10.98
C VAL L 12 -35.68 -4.56 11.21
N LEU L 13 -34.49 -4.48 11.79
CA LEU L 13 -33.86 -3.22 12.14
C LEU L 13 -32.65 -2.97 11.25
N LYS L 14 -32.34 -1.69 11.04
CA LYS L 14 -31.20 -1.31 10.23
C LYS L 14 -29.90 -1.80 10.88
N GLU L 15 -28.92 -2.14 10.03
CA GLU L 15 -27.65 -2.63 10.52
C GLU L 15 -26.96 -1.58 11.39
N GLY L 16 -26.39 -2.04 12.50
CA GLY L 16 -25.76 -1.16 13.47
C GLY L 16 -26.54 -0.98 14.75
N THR L 17 -27.78 -1.48 14.81
CA THR L 17 -28.60 -1.34 16.00
C THR L 17 -28.18 -2.36 17.05
N ASP L 18 -28.12 -1.92 18.31
CA ASP L 18 -27.74 -2.79 19.41
C ASP L 18 -28.88 -3.76 19.73
N ALA L 19 -28.64 -4.63 20.69
CA ALA L 19 -29.63 -5.62 21.14
C ALA L 19 -30.10 -5.27 22.54
N SER L 20 -31.04 -6.08 23.04
CA SER L 20 -31.68 -5.80 24.32
C SER L 20 -32.35 -7.08 24.81
N GLN L 21 -33.16 -6.93 25.86
CA GLN L 21 -33.87 -8.03 26.54
C GLN L 21 -32.80 -9.02 27.04
N GLY L 22 -33.02 -10.32 26.91
CA GLY L 22 -32.08 -11.27 27.45
C GLY L 22 -32.08 -11.23 28.97
N LYS L 23 -30.88 -11.25 29.56
CA LYS L 23 -30.72 -11.13 31.00
C LYS L 23 -29.58 -10.15 31.27
N GLY L 24 -29.87 -9.11 32.04
CA GLY L 24 -28.87 -8.12 32.39
C GLY L 24 -28.91 -6.83 31.61
N GLN L 25 -29.94 -6.61 30.78
CA GLN L 25 -30.02 -5.38 30.01
C GLN L 25 -30.31 -4.19 30.91
N ILE L 26 -31.27 -4.33 31.82
CA ILE L 26 -31.54 -3.26 32.78
C ILE L 26 -30.43 -3.16 33.82
N ILE L 27 -29.70 -4.26 34.06
CA ILE L 27 -28.57 -4.22 34.99
C ILE L 27 -27.44 -3.38 34.41
N SER L 28 -27.31 -3.34 33.08
CA SER L 28 -26.28 -2.52 32.46
C SER L 28 -26.49 -1.04 32.76
N ASN L 29 -27.75 -0.62 32.91
CA ASN L 29 -28.03 0.78 33.23
C ASN L 29 -27.74 1.09 34.70
N ILE L 30 -27.80 0.09 35.57
CA ILE L 30 -27.51 0.31 36.98
C ILE L 30 -26.01 0.51 37.19
N ASN L 31 -25.20 -0.37 36.59
CA ASN L 31 -23.76 -0.25 36.72
C ASN L 31 -23.21 1.02 36.09
N ALA L 32 -23.93 1.61 35.13
CA ALA L 32 -23.49 2.86 34.53
C ALA L 32 -23.65 4.02 35.50
N CYS L 33 -24.72 4.01 36.29
CA CYS L 33 -24.95 5.08 37.27
C CYS L 33 -24.07 4.91 38.50
N VAL L 34 -23.78 3.67 38.90
CA VAL L 34 -22.94 3.44 40.07
C VAL L 34 -21.50 3.86 39.78
N ALA L 35 -21.03 3.62 38.55
CA ALA L 35 -19.67 4.02 38.19
C ALA L 35 -19.54 5.54 38.19
N VAL L 36 -20.56 6.26 37.71
CA VAL L 36 -20.55 7.71 37.81
C VAL L 36 -20.64 8.16 39.26
N GLN L 37 -21.39 7.40 40.08
CA GLN L 37 -21.46 7.70 41.51
C GLN L 37 -20.12 7.51 42.20
N GLU L 38 -19.28 6.62 41.68
CA GLU L 38 -17.99 6.33 42.31
C GLU L 38 -17.12 7.59 42.37
N ALA L 39 -17.23 8.47 41.38
CA ALA L 39 -16.42 9.68 41.38
C ALA L 39 -16.97 10.75 42.32
N LEU L 40 -18.30 10.81 42.48
CA LEU L 40 -18.92 11.85 43.30
C LEU L 40 -18.96 11.49 44.78
N LYS L 41 -18.72 10.23 45.14
CA LYS L 41 -18.75 9.86 46.56
C LYS L 41 -17.61 10.50 47.35
N PRO L 42 -16.34 10.47 46.90
CA PRO L 42 -15.29 11.12 47.69
C PRO L 42 -15.41 12.64 47.76
N THR L 43 -16.21 13.25 46.89
CA THR L 43 -16.39 14.70 46.90
C THR L 43 -17.42 15.17 47.91
N LEU L 44 -18.07 14.26 48.62
CA LEU L 44 -19.09 14.61 49.59
C LEU L 44 -18.46 14.87 50.96
N GLY L 45 -18.93 15.93 51.62
CA GLY L 45 -18.44 16.29 52.93
C GLY L 45 -17.37 17.36 52.87
N PRO L 46 -17.25 18.14 53.95
CA PRO L 46 -16.25 19.23 53.94
C PRO L 46 -14.83 18.73 53.86
N LEU L 47 -14.56 17.50 54.31
CA LEU L 47 -13.24 16.90 54.17
C LEU L 47 -13.06 16.19 52.85
N GLY L 48 -14.06 16.23 51.97
CA GLY L 48 -13.96 15.54 50.69
C GLY L 48 -12.92 16.14 49.78
N SER L 49 -12.68 15.44 48.67
CA SER L 49 -11.66 15.82 47.71
C SER L 49 -12.30 16.44 46.48
N ASP L 50 -11.46 16.76 45.50
CA ASP L 50 -11.88 17.37 44.25
C ASP L 50 -11.42 16.51 43.08
N ILE L 51 -12.02 16.73 41.91
CA ILE L 51 -11.74 15.96 40.71
C ILE L 51 -11.17 16.90 39.65
N LEU L 52 -10.04 16.51 39.07
CA LEU L 52 -9.42 17.26 37.99
C LEU L 52 -9.85 16.65 36.65
N ILE L 53 -10.44 17.48 35.79
CA ILE L 53 -10.96 17.04 34.51
C ILE L 53 -10.39 17.94 33.42
N VAL L 54 -9.84 17.33 32.37
CA VAL L 54 -9.32 18.04 31.21
C VAL L 54 -10.09 17.56 29.99
N THR L 55 -10.74 18.50 29.30
CA THR L 55 -11.53 18.18 28.13
C THR L 55 -10.63 18.07 26.90
N SER L 56 -11.23 17.88 25.73
CA SER L 56 -10.46 17.77 24.49
C SER L 56 -9.82 19.09 24.09
N ASN L 57 -10.29 20.21 24.64
CA ASN L 57 -9.73 21.53 24.36
C ASN L 57 -8.61 21.90 25.32
N GLN L 58 -8.20 20.99 26.21
CA GLN L 58 -7.14 21.24 27.19
C GLN L 58 -7.51 22.40 28.11
N LYS L 59 -8.75 22.40 28.58
CA LYS L 59 -9.25 23.42 29.51
C LYS L 59 -9.27 22.81 30.91
N THR L 60 -8.40 23.30 31.78
CA THR L 60 -8.29 22.76 33.13
C THR L 60 -9.46 23.25 33.98
N THR L 61 -10.15 22.32 34.63
CA THR L 61 -11.25 22.66 35.53
C THR L 61 -11.22 21.71 36.72
N ILE L 62 -11.29 22.26 37.92
CA ILE L 62 -11.30 21.48 39.16
C ILE L 62 -12.64 21.72 39.83
N SER L 63 -13.47 20.67 39.91
CA SER L 63 -14.81 20.79 40.48
C SER L 63 -15.16 19.54 41.27
N ASN L 64 -15.71 19.74 42.47
CA ASN L 64 -16.35 18.68 43.22
C ASN L 64 -17.87 18.70 43.05
N ASP L 65 -18.41 19.68 42.32
CA ASP L 65 -19.84 19.83 42.18
C ASP L 65 -20.39 18.79 41.21
N GLY L 66 -21.46 18.10 41.61
CA GLY L 66 -22.04 17.08 40.76
C GLY L 66 -22.59 17.64 39.46
N ALA L 67 -22.98 18.92 39.47
CA ALA L 67 -23.51 19.53 38.25
C ALA L 67 -22.39 19.92 37.29
N THR L 68 -21.28 20.47 37.81
CA THR L 68 -20.21 20.94 36.93
C THR L 68 -19.41 19.77 36.38
N ILE L 69 -19.21 18.72 37.17
CA ILE L 69 -18.46 17.56 36.70
C ILE L 69 -19.15 16.92 35.51
N LEU L 70 -20.48 16.80 35.57
CA LEU L 70 -21.23 16.17 34.49
C LEU L 70 -21.34 17.06 33.26
N LYS L 71 -21.13 18.37 33.42
CA LYS L 71 -21.13 19.25 32.26
C LYS L 71 -19.82 19.17 31.48
N LEU L 72 -18.70 18.93 32.17
CA LEU L 72 -17.41 18.80 31.50
C LEU L 72 -17.38 17.56 30.62
N LEU L 73 -17.69 16.41 31.19
CA LEU L 73 -17.70 15.17 30.45
C LEU L 73 -18.94 15.09 29.56
N ASP L 74 -18.78 14.45 28.40
CA ASP L 74 -19.88 14.24 27.46
C ASP L 74 -20.36 12.81 27.62
N VAL L 75 -21.56 12.65 28.17
CA VAL L 75 -22.10 11.33 28.49
C VAL L 75 -22.94 10.86 27.30
N VAL L 76 -22.48 9.79 26.65
CA VAL L 76 -23.22 9.20 25.54
C VAL L 76 -24.11 8.04 25.99
N HIS L 77 -24.08 7.69 27.27
CA HIS L 77 -24.91 6.60 27.75
C HIS L 77 -26.32 7.11 28.05
N PRO L 78 -27.36 6.48 27.49
CA PRO L 78 -28.72 7.03 27.67
C PRO L 78 -29.17 7.10 29.13
N ALA L 79 -28.93 6.04 29.91
CA ALA L 79 -29.39 6.03 31.29
C ALA L 79 -28.52 6.89 32.20
N ALA L 80 -27.23 7.03 31.87
CA ALA L 80 -26.35 7.84 32.68
C ALA L 80 -26.60 9.33 32.53
N LYS L 81 -27.30 9.74 31.48
CA LYS L 81 -27.64 11.15 31.30
C LYS L 81 -28.75 11.61 32.24
N THR L 82 -29.47 10.69 32.86
CA THR L 82 -30.49 11.08 33.83
C THR L 82 -29.86 11.70 35.07
N LEU L 83 -28.66 11.25 35.45
CA LEU L 83 -27.96 11.88 36.56
C LEU L 83 -27.49 13.28 36.20
N VAL L 84 -27.34 13.59 34.92
CA VAL L 84 -26.94 14.93 34.50
C VAL L 84 -28.12 15.89 34.60
N ASP L 85 -29.32 15.41 34.28
CA ASP L 85 -30.50 16.27 34.33
C ASP L 85 -30.84 16.66 35.76
N ILE L 86 -30.79 15.70 36.69
CA ILE L 86 -31.10 16.00 38.08
C ILE L 86 -30.00 16.84 38.72
N SER L 87 -28.78 16.80 38.19
CA SER L 87 -27.72 17.64 38.72
C SER L 87 -27.87 19.09 38.25
N ARG L 88 -28.30 19.28 37.01
CA ARG L 88 -28.54 20.64 36.52
C ARG L 88 -29.85 21.21 37.02
N ALA L 89 -30.83 20.35 37.30
CA ALA L 89 -32.10 20.83 37.84
C ALA L 89 -31.95 21.24 39.30
N GLN L 90 -31.14 20.51 40.07
CA GLN L 90 -30.90 20.86 41.46
C GLN L 90 -30.07 22.14 41.58
N ASP L 91 -29.12 22.34 40.66
CA ASP L 91 -28.29 23.53 40.68
C ASP L 91 -29.03 24.77 40.21
N ALA L 92 -30.07 24.61 39.39
CA ALA L 92 -30.79 25.77 38.85
C ALA L 92 -31.63 26.45 39.93
N GLU L 93 -32.38 25.65 40.71
CA GLU L 93 -33.29 26.21 41.71
C GLU L 93 -32.56 26.49 43.02
N VAL L 94 -32.21 25.42 43.75
CA VAL L 94 -31.58 25.60 45.05
C VAL L 94 -30.10 25.92 44.90
N GLY L 95 -29.40 25.19 44.02
CA GLY L 95 -27.99 25.39 43.80
C GLY L 95 -27.08 24.51 44.62
N ASP L 96 -27.56 23.94 45.72
CA ASP L 96 -26.77 23.09 46.58
C ASP L 96 -27.38 21.70 46.65
N GLY L 97 -26.55 20.71 46.93
CA GLY L 97 -27.00 19.34 47.03
C GLY L 97 -26.94 18.54 45.75
N THR L 98 -26.37 19.10 44.68
CA THR L 98 -26.29 18.38 43.42
C THR L 98 -25.47 17.10 43.54
N THR L 99 -24.46 17.10 44.40
CA THR L 99 -23.68 15.89 44.63
C THR L 99 -24.48 14.87 45.43
N SER L 100 -25.26 15.34 46.41
CA SER L 100 -26.04 14.42 47.23
C SER L 100 -27.19 13.80 46.46
N VAL L 101 -27.72 14.50 45.46
CA VAL L 101 -28.82 13.95 44.67
C VAL L 101 -28.34 12.79 43.81
N THR L 102 -27.18 12.97 43.16
CA THR L 102 -26.65 11.90 42.31
C THR L 102 -26.24 10.68 43.13
N ILE L 103 -25.64 10.90 44.30
CA ILE L 103 -25.27 9.79 45.17
C ILE L 103 -26.52 9.06 45.66
N LEU L 104 -27.57 9.81 45.98
CA LEU L 104 -28.81 9.19 46.45
C LEU L 104 -29.55 8.50 45.32
N ALA L 105 -29.58 9.10 44.13
CA ALA L 105 -30.27 8.50 43.00
C ALA L 105 -29.59 7.22 42.55
N GLY L 106 -28.25 7.19 42.61
CA GLY L 106 -27.53 5.98 42.23
C GLY L 106 -27.66 4.87 43.26
N GLU L 107 -27.84 5.23 44.54
CA GLU L 107 -27.99 4.22 45.58
C GLU L 107 -29.35 3.54 45.48
N LEU L 108 -30.38 4.30 45.09
CA LEU L 108 -31.70 3.70 44.90
C LEU L 108 -31.69 2.65 43.79
N MET L 109 -30.83 2.85 42.78
CA MET L 109 -30.69 1.84 41.73
C MET L 109 -29.83 0.67 42.18
N LYS L 110 -28.89 0.90 43.09
CA LYS L 110 -28.05 -0.18 43.60
C LYS L 110 -28.83 -1.10 44.52
N GLU L 111 -29.70 -0.53 45.37
CA GLU L 111 -30.51 -1.36 46.25
C GLU L 111 -31.59 -2.10 45.47
N ALA L 112 -32.02 -1.56 44.32
CA ALA L 112 -32.98 -2.24 43.47
C ALA L 112 -32.33 -3.26 42.55
N LYS L 113 -31.00 -3.34 42.53
CA LYS L 113 -30.33 -4.32 41.68
C LYS L 113 -30.62 -5.76 42.11
N PRO L 114 -30.49 -6.14 43.40
CA PRO L 114 -30.85 -7.52 43.77
C PRO L 114 -32.33 -7.82 43.66
N PHE L 115 -33.19 -6.80 43.65
CA PHE L 115 -34.62 -7.02 43.49
C PHE L 115 -34.98 -7.38 42.06
N LEU L 116 -34.28 -6.82 41.08
CA LEU L 116 -34.55 -7.16 39.68
C LEU L 116 -34.12 -8.58 39.37
N GLU L 117 -33.07 -9.08 40.00
CA GLU L 117 -32.64 -10.45 39.80
C GLU L 117 -33.65 -11.46 40.36
N GLU L 118 -34.47 -11.04 41.31
CA GLU L 118 -35.49 -11.89 41.89
C GLU L 118 -36.75 -11.82 41.03
N GLY L 119 -37.85 -12.40 41.52
CA GLY L 119 -39.11 -12.37 40.82
C GLY L 119 -39.93 -11.12 41.01
N ILE L 120 -39.33 -10.06 41.55
CA ILE L 120 -40.04 -8.81 41.77
C ILE L 120 -40.22 -8.08 40.45
N SER L 121 -41.45 -7.65 40.17
CA SER L 121 -41.73 -6.93 38.95
C SER L 121 -41.16 -5.52 38.99
N SER L 122 -41.00 -4.93 37.81
CA SER L 122 -40.40 -3.60 37.72
C SER L 122 -41.30 -2.54 38.35
N HIS L 123 -42.62 -2.66 38.17
CA HIS L 123 -43.52 -1.67 38.73
C HIS L 123 -43.68 -1.82 40.24
N LEU L 124 -43.45 -3.03 40.77
CA LEU L 124 -43.55 -3.23 42.20
C LEU L 124 -42.46 -2.48 42.96
N ILE L 125 -41.29 -2.29 42.33
CA ILE L 125 -40.22 -1.55 42.98
C ILE L 125 -40.54 -0.07 43.01
N MET L 126 -41.10 0.46 41.91
CA MET L 126 -41.48 1.87 41.87
C MET L 126 -42.61 2.19 42.84
N LYS L 127 -43.43 1.21 43.21
CA LYS L 127 -44.46 1.46 44.21
C LYS L 127 -43.86 1.74 45.58
N GLY L 128 -42.68 1.20 45.85
CA GLY L 128 -42.01 1.43 47.12
C GLY L 128 -41.39 2.80 47.23
N TYR L 129 -40.80 3.28 46.12
CA TYR L 129 -40.15 4.59 46.14
C TYR L 129 -41.17 5.71 46.08
N ARG L 130 -42.24 5.55 45.30
CA ARG L 130 -43.24 6.61 45.19
C ARG L 130 -44.06 6.75 46.47
N LYS L 131 -44.27 5.65 47.21
CA LYS L 131 -45.00 5.72 48.45
C LYS L 131 -44.13 6.26 49.58
N ALA L 132 -42.84 5.91 49.59
CA ALA L 132 -41.96 6.35 50.65
C ALA L 132 -41.61 7.83 50.54
N VAL L 133 -41.52 8.35 49.30
CA VAL L 133 -41.19 9.76 49.14
C VAL L 133 -42.36 10.64 49.56
N SER L 134 -43.58 10.11 49.51
CA SER L 134 -44.74 10.89 49.96
C SER L 134 -44.68 11.15 51.46
N LEU L 135 -44.30 10.14 52.24
CA LEU L 135 -44.16 10.31 53.68
C LEU L 135 -42.83 10.98 54.05
N ALA L 136 -41.86 11.00 53.14
CA ALA L 136 -40.58 11.64 53.43
C ALA L 136 -40.68 13.16 53.33
N VAL L 137 -41.48 13.66 52.39
CA VAL L 137 -41.65 15.11 52.26
C VAL L 137 -42.39 15.66 53.47
N GLU L 138 -43.42 14.95 53.95
CA GLU L 138 -44.13 15.40 55.13
C GLU L 138 -43.26 15.31 56.38
N LYS L 139 -42.26 14.43 56.38
CA LYS L 139 -41.36 14.33 57.52
C LYS L 139 -40.40 15.51 57.56
N ILE L 140 -40.01 16.05 56.40
CA ILE L 140 -39.12 17.21 56.36
C ILE L 140 -39.81 18.42 56.98
N ASN L 141 -41.12 18.56 56.75
CA ASN L 141 -41.85 19.67 57.35
C ASN L 141 -41.83 19.61 58.87
N GLU L 142 -41.80 18.39 59.43
CA GLU L 142 -41.66 18.26 60.88
C GLU L 142 -40.25 18.60 61.34
N LEU L 143 -39.24 18.33 60.50
CA LEU L 143 -37.87 18.68 60.83
C LEU L 143 -37.68 20.20 60.85
N ALA L 144 -38.31 20.90 59.91
CA ALA L 144 -38.14 22.34 59.81
C ALA L 144 -38.89 23.06 60.92
N VAL L 145 -38.43 24.28 61.21
CA VAL L 145 -39.00 25.12 62.25
C VAL L 145 -39.31 26.49 61.65
N ASP L 146 -40.39 27.11 62.12
CA ASP L 146 -40.81 28.41 61.59
C ASP L 146 -39.72 29.45 61.78
N ILE L 147 -38.97 29.37 62.89
CA ILE L 147 -37.85 30.23 63.24
C ILE L 147 -38.13 31.70 62.96
N THR L 148 -39.35 32.16 63.25
CA THR L 148 -39.67 33.57 63.11
C THR L 148 -38.94 34.42 64.14
N SER L 149 -38.58 33.85 65.29
CA SER L 149 -37.78 34.54 66.27
C SER L 149 -36.32 34.63 65.82
N GLU L 150 -35.58 35.53 66.46
CA GLU L 150 -34.15 35.78 66.25
C GLU L 150 -33.85 36.37 64.88
N LYS L 151 -34.84 36.53 64.01
CA LYS L 151 -34.66 37.11 62.67
C LYS L 151 -33.63 36.33 61.86
N LEU L 158 -29.05 33.77 57.79
CA LEU L 158 -28.19 34.10 56.66
C LEU L 158 -26.72 33.86 57.01
N GLU L 159 -26.37 34.08 58.27
CA GLU L 159 -24.99 33.91 58.70
C GLU L 159 -24.61 32.44 58.83
N ARG L 160 -25.50 31.64 59.43
CA ARG L 160 -25.19 30.22 59.63
C ARG L 160 -25.40 29.42 58.35
N CYS L 161 -26.40 29.78 57.54
CA CYS L 161 -26.69 29.02 56.34
C CYS L 161 -25.62 29.22 55.27
N ALA L 162 -24.98 30.39 55.23
CA ALA L 162 -23.95 30.65 54.23
C ALA L 162 -22.65 29.94 54.56
N ARG L 163 -22.42 29.60 55.83
CA ARG L 163 -21.18 28.92 56.21
C ARG L 163 -21.23 27.45 55.83
N THR L 164 -22.40 26.82 55.94
CA THR L 164 -22.53 25.41 55.61
C THR L 164 -22.58 25.16 54.11
N ALA L 165 -22.96 26.16 53.31
CA ALA L 165 -23.00 25.97 51.86
C ALA L 165 -21.61 25.94 51.26
N MET L 166 -20.65 26.63 51.88
CA MET L 166 -19.28 26.66 51.38
C MET L 166 -18.51 25.37 51.67
N SER L 167 -19.09 24.45 52.44
CA SER L 167 -18.40 23.22 52.77
C SER L 167 -18.14 22.39 51.52
N SER L 168 -17.13 21.52 51.62
CA SER L 168 -16.64 20.65 50.55
C SER L 168 -15.95 21.42 49.43
N LYS L 169 -15.93 22.74 49.49
CA LYS L 169 -15.42 23.56 48.41
C LYS L 169 -14.45 24.59 48.99
N LEU L 170 -13.72 25.26 48.10
CA LEU L 170 -12.66 26.18 48.48
C LEU L 170 -13.23 27.34 49.32
N ILE L 171 -12.33 27.99 50.07
CA ILE L 171 -12.53 29.16 50.92
C ILE L 171 -13.43 28.85 52.11
N HIS L 172 -13.87 27.58 52.21
CA HIS L 172 -14.68 27.18 53.36
C HIS L 172 -13.98 27.50 54.68
N ASN L 173 -12.65 27.37 54.72
CA ASN L 173 -11.90 27.74 55.91
C ASN L 173 -11.83 29.25 56.09
N ASN L 174 -12.09 30.01 55.04
CA ASN L 174 -12.11 31.47 55.08
C ASN L 174 -13.48 32.04 55.42
N ALA L 175 -14.44 31.17 55.78
CA ALA L 175 -15.82 31.60 56.02
C ALA L 175 -15.94 32.71 57.04
N ASP L 176 -14.91 32.93 57.88
CA ASP L 176 -14.92 34.08 58.77
C ASP L 176 -14.86 35.41 58.03
N PHE L 177 -14.65 35.39 56.71
CA PHE L 177 -14.52 36.61 55.92
C PHE L 177 -15.56 36.68 54.81
N PHE L 178 -15.54 35.74 53.85
CA PHE L 178 -16.41 35.84 52.68
C PHE L 178 -17.89 35.76 53.05
N VAL L 179 -18.22 35.09 54.14
CA VAL L 179 -19.63 34.97 54.53
C VAL L 179 -20.20 36.33 54.91
N LYS L 180 -19.38 37.21 55.49
CA LYS L 180 -19.86 38.55 55.84
C LYS L 180 -20.31 39.32 54.60
N MET L 181 -19.67 39.09 53.46
CA MET L 181 -20.10 39.75 52.23
C MET L 181 -21.33 39.07 51.62
N CYS L 182 -21.53 37.78 51.91
CA CYS L 182 -22.69 37.08 51.36
C CYS L 182 -23.98 37.51 52.04
N VAL L 183 -23.92 37.97 53.28
CA VAL L 183 -25.12 38.40 53.99
C VAL L 183 -25.67 39.68 53.38
N ASP L 184 -24.82 40.70 53.25
CA ASP L 184 -25.27 41.98 52.69
C ASP L 184 -25.48 41.92 51.18
N ALA L 185 -25.10 40.82 50.53
CA ALA L 185 -25.28 40.71 49.08
C ALA L 185 -26.76 40.54 48.74
N VAL L 186 -27.44 39.61 49.40
CA VAL L 186 -28.83 39.34 49.07
C VAL L 186 -29.75 40.38 49.72
N LEU L 187 -29.32 41.00 50.82
CA LEU L 187 -30.16 42.00 51.48
C LEU L 187 -30.37 43.24 50.64
N SER L 188 -29.47 43.53 49.69
CA SER L 188 -29.65 44.66 48.80
C SER L 188 -30.78 44.44 47.79
N LEU L 189 -31.27 43.22 47.65
CA LEU L 189 -32.34 42.91 46.71
C LEU L 189 -33.67 42.92 47.45
N ASP L 190 -34.62 43.68 46.92
CA ASP L 190 -35.94 43.76 47.52
C ASP L 190 -36.73 42.49 47.27
N ARG L 191 -37.75 42.27 48.10
CA ARG L 191 -38.60 41.10 47.97
C ARG L 191 -39.35 41.12 46.64
N ASN L 192 -39.67 39.92 46.14
CA ASN L 192 -40.37 39.67 44.89
C ASN L 192 -39.53 39.95 43.65
N ASP L 193 -38.32 40.50 43.81
CA ASP L 193 -37.43 40.71 42.68
C ASP L 193 -36.29 39.70 42.72
N LEU L 194 -35.33 39.92 43.62
CA LEU L 194 -34.19 39.03 43.82
C LEU L 194 -33.51 38.68 42.50
N ASP L 195 -32.91 39.71 41.90
CA ASP L 195 -32.31 39.56 40.59
C ASP L 195 -31.00 38.77 40.68
N ASP L 196 -30.83 37.82 39.75
CA ASP L 196 -29.64 37.00 39.72
C ASP L 196 -28.45 37.69 39.06
N LYS L 197 -28.68 38.72 38.25
CA LYS L 197 -27.59 39.44 37.62
C LYS L 197 -26.94 40.43 38.58
N LEU L 198 -27.74 41.11 39.40
CA LEU L 198 -27.23 42.14 40.29
C LEU L 198 -26.25 41.59 41.32
N ILE L 199 -26.20 40.28 41.53
CA ILE L 199 -25.21 39.68 42.41
C ILE L 199 -23.96 39.22 41.67
N GLY L 200 -23.87 39.49 40.37
CA GLY L 200 -22.75 39.05 39.55
C GLY L 200 -21.39 39.44 40.07
N ILE L 201 -20.40 38.58 39.84
CA ILE L 201 -19.05 38.74 40.37
C ILE L 201 -18.05 38.63 39.23
N LYS L 202 -17.08 39.55 39.20
CA LYS L 202 -16.04 39.57 38.18
C LYS L 202 -14.81 38.83 38.69
N LYS L 203 -14.14 38.12 37.78
CA LYS L 203 -12.95 37.34 38.10
C LYS L 203 -11.72 38.02 37.55
N ILE L 204 -10.74 38.26 38.42
CA ILE L 204 -9.48 38.90 38.05
C ILE L 204 -8.36 37.89 38.27
N PRO L 205 -7.64 37.50 37.21
CA PRO L 205 -6.53 36.56 37.40
C PRO L 205 -5.38 37.21 38.15
N GLY L 206 -4.77 36.46 39.05
CA GLY L 206 -3.67 36.95 39.86
C GLY L 206 -4.14 37.45 41.22
N GLY L 207 -3.18 37.57 42.13
CA GLY L 207 -3.46 38.09 43.45
C GLY L 207 -3.87 37.01 44.44
N ALA L 208 -4.24 37.46 45.64
CA ALA L 208 -4.67 36.59 46.72
C ALA L 208 -6.14 36.83 47.02
N MET L 209 -6.86 35.74 47.31
CA MET L 209 -8.30 35.82 47.54
C MET L 209 -8.66 36.57 48.82
N GLU L 210 -7.72 36.72 49.74
CA GLU L 210 -7.99 37.44 50.97
C GLU L 210 -7.98 38.95 50.80
N GLU L 211 -7.60 39.46 49.62
CA GLU L 211 -7.57 40.89 49.35
C GLU L 211 -8.87 41.41 48.78
N SER L 212 -9.89 40.57 48.63
CA SER L 212 -11.16 41.00 48.10
C SER L 212 -11.90 41.89 49.10
N LEU L 213 -12.79 42.72 48.59
CA LEU L 213 -13.56 43.63 49.43
C LEU L 213 -14.96 43.80 48.82
N PHE L 214 -15.88 44.30 49.66
CA PHE L 214 -17.27 44.47 49.26
C PHE L 214 -17.46 45.82 48.58
N ILE L 215 -18.27 45.83 47.53
CA ILE L 215 -18.54 47.03 46.75
C ILE L 215 -20.05 47.20 46.61
N ASN L 216 -20.52 48.44 46.78
CA ASN L 216 -21.95 48.75 46.73
C ASN L 216 -22.52 48.75 45.33
N GLY L 217 -21.70 48.59 44.29
CA GLY L 217 -22.18 48.69 42.93
C GLY L 217 -21.35 47.86 41.98
N VAL L 218 -21.69 47.96 40.70
CA VAL L 218 -21.07 47.14 39.66
C VAL L 218 -19.74 47.75 39.25
N ALA L 219 -18.78 46.88 38.91
CA ALA L 219 -17.49 47.29 38.38
C ALA L 219 -17.24 46.50 37.10
N PHE L 220 -16.91 47.21 36.02
CA PHE L 220 -16.73 46.60 34.71
C PHE L 220 -15.34 46.92 34.16
N LYS L 221 -14.94 46.13 33.17
CA LYS L 221 -13.64 46.30 32.52
C LYS L 221 -13.77 47.28 31.36
N LYS L 222 -12.74 48.11 31.20
CA LYS L 222 -12.74 49.10 30.12
C LYS L 222 -12.68 48.42 28.75
N THR L 223 -11.78 47.45 28.60
CA THR L 223 -11.60 46.65 27.39
C THR L 223 -11.08 47.49 26.22
N PHE L 224 -10.97 48.81 26.41
CA PHE L 224 -10.48 49.69 25.36
C PHE L 224 -9.73 50.85 26.00
N SER L 225 -8.69 51.32 25.32
CA SER L 225 -7.86 52.42 25.79
C SER L 225 -8.16 53.65 24.95
N TYR L 226 -8.58 54.73 25.60
CA TYR L 226 -8.92 55.97 24.91
C TYR L 226 -7.73 56.92 24.92
N ALA L 227 -7.56 57.65 23.81
CA ALA L 227 -6.46 58.59 23.71
C ALA L 227 -6.66 59.79 24.63
N GLY L 228 -7.90 60.12 24.96
CA GLY L 228 -8.19 61.21 25.87
C GLY L 228 -8.58 60.72 27.25
N PHE L 229 -8.25 59.47 27.56
CA PHE L 229 -8.68 58.87 28.82
C PHE L 229 -7.94 59.48 30.01
N GLU L 230 -6.62 59.59 29.92
CA GLU L 230 -5.83 60.09 31.04
C GLU L 230 -6.14 61.56 31.34
N GLN L 231 -6.51 62.34 30.32
CA GLN L 231 -6.87 63.73 30.54
C GLN L 231 -8.16 63.86 31.35
N GLN L 232 -8.93 62.78 31.48
CA GLN L 232 -10.16 62.78 32.27
C GLN L 232 -9.82 62.45 33.73
N PRO L 233 -10.34 63.21 34.69
CA PRO L 233 -10.05 62.93 36.10
C PRO L 233 -10.58 61.56 36.51
N LYS L 234 -9.78 60.84 37.29
CA LYS L 234 -10.14 59.52 37.78
C LYS L 234 -10.76 59.54 39.17
N LYS L 235 -10.87 60.72 39.79
CA LYS L 235 -11.44 60.86 41.12
C LYS L 235 -12.51 61.93 41.08
N PHE L 236 -13.75 61.53 41.38
CA PHE L 236 -14.89 62.44 41.36
C PHE L 236 -15.45 62.56 42.78
N ASN L 237 -15.69 63.80 43.21
CA ASN L 237 -16.27 64.04 44.52
C ASN L 237 -17.78 63.77 44.52
N ASN L 238 -18.48 64.23 43.49
CA ASN L 238 -19.92 64.00 43.35
C ASN L 238 -20.23 63.72 41.90
N PRO L 239 -19.95 62.50 41.43
CA PRO L 239 -20.19 62.17 40.02
C PRO L 239 -21.66 61.96 39.72
N LYS L 240 -22.02 62.23 38.47
CA LYS L 240 -23.37 62.00 37.96
C LYS L 240 -23.27 61.02 36.79
N ILE L 241 -23.82 59.83 36.97
CA ILE L 241 -23.75 58.77 35.97
C ILE L 241 -24.94 58.91 35.03
N LEU L 242 -24.67 58.91 33.72
CA LEU L 242 -25.69 59.03 32.69
C LEU L 242 -25.55 57.88 31.72
N SER L 243 -26.56 57.02 31.67
CA SER L 243 -26.57 55.89 30.75
C SER L 243 -27.19 56.32 29.43
N LEU L 244 -26.45 56.13 28.33
CA LEU L 244 -26.90 56.55 27.01
C LEU L 244 -26.67 55.42 26.01
N ASN L 245 -27.65 55.22 25.13
CA ASN L 245 -27.51 54.26 24.03
C ASN L 245 -27.04 54.92 22.75
N VAL L 246 -26.77 56.23 22.77
CA VAL L 246 -26.31 56.91 21.56
C VAL L 246 -24.88 56.49 21.23
N GLU L 247 -24.52 56.65 19.96
CA GLU L 247 -23.20 56.33 19.46
C GLU L 247 -22.52 57.63 19.05
N LEU L 248 -21.51 58.04 19.81
CA LEU L 248 -20.87 59.33 19.63
C LEU L 248 -19.54 59.14 18.91
N GLU L 249 -19.50 59.55 17.64
CA GLU L 249 -18.32 59.52 16.78
C GLU L 249 -18.71 60.03 15.41
N LEU L 250 -17.75 60.15 14.49
CA LEU L 250 -18.04 60.61 13.14
C LEU L 250 -18.29 59.39 12.26
N LYS L 251 -19.54 59.17 11.88
CA LYS L 251 -19.93 58.02 11.07
C LYS L 251 -21.28 58.32 10.43
N ALA L 252 -21.63 57.49 9.44
CA ALA L 252 -22.97 57.54 8.87
C ALA L 252 -24.01 57.36 9.98
N GLU L 253 -25.12 58.09 9.85
CA GLU L 253 -26.07 58.16 10.97
C GLU L 253 -27.00 56.96 11.02
N LYS L 254 -28.00 56.91 10.13
CA LYS L 254 -29.01 55.85 10.13
C LYS L 254 -28.91 55.05 8.85
N ASP L 255 -28.39 53.82 8.96
CA ASP L 255 -28.62 52.66 8.09
C ASP L 255 -28.23 52.88 6.63
N ASN L 256 -27.95 54.11 6.23
CA ASN L 256 -27.60 54.41 4.85
C ASN L 256 -26.71 55.64 4.80
N ALA L 257 -25.80 55.65 3.83
CA ALA L 257 -24.92 56.79 3.60
C ALA L 257 -24.86 57.09 2.12
N GLU L 258 -25.39 58.25 1.72
CA GLU L 258 -25.15 58.78 0.38
C GLU L 258 -25.33 60.29 0.44
N VAL L 259 -24.55 61.00 -0.38
CA VAL L 259 -24.57 62.46 -0.42
C VAL L 259 -24.50 62.90 -1.88
N ARG L 260 -25.43 63.77 -2.29
CA ARG L 260 -25.46 64.34 -3.63
C ARG L 260 -25.31 65.85 -3.51
N VAL L 261 -24.21 66.40 -4.01
CA VAL L 261 -23.93 67.83 -3.94
C VAL L 261 -23.49 68.29 -5.33
N GLU L 262 -24.26 69.20 -5.92
CA GLU L 262 -23.95 69.68 -7.27
C GLU L 262 -22.88 70.75 -7.26
N HIS L 263 -22.94 71.69 -6.32
CA HIS L 263 -22.07 72.86 -6.32
C HIS L 263 -20.97 72.74 -5.27
N VAL L 264 -19.80 73.30 -5.61
CA VAL L 264 -18.67 73.24 -4.68
C VAL L 264 -18.92 74.10 -3.46
N GLU L 265 -19.66 75.20 -3.62
CA GLU L 265 -19.94 76.09 -2.48
C GLU L 265 -20.75 75.37 -1.41
N ASP L 266 -21.74 74.58 -1.83
CA ASP L 266 -22.53 73.79 -0.88
C ASP L 266 -21.79 72.56 -0.38
N TYR L 267 -20.67 72.19 -1.02
CA TYR L 267 -19.91 71.02 -0.57
C TYR L 267 -19.21 71.28 0.75
N GLN L 268 -18.84 72.53 1.03
CA GLN L 268 -18.21 72.86 2.30
C GLN L 268 -19.22 72.79 3.45
N ALA L 269 -20.48 73.16 3.20
CA ALA L 269 -21.48 73.15 4.25
C ALA L 269 -21.85 71.74 4.67
N ILE L 270 -21.69 70.76 3.79
CA ILE L 270 -22.03 69.38 4.12
C ILE L 270 -21.08 68.84 5.19
N VAL L 271 -19.80 69.17 5.09
CA VAL L 271 -18.82 68.71 6.06
C VAL L 271 -19.06 69.38 7.42
N ASP L 272 -19.24 70.70 7.41
CA ASP L 272 -19.47 71.42 8.66
C ASP L 272 -20.77 70.98 9.32
N ALA L 273 -21.76 70.56 8.53
CA ALA L 273 -23.02 70.09 9.11
C ALA L 273 -22.82 68.79 9.88
N GLU L 274 -21.93 67.91 9.40
CA GLU L 274 -21.69 66.66 10.10
C GLU L 274 -20.98 66.89 11.43
N TRP L 275 -20.09 67.87 11.49
CA TRP L 275 -19.40 68.18 12.75
C TRP L 275 -20.35 68.81 13.75
N GLN L 276 -21.31 69.62 13.27
CA GLN L 276 -22.24 70.28 14.18
C GLN L 276 -23.23 69.29 14.78
N LEU L 277 -23.67 68.30 13.99
CA LEU L 277 -24.63 67.33 14.50
C LEU L 277 -24.01 66.43 15.56
N ILE L 278 -22.75 66.04 15.36
CA ILE L 278 -22.07 65.22 16.36
C ILE L 278 -21.77 66.03 17.61
N PHE L 279 -21.38 67.30 17.43
CA PHE L 279 -21.11 68.15 18.59
C PHE L 279 -22.40 68.58 19.29
N GLU L 280 -23.53 68.60 18.55
CA GLU L 280 -24.80 68.96 19.18
C GLU L 280 -25.18 67.95 20.26
N LYS L 281 -24.96 66.66 20.00
CA LYS L 281 -25.18 65.65 21.03
C LYS L 281 -24.16 65.75 22.16
N LEU L 282 -22.97 66.31 21.89
CA LEU L 282 -21.97 66.48 22.93
C LEU L 282 -22.27 67.68 23.82
N ARG L 283 -22.85 68.74 23.25
CA ARG L 283 -23.16 69.92 24.05
C ARG L 283 -24.33 69.66 25.00
N GLN L 284 -25.31 68.87 24.55
CA GLN L 284 -26.47 68.59 25.41
C GLN L 284 -26.09 67.76 26.62
N VAL L 285 -25.02 66.97 26.53
CA VAL L 285 -24.56 66.21 27.68
C VAL L 285 -23.84 67.13 28.67
N GLU L 286 -23.09 68.10 28.17
CA GLU L 286 -22.36 69.01 29.06
C GLU L 286 -23.32 69.95 29.78
N GLU L 287 -24.39 70.37 29.13
CA GLU L 287 -25.34 71.28 29.75
C GLU L 287 -26.09 70.64 30.92
N THR L 288 -26.17 69.31 30.96
CA THR L 288 -26.83 68.62 32.06
C THR L 288 -25.87 68.28 33.20
N GLY L 289 -24.58 68.49 33.01
CA GLY L 289 -23.61 68.25 34.07
C GLY L 289 -23.39 66.79 34.40
N ALA L 290 -23.39 65.92 33.39
CA ALA L 290 -23.16 64.49 33.60
C ALA L 290 -21.66 64.22 33.57
N ASN L 291 -21.13 63.74 34.69
CA ASN L 291 -19.70 63.48 34.79
C ASN L 291 -19.29 62.16 34.13
N ILE L 292 -20.17 61.16 34.18
CA ILE L 292 -19.88 59.83 33.65
C ILE L 292 -20.90 59.50 32.57
N VAL L 293 -20.42 59.05 31.42
CA VAL L 293 -21.26 58.67 30.30
C VAL L 293 -20.93 57.24 29.90
N LEU L 294 -21.95 56.38 29.87
CA LEU L 294 -21.80 54.98 29.50
C LEU L 294 -22.60 54.71 28.24
N SER L 295 -22.04 53.89 27.34
CA SER L 295 -22.70 53.59 26.08
C SER L 295 -22.33 52.18 25.63
N LYS L 296 -23.30 51.50 25.02
CA LYS L 296 -23.06 50.18 24.46
C LYS L 296 -22.32 50.28 23.13
N LEU L 297 -22.77 51.18 22.26
CA LEU L 297 -22.15 51.33 20.96
C LEU L 297 -20.78 52.02 21.09
N PRO L 298 -19.88 51.78 20.14
CA PRO L 298 -18.54 52.35 20.24
C PRO L 298 -18.55 53.88 20.27
N ILE L 299 -17.49 54.44 20.86
CA ILE L 299 -17.30 55.88 20.94
C ILE L 299 -15.89 56.18 20.46
N GLY L 300 -15.76 56.96 19.40
CA GLY L 300 -14.48 57.29 18.85
C GLY L 300 -13.72 58.29 19.71
N ASP L 301 -12.51 58.62 19.25
CA ASP L 301 -11.67 59.58 19.96
C ASP L 301 -12.15 61.01 19.84
N LEU L 302 -13.11 61.28 18.95
CA LEU L 302 -13.63 62.64 18.82
C LEU L 302 -14.47 63.02 20.02
N ALA L 303 -15.39 62.14 20.44
CA ALA L 303 -16.21 62.44 21.60
C ALA L 303 -15.44 62.29 22.91
N THR L 304 -14.43 61.43 22.92
CA THR L 304 -13.63 61.25 24.13
C THR L 304 -12.78 62.48 24.42
N GLN L 305 -12.18 63.07 23.39
CA GLN L 305 -11.35 64.25 23.59
C GLN L 305 -12.19 65.46 23.99
N PHE L 306 -13.42 65.56 23.49
CA PHE L 306 -14.30 66.66 23.90
C PHE L 306 -14.63 66.57 25.37
N PHE L 307 -14.83 65.36 25.89
CA PHE L 307 -15.11 65.17 27.31
C PHE L 307 -13.87 65.35 28.17
N ALA L 308 -12.67 65.37 27.58
CA ALA L 308 -11.45 65.53 28.37
C ALA L 308 -11.28 66.97 28.84
N ASP L 309 -11.58 67.93 27.97
CA ASP L 309 -11.45 69.34 28.35
C ASP L 309 -12.50 69.76 29.36
N ARG L 310 -13.67 69.13 29.33
CA ARG L 310 -14.75 69.42 30.26
C ARG L 310 -14.65 68.61 31.55
N ASN L 311 -13.61 67.79 31.70
CA ASN L 311 -13.43 66.92 32.87
C ASN L 311 -14.61 65.96 33.02
N ILE L 312 -15.03 65.36 31.92
CA ILE L 312 -16.14 64.43 31.88
C ILE L 312 -15.61 63.05 31.51
N PHE L 313 -15.99 62.04 32.28
CA PHE L 313 -15.55 60.68 32.03
C PHE L 313 -16.37 60.06 30.90
N CYS L 314 -15.70 59.29 30.05
CA CYS L 314 -16.33 58.61 28.93
C CYS L 314 -15.94 57.15 28.93
N ALA L 315 -16.85 56.29 28.47
CA ALA L 315 -16.61 54.86 28.42
C ALA L 315 -17.48 54.24 27.34
N GLY L 316 -17.07 53.07 26.89
CA GLY L 316 -17.81 52.35 25.87
C GLY L 316 -17.47 50.88 25.93
N ARG L 317 -17.99 50.13 24.95
CA ARG L 317 -17.79 48.70 24.77
C ARG L 317 -18.43 47.87 25.88
N VAL L 318 -19.04 48.50 26.89
CA VAL L 318 -19.57 47.77 28.02
C VAL L 318 -20.69 46.84 27.58
N SER L 319 -20.68 45.62 28.11
CA SER L 319 -21.70 44.63 27.76
C SER L 319 -23.07 45.05 28.29
N ALA L 320 -24.11 44.48 27.69
CA ALA L 320 -25.48 44.83 28.07
C ALA L 320 -25.80 44.37 29.49
N ASP L 321 -25.16 43.29 29.96
CA ASP L 321 -25.46 42.80 31.30
C ASP L 321 -24.87 43.70 32.38
N ASP L 322 -23.78 44.41 32.08
CA ASP L 322 -23.15 45.27 33.07
C ASP L 322 -23.91 46.58 33.25
N MET L 323 -24.37 47.18 32.14
CA MET L 323 -25.11 48.44 32.25
C MET L 323 -26.49 48.25 32.84
N ASN L 324 -27.05 47.04 32.77
CA ASN L 324 -28.30 46.76 33.48
C ASN L 324 -28.11 46.84 34.99
N ARG L 325 -26.91 46.56 35.47
CA ARG L 325 -26.60 46.73 36.89
C ARG L 325 -26.36 48.18 37.27
N VAL L 326 -26.01 49.03 36.30
CA VAL L 326 -25.77 50.43 36.60
C VAL L 326 -27.07 51.15 36.93
N ILE L 327 -28.15 50.82 36.22
CA ILE L 327 -29.44 51.48 36.43
C ILE L 327 -29.96 51.17 37.83
N GLN L 328 -29.75 49.94 38.30
CA GLN L 328 -30.19 49.57 39.64
C GLN L 328 -29.26 50.10 40.72
N ALA L 329 -27.97 50.30 40.40
CA ALA L 329 -27.02 50.75 41.41
C ALA L 329 -27.24 52.20 41.79
N VAL L 330 -27.28 53.09 40.79
CA VAL L 330 -27.44 54.52 41.05
C VAL L 330 -28.88 54.99 40.94
N GLY L 331 -29.81 54.10 40.60
CA GLY L 331 -31.20 54.50 40.47
C GLY L 331 -31.48 55.40 39.30
N GLY L 332 -30.71 55.30 38.22
CA GLY L 332 -30.89 56.14 37.05
C GLY L 332 -31.87 55.56 36.05
N SER L 333 -31.67 55.92 34.79
CA SER L 333 -32.52 55.43 33.71
C SER L 333 -31.72 55.43 32.41
N ILE L 334 -32.24 54.69 31.43
CA ILE L 334 -31.60 54.55 30.13
C ILE L 334 -32.22 55.57 29.18
N GLN L 335 -31.36 56.39 28.57
CA GLN L 335 -31.78 57.41 27.61
C GLN L 335 -31.14 57.08 26.26
N SER L 336 -31.98 56.72 25.28
CA SER L 336 -31.48 56.36 23.96
C SER L 336 -31.26 57.56 23.05
N THR L 337 -31.56 58.78 23.51
CA THR L 337 -31.33 59.98 22.72
C THR L 337 -30.85 61.08 23.66
N THR L 338 -30.13 62.04 23.08
CA THR L 338 -29.56 63.15 23.84
C THR L 338 -30.52 64.32 24.02
N SER L 339 -31.62 64.35 23.25
CA SER L 339 -32.56 65.45 23.37
C SER L 339 -33.53 65.29 24.53
N ASP L 340 -33.72 64.07 25.02
CA ASP L 340 -34.64 63.79 26.10
C ASP L 340 -33.98 63.76 27.48
N ILE L 341 -32.68 64.05 27.55
CA ILE L 341 -31.97 63.99 28.82
C ILE L 341 -32.49 65.08 29.75
N LYS L 342 -32.89 64.69 30.95
CA LYS L 342 -33.38 65.61 31.97
C LYS L 342 -32.60 65.41 33.26
N PRO L 343 -32.47 66.46 34.07
CA PRO L 343 -31.63 66.35 35.29
C PRO L 343 -32.09 65.29 36.27
N GLU L 344 -33.40 65.02 36.37
CA GLU L 344 -33.89 64.07 37.36
C GLU L 344 -33.64 62.62 36.97
N HIS L 345 -33.18 62.35 35.75
CA HIS L 345 -32.92 60.99 35.30
C HIS L 345 -31.46 60.57 35.49
N LEU L 346 -30.63 61.43 36.08
CA LEU L 346 -29.22 61.14 36.28
C LEU L 346 -29.01 60.60 37.69
N GLY L 347 -28.26 59.50 37.80
CA GLY L 347 -27.92 58.94 39.09
C GLY L 347 -26.63 59.53 39.64
N THR L 348 -26.32 59.15 40.87
CA THR L 348 -25.13 59.64 41.56
C THR L 348 -24.73 58.65 42.63
N CYS L 349 -23.63 58.97 43.32
CA CYS L 349 -23.12 58.14 44.42
C CYS L 349 -22.27 59.03 45.31
N ALA L 350 -21.62 58.42 46.31
CA ALA L 350 -20.81 59.19 47.24
C ALA L 350 -19.49 59.61 46.62
N LEU L 351 -18.80 58.68 45.95
CA LEU L 351 -17.52 58.99 45.33
C LEU L 351 -17.26 58.01 44.19
N PHE L 352 -16.34 58.40 43.32
CA PHE L 352 -15.93 57.57 42.19
C PHE L 352 -14.40 57.58 42.11
N GLU L 353 -13.80 56.40 42.22
CA GLU L 353 -12.35 56.26 42.16
C GLU L 353 -12.00 55.04 41.33
N GLU L 354 -11.06 55.22 40.41
CA GLU L 354 -10.62 54.15 39.52
C GLU L 354 -9.35 53.53 40.11
N MET L 355 -9.44 52.25 40.50
CA MET L 355 -8.32 51.52 41.08
C MET L 355 -7.93 50.38 40.15
N GLN L 356 -6.62 50.16 40.04
CA GLN L 356 -6.08 49.12 39.17
C GLN L 356 -5.93 47.81 39.95
N ILE L 357 -6.53 46.74 39.44
CA ILE L 357 -6.52 45.43 40.08
C ILE L 357 -5.97 44.42 39.09
N GLY L 358 -4.79 43.86 39.39
CA GLY L 358 -4.18 42.85 38.54
C GLY L 358 -3.94 43.32 37.12
N SER L 359 -3.27 44.47 36.97
CA SER L 359 -3.00 45.08 35.67
C SER L 359 -4.28 45.36 34.90
N GLU L 360 -5.39 45.55 35.61
CA GLU L 360 -6.68 45.86 35.00
C GLU L 360 -7.34 46.95 35.82
N ARG L 361 -7.72 48.04 35.17
CA ARG L 361 -8.37 49.17 35.84
C ARG L 361 -9.88 49.04 35.71
N TYR L 362 -10.59 49.25 36.81
CA TYR L 362 -12.03 49.15 36.85
C TYR L 362 -12.63 50.42 37.42
N ASN L 363 -13.92 50.62 37.16
CA ASN L 363 -14.67 51.76 37.67
C ASN L 363 -15.46 51.32 38.90
N LEU L 364 -15.21 51.97 40.03
CA LEU L 364 -15.80 51.59 41.30
C LEU L 364 -17.04 52.43 41.57
N PHE L 365 -18.18 51.77 41.73
CA PHE L 365 -19.44 52.42 42.08
C PHE L 365 -19.77 52.04 43.52
N GLN L 366 -19.75 53.02 44.42
CA GLN L 366 -20.02 52.75 45.83
C GLN L 366 -20.50 54.03 46.49
N GLY L 367 -21.15 53.85 47.65
CA GLY L 367 -21.62 54.96 48.44
C GLY L 367 -23.04 55.42 48.15
N CYS L 368 -23.77 54.69 47.31
CA CYS L 368 -25.15 55.08 47.00
C CYS L 368 -26.06 54.75 48.19
N PRO L 369 -27.00 55.64 48.52
CA PRO L 369 -27.91 55.36 49.65
C PRO L 369 -28.70 54.08 49.47
N GLN L 370 -29.25 53.84 48.28
CA GLN L 370 -29.99 52.62 47.99
C GLN L 370 -29.48 52.04 46.69
N ALA L 371 -28.89 50.85 46.77
CA ALA L 371 -28.32 50.17 45.61
C ALA L 371 -28.64 48.69 45.68
N LYS L 372 -29.21 48.16 44.60
CA LYS L 372 -29.54 46.74 44.51
C LYS L 372 -28.45 45.92 43.85
N THR L 373 -27.33 46.54 43.45
CA THR L 373 -26.27 45.86 42.73
C THR L 373 -25.17 45.45 43.71
N CYS L 374 -24.70 44.22 43.57
CA CYS L 374 -23.60 43.69 44.38
C CYS L 374 -22.60 43.02 43.46
N THR L 375 -21.39 43.57 43.42
CA THR L 375 -20.32 43.05 42.57
C THR L 375 -19.04 42.92 43.37
N LEU L 376 -18.43 41.74 43.34
CA LEU L 376 -17.21 41.47 44.06
C LEU L 376 -16.05 41.27 43.09
N LEU L 377 -14.85 41.61 43.56
CA LEU L 377 -13.62 41.45 42.78
C LEU L 377 -12.77 40.39 43.45
N LEU L 378 -12.58 39.26 42.76
CA LEU L 378 -11.90 38.11 43.33
C LEU L 378 -10.50 37.97 42.75
N ARG L 379 -9.59 37.45 43.57
CA ARG L 379 -8.20 37.26 43.18
C ARG L 379 -7.78 35.83 43.51
N GLY L 380 -6.77 35.35 42.79
CA GLY L 380 -6.22 34.03 43.06
C GLY L 380 -5.11 33.73 42.08
N GLY L 381 -4.25 32.80 42.50
CA GLY L 381 -3.09 32.43 41.70
C GLY L 381 -3.43 31.71 40.41
N ALA L 382 -4.13 30.59 40.51
CA ALA L 382 -4.55 29.84 39.33
C ALA L 382 -5.81 30.45 38.74
N GLU L 383 -5.99 30.23 37.44
CA GLU L 383 -7.21 30.68 36.77
C GLU L 383 -8.45 29.97 37.31
N GLN L 384 -8.29 28.76 37.86
CA GLN L 384 -9.41 28.06 38.48
C GLN L 384 -9.70 28.55 39.90
N VAL L 385 -8.71 29.12 40.58
CA VAL L 385 -8.94 29.62 41.95
C VAL L 385 -9.99 30.72 41.94
N ILE L 386 -9.86 31.69 41.02
CA ILE L 386 -10.86 32.74 40.91
C ILE L 386 -12.20 32.20 40.43
N ALA L 387 -12.19 31.06 39.73
CA ALA L 387 -13.45 30.45 39.30
C ALA L 387 -14.13 29.69 40.43
N GLU L 388 -13.35 29.04 41.30
CA GLU L 388 -13.93 28.27 42.39
C GLU L 388 -14.52 29.16 43.47
N VAL L 389 -13.94 30.34 43.69
CA VAL L 389 -14.43 31.24 44.73
C VAL L 389 -15.81 31.77 44.37
N GLU L 390 -15.96 32.29 43.15
CA GLU L 390 -17.26 32.75 42.69
C GLU L 390 -18.26 31.60 42.64
N ARG L 391 -17.79 30.41 42.24
CA ARG L 391 -18.66 29.24 42.24
C ARG L 391 -19.15 28.91 43.64
N SER L 392 -18.32 29.15 44.66
CA SER L 392 -18.76 29.00 46.04
C SER L 392 -19.66 30.16 46.45
N LEU L 393 -19.35 31.37 46.00
CA LEU L 393 -20.17 32.53 46.35
C LEU L 393 -21.51 32.49 45.63
N HIS L 394 -21.53 32.05 44.37
CA HIS L 394 -22.78 31.96 43.62
C HIS L 394 -23.71 30.91 44.23
N ASP L 395 -23.14 29.81 44.74
CA ASP L 395 -23.95 28.79 45.38
C ASP L 395 -24.36 29.18 46.78
N ALA L 396 -23.58 30.02 47.46
CA ALA L 396 -23.92 30.43 48.81
C ALA L 396 -25.01 31.50 48.82
N ILE L 397 -25.08 32.34 47.79
CA ILE L 397 -26.11 33.37 47.74
C ILE L 397 -27.48 32.74 47.50
N MET L 398 -27.54 31.69 46.67
CA MET L 398 -28.81 31.03 46.42
C MET L 398 -29.36 30.33 47.65
N ILE L 399 -28.51 30.02 48.64
CA ILE L 399 -29.00 29.43 49.87
C ILE L 399 -29.71 30.48 50.73
N VAL L 400 -29.07 31.64 50.91
CA VAL L 400 -29.71 32.74 51.63
C VAL L 400 -30.77 33.45 50.80
N LYS L 401 -30.80 33.22 49.48
CA LYS L 401 -31.86 33.76 48.65
C LYS L 401 -33.19 33.06 48.95
N ARG L 402 -33.19 31.73 48.95
CA ARG L 402 -34.40 30.98 49.25
C ARG L 402 -34.80 31.08 50.72
N ALA L 403 -33.88 31.52 51.59
CA ALA L 403 -34.22 31.65 53.00
C ALA L 403 -35.12 32.85 53.25
N LEU L 404 -35.05 33.88 52.40
CA LEU L 404 -35.88 35.06 52.60
C LEU L 404 -37.35 34.75 52.32
N GLN L 405 -37.62 33.89 51.33
CA GLN L 405 -39.00 33.53 51.04
C GLN L 405 -39.59 32.66 52.15
N ASN L 406 -38.84 31.65 52.59
CA ASN L 406 -39.26 30.79 53.68
C ASN L 406 -38.07 30.52 54.58
N LYS L 407 -38.24 30.72 55.88
CA LYS L 407 -37.18 30.53 56.86
C LYS L 407 -37.39 29.18 57.54
N LEU L 408 -36.51 28.23 57.25
CA LEU L 408 -36.59 26.89 57.81
C LEU L 408 -35.19 26.37 58.08
N ILE L 409 -35.06 25.56 59.13
CA ILE L 409 -33.79 24.98 59.53
C ILE L 409 -33.96 23.48 59.66
N VAL L 410 -33.10 22.72 58.98
CA VAL L 410 -33.07 21.26 59.08
C VAL L 410 -31.64 20.84 59.37
N ALA L 411 -31.48 19.99 60.38
CA ALA L 411 -30.15 19.55 60.78
C ALA L 411 -29.49 18.73 59.67
N GLY L 412 -28.27 19.12 59.29
CA GLY L 412 -27.53 18.46 58.25
C GLY L 412 -26.47 17.51 58.80
N GLY L 413 -25.55 17.13 57.93
CA GLY L 413 -24.49 16.21 58.32
C GLY L 413 -24.98 14.81 58.60
N GLY L 414 -25.90 14.30 57.77
CA GLY L 414 -26.45 12.97 57.97
C GLY L 414 -27.58 12.88 58.97
N ALA L 415 -27.94 13.99 59.63
CA ALA L 415 -29.02 13.96 60.60
C ALA L 415 -30.39 13.90 59.94
N THR L 416 -30.51 14.35 58.70
CA THR L 416 -31.79 14.35 58.02
C THR L 416 -32.20 12.95 57.56
N GLU L 417 -31.26 12.21 56.97
CA GLU L 417 -31.58 10.90 56.42
C GLU L 417 -31.85 9.88 57.52
N MET L 418 -31.24 10.04 58.69
CA MET L 418 -31.45 9.08 59.77
C MET L 418 -32.81 9.27 60.43
N GLU L 419 -33.31 10.50 60.49
CA GLU L 419 -34.61 10.74 61.10
C GLU L 419 -35.76 10.36 60.17
N VAL L 420 -35.59 10.56 58.86
CA VAL L 420 -36.63 10.17 57.91
C VAL L 420 -36.72 8.66 57.80
N SER L 421 -35.56 7.98 57.78
CA SER L 421 -35.55 6.53 57.67
C SER L 421 -36.10 5.84 58.91
N LYS L 422 -36.14 6.53 60.05
CA LYS L 422 -36.67 5.93 61.27
C LYS L 422 -38.17 5.73 61.19
N CYS L 423 -38.90 6.75 60.73
CA CYS L 423 -40.35 6.65 60.60
C CYS L 423 -40.75 5.73 59.46
N LEU L 424 -39.87 5.48 58.50
CA LEU L 424 -40.20 4.60 57.39
C LEU L 424 -40.14 3.13 57.79
N ARG L 425 -39.23 2.76 58.69
CA ARG L 425 -39.16 1.38 59.15
C ARG L 425 -40.38 1.01 59.99
N ASP L 426 -40.95 1.97 60.72
CA ASP L 426 -42.15 1.69 61.49
C ASP L 426 -43.38 1.53 60.60
N TYR L 427 -43.40 2.20 59.46
CA TYR L 427 -44.53 2.07 58.54
C TYR L 427 -44.53 0.71 57.86
N SER L 428 -43.35 0.20 57.51
CA SER L 428 -43.27 -1.09 56.83
C SER L 428 -43.55 -2.26 57.78
N LYS L 429 -43.36 -2.07 59.08
CA LYS L 429 -43.60 -3.16 60.03
C LYS L 429 -45.07 -3.36 60.33
N THR L 430 -45.87 -2.28 60.33
CA THR L 430 -47.26 -2.39 60.73
C THR L 430 -48.14 -2.96 59.62
N ILE L 431 -47.86 -2.62 58.37
CA ILE L 431 -48.72 -2.96 57.25
C ILE L 431 -47.89 -3.65 56.16
N ALA L 432 -48.61 -4.25 55.21
CA ALA L 432 -48.03 -4.90 54.04
C ALA L 432 -47.11 -6.02 54.49
N GLY L 433 -45.81 -5.97 54.21
CA GLY L 433 -44.93 -7.11 54.31
C GLY L 433 -44.54 -7.69 52.97
N LYS L 434 -45.33 -7.43 51.93
CA LYS L 434 -44.89 -7.64 50.55
C LYS L 434 -44.01 -6.49 50.09
N GLN L 435 -44.37 -5.26 50.50
CA GLN L 435 -43.59 -4.06 50.20
C GLN L 435 -42.54 -3.76 51.27
N GLN L 436 -42.59 -4.47 52.40
CA GLN L 436 -41.65 -4.19 53.50
C GLN L 436 -40.21 -4.37 53.08
N MET L 437 -39.93 -5.33 52.19
CA MET L 437 -38.56 -5.51 51.73
C MET L 437 -38.07 -4.32 50.93
N ILE L 438 -38.95 -3.67 50.18
CA ILE L 438 -38.55 -2.51 49.40
C ILE L 438 -38.44 -1.27 50.27
N ILE L 439 -39.36 -1.10 51.21
CA ILE L 439 -39.33 0.07 52.09
C ILE L 439 -38.11 0.03 52.99
N ASN L 440 -37.80 -1.13 53.57
CA ASN L 440 -36.59 -1.25 54.39
C ASN L 440 -35.34 -1.04 53.56
N ALA L 441 -35.37 -1.41 52.27
CA ALA L 441 -34.24 -1.13 51.40
C ALA L 441 -34.14 0.37 51.10
N PHE L 442 -35.27 1.06 51.04
CA PHE L 442 -35.24 2.51 50.83
C PHE L 442 -34.70 3.23 52.06
N ALA L 443 -34.99 2.71 53.25
CA ALA L 443 -34.44 3.30 54.47
C ALA L 443 -32.92 3.14 54.51
N LYS L 444 -32.42 1.97 54.12
CA LYS L 444 -30.98 1.77 54.05
C LYS L 444 -30.37 2.50 52.87
N ALA L 445 -31.15 2.78 51.82
CA ALA L 445 -30.62 3.54 50.70
C ALA L 445 -30.43 5.01 51.05
N LEU L 446 -31.19 5.52 52.01
CA LEU L 446 -30.99 6.88 52.49
C LEU L 446 -29.78 7.01 53.39
N GLU L 447 -29.27 5.90 53.92
CA GLU L 447 -28.13 5.91 54.83
C GLU L 447 -26.80 6.00 54.11
N VAL L 448 -26.79 6.03 52.77
CA VAL L 448 -25.52 6.14 52.05
C VAL L 448 -24.93 7.54 52.21
N ILE L 449 -25.77 8.55 52.40
CA ILE L 449 -25.31 9.93 52.54
C ILE L 449 -24.51 10.09 53.84
N PRO L 450 -25.04 9.69 55.01
CA PRO L 450 -24.20 9.81 56.22
C PRO L 450 -23.05 8.82 56.27
N ARG L 451 -23.20 7.66 55.64
CA ARG L 451 -22.13 6.66 55.66
C ARG L 451 -20.95 7.09 54.80
N GLN L 452 -21.21 7.44 53.54
CA GLN L 452 -20.12 7.82 52.64
C GLN L 452 -19.48 9.14 53.05
N LEU L 453 -20.26 10.06 53.63
CA LEU L 453 -19.70 11.34 54.06
C LEU L 453 -18.70 11.16 55.20
N CYS L 454 -18.92 10.15 56.05
CA CYS L 454 -17.99 9.88 57.14
C CYS L 454 -16.79 9.04 56.71
N GLU L 455 -16.85 8.41 55.54
CA GLU L 455 -15.71 7.64 55.06
C GLU L 455 -14.59 8.52 54.54
N ASN L 456 -14.91 9.73 54.07
CA ASN L 456 -13.88 10.64 53.61
C ASN L 456 -13.05 11.19 54.76
N ALA L 457 -13.61 11.22 55.97
CA ALA L 457 -12.91 11.71 57.13
C ALA L 457 -12.05 10.64 57.80
N GLY L 458 -12.06 9.41 57.29
CA GLY L 458 -11.29 8.34 57.87
C GLY L 458 -11.90 7.70 59.10
N PHE L 459 -13.07 8.14 59.52
CA PHE L 459 -13.71 7.58 60.71
C PHE L 459 -14.35 6.23 60.39
N ASP L 460 -14.47 5.40 61.43
CA ASP L 460 -15.08 4.09 61.27
C ASP L 460 -16.58 4.23 61.04
N ALA L 461 -17.06 3.65 59.95
CA ALA L 461 -18.49 3.73 59.65
C ALA L 461 -19.32 2.83 60.54
N ILE L 462 -18.73 1.74 61.04
CA ILE L 462 -19.47 0.82 61.90
C ILE L 462 -19.78 1.47 63.25
N GLU L 463 -18.79 2.11 63.85
CA GLU L 463 -18.99 2.74 65.15
C GLU L 463 -19.97 3.91 65.06
N ILE L 464 -19.95 4.64 63.94
CA ILE L 464 -20.85 5.79 63.79
C ILE L 464 -22.29 5.32 63.58
N LEU L 465 -22.51 4.42 62.62
CA LEU L 465 -23.86 4.01 62.29
C LEU L 465 -24.54 3.24 63.42
N ASN L 466 -23.77 2.48 64.20
CA ASN L 466 -24.36 1.76 65.33
C ASN L 466 -24.81 2.70 66.44
N LYS L 467 -24.13 3.84 66.60
CA LYS L 467 -24.51 4.81 67.61
C LYS L 467 -25.61 5.76 67.14
N LEU L 468 -25.90 5.82 65.84
CA LEU L 468 -26.95 6.70 65.35
C LEU L 468 -28.34 6.13 65.59
N ARG L 469 -28.52 4.83 65.36
CA ARG L 469 -29.85 4.24 65.37
C ARG L 469 -30.44 4.18 66.79
N LEU L 470 -29.63 3.78 67.77
CA LEU L 470 -30.13 3.63 69.13
C LEU L 470 -30.26 4.96 69.87
N ALA L 471 -29.69 6.04 69.35
CA ALA L 471 -29.67 7.32 70.02
C ALA L 471 -30.81 8.25 69.63
N HIS L 472 -31.76 7.78 68.83
CA HIS L 472 -32.85 8.64 68.38
C HIS L 472 -33.93 8.85 69.44
N SER L 473 -33.79 8.23 70.61
CA SER L 473 -34.75 8.44 71.68
C SER L 473 -34.54 9.81 72.32
N LYS L 474 -33.39 10.01 72.97
CA LYS L 474 -33.09 11.29 73.60
C LYS L 474 -32.59 12.33 72.61
N GLY L 475 -32.07 11.92 71.45
CA GLY L 475 -31.58 12.88 70.48
C GLY L 475 -32.67 13.52 69.65
N GLU L 476 -33.79 12.83 69.49
CA GLU L 476 -34.96 13.31 68.74
C GLU L 476 -34.52 13.66 67.31
N LYS L 477 -35.01 14.75 66.73
CA LYS L 477 -34.75 15.07 65.33
C LYS L 477 -33.40 15.74 65.11
N TRP L 478 -32.85 16.40 66.12
CA TRP L 478 -31.63 17.20 65.97
C TRP L 478 -30.35 16.39 66.17
N TYR L 479 -30.46 15.09 66.39
CA TYR L 479 -29.28 14.26 66.62
C TYR L 479 -28.52 14.04 65.32
N GLY L 480 -27.23 14.40 65.32
CA GLY L 480 -26.43 14.34 64.12
C GLY L 480 -24.96 14.14 64.44
N VAL L 481 -24.14 14.12 63.39
CA VAL L 481 -22.71 13.83 63.51
C VAL L 481 -21.95 15.12 63.78
N VAL L 482 -20.96 15.04 64.66
CA VAL L 482 -20.09 16.16 65.00
C VAL L 482 -18.68 15.85 64.49
N PHE L 483 -18.15 16.75 63.67
CA PHE L 483 -16.83 16.52 63.06
C PHE L 483 -15.69 16.89 64.00
N GLU L 484 -15.82 17.99 64.74
CA GLU L 484 -14.70 18.54 65.49
C GLU L 484 -14.26 17.60 66.61
N THR L 485 -15.19 17.19 67.47
CA THR L 485 -14.85 16.38 68.62
C THR L 485 -14.76 14.89 68.31
N GLU L 486 -14.97 14.50 67.06
CA GLU L 486 -14.92 13.11 66.60
C GLU L 486 -16.04 12.27 67.22
N ASN L 487 -16.80 12.86 68.14
CA ASN L 487 -17.94 12.19 68.74
C ASN L 487 -19.20 12.54 67.97
N ILE L 488 -20.33 11.99 68.40
CA ILE L 488 -21.62 12.24 67.76
C ILE L 488 -22.52 12.92 68.78
N GLY L 489 -22.95 14.15 68.46
CA GLY L 489 -23.74 14.93 69.41
C GLY L 489 -24.70 15.85 68.68
N ASP L 490 -25.55 16.49 69.48
CA ASP L 490 -26.58 17.37 68.93
C ASP L 490 -25.95 18.49 68.12
N ASN L 491 -26.45 18.66 66.88
CA ASN L 491 -25.97 19.72 66.00
C ASN L 491 -26.66 21.07 66.27
N PHE L 492 -27.69 21.10 67.11
CA PHE L 492 -28.33 22.36 67.43
C PHE L 492 -27.38 23.27 68.20
N ALA L 493 -26.67 22.72 69.18
CA ALA L 493 -25.66 23.50 69.89
C ALA L 493 -24.43 23.78 69.03
N LYS L 494 -24.22 22.97 67.98
CA LYS L 494 -23.10 23.20 67.07
C LYS L 494 -23.38 24.29 66.05
N PHE L 495 -24.60 24.83 66.03
CA PHE L 495 -25.03 25.95 65.18
C PHE L 495 -25.11 25.59 63.70
N VAL L 496 -24.74 24.37 63.30
CA VAL L 496 -24.83 23.98 61.90
C VAL L 496 -26.29 23.98 61.49
N TRP L 497 -26.61 24.71 60.43
CA TRP L 497 -27.97 24.89 59.95
C TRP L 497 -28.02 24.62 58.45
N GLU L 498 -29.25 24.53 57.93
CA GLU L 498 -29.50 24.22 56.53
C GLU L 498 -30.99 24.32 56.24
N PRO L 499 -31.38 24.90 55.10
CA PRO L 499 -32.80 25.02 54.79
C PRO L 499 -33.42 23.70 54.38
N ALA L 500 -34.75 23.65 54.44
CA ALA L 500 -35.49 22.44 54.10
C ALA L 500 -35.62 22.23 52.61
N LEU L 501 -35.47 23.28 51.80
CA LEU L 501 -35.63 23.15 50.35
C LEU L 501 -34.53 22.29 49.72
N VAL L 502 -33.42 22.06 50.43
CA VAL L 502 -32.37 21.23 49.89
C VAL L 502 -32.77 19.75 49.92
N LYS L 503 -33.34 19.31 51.04
CA LYS L 503 -33.71 17.90 51.18
C LYS L 503 -35.01 17.56 50.45
N ILE L 504 -35.89 18.54 50.27
CA ILE L 504 -37.16 18.27 49.59
C ILE L 504 -36.92 17.96 48.12
N ASN L 505 -36.17 18.82 47.43
CA ASN L 505 -35.87 18.58 46.03
C ASN L 505 -34.90 17.43 45.82
N ALA L 506 -34.15 17.05 46.86
CA ALA L 506 -33.21 15.94 46.72
C ALA L 506 -33.94 14.59 46.70
N LEU L 507 -34.98 14.43 47.52
CA LEU L 507 -35.72 13.19 47.55
C LEU L 507 -36.65 13.04 46.35
N ASN L 508 -37.15 14.16 45.82
CA ASN L 508 -38.04 14.09 44.65
C ASN L 508 -37.27 13.88 43.36
N SER L 509 -36.05 14.42 43.26
CA SER L 509 -35.26 14.24 42.05
C SER L 509 -34.63 12.85 42.00
N ALA L 510 -34.23 12.32 43.14
CA ALA L 510 -33.64 10.98 43.17
C ALA L 510 -34.67 9.90 42.91
N THR L 511 -35.91 10.10 43.37
CA THR L 511 -36.96 9.11 43.15
C THR L 511 -37.43 9.13 41.70
N GLU L 512 -37.57 10.33 41.12
CA GLU L 512 -38.03 10.43 39.74
C GLU L 512 -36.98 9.90 38.77
N ALA L 513 -35.70 10.13 39.05
CA ALA L 513 -34.65 9.63 38.17
C ALA L 513 -34.47 8.12 38.29
N THR L 514 -34.70 7.57 39.49
CA THR L 514 -34.56 6.13 39.67
C THR L 514 -35.72 5.38 39.02
N ASN L 515 -36.94 5.86 39.23
CA ASN L 515 -38.11 5.21 38.66
C ASN L 515 -38.15 5.30 37.14
N LEU L 516 -37.43 6.26 36.55
CA LEU L 516 -37.39 6.37 35.11
C LEU L 516 -36.60 5.22 34.48
N ILE L 517 -35.45 4.88 35.08
CA ILE L 517 -34.61 3.83 34.51
C ILE L 517 -35.15 2.45 34.84
N LEU L 518 -35.67 2.26 36.05
CA LEU L 518 -36.24 0.98 36.42
C LEU L 518 -37.46 0.61 35.57
N SER L 519 -38.12 1.61 34.99
CA SER L 519 -39.26 1.37 34.11
C SER L 519 -38.85 1.17 32.66
N VAL L 520 -37.56 1.22 32.35
CA VAL L 520 -37.06 1.03 30.99
C VAL L 520 -36.21 -0.24 30.99
N ASP L 521 -36.71 -1.28 30.33
CA ASP L 521 -35.98 -2.53 30.18
C ASP L 521 -35.26 -2.66 28.84
N GLU L 522 -35.41 -1.68 27.95
CA GLU L 522 -34.84 -1.78 26.60
C GLU L 522 -34.27 -0.44 26.18
N THR L 523 -33.05 -0.46 25.65
CA THR L 523 -32.37 0.73 25.16
C THR L 523 -31.94 0.47 23.71
N ILE L 524 -32.47 1.26 22.78
CA ILE L 524 -32.18 1.13 21.37
C ILE L 524 -31.35 2.34 20.93
N THR L 525 -30.25 2.07 20.24
CA THR L 525 -29.36 3.12 19.73
C THR L 525 -29.20 2.92 18.23
N ASN L 526 -29.69 3.88 17.44
CA ASN L 526 -29.58 3.81 15.99
C ASN L 526 -28.22 4.32 15.54
N LYS L 527 -27.71 3.71 14.46
CA LYS L 527 -26.43 4.09 13.88
C LYS L 527 -25.29 4.02 14.88
N SER M 2 -31.42 -1.52 -20.80
CA SER M 2 -30.73 -1.42 -22.09
C SER M 2 -29.24 -1.14 -21.88
N LEU M 3 -28.82 -1.07 -20.61
CA LEU M 3 -27.43 -0.80 -20.31
C LEU M 3 -26.56 -2.06 -20.42
N ARG M 4 -27.06 -3.19 -19.93
CA ARG M 4 -26.32 -4.43 -19.90
C ARG M 4 -26.95 -5.46 -20.81
N LEU M 5 -26.12 -6.29 -21.43
CA LEU M 5 -26.59 -7.35 -22.31
C LEU M 5 -27.10 -8.54 -21.52
N PRO M 6 -27.96 -9.36 -22.11
CA PRO M 6 -28.45 -10.55 -21.39
C PRO M 6 -27.37 -11.56 -21.04
N GLN M 7 -26.19 -11.46 -21.64
CA GLN M 7 -25.03 -12.33 -21.42
C GLN M 7 -25.24 -13.73 -22.02
N ASN M 8 -26.43 -14.01 -22.58
CA ASN M 8 -26.83 -15.27 -23.19
C ASN M 8 -27.01 -16.32 -22.10
N PRO M 9 -27.92 -17.29 -22.27
CA PRO M 9 -28.00 -18.38 -21.29
C PRO M 9 -26.85 -19.36 -21.37
N ASN M 10 -26.22 -19.51 -22.53
CA ASN M 10 -25.14 -20.47 -22.69
C ASN M 10 -23.85 -20.03 -21.99
N ALA M 11 -23.80 -18.82 -21.44
CA ALA M 11 -22.60 -18.37 -20.75
C ALA M 11 -22.28 -19.27 -19.57
N GLY M 12 -23.31 -19.74 -18.86
CA GLY M 12 -23.09 -20.69 -17.78
C GLY M 12 -22.68 -22.07 -18.24
N LEU M 13 -22.98 -22.42 -19.49
CA LEU M 13 -22.58 -23.70 -20.04
C LEU M 13 -21.11 -23.67 -20.46
N PHE M 14 -20.46 -24.82 -20.34
CA PHE M 14 -19.00 -24.94 -20.51
C PHE M 14 -18.34 -23.98 -19.53
N LYS M 15 -17.31 -23.25 -19.94
CA LYS M 15 -16.63 -22.30 -19.05
C LYS M 15 -16.33 -21.02 -19.82
N GLN M 16 -15.96 -19.98 -19.07
CA GLN M 16 -15.63 -18.70 -19.69
C GLN M 16 -14.33 -18.74 -20.47
N GLY M 17 -13.44 -19.68 -20.15
CA GLY M 17 -12.19 -19.78 -20.88
C GLY M 17 -12.30 -20.40 -22.25
N TYR M 18 -13.37 -21.14 -22.52
CA TYR M 18 -13.57 -21.77 -23.81
C TYR M 18 -14.04 -20.74 -24.83
N ASN M 19 -13.38 -20.70 -25.99
CA ASN M 19 -13.75 -19.80 -27.06
C ASN M 19 -14.27 -20.61 -28.24
N SER M 20 -15.23 -20.05 -28.97
CA SER M 20 -15.92 -20.75 -30.04
C SER M 20 -15.79 -19.97 -31.35
N TYR M 21 -15.33 -20.66 -32.39
CA TYR M 21 -15.30 -20.12 -33.75
C TYR M 21 -16.00 -21.14 -34.64
N SER M 22 -17.16 -20.78 -35.18
CA SER M 22 -17.97 -21.67 -36.00
C SER M 22 -18.42 -20.95 -37.26
N ASN M 23 -19.01 -21.72 -38.18
CA ASN M 23 -19.53 -21.15 -39.41
C ASN M 23 -20.51 -20.02 -39.11
N ALA M 24 -20.38 -18.93 -39.86
CA ALA M 24 -21.17 -17.70 -39.72
C ALA M 24 -20.82 -16.96 -38.43
N ASP M 25 -20.08 -17.61 -37.54
CA ASP M 25 -19.57 -17.01 -36.31
C ASP M 25 -18.15 -16.47 -36.48
N GLY M 26 -17.65 -16.41 -37.70
CA GLY M 26 -16.24 -16.22 -37.97
C GLY M 26 -15.62 -17.46 -38.56
N GLN M 27 -14.29 -17.45 -38.62
CA GLN M 27 -13.50 -18.30 -39.52
C GLN M 27 -14.00 -17.98 -40.93
N ILE M 28 -14.14 -18.96 -41.83
CA ILE M 28 -14.66 -18.74 -43.18
C ILE M 28 -13.87 -17.63 -43.85
N ILE M 29 -12.64 -17.96 -44.28
CA ILE M 29 -11.69 -17.13 -45.03
C ILE M 29 -11.19 -15.97 -44.19
N LYS M 30 -11.73 -15.83 -42.97
CA LYS M 30 -11.15 -14.90 -42.01
C LYS M 30 -9.87 -15.47 -41.41
N SER M 31 -10.00 -16.61 -40.71
CA SER M 31 -8.82 -17.28 -40.18
C SER M 31 -7.84 -17.67 -41.28
N ILE M 32 -8.32 -17.85 -42.51
CA ILE M 32 -7.42 -18.10 -43.63
C ILE M 32 -6.53 -16.88 -43.88
N ALA M 33 -7.07 -15.68 -43.67
CA ALA M 33 -6.26 -14.47 -43.77
C ALA M 33 -5.31 -14.30 -42.60
N ALA M 34 -5.49 -15.06 -41.52
CA ALA M 34 -4.61 -14.95 -40.37
C ALA M 34 -3.29 -15.68 -40.60
N ILE M 35 -3.32 -16.83 -41.29
CA ILE M 35 -2.10 -17.56 -41.56
C ILE M 35 -1.26 -16.92 -42.66
N ARG M 36 -1.79 -15.89 -43.33
CA ARG M 36 -1.03 -15.22 -44.37
C ARG M 36 0.21 -14.52 -43.83
N GLU M 37 0.23 -14.19 -42.54
CA GLU M 37 1.43 -13.59 -41.95
C GLU M 37 2.58 -14.59 -41.93
N LEU M 38 2.31 -15.83 -41.50
CA LEU M 38 3.31 -16.88 -41.56
C LEU M 38 3.48 -17.46 -42.95
N HIS M 39 2.45 -17.35 -43.80
CA HIS M 39 2.60 -17.78 -45.19
C HIS M 39 3.57 -16.89 -45.94
N GLN M 40 3.48 -15.58 -45.73
CA GLN M 40 4.44 -14.65 -46.34
C GLN M 40 5.84 -14.88 -45.79
N MET M 41 5.95 -15.41 -44.57
CA MET M 41 7.27 -15.72 -44.01
C MET M 41 7.97 -16.79 -44.84
N CYS M 42 7.23 -17.81 -45.28
CA CYS M 42 7.81 -18.87 -46.09
C CYS M 42 7.98 -18.47 -47.54
N LEU M 43 7.18 -17.51 -48.02
CA LEU M 43 7.33 -17.06 -49.41
C LEU M 43 8.66 -16.35 -49.63
N THR M 44 9.13 -15.60 -48.64
CA THR M 44 10.41 -14.92 -48.75
C THR M 44 11.59 -15.85 -48.57
N SER M 45 11.38 -17.04 -48.00
CA SER M 45 12.45 -18.00 -47.77
C SER M 45 12.55 -19.06 -48.87
N MET M 46 11.70 -18.99 -49.89
CA MET M 46 11.66 -20.01 -50.93
C MET M 46 12.61 -19.66 -52.07
N GLY M 47 13.33 -20.69 -52.55
CA GLY M 47 14.22 -20.52 -53.67
C GLY M 47 15.65 -20.26 -53.25
N PRO M 48 16.57 -20.21 -54.23
CA PRO M 48 17.97 -19.90 -53.90
C PRO M 48 18.16 -18.48 -53.42
N CYS M 49 17.27 -17.57 -53.81
CA CYS M 49 17.30 -16.19 -53.34
C CYS M 49 16.49 -15.98 -52.07
N GLY M 50 15.95 -17.06 -51.50
CA GLY M 50 15.12 -16.93 -50.32
C GLY M 50 15.86 -16.31 -49.14
N ARG M 51 15.09 -15.73 -48.24
CA ARG M 51 15.61 -15.02 -47.08
C ARG M 51 15.53 -15.89 -45.84
N ASN M 52 16.64 -16.01 -45.13
CA ASN M 52 16.65 -16.71 -43.85
C ASN M 52 15.94 -15.87 -42.79
N LYS M 53 15.50 -16.54 -41.72
CA LYS M 53 14.76 -15.89 -40.65
C LYS M 53 15.41 -16.22 -39.31
N ILE M 54 15.58 -15.20 -38.48
CA ILE M 54 16.17 -15.37 -37.16
C ILE M 54 15.06 -15.64 -36.15
N ILE M 55 15.21 -16.70 -35.37
CA ILE M 55 14.25 -17.08 -34.35
C ILE M 55 14.99 -17.28 -33.03
N VAL M 56 14.52 -16.60 -31.98
CA VAL M 56 15.12 -16.68 -30.66
C VAL M 56 14.14 -17.41 -29.75
N ASN M 57 14.49 -18.63 -29.36
CA ASN M 57 13.67 -19.39 -28.44
C ASN M 57 13.79 -18.83 -27.02
N HIS M 58 12.83 -19.20 -26.18
CA HIS M 58 12.86 -18.78 -24.78
C HIS M 58 14.15 -19.20 -24.07
N LEU M 59 14.81 -20.25 -24.56
CA LEU M 59 16.08 -20.67 -23.98
C LEU M 59 17.24 -19.78 -24.42
N GLY M 60 17.11 -19.07 -25.54
CA GLY M 60 18.14 -18.17 -26.03
C GLY M 60 18.90 -18.66 -27.23
N LYS M 61 18.71 -19.90 -27.65
CA LYS M 61 19.42 -20.43 -28.81
C LYS M 61 18.82 -19.88 -30.09
N ILE M 62 19.69 -19.37 -30.97
CA ILE M 62 19.28 -18.76 -32.23
C ILE M 62 19.50 -19.77 -33.35
N ILE M 63 18.46 -20.04 -34.13
CA ILE M 63 18.53 -20.93 -35.28
C ILE M 63 18.15 -20.12 -36.51
N ILE M 64 19.11 -19.95 -37.42
CA ILE M 64 18.91 -19.16 -38.63
C ILE M 64 18.86 -20.14 -39.79
N THR M 65 17.68 -20.29 -40.39
CA THR M 65 17.50 -21.17 -41.53
C THR M 65 16.26 -20.74 -42.29
N ASN M 66 16.21 -21.13 -43.56
CA ASN M 66 15.06 -20.89 -44.42
C ASN M 66 14.11 -22.09 -44.48
N ASP M 67 14.39 -23.16 -43.75
CA ASP M 67 13.56 -24.35 -43.77
C ASP M 67 12.29 -24.10 -42.98
N ALA M 68 11.13 -24.30 -43.62
CA ALA M 68 9.86 -24.06 -42.95
C ALA M 68 9.62 -25.07 -41.83
N ALA M 69 10.10 -26.31 -41.98
CA ALA M 69 9.91 -27.30 -40.93
C ALA M 69 10.72 -26.97 -39.69
N THR M 70 11.91 -26.37 -39.86
CA THR M 70 12.73 -26.02 -38.71
C THR M 70 12.25 -24.72 -38.06
N MET M 71 11.82 -23.74 -38.85
CA MET M 71 11.36 -22.48 -38.30
C MET M 71 10.08 -22.66 -37.48
N LEU M 72 9.09 -23.36 -38.05
CA LEU M 72 7.81 -23.55 -37.37
C LEU M 72 7.93 -24.48 -36.16
N ARG M 73 9.06 -25.17 -35.99
CA ARG M 73 9.22 -26.04 -34.84
C ARG M 73 9.57 -25.25 -33.58
N GLU M 74 10.44 -24.26 -33.70
CA GLU M 74 10.87 -23.47 -32.54
C GLU M 74 9.93 -22.33 -32.21
N LEU M 75 8.93 -22.06 -33.05
CA LEU M 75 7.99 -20.98 -32.80
C LEU M 75 6.79 -21.50 -32.02
N ASP M 76 6.43 -20.78 -30.97
CA ASP M 76 5.23 -21.07 -30.19
C ASP M 76 4.06 -20.32 -30.80
N ILE M 77 3.08 -21.06 -31.30
CA ILE M 77 1.96 -20.49 -32.04
C ILE M 77 0.67 -20.84 -31.32
N VAL M 78 -0.10 -19.82 -30.96
CA VAL M 78 -1.35 -20.05 -30.25
C VAL M 78 -2.45 -20.49 -31.21
N HIS M 79 -2.42 -20.01 -32.45
CA HIS M 79 -3.46 -20.32 -33.42
C HIS M 79 -3.45 -21.81 -33.75
N PRO M 80 -4.51 -22.56 -33.44
CA PRO M 80 -4.44 -24.02 -33.62
C PRO M 80 -4.33 -24.46 -35.06
N ALA M 81 -5.06 -23.83 -35.98
CA ALA M 81 -5.07 -24.28 -37.37
C ALA M 81 -3.71 -24.12 -38.04
N VAL M 82 -2.83 -23.30 -37.47
CA VAL M 82 -1.46 -23.21 -37.98
C VAL M 82 -0.70 -24.50 -37.70
N LYS M 83 -0.96 -25.11 -36.53
CA LYS M 83 -0.30 -26.37 -36.19
C LYS M 83 -0.66 -27.47 -37.19
N VAL M 84 -1.83 -27.38 -37.81
CA VAL M 84 -2.17 -28.31 -38.89
C VAL M 84 -1.18 -28.17 -40.04
N LEU M 85 -0.79 -26.94 -40.34
CA LEU M 85 0.23 -26.71 -41.36
C LEU M 85 1.64 -26.97 -40.83
N VAL M 86 1.86 -26.75 -39.54
CA VAL M 86 3.17 -27.03 -38.94
C VAL M 86 3.42 -28.53 -38.91
N MET M 87 2.46 -29.30 -38.40
CA MET M 87 2.60 -30.75 -38.38
C MET M 87 2.64 -31.35 -39.78
N ALA M 88 2.06 -30.66 -40.76
CA ALA M 88 2.15 -31.13 -42.14
C ALA M 88 3.58 -31.01 -42.67
N THR M 89 4.29 -29.96 -42.27
CA THR M 89 5.69 -29.80 -42.68
C THR M 89 6.63 -30.69 -41.88
N GLU M 90 6.22 -31.14 -40.70
CA GLU M 90 7.08 -32.02 -39.90
C GLU M 90 7.21 -33.39 -40.56
N GLN M 91 6.13 -33.90 -41.15
CA GLN M 91 6.20 -35.20 -41.83
C GLN M 91 7.10 -35.12 -43.05
N GLN M 92 7.13 -33.97 -43.72
CA GLN M 92 7.97 -33.82 -44.90
C GLN M 92 9.45 -33.93 -44.53
N LYS M 93 9.82 -33.43 -43.36
CA LYS M 93 11.21 -33.50 -42.92
C LYS M 93 11.57 -34.88 -42.38
N ILE M 94 10.63 -35.53 -41.68
CA ILE M 94 10.93 -36.82 -41.05
C ILE M 94 11.04 -37.91 -42.12
N ASP M 95 10.06 -37.99 -43.01
CA ASP M 95 10.03 -39.08 -43.99
C ASP M 95 10.94 -38.79 -45.18
N MET M 96 10.54 -37.84 -46.04
CA MET M 96 11.30 -37.55 -47.24
C MET M 96 12.51 -36.67 -46.94
N GLY M 97 12.33 -35.65 -46.11
CA GLY M 97 13.42 -34.74 -45.79
C GLY M 97 13.68 -33.67 -46.80
N ASP M 98 12.85 -33.56 -47.84
CA ASP M 98 13.03 -32.56 -48.88
C ASP M 98 11.66 -32.04 -49.30
N GLY M 99 11.59 -30.74 -49.60
CA GLY M 99 10.34 -30.14 -50.01
C GLY M 99 9.49 -29.58 -48.90
N THR M 100 10.09 -29.25 -47.75
CA THR M 100 9.31 -28.72 -46.63
C THR M 100 8.74 -27.34 -46.96
N ASN M 101 9.46 -26.53 -47.72
CA ASN M 101 8.95 -25.22 -48.09
C ASN M 101 7.79 -25.31 -49.08
N LEU M 102 7.79 -26.35 -49.92
CA LEU M 102 6.71 -26.51 -50.90
C LEU M 102 5.40 -26.88 -50.23
N VAL M 103 5.44 -27.67 -49.16
CA VAL M 103 4.22 -28.11 -48.50
C VAL M 103 3.51 -26.93 -47.85
N MET M 104 4.27 -26.05 -47.19
CA MET M 104 3.65 -24.92 -46.50
C MET M 104 3.12 -23.88 -47.49
N ILE M 105 3.82 -23.68 -48.61
CA ILE M 105 3.40 -22.68 -49.57
C ILE M 105 2.20 -23.19 -50.37
N LEU M 106 2.22 -24.45 -50.80
CA LEU M 106 1.12 -24.98 -51.59
C LEU M 106 -0.15 -25.10 -50.78
N ALA M 107 -0.04 -25.59 -49.54
CA ALA M 107 -1.22 -25.73 -48.70
C ALA M 107 -1.80 -24.37 -48.30
N GLY M 108 -0.94 -23.34 -48.21
CA GLY M 108 -1.43 -22.02 -47.88
C GLY M 108 -2.18 -21.35 -49.02
N GLU M 109 -1.77 -21.63 -50.26
CA GLU M 109 -2.42 -21.05 -51.42
C GLU M 109 -3.73 -21.76 -51.75
N LEU M 110 -3.85 -23.05 -51.41
CA LEU M 110 -5.12 -23.75 -51.61
C LEU M 110 -6.22 -23.15 -50.76
N LEU M 111 -5.87 -22.60 -49.59
CA LEU M 111 -6.85 -21.89 -48.78
C LEU M 111 -7.10 -20.48 -49.30
N ASN M 112 -6.13 -19.90 -50.01
CA ASN M 112 -6.31 -18.56 -50.56
C ASN M 112 -7.17 -18.58 -51.82
N VAL M 113 -7.02 -19.60 -52.65
CA VAL M 113 -7.85 -19.72 -53.84
C VAL M 113 -9.28 -20.10 -53.48
N SER M 114 -9.49 -20.69 -52.30
CA SER M 114 -10.83 -21.00 -51.83
C SER M 114 -11.56 -19.78 -51.30
N GLU M 115 -10.87 -18.64 -51.17
CA GLU M 115 -11.54 -17.41 -50.73
C GLU M 115 -12.63 -16.99 -51.70
N LYS M 116 -12.38 -17.17 -53.00
CA LYS M 116 -13.40 -16.84 -54.01
C LYS M 116 -14.48 -17.91 -54.07
N LEU M 117 -14.12 -19.17 -53.83
CA LEU M 117 -15.11 -20.25 -53.90
C LEU M 117 -16.16 -20.11 -52.81
N ILE M 118 -15.74 -19.86 -51.58
CA ILE M 118 -16.69 -19.70 -50.48
C ILE M 118 -17.50 -18.42 -50.66
N SER M 119 -16.89 -17.38 -51.22
CA SER M 119 -17.60 -16.12 -51.42
C SER M 119 -18.71 -16.27 -52.45
N MET M 120 -18.61 -17.24 -53.35
CA MET M 120 -19.65 -17.51 -54.34
C MET M 120 -20.75 -18.42 -53.82
N GLY M 121 -20.67 -18.86 -52.56
CA GLY M 121 -21.68 -19.71 -51.98
C GLY M 121 -21.42 -21.19 -52.10
N LEU M 122 -20.20 -21.60 -52.45
CA LEU M 122 -19.87 -23.01 -52.61
C LEU M 122 -19.60 -23.60 -51.22
N SER M 123 -20.36 -24.64 -50.87
CA SER M 123 -20.22 -25.25 -49.56
C SER M 123 -18.90 -26.01 -49.47
N ALA M 124 -18.40 -26.15 -48.23
CA ALA M 124 -17.14 -26.84 -47.99
C ALA M 124 -17.23 -28.34 -48.26
N VAL M 125 -18.43 -28.90 -48.38
CA VAL M 125 -18.57 -30.32 -48.67
C VAL M 125 -18.10 -30.61 -50.10
N GLU M 126 -18.54 -29.80 -51.06
CA GLU M 126 -18.13 -29.99 -52.45
C GLU M 126 -16.73 -29.50 -52.72
N ILE M 127 -16.16 -28.67 -51.84
CA ILE M 127 -14.79 -28.22 -52.02
C ILE M 127 -13.81 -29.36 -51.76
N ILE M 128 -14.10 -30.18 -50.75
CA ILE M 128 -13.23 -31.31 -50.45
C ILE M 128 -13.21 -32.29 -51.62
N GLN M 129 -14.37 -32.56 -52.22
CA GLN M 129 -14.43 -33.45 -53.37
C GLN M 129 -13.76 -32.84 -54.59
N GLY M 130 -13.60 -31.52 -54.64
CA GLY M 130 -12.94 -30.90 -55.78
C GLY M 130 -11.43 -31.08 -55.74
N TYR M 131 -10.83 -30.98 -54.56
CA TYR M 131 -9.38 -31.16 -54.44
C TYR M 131 -8.99 -32.63 -54.45
N ASN M 132 -9.87 -33.52 -54.00
CA ASN M 132 -9.55 -34.94 -53.99
C ASN M 132 -9.49 -35.51 -55.40
N MET M 133 -10.46 -35.13 -56.25
CA MET M 133 -10.44 -35.60 -57.63
C MET M 133 -9.35 -34.92 -58.44
N ALA M 134 -8.97 -33.69 -58.08
CA ALA M 134 -7.89 -33.01 -58.78
C ALA M 134 -6.52 -33.52 -58.34
N ARG M 135 -6.42 -34.03 -57.10
CA ARG M 135 -5.14 -34.56 -56.63
C ARG M 135 -4.82 -35.90 -57.30
N LYS M 136 -5.84 -36.72 -57.53
CA LYS M 136 -5.61 -38.01 -58.19
C LYS M 136 -5.17 -37.83 -59.63
N PHE M 137 -5.74 -36.82 -60.32
CA PHE M 137 -5.33 -36.57 -61.69
C PHE M 137 -3.93 -35.96 -61.77
N THR M 138 -3.50 -35.27 -60.71
CA THR M 138 -2.16 -34.68 -60.72
C THR M 138 -1.08 -35.74 -60.61
N LEU M 139 -1.29 -36.73 -59.74
CA LEU M 139 -0.27 -37.76 -59.54
C LEU M 139 -0.14 -38.66 -60.75
N LYS M 140 -1.20 -38.83 -61.53
CA LYS M 140 -1.16 -39.70 -62.71
C LYS M 140 -0.45 -39.05 -63.89
N GLU M 141 -0.41 -37.72 -63.95
CA GLU M 141 0.23 -37.03 -65.05
C GLU M 141 1.71 -36.74 -64.82
N LEU M 142 2.22 -37.00 -63.62
CA LEU M 142 3.63 -36.73 -63.32
C LEU M 142 4.57 -37.77 -63.92
N ASP M 143 4.06 -38.95 -64.30
CA ASP M 143 4.93 -40.01 -64.80
C ASP M 143 5.33 -39.77 -66.25
N GLU M 144 4.44 -39.20 -67.06
CA GLU M 144 4.74 -38.99 -68.47
C GLU M 144 5.70 -37.83 -68.71
N MET M 145 5.91 -36.97 -67.71
CA MET M 145 6.77 -35.81 -67.85
C MET M 145 8.20 -36.05 -67.42
N VAL M 146 8.55 -37.29 -67.08
CA VAL M 146 9.88 -37.60 -66.54
C VAL M 146 10.79 -37.99 -67.69
N VAL M 147 11.75 -37.12 -68.01
CA VAL M 147 12.82 -37.43 -68.95
C VAL M 147 14.11 -37.85 -68.26
N GLY M 148 14.14 -37.83 -66.93
CA GLY M 148 15.37 -38.04 -66.19
C GLY M 148 15.53 -39.43 -65.59
N GLU M 149 14.83 -40.41 -66.13
CA GLU M 149 14.94 -41.77 -65.62
C GLU M 149 16.37 -42.28 -65.76
N ILE M 150 16.94 -42.74 -64.64
CA ILE M 150 18.33 -43.16 -64.58
C ILE M 150 18.42 -44.45 -63.77
N THR M 151 19.08 -45.46 -64.33
CA THR M 151 19.26 -46.75 -63.67
C THR M 151 20.60 -46.87 -62.95
N ASP M 152 21.42 -45.81 -62.94
CA ASP M 152 22.77 -45.92 -62.38
C ASP M 152 22.76 -45.79 -60.87
N LYS M 153 22.53 -44.58 -60.36
CA LYS M 153 22.55 -44.28 -58.92
C LYS M 153 23.88 -44.67 -58.28
N ASN M 154 24.96 -44.62 -59.07
CA ASN M 154 26.27 -45.03 -58.59
C ASN M 154 27.31 -43.95 -58.85
N ASP M 155 27.55 -43.64 -60.13
CA ASP M 155 28.60 -42.70 -60.51
C ASP M 155 28.35 -41.33 -59.89
N LYS M 156 29.44 -40.63 -59.59
CA LYS M 156 29.35 -39.34 -58.90
C LYS M 156 28.70 -38.29 -59.79
N ASN M 157 28.96 -38.32 -61.09
CA ASN M 157 28.38 -37.33 -61.99
C ASN M 157 26.87 -37.47 -62.13
N GLU M 158 26.32 -38.65 -61.83
CA GLU M 158 24.88 -38.83 -61.86
C GLU M 158 24.18 -38.15 -60.69
N LEU M 159 24.91 -37.84 -59.62
CA LEU M 159 24.34 -37.14 -58.49
C LEU M 159 24.28 -35.63 -58.67
N LEU M 160 24.86 -35.11 -59.76
CA LEU M 160 24.81 -33.67 -60.01
C LEU M 160 23.41 -33.21 -60.40
N LYS M 161 22.54 -34.12 -60.83
CA LYS M 161 21.16 -33.79 -61.17
C LYS M 161 20.20 -34.00 -60.00
N MET M 162 20.71 -34.42 -58.85
CA MET M 162 19.84 -34.70 -57.70
C MET M 162 20.31 -33.91 -56.48
N ILE M 163 21.52 -34.22 -55.98
CA ILE M 163 22.02 -33.58 -54.78
C ILE M 163 22.33 -32.10 -55.04
N LYS M 164 22.92 -31.81 -56.19
CA LYS M 164 23.31 -30.42 -56.49
C LYS M 164 22.11 -29.48 -56.62
N PRO M 165 21.01 -29.82 -57.31
CA PRO M 165 19.87 -28.90 -57.33
C PRO M 165 19.28 -28.63 -55.95
N VAL M 166 19.36 -29.59 -55.04
CA VAL M 166 18.88 -29.36 -53.68
C VAL M 166 19.79 -28.38 -52.96
N ILE M 167 21.11 -28.52 -53.15
CA ILE M 167 22.05 -27.60 -52.53
C ILE M 167 21.99 -26.22 -53.18
N SER M 168 21.51 -26.13 -54.42
CA SER M 168 21.41 -24.83 -55.07
C SER M 168 20.42 -23.91 -54.34
N SER M 169 19.39 -24.48 -53.71
CA SER M 169 18.40 -23.67 -53.02
C SER M 169 18.94 -23.12 -51.69
N LYS M 170 19.53 -23.98 -50.86
CA LYS M 170 20.03 -23.58 -49.56
C LYS M 170 21.52 -23.26 -49.66
N LYS M 171 21.91 -22.08 -49.20
CA LYS M 171 23.29 -21.60 -49.28
C LYS M 171 23.76 -21.57 -50.74
N TYR M 172 23.00 -20.85 -51.56
CA TYR M 172 23.28 -20.74 -52.99
C TYR M 172 24.68 -20.21 -53.28
N GLY M 173 25.30 -19.51 -52.31
CA GLY M 173 26.65 -19.00 -52.51
C GLY M 173 27.70 -20.07 -52.74
N SER M 174 27.40 -21.32 -52.38
CA SER M 174 28.31 -22.43 -52.58
C SER M 174 27.60 -23.53 -53.36
N GLU M 175 28.19 -23.93 -54.48
CA GLU M 175 27.61 -24.96 -55.34
C GLU M 175 28.53 -26.16 -55.46
N ASP M 176 29.68 -26.04 -56.12
CA ASP M 176 30.56 -27.18 -56.30
C ASP M 176 31.28 -27.56 -55.00
N ILE M 177 31.38 -26.64 -54.05
CA ILE M 177 32.07 -26.95 -52.79
C ILE M 177 31.21 -27.85 -51.92
N LEU M 178 29.94 -27.50 -51.75
CA LEU M 178 29.05 -28.32 -50.91
C LEU M 178 28.61 -29.59 -51.63
N SER M 179 28.48 -29.57 -52.96
CA SER M 179 28.08 -30.76 -53.68
C SER M 179 29.16 -31.82 -53.65
N GLU M 180 30.44 -31.41 -53.69
CA GLU M 180 31.53 -32.38 -53.65
C GLU M 180 31.62 -33.05 -52.28
N LEU M 181 31.26 -32.35 -51.21
CA LEU M 181 31.31 -32.94 -49.88
C LEU M 181 30.28 -34.05 -49.73
N VAL M 182 29.08 -33.85 -50.25
CA VAL M 182 28.02 -34.84 -50.12
C VAL M 182 28.23 -35.99 -51.12
N SER M 183 28.59 -35.65 -52.36
CA SER M 183 28.76 -36.68 -53.39
C SER M 183 29.91 -37.63 -53.05
N GLU M 184 30.99 -37.10 -52.48
CA GLU M 184 32.10 -37.96 -52.07
C GLU M 184 31.75 -38.80 -50.86
N ALA M 185 30.90 -38.28 -49.96
CA ALA M 185 30.49 -39.05 -48.80
C ALA M 185 29.57 -40.20 -49.18
N VAL M 186 28.75 -40.02 -50.22
CA VAL M 186 27.87 -41.10 -50.66
C VAL M 186 28.68 -42.21 -51.33
N SER M 187 29.73 -41.84 -52.08
CA SER M 187 30.56 -42.84 -52.74
C SER M 187 31.31 -43.70 -51.73
N HIS M 188 31.60 -43.15 -50.54
CA HIS M 188 32.32 -43.92 -49.53
C HIS M 188 31.40 -44.90 -48.81
N VAL M 189 30.18 -44.48 -48.49
CA VAL M 189 29.27 -45.32 -47.71
C VAL M 189 28.68 -46.45 -48.57
N LEU M 190 28.69 -46.30 -49.89
CA LEU M 190 28.16 -47.37 -50.73
C LEU M 190 29.24 -48.42 -51.00
N PRO M 191 28.91 -49.69 -50.91
CA PRO M 191 29.91 -50.74 -51.15
C PRO M 191 30.28 -50.82 -52.62
N VAL M 192 31.53 -51.19 -52.87
CA VAL M 192 32.06 -51.32 -54.23
C VAL M 192 31.74 -52.71 -54.74
N ALA M 193 30.96 -52.79 -55.83
CA ALA M 193 30.60 -54.06 -56.43
C ALA M 193 30.25 -53.83 -57.89
N GLN M 194 30.28 -54.91 -58.66
CA GLN M 194 29.94 -54.82 -60.08
C GLN M 194 28.47 -54.46 -60.27
N GLN M 195 27.57 -55.26 -59.69
CA GLN M 195 26.13 -55.00 -59.74
C GLN M 195 25.55 -55.25 -58.35
N ALA M 196 24.95 -54.20 -57.77
CA ALA M 196 24.33 -54.29 -56.45
C ALA M 196 22.82 -54.10 -56.63
N GLY M 197 22.07 -55.18 -56.43
CA GLY M 197 20.64 -55.16 -56.53
C GLY M 197 19.95 -55.30 -55.19
N GLU M 198 18.65 -55.65 -55.26
CA GLU M 198 17.84 -55.92 -54.07
C GLU M 198 17.74 -54.71 -53.14
N ILE M 199 17.88 -53.51 -53.70
CA ILE M 199 17.77 -52.25 -52.96
C ILE M 199 18.69 -52.27 -51.75
N PRO M 200 20.00 -52.11 -51.94
CA PRO M 200 20.93 -52.09 -50.80
C PRO M 200 20.51 -51.07 -49.76
N TYR M 201 20.70 -51.42 -48.49
CA TYR M 201 20.24 -50.58 -47.39
C TYR M 201 21.03 -49.29 -47.34
N PHE M 202 20.34 -48.19 -47.05
CA PHE M 202 20.95 -46.89 -46.87
C PHE M 202 20.17 -46.11 -45.82
N ASN M 203 20.88 -45.36 -45.00
CA ASN M 203 20.27 -44.57 -43.94
C ASN M 203 20.95 -43.22 -43.84
N VAL M 204 20.30 -42.30 -43.13
CA VAL M 204 20.86 -40.97 -42.92
C VAL M 204 22.00 -40.95 -41.93
N ASP M 205 22.24 -42.06 -41.23
CA ASP M 205 23.31 -42.14 -40.26
C ASP M 205 24.66 -42.47 -40.89
N SER M 206 24.70 -42.75 -42.19
CA SER M 206 25.97 -43.08 -42.84
C SER M 206 26.79 -41.83 -43.13
N ILE M 207 26.15 -40.68 -43.31
CA ILE M 207 26.84 -39.41 -43.50
C ILE M 207 26.61 -38.55 -42.27
N ARG M 208 27.69 -38.02 -41.70
CA ARG M 208 27.62 -37.18 -40.51
C ARG M 208 28.28 -35.84 -40.79
N VAL M 209 27.98 -34.87 -39.92
CA VAL M 209 28.48 -33.52 -40.04
C VAL M 209 29.10 -33.12 -38.71
N VAL M 210 30.39 -32.82 -38.71
CA VAL M 210 31.10 -32.32 -37.54
C VAL M 210 31.53 -30.89 -37.85
N LYS M 211 30.92 -29.93 -37.16
CA LYS M 211 31.15 -28.52 -37.44
C LYS M 211 32.32 -28.00 -36.59
N ILE M 212 33.27 -27.35 -37.26
CA ILE M 212 34.44 -26.78 -36.61
C ILE M 212 34.49 -25.30 -36.93
N MET M 213 34.66 -24.47 -35.90
CA MET M 213 34.69 -23.03 -36.09
C MET M 213 35.99 -22.60 -36.78
N GLY M 214 35.90 -21.53 -37.55
CA GLY M 214 37.04 -20.99 -38.25
C GLY M 214 37.31 -21.69 -39.56
N GLY M 215 37.99 -20.97 -40.45
CA GLY M 215 38.36 -21.53 -41.75
C GLY M 215 37.31 -21.28 -42.81
N SER M 216 37.78 -21.22 -44.06
CA SER M 216 36.90 -21.02 -45.19
C SER M 216 36.21 -22.32 -45.57
N LEU M 217 35.04 -22.19 -46.20
CA LEU M 217 34.27 -23.37 -46.60
C LEU M 217 34.99 -24.13 -47.71
N SER M 218 35.80 -23.45 -48.52
CA SER M 218 36.52 -24.13 -49.58
C SER M 218 37.61 -25.06 -49.04
N ASN M 219 38.10 -24.79 -47.84
CA ASN M 219 39.11 -25.64 -47.22
C ASN M 219 38.55 -26.94 -46.67
N SER M 220 37.24 -27.11 -46.69
CA SER M 220 36.64 -28.34 -46.19
C SER M 220 37.00 -29.53 -47.07
N THR M 221 36.97 -30.72 -46.47
CA THR M 221 37.30 -31.96 -47.15
C THR M 221 36.36 -33.06 -46.67
N VAL M 222 36.55 -34.25 -47.22
CA VAL M 222 35.75 -35.42 -46.88
C VAL M 222 36.64 -36.43 -46.18
N ILE M 223 36.18 -36.94 -45.04
CA ILE M 223 36.90 -37.92 -44.25
C ILE M 223 36.08 -39.20 -44.18
N LYS M 224 36.69 -40.33 -44.52
CA LYS M 224 35.98 -41.60 -44.51
C LYS M 224 35.61 -42.04 -43.11
N GLY M 225 36.39 -41.65 -42.11
CA GLY M 225 36.15 -42.01 -40.72
C GLY M 225 35.24 -41.03 -40.02
N MET M 226 35.44 -40.91 -38.71
CA MET M 226 34.69 -39.98 -37.89
C MET M 226 35.65 -39.06 -37.15
N VAL M 227 35.19 -37.86 -36.84
CA VAL M 227 35.97 -36.87 -36.11
C VAL M 227 35.23 -36.54 -34.82
N PHE M 228 35.81 -36.94 -33.70
CA PHE M 228 35.25 -36.67 -32.38
C PHE M 228 36.23 -35.80 -31.59
N ASN M 229 35.69 -35.06 -30.62
CA ASN M 229 36.50 -34.19 -29.77
C ASN M 229 36.70 -34.91 -28.44
N ARG M 230 37.92 -35.39 -28.21
CA ARG M 230 38.27 -36.10 -26.99
C ARG M 230 39.71 -35.75 -26.63
N GLU M 231 40.19 -36.31 -25.53
CA GLU M 231 41.57 -36.12 -25.09
C GLU M 231 42.32 -37.44 -25.13
N PRO M 232 43.25 -37.64 -26.06
CA PRO M 232 44.07 -38.85 -26.04
C PRO M 232 44.91 -38.92 -24.78
N GLU M 233 45.16 -40.14 -24.31
CA GLU M 233 45.88 -40.35 -23.05
C GLU M 233 46.84 -41.53 -23.17
N GLY M 234 48.03 -41.36 -22.59
CA GLY M 234 48.95 -42.44 -22.36
C GLY M 234 50.13 -42.53 -23.32
N HIS M 235 49.99 -41.99 -24.54
CA HIS M 235 51.07 -42.06 -25.53
C HIS M 235 50.64 -41.34 -26.80
N VAL M 236 51.64 -41.01 -27.62
CA VAL M 236 51.44 -40.47 -28.95
C VAL M 236 51.24 -41.62 -29.92
N LYS M 237 50.43 -41.40 -30.95
CA LYS M 237 50.16 -42.45 -31.93
C LYS M 237 51.43 -42.83 -32.69
N SER M 238 51.44 -44.05 -33.22
CA SER M 238 52.58 -44.59 -33.94
C SER M 238 52.55 -44.27 -35.43
N LEU M 239 51.56 -43.51 -35.89
CA LEU M 239 51.42 -43.09 -37.29
C LEU M 239 51.27 -44.36 -38.13
N SER M 240 52.05 -44.55 -39.19
CA SER M 240 51.92 -45.69 -40.07
C SER M 240 52.87 -46.84 -39.73
N GLU M 241 53.64 -46.72 -38.64
CA GLU M 241 54.59 -47.76 -38.29
C GLU M 241 53.90 -49.09 -38.02
N ASP M 242 52.70 -49.06 -37.43
CA ASP M 242 51.94 -50.27 -37.19
C ASP M 242 51.05 -50.66 -38.36
N LYS M 243 50.89 -49.79 -39.35
CA LYS M 243 50.04 -50.03 -40.53
C LYS M 243 48.63 -50.32 -40.02
N LYS M 244 47.94 -51.35 -40.53
CA LYS M 244 46.61 -51.67 -40.05
C LYS M 244 46.70 -52.31 -38.67
N HIS M 245 45.99 -51.74 -37.71
CA HIS M 245 45.98 -52.23 -36.34
C HIS M 245 44.56 -52.64 -35.95
N LYS M 246 44.46 -53.74 -35.21
CA LYS M 246 43.16 -54.26 -34.78
C LYS M 246 42.61 -53.41 -33.65
N VAL M 247 41.34 -53.03 -33.76
CA VAL M 247 40.67 -52.19 -32.78
C VAL M 247 39.56 -52.99 -32.13
N ALA M 248 39.56 -53.04 -30.80
CA ALA M 248 38.56 -53.76 -30.03
C ALA M 248 37.67 -52.75 -29.31
N VAL M 249 36.38 -52.78 -29.63
CA VAL M 249 35.40 -51.89 -29.01
C VAL M 249 34.67 -52.69 -27.93
N PHE M 250 34.81 -52.23 -26.68
CA PHE M 250 34.20 -52.90 -25.52
C PHE M 250 33.08 -52.03 -24.98
N THR M 251 31.90 -52.63 -24.84
CA THR M 251 30.76 -51.90 -24.28
C THR M 251 30.96 -51.63 -22.79
N CYS M 252 31.30 -52.67 -22.03
CA CYS M 252 31.54 -52.52 -20.61
C CYS M 252 32.92 -51.89 -20.36
N PRO M 253 33.07 -51.16 -19.26
CA PRO M 253 34.37 -50.54 -18.98
C PRO M 253 35.41 -51.58 -18.62
N LEU M 254 36.67 -51.16 -18.67
CA LEU M 254 37.80 -52.03 -18.35
C LEU M 254 38.12 -51.88 -16.87
N ASP M 255 37.92 -52.95 -16.11
CA ASP M 255 38.10 -52.99 -14.67
C ASP M 255 37.77 -54.41 -14.22
N ILE M 256 38.19 -54.74 -13.01
CA ILE M 256 37.88 -56.05 -12.45
C ILE M 256 36.36 -56.18 -12.30
N ALA M 257 35.81 -57.27 -12.83
CA ALA M 257 34.38 -57.46 -12.86
C ALA M 257 33.80 -57.54 -11.46
N ASN M 258 32.78 -56.71 -11.19
CA ASN M 258 32.11 -56.67 -9.90
C ASN M 258 30.63 -56.91 -10.09
N THR M 259 29.97 -57.36 -9.02
CA THR M 259 28.54 -57.64 -9.07
C THR M 259 27.75 -56.34 -9.09
N GLU M 260 26.50 -56.44 -9.54
CA GLU M 260 25.62 -55.28 -9.60
C GLU M 260 25.34 -54.73 -8.21
N THR M 261 25.19 -55.61 -7.22
CA THR M 261 24.99 -55.16 -5.86
C THR M 261 26.27 -54.56 -5.29
N LYS M 262 26.11 -53.72 -4.27
CA LYS M 262 27.24 -53.02 -3.68
C LYS M 262 27.99 -53.95 -2.74
N GLY M 263 29.27 -54.20 -3.03
CA GLY M 263 30.13 -55.02 -2.21
C GLY M 263 31.16 -54.19 -1.45
N THR M 264 31.92 -54.89 -0.63
CA THR M 264 33.01 -54.29 0.12
C THR M 264 34.04 -55.35 0.44
N VAL M 265 35.24 -54.89 0.79
CA VAL M 265 36.35 -55.79 1.09
C VAL M 265 36.20 -56.29 2.53
N LEU M 266 36.26 -57.61 2.70
CA LEU M 266 36.17 -58.23 4.02
C LEU M 266 37.49 -58.96 4.29
N LEU M 267 38.24 -58.48 5.26
CA LEU M 267 39.55 -59.03 5.60
C LEU M 267 39.51 -59.53 7.04
N HIS M 268 39.62 -60.84 7.22
CA HIS M 268 39.60 -61.42 8.56
C HIS M 268 40.95 -61.30 9.24
N ASN M 269 42.04 -61.53 8.50
CA ASN M 269 43.39 -61.50 9.05
C ASN M 269 44.27 -60.60 8.21
N ALA M 270 45.42 -60.23 8.77
CA ALA M 270 46.37 -59.36 8.07
C ALA M 270 47.14 -60.09 6.99
N GLN M 271 47.06 -61.42 6.92
CA GLN M 271 47.77 -62.15 5.86
C GLN M 271 47.20 -61.81 4.50
N GLU M 272 45.89 -61.56 4.42
CA GLU M 272 45.25 -61.17 3.17
C GLU M 272 45.45 -59.69 2.85
N MET M 273 45.92 -58.90 3.82
CA MET M 273 46.14 -57.47 3.56
C MET M 273 47.37 -57.25 2.71
N LEU M 274 48.41 -58.08 2.89
CA LEU M 274 49.61 -57.95 2.08
C LEU M 274 49.36 -58.37 0.63
N ASP M 275 48.51 -59.37 0.42
CA ASP M 275 48.17 -59.82 -0.93
C ASP M 275 47.04 -59.02 -1.55
N PHE M 276 46.43 -58.09 -0.82
CA PHE M 276 45.37 -57.27 -1.39
C PHE M 276 45.90 -56.22 -2.35
N SER M 277 47.11 -55.72 -2.11
CA SER M 277 47.70 -54.73 -2.99
C SER M 277 48.07 -55.35 -4.34
N LYS M 278 48.81 -56.45 -4.32
CA LYS M 278 49.21 -57.13 -5.55
C LYS M 278 48.09 -58.01 -6.11
N GLY M 279 47.02 -58.25 -5.35
CA GLY M 279 45.93 -59.07 -5.86
C GLY M 279 45.17 -58.38 -6.98
N GLU M 280 44.77 -57.12 -6.75
CA GLU M 280 44.06 -56.38 -7.78
C GLU M 280 44.95 -56.02 -8.96
N GLU M 281 46.27 -55.99 -8.77
CA GLU M 281 47.17 -55.67 -9.86
C GLU M 281 47.27 -56.84 -10.85
N LYS M 282 47.47 -58.04 -10.34
CA LYS M 282 47.62 -59.21 -11.20
C LYS M 282 46.28 -59.74 -11.72
N GLN M 283 45.18 -59.38 -11.06
CA GLN M 283 43.87 -59.86 -11.52
C GLN M 283 43.46 -59.19 -12.83
N ILE M 284 43.56 -57.86 -12.88
CA ILE M 284 43.22 -57.13 -14.10
C ILE M 284 44.32 -57.27 -15.15
N ASP M 285 45.55 -57.55 -14.73
CA ASP M 285 46.64 -57.71 -15.70
C ASP M 285 46.47 -58.98 -16.53
N ALA M 286 45.81 -60.00 -15.98
CA ALA M 286 45.62 -61.23 -16.73
C ALA M 286 44.72 -61.02 -17.94
N MET M 287 43.68 -60.20 -17.80
CA MET M 287 42.80 -59.92 -18.92
C MET M 287 43.40 -58.91 -19.87
N MET M 288 44.26 -58.01 -19.39
CA MET M 288 44.92 -57.04 -20.26
C MET M 288 46.11 -57.64 -21.00
N LYS M 289 46.65 -58.76 -20.52
CA LYS M 289 47.78 -59.39 -21.20
C LYS M 289 47.34 -60.15 -22.44
N GLU M 290 46.15 -60.77 -22.39
CA GLU M 290 45.65 -61.50 -23.55
C GLU M 290 45.25 -60.58 -24.69
N ILE M 291 44.98 -59.31 -24.41
CA ILE M 291 44.63 -58.37 -25.46
C ILE M 291 45.85 -57.96 -26.26
N ALA M 292 46.98 -57.72 -25.57
CA ALA M 292 48.20 -57.33 -26.26
C ALA M 292 48.76 -58.47 -27.10
N ASP M 293 48.46 -59.72 -26.74
CA ASP M 293 48.94 -60.85 -27.52
C ASP M 293 48.21 -60.99 -28.85
N MET M 294 47.00 -60.43 -28.96
CA MET M 294 46.23 -60.48 -30.19
C MET M 294 46.55 -59.32 -31.13
N GLY M 295 47.42 -58.41 -30.73
CA GLY M 295 47.77 -57.29 -31.58
C GLY M 295 46.74 -56.20 -31.65
N VAL M 296 46.06 -55.91 -30.54
CA VAL M 296 45.04 -54.88 -30.49
C VAL M 296 45.69 -53.60 -29.99
N GLU M 297 45.79 -52.61 -30.88
CA GLU M 297 46.42 -51.34 -30.55
C GLU M 297 45.44 -50.28 -30.05
N CYS M 298 44.13 -50.53 -30.10
CA CYS M 298 43.14 -49.55 -29.66
C CYS M 298 42.01 -50.26 -28.95
N ILE M 299 41.63 -49.74 -27.79
CA ILE M 299 40.52 -50.26 -27.00
C ILE M 299 39.57 -49.10 -26.69
N VAL M 300 38.29 -49.28 -26.98
CA VAL M 300 37.27 -48.26 -26.76
C VAL M 300 36.27 -48.82 -25.74
N ALA M 301 36.19 -48.16 -24.58
CA ALA M 301 35.26 -48.54 -23.52
C ALA M 301 34.30 -47.39 -23.28
N GLY M 302 33.01 -47.64 -23.46
CA GLY M 302 32.02 -46.57 -23.36
C GLY M 302 31.98 -45.92 -22.00
N ALA M 303 32.03 -46.72 -20.94
CA ALA M 303 31.97 -46.19 -19.59
C ALA M 303 33.34 -45.72 -19.14
N GLY M 304 33.42 -45.20 -17.92
CA GLY M 304 34.68 -44.70 -17.41
C GLY M 304 35.64 -45.83 -17.08
N VAL M 305 36.90 -45.65 -17.45
CA VAL M 305 37.95 -46.63 -17.23
C VAL M 305 38.78 -46.20 -16.04
N GLY M 306 38.99 -47.13 -15.10
CA GLY M 306 39.79 -46.83 -13.93
C GLY M 306 41.26 -46.66 -14.26
N GLU M 307 41.99 -46.09 -13.30
CA GLU M 307 43.41 -45.85 -13.50
C GLU M 307 44.20 -47.15 -13.50
N LEU M 308 43.72 -48.18 -12.80
CA LEU M 308 44.41 -49.46 -12.77
C LEU M 308 44.43 -50.10 -14.15
N ALA M 309 43.36 -49.94 -14.92
CA ALA M 309 43.33 -50.47 -16.28
C ALA M 309 44.09 -49.59 -17.26
N LEU M 310 44.12 -48.27 -17.03
CA LEU M 310 44.87 -47.38 -17.89
C LEU M 310 46.37 -47.52 -17.71
N HIS M 311 46.82 -48.04 -16.55
CA HIS M 311 48.25 -48.17 -16.30
C HIS M 311 48.88 -49.19 -17.25
N TYR M 312 48.27 -50.36 -17.39
CA TYR M 312 48.85 -51.41 -18.21
C TYR M 312 48.79 -51.06 -19.69
N LEU M 313 47.70 -50.44 -20.14
CA LEU M 313 47.52 -50.17 -21.56
C LEU M 313 48.44 -49.08 -22.08
N ASN M 314 49.09 -48.31 -21.20
CA ASN M 314 49.96 -47.25 -21.65
C ASN M 314 51.32 -47.77 -22.09
N ARG M 315 51.85 -48.78 -21.39
CA ARG M 315 53.18 -49.30 -21.74
C ARG M 315 53.15 -50.13 -23.02
N TYR M 316 52.07 -50.87 -23.26
CA TYR M 316 51.94 -51.65 -24.49
C TYR M 316 51.59 -50.79 -25.70
N GLY M 317 51.29 -49.51 -25.50
CA GLY M 317 50.94 -48.64 -26.60
C GLY M 317 49.54 -48.85 -27.14
N ILE M 318 48.56 -49.06 -26.26
CA ILE M 318 47.19 -49.32 -26.65
C ILE M 318 46.37 -48.07 -26.38
N LEU M 319 45.62 -47.62 -27.39
CA LEU M 319 44.83 -46.40 -27.28
C LEU M 319 43.54 -46.67 -26.50
N VAL M 320 43.15 -45.70 -25.68
CA VAL M 320 41.92 -45.74 -24.91
C VAL M 320 41.07 -44.55 -25.31
N LEU M 321 39.81 -44.79 -25.65
CA LEU M 321 38.89 -43.74 -26.07
C LEU M 321 37.57 -43.92 -25.36
N LYS M 322 37.11 -42.88 -24.67
CA LYS M 322 35.93 -42.99 -23.82
C LYS M 322 34.67 -43.21 -24.63
N VAL M 323 34.37 -42.30 -25.56
CA VAL M 323 33.11 -42.30 -26.30
C VAL M 323 31.96 -42.36 -25.31
N PRO M 324 31.66 -41.27 -24.59
CA PRO M 324 30.56 -41.33 -23.59
C PRO M 324 29.21 -41.63 -24.22
N SER M 325 28.91 -41.04 -25.38
CA SER M 325 27.62 -41.25 -26.02
C SER M 325 27.54 -42.63 -26.64
N LYS M 326 26.40 -43.29 -26.43
CA LYS M 326 26.20 -44.62 -27.00
C LYS M 326 25.83 -44.57 -28.47
N PHE M 327 25.20 -43.48 -28.91
CA PHE M 327 24.79 -43.38 -30.31
C PHE M 327 26.00 -43.34 -31.25
N GLU M 328 27.03 -42.59 -30.88
CA GLU M 328 28.25 -42.52 -31.68
C GLU M 328 29.16 -43.72 -31.47
N LEU M 329 28.86 -44.59 -30.51
CA LEU M 329 29.71 -45.76 -30.28
C LEU M 329 29.60 -46.75 -31.42
N ARG M 330 28.38 -46.98 -31.93
CA ARG M 330 28.19 -47.90 -33.04
C ARG M 330 28.72 -47.36 -34.36
N ARG M 331 29.02 -46.05 -34.43
CA ARG M 331 29.53 -45.47 -35.67
C ARG M 331 31.00 -45.80 -35.88
N LEU M 332 31.79 -45.78 -34.80
CA LEU M 332 33.19 -46.18 -34.90
C LEU M 332 33.32 -47.66 -35.22
N CYS M 333 32.35 -48.48 -34.79
CA CYS M 333 32.40 -49.90 -35.10
C CYS M 333 32.19 -50.15 -36.60
N ARG M 334 31.39 -49.31 -37.26
CA ARG M 334 31.17 -49.48 -38.69
C ARG M 334 32.39 -49.07 -39.52
N VAL M 335 33.27 -48.24 -38.97
CA VAL M 335 34.48 -47.84 -39.69
C VAL M 335 35.43 -49.02 -39.80
N CYS M 336 35.77 -49.64 -38.67
CA CYS M 336 36.64 -50.81 -38.67
C CYS M 336 35.91 -52.09 -39.04
N GLY M 337 34.59 -52.13 -38.85
CA GLY M 337 33.83 -53.34 -39.13
C GLY M 337 33.96 -54.40 -38.07
N ALA M 338 33.98 -54.02 -36.80
CA ALA M 338 34.12 -54.96 -35.69
C ALA M 338 32.77 -55.16 -35.00
N THR M 339 32.76 -56.04 -34.00
CA THR M 339 31.57 -56.36 -33.23
C THR M 339 31.75 -55.86 -31.80
N PRO M 340 30.86 -54.99 -31.31
CA PRO M 340 30.97 -54.54 -29.91
C PRO M 340 30.87 -55.71 -28.95
N LEU M 341 31.83 -55.80 -28.03
CA LEU M 341 31.90 -56.90 -27.08
C LEU M 341 31.72 -56.38 -25.66
N PRO M 342 30.60 -56.67 -24.99
CA PRO M 342 30.48 -56.30 -23.57
C PRO M 342 31.41 -57.09 -22.67
N ARG M 343 31.68 -58.36 -22.99
CA ARG M 343 32.63 -59.14 -22.23
C ARG M 343 34.05 -58.62 -22.45
N LEU M 344 34.93 -58.94 -21.51
CA LEU M 344 36.35 -58.63 -21.67
C LEU M 344 37.06 -59.79 -22.37
N GLY M 345 37.27 -60.89 -21.65
CA GLY M 345 37.83 -62.10 -22.24
C GLY M 345 39.10 -61.83 -23.02
N ALA M 346 39.16 -62.37 -24.23
CA ALA M 346 40.24 -62.11 -25.17
C ALA M 346 39.65 -61.81 -26.54
N PRO M 347 40.24 -60.86 -27.26
CA PRO M 347 39.69 -60.50 -28.58
C PRO M 347 39.85 -61.64 -29.57
N THR M 348 38.75 -61.96 -30.30
CA THR M 348 38.78 -62.97 -31.35
C THR M 348 39.11 -62.32 -32.68
N PRO M 349 39.88 -63.01 -33.54
CA PRO M 349 40.29 -62.39 -34.80
C PRO M 349 39.14 -62.01 -35.72
N GLU M 350 38.04 -62.77 -35.70
CA GLU M 350 36.93 -62.50 -36.60
C GLU M 350 36.14 -61.28 -36.16
N GLU M 351 36.13 -60.97 -34.88
CA GLU M 351 35.34 -59.88 -34.32
C GLU M 351 36.12 -58.58 -34.21
N LEU M 352 37.36 -58.53 -34.68
CA LEU M 352 38.18 -57.34 -34.63
C LEU M 352 38.21 -56.65 -35.99
N GLY M 353 38.23 -55.32 -35.97
CA GLY M 353 38.27 -54.53 -37.18
C GLY M 353 39.69 -54.12 -37.56
N LEU M 354 39.78 -53.27 -38.58
CA LEU M 354 41.06 -52.79 -39.09
C LEU M 354 40.96 -51.30 -39.34
N VAL M 355 41.95 -50.55 -38.84
CA VAL M 355 42.04 -49.11 -39.06
C VAL M 355 43.44 -48.81 -39.59
N GLU M 356 43.50 -48.05 -40.69
CA GLU M 356 44.79 -47.76 -41.33
C GLU M 356 45.67 -46.91 -40.42
N THR M 357 45.17 -45.75 -40.00
CA THR M 357 45.96 -44.85 -39.17
C THR M 357 45.02 -44.00 -38.33
N VAL M 358 45.55 -43.53 -37.20
CA VAL M 358 44.84 -42.63 -36.29
C VAL M 358 45.79 -41.50 -35.91
N LYS M 359 45.31 -40.26 -35.99
CA LYS M 359 46.12 -39.10 -35.66
C LYS M 359 45.29 -38.10 -34.88
N THR M 360 45.97 -37.26 -34.11
CA THR M 360 45.34 -36.23 -33.30
C THR M 360 45.86 -34.87 -33.76
N MET M 361 44.98 -34.06 -34.32
CA MET M 361 45.33 -32.73 -34.80
C MET M 361 44.21 -31.76 -34.46
N GLU M 362 44.52 -30.47 -34.57
CA GLU M 362 43.57 -29.40 -34.29
C GLU M 362 43.14 -28.76 -35.60
N ILE M 363 41.87 -28.94 -35.97
CA ILE M 363 41.36 -28.33 -37.20
C ILE M 363 41.07 -26.85 -36.97
N GLY M 364 40.34 -26.54 -35.89
CA GLY M 364 40.05 -25.17 -35.53
C GLY M 364 40.75 -24.66 -34.29
N GLY M 365 41.77 -25.36 -33.80
CA GLY M 365 42.44 -24.98 -32.57
C GLY M 365 42.15 -25.90 -31.40
N ASP M 366 41.19 -26.82 -31.53
CA ASP M 366 40.87 -27.78 -30.51
C ASP M 366 41.28 -29.17 -30.97
N ARG M 367 41.86 -29.96 -30.06
CA ARG M 367 42.36 -31.27 -30.43
C ARG M 367 41.22 -32.26 -30.64
N VAL M 368 41.23 -32.91 -31.80
CA VAL M 368 40.25 -33.93 -32.15
C VAL M 368 41.01 -35.15 -32.68
N THR M 369 40.36 -36.31 -32.59
CA THR M 369 40.92 -37.56 -33.05
C THR M 369 40.37 -37.90 -34.43
N VAL M 370 41.27 -38.23 -35.36
CA VAL M 370 40.91 -38.49 -36.75
C VAL M 370 40.86 -39.99 -36.96
N PHE M 371 39.70 -40.48 -37.39
CA PHE M 371 39.48 -41.89 -37.68
C PHE M 371 39.68 -42.23 -39.15
N LYS M 372 40.14 -41.28 -39.96
CA LYS M 372 40.26 -41.48 -41.40
C LYS M 372 41.06 -42.74 -41.72
N GLN M 373 40.50 -43.57 -42.59
CA GLN M 373 41.11 -44.84 -42.97
C GLN M 373 41.20 -44.91 -44.49
N GLU M 374 42.42 -45.01 -45.00
CA GLU M 374 42.66 -45.14 -46.43
C GLU M 374 42.98 -46.60 -46.77
N GLN M 375 42.53 -47.01 -47.97
CA GLN M 375 42.75 -48.36 -48.51
C GLN M 375 41.94 -49.40 -47.72
N GLY M 376 41.38 -49.01 -46.59
CA GLY M 376 40.56 -49.91 -45.79
C GLY M 376 39.16 -50.06 -46.34
N GLU M 377 38.39 -50.92 -45.69
CA GLU M 377 37.02 -51.22 -46.08
C GLU M 377 36.07 -50.63 -45.05
N ILE M 378 35.25 -49.67 -45.48
CA ILE M 378 34.27 -49.03 -44.62
C ILE M 378 32.87 -49.34 -45.16
N SER M 379 31.91 -49.45 -44.24
CA SER M 379 30.53 -49.76 -44.60
C SER M 379 29.61 -48.73 -43.95
N ARG M 380 28.95 -47.92 -44.77
CA ARG M 380 27.93 -46.97 -44.33
C ARG M 380 28.44 -46.06 -43.21
N THR M 381 29.60 -45.43 -43.46
CA THR M 381 30.16 -44.48 -42.53
C THR M 381 30.96 -43.43 -43.29
N SER M 382 30.90 -42.19 -42.79
CA SER M 382 31.59 -41.04 -43.38
C SER M 382 31.29 -39.84 -42.50
N THR M 383 31.95 -38.73 -42.81
CA THR M 383 31.72 -37.47 -42.10
C THR M 383 32.10 -36.32 -43.01
N ILE M 384 31.60 -35.14 -42.66
CA ILE M 384 31.86 -33.91 -43.41
C ILE M 384 32.27 -32.84 -42.41
N ILE M 385 33.49 -32.34 -42.56
CA ILE M 385 34.03 -31.31 -41.67
C ILE M 385 33.74 -29.95 -42.29
N LEU M 386 32.95 -29.14 -41.59
CA LEU M 386 32.60 -27.80 -42.05
C LEU M 386 33.50 -26.77 -41.40
N ARG M 387 33.89 -25.76 -42.19
CA ARG M 387 34.70 -24.65 -41.71
C ARG M 387 33.96 -23.35 -41.99
N GLY M 388 33.68 -22.59 -40.94
CA GLY M 388 32.94 -21.35 -41.09
C GLY M 388 33.29 -20.36 -40.01
N ALA M 389 33.03 -19.09 -40.31
CA ALA M 389 33.36 -18.02 -39.37
C ALA M 389 32.33 -17.90 -38.26
N THR M 390 31.06 -18.19 -38.54
CA THR M 390 29.98 -18.07 -37.56
C THR M 390 29.32 -19.41 -37.34
N GLN M 391 28.77 -19.59 -36.14
CA GLN M 391 28.09 -20.83 -35.79
C GLN M 391 26.70 -20.91 -36.41
N ASN M 392 26.01 -19.77 -36.51
CA ASN M 392 24.64 -19.77 -37.02
C ASN M 392 24.60 -20.06 -38.52
N ASN M 393 25.62 -19.61 -39.27
CA ASN M 393 25.64 -19.89 -40.70
C ASN M 393 25.87 -21.38 -40.97
N LEU M 394 26.69 -22.02 -40.15
CA LEU M 394 26.95 -23.45 -40.31
C LEU M 394 25.77 -24.31 -39.87
N ASP M 395 24.80 -23.74 -39.16
CA ASP M 395 23.64 -24.51 -38.72
C ASP M 395 22.76 -24.89 -39.91
N ASP M 396 22.48 -23.94 -40.79
CA ASP M 396 21.68 -24.25 -41.98
C ASP M 396 22.46 -25.08 -42.98
N ILE M 397 23.78 -24.97 -42.98
CA ILE M 397 24.60 -25.79 -43.87
C ILE M 397 24.51 -27.25 -43.48
N GLU M 398 24.50 -27.54 -42.17
CA GLU M 398 24.31 -28.92 -41.73
C GLU M 398 22.93 -29.44 -42.12
N ARG M 399 21.90 -28.59 -42.01
CA ARG M 399 20.57 -28.98 -42.46
C ARG M 399 20.51 -29.10 -43.98
N ALA M 400 21.31 -28.32 -44.70
CA ALA M 400 21.37 -28.47 -46.15
C ALA M 400 22.04 -29.78 -46.53
N ILE M 401 23.04 -30.21 -45.76
CA ILE M 401 23.66 -31.50 -46.00
C ILE M 401 22.71 -32.62 -45.60
N ASP M 402 21.99 -32.45 -44.48
CA ASP M 402 20.99 -33.43 -44.07
C ASP M 402 19.88 -33.55 -45.10
N ASP M 403 19.51 -32.44 -45.74
CA ASP M 403 18.51 -32.50 -46.81
C ASP M 403 19.11 -33.11 -48.09
N GLY M 404 20.43 -32.99 -48.28
CA GLY M 404 21.06 -33.59 -49.43
C GLY M 404 21.14 -35.11 -49.32
N VAL M 405 21.50 -35.61 -48.14
CA VAL M 405 21.55 -37.05 -47.93
C VAL M 405 20.17 -37.66 -47.77
N ALA M 406 19.17 -36.84 -47.40
CA ALA M 406 17.81 -37.35 -47.32
C ALA M 406 17.26 -37.66 -48.70
N ALA M 407 17.70 -36.93 -49.73
CA ALA M 407 17.29 -37.25 -51.09
C ALA M 407 17.87 -38.58 -51.54
N VAL M 408 19.08 -38.92 -51.08
CA VAL M 408 19.67 -40.21 -51.42
C VAL M 408 18.87 -41.35 -50.78
N LYS M 409 18.42 -41.15 -49.54
CA LYS M 409 17.59 -42.16 -48.89
C LYS M 409 16.25 -42.32 -49.61
N GLY M 410 15.63 -41.21 -50.01
CA GLY M 410 14.41 -41.29 -50.78
C GLY M 410 14.60 -41.77 -52.20
N LEU M 411 15.82 -41.67 -52.72
CA LEU M 411 16.13 -42.21 -54.05
C LEU M 411 16.38 -43.71 -54.00
N MET M 412 17.11 -44.17 -52.99
CA MET M 412 17.57 -45.56 -52.95
C MET M 412 16.48 -46.52 -52.48
N LYS M 413 15.71 -46.13 -51.48
CA LYS M 413 14.77 -47.09 -50.85
C LYS M 413 13.69 -47.56 -51.81
N PRO M 414 12.93 -46.70 -52.51
CA PRO M 414 11.95 -47.21 -53.47
C PRO M 414 12.61 -47.66 -54.76
N SER M 415 11.79 -47.99 -55.77
CA SER M 415 12.34 -48.36 -57.07
C SER M 415 13.18 -47.24 -57.66
N GLY M 416 12.76 -46.00 -57.46
CA GLY M 416 13.53 -44.85 -57.88
C GLY M 416 12.81 -43.53 -57.69
N GLY M 417 13.56 -42.44 -57.66
CA GLY M 417 12.98 -41.12 -57.54
C GLY M 417 12.93 -40.37 -58.85
N LYS M 418 13.64 -40.89 -59.86
CA LYS M 418 13.72 -40.31 -61.18
C LYS M 418 14.11 -38.83 -61.12
N LEU M 419 13.48 -38.01 -61.97
CA LEU M 419 13.78 -36.58 -62.04
C LEU M 419 12.56 -35.85 -62.57
N LEU M 420 12.52 -34.55 -62.30
CA LEU M 420 11.48 -33.66 -62.82
C LEU M 420 12.11 -32.32 -63.16
N PRO M 421 11.64 -31.65 -64.22
CA PRO M 421 12.15 -30.32 -64.55
C PRO M 421 11.83 -29.32 -63.43
N GLY M 422 12.83 -28.55 -63.04
CA GLY M 422 12.71 -27.59 -61.98
C GLY M 422 12.64 -26.16 -62.47
N ALA M 423 12.84 -25.23 -61.54
CA ALA M 423 12.82 -23.79 -61.83
C ALA M 423 11.49 -23.36 -62.46
N GLY M 424 10.40 -23.83 -61.85
CA GLY M 424 9.08 -23.46 -62.31
C GLY M 424 8.62 -24.11 -63.59
N ALA M 425 9.31 -25.17 -64.05
CA ALA M 425 8.91 -25.83 -65.29
C ALA M 425 7.75 -26.78 -65.06
N THR M 426 7.77 -27.53 -63.95
CA THR M 426 6.73 -28.52 -63.70
C THR M 426 5.42 -27.87 -63.25
N GLU M 427 5.50 -26.81 -62.45
CA GLU M 427 4.31 -26.18 -61.90
C GLU M 427 3.45 -25.54 -63.00
N ILE M 428 4.08 -25.03 -64.07
CA ILE M 428 3.32 -24.45 -65.16
C ILE M 428 2.64 -25.54 -65.99
N GLU M 429 3.33 -26.66 -66.19
CA GLU M 429 2.74 -27.76 -66.95
C GLU M 429 1.54 -28.36 -66.23
N LEU M 430 1.55 -28.36 -64.89
CA LEU M 430 0.40 -28.86 -64.14
C LEU M 430 -0.80 -27.94 -64.25
N ILE M 431 -0.60 -26.66 -64.58
CA ILE M 431 -1.71 -25.74 -64.71
C ILE M 431 -2.56 -26.09 -65.93
N SER M 432 -1.91 -26.37 -67.06
CA SER M 432 -2.65 -26.72 -68.27
C SER M 432 -3.34 -28.07 -68.14
N ARG M 433 -2.81 -28.96 -67.31
CA ARG M 433 -3.43 -30.27 -67.12
C ARG M 433 -4.68 -30.18 -66.26
N ILE M 434 -4.63 -29.41 -65.17
CA ILE M 434 -5.79 -29.28 -64.30
C ILE M 434 -6.87 -28.43 -64.95
N THR M 435 -6.47 -27.41 -65.71
CA THR M 435 -7.44 -26.55 -66.37
C THR M 435 -8.26 -27.32 -67.40
N LYS M 436 -7.58 -28.12 -68.23
CA LYS M 436 -8.29 -28.92 -69.22
C LYS M 436 -9.04 -30.09 -68.59
N TYR M 437 -8.67 -30.50 -67.37
CA TYR M 437 -9.38 -31.59 -66.71
C TYR M 437 -10.75 -31.17 -66.24
N GLY M 438 -10.93 -29.90 -65.88
CA GLY M 438 -12.22 -29.43 -65.41
C GLY M 438 -13.27 -29.35 -66.51
N GLU M 439 -12.83 -29.03 -67.74
CA GLU M 439 -13.75 -28.93 -68.87
C GLU M 439 -14.19 -30.27 -69.41
N ARG M 440 -13.51 -31.36 -69.05
CA ARG M 440 -13.88 -32.68 -69.55
C ARG M 440 -15.12 -33.23 -68.85
N THR M 441 -15.24 -32.98 -67.54
CA THR M 441 -16.39 -33.46 -66.78
C THR M 441 -17.23 -32.28 -66.31
N PRO M 442 -18.41 -32.05 -66.88
CA PRO M 442 -19.26 -30.95 -66.41
C PRO M 442 -19.78 -31.21 -65.01
N GLY M 443 -20.08 -30.13 -64.31
CA GLY M 443 -20.63 -30.21 -62.97
C GLY M 443 -20.26 -28.98 -62.17
N LEU M 444 -20.65 -29.02 -60.89
CA LEU M 444 -20.34 -27.93 -59.97
C LEU M 444 -18.91 -27.96 -59.47
N LEU M 445 -18.19 -29.07 -59.68
CA LEU M 445 -16.81 -29.17 -59.23
C LEU M 445 -15.84 -28.40 -60.11
N GLN M 446 -16.30 -27.85 -61.24
CA GLN M 446 -15.40 -27.09 -62.11
C GLN M 446 -14.84 -25.86 -61.43
N LEU M 447 -15.58 -25.28 -60.48
CA LEU M 447 -15.09 -24.11 -59.78
C LEU M 447 -13.90 -24.45 -58.90
N ALA M 448 -13.95 -25.59 -58.22
CA ALA M 448 -12.84 -26.03 -57.37
C ALA M 448 -11.66 -26.54 -58.17
N ILE M 449 -11.89 -27.03 -59.39
CA ILE M 449 -10.79 -27.52 -60.21
C ILE M 449 -10.00 -26.37 -60.82
N LYS M 450 -10.71 -25.33 -61.29
CA LYS M 450 -10.02 -24.18 -61.87
C LYS M 450 -9.18 -23.45 -60.83
N GLN M 451 -9.72 -23.27 -59.63
CA GLN M 451 -8.97 -22.62 -58.57
C GLN M 451 -7.84 -23.49 -58.05
N PHE M 452 -7.91 -24.81 -58.26
CA PHE M 452 -6.83 -25.69 -57.82
C PHE M 452 -5.58 -25.49 -58.65
N ALA M 453 -5.73 -25.12 -59.93
CA ALA M 453 -4.58 -24.84 -60.79
C ALA M 453 -4.02 -23.46 -60.57
N VAL M 454 -4.81 -22.54 -59.98
CA VAL M 454 -4.32 -21.18 -59.74
C VAL M 454 -3.27 -21.19 -58.63
N ALA M 455 -3.41 -22.08 -57.65
CA ALA M 455 -2.46 -22.14 -56.54
C ALA M 455 -1.08 -22.60 -56.99
N PHE M 456 -0.95 -23.16 -58.19
CA PHE M 456 0.35 -23.57 -58.71
C PHE M 456 1.17 -22.42 -59.26
N GLU M 457 0.59 -21.21 -59.36
CA GLU M 457 1.30 -20.07 -59.91
C GLU M 457 2.23 -19.40 -58.90
N VAL M 458 2.16 -19.79 -57.63
CA VAL M 458 2.97 -19.11 -56.62
C VAL M 458 4.43 -19.58 -56.65
N VAL M 459 4.66 -20.85 -56.99
CA VAL M 459 6.01 -21.41 -56.99
C VAL M 459 6.88 -20.77 -58.07
N PRO M 460 6.45 -20.70 -59.35
CA PRO M 460 7.34 -20.12 -60.36
C PRO M 460 7.54 -18.62 -60.19
N ARG M 461 6.57 -17.90 -59.65
CA ARG M 461 6.72 -16.46 -59.47
C ARG M 461 7.54 -16.11 -58.24
N THR M 462 7.62 -17.01 -57.25
CA THR M 462 8.45 -16.75 -56.08
C THR M 462 9.92 -16.65 -56.47
N LEU M 463 10.35 -17.46 -57.43
CA LEU M 463 11.71 -17.33 -57.95
C LEU M 463 11.91 -15.99 -58.64
N ALA M 464 10.87 -15.50 -59.34
CA ALA M 464 10.94 -14.19 -59.98
C ALA M 464 10.74 -13.05 -58.99
N GLU M 465 9.89 -13.26 -57.98
CA GLU M 465 9.64 -12.20 -57.00
C GLU M 465 10.88 -11.95 -56.14
N THR M 466 11.56 -13.02 -55.71
CA THR M 466 12.79 -12.87 -54.94
C THR M 466 13.96 -12.43 -55.80
N ALA M 467 13.83 -12.44 -57.11
CA ALA M 467 14.87 -11.98 -58.01
C ALA M 467 14.71 -10.53 -58.42
N GLY M 468 13.69 -9.84 -57.92
CA GLY M 468 13.45 -8.46 -58.30
C GLY M 468 12.89 -8.32 -59.69
N LEU M 469 11.90 -9.16 -60.02
CA LEU M 469 11.27 -9.15 -61.34
C LEU M 469 9.78 -8.92 -61.21
N ASP M 470 9.17 -8.49 -62.30
CA ASP M 470 7.74 -8.24 -62.34
C ASP M 470 7.02 -9.54 -62.71
N VAL M 471 6.07 -9.95 -61.86
CA VAL M 471 5.31 -11.18 -62.14
C VAL M 471 4.23 -10.97 -63.19
N ASN M 472 3.99 -9.73 -63.61
CA ASN M 472 3.03 -9.43 -64.66
C ASN M 472 3.64 -9.38 -66.05
N GLU M 473 4.94 -9.66 -66.16
CA GLU M 473 5.64 -9.65 -67.45
C GLU M 473 6.33 -10.97 -67.73
N VAL M 474 7.32 -11.36 -66.92
CA VAL M 474 8.05 -12.59 -67.17
C VAL M 474 7.13 -13.81 -67.04
N LEU M 475 6.26 -13.81 -66.02
CA LEU M 475 5.37 -14.96 -65.83
C LEU M 475 4.36 -15.10 -66.96
N PRO M 476 3.65 -14.06 -67.39
CA PRO M 476 2.75 -14.24 -68.55
C PRO M 476 3.48 -14.64 -69.82
N ASN M 477 4.71 -14.17 -70.02
CA ASN M 477 5.48 -14.56 -71.19
C ASN M 477 5.95 -16.01 -71.09
N LEU M 478 5.93 -16.60 -69.89
CA LEU M 478 6.35 -17.99 -69.75
C LEU M 478 5.30 -18.94 -70.30
N TYR M 479 4.01 -18.60 -70.15
CA TYR M 479 2.95 -19.44 -70.70
C TYR M 479 2.98 -19.47 -72.22
N ALA M 480 3.37 -18.35 -72.86
CA ALA M 480 3.45 -18.32 -74.31
C ALA M 480 4.58 -19.17 -74.85
N ALA M 481 5.59 -19.48 -74.03
CA ALA M 481 6.70 -20.31 -74.47
C ALA M 481 6.33 -21.79 -74.56
N HIS M 482 5.25 -22.20 -73.89
CA HIS M 482 4.80 -23.59 -73.93
C HIS M 482 3.89 -23.89 -75.10
N ASN M 483 3.63 -22.91 -75.97
CA ASN M 483 2.76 -23.13 -77.12
C ASN M 483 3.43 -24.08 -78.10
N VAL M 484 2.68 -25.08 -78.54
CA VAL M 484 3.21 -26.07 -79.49
C VAL M 484 2.08 -26.60 -80.36
N THR M 492 10.92 -32.88 -76.19
CA THR M 492 10.47 -31.65 -76.83
C THR M 492 10.99 -30.43 -76.09
N ASP M 493 10.97 -29.27 -76.77
CA ASP M 493 11.54 -28.05 -76.22
C ASP M 493 10.56 -27.19 -75.43
N HIS M 494 9.27 -27.50 -75.48
CA HIS M 494 8.29 -26.68 -74.77
C HIS M 494 8.10 -27.10 -73.32
N LEU M 495 8.58 -28.27 -72.93
CA LEU M 495 8.50 -28.72 -71.54
C LEU M 495 9.68 -28.24 -70.69
N TYR M 496 10.73 -27.74 -71.31
CA TYR M 496 11.94 -27.32 -70.60
C TYR M 496 11.97 -25.83 -70.27
N LYS M 497 10.91 -25.09 -70.59
CA LYS M 497 10.87 -23.68 -70.25
C LYS M 497 10.69 -23.51 -68.75
N GLY M 498 11.41 -22.54 -68.18
CA GLY M 498 11.38 -22.31 -66.76
C GLY M 498 11.69 -20.87 -66.42
N VAL M 499 11.72 -20.58 -65.12
CA VAL M 499 11.95 -19.24 -64.60
C VAL M 499 13.44 -18.99 -64.51
N ASP M 500 13.87 -17.80 -64.93
CA ASP M 500 15.27 -17.41 -64.95
C ASP M 500 15.52 -16.38 -63.85
N ILE M 501 16.55 -16.61 -63.05
CA ILE M 501 17.02 -15.65 -62.05
C ILE M 501 18.41 -15.20 -62.48
N ASP M 502 18.50 -13.96 -62.95
CA ASP M 502 19.74 -13.37 -63.47
C ASP M 502 19.39 -11.98 -63.98
N GLY M 503 20.44 -11.18 -64.22
CA GLY M 503 20.25 -9.93 -64.93
C GLY M 503 19.86 -10.11 -66.38
N GLU M 504 20.04 -11.31 -66.93
CA GLU M 504 19.65 -11.65 -68.28
C GLU M 504 18.23 -12.21 -68.36
N SER M 505 17.49 -12.18 -67.24
CA SER M 505 16.14 -12.73 -67.18
C SER M 505 15.12 -11.90 -67.96
N ASP M 506 15.52 -10.76 -68.54
CA ASP M 506 14.60 -9.95 -69.31
C ASP M 506 13.89 -10.75 -70.40
N GLU M 507 14.63 -11.66 -71.05
CA GLU M 507 14.00 -12.55 -72.02
C GLU M 507 13.11 -13.58 -71.32
N GLY M 508 13.47 -14.00 -70.11
CA GLY M 508 12.66 -14.93 -69.35
C GLY M 508 12.67 -16.35 -69.84
N VAL M 509 13.60 -16.70 -70.73
CA VAL M 509 13.69 -18.05 -71.28
C VAL M 509 15.12 -18.55 -71.12
N LYS M 510 15.29 -19.61 -70.34
CA LYS M 510 16.59 -20.27 -70.19
C LYS M 510 16.39 -21.77 -70.16
N ASP M 511 17.24 -22.49 -70.91
CA ASP M 511 17.15 -23.94 -70.95
C ASP M 511 17.57 -24.53 -69.61
N ILE M 512 16.73 -25.40 -69.06
CA ILE M 512 17.02 -26.01 -67.76
C ILE M 512 18.13 -27.04 -67.89
N ARG M 513 18.20 -27.72 -69.04
CA ARG M 513 19.23 -28.75 -69.22
C ARG M 513 20.63 -28.18 -69.22
N GLU M 514 20.78 -26.87 -69.39
CA GLU M 514 22.11 -26.26 -69.35
C GLU M 514 22.72 -26.36 -67.96
N GLU M 515 22.00 -25.89 -66.94
CA GLU M 515 22.47 -25.98 -65.56
C GLU M 515 22.05 -27.27 -64.88
N ASN M 516 21.15 -28.04 -65.48
CA ASN M 516 20.69 -29.32 -64.95
C ASN M 516 20.14 -29.18 -63.53
N ILE M 517 19.02 -28.44 -63.46
CA ILE M 517 18.29 -28.24 -62.21
C ILE M 517 17.06 -29.14 -62.26
N TYR M 518 17.06 -30.19 -61.45
CA TYR M 518 15.99 -31.19 -61.47
C TYR M 518 15.50 -31.46 -60.05
N ASP M 519 14.26 -31.93 -59.97
CA ASP M 519 13.64 -32.28 -58.71
C ASP M 519 13.18 -33.74 -58.74
N MET M 520 13.08 -34.33 -57.56
CA MET M 520 12.70 -35.74 -57.45
C MET M 520 11.21 -35.92 -57.70
N LEU M 521 10.86 -37.00 -58.41
CA LEU M 521 9.47 -37.31 -58.68
C LEU M 521 8.75 -37.76 -57.42
N ALA M 522 9.42 -38.56 -56.59
CA ALA M 522 8.79 -39.06 -55.36
C ALA M 522 8.61 -37.95 -54.34
N THR M 523 9.43 -36.90 -54.40
CA THR M 523 9.29 -35.80 -53.47
C THR M 523 8.03 -34.97 -53.76
N LYS M 524 7.77 -34.69 -55.04
CA LYS M 524 6.60 -33.90 -55.39
C LYS M 524 5.31 -34.67 -55.14
N LYS M 525 5.32 -35.98 -55.32
CA LYS M 525 4.12 -36.77 -55.04
C LYS M 525 3.77 -36.76 -53.57
N PHE M 526 4.80 -36.83 -52.70
CA PHE M 526 4.54 -36.81 -51.26
C PHE M 526 4.23 -35.41 -50.75
N ALA M 527 4.74 -34.37 -51.42
CA ALA M 527 4.48 -33.01 -50.98
C ALA M 527 3.05 -32.56 -51.32
N ILE M 528 2.53 -32.98 -52.46
CA ILE M 528 1.18 -32.59 -52.85
C ILE M 528 0.15 -33.28 -51.98
N ASN M 529 0.37 -34.56 -51.66
CA ASN M 529 -0.58 -35.31 -50.85
C ASN M 529 -0.70 -34.73 -49.45
N VAL M 530 0.41 -34.22 -48.90
CA VAL M 530 0.38 -33.64 -47.57
C VAL M 530 -0.20 -32.23 -47.62
N ALA M 531 0.15 -31.45 -48.65
CA ALA M 531 -0.34 -30.08 -48.75
C ALA M 531 -1.84 -30.05 -49.03
N THR M 532 -2.34 -31.00 -49.83
CA THR M 532 -3.77 -31.04 -50.12
C THR M 532 -4.56 -31.44 -48.89
N GLU M 533 -4.06 -32.43 -48.13
CA GLU M 533 -4.75 -32.86 -46.92
C GLU M 533 -4.70 -31.80 -45.84
N ALA M 534 -3.62 -31.03 -45.77
CA ALA M 534 -3.50 -29.98 -44.76
C ALA M 534 -4.50 -28.86 -45.02
N ALA M 535 -4.64 -28.45 -46.29
CA ALA M 535 -5.61 -27.40 -46.62
C ALA M 535 -7.03 -27.93 -46.55
N THR M 536 -7.22 -29.23 -46.73
CA THR M 536 -8.57 -29.81 -46.64
C THR M 536 -9.07 -29.77 -45.19
N THR M 537 -8.16 -29.95 -44.23
CA THR M 537 -8.57 -29.97 -42.83
C THR M 537 -9.11 -28.61 -42.40
N VAL M 538 -8.46 -27.53 -42.81
CA VAL M 538 -8.89 -26.19 -42.42
C VAL M 538 -10.31 -25.92 -42.94
N LEU M 539 -10.61 -26.39 -44.16
CA LEU M 539 -11.94 -26.19 -44.73
C LEU M 539 -12.96 -27.18 -44.20
N SER M 540 -12.52 -28.30 -43.61
CA SER M 540 -13.43 -29.31 -43.09
C SER M 540 -13.76 -29.11 -41.62
N ILE M 541 -13.16 -28.13 -40.96
CA ILE M 541 -13.46 -27.84 -39.56
C ILE M 541 -14.50 -26.74 -39.54
N ASP M 542 -15.72 -27.09 -39.13
CA ASP M 542 -16.81 -26.10 -39.09
C ASP M 542 -16.75 -25.25 -37.83
N GLN M 543 -16.48 -25.87 -36.68
CA GLN M 543 -16.46 -25.17 -35.40
C GLN M 543 -15.14 -25.38 -34.70
N ILE M 544 -14.63 -24.32 -34.09
CA ILE M 544 -13.37 -24.33 -33.35
C ILE M 544 -13.69 -24.18 -31.87
N ILE M 545 -13.05 -25.00 -31.03
CA ILE M 545 -13.23 -24.94 -29.58
C ILE M 545 -11.87 -24.68 -28.96
N MET M 546 -11.78 -23.59 -28.20
CA MET M 546 -10.55 -23.20 -27.52
C MET M 546 -10.63 -23.55 -26.04
N ALA M 547 -9.58 -23.19 -25.30
CA ALA M 547 -9.53 -23.39 -23.86
C ALA M 547 -8.78 -22.23 -23.22
N LYS M 548 -8.93 -22.10 -21.90
CA LYS M 548 -8.25 -21.05 -21.17
C LYS M 548 -6.76 -21.32 -21.13
N LYS M 549 -5.97 -20.29 -21.48
CA LYS M 549 -4.51 -20.40 -21.52
C LYS M 549 -4.04 -21.54 -22.40
N SER N 2 -21.35 -28.26 -12.01
CA SER N 2 -21.38 -28.93 -10.71
C SER N 2 -20.61 -28.13 -9.67
N LEU N 3 -19.62 -27.36 -10.12
CA LEU N 3 -18.83 -26.54 -9.21
C LEU N 3 -19.57 -25.27 -8.81
N ARG N 4 -20.24 -24.62 -9.76
CA ARG N 4 -20.95 -23.38 -9.52
C ARG N 4 -22.36 -23.48 -10.07
N LEU N 5 -23.32 -22.90 -9.35
CA LEU N 5 -24.70 -22.94 -9.76
C LEU N 5 -24.94 -22.05 -10.98
N PRO N 6 -26.02 -22.30 -11.72
CA PRO N 6 -26.44 -21.34 -12.77
C PRO N 6 -26.77 -19.96 -12.22
N GLN N 7 -26.90 -19.81 -10.90
CA GLN N 7 -27.15 -18.54 -10.21
C GLN N 7 -28.30 -17.76 -10.86
N ASN N 8 -29.45 -18.44 -10.96
CA ASN N 8 -30.68 -17.87 -11.47
C ASN N 8 -30.47 -17.22 -12.83
N PRO N 9 -30.39 -18.02 -13.90
CA PRO N 9 -30.19 -17.44 -15.23
C PRO N 9 -31.32 -16.50 -15.62
N ASN N 10 -31.04 -15.69 -16.64
CA ASN N 10 -31.92 -14.61 -17.14
C ASN N 10 -32.45 -13.72 -16.00
N ALA N 11 -31.63 -13.52 -14.97
CA ALA N 11 -31.96 -12.59 -13.91
C ALA N 11 -31.52 -11.15 -14.21
N GLY N 12 -30.86 -10.93 -15.34
CA GLY N 12 -30.45 -9.59 -15.74
C GLY N 12 -31.59 -8.68 -16.16
N LEU N 13 -32.83 -9.18 -16.11
CA LEU N 13 -33.98 -8.35 -16.46
C LEU N 13 -34.12 -7.15 -15.54
N PHE N 14 -33.66 -7.28 -14.28
CA PHE N 14 -33.72 -6.21 -13.31
C PHE N 14 -32.33 -5.98 -12.73
N LYS N 15 -32.17 -4.85 -12.03
CA LYS N 15 -30.91 -4.54 -11.40
C LYS N 15 -30.60 -5.56 -10.30
N GLN N 16 -29.31 -5.68 -9.97
CA GLN N 16 -28.88 -6.63 -8.96
C GLN N 16 -29.43 -6.29 -7.57
N GLY N 17 -29.78 -5.02 -7.34
CA GLY N 17 -30.35 -4.64 -6.06
C GLY N 17 -31.81 -5.00 -5.86
N TYR N 18 -32.50 -5.36 -6.94
CA TYR N 18 -33.91 -5.72 -6.83
C TYR N 18 -34.05 -7.17 -6.37
N ASN N 19 -34.92 -7.40 -5.39
CA ASN N 19 -35.18 -8.72 -4.85
C ASN N 19 -36.68 -8.99 -4.88
N SER N 20 -37.03 -10.25 -5.15
CA SER N 20 -38.41 -10.68 -5.25
C SER N 20 -38.74 -11.63 -4.10
N TYR N 21 -39.75 -11.26 -3.31
CA TYR N 21 -40.21 -12.08 -2.20
C TYR N 21 -41.70 -12.32 -2.35
N SER N 22 -42.11 -13.58 -2.31
CA SER N 22 -43.51 -13.95 -2.51
C SER N 22 -44.03 -14.71 -1.30
N ASN N 23 -45.35 -14.82 -1.21
CA ASN N 23 -45.96 -15.53 -0.09
C ASN N 23 -45.49 -16.98 0.00
N ALA N 24 -45.11 -17.57 -1.14
CA ALA N 24 -44.55 -18.91 -1.14
C ALA N 24 -43.13 -18.90 -0.56
N ASP N 25 -42.67 -20.10 -0.19
CA ASP N 25 -41.34 -20.29 0.39
C ASP N 25 -41.24 -19.61 1.75
N GLY N 26 -42.34 -19.65 2.51
CA GLY N 26 -42.34 -19.21 3.90
C GLY N 26 -42.00 -17.76 4.13
N GLN N 27 -42.01 -16.94 3.08
CA GLN N 27 -41.70 -15.52 3.26
C GLN N 27 -42.86 -14.78 3.90
N ILE N 28 -44.10 -15.20 3.63
CA ILE N 28 -45.24 -14.62 4.33
C ILE N 28 -45.20 -14.98 5.80
N ILE N 29 -44.57 -16.10 6.15
CA ILE N 29 -44.36 -16.45 7.55
C ILE N 29 -43.23 -15.61 8.13
N LYS N 30 -42.19 -15.36 7.34
CA LYS N 30 -41.12 -14.47 7.79
C LYS N 30 -41.61 -13.05 7.99
N SER N 31 -42.54 -12.59 7.15
CA SER N 31 -43.13 -11.27 7.34
C SER N 31 -43.91 -11.20 8.64
N ILE N 32 -44.65 -12.27 8.97
CA ILE N 32 -45.34 -12.33 10.25
C ILE N 32 -44.34 -12.43 11.39
N ALA N 33 -43.27 -13.22 11.20
CA ALA N 33 -42.22 -13.31 12.21
C ALA N 33 -41.47 -12.00 12.37
N ALA N 34 -41.39 -11.20 11.29
CA ALA N 34 -40.75 -9.90 11.40
C ALA N 34 -41.58 -8.92 12.22
N ILE N 35 -42.89 -9.12 12.26
CA ILE N 35 -43.75 -8.28 13.10
C ILE N 35 -43.49 -8.56 14.58
N ARG N 36 -43.29 -9.83 14.92
CA ARG N 36 -43.10 -10.21 16.32
C ARG N 36 -41.83 -9.61 16.92
N GLU N 37 -40.87 -9.19 16.09
CA GLU N 37 -39.67 -8.54 16.60
C GLU N 37 -40.01 -7.20 17.24
N LEU N 38 -40.79 -6.38 16.54
CA LEU N 38 -41.24 -5.11 17.08
C LEU N 38 -42.57 -5.21 17.83
N HIS N 39 -43.25 -6.35 17.77
CA HIS N 39 -44.49 -6.52 18.52
C HIS N 39 -44.21 -6.67 20.00
N GLN N 40 -43.26 -7.54 20.37
CA GLN N 40 -42.90 -7.72 21.76
C GLN N 40 -42.33 -6.45 22.37
N MET N 41 -41.81 -5.53 21.56
CA MET N 41 -41.32 -4.27 22.07
C MET N 41 -42.45 -3.43 22.65
N CYS N 42 -43.61 -3.44 22.00
CA CYS N 42 -44.76 -2.67 22.45
C CYS N 42 -45.65 -3.43 23.42
N LEU N 43 -45.44 -4.74 23.60
CA LEU N 43 -46.25 -5.49 24.55
C LEU N 43 -45.90 -5.11 25.99
N THR N 44 -44.61 -4.98 26.30
CA THR N 44 -44.20 -4.58 27.64
C THR N 44 -44.52 -3.13 27.94
N SER N 45 -44.91 -2.34 26.95
CA SER N 45 -45.24 -0.94 27.13
C SER N 45 -46.74 -0.69 27.29
N MET N 46 -47.55 -1.75 27.28
CA MET N 46 -49.00 -1.60 27.32
C MET N 46 -49.51 -1.59 28.76
N GLY N 47 -50.48 -0.72 29.02
CA GLY N 47 -51.11 -0.65 30.32
C GLY N 47 -50.45 0.34 31.25
N PRO N 48 -51.02 0.52 32.44
CA PRO N 48 -50.40 1.42 33.42
C PRO N 48 -49.08 0.89 33.95
N CYS N 49 -48.87 -0.42 33.93
CA CYS N 49 -47.59 -1.02 34.31
C CYS N 49 -46.64 -1.15 33.13
N GLY N 50 -47.01 -0.62 31.97
CA GLY N 50 -46.16 -0.73 30.80
C GLY N 50 -44.81 -0.07 31.01
N ARG N 51 -43.81 -0.57 30.29
CA ARG N 51 -42.44 -0.12 30.45
C ARG N 51 -42.04 0.80 29.30
N ASN N 52 -41.51 1.97 29.63
CA ASN N 52 -41.05 2.91 28.63
C ASN N 52 -39.78 2.39 27.96
N LYS N 53 -39.49 2.93 26.78
CA LYS N 53 -38.35 2.49 25.99
C LYS N 53 -37.47 3.68 25.63
N ILE N 54 -36.18 3.42 25.47
CA ILE N 54 -35.20 4.43 25.10
C ILE N 54 -34.80 4.19 23.65
N ILE N 55 -34.87 5.25 22.83
CA ILE N 55 -34.49 5.18 21.43
C ILE N 55 -33.57 6.36 21.13
N VAL N 56 -32.36 6.08 20.69
CA VAL N 56 -31.37 7.09 20.36
C VAL N 56 -31.32 7.24 18.84
N ASN N 57 -31.55 8.45 18.35
CA ASN N 57 -31.53 8.72 16.93
C ASN N 57 -30.10 9.01 16.47
N HIS N 58 -29.95 9.42 15.21
CA HIS N 58 -28.62 9.73 14.69
C HIS N 58 -28.07 11.05 15.20
N LEU N 59 -28.95 11.96 15.66
CA LEU N 59 -28.51 13.25 16.17
C LEU N 59 -28.20 13.24 17.66
N GLY N 60 -28.51 12.14 18.36
CA GLY N 60 -28.26 12.03 19.78
C GLY N 60 -29.42 12.35 20.67
N LYS N 61 -30.56 12.76 20.11
CA LYS N 61 -31.73 13.07 20.93
C LYS N 61 -32.36 11.79 21.45
N ILE N 62 -32.69 11.78 22.74
CA ILE N 62 -33.26 10.62 23.40
C ILE N 62 -34.69 10.95 23.80
N ILE N 63 -35.64 10.12 23.36
CA ILE N 63 -37.05 10.28 23.68
C ILE N 63 -37.47 9.00 24.41
N ILE N 64 -37.83 9.13 25.68
CA ILE N 64 -38.24 7.99 26.50
C ILE N 64 -39.76 8.00 26.58
N THR N 65 -40.40 7.04 25.92
CA THR N 65 -41.85 6.94 25.93
C THR N 65 -42.26 5.50 25.68
N ASN N 66 -43.43 5.13 26.20
CA ASN N 66 -44.04 3.83 25.94
C ASN N 66 -45.06 3.88 24.81
N ASP N 67 -45.28 5.05 24.21
CA ASP N 67 -46.26 5.18 23.14
C ASP N 67 -45.74 4.53 21.86
N ALA N 68 -46.53 3.61 21.30
CA ALA N 68 -46.10 2.90 20.10
C ALA N 68 -45.99 3.83 18.90
N ALA N 69 -46.83 4.87 18.83
CA ALA N 69 -46.78 5.78 17.70
C ALA N 69 -45.53 6.65 17.73
N THR N 70 -45.09 7.04 18.92
CA THR N 70 -43.91 7.90 19.03
C THR N 70 -42.62 7.12 18.87
N MET N 71 -42.57 5.89 19.38
CA MET N 71 -41.35 5.10 19.30
C MET N 71 -41.00 4.74 17.86
N LEU N 72 -42.02 4.42 17.06
CA LEU N 72 -41.78 4.01 15.68
C LEU N 72 -41.36 5.16 14.77
N ARG N 73 -41.40 6.40 15.26
CA ARG N 73 -41.00 7.53 14.41
C ARG N 73 -39.49 7.57 14.24
N GLU N 74 -38.74 7.47 15.33
CA GLU N 74 -37.28 7.57 15.26
C GLU N 74 -36.62 6.28 14.77
N LEU N 75 -37.31 5.15 14.85
CA LEU N 75 -36.73 3.88 14.41
C LEU N 75 -36.72 3.79 12.89
N ASP N 76 -35.63 3.24 12.36
CA ASP N 76 -35.50 3.04 10.92
C ASP N 76 -36.03 1.65 10.57
N ILE N 77 -37.09 1.60 9.77
CA ILE N 77 -37.77 0.36 9.42
C ILE N 77 -37.25 -0.12 8.07
N VAL N 78 -37.03 -1.43 7.96
CA VAL N 78 -36.53 -2.06 6.74
C VAL N 78 -37.63 -2.84 6.04
N HIS N 79 -38.17 -3.86 6.70
CA HIS N 79 -39.17 -4.72 6.09
C HIS N 79 -40.37 -3.90 5.62
N PRO N 80 -40.82 -4.07 4.37
CA PRO N 80 -41.90 -3.21 3.87
C PRO N 80 -43.22 -3.35 4.62
N ALA N 81 -43.62 -4.58 4.93
CA ALA N 81 -44.91 -4.78 5.60
C ALA N 81 -44.92 -4.24 7.01
N VAL N 82 -43.75 -4.03 7.62
CA VAL N 82 -43.70 -3.42 8.95
C VAL N 82 -44.07 -1.95 8.87
N LYS N 83 -43.67 -1.28 7.77
CA LYS N 83 -44.04 0.12 7.57
C LYS N 83 -45.56 0.28 7.48
N VAL N 84 -46.26 -0.75 7.01
CA VAL N 84 -47.71 -0.74 7.04
C VAL N 84 -48.21 -0.66 8.48
N LEU N 85 -47.55 -1.40 9.39
CA LEU N 85 -47.92 -1.35 10.80
C LEU N 85 -47.41 -0.08 11.47
N VAL N 86 -46.29 0.47 11.01
CA VAL N 86 -45.77 1.70 11.59
C VAL N 86 -46.68 2.88 11.25
N MET N 87 -47.02 3.03 9.96
CA MET N 87 -47.86 4.14 9.55
C MET N 87 -49.30 3.99 10.01
N ALA N 88 -49.71 2.78 10.43
CA ALA N 88 -51.05 2.59 10.95
C ALA N 88 -51.19 3.16 12.35
N THR N 89 -50.13 3.08 13.15
CA THR N 89 -50.17 3.63 14.50
C THR N 89 -50.07 5.15 14.52
N GLU N 90 -49.42 5.74 13.50
CA GLU N 90 -49.31 7.19 13.45
C GLU N 90 -50.63 7.85 13.13
N GLN N 91 -51.47 7.20 12.31
CA GLN N 91 -52.77 7.77 11.98
C GLN N 91 -53.69 7.79 13.19
N GLN N 92 -53.62 6.75 14.03
CA GLN N 92 -54.46 6.71 15.23
C GLN N 92 -54.09 7.81 16.21
N LYS N 93 -52.81 8.19 16.27
CA LYS N 93 -52.39 9.25 17.17
C LYS N 93 -52.86 10.61 16.67
N ILE N 94 -52.86 10.82 15.36
CA ILE N 94 -53.28 12.11 14.81
C ILE N 94 -54.79 12.27 14.92
N ASP N 95 -55.54 11.31 14.40
CA ASP N 95 -57.00 11.40 14.36
C ASP N 95 -57.63 11.54 15.74
N MET N 96 -57.64 10.45 16.51
CA MET N 96 -58.31 10.45 17.80
C MET N 96 -57.40 10.77 18.97
N GLY N 97 -56.08 10.80 18.76
CA GLY N 97 -55.16 11.04 19.85
C GLY N 97 -55.24 10.05 20.99
N ASP N 98 -55.80 8.87 20.75
CA ASP N 98 -55.97 7.87 21.80
C ASP N 98 -55.98 6.49 21.17
N GLY N 99 -55.61 5.49 21.96
CA GLY N 99 -55.60 4.12 21.49
C GLY N 99 -54.48 3.80 20.52
N THR N 100 -53.29 4.35 20.75
CA THR N 100 -52.17 4.10 19.84
C THR N 100 -51.56 2.72 20.08
N ASN N 101 -51.41 2.33 21.35
CA ASN N 101 -50.85 1.03 21.66
C ASN N 101 -51.79 -0.12 21.29
N LEU N 102 -53.09 0.14 21.21
CA LEU N 102 -54.03 -0.91 20.85
C LEU N 102 -53.92 -1.26 19.37
N VAL N 103 -53.74 -0.26 18.51
CA VAL N 103 -53.60 -0.53 17.08
C VAL N 103 -52.32 -1.31 16.80
N MET N 104 -51.26 -1.01 17.54
CA MET N 104 -49.99 -1.72 17.35
C MET N 104 -50.11 -3.17 17.77
N ILE N 105 -50.79 -3.44 18.88
CA ILE N 105 -50.88 -4.80 19.40
C ILE N 105 -51.92 -5.61 18.63
N LEU N 106 -53.08 -5.01 18.35
CA LEU N 106 -54.15 -5.75 17.69
C LEU N 106 -53.78 -6.14 16.27
N ALA N 107 -53.18 -5.22 15.52
CA ALA N 107 -52.78 -5.53 14.15
C ALA N 107 -51.66 -6.57 14.11
N GLY N 108 -50.85 -6.63 15.17
CA GLY N 108 -49.80 -7.64 15.22
C GLY N 108 -50.30 -9.02 15.58
N GLU N 109 -51.36 -9.09 16.38
CA GLU N 109 -51.92 -10.39 16.76
C GLU N 109 -52.76 -11.00 15.65
N LEU N 110 -53.35 -10.18 14.79
CA LEU N 110 -54.12 -10.71 13.67
C LEU N 110 -53.22 -11.47 12.69
N LEU N 111 -51.96 -11.06 12.56
CA LEU N 111 -51.03 -11.78 11.72
C LEU N 111 -50.51 -13.04 12.41
N ASN N 112 -50.39 -13.04 13.73
CA ASN N 112 -49.93 -14.22 14.45
C ASN N 112 -50.93 -15.35 14.35
N VAL N 113 -52.23 -15.05 14.52
CA VAL N 113 -53.25 -16.07 14.37
C VAL N 113 -53.47 -16.44 12.91
N SER N 114 -53.03 -15.59 11.98
CA SER N 114 -53.13 -15.91 10.56
C SER N 114 -52.09 -16.92 10.12
N GLU N 115 -51.01 -17.09 10.89
CA GLU N 115 -50.02 -18.11 10.55
C GLU N 115 -50.62 -19.50 10.61
N LYS N 116 -51.48 -19.76 11.60
CA LYS N 116 -52.17 -21.04 11.66
C LYS N 116 -53.24 -21.14 10.58
N LEU N 117 -53.84 -20.01 10.20
CA LEU N 117 -54.86 -20.02 9.16
C LEU N 117 -54.27 -20.33 7.80
N ILE N 118 -53.09 -19.79 7.50
CA ILE N 118 -52.44 -20.05 6.22
C ILE N 118 -51.94 -21.49 6.16
N SER N 119 -51.45 -22.01 7.29
CA SER N 119 -50.94 -23.38 7.31
C SER N 119 -52.03 -24.41 7.03
N MET N 120 -53.28 -24.10 7.41
CA MET N 120 -54.38 -25.01 7.16
C MET N 120 -54.86 -24.99 5.71
N GLY N 121 -54.34 -24.06 4.89
CA GLY N 121 -54.70 -23.99 3.49
C GLY N 121 -55.65 -22.87 3.11
N LEU N 122 -56.03 -22.01 4.05
CA LEU N 122 -56.93 -20.92 3.74
C LEU N 122 -56.25 -19.93 2.79
N SER N 123 -56.93 -19.63 1.68
CA SER N 123 -56.41 -18.68 0.71
C SER N 123 -56.45 -17.27 1.27
N ALA N 124 -55.62 -16.39 0.68
CA ALA N 124 -55.58 -15.01 1.14
C ALA N 124 -56.91 -14.30 0.91
N VAL N 125 -57.70 -14.74 -0.06
CA VAL N 125 -58.98 -14.11 -0.33
C VAL N 125 -59.98 -14.47 0.77
N GLU N 126 -60.00 -15.74 1.19
CA GLU N 126 -60.95 -16.17 2.22
C GLU N 126 -60.58 -15.61 3.59
N ILE N 127 -59.30 -15.33 3.83
CA ILE N 127 -58.90 -14.78 5.11
C ILE N 127 -59.33 -13.33 5.24
N ILE N 128 -59.23 -12.57 4.14
CA ILE N 128 -59.66 -11.17 4.17
C ILE N 128 -61.17 -11.08 4.39
N GLN N 129 -61.94 -11.94 3.73
CA GLN N 129 -63.38 -11.93 3.91
C GLN N 129 -63.78 -12.36 5.32
N GLY N 130 -62.92 -13.13 5.99
CA GLY N 130 -63.22 -13.53 7.36
C GLY N 130 -63.09 -12.39 8.34
N TYR N 131 -62.10 -11.51 8.15
CA TYR N 131 -61.91 -10.38 9.05
C TYR N 131 -62.90 -9.25 8.75
N ASN N 132 -63.27 -9.07 7.49
CA ASN N 132 -64.19 -7.99 7.14
C ASN N 132 -65.59 -8.27 7.65
N MET N 133 -66.04 -9.53 7.55
CA MET N 133 -67.36 -9.88 8.07
C MET N 133 -67.38 -9.88 9.59
N ALA N 134 -66.26 -10.22 10.23
CA ALA N 134 -66.20 -10.23 11.69
C ALA N 134 -66.03 -8.82 12.26
N ARG N 135 -65.43 -7.91 11.49
CA ARG N 135 -65.25 -6.55 11.99
C ARG N 135 -66.56 -5.77 11.96
N LYS N 136 -67.40 -6.01 10.94
CA LYS N 136 -68.69 -5.35 10.88
C LYS N 136 -69.57 -5.76 12.04
N PHE N 137 -69.51 -7.04 12.43
CA PHE N 137 -70.25 -7.49 13.61
C PHE N 137 -69.61 -6.96 14.89
N THR N 138 -68.30 -6.68 14.86
CA THR N 138 -67.63 -6.16 16.04
C THR N 138 -68.05 -4.72 16.32
N LEU N 139 -68.14 -3.89 15.28
CA LEU N 139 -68.52 -2.49 15.47
C LEU N 139 -69.97 -2.36 15.92
N LYS N 140 -70.83 -3.31 15.53
CA LYS N 140 -72.23 -3.25 15.93
C LYS N 140 -72.41 -3.62 17.40
N GLU N 141 -71.56 -4.51 17.92
CA GLU N 141 -71.66 -4.90 19.32
C GLU N 141 -71.07 -3.87 20.27
N LEU N 142 -70.21 -2.98 19.78
CA LEU N 142 -69.65 -1.95 20.64
C LEU N 142 -70.70 -0.93 21.04
N ASP N 143 -71.66 -0.64 20.15
CA ASP N 143 -72.72 0.29 20.47
C ASP N 143 -73.77 -0.31 21.41
N GLU N 144 -73.87 -1.64 21.44
CA GLU N 144 -74.83 -2.28 22.34
C GLU N 144 -74.31 -2.38 23.77
N MET N 145 -72.99 -2.46 23.94
CA MET N 145 -72.38 -2.65 25.26
C MET N 145 -72.00 -1.35 25.94
N VAL N 146 -72.30 -0.20 25.33
CA VAL N 146 -71.93 1.08 25.94
C VAL N 146 -72.81 1.34 27.16
N VAL N 147 -72.20 1.93 28.20
CA VAL N 147 -72.90 2.25 29.43
C VAL N 147 -72.52 3.67 29.85
N GLY N 148 -73.49 4.39 30.41
CA GLY N 148 -73.25 5.73 30.92
C GLY N 148 -73.03 6.78 29.84
N GLU N 149 -72.97 8.04 30.25
CA GLU N 149 -72.72 9.13 29.32
C GLU N 149 -72.15 10.32 30.10
N ILE N 150 -71.49 11.21 29.37
CA ILE N 150 -70.87 12.37 30.00
C ILE N 150 -71.90 13.46 30.30
N THR N 151 -72.99 13.52 29.51
CA THR N 151 -74.04 14.52 29.68
C THR N 151 -73.42 15.92 29.61
N ASP N 152 -73.46 16.67 30.72
CA ASP N 152 -72.97 18.04 30.72
C ASP N 152 -71.51 18.12 30.30
N LYS N 153 -71.14 19.23 29.67
CA LYS N 153 -69.80 19.38 29.11
C LYS N 153 -68.74 19.38 30.20
N ASN N 154 -68.86 20.27 31.18
CA ASN N 154 -67.87 20.42 32.24
C ASN N 154 -68.45 20.02 33.59
N ASP N 155 -67.68 19.22 34.33
CA ASP N 155 -68.00 18.89 35.71
C ASP N 155 -66.70 18.53 36.42
N LYS N 156 -66.66 18.81 37.73
CA LYS N 156 -65.46 18.48 38.51
C LYS N 156 -65.27 16.97 38.60
N ASN N 157 -66.34 16.24 38.87
CA ASN N 157 -66.24 14.78 39.01
C ASN N 157 -66.20 14.07 37.67
N GLU N 158 -66.99 14.53 36.70
CA GLU N 158 -67.11 13.81 35.43
C GLU N 158 -65.82 13.84 34.63
N LEU N 159 -65.04 14.91 34.73
CA LEU N 159 -63.77 14.97 34.01
C LEU N 159 -62.72 14.04 34.60
N LEU N 160 -62.97 13.45 35.76
CA LEU N 160 -62.07 12.45 36.34
C LEU N 160 -62.33 11.05 35.81
N LYS N 161 -63.45 10.83 35.11
CA LYS N 161 -63.75 9.55 34.49
C LYS N 161 -63.32 9.48 33.03
N MET N 162 -62.71 10.54 32.50
CA MET N 162 -62.33 10.59 31.10
C MET N 162 -60.83 10.79 30.92
N ILE N 163 -60.29 11.93 31.37
CA ILE N 163 -58.86 12.20 31.17
C ILE N 163 -58.02 11.32 32.09
N LYS N 164 -58.48 11.10 33.32
CA LYS N 164 -57.70 10.33 34.28
C LYS N 164 -57.43 8.90 33.83
N PRO N 165 -58.40 8.12 33.35
CA PRO N 165 -58.06 6.76 32.88
C PRO N 165 -57.19 6.76 31.62
N VAL N 166 -57.18 7.84 30.85
CA VAL N 166 -56.32 7.89 29.67
C VAL N 166 -54.88 8.17 30.07
N ILE N 167 -54.67 9.09 31.02
CA ILE N 167 -53.31 9.42 31.46
C ILE N 167 -52.78 8.45 32.49
N SER N 168 -53.57 7.44 32.90
CA SER N 168 -53.08 6.46 33.85
C SER N 168 -52.04 5.54 33.22
N SER N 169 -52.16 5.27 31.92
CA SER N 169 -51.19 4.42 31.25
C SER N 169 -49.90 5.15 30.92
N LYS N 170 -49.98 6.44 30.62
CA LYS N 170 -48.81 7.25 30.29
C LYS N 170 -48.32 7.94 31.56
N LYS N 171 -47.15 7.52 32.05
CA LYS N 171 -46.57 8.06 33.28
C LYS N 171 -47.58 8.03 34.43
N TYR N 172 -47.84 6.81 34.89
CA TYR N 172 -48.82 6.55 35.95
C TYR N 172 -48.56 7.44 37.16
N GLY N 173 -47.49 7.16 37.90
CA GLY N 173 -47.13 7.98 39.04
C GLY N 173 -48.29 8.15 40.01
N SER N 174 -48.55 9.39 40.38
CA SER N 174 -49.70 9.73 41.22
C SER N 174 -50.92 10.00 40.35
N GLU N 175 -52.08 9.57 40.84
CA GLU N 175 -53.30 9.67 40.05
C GLU N 175 -53.88 11.09 40.10
N ASP N 176 -54.30 11.54 41.27
CA ASP N 176 -55.01 12.81 41.39
C ASP N 176 -54.15 14.01 41.07
N ILE N 177 -52.82 13.88 41.10
CA ILE N 177 -51.95 15.01 40.83
C ILE N 177 -51.97 15.36 39.34
N LEU N 178 -51.83 14.34 38.48
CA LEU N 178 -51.81 14.59 37.04
C LEU N 178 -53.20 14.85 36.48
N SER N 179 -54.24 14.32 37.12
CA SER N 179 -55.59 14.50 36.60
C SER N 179 -56.11 15.92 36.86
N GLU N 180 -55.72 16.51 37.99
CA GLU N 180 -56.21 17.85 38.31
C GLU N 180 -55.57 18.92 37.44
N LEU N 181 -54.31 18.72 37.03
CA LEU N 181 -53.63 19.72 36.22
C LEU N 181 -54.24 19.80 34.82
N VAL N 182 -54.58 18.66 34.23
CA VAL N 182 -55.15 18.66 32.89
C VAL N 182 -56.62 19.07 32.91
N SER N 183 -57.38 18.56 33.90
CA SER N 183 -58.80 18.87 33.97
C SER N 183 -59.07 20.34 34.25
N GLU N 184 -58.12 21.05 34.86
CA GLU N 184 -58.33 22.47 35.12
C GLU N 184 -58.20 23.29 33.85
N ALA N 185 -57.20 22.99 33.01
CA ALA N 185 -57.00 23.74 31.78
C ALA N 185 -58.10 23.50 30.76
N VAL N 186 -58.85 22.40 30.87
CA VAL N 186 -59.91 22.12 29.93
C VAL N 186 -61.12 23.02 30.20
N SER N 187 -61.44 23.26 31.47
CA SER N 187 -62.58 24.07 31.81
C SER N 187 -62.43 25.53 31.38
N HIS N 188 -61.20 26.00 31.19
CA HIS N 188 -61.00 27.39 30.80
C HIS N 188 -61.28 27.62 29.32
N VAL N 189 -60.94 26.64 28.47
CA VAL N 189 -61.11 26.80 27.03
C VAL N 189 -62.52 26.46 26.56
N LEU N 190 -63.40 26.02 27.45
CA LEU N 190 -64.76 25.70 27.06
C LEU N 190 -65.61 26.97 27.00
N PRO N 191 -66.33 27.21 25.91
CA PRO N 191 -67.16 28.43 25.85
C PRO N 191 -68.34 28.42 26.79
N VAL N 192 -68.72 27.26 27.32
CA VAL N 192 -69.90 27.13 28.20
C VAL N 192 -71.10 27.66 27.44
N ALA N 193 -71.70 28.76 27.92
CA ALA N 193 -72.87 29.37 27.30
C ALA N 193 -74.01 28.36 27.14
N GLN N 194 -74.39 27.73 28.25
CA GLN N 194 -75.44 26.74 28.23
C GLN N 194 -76.79 27.39 27.94
N GLN N 195 -77.73 26.57 27.47
CA GLN N 195 -79.10 26.97 27.15
C GLN N 195 -79.17 27.91 25.95
N ALA N 196 -78.01 28.32 25.42
CA ALA N 196 -77.98 29.19 24.26
C ALA N 196 -78.17 28.43 22.95
N GLY N 197 -77.95 27.12 22.96
CA GLY N 197 -78.11 26.33 21.75
C GLY N 197 -76.99 26.43 20.75
N GLU N 198 -75.88 27.08 21.11
CA GLU N 198 -74.76 27.21 20.19
C GLU N 198 -74.02 25.89 20.04
N ILE N 199 -73.30 25.77 18.93
CA ILE N 199 -72.52 24.57 18.63
C ILE N 199 -71.21 24.62 19.41
N PRO N 200 -70.93 23.64 20.27
CA PRO N 200 -69.68 23.65 21.02
C PRO N 200 -68.47 23.56 20.11
N TYR N 201 -67.35 24.07 20.60
CA TYR N 201 -66.11 24.09 19.84
C TYR N 201 -64.93 23.84 20.79
N PHE N 202 -63.92 23.14 20.29
CA PHE N 202 -62.73 22.84 21.07
C PHE N 202 -61.53 22.74 20.15
N ASN N 203 -60.36 23.12 20.67
CA ASN N 203 -59.12 23.07 19.93
C ASN N 203 -58.12 22.23 20.71
N VAL N 204 -57.50 21.26 20.02
CA VAL N 204 -56.51 20.41 20.67
C VAL N 204 -55.18 21.11 20.87
N ASP N 205 -54.91 22.17 20.11
CA ASP N 205 -53.68 22.94 20.25
C ASP N 205 -53.82 24.12 21.19
N SER N 206 -55.00 24.30 21.82
CA SER N 206 -55.19 25.41 22.74
C SER N 206 -54.34 25.27 23.99
N ILE N 207 -54.39 24.09 24.61
CA ILE N 207 -53.61 23.84 25.82
C ILE N 207 -52.16 23.59 25.44
N ARG N 208 -51.25 24.38 25.99
CA ARG N 208 -49.82 24.26 25.73
C ARG N 208 -49.10 23.85 27.00
N VAL N 209 -48.14 22.94 26.86
CA VAL N 209 -47.37 22.44 27.99
C VAL N 209 -45.97 23.04 27.92
N VAL N 210 -45.58 23.75 28.97
CA VAL N 210 -44.27 24.38 29.05
C VAL N 210 -43.38 23.51 29.92
N LYS N 211 -42.26 23.06 29.37
CA LYS N 211 -41.33 22.18 30.09
C LYS N 211 -40.30 23.04 30.82
N ILE N 212 -40.29 22.93 32.15
CA ILE N 212 -39.36 23.68 32.99
C ILE N 212 -38.69 22.68 33.93
N MET N 213 -37.37 22.57 33.84
CA MET N 213 -36.63 21.65 34.69
C MET N 213 -36.57 22.17 36.12
N GLY N 214 -36.35 21.26 37.05
CA GLY N 214 -36.26 21.60 38.46
C GLY N 214 -37.58 21.46 39.19
N GLY N 215 -37.50 21.50 40.52
CA GLY N 215 -38.69 21.40 41.34
C GLY N 215 -39.21 19.97 41.41
N SER N 216 -40.52 19.86 41.60
CA SER N 216 -41.18 18.57 41.70
C SER N 216 -42.53 18.64 41.01
N LEU N 217 -43.12 17.47 40.77
CA LEU N 217 -44.43 17.41 40.11
C LEU N 217 -45.52 18.02 40.97
N SER N 218 -45.40 17.93 42.30
CA SER N 218 -46.40 18.49 43.19
C SER N 218 -46.42 20.01 43.16
N ASN N 219 -45.34 20.65 42.72
CA ASN N 219 -45.26 22.10 42.65
C ASN N 219 -45.82 22.67 41.36
N SER N 220 -46.32 21.82 40.46
CA SER N 220 -46.90 22.30 39.21
C SER N 220 -48.26 22.95 39.46
N THR N 221 -48.64 23.83 38.54
CA THR N 221 -49.91 24.54 38.65
C THR N 221 -50.46 24.79 37.25
N VAL N 222 -51.62 25.43 37.19
CA VAL N 222 -52.30 25.74 35.94
C VAL N 222 -52.33 27.26 35.78
N ILE N 223 -51.88 27.74 34.62
CA ILE N 223 -51.82 29.17 34.33
C ILE N 223 -52.82 29.47 33.23
N LYS N 224 -53.72 30.42 33.48
CA LYS N 224 -54.74 30.77 32.51
C LYS N 224 -54.12 31.44 31.28
N GLY N 225 -52.96 32.09 31.44
CA GLY N 225 -52.29 32.73 30.34
C GLY N 225 -51.11 31.92 29.83
N MET N 226 -50.52 32.39 28.73
CA MET N 226 -49.38 31.73 28.14
C MET N 226 -48.09 32.17 28.83
N VAL N 227 -47.14 31.24 28.91
CA VAL N 227 -45.88 31.46 29.61
C VAL N 227 -44.75 31.30 28.60
N PHE N 228 -43.91 32.33 28.48
CA PHE N 228 -42.73 32.30 27.63
C PHE N 228 -41.52 32.71 28.45
N ASN N 229 -40.33 32.38 27.93
CA ASN N 229 -39.07 32.81 28.50
C ASN N 229 -38.64 34.07 27.76
N ARG N 230 -38.70 35.21 28.44
CA ARG N 230 -38.40 36.50 27.82
C ARG N 230 -37.76 37.40 28.86
N GLU N 231 -36.94 38.33 28.37
CA GLU N 231 -36.30 39.34 29.21
C GLU N 231 -36.82 40.72 28.82
N PRO N 232 -37.53 41.43 29.70
CA PRO N 232 -37.96 42.78 29.36
C PRO N 232 -36.77 43.69 29.07
N GLU N 233 -36.92 44.53 28.05
CA GLU N 233 -35.80 45.36 27.59
C GLU N 233 -35.58 46.56 28.52
N GLY N 234 -36.50 47.51 28.50
CA GLY N 234 -36.33 48.73 29.25
C GLY N 234 -36.38 48.56 30.76
N HIS N 235 -37.49 48.02 31.27
CA HIS N 235 -37.68 47.86 32.70
C HIS N 235 -38.64 46.71 32.96
N VAL N 236 -38.63 46.22 34.19
CA VAL N 236 -39.59 45.22 34.66
C VAL N 236 -40.59 45.92 35.57
N LYS N 237 -41.85 45.49 35.49
CA LYS N 237 -42.93 46.11 36.25
C LYS N 237 -43.84 45.03 36.82
N SER N 238 -44.10 45.11 38.13
CA SER N 238 -45.05 44.21 38.76
C SER N 238 -46.50 44.63 38.50
N LEU N 239 -46.72 45.88 38.10
CA LEU N 239 -48.05 46.39 37.74
C LEU N 239 -49.03 46.23 38.90
N SER N 240 -48.64 46.73 40.06
CA SER N 240 -49.49 46.69 41.25
C SER N 240 -50.57 47.76 41.25
N GLU N 241 -50.54 48.70 40.29
CA GLU N 241 -51.55 49.75 40.19
C GLU N 241 -52.89 49.25 39.70
N ASP N 242 -52.98 47.95 39.35
CA ASP N 242 -54.17 47.22 38.94
C ASP N 242 -55.05 48.01 37.96
N LYS N 243 -56.37 48.00 38.19
CA LYS N 243 -57.34 48.51 37.21
C LYS N 243 -57.16 47.82 35.86
N LYS N 244 -56.68 46.58 35.91
CA LYS N 244 -56.31 45.78 34.75
C LYS N 244 -55.36 46.55 33.82
N HIS N 245 -55.51 46.34 32.52
CA HIS N 245 -54.66 46.97 31.52
C HIS N 245 -55.37 46.94 30.17
N LYS N 246 -54.87 47.77 29.26
CA LYS N 246 -55.25 47.72 27.85
C LYS N 246 -54.01 47.34 27.05
N VAL N 247 -54.08 46.22 26.33
CA VAL N 247 -52.95 45.67 25.61
C VAL N 247 -53.26 45.66 24.12
N ALA N 248 -52.24 45.91 23.31
CA ALA N 248 -52.34 45.87 21.86
C ALA N 248 -51.27 44.96 21.29
N VAL N 249 -51.58 44.30 20.18
CA VAL N 249 -50.68 43.36 19.53
C VAL N 249 -50.44 43.82 18.10
N PHE N 250 -49.16 43.90 17.72
CA PHE N 250 -48.77 44.29 16.37
C PHE N 250 -47.92 43.18 15.77
N THR N 251 -48.41 42.57 14.69
CA THR N 251 -47.65 41.52 14.02
C THR N 251 -46.44 42.08 13.27
N CYS N 252 -46.47 43.37 12.91
CA CYS N 252 -45.37 44.07 12.26
C CYS N 252 -44.43 44.67 13.29
N PRO N 253 -43.14 44.79 12.97
CA PRO N 253 -42.19 45.39 13.91
C PRO N 253 -42.45 46.88 14.08
N LEU N 254 -41.89 47.43 15.16
CA LEU N 254 -42.01 48.84 15.49
C LEU N 254 -40.73 49.55 15.06
N ASP N 255 -40.84 50.38 14.03
CA ASP N 255 -39.71 51.07 13.44
C ASP N 255 -40.26 51.97 12.34
N ILE N 256 -39.42 52.91 11.89
CA ILE N 256 -39.81 53.78 10.78
C ILE N 256 -40.04 52.94 9.54
N ALA N 257 -41.16 53.20 8.87
CA ALA N 257 -41.48 52.47 7.65
C ALA N 257 -40.42 52.68 6.60
N ASN N 258 -39.86 51.58 6.09
CA ASN N 258 -38.78 51.62 5.12
C ASN N 258 -39.29 51.17 3.75
N THR N 259 -38.82 51.85 2.70
CA THR N 259 -39.18 51.45 1.35
C THR N 259 -38.57 50.10 1.02
N GLU N 260 -39.39 49.20 0.45
CA GLU N 260 -38.93 47.86 0.15
C GLU N 260 -37.87 47.83 -0.95
N THR N 261 -37.64 48.93 -1.65
CA THR N 261 -36.67 48.99 -2.73
C THR N 261 -35.76 50.19 -2.53
N LYS N 262 -34.47 49.91 -2.33
CA LYS N 262 -33.41 50.93 -2.33
C LYS N 262 -33.72 52.06 -1.34
N GLY N 263 -33.91 51.67 -0.08
CA GLY N 263 -34.02 52.65 0.98
C GLY N 263 -32.71 53.39 1.14
N THR N 264 -32.73 54.72 1.00
CA THR N 264 -31.50 55.50 0.99
C THR N 264 -31.80 56.89 1.53
N VAL N 265 -30.85 57.45 2.28
CA VAL N 265 -30.97 58.81 2.81
C VAL N 265 -30.50 59.78 1.74
N LEU N 266 -31.36 60.70 1.34
CA LEU N 266 -31.05 61.72 0.35
C LEU N 266 -31.00 63.09 1.04
N LEU N 267 -29.82 63.71 1.00
CA LEU N 267 -29.62 65.05 1.54
C LEU N 267 -28.95 65.91 0.47
N HIS N 268 -29.68 66.91 -0.02
CA HIS N 268 -29.14 67.78 -1.06
C HIS N 268 -28.22 68.84 -0.49
N ASN N 269 -28.61 69.46 0.63
CA ASN N 269 -27.86 70.55 1.23
C ASN N 269 -27.77 70.34 2.72
N ALA N 270 -26.91 71.13 3.37
CA ALA N 270 -26.73 71.02 4.81
C ALA N 270 -27.97 71.40 5.59
N GLN N 271 -28.91 72.12 4.97
CA GLN N 271 -30.14 72.49 5.66
C GLN N 271 -30.99 71.27 5.96
N GLU N 272 -31.05 70.32 5.03
CA GLU N 272 -31.81 69.09 5.24
C GLU N 272 -31.07 68.10 6.14
N MET N 273 -29.75 68.24 6.26
CA MET N 273 -28.98 67.33 7.11
C MET N 273 -29.15 67.66 8.59
N LEU N 274 -29.27 68.95 8.92
CA LEU N 274 -29.43 69.34 10.32
C LEU N 274 -30.76 68.89 10.89
N ASP N 275 -31.80 68.84 10.08
CA ASP N 275 -33.13 68.42 10.53
C ASP N 275 -33.38 66.93 10.32
N PHE N 276 -32.40 66.19 9.80
CA PHE N 276 -32.59 64.76 9.59
C PHE N 276 -32.48 63.96 10.88
N SER N 277 -31.61 64.38 11.80
CA SER N 277 -31.46 63.66 13.06
C SER N 277 -32.69 63.85 13.95
N LYS N 278 -33.19 65.08 14.05
CA LYS N 278 -34.39 65.36 14.84
C LYS N 278 -35.68 64.99 14.12
N GLY N 279 -35.62 64.70 12.82
CA GLY N 279 -36.83 64.35 12.11
C GLY N 279 -37.32 62.95 12.44
N GLU N 280 -36.40 61.99 12.52
CA GLU N 280 -36.79 60.62 12.84
C GLU N 280 -37.27 60.49 14.28
N GLU N 281 -36.80 61.37 15.17
CA GLU N 281 -37.24 61.31 16.57
C GLU N 281 -38.68 61.77 16.71
N LYS N 282 -39.11 62.72 15.87
CA LYS N 282 -40.49 63.20 15.93
C LYS N 282 -41.47 62.23 15.27
N GLN N 283 -41.00 61.34 14.40
CA GLN N 283 -41.90 60.39 13.75
C GLN N 283 -42.37 59.33 14.75
N ILE N 284 -41.43 58.71 15.46
CA ILE N 284 -41.80 57.72 16.46
C ILE N 284 -42.57 58.37 17.61
N ASP N 285 -42.19 59.60 17.97
CA ASP N 285 -42.90 60.30 19.04
C ASP N 285 -44.36 60.53 18.66
N ALA N 286 -44.62 60.92 17.41
CA ALA N 286 -45.99 61.17 16.99
C ALA N 286 -46.79 59.87 16.89
N MET N 287 -46.14 58.77 16.52
CA MET N 287 -46.86 57.50 16.39
C MET N 287 -47.11 56.86 17.75
N MET N 288 -46.12 56.90 18.64
CA MET N 288 -46.27 56.30 19.97
C MET N 288 -47.12 57.14 20.91
N LYS N 289 -47.34 58.42 20.60
CA LYS N 289 -48.17 59.25 21.45
C LYS N 289 -49.63 58.86 21.36
N GLU N 290 -50.10 58.50 20.17
CA GLU N 290 -51.49 58.08 20.01
C GLU N 290 -51.76 56.76 20.72
N ILE N 291 -50.75 55.90 20.83
CA ILE N 291 -50.92 54.64 21.55
C ILE N 291 -50.94 54.88 23.05
N ALA N 292 -50.07 55.76 23.53
CA ALA N 292 -50.04 56.06 24.97
C ALA N 292 -51.28 56.80 25.42
N ASP N 293 -51.90 57.59 24.54
CA ASP N 293 -53.12 58.30 24.90
C ASP N 293 -54.32 57.37 25.05
N MET N 294 -54.27 56.18 24.44
CA MET N 294 -55.34 55.21 24.57
C MET N 294 -55.23 54.35 25.82
N GLY N 295 -54.19 54.56 26.63
CA GLY N 295 -54.03 53.77 27.83
C GLY N 295 -53.45 52.39 27.61
N VAL N 296 -52.57 52.23 26.63
CA VAL N 296 -51.99 50.94 26.30
C VAL N 296 -50.67 50.79 27.06
N GLU N 297 -50.66 49.89 28.05
CA GLU N 297 -49.48 49.67 28.87
C GLU N 297 -48.57 48.56 28.36
N CYS N 298 -48.99 47.80 27.35
CA CYS N 298 -48.20 46.70 26.83
C CYS N 298 -48.41 46.58 25.33
N ILE N 299 -47.31 46.33 24.61
CA ILE N 299 -47.32 46.19 23.16
C ILE N 299 -46.60 44.91 22.79
N VAL N 300 -47.25 44.06 22.01
CA VAL N 300 -46.67 42.79 21.57
C VAL N 300 -46.12 42.98 20.17
N ALA N 301 -44.84 42.72 20.00
CA ALA N 301 -44.17 42.86 18.71
C ALA N 301 -43.86 41.48 18.13
N GLY N 302 -43.93 41.40 16.80
CA GLY N 302 -43.68 40.17 16.09
C GLY N 302 -42.31 40.06 15.44
N ALA N 303 -41.49 41.10 15.52
CA ALA N 303 -40.17 41.07 14.91
C ALA N 303 -39.25 41.98 15.74
N GLY N 304 -38.05 42.21 15.22
CA GLY N 304 -37.10 43.06 15.93
C GLY N 304 -37.53 44.52 15.92
N VAL N 305 -37.40 45.16 17.07
CA VAL N 305 -37.78 46.56 17.25
C VAL N 305 -36.51 47.38 17.41
N GLY N 306 -36.42 48.49 16.67
CA GLY N 306 -35.25 49.35 16.77
C GLY N 306 -35.14 50.03 18.11
N GLU N 307 -33.94 50.53 18.39
CA GLU N 307 -33.70 51.19 19.67
C GLU N 307 -34.41 52.53 19.76
N LEU N 308 -34.54 53.24 18.64
CA LEU N 308 -35.23 54.53 18.65
C LEU N 308 -36.71 54.37 19.02
N ALA N 309 -37.32 53.25 18.65
CA ALA N 309 -38.72 53.01 19.02
C ALA N 309 -38.86 52.57 20.47
N LEU N 310 -37.87 51.87 21.01
CA LEU N 310 -37.92 51.42 22.39
C LEU N 310 -37.70 52.55 23.39
N HIS N 311 -37.20 53.71 22.94
CA HIS N 311 -36.93 54.80 23.86
C HIS N 311 -38.23 55.43 24.36
N TYR N 312 -39.13 55.78 23.45
CA TYR N 312 -40.39 56.40 23.84
C TYR N 312 -41.33 55.43 24.53
N LEU N 313 -41.14 54.12 24.33
CA LEU N 313 -41.96 53.14 25.04
C LEU N 313 -41.62 53.10 26.51
N ASN N 314 -40.37 53.38 26.87
CA ASN N 314 -39.97 53.44 28.27
C ASN N 314 -40.35 54.77 28.92
N ARG N 315 -40.66 55.79 28.12
CA ARG N 315 -41.06 57.08 28.69
C ARG N 315 -42.44 56.99 29.33
N TYR N 316 -43.38 56.34 28.66
CA TYR N 316 -44.73 56.17 29.18
C TYR N 316 -44.91 54.89 29.99
N GLY N 317 -43.84 54.12 30.18
CA GLY N 317 -43.93 52.87 30.93
C GLY N 317 -44.73 51.80 30.22
N ILE N 318 -44.38 51.53 28.97
CA ILE N 318 -45.06 50.53 28.15
C ILE N 318 -44.14 49.31 28.02
N LEU N 319 -44.67 48.14 28.36
CA LEU N 319 -43.89 46.92 28.26
C LEU N 319 -43.69 46.54 26.78
N VAL N 320 -42.63 45.77 26.55
CA VAL N 320 -42.26 45.33 25.21
C VAL N 320 -42.16 43.81 25.20
N LEU N 321 -42.82 43.17 24.25
CA LEU N 321 -42.82 41.72 24.12
C LEU N 321 -42.42 41.34 22.69
N LYS N 322 -41.55 40.34 22.58
CA LYS N 322 -41.10 39.83 21.30
C LYS N 322 -41.77 38.48 21.05
N VAL N 323 -42.47 38.37 19.92
CA VAL N 323 -43.17 37.13 19.57
C VAL N 323 -42.65 36.65 18.22
N PRO N 324 -41.60 35.83 18.20
CA PRO N 324 -41.04 35.38 16.92
C PRO N 324 -41.95 34.38 16.22
N SER N 325 -41.65 34.17 14.95
CA SER N 325 -42.38 33.26 14.04
C SER N 325 -43.84 33.70 13.99
N LYS N 326 -44.79 32.77 14.00
CA LYS N 326 -46.19 33.10 13.80
C LYS N 326 -47.09 32.50 14.89
N PHE N 327 -47.12 31.17 14.97
CA PHE N 327 -48.04 30.48 15.87
C PHE N 327 -47.92 30.94 17.32
N GLU N 328 -46.73 31.40 17.71
CA GLU N 328 -46.57 31.92 19.07
C GLU N 328 -47.35 33.21 19.26
N LEU N 329 -47.37 34.07 18.26
CA LEU N 329 -48.13 35.32 18.35
C LEU N 329 -49.61 35.11 18.12
N ARG N 330 -49.98 34.08 17.35
CA ARG N 330 -51.39 33.86 17.03
C ARG N 330 -52.21 33.49 18.26
N ARG N 331 -51.62 32.69 19.16
CA ARG N 331 -52.34 32.27 20.36
C ARG N 331 -52.33 33.32 21.47
N LEU N 332 -51.54 34.39 21.31
CA LEU N 332 -51.54 35.45 22.32
C LEU N 332 -52.81 36.28 22.24
N CYS N 333 -53.32 36.51 21.02
CA CYS N 333 -54.52 37.33 20.87
C CYS N 333 -55.78 36.60 21.31
N ARG N 334 -55.77 35.26 21.25
CA ARG N 334 -56.92 34.50 21.72
C ARG N 334 -57.09 34.60 23.23
N VAL N 335 -56.01 34.89 23.97
CA VAL N 335 -56.12 35.07 25.41
C VAL N 335 -56.86 36.36 25.74
N CYS N 336 -56.39 37.47 25.19
CA CYS N 336 -56.96 38.78 25.50
C CYS N 336 -58.09 39.20 24.55
N GLY N 337 -58.33 38.45 23.48
CA GLY N 337 -59.37 38.79 22.54
C GLY N 337 -59.06 40.06 21.75
N ALA N 338 -57.88 40.11 21.13
CA ALA N 338 -57.44 41.26 20.38
C ALA N 338 -57.28 40.91 18.91
N THR N 339 -57.41 41.93 18.07
CA THR N 339 -57.25 41.77 16.62
C THR N 339 -56.04 42.56 16.15
N PRO N 340 -54.99 41.90 15.67
CA PRO N 340 -53.80 42.64 15.22
C PRO N 340 -54.09 43.45 13.96
N LEU N 341 -53.35 44.55 13.83
CA LEU N 341 -53.40 45.38 12.64
C LEU N 341 -51.97 45.79 12.28
N PRO N 342 -51.62 45.82 11.00
CA PRO N 342 -50.22 46.04 10.62
C PRO N 342 -49.73 47.46 10.87
N ARG N 343 -50.62 48.44 10.84
CA ARG N 343 -50.18 49.83 10.96
C ARG N 343 -49.68 50.14 12.37
N LEU N 344 -48.89 51.21 12.47
CA LEU N 344 -48.37 51.67 13.74
C LEU N 344 -49.23 52.75 14.38
N GLY N 345 -50.36 53.09 13.77
CA GLY N 345 -51.23 54.12 14.30
C GLY N 345 -51.97 53.66 15.55
N ALA N 346 -52.87 54.51 15.99
CA ALA N 346 -53.66 54.23 17.19
C ALA N 346 -54.59 53.06 16.95
N PRO N 347 -54.50 51.99 17.73
CA PRO N 347 -55.40 50.85 17.53
C PRO N 347 -56.84 51.20 17.84
N THR N 348 -57.74 50.37 17.34
CA THR N 348 -59.16 50.54 17.63
C THR N 348 -59.45 50.14 19.07
N PRO N 349 -60.18 50.94 19.84
CA PRO N 349 -60.48 50.56 21.22
C PRO N 349 -61.22 49.24 21.35
N GLU N 350 -62.01 48.87 20.34
CA GLU N 350 -62.71 47.59 20.38
C GLU N 350 -61.79 46.41 20.15
N GLU N 351 -60.62 46.63 19.55
CA GLU N 351 -59.66 45.56 19.28
C GLU N 351 -58.61 45.40 20.38
N LEU N 352 -58.70 46.18 21.46
CA LEU N 352 -57.73 46.09 22.54
C LEU N 352 -58.11 44.96 23.50
N GLY N 353 -57.08 44.26 23.98
CA GLY N 353 -57.29 43.16 24.91
C GLY N 353 -57.28 43.63 26.35
N LEU N 354 -57.55 42.68 27.25
CA LEU N 354 -57.62 42.94 28.68
C LEU N 354 -56.80 41.91 29.43
N VAL N 355 -55.76 42.36 30.12
CA VAL N 355 -54.94 41.53 31.00
C VAL N 355 -54.76 42.27 32.31
N GLU N 356 -55.17 41.65 33.41
CA GLU N 356 -55.18 42.36 34.69
C GLU N 356 -53.77 42.55 35.24
N THR N 357 -52.97 41.49 35.24
CA THR N 357 -51.63 41.56 35.81
C THR N 357 -50.63 40.87 34.89
N VAL N 358 -49.42 41.43 34.85
CA VAL N 358 -48.29 40.85 34.15
C VAL N 358 -47.11 40.81 35.11
N LYS N 359 -46.65 39.61 35.46
CA LYS N 359 -45.60 39.43 36.44
C LYS N 359 -44.41 38.70 35.82
N THR N 360 -43.23 38.98 36.37
CA THR N 360 -41.99 38.34 35.96
C THR N 360 -41.31 37.78 37.19
N MET N 361 -41.19 36.45 37.27
CA MET N 361 -40.58 35.79 38.41
C MET N 361 -39.67 34.69 37.92
N GLU N 362 -38.83 34.18 38.84
CA GLU N 362 -37.89 33.12 38.55
C GLU N 362 -38.54 31.77 38.86
N ILE N 363 -38.54 30.87 37.89
CA ILE N 363 -39.12 29.54 38.07
C ILE N 363 -38.01 28.50 37.91
N GLY N 364 -37.49 28.37 36.70
CA GLY N 364 -36.43 27.42 36.44
C GLY N 364 -35.06 28.05 36.33
N GLY N 365 -34.93 29.28 36.84
CA GLY N 365 -33.68 30.01 36.78
C GLY N 365 -33.67 31.16 35.80
N ASP N 366 -34.70 31.29 34.97
CA ASP N 366 -34.79 32.35 33.98
C ASP N 366 -36.06 33.16 34.19
N ARG N 367 -36.09 34.34 33.59
CA ARG N 367 -37.23 35.25 33.74
C ARG N 367 -38.34 34.84 32.79
N VAL N 368 -39.51 34.55 33.34
CA VAL N 368 -40.69 34.20 32.55
C VAL N 368 -41.76 35.25 32.79
N THR N 369 -42.58 35.49 31.76
CA THR N 369 -43.63 36.48 31.83
C THR N 369 -44.97 35.80 32.05
N VAL N 370 -45.76 36.35 32.97
CA VAL N 370 -47.01 35.74 33.43
C VAL N 370 -48.17 36.46 32.75
N PHE N 371 -48.86 35.76 31.85
CA PHE N 371 -50.07 36.23 31.21
C PHE N 371 -51.33 35.76 31.92
N LYS N 372 -51.21 35.13 33.08
CA LYS N 372 -52.32 34.48 33.75
C LYS N 372 -53.51 35.41 33.91
N GLN N 373 -54.70 34.88 33.65
CA GLN N 373 -55.96 35.59 33.79
C GLN N 373 -56.54 35.31 35.18
N GLU N 374 -57.69 35.90 35.46
CA GLU N 374 -58.38 35.77 36.73
C GLU N 374 -59.80 35.27 36.50
N GLN N 375 -60.59 35.24 37.57
CA GLN N 375 -61.94 34.68 37.52
C GLN N 375 -62.78 35.37 36.44
N GLY N 376 -62.91 36.69 36.53
CA GLY N 376 -63.62 37.43 35.51
C GLY N 376 -62.81 37.61 34.25
N GLU N 377 -63.51 38.00 33.18
CA GLU N 377 -62.89 38.21 31.87
C GLU N 377 -62.10 36.97 31.43
N ILE N 378 -62.80 35.84 31.41
CA ILE N 378 -62.16 34.56 31.16
C ILE N 378 -61.42 34.56 29.83
N SER N 379 -60.34 33.78 29.77
CA SER N 379 -59.45 33.71 28.63
C SER N 379 -59.37 32.28 28.12
N ARG N 380 -58.83 32.12 26.92
CA ARG N 380 -58.73 30.84 26.25
C ARG N 380 -57.27 30.53 25.94
N THR N 381 -57.01 29.25 25.62
CA THR N 381 -55.67 28.72 25.38
C THR N 381 -54.79 28.90 26.61
N SER N 382 -55.16 28.21 27.68
CA SER N 382 -54.38 28.21 28.91
C SER N 382 -53.20 27.25 28.79
N THR N 383 -52.16 27.53 29.57
CA THR N 383 -50.95 26.72 29.57
C THR N 383 -50.76 26.07 30.94
N ILE N 384 -50.07 24.93 30.94
CA ILE N 384 -49.82 24.15 32.14
C ILE N 384 -48.32 24.12 32.38
N ILE N 385 -47.89 24.67 33.52
CA ILE N 385 -46.49 24.64 33.90
C ILE N 385 -46.14 23.25 34.40
N LEU N 386 -45.14 22.62 33.79
CA LEU N 386 -44.74 21.26 34.11
C LEU N 386 -43.34 21.29 34.70
N ARG N 387 -43.22 20.93 35.97
CA ARG N 387 -41.94 20.90 36.67
C ARG N 387 -41.47 19.45 36.80
N GLY N 388 -40.20 19.23 36.52
CA GLY N 388 -39.63 17.90 36.61
C GLY N 388 -38.14 17.93 36.80
N ALA N 389 -37.60 16.84 37.32
CA ALA N 389 -36.17 16.75 37.57
C ALA N 389 -35.40 16.44 36.29
N THR N 390 -35.93 15.54 35.45
CA THR N 390 -35.29 15.14 34.21
C THR N 390 -36.09 15.66 33.02
N GLN N 391 -35.37 16.03 31.96
CA GLN N 391 -36.03 16.52 30.75
C GLN N 391 -36.69 15.38 29.99
N ASN N 392 -36.19 14.14 30.16
CA ASN N 392 -36.78 13.01 29.46
C ASN N 392 -38.21 12.74 29.91
N ASN N 393 -38.47 12.88 31.22
CA ASN N 393 -39.84 12.73 31.71
C ASN N 393 -40.72 13.88 31.25
N LEU N 394 -40.15 15.07 31.07
CA LEU N 394 -40.93 16.22 30.64
C LEU N 394 -41.46 16.07 29.22
N ASP N 395 -40.81 15.25 28.39
CA ASP N 395 -41.23 15.10 27.01
C ASP N 395 -42.47 14.22 26.88
N ASP N 396 -42.47 13.08 27.58
CA ASP N 396 -43.59 12.16 27.46
C ASP N 396 -44.81 12.64 28.23
N ILE N 397 -44.61 13.31 29.36
CA ILE N 397 -45.75 13.89 30.09
C ILE N 397 -46.43 14.96 29.25
N GLU N 398 -45.65 15.70 28.46
CA GLU N 398 -46.22 16.65 27.52
C GLU N 398 -47.11 15.93 26.50
N ARG N 399 -46.66 14.75 26.03
CA ARG N 399 -47.51 13.96 25.16
C ARG N 399 -48.61 13.25 25.94
N ALA N 400 -48.39 12.98 27.22
CA ALA N 400 -49.44 12.40 28.05
C ALA N 400 -50.57 13.38 28.28
N ILE N 401 -50.24 14.66 28.46
CA ILE N 401 -51.28 15.68 28.59
C ILE N 401 -52.02 15.86 27.27
N ASP N 402 -51.31 15.80 26.15
CA ASP N 402 -51.96 15.91 24.85
C ASP N 402 -52.93 14.76 24.61
N ASP N 403 -52.67 13.59 25.21
CA ASP N 403 -53.63 12.48 25.12
C ASP N 403 -54.92 12.81 25.86
N GLY N 404 -54.82 13.51 26.99
CA GLY N 404 -56.01 13.96 27.68
C GLY N 404 -56.71 15.10 26.99
N VAL N 405 -55.95 15.97 26.31
CA VAL N 405 -56.55 17.03 25.53
C VAL N 405 -57.27 16.47 24.32
N ALA N 406 -56.69 15.46 23.68
CA ALA N 406 -57.35 14.82 22.54
C ALA N 406 -58.61 14.08 22.97
N ALA N 407 -58.66 13.61 24.21
CA ALA N 407 -59.86 12.96 24.71
C ALA N 407 -61.02 13.95 24.86
N VAL N 408 -60.70 15.23 25.08
CA VAL N 408 -61.74 16.24 25.15
C VAL N 408 -62.38 16.46 23.78
N LYS N 409 -61.59 16.34 22.71
CA LYS N 409 -62.13 16.47 21.36
C LYS N 409 -63.17 15.40 21.07
N GLY N 410 -63.02 14.22 21.67
CA GLY N 410 -64.01 13.16 21.49
C GLY N 410 -65.34 13.43 22.16
N LEU N 411 -65.46 14.53 22.90
CA LEU N 411 -66.72 14.92 23.52
C LEU N 411 -67.52 15.91 22.68
N MET N 412 -67.03 16.24 21.48
CA MET N 412 -67.65 17.27 20.65
C MET N 412 -68.35 16.69 19.42
N LYS N 413 -67.60 16.05 18.53
CA LYS N 413 -68.20 15.58 17.27
C LYS N 413 -69.31 14.56 17.48
N PRO N 414 -69.13 13.47 18.26
CA PRO N 414 -70.24 12.53 18.44
C PRO N 414 -71.33 13.07 19.35
N SER N 415 -72.37 12.27 19.59
CA SER N 415 -73.48 12.71 20.44
C SER N 415 -73.09 12.77 21.91
N GLY N 416 -72.08 12.01 22.32
CA GLY N 416 -71.67 12.02 23.71
C GLY N 416 -70.34 11.34 23.90
N GLY N 417 -70.00 11.11 25.17
CA GLY N 417 -68.75 10.45 25.47
C GLY N 417 -68.78 8.96 25.18
N LYS N 418 -69.88 8.30 25.55
CA LYS N 418 -70.08 6.87 25.32
C LYS N 418 -68.96 6.04 25.95
N LEU N 419 -68.98 6.01 27.28
CA LEU N 419 -67.97 5.29 28.03
C LEU N 419 -68.13 3.79 27.86
N LEU N 420 -67.00 3.10 27.72
CA LEU N 420 -66.96 1.65 27.62
C LEU N 420 -66.23 1.05 28.81
N PRO N 421 -66.54 -0.18 29.19
CA PRO N 421 -65.82 -0.82 30.30
C PRO N 421 -64.33 -0.94 29.99
N GLY N 422 -63.51 -0.51 30.94
CA GLY N 422 -62.07 -0.52 30.78
C GLY N 422 -61.45 -1.79 31.34
N ALA N 423 -60.14 -1.69 31.61
CA ALA N 423 -59.36 -2.81 32.14
C ALA N 423 -59.42 -4.04 31.25
N GLY N 424 -59.56 -3.82 29.94
CA GLY N 424 -59.63 -4.91 28.98
C GLY N 424 -60.98 -5.60 28.88
N ALA N 425 -62.01 -5.11 29.58
CA ALA N 425 -63.31 -5.74 29.53
C ALA N 425 -64.00 -5.56 28.18
N THR N 426 -63.54 -4.62 27.37
CA THR N 426 -64.17 -4.39 26.06
C THR N 426 -63.83 -5.51 25.08
N GLU N 427 -62.55 -5.87 25.00
CA GLU N 427 -62.12 -6.90 24.08
C GLU N 427 -62.48 -8.31 24.54
N ILE N 428 -62.72 -8.51 25.84
CA ILE N 428 -63.06 -9.84 26.34
C ILE N 428 -64.51 -10.17 26.04
N GLU N 429 -65.42 -9.20 26.20
CA GLU N 429 -66.82 -9.44 25.91
C GLU N 429 -67.05 -9.73 24.44
N LEU N 430 -66.24 -9.14 23.56
CA LEU N 430 -66.36 -9.39 22.13
C LEU N 430 -65.95 -10.80 21.75
N ILE N 431 -65.21 -11.49 22.61
CA ILE N 431 -64.78 -12.85 22.31
C ILE N 431 -65.97 -13.80 22.31
N SER N 432 -66.83 -13.69 23.33
CA SER N 432 -67.98 -14.59 23.42
C SER N 432 -69.04 -14.25 22.39
N ARG N 433 -69.10 -12.99 21.95
CA ARG N 433 -70.09 -12.60 20.95
C ARG N 433 -69.68 -13.03 19.55
N ILE N 434 -68.40 -12.90 19.20
CA ILE N 434 -67.94 -13.34 17.89
C ILE N 434 -67.93 -14.86 17.81
N THR N 435 -67.64 -15.54 18.91
CA THR N 435 -67.68 -17.01 18.93
C THR N 435 -69.07 -17.51 18.56
N LYS N 436 -70.11 -16.90 19.11
CA LYS N 436 -71.47 -17.26 18.72
C LYS N 436 -71.77 -16.80 17.30
N TYR N 437 -71.12 -15.74 16.83
CA TYR N 437 -71.33 -15.28 15.46
C TYR N 437 -70.67 -16.21 14.45
N GLY N 438 -69.57 -16.85 14.83
CA GLY N 438 -68.91 -17.76 13.91
C GLY N 438 -69.71 -19.01 13.63
N GLU N 439 -70.49 -19.48 14.61
CA GLU N 439 -71.32 -20.66 14.42
C GLU N 439 -72.55 -20.36 13.58
N ARG N 440 -73.08 -19.14 13.68
CA ARG N 440 -74.28 -18.76 12.93
C ARG N 440 -74.01 -18.62 11.44
N THR N 441 -72.75 -18.60 11.01
CA THR N 441 -72.42 -18.46 9.59
C THR N 441 -71.94 -19.80 9.03
N PRO N 442 -72.74 -20.48 8.21
CA PRO N 442 -72.27 -21.73 7.61
C PRO N 442 -71.13 -21.49 6.62
N GLY N 443 -70.44 -22.57 6.30
CA GLY N 443 -69.35 -22.52 5.34
C GLY N 443 -67.99 -22.57 6.00
N LEU N 444 -66.98 -22.34 5.18
CA LEU N 444 -65.58 -22.39 5.60
C LEU N 444 -65.07 -21.07 6.13
N LEU N 445 -65.89 -20.01 6.11
CA LEU N 445 -65.47 -18.70 6.61
C LEU N 445 -65.47 -18.62 8.13
N GLN N 446 -65.99 -19.64 8.82
CA GLN N 446 -66.02 -19.61 10.28
C GLN N 446 -64.64 -19.80 10.89
N LEU N 447 -63.66 -20.30 10.12
CA LEU N 447 -62.32 -20.49 10.67
C LEU N 447 -61.65 -19.16 10.97
N ALA N 448 -61.76 -18.19 10.06
CA ALA N 448 -61.18 -16.87 10.27
C ALA N 448 -61.98 -16.03 11.26
N ILE N 449 -63.27 -16.30 11.41
CA ILE N 449 -64.09 -15.54 12.34
C ILE N 449 -63.81 -15.94 13.78
N LYS N 450 -63.70 -17.26 14.03
CA LYS N 450 -63.41 -17.73 15.38
C LYS N 450 -62.01 -17.31 15.82
N GLN N 451 -61.04 -17.35 14.90
CA GLN N 451 -59.69 -16.92 15.24
C GLN N 451 -59.58 -15.41 15.36
N PHE N 452 -60.53 -14.66 14.78
CA PHE N 452 -60.53 -13.22 14.94
C PHE N 452 -60.83 -12.82 16.38
N ALA N 453 -61.67 -13.60 17.08
CA ALA N 453 -61.93 -13.34 18.48
C ALA N 453 -60.80 -13.82 19.39
N VAL N 454 -59.99 -14.79 18.92
CA VAL N 454 -58.85 -15.24 19.70
C VAL N 454 -57.80 -14.14 19.80
N ALA N 455 -57.68 -13.31 18.76
CA ALA N 455 -56.71 -12.21 18.79
C ALA N 455 -57.03 -11.18 19.85
N PHE N 456 -58.28 -11.13 20.33
CA PHE N 456 -58.64 -10.21 21.40
C PHE N 456 -58.16 -10.68 22.77
N GLU N 457 -57.66 -11.91 22.88
CA GLU N 457 -57.16 -12.41 24.16
C GLU N 457 -55.82 -11.80 24.55
N VAL N 458 -55.20 -11.00 23.67
CA VAL N 458 -53.90 -10.43 23.99
C VAL N 458 -54.03 -9.32 25.03
N VAL N 459 -55.17 -8.63 25.07
CA VAL N 459 -55.36 -7.52 25.99
C VAL N 459 -55.38 -8.02 27.44
N PRO N 460 -56.17 -9.05 27.79
CA PRO N 460 -56.08 -9.56 29.17
C PRO N 460 -54.76 -10.23 29.48
N ARG N 461 -54.10 -10.85 28.50
CA ARG N 461 -52.83 -11.51 28.77
C ARG N 461 -51.70 -10.50 28.94
N THR N 462 -51.75 -9.39 28.19
CA THR N 462 -50.71 -8.37 28.32
C THR N 462 -50.80 -7.66 29.66
N LEU N 463 -52.01 -7.29 30.09
CA LEU N 463 -52.17 -6.64 31.37
C LEU N 463 -51.82 -7.57 32.53
N ALA N 464 -52.04 -8.87 32.36
CA ALA N 464 -51.69 -9.83 33.41
C ALA N 464 -50.20 -10.14 33.43
N GLU N 465 -49.56 -10.18 32.25
CA GLU N 465 -48.13 -10.50 32.21
C GLU N 465 -47.29 -9.34 32.72
N THR N 466 -47.62 -8.10 32.31
CA THR N 466 -46.88 -6.94 32.77
C THR N 466 -47.13 -6.63 34.24
N ALA N 467 -48.15 -7.23 34.86
CA ALA N 467 -48.44 -7.01 36.26
C ALA N 467 -47.72 -8.01 37.17
N GLY N 468 -46.90 -8.90 36.61
CA GLY N 468 -46.22 -9.88 37.42
C GLY N 468 -47.08 -11.03 37.88
N LEU N 469 -48.12 -11.38 37.11
CA LEU N 469 -49.04 -12.45 37.46
C LEU N 469 -49.00 -13.53 36.39
N ASP N 470 -49.38 -14.74 36.80
CA ASP N 470 -49.41 -15.87 35.87
C ASP N 470 -50.64 -15.76 34.99
N VAL N 471 -50.43 -15.75 33.67
CA VAL N 471 -51.54 -15.66 32.73
C VAL N 471 -52.34 -16.96 32.68
N ASN N 472 -51.75 -18.07 33.12
CA ASN N 472 -52.47 -19.34 33.10
C ASN N 472 -53.45 -19.47 34.26
N GLU N 473 -53.14 -18.88 35.41
CA GLU N 473 -54.06 -18.92 36.55
C GLU N 473 -55.13 -17.84 36.44
N VAL N 474 -54.75 -16.62 36.04
CA VAL N 474 -55.65 -15.49 36.13
C VAL N 474 -56.66 -15.48 34.98
N LEU N 475 -56.21 -15.75 33.75
CA LEU N 475 -57.08 -15.57 32.60
C LEU N 475 -58.26 -16.54 32.60
N PRO N 476 -58.08 -17.85 32.78
CA PRO N 476 -59.26 -18.74 32.81
C PRO N 476 -60.22 -18.42 33.94
N ASN N 477 -59.73 -17.88 35.05
CA ASN N 477 -60.62 -17.49 36.15
C ASN N 477 -61.49 -16.31 35.78
N LEU N 478 -61.11 -15.53 34.78
CA LEU N 478 -61.92 -14.40 34.35
C LEU N 478 -63.11 -14.84 33.50
N TYR N 479 -62.96 -15.93 32.74
CA TYR N 479 -64.06 -16.41 31.92
C TYR N 479 -65.20 -17.01 32.75
N ALA N 480 -64.97 -17.25 34.05
CA ALA N 480 -66.02 -17.78 34.90
C ALA N 480 -67.19 -16.82 35.01
N ALA N 481 -66.94 -15.52 34.88
CA ALA N 481 -68.03 -14.55 34.91
C ALA N 481 -68.79 -14.50 33.59
N HIS N 482 -68.11 -14.75 32.48
CA HIS N 482 -68.74 -14.74 31.17
C HIS N 482 -69.24 -16.12 30.75
N ASN N 483 -68.89 -17.18 31.47
CA ASN N 483 -69.37 -18.51 31.14
C ASN N 483 -70.76 -18.79 31.69
N VAL N 484 -71.22 -17.98 32.66
CA VAL N 484 -72.55 -18.17 33.25
C VAL N 484 -73.63 -17.43 32.47
N THR N 485 -73.28 -16.81 31.33
CA THR N 485 -74.15 -16.02 30.46
C THR N 485 -75.04 -15.08 31.29
N GLU N 486 -76.34 -15.03 30.99
CA GLU N 486 -77.19 -14.09 31.69
C GLU N 486 -78.33 -14.84 32.38
N PRO N 487 -78.67 -14.47 33.62
CA PRO N 487 -79.65 -15.25 34.39
C PRO N 487 -81.09 -15.02 33.97
N GLY N 488 -82.03 -15.56 34.74
CA GLY N 488 -83.44 -15.31 34.48
C GLY N 488 -83.94 -13.95 34.88
N ALA N 489 -83.09 -13.13 35.51
CA ALA N 489 -83.45 -11.79 35.93
C ALA N 489 -82.50 -10.77 35.30
N VAL N 490 -82.99 -9.54 35.18
CA VAL N 490 -82.22 -8.47 34.54
C VAL N 490 -81.25 -7.86 35.54
N LYS N 491 -80.64 -6.73 35.16
CA LYS N 491 -79.68 -6.01 35.99
C LYS N 491 -78.48 -6.90 36.32
N THR N 492 -77.71 -7.18 35.28
CA THR N 492 -76.51 -8.03 35.38
C THR N 492 -75.27 -7.15 35.37
N ASP N 493 -74.54 -7.16 36.47
CA ASP N 493 -73.33 -6.34 36.62
C ASP N 493 -72.05 -7.08 36.27
N HIS N 494 -72.15 -8.33 35.80
CA HIS N 494 -70.96 -9.12 35.50
C HIS N 494 -70.16 -8.57 34.32
N LEU N 495 -70.71 -7.61 33.57
CA LEU N 495 -69.98 -7.04 32.43
C LEU N 495 -68.86 -6.10 32.86
N TYR N 496 -68.76 -5.77 34.15
CA TYR N 496 -67.74 -4.86 34.64
C TYR N 496 -66.48 -5.57 35.12
N LYS N 497 -66.40 -6.89 34.98
CA LYS N 497 -65.21 -7.62 35.40
C LYS N 497 -64.05 -7.32 34.46
N GLY N 498 -62.85 -7.20 35.03
CA GLY N 498 -61.68 -6.86 34.26
C GLY N 498 -60.42 -7.40 34.90
N VAL N 499 -59.29 -7.08 34.28
CA VAL N 499 -57.98 -7.55 34.73
C VAL N 499 -57.41 -6.55 35.73
N ASP N 500 -56.83 -7.07 36.81
CA ASP N 500 -56.24 -6.26 37.86
C ASP N 500 -54.73 -6.38 37.83
N ILE N 501 -54.05 -5.31 38.22
CA ILE N 501 -52.60 -5.30 38.34
C ILE N 501 -52.23 -5.62 39.78
N ASP N 502 -51.25 -6.51 39.94
CA ASP N 502 -50.61 -6.89 41.20
C ASP N 502 -51.61 -7.05 42.35
N GLY N 503 -51.29 -6.51 43.52
CA GLY N 503 -52.22 -6.59 44.64
C GLY N 503 -52.42 -8.02 45.09
N GLU N 504 -53.67 -8.38 45.34
CA GLU N 504 -54.04 -9.74 45.74
C GLU N 504 -54.36 -10.63 44.55
N SER N 505 -54.30 -10.10 43.32
CA SER N 505 -54.65 -10.83 42.10
C SER N 505 -56.03 -11.46 42.20
N ASP N 506 -56.16 -12.68 41.68
CA ASP N 506 -57.43 -13.41 41.66
C ASP N 506 -58.58 -12.52 41.20
N GLU N 507 -58.47 -12.06 39.94
CA GLU N 507 -59.40 -11.10 39.35
C GLU N 507 -59.41 -9.88 40.27
N GLY N 508 -60.53 -9.49 40.86
CA GLY N 508 -60.56 -8.47 41.89
C GLY N 508 -61.08 -7.15 41.38
N VAL N 509 -61.03 -6.17 42.30
CA VAL N 509 -61.48 -4.79 42.09
C VAL N 509 -62.99 -4.83 41.82
N LYS N 510 -63.64 -5.92 42.24
CA LYS N 510 -65.09 -6.08 42.11
C LYS N 510 -65.58 -5.68 40.72
N ASP N 511 -66.49 -4.72 40.67
CA ASP N 511 -66.92 -4.12 39.42
C ASP N 511 -66.16 -2.82 39.20
N ILE N 512 -65.71 -2.60 37.96
CA ILE N 512 -64.94 -1.41 37.63
C ILE N 512 -65.74 -0.13 37.72
N ARG N 513 -67.06 -0.22 37.92
CA ARG N 513 -67.88 0.98 38.06
C ARG N 513 -67.40 1.84 39.23
N GLU N 514 -66.96 1.21 40.32
CA GLU N 514 -66.42 1.97 41.43
C GLU N 514 -65.03 2.51 41.13
N GLU N 515 -64.27 1.80 40.29
CA GLU N 515 -62.92 2.24 39.94
C GLU N 515 -62.93 3.50 39.08
N ASN N 516 -64.03 3.76 38.36
CA ASN N 516 -64.26 4.92 37.51
C ASN N 516 -63.41 4.90 36.23
N ILE N 517 -62.55 3.92 36.05
CA ILE N 517 -61.76 3.81 34.82
C ILE N 517 -62.64 3.24 33.71
N TYR N 518 -62.76 3.97 32.62
CA TYR N 518 -63.55 3.56 31.46
C TYR N 518 -62.74 3.80 30.19
N ASP N 519 -63.34 3.46 29.05
CA ASP N 519 -62.73 3.66 27.75
C ASP N 519 -63.68 4.46 26.87
N MET N 520 -63.13 5.04 25.80
CA MET N 520 -63.90 5.84 24.87
C MET N 520 -64.38 4.97 23.71
N LEU N 521 -65.66 5.14 23.34
CA LEU N 521 -66.22 4.37 22.23
C LEU N 521 -65.68 4.87 20.90
N ALA N 522 -65.54 6.19 20.75
CA ALA N 522 -65.03 6.75 19.51
C ALA N 522 -63.59 6.32 19.24
N THR N 523 -62.83 6.02 20.29
CA THR N 523 -61.47 5.54 20.11
C THR N 523 -61.45 4.08 19.64
N LYS N 524 -62.29 3.23 20.23
CA LYS N 524 -62.30 1.82 19.86
C LYS N 524 -62.85 1.59 18.45
N LYS N 525 -63.65 2.51 17.92
CA LYS N 525 -64.16 2.36 16.57
C LYS N 525 -63.04 2.42 15.55
N PHE N 526 -62.21 3.47 15.61
CA PHE N 526 -61.12 3.63 14.67
C PHE N 526 -59.91 2.77 15.01
N ALA N 527 -59.80 2.32 16.27
CA ALA N 527 -58.67 1.48 16.64
C ALA N 527 -58.78 0.10 16.03
N ILE N 528 -60.01 -0.42 15.91
CA ILE N 528 -60.21 -1.73 15.31
C ILE N 528 -60.13 -1.64 13.79
N ASN N 529 -60.66 -0.56 13.21
CA ASN N 529 -60.67 -0.43 11.76
C ASN N 529 -59.26 -0.28 11.20
N VAL N 530 -58.43 0.54 11.85
CA VAL N 530 -57.07 0.74 11.36
C VAL N 530 -56.23 -0.51 11.58
N ALA N 531 -56.40 -1.16 12.74
CA ALA N 531 -55.62 -2.37 13.01
C ALA N 531 -56.02 -3.52 12.09
N THR N 532 -57.29 -3.61 11.72
CA THR N 532 -57.72 -4.66 10.80
C THR N 532 -57.19 -4.43 9.40
N GLU N 533 -57.29 -3.19 8.91
CA GLU N 533 -56.77 -2.87 7.59
C GLU N 533 -55.25 -2.97 7.53
N ALA N 534 -54.58 -2.77 8.67
CA ALA N 534 -53.13 -2.92 8.70
C ALA N 534 -52.73 -4.38 8.51
N ALA N 535 -53.43 -5.30 9.17
CA ALA N 535 -53.15 -6.72 8.99
C ALA N 535 -53.71 -7.25 7.68
N THR N 536 -54.82 -6.67 7.20
CA THR N 536 -55.38 -7.09 5.92
C THR N 536 -54.45 -6.72 4.76
N THR N 537 -53.81 -5.54 4.84
CA THR N 537 -52.90 -5.12 3.79
C THR N 537 -51.72 -6.07 3.67
N VAL N 538 -51.18 -6.53 4.80
CA VAL N 538 -50.06 -7.46 4.76
C VAL N 538 -50.49 -8.80 4.18
N LEU N 539 -51.68 -9.27 4.55
CA LEU N 539 -52.16 -10.55 4.03
C LEU N 539 -52.63 -10.45 2.59
N SER N 540 -52.95 -9.25 2.11
CA SER N 540 -53.40 -9.07 0.73
C SER N 540 -52.26 -8.95 -0.26
N ILE N 541 -51.01 -8.92 0.21
CA ILE N 541 -49.84 -8.78 -0.65
C ILE N 541 -49.22 -10.17 -0.80
N ASP N 542 -49.34 -10.74 -2.00
CA ASP N 542 -48.77 -12.05 -2.25
C ASP N 542 -47.28 -11.99 -2.55
N GLN N 543 -46.80 -10.91 -3.14
CA GLN N 543 -45.40 -10.77 -3.53
C GLN N 543 -44.89 -9.40 -3.13
N ILE N 544 -43.69 -9.37 -2.53
CA ILE N 544 -43.06 -8.14 -2.07
C ILE N 544 -41.76 -7.97 -2.85
N ILE N 545 -41.53 -6.75 -3.36
CA ILE N 545 -40.34 -6.42 -4.13
C ILE N 545 -39.63 -5.27 -3.44
N MET N 546 -38.32 -5.40 -3.24
CA MET N 546 -37.51 -4.38 -2.61
C MET N 546 -36.39 -3.95 -3.55
N ALA N 547 -35.83 -2.78 -3.26
CA ALA N 547 -34.75 -2.20 -4.07
C ALA N 547 -33.57 -1.88 -3.18
N LYS N 548 -32.36 -2.01 -3.75
CA LYS N 548 -31.10 -1.65 -3.12
C LYS N 548 -30.74 -2.58 -1.97
N LYS N 549 -31.71 -3.38 -1.51
CA LYS N 549 -31.48 -4.31 -0.41
C LYS N 549 -32.60 -5.34 -0.32
N SER O 2 -36.14 -19.99 2.89
CA SER O 2 -35.88 -20.42 4.26
C SER O 2 -34.55 -21.15 4.36
N LEU O 3 -33.83 -21.22 3.24
CA LEU O 3 -32.55 -21.91 3.21
C LEU O 3 -31.42 -21.08 3.82
N GLN O 4 -31.47 -19.75 3.64
CA GLN O 4 -30.41 -18.90 4.18
C GLN O 4 -30.34 -18.97 5.69
N LEU O 5 -31.47 -19.25 6.35
CA LEU O 5 -31.45 -19.40 7.80
C LEU O 5 -30.58 -20.57 8.23
N LEU O 6 -30.49 -21.61 7.40
CA LEU O 6 -29.63 -22.74 7.72
C LEU O 6 -28.16 -22.37 7.52
N ASN O 7 -27.82 -21.85 6.34
CA ASN O 7 -26.46 -21.44 6.03
C ASN O 7 -26.53 -20.10 5.30
N PRO O 8 -25.63 -19.17 5.61
CA PRO O 8 -25.64 -17.88 4.88
C PRO O 8 -25.23 -18.02 3.42
N LYS O 9 -24.31 -18.92 3.10
CA LYS O 9 -23.79 -19.06 1.74
C LYS O 9 -24.59 -20.05 0.89
N ALA O 10 -25.66 -20.61 1.43
CA ALA O 10 -26.44 -21.58 0.68
C ALA O 10 -27.43 -20.89 -0.25
N GLU O 11 -27.54 -21.40 -1.47
CA GLU O 11 -28.44 -20.85 -2.48
C GLU O 11 -29.32 -21.96 -3.03
N SER O 12 -30.50 -21.57 -3.52
CA SER O 12 -31.43 -22.53 -4.09
C SER O 12 -32.35 -21.84 -5.07
N LEU O 13 -32.94 -22.64 -5.96
CA LEU O 13 -33.94 -22.18 -6.91
C LEU O 13 -35.07 -23.20 -6.93
N ARG O 14 -36.27 -22.76 -6.58
CA ARG O 14 -37.39 -23.67 -6.36
C ARG O 14 -38.46 -23.52 -7.44
N ARG O 15 -39.12 -24.63 -7.73
CA ARG O 15 -40.26 -24.70 -8.66
C ARG O 15 -39.79 -24.25 -10.04
N ASP O 16 -40.43 -23.25 -10.66
CA ASP O 16 -40.07 -22.87 -12.02
C ASP O 16 -38.68 -22.26 -12.11
N ALA O 17 -38.11 -21.80 -10.99
CA ALA O 17 -36.75 -21.27 -11.02
C ALA O 17 -35.74 -22.32 -11.43
N ALA O 18 -35.87 -23.53 -10.88
CA ALA O 18 -35.03 -24.65 -11.29
C ALA O 18 -35.54 -25.32 -12.56
N LEU O 19 -36.80 -25.14 -12.91
CA LEU O 19 -37.35 -25.77 -14.11
C LEU O 19 -36.80 -25.12 -15.37
N LYS O 20 -36.64 -23.79 -15.36
CA LYS O 20 -36.06 -23.11 -16.51
C LYS O 20 -34.60 -23.50 -16.73
N VAL O 21 -33.91 -23.94 -15.68
CA VAL O 21 -32.52 -24.35 -15.82
C VAL O 21 -32.41 -25.67 -16.56
N ASN O 22 -33.24 -26.65 -16.16
CA ASN O 22 -33.18 -27.96 -16.78
C ASN O 22 -33.56 -27.91 -18.26
N VAL O 23 -34.47 -27.02 -18.63
CA VAL O 23 -34.88 -26.92 -20.03
C VAL O 23 -33.83 -26.17 -20.85
N THR O 24 -33.24 -25.11 -20.27
CA THR O 24 -32.27 -24.31 -21.00
C THR O 24 -30.92 -24.99 -21.11
N SER O 25 -30.44 -25.56 -20.00
CA SER O 25 -29.11 -26.18 -20.01
C SER O 25 -29.08 -27.40 -20.94
N ALA O 26 -30.19 -28.15 -21.00
CA ALA O 26 -30.25 -29.26 -21.94
C ALA O 26 -30.39 -28.78 -23.37
N GLU O 27 -31.09 -27.66 -23.59
CA GLU O 27 -31.21 -27.11 -24.93
C GLU O 27 -29.90 -26.51 -25.39
N GLY O 28 -29.16 -25.87 -24.48
CA GLY O 28 -27.87 -25.30 -24.85
C GLY O 28 -26.84 -26.36 -25.18
N LEU O 29 -26.84 -27.46 -24.43
CA LEU O 29 -25.90 -28.55 -24.72
C LEU O 29 -26.30 -29.27 -26.01
N GLN O 30 -27.61 -29.42 -26.25
CA GLN O 30 -28.06 -30.06 -27.48
C GLN O 30 -27.72 -29.22 -28.70
N SER O 31 -27.84 -27.89 -28.59
CA SER O 31 -27.59 -27.02 -29.74
C SER O 31 -26.15 -27.14 -30.22
N VAL O 32 -25.21 -27.44 -29.32
CA VAL O 32 -23.82 -27.61 -29.72
C VAL O 32 -23.60 -28.96 -30.36
N LEU O 33 -24.21 -30.01 -29.82
CA LEU O 33 -23.99 -31.37 -30.29
C LEU O 33 -24.98 -31.80 -31.37
N GLU O 34 -26.01 -31.01 -31.66
CA GLU O 34 -26.95 -31.39 -32.72
C GLU O 34 -26.31 -31.26 -34.09
N THR O 35 -25.31 -30.38 -34.24
CA THR O 35 -24.65 -30.19 -35.52
C THR O 35 -23.70 -31.33 -35.87
N ASN O 36 -23.46 -32.26 -34.95
CA ASN O 36 -22.58 -33.39 -35.19
C ASN O 36 -23.32 -34.65 -35.62
N LEU O 37 -24.65 -34.59 -35.74
CA LEU O 37 -25.44 -35.77 -36.07
C LEU O 37 -25.59 -35.88 -37.57
N GLY O 38 -25.22 -37.04 -38.12
CA GLY O 38 -25.34 -37.28 -39.54
C GLY O 38 -24.00 -37.27 -40.25
N PRO O 39 -23.97 -37.79 -41.48
CA PRO O 39 -22.72 -37.79 -42.25
C PRO O 39 -22.27 -36.40 -42.66
N LYS O 40 -23.20 -35.45 -42.79
CA LYS O 40 -22.88 -34.07 -43.13
C LYS O 40 -22.60 -33.21 -41.90
N GLY O 41 -22.57 -33.81 -40.72
CA GLY O 41 -22.43 -33.04 -39.51
C GLY O 41 -21.11 -32.29 -39.43
N THR O 42 -21.07 -31.33 -38.51
CA THR O 42 -19.91 -30.48 -38.32
C THR O 42 -18.77 -31.24 -37.65
N LEU O 43 -17.56 -30.71 -37.79
CA LEU O 43 -16.37 -31.27 -37.18
C LEU O 43 -15.85 -30.30 -36.13
N LYS O 44 -15.73 -30.77 -34.90
CA LYS O 44 -15.24 -29.97 -33.79
C LYS O 44 -13.74 -30.18 -33.60
N MET O 45 -13.04 -29.10 -33.24
CA MET O 45 -11.61 -29.15 -32.97
C MET O 45 -11.39 -28.82 -31.49
N LEU O 46 -10.96 -29.82 -30.72
CA LEU O 46 -10.69 -29.64 -29.29
C LEU O 46 -9.25 -29.18 -29.11
N VAL O 47 -9.08 -28.01 -28.50
CA VAL O 47 -7.76 -27.44 -28.23
C VAL O 47 -7.70 -27.11 -26.75
N ASP O 48 -6.81 -27.78 -26.02
CA ASP O 48 -6.65 -27.56 -24.60
C ASP O 48 -5.55 -26.52 -24.36
N GLY O 49 -5.17 -26.33 -23.10
CA GLY O 49 -4.12 -25.38 -22.78
C GLY O 49 -2.73 -25.82 -23.20
N ALA O 50 -2.54 -27.13 -23.43
CA ALA O 50 -1.25 -27.64 -23.85
C ALA O 50 -1.02 -27.57 -25.35
N GLY O 51 -2.06 -27.30 -26.13
CA GLY O 51 -1.95 -27.18 -27.56
C GLY O 51 -2.31 -28.43 -28.35
N ASN O 52 -2.91 -29.43 -27.72
CA ASN O 52 -3.30 -30.65 -28.41
C ASN O 52 -4.55 -30.41 -29.24
N ILE O 53 -4.56 -30.97 -30.45
CA ILE O 53 -5.67 -30.83 -31.38
C ILE O 53 -6.31 -32.19 -31.59
N LYS O 54 -7.63 -32.26 -31.39
CA LYS O 54 -8.39 -33.50 -31.56
C LYS O 54 -9.61 -33.22 -32.39
N LEU O 55 -9.73 -33.90 -33.54
CA LEU O 55 -10.88 -33.78 -34.43
C LEU O 55 -11.73 -35.03 -34.32
N THR O 56 -12.92 -34.88 -33.75
CA THR O 56 -13.86 -36.00 -33.67
C THR O 56 -15.28 -35.45 -33.67
N LYS O 57 -16.19 -36.21 -34.27
CA LYS O 57 -17.60 -35.88 -34.29
C LYS O 57 -18.39 -36.60 -33.21
N ASP O 58 -17.73 -37.45 -32.41
CA ASP O 58 -18.40 -38.20 -31.36
C ASP O 58 -18.53 -37.35 -30.12
N GLY O 59 -19.68 -37.48 -29.44
CA GLY O 59 -19.92 -36.74 -28.21
C GLY O 59 -19.22 -37.28 -26.99
N LYS O 60 -18.65 -38.48 -27.07
CA LYS O 60 -17.96 -39.05 -25.92
C LYS O 60 -16.65 -38.33 -25.65
N VAL O 61 -15.89 -38.01 -26.70
CA VAL O 61 -14.63 -37.32 -26.52
C VAL O 61 -14.85 -35.84 -26.25
N LEU O 62 -15.87 -35.24 -26.86
CA LEU O 62 -16.13 -33.82 -26.66
C LEU O 62 -16.51 -33.52 -25.22
N LEU O 63 -17.44 -34.28 -24.65
CA LEU O 63 -17.88 -34.05 -23.28
C LEU O 63 -16.81 -34.44 -22.26
N THR O 64 -15.87 -35.31 -22.63
CA THR O 64 -14.82 -35.72 -21.70
C THR O 64 -13.74 -34.65 -21.58
N GLU O 65 -13.33 -34.06 -22.70
CA GLU O 65 -12.28 -33.05 -22.68
C GLU O 65 -12.79 -31.70 -22.18
N MET O 66 -14.06 -31.39 -22.42
CA MET O 66 -14.65 -30.12 -22.00
C MET O 66 -15.42 -30.34 -20.70
N GLN O 67 -14.95 -29.72 -19.62
CA GLN O 67 -15.63 -29.83 -18.34
C GLN O 67 -16.88 -28.96 -18.34
N ILE O 68 -17.99 -29.54 -17.88
CA ILE O 68 -19.29 -28.88 -17.90
C ILE O 68 -19.52 -28.25 -16.53
N GLN O 69 -19.72 -26.93 -16.51
CA GLN O 69 -19.99 -26.23 -15.26
C GLN O 69 -21.44 -26.38 -14.82
N SER O 70 -22.36 -26.39 -15.78
CA SER O 70 -23.79 -26.49 -15.45
C SER O 70 -24.11 -27.86 -14.88
N PRO O 71 -24.69 -27.95 -13.68
CA PRO O 71 -25.01 -29.27 -13.11
C PRO O 71 -26.03 -30.05 -13.91
N THR O 72 -26.92 -29.38 -14.63
CA THR O 72 -27.95 -30.09 -15.39
C THR O 72 -27.35 -30.90 -16.52
N ALA O 73 -26.41 -30.30 -17.27
CA ALA O 73 -25.80 -30.99 -18.40
C ALA O 73 -24.83 -32.09 -17.96
N VAL O 74 -24.50 -32.16 -16.67
CA VAL O 74 -23.63 -33.24 -16.20
C VAL O 74 -24.36 -34.58 -16.25
N LEU O 75 -25.67 -34.58 -15.96
CA LEU O 75 -26.45 -35.81 -16.07
C LEU O 75 -26.49 -36.30 -17.50
N ILE O 76 -26.55 -35.39 -18.47
CA ILE O 76 -26.56 -35.77 -19.87
C ILE O 76 -25.19 -36.30 -20.29
N ALA O 77 -24.12 -35.70 -19.77
CA ALA O 77 -22.78 -36.15 -20.12
C ALA O 77 -22.51 -37.54 -19.55
N ARG O 78 -22.94 -37.79 -18.31
CA ARG O 78 -22.75 -39.11 -17.72
C ARG O 78 -23.66 -40.15 -18.36
N ALA O 79 -24.81 -39.73 -18.89
CA ALA O 79 -25.69 -40.66 -19.60
C ALA O 79 -25.12 -41.00 -20.97
N ALA O 80 -24.58 -40.00 -21.67
CA ALA O 80 -23.96 -40.26 -22.97
C ALA O 80 -22.67 -41.05 -22.81
N ALA O 81 -21.98 -40.90 -21.68
CA ALA O 81 -20.77 -41.69 -21.44
C ALA O 81 -21.11 -43.14 -21.19
N ALA O 82 -22.15 -43.41 -20.40
CA ALA O 82 -22.57 -44.78 -20.16
C ALA O 82 -23.13 -45.42 -21.42
N GLN O 83 -23.70 -44.61 -22.32
CA GLN O 83 -24.18 -45.14 -23.59
C GLN O 83 -23.03 -45.61 -24.47
N ASP O 84 -21.88 -44.94 -24.40
CA ASP O 84 -20.72 -45.30 -25.20
C ASP O 84 -19.97 -46.50 -24.62
N GLU O 85 -20.16 -46.80 -23.34
CA GLU O 85 -19.42 -47.91 -22.73
C GLU O 85 -19.90 -49.25 -23.25
N ILE O 86 -21.21 -49.52 -23.13
CA ILE O 86 -21.73 -50.82 -23.52
C ILE O 86 -21.93 -50.90 -25.04
N THR O 87 -22.57 -49.90 -25.62
CA THR O 87 -22.95 -49.96 -27.03
C THR O 87 -21.92 -49.33 -27.97
N GLY O 88 -20.95 -48.59 -27.45
CA GLY O 88 -19.94 -47.96 -28.28
C GLY O 88 -20.49 -46.94 -29.26
N ASP O 89 -21.77 -46.59 -29.14
CA ASP O 89 -22.40 -45.68 -30.08
C ASP O 89 -23.62 -45.08 -29.40
N GLY O 90 -24.09 -43.96 -29.95
CA GLY O 90 -25.27 -43.30 -29.46
C GLY O 90 -25.03 -42.13 -28.51
N THR O 91 -23.82 -41.58 -28.47
CA THR O 91 -23.55 -40.45 -27.59
C THR O 91 -24.35 -39.23 -28.02
N THR O 92 -24.25 -38.85 -29.30
CA THR O 92 -24.98 -37.70 -29.79
C THR O 92 -26.49 -37.94 -29.79
N THR O 93 -26.91 -39.17 -30.04
CA THR O 93 -28.34 -39.47 -30.11
C THR O 93 -29.02 -39.24 -28.76
N VAL O 94 -28.41 -39.72 -27.68
CA VAL O 94 -29.01 -39.57 -26.36
C VAL O 94 -29.09 -38.10 -25.97
N VAL O 95 -28.05 -37.32 -26.30
CA VAL O 95 -28.04 -35.91 -25.95
C VAL O 95 -29.18 -35.17 -26.66
N CYS O 96 -29.42 -35.51 -27.93
CA CYS O 96 -30.49 -34.85 -28.67
C CYS O 96 -31.86 -35.24 -28.17
N LEU O 97 -32.00 -36.44 -27.61
CA LEU O 97 -33.31 -36.89 -27.12
C LEU O 97 -33.64 -36.27 -25.77
N VAL O 98 -32.67 -36.18 -24.87
CA VAL O 98 -32.93 -35.65 -23.53
C VAL O 98 -33.40 -34.20 -23.61
N GLY O 99 -32.67 -33.37 -24.37
CA GLY O 99 -33.06 -31.99 -24.49
C GLY O 99 -34.38 -31.79 -25.19
N GLU O 100 -34.75 -32.70 -26.10
CA GLU O 100 -36.02 -32.60 -26.80
C GLU O 100 -37.19 -33.05 -25.93
N LEU O 101 -36.99 -34.10 -25.13
CA LEU O 101 -38.04 -34.54 -24.23
C LEU O 101 -38.39 -33.48 -23.20
N LEU O 102 -37.41 -32.67 -22.80
CA LEU O 102 -37.67 -31.62 -21.82
C LEU O 102 -38.41 -30.44 -22.44
N ARG O 103 -38.01 -30.02 -23.65
CA ARG O 103 -38.66 -28.87 -24.28
C ARG O 103 -40.10 -29.19 -24.65
N GLN O 104 -40.36 -30.40 -25.14
CA GLN O 104 -41.73 -30.77 -25.49
C GLN O 104 -42.60 -30.88 -24.26
N ALA O 105 -42.06 -31.37 -23.15
CA ALA O 105 -42.82 -31.47 -21.92
C ALA O 105 -42.93 -30.12 -21.20
N HIS O 106 -41.97 -29.23 -21.41
CA HIS O 106 -42.03 -27.92 -20.77
C HIS O 106 -43.15 -27.07 -21.34
N ARG O 107 -43.55 -27.32 -22.59
CA ARG O 107 -44.65 -26.57 -23.18
C ARG O 107 -45.98 -26.89 -22.50
N PHE O 108 -46.16 -28.14 -22.04
CA PHE O 108 -47.37 -28.50 -21.35
C PHE O 108 -47.37 -28.04 -19.90
N ILE O 109 -46.18 -27.86 -19.30
CA ILE O 109 -46.11 -27.40 -17.92
C ILE O 109 -46.66 -25.98 -17.80
N GLN O 110 -46.36 -25.12 -18.77
CA GLN O 110 -46.91 -23.77 -18.78
C GLN O 110 -48.41 -23.76 -18.98
N GLU O 111 -48.99 -24.86 -19.46
CA GLU O 111 -50.43 -24.98 -19.65
C GLU O 111 -51.16 -25.45 -18.40
N GLY O 112 -50.43 -25.68 -17.30
CA GLY O 112 -51.03 -26.16 -16.07
C GLY O 112 -50.94 -27.65 -15.83
N VAL O 113 -50.09 -28.35 -16.57
CA VAL O 113 -49.95 -29.80 -16.42
C VAL O 113 -48.87 -30.09 -15.39
N HIS O 114 -49.17 -30.96 -14.43
CA HIS O 114 -48.22 -31.30 -13.39
C HIS O 114 -47.20 -32.32 -13.93
N PRO O 115 -45.92 -32.18 -13.54
CA PRO O 115 -44.89 -33.07 -14.09
C PRO O 115 -45.09 -34.55 -13.75
N ARG O 116 -45.90 -34.87 -12.74
CA ARG O 116 -46.07 -36.27 -12.35
C ARG O 116 -46.75 -37.06 -13.47
N ILE O 117 -47.86 -36.54 -14.00
CA ILE O 117 -48.56 -37.24 -15.07
C ILE O 117 -47.79 -37.18 -16.38
N ILE O 118 -46.85 -36.24 -16.50
CA ILE O 118 -46.00 -36.20 -17.69
C ILE O 118 -45.04 -37.38 -17.71
N THR O 119 -44.48 -37.72 -16.55
CA THR O 119 -43.60 -38.88 -16.47
C THR O 119 -44.34 -40.19 -16.69
N ASP O 120 -45.65 -40.20 -16.41
CA ASP O 120 -46.45 -41.40 -16.68
C ASP O 120 -46.57 -41.66 -18.17
N GLY O 121 -46.79 -40.61 -18.95
CA GLY O 121 -46.88 -40.77 -20.40
C GLY O 121 -45.59 -41.20 -21.04
N PHE O 122 -44.45 -40.98 -20.39
CA PHE O 122 -43.16 -41.42 -20.93
C PHE O 122 -42.98 -42.91 -20.75
N GLU O 123 -43.31 -43.45 -19.57
CA GLU O 123 -43.09 -44.86 -19.31
C GLU O 123 -44.08 -45.73 -20.08
N ILE O 124 -45.32 -45.26 -20.23
CA ILE O 124 -46.32 -46.05 -20.96
C ILE O 124 -45.99 -46.07 -22.45
N ALA O 125 -45.56 -44.94 -23.00
CA ALA O 125 -45.23 -44.90 -24.43
C ALA O 125 -43.91 -45.60 -24.72
N ARG O 126 -43.01 -45.66 -23.74
CA ARG O 126 -41.73 -46.34 -23.96
C ARG O 126 -41.91 -47.85 -23.99
N LYS O 127 -42.78 -48.39 -23.13
CA LYS O 127 -43.04 -49.81 -23.15
C LYS O 127 -43.74 -50.24 -24.44
N GLU O 128 -44.58 -49.37 -25.01
CA GLU O 128 -45.20 -49.67 -26.28
C GLU O 128 -44.19 -49.59 -27.42
N SER O 129 -43.16 -48.76 -27.28
CA SER O 129 -42.11 -48.70 -28.30
C SER O 129 -41.24 -49.94 -28.28
N MET O 130 -41.07 -50.56 -27.11
CA MET O 130 -40.30 -51.80 -27.04
C MET O 130 -41.04 -52.95 -27.70
N LYS O 131 -42.37 -52.96 -27.59
CA LYS O 131 -43.15 -53.99 -28.28
C LYS O 131 -43.13 -53.78 -29.79
N PHE O 132 -43.14 -52.51 -30.23
CA PHE O 132 -43.03 -52.23 -31.66
C PHE O 132 -41.61 -52.49 -32.16
N LEU O 133 -40.61 -52.39 -31.28
CA LEU O 133 -39.23 -52.66 -31.68
C LEU O 133 -39.05 -54.12 -32.07
N ASP O 134 -39.79 -55.03 -31.44
CA ASP O 134 -39.67 -56.45 -31.78
C ASP O 134 -40.26 -56.75 -33.14
N GLU O 135 -41.37 -56.09 -33.49
CA GLU O 135 -41.99 -56.31 -34.79
C GLU O 135 -41.28 -55.55 -35.90
N PHE O 136 -40.65 -54.42 -35.58
CA PHE O 136 -39.99 -53.61 -36.60
C PHE O 136 -38.62 -54.19 -36.99
N LYS O 137 -37.96 -54.87 -36.07
CA LYS O 137 -36.64 -55.42 -36.36
C LYS O 137 -36.75 -56.66 -37.25
N ILE O 138 -35.72 -56.89 -38.05
CA ILE O 138 -35.67 -57.99 -38.99
C ILE O 138 -34.49 -58.88 -38.62
N SER O 139 -34.76 -60.18 -38.44
CA SER O 139 -33.72 -61.14 -38.10
C SER O 139 -32.92 -61.51 -39.34
N LYS O 140 -31.61 -61.68 -39.17
CA LYS O 140 -30.72 -62.03 -40.25
C LYS O 140 -30.01 -63.34 -39.93
N THR O 141 -29.51 -64.00 -40.98
CA THR O 141 -28.78 -65.26 -40.84
C THR O 141 -27.29 -64.96 -40.98
N ASN O 142 -26.56 -65.13 -39.87
CA ASN O 142 -25.13 -64.88 -39.85
C ASN O 142 -24.30 -66.13 -40.10
N LEU O 143 -24.94 -67.28 -40.37
CA LEU O 143 -24.20 -68.51 -40.62
C LEU O 143 -23.51 -68.49 -41.99
N SER O 144 -23.99 -67.67 -42.93
CA SER O 144 -23.37 -67.61 -44.25
C SER O 144 -22.10 -66.79 -44.26
N ASN O 145 -21.98 -65.82 -43.33
CA ASN O 145 -20.80 -64.95 -43.25
C ASN O 145 -20.55 -64.23 -44.57
N ASP O 146 -21.59 -63.60 -45.10
CA ASP O 146 -21.47 -62.86 -46.35
C ASP O 146 -20.80 -61.51 -46.12
N ARG O 147 -20.01 -61.08 -47.10
CA ARG O 147 -19.30 -59.82 -46.99
C ARG O 147 -20.19 -58.62 -47.28
N GLU O 148 -21.09 -58.76 -48.27
CA GLU O 148 -21.90 -57.61 -48.70
C GLU O 148 -22.77 -57.09 -47.58
N PHE O 149 -23.28 -57.97 -46.72
CA PHE O 149 -24.11 -57.52 -45.61
C PHE O 149 -23.30 -56.78 -44.57
N LEU O 150 -22.07 -57.23 -44.31
CA LEU O 150 -21.23 -56.58 -43.30
C LEU O 150 -20.60 -55.29 -43.80
N LEU O 151 -20.41 -55.16 -45.12
CA LEU O 151 -19.82 -53.94 -45.65
C LEU O 151 -20.79 -52.77 -45.55
N GLN O 152 -22.08 -53.01 -45.80
CA GLN O 152 -23.05 -51.93 -45.76
C GLN O 152 -23.32 -51.47 -44.34
N VAL O 153 -23.34 -52.41 -43.39
CA VAL O 153 -23.58 -52.05 -41.99
C VAL O 153 -22.38 -51.31 -41.42
N ALA O 154 -21.16 -51.77 -41.74
CA ALA O 154 -19.97 -51.12 -41.23
C ALA O 154 -19.72 -49.77 -41.88
N ARG O 155 -20.14 -49.60 -43.15
CA ARG O 155 -19.97 -48.33 -43.82
C ARG O 155 -20.87 -47.25 -43.22
N SER O 156 -22.06 -47.64 -42.76
CA SER O 156 -22.99 -46.66 -42.22
C SER O 156 -22.44 -45.95 -40.99
N SER O 157 -21.63 -46.65 -40.19
CA SER O 157 -21.01 -46.03 -39.02
C SER O 157 -19.83 -45.16 -39.39
N LEU O 158 -19.11 -45.51 -40.48
CA LEU O 158 -17.95 -44.72 -40.88
C LEU O 158 -18.35 -43.46 -41.63
N LEU O 159 -19.53 -43.44 -42.26
CA LEU O 159 -19.99 -42.23 -42.93
C LEU O 159 -20.23 -41.08 -41.97
N THR O 160 -20.46 -41.39 -40.69
CA THR O 160 -20.68 -40.36 -39.67
C THR O 160 -19.39 -39.87 -39.04
N LYS O 161 -18.23 -40.35 -39.51
CA LYS O 161 -16.93 -39.94 -38.96
C LYS O 161 -16.14 -39.16 -40.01
N VAL O 162 -15.74 -39.81 -41.11
CA VAL O 162 -14.92 -39.16 -42.11
C VAL O 162 -15.68 -39.09 -43.43
N ASP O 163 -15.03 -38.58 -44.47
CA ASP O 163 -15.66 -38.43 -45.78
C ASP O 163 -15.80 -39.80 -46.45
N ALA O 164 -16.36 -39.78 -47.67
CA ALA O 164 -16.59 -41.03 -48.40
C ALA O 164 -15.32 -41.61 -48.98
N ASP O 165 -14.26 -40.80 -49.15
CA ASP O 165 -13.02 -41.32 -49.70
C ASP O 165 -12.32 -42.25 -48.72
N LEU O 166 -12.14 -41.79 -47.48
CA LEU O 166 -11.52 -42.63 -46.45
C LEU O 166 -12.48 -43.71 -45.95
N THR O 167 -13.79 -43.50 -46.09
CA THR O 167 -14.75 -44.51 -45.65
C THR O 167 -14.62 -45.79 -46.47
N GLU O 168 -14.49 -45.66 -47.80
CA GLU O 168 -14.35 -46.84 -48.65
C GLU O 168 -13.07 -47.60 -48.36
N VAL O 169 -12.05 -46.92 -47.85
CA VAL O 169 -10.81 -47.59 -47.47
C VAL O 169 -10.96 -48.33 -46.15
N LEU O 170 -11.57 -47.68 -45.16
CA LEU O 170 -11.73 -48.28 -43.83
C LEU O 170 -12.90 -49.24 -43.74
N THR O 171 -13.80 -49.26 -44.72
CA THR O 171 -14.94 -50.16 -44.66
C THR O 171 -14.54 -51.62 -44.68
N PRO O 172 -13.68 -52.11 -45.59
CA PRO O 172 -13.26 -53.51 -45.50
C PRO O 172 -12.36 -53.79 -44.31
N ILE O 173 -11.71 -52.76 -43.74
CA ILE O 173 -10.84 -52.97 -42.59
C ILE O 173 -11.67 -53.31 -41.35
N VAL O 174 -12.68 -52.49 -41.06
CA VAL O 174 -13.55 -52.76 -39.92
C VAL O 174 -14.43 -53.98 -40.16
N THR O 175 -14.68 -54.32 -41.44
CA THR O 175 -15.37 -55.56 -41.73
C THR O 175 -14.47 -56.77 -41.48
N ASP O 176 -13.19 -56.64 -41.83
CA ASP O 176 -12.20 -57.68 -41.55
C ASP O 176 -11.76 -57.69 -40.09
N ALA O 177 -12.20 -56.74 -39.28
CA ALA O 177 -11.81 -56.70 -37.88
C ALA O 177 -12.24 -57.95 -37.12
N VAL O 178 -13.20 -58.71 -37.64
CA VAL O 178 -13.66 -59.92 -36.98
C VAL O 178 -13.11 -61.15 -37.69
N LEU O 179 -13.62 -61.46 -38.89
CA LEU O 179 -13.15 -62.60 -39.69
C LEU O 179 -13.14 -63.90 -38.92
N SER O 180 -11.93 -64.47 -38.73
CA SER O 180 -11.76 -65.80 -38.18
C SER O 180 -12.21 -65.91 -36.73
N VAL O 181 -12.60 -64.82 -36.08
CA VAL O 181 -13.01 -64.85 -34.68
C VAL O 181 -14.52 -65.08 -34.65
N TYR O 182 -14.92 -66.28 -34.26
CA TYR O 182 -16.34 -66.61 -34.13
C TYR O 182 -16.47 -67.84 -33.25
N ASP O 183 -17.63 -67.98 -32.62
CA ASP O 183 -18.00 -69.20 -31.92
C ASP O 183 -19.49 -69.46 -32.11
N ALA O 184 -19.84 -70.68 -32.52
CA ALA O 184 -21.25 -71.01 -32.70
C ALA O 184 -21.93 -71.26 -31.35
N GLN O 185 -21.37 -72.15 -30.53
CA GLN O 185 -22.01 -72.55 -29.29
C GLN O 185 -21.73 -71.56 -28.17
N ALA O 186 -20.49 -71.10 -28.04
CA ALA O 186 -20.10 -70.35 -26.85
C ALA O 186 -20.61 -68.92 -26.86
N ASP O 187 -20.84 -68.34 -28.04
CA ASP O 187 -21.43 -67.01 -28.21
C ASP O 187 -20.49 -65.91 -27.72
N ASN O 188 -19.35 -66.30 -27.16
CA ASN O 188 -18.40 -65.32 -26.63
C ASN O 188 -17.74 -64.59 -27.80
N LEU O 189 -17.82 -63.26 -27.78
CA LEU O 189 -17.21 -62.43 -28.80
C LEU O 189 -16.48 -61.27 -28.11
N ASP O 190 -15.17 -61.18 -28.31
CA ASP O 190 -14.35 -60.17 -27.67
C ASP O 190 -13.63 -59.33 -28.72
N LEU O 191 -13.85 -58.02 -28.66
CA LEU O 191 -13.20 -57.09 -29.58
C LEU O 191 -11.92 -56.49 -29.02
N HIS O 192 -11.50 -56.91 -27.83
CA HIS O 192 -10.24 -56.43 -27.26
C HIS O 192 -9.03 -57.18 -27.77
N MET O 193 -9.22 -58.19 -28.63
CA MET O 193 -8.09 -58.92 -29.19
C MET O 193 -7.46 -58.20 -30.37
N VAL O 194 -8.13 -57.22 -30.95
CA VAL O 194 -7.54 -56.43 -32.03
C VAL O 194 -6.74 -55.28 -31.41
N GLU O 195 -5.58 -55.00 -31.99
CA GLU O 195 -4.67 -54.00 -31.47
C GLU O 195 -4.75 -52.72 -32.27
N ILE O 196 -4.76 -51.58 -31.57
CA ILE O 196 -4.81 -50.27 -32.19
C ILE O 196 -3.40 -49.69 -32.16
N MET O 197 -2.78 -49.57 -33.33
CA MET O 197 -1.43 -49.06 -33.46
C MET O 197 -1.47 -47.60 -33.91
N GLN O 198 -0.67 -46.76 -33.26
CA GLN O 198 -0.58 -45.35 -33.60
C GLN O 198 0.81 -45.06 -34.14
N MET O 199 0.89 -44.78 -35.44
CA MET O 199 2.16 -44.46 -36.09
C MET O 199 1.88 -43.56 -37.27
N GLN O 200 2.89 -42.78 -37.66
CA GLN O 200 2.80 -41.91 -38.83
C GLN O 200 3.57 -42.56 -39.97
N HIS O 201 2.85 -43.09 -40.95
CA HIS O 201 3.46 -43.71 -42.11
C HIS O 201 2.48 -43.60 -43.28
N LEU O 202 3.03 -43.44 -44.48
CA LEU O 202 2.24 -43.23 -45.69
C LEU O 202 1.21 -42.12 -45.49
N SER O 203 -0.06 -42.45 -45.68
CA SER O 203 -1.17 -41.52 -45.54
C SER O 203 -2.29 -42.20 -44.78
N PRO O 204 -3.19 -41.43 -44.17
CA PRO O 204 -4.33 -42.04 -43.47
C PRO O 204 -5.19 -42.91 -44.36
N LYS O 205 -5.24 -42.63 -45.66
CA LYS O 205 -6.02 -43.42 -46.60
C LYS O 205 -5.26 -44.61 -47.17
N ASP O 206 -3.96 -44.73 -46.86
CA ASP O 206 -3.14 -45.82 -47.35
C ASP O 206 -3.02 -46.99 -46.38
N THR O 207 -3.72 -46.91 -45.24
CA THR O 207 -3.65 -47.98 -44.26
C THR O 207 -4.30 -49.26 -44.80
N THR O 208 -3.87 -50.39 -44.26
CA THR O 208 -4.35 -51.70 -44.68
C THR O 208 -4.55 -52.59 -43.47
N PHE O 209 -5.23 -53.70 -43.69
CA PHE O 209 -5.51 -54.68 -42.64
C PHE O 209 -4.49 -55.80 -42.68
N ILE O 210 -4.10 -56.29 -41.51
CA ILE O 210 -3.12 -57.36 -41.36
C ILE O 210 -3.82 -58.56 -40.73
N LYS O 211 -3.50 -59.75 -41.23
CA LYS O 211 -4.10 -60.99 -40.77
C LYS O 211 -3.40 -61.57 -39.54
N GLY O 212 -2.40 -60.89 -39.00
CA GLY O 212 -1.67 -61.39 -37.86
C GLY O 212 -1.20 -60.25 -36.98
N LEU O 213 -0.68 -60.63 -35.81
CA LEU O 213 -0.32 -59.65 -34.79
C LEU O 213 0.86 -58.80 -35.24
N VAL O 214 0.81 -57.52 -34.87
CA VAL O 214 1.89 -56.57 -35.14
C VAL O 214 2.32 -55.94 -33.83
N LEU O 215 3.63 -55.93 -33.58
CA LEU O 215 4.19 -55.40 -32.35
C LEU O 215 5.04 -54.18 -32.64
N ASP O 216 5.15 -53.29 -31.65
CA ASP O 216 5.90 -52.05 -31.79
C ASP O 216 7.37 -52.18 -31.39
N HIS O 217 7.79 -53.33 -30.88
CA HIS O 217 9.17 -53.52 -30.47
C HIS O 217 9.99 -54.10 -31.62
N GLY O 218 11.20 -53.55 -31.80
CA GLY O 218 12.08 -53.98 -32.85
C GLY O 218 13.23 -54.84 -32.34
N GLY O 219 14.08 -55.25 -33.28
CA GLY O 219 15.23 -56.08 -32.94
C GLY O 219 16.24 -55.29 -32.14
N ARG O 220 16.66 -55.83 -30.99
CA ARG O 220 17.62 -55.16 -30.13
C ARG O 220 19.05 -55.31 -30.62
N HIS O 221 19.35 -56.35 -31.39
CA HIS O 221 20.71 -56.57 -31.87
C HIS O 221 20.74 -56.58 -33.40
N PRO O 222 21.80 -56.03 -34.01
CA PRO O 222 21.82 -55.97 -35.48
C PRO O 222 21.84 -57.33 -36.15
N ASP O 223 22.57 -58.30 -35.60
CA ASP O 223 22.69 -59.61 -36.22
C ASP O 223 21.40 -60.42 -36.19
N MET O 224 20.40 -59.98 -35.43
CA MET O 224 19.12 -60.67 -35.40
C MET O 224 18.44 -60.55 -36.76
N PRO O 225 18.12 -61.67 -37.43
CA PRO O 225 17.49 -61.57 -38.76
C PRO O 225 16.13 -60.90 -38.67
N THR O 226 15.91 -59.94 -39.57
CA THR O 226 14.63 -59.23 -39.60
C THR O 226 13.54 -60.10 -40.23
N ARG O 227 13.84 -60.74 -41.35
CA ARG O 227 12.90 -61.60 -42.05
C ARG O 227 13.15 -63.06 -41.68
N VAL O 228 12.12 -63.73 -41.19
CA VAL O 228 12.19 -65.13 -40.80
C VAL O 228 11.05 -65.88 -41.49
N LYS O 229 11.39 -66.94 -42.22
CA LYS O 229 10.38 -67.70 -42.93
C LYS O 229 9.60 -68.63 -42.00
N ASN O 230 10.30 -69.31 -41.10
CA ASN O 230 9.67 -70.21 -40.13
C ASN O 230 10.16 -69.86 -38.75
N ALA O 231 9.25 -69.40 -37.88
CA ALA O 231 9.61 -68.97 -36.54
C ALA O 231 8.72 -69.67 -35.52
N TYR O 232 9.33 -70.09 -34.41
CA TYR O 232 8.61 -70.70 -33.30
C TYR O 232 8.60 -69.70 -32.15
N VAL O 233 7.44 -69.14 -31.85
CA VAL O 233 7.31 -68.12 -30.82
C VAL O 233 7.35 -68.79 -29.44
N LEU O 234 8.30 -68.38 -28.60
CA LEU O 234 8.42 -68.87 -27.24
C LEU O 234 8.02 -67.75 -26.29
N ILE O 235 6.90 -67.94 -25.61
CA ILE O 235 6.40 -66.96 -24.65
C ILE O 235 7.14 -67.12 -23.35
N LEU O 236 7.82 -66.06 -22.91
CA LEU O 236 8.57 -66.07 -21.65
C LEU O 236 8.13 -64.88 -20.83
N ASN O 237 7.49 -65.13 -19.69
CA ASN O 237 7.05 -64.08 -18.79
C ASN O 237 8.08 -63.75 -17.72
N VAL O 238 9.14 -64.55 -17.60
CA VAL O 238 10.17 -64.31 -16.61
C VAL O 238 11.16 -63.29 -17.16
N SER O 239 11.69 -62.45 -16.27
CA SER O 239 12.67 -61.43 -16.64
C SER O 239 14.06 -62.05 -16.61
N LEU O 240 14.76 -62.00 -17.75
CA LEU O 240 16.11 -62.54 -17.82
C LEU O 240 17.08 -61.68 -17.02
N GLU O 241 16.83 -60.38 -16.92
CA GLU O 241 17.67 -59.47 -16.15
C GLU O 241 16.98 -59.18 -14.82
N TYR O 242 17.64 -59.53 -13.71
CA TYR O 242 17.07 -59.29 -12.40
C TYR O 242 17.11 -57.80 -12.07
N GLU O 243 15.98 -57.25 -11.66
CA GLU O 243 15.93 -55.85 -11.27
C GLU O 243 16.45 -55.66 -9.84
N LYS O 244 16.03 -56.51 -8.93
CA LYS O 244 16.48 -56.45 -7.54
C LYS O 244 16.29 -57.82 -6.90
N THR O 245 16.99 -58.03 -5.80
CA THR O 245 16.86 -59.25 -5.00
C THR O 245 15.93 -58.98 -3.83
N GLU O 246 15.00 -59.90 -3.58
CA GLU O 246 14.03 -59.71 -2.52
C GLU O 246 14.71 -59.59 -1.15
N VAL O 247 15.49 -60.60 -0.78
CA VAL O 247 16.22 -60.56 0.47
C VAL O 247 17.51 -59.78 0.29
N ASN O 248 17.72 -58.77 1.14
CA ASN O 248 18.92 -57.95 1.03
C ASN O 248 20.16 -58.78 1.28
N SER O 249 21.11 -58.71 0.36
CA SER O 249 22.33 -59.50 0.44
C SER O 249 23.46 -58.76 -0.25
N GLY O 250 24.69 -59.19 0.05
CA GLY O 250 25.87 -58.59 -0.55
C GLY O 250 26.97 -59.61 -0.71
N PHE O 251 27.99 -59.22 -1.46
CA PHE O 251 29.13 -60.08 -1.77
C PHE O 251 30.36 -59.56 -1.02
N PHE O 252 30.88 -60.39 -0.11
CA PHE O 252 32.08 -60.07 0.66
C PHE O 252 33.19 -61.03 0.22
N TYR O 253 34.20 -60.50 -0.45
CA TYR O 253 35.31 -61.31 -0.94
C TYR O 253 36.55 -61.06 -0.09
N SER O 254 37.28 -62.14 0.21
CA SER O 254 38.49 -62.03 1.01
C SER O 254 39.67 -61.54 0.17
N SER O 255 39.81 -62.07 -1.04
CA SER O 255 40.92 -61.72 -1.92
C SER O 255 40.37 -61.24 -3.26
N ALA O 256 41.22 -60.54 -4.01
CA ALA O 256 40.81 -60.01 -5.31
C ALA O 256 40.53 -61.11 -6.33
N ASP O 257 41.02 -62.32 -6.11
CA ASP O 257 40.75 -63.42 -7.02
C ASP O 257 39.28 -63.83 -7.00
N GLN O 258 38.55 -63.53 -5.92
CA GLN O 258 37.14 -63.86 -5.83
C GLN O 258 36.23 -62.81 -6.46
N ARG O 259 36.78 -61.65 -6.83
CA ARG O 259 35.97 -60.61 -7.45
C ARG O 259 35.41 -61.07 -8.79
N ASP O 260 36.27 -61.63 -9.65
CA ASP O 260 35.79 -62.18 -10.91
C ASP O 260 34.99 -63.47 -10.70
N LYS O 261 35.21 -64.15 -9.57
CA LYS O 261 34.43 -65.37 -9.30
C LYS O 261 33.04 -65.03 -8.80
N LEU O 262 32.91 -64.03 -7.91
CA LEU O 262 31.59 -63.59 -7.49
C LEU O 262 30.82 -62.94 -8.62
N ALA O 263 31.53 -62.25 -9.54
CA ALA O 263 30.87 -61.74 -10.73
C ALA O 263 30.43 -62.87 -11.65
N ALA O 264 31.18 -63.97 -11.68
CA ALA O 264 30.78 -65.15 -12.43
C ALA O 264 29.71 -65.95 -11.71
N SER O 265 29.52 -65.73 -10.41
CA SER O 265 28.44 -66.40 -9.69
C SER O 265 27.07 -65.96 -10.21
N GLU O 266 26.94 -64.68 -10.52
CA GLU O 266 25.70 -64.19 -11.13
C GLU O 266 25.56 -64.62 -12.59
N ARG O 267 26.62 -65.13 -13.20
CA ARG O 267 26.56 -65.62 -14.58
C ARG O 267 25.94 -67.00 -14.67
N LYS O 268 25.88 -67.74 -13.56
CA LYS O 268 25.32 -69.08 -13.59
C LYS O 268 23.80 -69.06 -13.66
N PHE O 269 23.16 -68.17 -12.91
CA PHE O 269 21.71 -68.08 -12.94
C PHE O 269 21.21 -67.57 -14.28
N VAL O 270 21.95 -66.67 -14.92
CA VAL O 270 21.56 -66.18 -16.24
C VAL O 270 21.71 -67.28 -17.28
N ASP O 271 22.84 -67.99 -17.25
CA ASP O 271 23.06 -69.08 -18.19
C ASP O 271 22.18 -70.29 -17.92
N ALA O 272 21.68 -70.43 -16.69
CA ALA O 272 20.79 -71.55 -16.39
C ALA O 272 19.46 -71.41 -17.14
N LYS O 273 18.94 -70.19 -17.23
CA LYS O 273 17.71 -69.97 -17.99
C LYS O 273 17.97 -70.03 -19.49
N LEU O 274 19.17 -69.63 -19.92
CA LEU O 274 19.50 -69.64 -21.34
C LEU O 274 19.89 -71.03 -21.85
N LYS O 275 20.26 -71.94 -20.94
CA LYS O 275 20.69 -73.27 -21.38
C LYS O 275 19.53 -74.06 -21.97
N LYS O 276 18.36 -74.01 -21.34
CA LYS O 276 17.21 -74.76 -21.84
C LYS O 276 16.58 -74.10 -23.06
N ILE O 277 16.83 -72.81 -23.28
CA ILE O 277 16.27 -72.14 -24.46
C ILE O 277 17.03 -72.53 -25.71
N ILE O 278 18.36 -72.60 -25.64
CA ILE O 278 19.15 -72.97 -26.81
C ILE O 278 18.88 -74.42 -27.20
N ASP O 279 18.71 -75.30 -26.21
CA ASP O 279 18.42 -76.69 -26.51
C ASP O 279 17.04 -76.88 -27.13
N LEU O 280 16.13 -75.93 -26.92
CA LEU O 280 14.80 -76.04 -27.51
C LEU O 280 14.82 -75.74 -29.01
N LYS O 281 15.71 -74.85 -29.46
CA LYS O 281 15.78 -74.50 -30.88
C LYS O 281 16.30 -75.67 -31.70
N ASN O 282 17.41 -76.26 -31.28
CA ASN O 282 18.01 -77.38 -32.00
C ASN O 282 17.29 -78.70 -31.77
N GLU O 283 16.32 -78.75 -30.87
CA GLU O 283 15.62 -79.99 -30.59
C GLU O 283 14.81 -80.47 -31.79
N VAL O 284 14.10 -79.56 -32.45
CA VAL O 284 13.30 -79.90 -33.62
C VAL O 284 14.19 -80.50 -34.70
N CYS O 285 15.05 -79.67 -35.28
CA CYS O 285 16.02 -80.13 -36.27
C CYS O 285 17.25 -79.24 -36.23
N GLY O 286 18.42 -79.85 -36.39
CA GLY O 286 19.66 -79.09 -36.43
C GLY O 286 20.08 -78.75 -37.85
N MET O 287 20.84 -77.66 -37.96
CA MET O 287 21.38 -77.20 -39.24
C MET O 287 20.28 -77.05 -40.29
N ASP O 288 19.16 -76.44 -39.89
CA ASP O 288 18.02 -76.29 -40.78
C ASP O 288 17.88 -74.82 -41.18
N PRO O 289 18.13 -74.47 -42.43
CA PRO O 289 17.99 -73.07 -42.85
C PRO O 289 16.53 -72.67 -42.97
N ASP O 290 16.31 -71.35 -43.02
CA ASP O 290 15.01 -70.73 -43.26
C ASP O 290 14.06 -70.92 -42.08
N LYS O 291 14.48 -71.67 -41.06
CA LYS O 291 13.69 -71.87 -39.85
C LYS O 291 14.36 -71.11 -38.71
N GLY O 292 13.70 -70.04 -38.25
CA GLY O 292 14.22 -69.23 -37.17
C GLY O 292 13.49 -69.49 -35.85
N PHE O 293 13.92 -68.75 -34.84
CA PHE O 293 13.37 -68.87 -33.49
C PHE O 293 13.24 -67.48 -32.90
N VAL O 294 12.05 -67.16 -32.39
CA VAL O 294 11.74 -65.82 -31.90
C VAL O 294 11.17 -65.92 -30.49
N ILE O 295 11.62 -65.02 -29.61
CA ILE O 295 11.13 -64.94 -28.24
C ILE O 295 10.46 -63.59 -28.04
N ILE O 296 9.27 -63.61 -27.46
CA ILE O 296 8.54 -62.39 -27.10
C ILE O 296 8.39 -62.39 -25.59
N ASN O 297 9.05 -61.45 -24.92
CA ASN O 297 9.08 -61.37 -23.47
C ASN O 297 8.27 -60.17 -23.00
N GLN O 298 7.49 -60.36 -21.94
CA GLN O 298 6.71 -59.27 -21.37
C GLN O 298 7.58 -58.34 -20.52
N LYS O 299 8.58 -58.88 -19.84
CA LYS O 299 9.47 -58.09 -19.00
C LYS O 299 10.74 -57.75 -19.76
N GLY O 300 11.67 -57.10 -19.07
CA GLY O 300 12.91 -56.68 -19.70
C GLY O 300 13.84 -57.84 -19.98
N ILE O 301 14.73 -57.63 -20.95
CA ILE O 301 15.72 -58.61 -21.35
C ILE O 301 17.10 -58.01 -21.14
N ASP O 302 18.00 -58.79 -20.57
CA ASP O 302 19.36 -58.33 -20.28
C ASP O 302 20.08 -57.99 -21.57
N PRO O 303 20.58 -56.76 -21.74
CA PRO O 303 21.39 -56.45 -22.92
C PRO O 303 22.63 -57.32 -23.03
N MET O 304 23.14 -57.84 -21.92
CA MET O 304 24.27 -58.76 -21.97
C MET O 304 23.91 -60.07 -22.65
N SER O 305 22.67 -60.53 -22.48
CA SER O 305 22.22 -61.78 -23.07
C SER O 305 21.86 -61.65 -24.54
N LEU O 306 21.85 -60.43 -25.10
CA LEU O 306 21.50 -60.25 -26.50
C LEU O 306 22.50 -60.93 -27.42
N ASP O 307 23.78 -60.94 -27.05
CA ASP O 307 24.79 -61.60 -27.86
C ASP O 307 24.68 -63.12 -27.81
N VAL O 308 24.04 -63.67 -26.78
CA VAL O 308 23.82 -65.10 -26.72
C VAL O 308 22.88 -65.55 -27.82
N PHE O 309 21.79 -64.80 -28.03
CA PHE O 309 20.85 -65.10 -29.10
C PHE O 309 21.32 -64.60 -30.45
N ALA O 310 22.27 -63.65 -30.47
CA ALA O 310 22.75 -63.13 -31.74
C ALA O 310 23.55 -64.16 -32.52
N LYS O 311 24.29 -65.03 -31.81
CA LYS O 311 25.05 -66.07 -32.49
C LYS O 311 24.14 -67.13 -33.09
N HIS O 312 22.99 -67.38 -32.45
CA HIS O 312 22.02 -68.35 -32.94
C HIS O 312 20.97 -67.73 -33.85
N ASN O 313 21.07 -66.43 -34.14
CA ASN O 313 20.13 -65.73 -35.01
C ASN O 313 18.70 -65.83 -34.47
N ILE O 314 18.55 -65.49 -33.19
CA ILE O 314 17.27 -65.53 -32.51
C ILE O 314 16.81 -64.11 -32.24
N LEU O 315 15.57 -63.81 -32.63
CA LEU O 315 14.98 -62.50 -32.41
C LEU O 315 14.35 -62.46 -31.02
N ALA O 316 14.59 -61.36 -30.30
CA ALA O 316 14.08 -61.19 -28.94
C ALA O 316 13.34 -59.86 -28.84
N LEU O 317 12.24 -59.87 -28.08
CA LEU O 317 11.43 -58.69 -27.85
C LEU O 317 11.13 -58.57 -26.37
N ARG O 318 11.25 -57.35 -25.85
CA ARG O 318 11.07 -57.10 -24.43
C ARG O 318 10.01 -56.02 -24.21
N ARG O 319 9.53 -55.93 -22.97
CA ARG O 319 8.56 -54.92 -22.55
C ARG O 319 7.26 -55.02 -23.35
N ALA O 320 6.74 -56.24 -23.46
CA ALA O 320 5.46 -56.45 -24.12
C ALA O 320 4.31 -56.05 -23.21
N LYS O 321 3.18 -55.72 -23.83
CA LYS O 321 2.01 -55.30 -23.09
C LYS O 321 1.36 -56.49 -22.37
N ARG O 322 0.57 -56.16 -21.35
CA ARG O 322 -0.13 -57.21 -20.59
C ARG O 322 -1.17 -57.92 -21.45
N ARG O 323 -1.90 -57.16 -22.27
CA ARG O 323 -2.90 -57.75 -23.15
C ARG O 323 -2.28 -58.53 -24.30
N ASN O 324 -0.96 -58.45 -24.49
CA ASN O 324 -0.31 -59.13 -25.60
C ASN O 324 -0.15 -60.62 -25.35
N MET O 325 -0.11 -61.05 -24.08
CA MET O 325 0.11 -62.45 -23.78
C MET O 325 -1.06 -63.32 -24.24
N GLU O 326 -2.29 -62.86 -24.00
CA GLU O 326 -3.46 -63.62 -24.46
C GLU O 326 -3.56 -63.65 -25.97
N ARG O 327 -3.08 -62.61 -26.64
CA ARG O 327 -3.15 -62.55 -28.10
C ARG O 327 -2.13 -63.45 -28.77
N LEU O 328 -1.02 -63.77 -28.09
CA LEU O 328 -0.03 -64.66 -28.67
C LEU O 328 -0.56 -66.09 -28.79
N GLN O 329 -1.42 -66.51 -27.86
CA GLN O 329 -2.01 -67.85 -27.96
C GLN O 329 -3.00 -67.95 -29.11
N LEU O 330 -3.72 -66.86 -29.40
CA LEU O 330 -4.74 -66.90 -30.45
C LEU O 330 -4.13 -66.75 -31.83
N VAL O 331 -3.13 -65.88 -31.98
CA VAL O 331 -2.53 -65.62 -33.28
C VAL O 331 -1.54 -66.74 -33.63
N THR O 332 -0.46 -66.85 -32.88
CA THR O 332 0.59 -67.83 -33.17
C THR O 332 0.17 -69.26 -32.84
N GLY O 333 -0.90 -69.44 -32.08
CA GLY O 333 -1.34 -70.78 -31.73
C GLY O 333 -0.54 -71.46 -30.65
N GLY O 334 0.36 -70.73 -29.98
CA GLY O 334 1.20 -71.29 -28.93
C GLY O 334 0.52 -71.29 -27.58
N GLU O 335 1.33 -71.40 -26.54
CA GLU O 335 0.85 -71.42 -25.17
C GLU O 335 1.75 -70.54 -24.30
N ALA O 336 1.13 -69.79 -23.39
CA ALA O 336 1.88 -68.89 -22.54
C ALA O 336 2.71 -69.67 -21.53
N GLN O 337 4.00 -69.35 -21.44
CA GLN O 337 4.92 -69.99 -20.52
C GLN O 337 5.59 -68.94 -19.65
N ASN O 338 5.74 -69.26 -18.37
CA ASN O 338 6.38 -68.33 -17.42
C ASN O 338 7.88 -68.59 -17.36
N SER O 339 8.27 -69.75 -16.84
CA SER O 339 9.68 -70.10 -16.72
C SER O 339 10.09 -71.03 -17.86
N VAL O 340 11.39 -71.38 -17.89
CA VAL O 340 11.93 -72.27 -18.90
C VAL O 340 12.04 -73.70 -18.42
N GLU O 341 11.56 -74.00 -17.21
CA GLU O 341 11.73 -75.35 -16.65
C GLU O 341 11.04 -76.40 -17.49
N ASP O 342 9.92 -76.06 -18.14
CA ASP O 342 9.17 -76.99 -18.96
C ASP O 342 9.06 -76.43 -20.37
N LEU O 343 9.66 -77.13 -21.34
CA LEU O 343 9.62 -76.74 -22.74
C LEU O 343 9.33 -77.95 -23.59
N SER O 344 8.88 -77.69 -24.82
CA SER O 344 8.47 -78.74 -25.77
C SER O 344 8.09 -78.10 -27.10
N PRO O 345 8.23 -78.83 -28.21
CA PRO O 345 7.80 -78.26 -29.50
C PRO O 345 6.30 -78.09 -29.64
N GLN O 346 5.51 -78.77 -28.80
CA GLN O 346 4.05 -78.66 -28.90
C GLN O 346 3.55 -77.30 -28.44
N ILE O 347 4.20 -76.71 -27.43
CA ILE O 347 3.75 -75.42 -26.89
C ILE O 347 4.29 -74.23 -27.68
N LEU O 348 5.08 -74.47 -28.72
CA LEU O 348 5.63 -73.40 -29.54
C LEU O 348 4.66 -73.03 -30.65
N GLY O 349 4.59 -71.72 -30.94
CA GLY O 349 3.73 -71.24 -31.99
C GLY O 349 4.34 -71.42 -33.37
N PHE O 350 3.58 -70.97 -34.38
CA PHE O 350 4.01 -71.08 -35.77
C PHE O 350 3.59 -69.84 -36.53
N SER O 351 4.48 -69.35 -37.38
CA SER O 351 4.21 -68.18 -38.21
C SER O 351 4.84 -68.38 -39.58
N GLY O 352 4.09 -68.03 -40.63
CA GLY O 352 4.59 -68.20 -41.98
C GLY O 352 5.47 -67.08 -42.45
N LEU O 353 5.25 -65.85 -41.96
CA LEU O 353 6.07 -64.72 -42.31
C LEU O 353 6.26 -63.83 -41.09
N VAL O 354 7.52 -63.49 -40.81
CA VAL O 354 7.87 -62.57 -39.73
C VAL O 354 8.90 -61.60 -40.27
N TYR O 355 8.58 -60.30 -40.25
CA TYR O 355 9.50 -59.29 -40.74
C TYR O 355 9.36 -58.03 -39.90
N GLN O 356 10.37 -57.17 -39.96
CA GLN O 356 10.41 -55.93 -39.21
C GLN O 356 10.71 -54.78 -40.16
N GLU O 357 10.06 -53.64 -39.92
CA GLU O 357 10.27 -52.43 -40.70
C GLU O 357 10.71 -51.29 -39.78
N THR O 358 11.57 -50.43 -40.30
CA THR O 358 12.12 -49.31 -39.55
C THR O 358 11.40 -48.04 -39.97
N ILE O 359 10.59 -47.48 -39.07
CA ILE O 359 9.86 -46.25 -39.31
C ILE O 359 10.40 -45.21 -38.35
N GLY O 360 11.10 -44.21 -38.89
CA GLY O 360 11.69 -43.19 -38.04
C GLY O 360 12.84 -43.77 -37.23
N GLU O 361 12.84 -43.48 -35.93
CA GLU O 361 13.87 -43.98 -35.03
C GLU O 361 13.47 -45.26 -34.32
N GLU O 362 12.29 -45.80 -34.60
CA GLU O 362 11.80 -47.01 -33.97
C GLU O 362 11.57 -48.09 -35.02
N LYS O 363 11.61 -49.34 -34.56
CA LYS O 363 11.38 -50.50 -35.42
C LYS O 363 10.18 -51.27 -34.92
N PHE O 364 9.30 -51.66 -35.85
CA PHE O 364 8.08 -52.38 -35.53
C PHE O 364 8.18 -53.82 -36.05
N THR O 365 7.62 -54.76 -35.28
CA THR O 365 7.65 -56.17 -35.63
C THR O 365 6.32 -56.57 -36.24
N TYR O 366 6.37 -57.24 -37.39
CA TYR O 366 5.19 -57.70 -38.11
C TYR O 366 5.16 -59.22 -38.15
N VAL O 367 4.03 -59.80 -37.75
CA VAL O 367 3.82 -61.23 -37.79
C VAL O 367 2.53 -61.51 -38.55
N THR O 368 2.59 -62.40 -39.53
CA THR O 368 1.44 -62.71 -40.36
C THR O 368 1.61 -64.12 -40.93
N GLU O 369 0.74 -64.49 -41.87
CA GLU O 369 0.76 -65.79 -42.54
C GLU O 369 0.64 -66.92 -41.51
N ASN O 370 -0.57 -67.03 -40.97
CA ASN O 370 -0.90 -68.06 -40.00
C ASN O 370 -1.94 -69.02 -40.59
N THR O 371 -1.97 -70.24 -40.07
CA THR O 371 -2.87 -71.27 -40.59
C THR O 371 -4.30 -70.97 -40.15
N ASP O 372 -4.56 -71.05 -38.85
CA ASP O 372 -5.88 -70.74 -38.28
C ASP O 372 -5.71 -69.73 -37.17
N PRO O 373 -5.43 -68.47 -37.51
CA PRO O 373 -5.28 -67.44 -36.48
C PRO O 373 -6.61 -67.12 -35.83
N LYS O 374 -6.61 -67.06 -34.50
CA LYS O 374 -7.79 -66.74 -33.73
C LYS O 374 -7.88 -65.26 -33.35
N SER O 375 -6.94 -64.44 -33.82
CA SER O 375 -6.96 -63.01 -33.54
C SER O 375 -6.20 -62.29 -34.64
N CYS O 376 -6.50 -61.00 -34.78
CA CYS O 376 -5.86 -60.14 -35.79
C CYS O 376 -5.63 -58.76 -35.20
N THR O 377 -5.12 -57.85 -36.03
CA THR O 377 -4.86 -56.48 -35.61
C THR O 377 -5.23 -55.53 -36.74
N ILE O 378 -5.30 -54.25 -36.41
CA ILE O 378 -5.58 -53.19 -37.37
C ILE O 378 -4.52 -52.12 -37.21
N LEU O 379 -3.81 -51.81 -38.30
CA LEU O 379 -2.79 -50.77 -38.29
C LEU O 379 -3.43 -49.44 -38.68
N ILE O 380 -3.43 -48.49 -37.75
CA ILE O 380 -3.98 -47.17 -37.98
C ILE O 380 -2.82 -46.22 -38.23
N LYS O 381 -2.72 -45.71 -39.45
CA LYS O 381 -1.68 -44.78 -39.85
C LYS O 381 -2.29 -43.41 -40.11
N GLY O 382 -1.50 -42.36 -39.88
CA GLY O 382 -1.98 -41.01 -40.06
C GLY O 382 -0.85 -40.08 -40.45
N SER O 383 -1.25 -38.95 -41.03
CA SER O 383 -0.29 -37.95 -41.49
C SER O 383 -0.03 -36.86 -40.46
N THR O 384 -0.61 -36.97 -39.27
CA THR O 384 -0.51 -35.92 -38.25
C THR O 384 -0.90 -36.51 -36.91
N HIS O 385 -0.99 -35.64 -35.89
CA HIS O 385 -1.31 -36.12 -34.55
C HIS O 385 -2.79 -36.48 -34.42
N TYR O 386 -3.68 -35.60 -34.90
CA TYR O 386 -5.11 -35.87 -34.78
C TYR O 386 -5.58 -36.99 -35.69
N ALA O 387 -4.84 -37.29 -36.76
CA ALA O 387 -5.24 -38.36 -37.66
C ALA O 387 -5.23 -39.72 -36.96
N LEU O 388 -4.37 -39.89 -35.95
CA LEU O 388 -4.36 -41.12 -35.19
C LEU O 388 -5.54 -41.18 -34.23
N ALA O 389 -5.92 -40.04 -33.65
CA ALA O 389 -7.06 -40.01 -32.74
C ALA O 389 -8.40 -39.99 -33.48
N GLN O 390 -8.45 -39.36 -34.66
CA GLN O 390 -9.70 -39.31 -35.41
C GLN O 390 -10.05 -40.67 -36.00
N THR O 391 -9.04 -41.38 -36.52
CA THR O 391 -9.31 -42.70 -37.10
C THR O 391 -9.59 -43.73 -36.01
N LYS O 392 -8.90 -43.62 -34.87
CA LYS O 392 -9.13 -44.55 -33.76
C LYS O 392 -10.56 -44.44 -33.25
N ASP O 393 -11.06 -43.22 -33.07
CA ASP O 393 -12.43 -43.03 -32.62
C ASP O 393 -13.43 -43.54 -33.66
N ALA O 394 -13.04 -43.54 -34.93
CA ALA O 394 -13.92 -44.07 -35.97
C ALA O 394 -13.91 -45.59 -36.00
N VAL O 395 -12.78 -46.22 -35.69
CA VAL O 395 -12.70 -47.67 -35.68
C VAL O 395 -13.38 -48.24 -34.43
N ARG O 396 -13.08 -47.65 -33.27
CA ARG O 396 -13.67 -48.15 -32.02
C ARG O 396 -15.19 -48.03 -32.02
N ASP O 397 -15.71 -46.98 -32.65
CA ASP O 397 -17.16 -46.87 -32.81
C ASP O 397 -17.69 -47.78 -33.90
N GLY O 398 -16.82 -48.28 -34.78
CA GLY O 398 -17.23 -49.21 -35.81
C GLY O 398 -17.13 -50.66 -35.37
N LEU O 399 -16.32 -50.92 -34.34
CA LEU O 399 -16.18 -52.27 -33.82
C LEU O 399 -17.47 -52.71 -33.13
N ARG O 400 -18.01 -51.87 -32.25
CA ARG O 400 -19.24 -52.22 -31.53
C ARG O 400 -20.43 -52.32 -32.47
N ALA O 401 -20.36 -51.69 -33.66
CA ALA O 401 -21.48 -51.76 -34.59
C ALA O 401 -21.60 -53.13 -35.22
N VAL O 402 -20.48 -53.68 -35.70
CA VAL O 402 -20.51 -55.00 -36.32
C VAL O 402 -20.56 -56.12 -35.29
N ALA O 403 -20.30 -55.82 -34.01
CA ALA O 403 -20.36 -56.85 -32.98
C ALA O 403 -21.80 -57.20 -32.63
N ASN O 404 -22.67 -56.20 -32.58
CA ASN O 404 -24.08 -56.44 -32.28
C ASN O 404 -24.78 -57.25 -33.37
N VAL O 405 -24.22 -57.28 -34.58
CA VAL O 405 -24.78 -58.11 -35.64
C VAL O 405 -24.61 -59.59 -35.30
N LEU O 406 -23.44 -59.96 -34.80
CA LEU O 406 -23.22 -61.34 -34.39
C LEU O 406 -23.86 -61.65 -33.04
N LYS O 407 -23.90 -60.67 -32.13
CA LYS O 407 -24.53 -60.89 -30.84
C LYS O 407 -26.04 -60.97 -30.96
N ASP O 408 -26.63 -60.15 -31.83
CA ASP O 408 -28.07 -60.14 -32.07
C ASP O 408 -28.31 -60.24 -33.57
N LYS O 409 -28.96 -61.32 -34.00
CA LYS O 409 -29.24 -61.52 -35.42
C LYS O 409 -30.25 -60.52 -35.97
N ASN O 410 -30.93 -59.77 -35.11
CA ASN O 410 -31.91 -58.80 -35.57
C ASN O 410 -31.24 -57.48 -35.91
N ILE O 411 -31.59 -56.91 -37.06
CA ILE O 411 -31.01 -55.66 -37.54
C ILE O 411 -32.16 -54.68 -37.78
N ILE O 412 -32.01 -53.48 -37.24
CA ILE O 412 -33.01 -52.42 -37.36
C ILE O 412 -32.55 -51.42 -38.41
N PRO O 413 -33.39 -51.11 -39.41
CA PRO O 413 -32.99 -50.10 -40.41
C PRO O 413 -32.75 -48.74 -39.77
N GLY O 414 -31.81 -48.01 -40.35
CA GLY O 414 -31.41 -46.70 -39.86
C GLY O 414 -32.04 -45.57 -40.64
N ALA O 415 -31.30 -44.46 -40.75
CA ALA O 415 -31.72 -43.27 -41.48
C ALA O 415 -33.03 -42.69 -40.92
N GLY O 416 -33.21 -42.79 -39.61
CA GLY O 416 -34.39 -42.23 -38.98
C GLY O 416 -35.69 -42.93 -39.30
N ALA O 417 -35.62 -44.14 -39.87
CA ALA O 417 -36.85 -44.86 -40.20
C ALA O 417 -37.54 -45.39 -38.95
N PHE O 418 -36.78 -45.66 -37.88
CA PHE O 418 -37.38 -46.17 -36.66
C PHE O 418 -38.05 -45.08 -35.84
N TYR O 419 -37.51 -43.85 -35.89
CA TYR O 419 -38.11 -42.76 -35.12
C TYR O 419 -39.40 -42.27 -35.76
N ILE O 420 -39.48 -42.28 -37.09
CA ILE O 420 -40.69 -41.85 -37.76
C ILE O 420 -41.82 -42.85 -37.55
N ALA O 421 -41.49 -44.14 -37.52
CA ALA O 421 -42.50 -45.16 -37.31
C ALA O 421 -43.14 -45.08 -35.94
N LEU O 422 -42.39 -44.58 -34.94
CA LEU O 422 -42.96 -44.42 -33.60
C LEU O 422 -43.89 -43.23 -33.50
N SER O 423 -43.83 -42.30 -34.46
CA SER O 423 -44.68 -41.11 -34.40
C SER O 423 -46.15 -41.50 -34.58
N ARG O 424 -46.46 -42.21 -35.66
CA ARG O 424 -47.86 -42.56 -35.94
C ARG O 424 -48.39 -43.60 -34.95
N TYR O 425 -47.51 -44.41 -34.36
CA TYR O 425 -47.96 -45.46 -33.45
C TYR O 425 -48.35 -44.91 -32.09
N LEU O 426 -47.73 -43.81 -31.65
CA LEU O 426 -47.98 -43.25 -30.33
C LEU O 426 -49.04 -42.16 -30.32
N ARG O 427 -49.66 -41.88 -31.47
CA ARG O 427 -50.68 -40.83 -31.51
C ARG O 427 -51.93 -41.25 -30.74
N SER O 428 -52.48 -42.42 -31.04
CA SER O 428 -53.69 -42.91 -30.38
C SER O 428 -53.43 -44.32 -29.88
N ALA O 429 -53.46 -44.51 -28.56
CA ALA O 429 -53.31 -45.81 -27.95
C ALA O 429 -54.64 -46.50 -27.66
N ASN O 430 -55.75 -45.82 -27.92
CA ASN O 430 -57.11 -46.35 -27.71
C ASN O 430 -57.24 -46.76 -26.25
N MET O 431 -57.86 -47.91 -25.96
CA MET O 431 -58.08 -48.38 -24.59
C MET O 431 -57.00 -49.35 -24.12
N ASN O 432 -55.97 -49.60 -24.93
CA ASN O 432 -54.93 -50.57 -24.60
C ASN O 432 -54.27 -50.25 -23.26
N LYS O 433 -53.51 -49.16 -23.20
CA LYS O 433 -52.82 -48.73 -21.98
C LYS O 433 -53.10 -47.26 -21.77
N LEU O 434 -53.81 -46.94 -20.69
CA LEU O 434 -54.08 -45.55 -20.34
C LEU O 434 -53.75 -45.28 -18.87
N GLY O 435 -54.55 -45.83 -17.97
CA GLY O 435 -54.37 -45.65 -16.55
C GLY O 435 -55.07 -44.45 -15.96
N ALA O 436 -55.39 -43.45 -16.79
CA ALA O 436 -56.08 -42.26 -16.32
C ALA O 436 -56.76 -41.60 -17.52
N LYS O 437 -57.72 -40.73 -17.22
CA LYS O 437 -58.46 -40.00 -18.26
C LYS O 437 -57.84 -38.62 -18.41
N GLY O 438 -57.18 -38.39 -19.55
CA GLY O 438 -56.58 -37.12 -19.86
C GLY O 438 -55.25 -36.84 -19.17
N LYS O 439 -54.90 -37.61 -18.13
CA LYS O 439 -53.62 -37.39 -17.46
C LYS O 439 -52.47 -38.05 -18.20
N THR O 440 -52.67 -39.27 -18.69
CA THR O 440 -51.60 -40.00 -19.35
C THR O 440 -51.39 -39.53 -20.79
N LYS O 441 -52.48 -39.19 -21.48
CA LYS O 441 -52.38 -38.78 -22.88
C LYS O 441 -51.56 -37.51 -23.07
N THR O 442 -51.38 -36.71 -22.02
CA THR O 442 -50.57 -35.51 -22.14
C THR O 442 -49.09 -35.85 -22.29
N GLY O 443 -48.60 -36.79 -21.48
CA GLY O 443 -47.20 -37.18 -21.57
C GLY O 443 -46.88 -38.00 -22.81
N ILE O 444 -47.86 -38.73 -23.33
CA ILE O 444 -47.63 -39.54 -24.53
C ILE O 444 -47.47 -38.64 -25.75
N GLU O 445 -48.29 -37.59 -25.85
CA GLU O 445 -48.17 -36.66 -26.98
C GLU O 445 -46.84 -35.92 -26.94
N ALA O 446 -46.33 -35.60 -25.75
CA ALA O 446 -45.03 -34.94 -25.66
C ALA O 446 -43.90 -35.88 -26.05
N PHE O 447 -44.03 -37.16 -25.74
CA PHE O 447 -43.00 -38.13 -26.09
C PHE O 447 -43.07 -38.52 -27.57
N ALA O 448 -44.26 -38.48 -28.17
CA ALA O 448 -44.40 -38.87 -29.56
C ALA O 448 -43.80 -37.83 -30.49
N GLU O 449 -44.11 -36.55 -30.26
CA GLU O 449 -43.58 -35.49 -31.11
C GLU O 449 -42.10 -35.22 -30.85
N ALA O 450 -41.57 -35.68 -29.72
CA ALA O 450 -40.16 -35.47 -29.41
C ALA O 450 -39.25 -36.45 -30.12
N LEU O 451 -39.78 -37.58 -30.59
CA LEU O 451 -38.98 -38.55 -31.31
C LEU O 451 -38.70 -38.14 -32.75
N LEU O 452 -39.33 -37.07 -33.24
CA LEU O 452 -39.12 -36.59 -34.59
C LEU O 452 -37.94 -35.64 -34.72
N VAL O 453 -37.22 -35.39 -33.62
CA VAL O 453 -36.08 -34.49 -33.68
C VAL O 453 -34.90 -35.14 -34.41
N ILE O 454 -34.81 -36.46 -34.37
CA ILE O 454 -33.70 -37.19 -34.99
C ILE O 454 -33.75 -37.04 -36.51
N PRO O 455 -34.86 -37.33 -37.19
CA PRO O 455 -34.88 -37.12 -38.64
C PRO O 455 -34.78 -35.66 -39.04
N LYS O 456 -35.29 -34.74 -38.21
CA LYS O 456 -35.22 -33.33 -38.55
C LYS O 456 -33.81 -32.77 -38.36
N THR O 457 -33.08 -33.28 -37.36
CA THR O 457 -31.71 -32.81 -37.14
C THR O 457 -30.80 -33.22 -38.29
N LEU O 458 -31.04 -34.39 -38.88
CA LEU O 458 -30.24 -34.84 -40.02
C LEU O 458 -30.39 -33.90 -41.20
N VAL O 459 -31.61 -33.41 -41.44
CA VAL O 459 -31.85 -32.55 -42.60
C VAL O 459 -31.25 -31.17 -42.37
N LYS O 460 -31.28 -30.69 -41.13
CA LYS O 460 -30.74 -29.37 -40.83
C LYS O 460 -29.23 -29.29 -41.06
N ASN O 461 -28.52 -30.40 -40.83
CA ASN O 461 -27.09 -30.42 -41.07
C ASN O 461 -26.76 -30.46 -42.56
N SER O 462 -27.70 -30.89 -43.39
CA SER O 462 -27.50 -30.93 -44.83
C SER O 462 -27.88 -29.62 -45.52
N GLY O 463 -28.52 -28.70 -44.81
CA GLY O 463 -28.91 -27.44 -45.39
C GLY O 463 -30.25 -27.42 -46.11
N PHE O 464 -31.14 -28.35 -45.79
CA PHE O 464 -32.45 -28.44 -46.43
C PHE O 464 -33.53 -28.14 -45.39
N ASP O 465 -34.79 -28.22 -45.84
CA ASP O 465 -35.93 -27.94 -44.98
C ASP O 465 -36.42 -29.25 -44.37
N PRO O 466 -36.33 -29.42 -43.05
CA PRO O 466 -36.81 -30.69 -42.46
C PRO O 466 -38.32 -30.86 -42.54
N LEU O 467 -39.08 -29.77 -42.60
CA LEU O 467 -40.53 -29.88 -42.70
C LEU O 467 -40.96 -30.40 -44.06
N ASP O 468 -40.22 -30.05 -45.12
CA ASP O 468 -40.55 -30.52 -46.45
C ASP O 468 -40.12 -31.97 -46.67
N VAL O 469 -39.07 -32.41 -45.98
CA VAL O 469 -38.62 -33.79 -46.13
C VAL O 469 -39.60 -34.74 -45.44
N LEU O 470 -39.99 -34.42 -44.21
CA LEU O 470 -40.93 -35.26 -43.48
C LEU O 470 -42.36 -35.16 -44.00
N ALA O 471 -42.64 -34.16 -44.84
CA ALA O 471 -43.99 -34.05 -45.42
C ALA O 471 -44.26 -35.16 -46.42
N MET O 472 -43.27 -35.49 -47.24
CA MET O 472 -43.42 -36.59 -48.19
C MET O 472 -43.33 -37.95 -47.52
N VAL O 473 -42.79 -38.01 -46.31
CA VAL O 473 -42.69 -39.28 -45.60
C VAL O 473 -44.08 -39.73 -45.12
N GLU O 474 -44.87 -38.80 -44.58
CA GLU O 474 -46.20 -39.14 -44.11
C GLU O 474 -47.14 -39.49 -45.24
N ASP O 475 -46.92 -38.91 -46.43
CA ASP O 475 -47.77 -39.22 -47.56
C ASP O 475 -47.52 -40.62 -48.10
N GLU O 476 -46.29 -41.12 -47.98
CA GLU O 476 -45.97 -42.46 -48.46
C GLU O 476 -46.47 -43.53 -47.49
N LEU O 477 -46.43 -43.25 -46.18
CA LEU O 477 -46.88 -44.23 -45.20
C LEU O 477 -48.40 -44.40 -45.23
N ASP O 478 -49.13 -43.39 -45.69
CA ASP O 478 -50.58 -43.49 -45.75
C ASP O 478 -51.03 -44.42 -46.87
N ASP O 479 -50.38 -44.33 -48.03
CA ASP O 479 -50.73 -45.19 -49.16
C ASP O 479 -50.15 -46.59 -49.04
N ALA O 480 -49.13 -46.77 -48.21
CA ALA O 480 -48.51 -48.09 -48.05
C ALA O 480 -49.35 -49.02 -47.17
N GLN O 481 -50.21 -48.47 -46.32
CA GLN O 481 -51.03 -49.32 -45.45
C GLN O 481 -52.19 -49.95 -46.20
N ASP O 482 -52.78 -49.22 -47.15
CA ASP O 482 -53.91 -49.72 -47.92
C ASP O 482 -53.48 -50.49 -49.17
N SER O 483 -52.20 -50.49 -49.50
CA SER O 483 -51.70 -51.19 -50.67
C SER O 483 -51.21 -52.60 -50.36
N ASP O 484 -51.30 -53.03 -49.10
CA ASP O 484 -50.86 -54.35 -48.68
C ASP O 484 -49.38 -54.58 -49.02
N GLU O 485 -48.57 -53.57 -48.74
CA GLU O 485 -47.13 -53.63 -48.99
C GLU O 485 -46.40 -52.97 -47.83
N THR O 486 -45.43 -53.67 -47.26
CA THR O 486 -44.64 -53.16 -46.15
C THR O 486 -43.42 -52.42 -46.70
N ARG O 487 -43.32 -51.14 -46.36
CA ARG O 487 -42.24 -50.29 -46.84
C ARG O 487 -41.62 -49.55 -45.65
N TYR O 488 -40.29 -49.42 -45.68
CA TYR O 488 -39.53 -48.67 -44.68
C TYR O 488 -39.04 -47.39 -45.33
N VAL O 489 -39.57 -46.26 -44.90
CA VAL O 489 -39.25 -44.97 -45.48
C VAL O 489 -38.13 -44.33 -44.68
N GLY O 490 -37.03 -43.99 -45.36
CA GLY O 490 -35.89 -43.35 -44.74
C GLY O 490 -35.79 -41.88 -45.09
N VAL O 491 -34.61 -41.32 -44.82
CA VAL O 491 -34.32 -39.91 -45.07
C VAL O 491 -33.02 -39.84 -45.86
N ASP O 492 -33.10 -39.29 -47.07
CA ASP O 492 -31.93 -39.10 -47.92
C ASP O 492 -31.49 -37.64 -47.85
N LEU O 493 -30.23 -37.42 -47.55
CA LEU O 493 -29.69 -36.07 -47.39
C LEU O 493 -29.06 -35.52 -48.66
N ASN O 494 -29.10 -36.26 -49.76
CA ASN O 494 -28.50 -35.81 -51.03
C ASN O 494 -29.49 -34.93 -51.80
N ILE O 495 -30.58 -35.52 -52.27
CA ILE O 495 -31.58 -34.79 -53.05
C ILE O 495 -32.71 -34.24 -52.20
N GLY O 496 -32.69 -34.48 -50.89
CA GLY O 496 -33.76 -34.00 -50.03
C GLY O 496 -35.07 -34.72 -50.24
N ASP O 497 -35.02 -36.05 -50.30
CA ASP O 497 -36.20 -36.87 -50.53
C ASP O 497 -36.11 -38.08 -49.61
N SER O 498 -37.12 -38.93 -49.66
CA SER O 498 -37.12 -40.15 -48.87
C SER O 498 -36.29 -41.23 -49.56
N CYS O 499 -36.17 -42.38 -48.91
CA CYS O 499 -35.40 -43.51 -49.43
C CYS O 499 -35.75 -44.74 -48.62
N ASP O 500 -35.12 -45.86 -48.96
CA ASP O 500 -35.31 -47.11 -48.25
C ASP O 500 -34.00 -47.48 -47.56
N PRO O 501 -33.97 -47.54 -46.22
CA PRO O 501 -32.71 -47.88 -45.53
C PRO O 501 -32.17 -49.24 -45.90
N THR O 502 -33.02 -50.20 -46.27
CA THR O 502 -32.54 -51.51 -46.65
C THR O 502 -31.88 -51.47 -48.02
N ILE O 503 -32.41 -50.68 -48.94
CA ILE O 503 -31.81 -50.58 -50.27
C ILE O 503 -30.59 -49.67 -50.24
N GLU O 504 -30.68 -48.54 -49.53
CA GLU O 504 -29.55 -47.62 -49.46
C GLU O 504 -28.38 -48.15 -48.65
N GLY O 505 -28.61 -49.18 -47.83
CA GLY O 505 -27.54 -49.78 -47.07
C GLY O 505 -27.30 -49.18 -45.70
N ILE O 506 -28.30 -48.53 -45.11
CA ILE O 506 -28.17 -47.90 -43.80
C ILE O 506 -28.95 -48.71 -42.78
N TRP O 507 -28.28 -49.10 -41.70
CA TRP O 507 -28.92 -49.81 -40.60
C TRP O 507 -28.37 -49.29 -39.28
N ASP O 508 -29.10 -49.60 -38.20
CA ASP O 508 -28.71 -49.22 -36.86
C ASP O 508 -28.66 -50.45 -35.96
N SER O 509 -27.88 -50.35 -34.89
CA SER O 509 -27.72 -51.45 -33.95
C SER O 509 -28.94 -51.57 -33.04
N TYR O 510 -29.13 -52.78 -32.51
CA TYR O 510 -30.25 -53.04 -31.62
C TYR O 510 -30.01 -52.45 -30.23
N ARG O 511 -28.81 -52.67 -29.68
CA ARG O 511 -28.52 -52.20 -28.33
C ARG O 511 -28.37 -50.69 -28.27
N VAL O 512 -28.01 -50.04 -29.38
CA VAL O 512 -27.85 -48.59 -29.39
C VAL O 512 -29.21 -47.91 -29.27
N LEU O 513 -30.18 -48.34 -30.09
CA LEU O 513 -31.49 -47.71 -30.07
C LEU O 513 -32.30 -48.10 -28.84
N ARG O 514 -32.09 -49.30 -28.30
CA ARG O 514 -32.84 -49.72 -27.13
C ARG O 514 -32.37 -48.98 -25.89
N ASN O 515 -31.06 -48.80 -25.73
CA ASN O 515 -30.53 -48.07 -24.58
C ASN O 515 -30.68 -46.57 -24.72
N ALA O 516 -30.86 -46.07 -25.94
CA ALA O 516 -31.03 -44.63 -26.12
C ALA O 516 -32.41 -44.17 -25.66
N ILE O 517 -33.45 -44.92 -26.01
CA ILE O 517 -34.80 -44.56 -25.59
C ILE O 517 -34.96 -44.74 -24.09
N THR O 518 -34.45 -45.84 -23.54
CA THR O 518 -34.54 -46.07 -22.11
C THR O 518 -33.63 -45.12 -21.33
N GLY O 519 -32.44 -44.85 -21.85
CA GLY O 519 -31.52 -43.97 -21.16
C GLY O 519 -31.98 -42.52 -21.15
N ALA O 520 -32.45 -42.03 -22.29
CA ALA O 520 -32.90 -40.64 -22.36
C ALA O 520 -34.21 -40.42 -21.61
N THR O 521 -35.02 -41.46 -21.43
CA THR O 521 -36.28 -41.31 -20.70
C THR O 521 -36.02 -41.06 -19.22
N GLY O 522 -35.08 -41.78 -18.63
CA GLY O 522 -34.79 -41.60 -17.21
C GLY O 522 -34.15 -40.25 -16.90
N ILE O 523 -33.29 -39.78 -17.79
CA ILE O 523 -32.64 -38.49 -17.57
C ILE O 523 -33.66 -37.36 -17.65
N ALA O 524 -34.52 -37.40 -18.67
CA ALA O 524 -35.52 -36.35 -18.83
C ALA O 524 -36.59 -36.41 -17.76
N SER O 525 -36.90 -37.61 -17.27
CA SER O 525 -37.94 -37.76 -16.25
C SER O 525 -37.48 -37.18 -14.91
N ASN O 526 -36.23 -37.46 -14.52
CA ASN O 526 -35.74 -36.97 -13.24
C ASN O 526 -35.58 -35.45 -13.23
N LEU O 527 -35.26 -34.85 -14.39
CA LEU O 527 -35.15 -33.41 -14.45
C LEU O 527 -36.52 -32.74 -14.37
N LEU O 528 -37.56 -33.38 -14.89
CA LEU O 528 -38.91 -32.84 -14.74
C LEU O 528 -39.42 -33.03 -13.33
N LEU O 529 -38.93 -34.04 -12.61
CA LEU O 529 -39.33 -34.29 -11.24
C LEU O 529 -38.48 -33.56 -10.22
N CYS O 530 -37.51 -32.77 -10.65
CA CYS O 530 -36.65 -32.00 -9.76
C CYS O 530 -37.09 -30.54 -9.82
N ASP O 531 -37.71 -30.06 -8.76
CA ASP O 531 -38.21 -28.69 -8.69
C ASP O 531 -37.25 -27.74 -7.97
N GLU O 532 -36.15 -28.24 -7.42
CA GLU O 532 -35.23 -27.40 -6.66
C GLU O 532 -33.79 -27.80 -6.93
N LEU O 533 -32.94 -26.81 -7.15
CA LEU O 533 -31.51 -27.00 -7.33
C LEU O 533 -30.80 -26.32 -6.16
N LEU O 534 -30.20 -27.12 -5.28
CA LEU O 534 -29.59 -26.62 -4.06
C LEU O 534 -28.10 -26.95 -4.05
N ARG O 535 -27.31 -26.04 -3.47
CA ARG O 535 -25.87 -26.23 -3.32
C ARG O 535 -25.48 -25.87 -1.91
N ALA O 536 -24.84 -26.82 -1.21
CA ALA O 536 -24.42 -26.61 0.16
C ALA O 536 -23.20 -27.46 0.44
N GLY O 537 -22.39 -27.01 1.40
CA GLY O 537 -21.19 -27.72 1.77
C GLY O 537 -20.21 -26.81 2.47
N ARG O 538 -19.12 -27.41 2.94
CA ARG O 538 -18.07 -26.71 3.65
C ARG O 538 -16.88 -26.55 2.72
N SER O 539 -16.45 -25.31 2.50
CA SER O 539 -15.32 -25.03 1.63
C SER O 539 -14.00 -25.37 2.32
N SER P 2 -16.52 -10.52 -36.42
CA SER P 2 -15.73 -9.53 -37.13
C SER P 2 -15.79 -8.17 -36.43
N LEU P 3 -16.54 -8.12 -35.32
CA LEU P 3 -16.67 -6.88 -34.57
C LEU P 3 -15.44 -6.59 -33.71
N GLN P 4 -14.71 -7.64 -33.31
CA GLN P 4 -13.53 -7.44 -32.49
C GLN P 4 -12.44 -6.67 -33.24
N LEU P 5 -12.45 -6.75 -34.57
CA LEU P 5 -11.50 -5.97 -35.36
C LEU P 5 -11.91 -4.51 -35.48
N LEU P 6 -13.21 -4.22 -35.42
CA LEU P 6 -13.68 -2.85 -35.52
C LEU P 6 -13.51 -2.10 -34.21
N ASN P 7 -13.81 -2.75 -33.08
CA ASN P 7 -13.71 -2.12 -31.78
C ASN P 7 -12.81 -2.95 -30.87
N PRO P 8 -11.95 -2.32 -30.06
CA PRO P 8 -11.13 -3.10 -29.13
C PRO P 8 -11.94 -3.90 -28.13
N LYS P 9 -12.97 -3.31 -27.54
CA LYS P 9 -13.83 -3.98 -26.57
C LYS P 9 -15.28 -3.76 -26.97
N ALA P 10 -15.97 -4.84 -27.31
CA ALA P 10 -17.37 -4.76 -27.71
C ALA P 10 -18.05 -6.08 -27.40
N GLU P 11 -19.36 -6.02 -27.21
CA GLU P 11 -20.17 -7.20 -26.92
C GLU P 11 -21.30 -7.29 -27.93
N SER P 12 -21.47 -8.48 -28.52
CA SER P 12 -22.51 -8.69 -29.52
C SER P 12 -22.97 -10.14 -29.48
N LEU P 13 -24.25 -10.33 -29.78
CA LEU P 13 -24.85 -11.65 -29.87
C LEU P 13 -25.76 -11.69 -31.09
N ARG P 14 -25.59 -12.69 -31.94
CA ARG P 14 -26.37 -12.78 -33.17
C ARG P 14 -26.86 -14.21 -33.38
N ARG P 15 -27.79 -14.35 -34.34
CA ARG P 15 -28.47 -15.60 -34.73
C ARG P 15 -28.95 -16.30 -33.46
N ASP P 16 -28.61 -17.58 -33.24
CA ASP P 16 -29.16 -18.32 -32.10
C ASP P 16 -28.86 -17.64 -30.78
N ALA P 17 -27.75 -16.89 -30.69
CA ALA P 17 -27.48 -16.12 -29.48
C ALA P 17 -28.48 -14.99 -29.32
N ALA P 18 -28.81 -14.30 -30.41
CA ALA P 18 -29.78 -13.21 -30.35
C ALA P 18 -31.22 -13.72 -30.33
N LEU P 19 -31.47 -14.91 -30.87
CA LEU P 19 -32.81 -15.47 -30.83
C LEU P 19 -33.24 -15.78 -29.39
N LYS P 20 -32.31 -16.19 -28.55
CA LYS P 20 -32.61 -16.43 -27.14
C LYS P 20 -32.74 -15.13 -26.35
N VAL P 21 -32.30 -14.00 -26.90
CA VAL P 21 -32.43 -12.74 -26.19
C VAL P 21 -33.88 -12.30 -26.11
N ASN P 22 -34.57 -12.27 -27.27
CA ASN P 22 -35.93 -11.76 -27.30
C ASN P 22 -36.92 -12.74 -26.69
N VAL P 23 -36.67 -14.04 -26.81
CA VAL P 23 -37.61 -15.04 -26.31
C VAL P 23 -37.51 -15.16 -24.79
N THR P 24 -36.30 -15.23 -24.26
CA THR P 24 -36.13 -15.48 -22.84
C THR P 24 -36.37 -14.23 -22.00
N SER P 25 -35.91 -13.06 -22.47
CA SER P 25 -36.11 -11.84 -21.71
C SER P 25 -37.58 -11.48 -21.61
N ALA P 26 -38.34 -11.67 -22.70
CA ALA P 26 -39.78 -11.44 -22.65
C ALA P 26 -40.50 -12.51 -21.83
N GLU P 27 -39.87 -13.65 -21.61
CA GLU P 27 -40.49 -14.69 -20.78
C GLU P 27 -40.41 -14.34 -19.31
N GLY P 28 -39.28 -13.77 -18.88
CA GLY P 28 -39.15 -13.36 -17.49
C GLY P 28 -39.98 -12.14 -17.16
N LEU P 29 -40.22 -11.27 -18.14
CA LEU P 29 -41.06 -10.10 -17.90
C LEU P 29 -42.54 -10.48 -17.84
N GLN P 30 -42.96 -11.42 -18.68
CA GLN P 30 -44.35 -11.87 -18.64
C GLN P 30 -44.65 -12.64 -17.36
N SER P 31 -43.66 -13.37 -16.84
CA SER P 31 -43.88 -14.13 -15.60
C SER P 31 -44.13 -13.21 -14.42
N VAL P 32 -43.57 -12.00 -14.43
CA VAL P 32 -43.82 -11.04 -13.37
C VAL P 32 -45.26 -10.55 -13.43
N LEU P 33 -45.76 -10.28 -14.63
CA LEU P 33 -47.14 -9.84 -14.82
C LEU P 33 -48.11 -10.99 -15.08
N GLU P 34 -47.63 -12.23 -15.06
CA GLU P 34 -48.53 -13.36 -15.24
C GLU P 34 -49.47 -13.50 -14.05
N THR P 35 -48.94 -13.35 -12.83
CA THR P 35 -49.77 -13.37 -11.63
C THR P 35 -50.50 -12.07 -11.39
N ASN P 36 -50.22 -11.02 -12.17
CA ASN P 36 -50.88 -9.74 -11.99
C ASN P 36 -52.26 -9.73 -12.64
N LEU P 37 -52.38 -10.32 -13.84
CA LEU P 37 -53.62 -10.24 -14.59
C LEU P 37 -54.75 -10.96 -13.86
N GLY P 38 -55.92 -10.33 -13.86
CA GLY P 38 -57.10 -10.91 -13.25
C GLY P 38 -57.48 -10.23 -11.96
N PRO P 39 -58.77 -10.32 -11.59
CA PRO P 39 -59.20 -9.73 -10.31
C PRO P 39 -58.65 -10.46 -9.10
N LYS P 40 -58.36 -11.75 -9.24
CA LYS P 40 -57.76 -12.54 -8.16
C LYS P 40 -56.24 -12.51 -8.19
N GLY P 41 -55.65 -11.72 -9.09
CA GLY P 41 -54.21 -11.68 -9.23
C GLY P 41 -53.50 -11.19 -7.98
N THR P 42 -52.18 -11.40 -7.98
CA THR P 42 -51.36 -11.05 -6.84
C THR P 42 -51.19 -9.53 -6.73
N LEU P 43 -50.85 -9.08 -5.52
CA LEU P 43 -50.62 -7.68 -5.23
C LEU P 43 -49.16 -7.47 -4.89
N LYS P 44 -48.52 -6.52 -5.57
CA LYS P 44 -47.09 -6.27 -5.43
C LYS P 44 -46.85 -4.90 -4.81
N MET P 45 -45.83 -4.81 -3.96
CA MET P 45 -45.41 -3.57 -3.34
C MET P 45 -43.98 -3.25 -3.75
N LEU P 46 -43.74 -1.99 -4.08
CA LEU P 46 -42.42 -1.51 -4.49
C LEU P 46 -41.86 -0.57 -3.44
N VAL P 47 -40.65 -0.87 -2.97
CA VAL P 47 -39.96 -0.04 -1.97
C VAL P 47 -38.58 0.28 -2.53
N ASP P 48 -38.33 1.56 -2.78
CA ASP P 48 -37.06 2.02 -3.31
C ASP P 48 -36.08 2.30 -2.17
N GLY P 49 -34.90 2.83 -2.52
CA GLY P 49 -33.90 3.16 -1.52
C GLY P 49 -34.18 4.43 -0.76
N ALA P 50 -35.08 5.28 -1.28
CA ALA P 50 -35.41 6.54 -0.61
C ALA P 50 -36.44 6.36 0.50
N GLY P 51 -37.12 5.22 0.56
CA GLY P 51 -38.12 4.95 1.58
C GLY P 51 -39.55 5.01 1.09
N ASN P 52 -39.79 5.44 -0.14
CA ASN P 52 -41.14 5.52 -0.67
C ASN P 52 -41.72 4.14 -0.87
N ILE P 53 -43.06 4.06 -0.80
CA ILE P 53 -43.78 2.80 -0.94
C ILE P 53 -44.84 2.98 -2.02
N LYS P 54 -44.79 2.12 -3.04
CA LYS P 54 -45.78 2.11 -4.11
C LYS P 54 -46.47 0.74 -4.11
N LEU P 55 -47.75 0.73 -3.73
CA LEU P 55 -48.53 -0.50 -3.69
C LEU P 55 -49.66 -0.38 -4.71
N THR P 56 -49.55 -1.15 -5.79
CA THR P 56 -50.58 -1.15 -6.83
C THR P 56 -50.47 -2.43 -7.64
N LYS P 57 -51.56 -2.76 -8.34
CA LYS P 57 -51.57 -3.87 -9.27
C LYS P 57 -51.32 -3.43 -10.71
N ASP P 58 -51.10 -2.14 -10.94
CA ASP P 58 -50.87 -1.65 -12.30
C ASP P 58 -49.48 -2.06 -12.76
N GLY P 59 -49.40 -2.67 -13.94
CA GLY P 59 -48.12 -3.07 -14.49
C GLY P 59 -47.27 -1.93 -14.97
N LYS P 60 -47.86 -0.74 -15.13
CA LYS P 60 -47.08 0.41 -15.59
C LYS P 60 -46.18 0.94 -14.48
N VAL P 61 -46.65 0.89 -13.24
CA VAL P 61 -45.83 1.35 -12.11
C VAL P 61 -44.64 0.43 -11.92
N LEU P 62 -44.84 -0.87 -12.14
CA LEU P 62 -43.73 -1.83 -12.00
C LEU P 62 -42.64 -1.57 -13.02
N LEU P 63 -42.99 -1.13 -14.23
CA LEU P 63 -42.00 -0.91 -15.27
C LEU P 63 -41.27 0.42 -15.08
N THR P 64 -41.98 1.45 -14.62
CA THR P 64 -41.37 2.77 -14.48
C THR P 64 -40.49 2.86 -13.23
N GLU P 65 -40.91 2.24 -12.13
CA GLU P 65 -40.15 2.33 -10.89
C GLU P 65 -38.91 1.44 -10.92
N MET P 66 -39.05 0.22 -11.43
CA MET P 66 -37.94 -0.72 -11.50
C MET P 66 -37.22 -0.59 -12.83
N GLN P 67 -35.91 -0.38 -12.78
CA GLN P 67 -35.10 -0.30 -13.98
C GLN P 67 -34.94 -1.67 -14.61
N ILE P 68 -34.74 -1.68 -15.93
CA ILE P 68 -34.61 -2.90 -16.70
C ILE P 68 -33.29 -2.84 -17.48
N GLN P 69 -32.39 -3.77 -17.21
CA GLN P 69 -31.12 -3.82 -17.93
C GLN P 69 -31.28 -4.46 -19.31
N SER P 70 -32.19 -5.39 -19.46
CA SER P 70 -32.38 -6.08 -20.73
C SER P 70 -32.99 -5.13 -21.76
N PRO P 71 -32.34 -4.93 -22.92
CA PRO P 71 -32.92 -4.02 -23.91
C PRO P 71 -34.20 -4.54 -24.56
N THR P 72 -34.44 -5.86 -24.52
CA THR P 72 -35.65 -6.41 -25.11
C THR P 72 -36.90 -5.92 -24.39
N ALA P 73 -36.88 -5.96 -23.06
CA ALA P 73 -38.03 -5.50 -22.29
C ALA P 73 -38.21 -3.99 -22.34
N VAL P 74 -37.16 -3.24 -22.69
CA VAL P 74 -37.29 -1.80 -22.82
C VAL P 74 -38.27 -1.46 -23.94
N LEU P 75 -38.21 -2.22 -25.04
CA LEU P 75 -39.18 -2.03 -26.12
C LEU P 75 -40.58 -2.42 -25.67
N ILE P 76 -40.69 -3.44 -24.82
CA ILE P 76 -42.00 -3.85 -24.32
C ILE P 76 -42.49 -2.86 -23.27
N ALA P 77 -41.60 -2.35 -22.42
CA ALA P 77 -42.01 -1.41 -21.40
C ALA P 77 -42.50 -0.11 -22.01
N ARG P 78 -41.85 0.38 -23.06
CA ARG P 78 -42.33 1.59 -23.73
C ARG P 78 -43.63 1.34 -24.48
N ALA P 79 -43.86 0.10 -24.92
CA ALA P 79 -45.12 -0.23 -25.58
C ALA P 79 -46.25 -0.40 -24.57
N ALA P 80 -45.95 -1.03 -23.42
CA ALA P 80 -46.97 -1.21 -22.40
C ALA P 80 -47.33 0.11 -21.72
N ALA P 81 -46.35 1.02 -21.58
CA ALA P 81 -46.62 2.32 -20.98
C ALA P 81 -47.46 3.18 -21.91
N ALA P 82 -47.15 3.18 -23.20
CA ALA P 82 -47.92 3.97 -24.16
C ALA P 82 -49.34 3.46 -24.33
N GLN P 83 -49.59 2.18 -24.03
CA GLN P 83 -50.95 1.65 -24.12
C GLN P 83 -51.84 2.23 -23.02
N ASP P 84 -51.28 2.39 -21.81
CA ASP P 84 -52.04 2.97 -20.72
C ASP P 84 -52.19 4.49 -20.85
N GLU P 85 -51.34 5.14 -21.65
CA GLU P 85 -51.44 6.58 -21.82
C GLU P 85 -52.72 6.97 -22.55
N ILE P 86 -52.92 6.43 -23.75
CA ILE P 86 -54.08 6.82 -24.55
C ILE P 86 -55.34 6.10 -24.09
N THR P 87 -55.28 4.78 -23.89
CA THR P 87 -56.46 4.00 -23.60
C THR P 87 -56.70 3.73 -22.12
N GLY P 88 -55.77 4.15 -21.25
CA GLY P 88 -55.95 3.95 -19.82
C GLY P 88 -55.98 2.52 -19.36
N ASP P 89 -55.74 1.58 -20.28
CA ASP P 89 -55.80 0.16 -19.96
C ASP P 89 -54.97 -0.60 -20.99
N GLY P 90 -54.61 -1.83 -20.63
CA GLY P 90 -53.87 -2.70 -21.52
C GLY P 90 -52.38 -2.81 -21.26
N THR P 91 -51.89 -2.34 -20.10
CA THR P 91 -50.47 -2.44 -19.80
C THR P 91 -50.04 -3.90 -19.67
N THR P 92 -50.73 -4.65 -18.79
CA THR P 92 -50.39 -6.06 -18.61
C THR P 92 -50.88 -6.93 -19.76
N THR P 93 -51.80 -6.42 -20.58
CA THR P 93 -52.31 -7.21 -21.70
C THR P 93 -51.28 -7.29 -22.82
N VAL P 94 -50.66 -6.16 -23.16
CA VAL P 94 -49.68 -6.13 -24.24
C VAL P 94 -48.46 -6.97 -23.87
N VAL P 95 -48.05 -6.93 -22.60
CA VAL P 95 -46.90 -7.70 -22.16
C VAL P 95 -47.16 -9.19 -22.31
N CYS P 96 -48.39 -9.62 -21.98
CA CYS P 96 -48.72 -11.04 -22.15
C CYS P 96 -48.85 -11.41 -23.61
N LEU P 97 -49.22 -10.46 -24.47
CA LEU P 97 -49.31 -10.75 -25.91
C LEU P 97 -47.93 -10.81 -26.55
N VAL P 98 -47.06 -9.86 -26.24
CA VAL P 98 -45.73 -9.84 -26.85
C VAL P 98 -44.89 -11.01 -26.37
N GLY P 99 -44.87 -11.25 -25.06
CA GLY P 99 -44.03 -12.30 -24.51
C GLY P 99 -44.45 -13.68 -24.98
N GLU P 100 -45.75 -13.92 -25.11
CA GLU P 100 -46.23 -15.23 -25.51
C GLU P 100 -46.08 -15.45 -27.01
N LEU P 101 -46.36 -14.43 -27.82
CA LEU P 101 -46.27 -14.58 -29.27
C LEU P 101 -44.84 -14.86 -29.71
N LEU P 102 -43.85 -14.35 -28.96
CA LEU P 102 -42.46 -14.67 -29.28
C LEU P 102 -42.17 -16.14 -29.02
N ARG P 103 -42.73 -16.71 -27.96
CA ARG P 103 -42.48 -18.11 -27.64
C ARG P 103 -43.26 -19.05 -28.54
N GLN P 104 -44.50 -18.67 -28.89
CA GLN P 104 -45.29 -19.50 -29.78
C GLN P 104 -44.67 -19.58 -31.18
N ALA P 105 -44.04 -18.50 -31.63
CA ALA P 105 -43.35 -18.49 -32.91
C ALA P 105 -41.92 -18.99 -32.81
N HIS P 106 -41.37 -19.13 -31.59
CA HIS P 106 -40.00 -19.59 -31.44
C HIS P 106 -39.87 -21.08 -31.71
N ARG P 107 -40.95 -21.84 -31.51
CA ARG P 107 -40.87 -23.28 -31.73
C ARG P 107 -40.65 -23.61 -33.21
N PHE P 108 -41.25 -22.81 -34.11
CA PHE P 108 -41.06 -23.04 -35.53
C PHE P 108 -39.76 -22.43 -36.06
N ILE P 109 -39.22 -21.41 -35.36
CA ILE P 109 -37.91 -20.89 -35.74
C ILE P 109 -36.84 -21.96 -35.60
N GLN P 110 -36.91 -22.75 -34.53
CA GLN P 110 -36.00 -23.87 -34.36
C GLN P 110 -36.22 -24.94 -35.41
N GLU P 111 -37.41 -25.00 -36.01
CA GLU P 111 -37.70 -25.97 -37.05
C GLU P 111 -37.13 -25.58 -38.41
N GLY P 112 -36.58 -24.38 -38.54
CA GLY P 112 -36.02 -23.92 -39.79
C GLY P 112 -36.88 -22.95 -40.57
N VAL P 113 -37.96 -22.46 -39.99
CA VAL P 113 -38.84 -21.51 -40.68
C VAL P 113 -38.26 -20.12 -40.55
N HIS P 114 -38.25 -19.39 -41.66
CA HIS P 114 -37.64 -18.06 -41.67
C HIS P 114 -38.53 -17.09 -40.89
N PRO P 115 -37.93 -16.16 -40.14
CA PRO P 115 -38.74 -15.25 -39.32
C PRO P 115 -39.65 -14.32 -40.11
N ARG P 116 -39.27 -13.98 -41.35
CA ARG P 116 -40.05 -13.01 -42.12
C ARG P 116 -41.42 -13.57 -42.49
N ILE P 117 -41.46 -14.81 -42.99
CA ILE P 117 -42.74 -15.42 -43.34
C ILE P 117 -43.58 -15.73 -42.11
N ILE P 118 -42.96 -15.74 -40.92
CA ILE P 118 -43.73 -15.87 -39.69
C ILE P 118 -44.39 -14.54 -39.33
N THR P 119 -43.65 -13.44 -39.44
CA THR P 119 -44.22 -12.13 -39.14
C THR P 119 -45.23 -11.72 -40.20
N ASP P 120 -45.08 -12.20 -41.43
CA ASP P 120 -46.05 -11.89 -42.47
C ASP P 120 -47.42 -12.51 -42.16
N GLY P 121 -47.43 -13.68 -41.51
CA GLY P 121 -48.68 -14.28 -41.12
C GLY P 121 -49.36 -13.59 -39.95
N PHE P 122 -48.60 -12.79 -39.18
CA PHE P 122 -49.21 -12.04 -38.08
C PHE P 122 -50.10 -10.93 -38.61
N GLU P 123 -49.68 -10.24 -39.66
CA GLU P 123 -50.50 -9.17 -40.23
C GLU P 123 -51.76 -9.73 -40.89
N ILE P 124 -51.64 -10.89 -41.53
CA ILE P 124 -52.80 -11.51 -42.16
C ILE P 124 -53.82 -11.95 -41.11
N ALA P 125 -53.34 -12.48 -39.99
CA ALA P 125 -54.24 -12.90 -38.93
C ALA P 125 -54.80 -11.72 -38.14
N ARG P 126 -54.05 -10.61 -38.07
CA ARG P 126 -54.51 -9.46 -37.32
C ARG P 126 -55.58 -8.67 -38.08
N LYS P 127 -55.43 -8.57 -39.41
CA LYS P 127 -56.44 -7.89 -40.21
C LYS P 127 -57.78 -8.60 -40.15
N GLU P 128 -57.77 -9.92 -39.97
CA GLU P 128 -59.02 -10.65 -39.81
C GLU P 128 -59.67 -10.37 -38.46
N SER P 129 -58.86 -10.05 -37.44
CA SER P 129 -59.42 -9.68 -36.15
C SER P 129 -60.14 -8.33 -36.22
N MET P 130 -59.73 -7.47 -37.15
CA MET P 130 -60.41 -6.19 -37.32
C MET P 130 -61.72 -6.35 -38.07
N LYS P 131 -61.75 -7.20 -39.10
CA LYS P 131 -62.99 -7.46 -39.81
C LYS P 131 -63.98 -8.19 -38.91
N PHE P 132 -63.49 -9.12 -38.09
CA PHE P 132 -64.35 -9.79 -37.12
C PHE P 132 -64.77 -8.87 -36.00
N LEU P 133 -64.00 -7.81 -35.73
CA LEU P 133 -64.32 -6.89 -34.65
C LEU P 133 -65.62 -6.13 -34.93
N ASP P 134 -65.93 -5.89 -36.21
CA ASP P 134 -67.15 -5.17 -36.55
C ASP P 134 -68.39 -5.99 -36.18
N GLU P 135 -68.37 -7.29 -36.48
CA GLU P 135 -69.49 -8.15 -36.10
C GLU P 135 -69.44 -8.59 -34.65
N PHE P 136 -68.27 -8.49 -34.01
CA PHE P 136 -68.15 -8.89 -32.61
C PHE P 136 -68.67 -7.82 -31.66
N LYS P 137 -68.49 -6.54 -32.02
CA LYS P 137 -68.92 -5.46 -31.14
C LYS P 137 -70.44 -5.33 -31.14
N ILE P 138 -70.97 -4.81 -30.04
CA ILE P 138 -72.40 -4.62 -29.84
C ILE P 138 -72.68 -3.13 -29.75
N SER P 139 -73.64 -2.65 -30.54
CA SER P 139 -73.97 -1.24 -30.58
C SER P 139 -74.80 -0.85 -29.36
N LYS P 140 -74.49 0.32 -28.80
CA LYS P 140 -75.20 0.87 -27.65
C LYS P 140 -75.60 2.30 -27.96
N THR P 141 -76.87 2.61 -27.75
CA THR P 141 -77.40 3.95 -28.03
C THR P 141 -77.34 4.78 -26.75
N ASN P 142 -76.72 5.96 -26.87
CA ASN P 142 -76.59 6.86 -25.72
C ASN P 142 -77.86 7.64 -25.44
N LEU P 143 -78.87 7.56 -26.31
CA LEU P 143 -80.11 8.29 -26.08
C LEU P 143 -80.94 7.69 -24.95
N SER P 144 -80.66 6.45 -24.56
CA SER P 144 -81.40 5.83 -23.48
C SER P 144 -80.96 6.33 -22.11
N ASN P 145 -79.70 6.73 -21.99
CA ASN P 145 -79.14 7.22 -20.72
C ASN P 145 -79.29 6.18 -19.61
N ASP P 146 -78.90 4.95 -19.91
CA ASP P 146 -79.01 3.86 -18.95
C ASP P 146 -77.89 3.98 -17.93
N ARG P 147 -78.25 4.08 -16.65
CA ARG P 147 -77.26 4.15 -15.59
C ARG P 147 -76.68 2.79 -15.24
N GLU P 148 -77.49 1.73 -15.34
CA GLU P 148 -77.02 0.39 -15.00
C GLU P 148 -75.93 -0.07 -15.97
N PHE P 149 -75.98 0.39 -17.22
CA PHE P 149 -74.95 0.01 -18.18
C PHE P 149 -73.59 0.60 -17.81
N LEU P 150 -73.59 1.84 -17.29
CA LEU P 150 -72.34 2.45 -16.87
C LEU P 150 -71.82 1.86 -15.57
N LEU P 151 -72.69 1.23 -14.77
CA LEU P 151 -72.25 0.62 -13.52
C LEU P 151 -71.46 -0.66 -13.78
N GLN P 152 -71.96 -1.52 -14.67
CA GLN P 152 -71.29 -2.79 -14.93
C GLN P 152 -69.96 -2.60 -15.65
N VAL P 153 -69.87 -1.58 -16.52
CA VAL P 153 -68.62 -1.35 -17.23
C VAL P 153 -67.55 -0.79 -16.28
N ALA P 154 -67.96 0.07 -15.35
CA ALA P 154 -67.01 0.66 -14.42
C ALA P 154 -66.46 -0.37 -13.46
N ARG P 155 -67.24 -1.40 -13.12
CA ARG P 155 -66.78 -2.44 -12.20
C ARG P 155 -65.76 -3.37 -12.81
N SER P 156 -65.51 -3.29 -14.12
CA SER P 156 -64.52 -4.16 -14.75
C SER P 156 -63.12 -3.84 -14.26
N SER P 157 -62.74 -2.57 -14.28
CA SER P 157 -61.41 -2.17 -13.80
C SER P 157 -61.34 -2.09 -12.29
N LEU P 158 -62.47 -1.91 -11.60
CA LEU P 158 -62.43 -1.79 -10.14
C LEU P 158 -62.19 -3.13 -9.47
N LEU P 159 -62.89 -4.18 -9.92
CA LEU P 159 -62.70 -5.51 -9.34
C LEU P 159 -61.30 -6.04 -9.58
N THR P 160 -60.59 -5.55 -10.60
CA THR P 160 -59.24 -6.01 -10.86
C THR P 160 -58.24 -5.39 -9.88
N LYS P 161 -58.34 -4.09 -9.64
CA LYS P 161 -57.37 -3.41 -8.80
C LYS P 161 -57.65 -3.65 -7.32
N VAL P 162 -58.90 -3.57 -6.89
CA VAL P 162 -59.29 -3.71 -5.50
C VAL P 162 -60.35 -4.80 -5.38
N ASP P 163 -60.80 -5.03 -4.15
CA ASP P 163 -61.79 -6.05 -3.87
C ASP P 163 -63.19 -5.46 -3.98
N ALA P 164 -64.20 -6.23 -3.57
CA ALA P 164 -65.59 -5.75 -3.65
C ALA P 164 -65.90 -4.69 -2.61
N ASP P 165 -65.05 -4.54 -1.59
CA ASP P 165 -65.30 -3.52 -0.57
C ASP P 165 -65.13 -2.12 -1.14
N LEU P 166 -63.98 -1.86 -1.78
CA LEU P 166 -63.75 -0.56 -2.40
C LEU P 166 -64.45 -0.42 -3.74
N THR P 167 -64.89 -1.54 -4.34
CA THR P 167 -65.59 -1.46 -5.62
C THR P 167 -66.99 -0.89 -5.45
N GLU P 168 -67.72 -1.36 -4.44
CA GLU P 168 -69.08 -0.85 -4.20
C GLU P 168 -69.07 0.63 -3.83
N VAL P 169 -67.99 1.11 -3.20
CA VAL P 169 -67.91 2.51 -2.82
C VAL P 169 -67.58 3.38 -4.04
N LEU P 170 -66.62 2.96 -4.84
CA LEU P 170 -66.16 3.76 -5.97
C LEU P 170 -67.02 3.60 -7.22
N THR P 171 -67.96 2.64 -7.23
CA THR P 171 -68.79 2.46 -8.42
C THR P 171 -69.72 3.65 -8.65
N PRO P 172 -70.52 4.11 -7.67
CA PRO P 172 -71.36 5.30 -7.93
C PRO P 172 -70.56 6.58 -8.07
N ILE P 173 -69.34 6.64 -7.55
CA ILE P 173 -68.54 7.85 -7.64
C ILE P 173 -68.08 8.09 -9.06
N VAL P 174 -67.57 7.03 -9.72
CA VAL P 174 -67.12 7.16 -11.10
C VAL P 174 -68.30 7.39 -12.03
N THR P 175 -69.44 6.73 -11.75
CA THR P 175 -70.62 6.90 -12.59
C THR P 175 -71.17 8.32 -12.48
N ASP P 176 -71.24 8.87 -11.27
CA ASP P 176 -71.69 10.24 -11.11
C ASP P 176 -70.70 11.24 -11.69
N ALA P 177 -69.42 10.88 -11.80
CA ALA P 177 -68.44 11.78 -12.40
C ALA P 177 -68.59 11.85 -13.91
N VAL P 178 -68.80 10.70 -14.57
CA VAL P 178 -68.97 10.68 -16.02
C VAL P 178 -70.38 11.07 -16.45
N LEU P 179 -71.33 11.13 -15.51
CA LEU P 179 -72.70 11.54 -15.87
C LEU P 179 -72.74 12.99 -16.32
N SER P 180 -72.01 13.87 -15.62
CA SER P 180 -71.93 15.27 -16.01
C SER P 180 -71.03 15.50 -17.21
N VAL P 181 -70.23 14.51 -17.62
CA VAL P 181 -69.39 14.66 -18.80
C VAL P 181 -70.24 14.65 -20.06
N TYR P 182 -71.26 13.79 -20.09
CA TYR P 182 -72.12 13.71 -21.27
C TYR P 182 -72.96 14.97 -21.40
N ASP P 183 -72.90 15.61 -22.57
CA ASP P 183 -73.63 16.84 -22.83
C ASP P 183 -74.18 16.79 -24.25
N ALA P 184 -75.08 17.74 -24.55
CA ALA P 184 -75.64 17.82 -25.89
C ALA P 184 -74.56 18.07 -26.94
N GLN P 185 -73.44 18.68 -26.55
CA GLN P 185 -72.32 18.87 -27.47
C GLN P 185 -71.62 17.55 -27.77
N ALA P 186 -71.78 16.55 -26.91
CA ALA P 186 -71.19 15.21 -27.03
C ALA P 186 -69.68 15.19 -26.84
N ASP P 187 -69.03 16.35 -26.69
CA ASP P 187 -67.60 16.38 -26.48
C ASP P 187 -67.28 15.94 -25.06
N ASN P 188 -66.37 14.98 -24.93
CA ASN P 188 -65.96 14.44 -23.64
C ASN P 188 -64.54 14.88 -23.34
N LEU P 189 -64.38 15.67 -22.28
CA LEU P 189 -63.08 16.17 -21.84
C LEU P 189 -62.77 15.52 -20.49
N ASP P 190 -61.79 14.61 -20.47
CA ASP P 190 -61.57 13.79 -19.30
C ASP P 190 -60.78 14.51 -18.20
N LEU P 191 -59.86 15.40 -18.57
CA LEU P 191 -58.97 15.98 -17.56
C LEU P 191 -59.67 17.04 -16.71
N HIS P 192 -60.44 17.93 -17.36
CA HIS P 192 -61.08 19.00 -16.61
C HIS P 192 -62.32 18.54 -15.85
N MET P 193 -62.96 17.47 -16.29
CA MET P 193 -64.18 17.02 -15.63
C MET P 193 -63.89 16.25 -14.34
N VAL P 194 -62.80 15.48 -14.31
CA VAL P 194 -62.47 14.63 -13.17
C VAL P 194 -61.03 14.88 -12.76
N GLU P 195 -60.80 14.97 -11.46
CA GLU P 195 -59.46 15.12 -10.89
C GLU P 195 -59.29 14.12 -9.75
N ILE P 196 -58.05 13.97 -9.31
CA ILE P 196 -57.70 13.12 -8.19
C ILE P 196 -56.96 13.96 -7.16
N MET P 197 -57.56 14.13 -5.99
CA MET P 197 -57.00 14.93 -4.91
C MET P 197 -56.72 14.02 -3.72
N GLN P 198 -55.45 13.90 -3.35
CA GLN P 198 -55.04 13.01 -2.28
C GLN P 198 -55.15 13.73 -0.94
N MET P 199 -55.93 13.15 -0.02
CA MET P 199 -56.07 13.66 1.33
C MET P 199 -56.22 12.48 2.28
N GLN P 200 -55.52 12.53 3.40
CA GLN P 200 -55.59 11.47 4.40
C GLN P 200 -56.63 11.84 5.45
N HIS P 201 -57.76 11.14 5.44
CA HIS P 201 -58.81 11.35 6.43
C HIS P 201 -59.58 10.05 6.62
N LEU P 202 -59.95 9.76 7.87
CA LEU P 202 -60.71 8.56 8.21
C LEU P 202 -60.10 7.30 7.61
N SER P 203 -60.88 6.57 6.83
CA SER P 203 -60.48 5.34 6.19
C SER P 203 -60.67 5.44 4.67
N PRO P 204 -59.94 4.65 3.89
CA PRO P 204 -60.13 4.69 2.43
C PRO P 204 -61.53 4.32 1.98
N LYS P 205 -62.25 3.50 2.76
CA LYS P 205 -63.60 3.10 2.39
C LYS P 205 -64.63 4.21 2.60
N ASP P 206 -64.23 5.34 3.21
CA ASP P 206 -65.12 6.46 3.44
C ASP P 206 -65.12 7.46 2.29
N THR P 207 -64.43 7.15 1.19
CA THR P 207 -64.38 8.04 0.03
C THR P 207 -65.80 8.36 -0.46
N THR P 208 -66.07 9.65 -0.65
CA THR P 208 -67.38 10.12 -1.07
C THR P 208 -67.22 11.02 -2.29
N PHE P 209 -68.34 11.27 -2.97
CA PHE P 209 -68.38 12.07 -4.17
C PHE P 209 -68.82 13.50 -3.84
N ILE P 210 -68.22 14.47 -4.51
CA ILE P 210 -68.53 15.88 -4.33
C ILE P 210 -68.90 16.47 -5.68
N LYS P 211 -69.95 17.28 -5.71
CA LYS P 211 -70.50 17.83 -6.94
C LYS P 211 -69.88 19.16 -7.33
N GLY P 212 -68.87 19.64 -6.61
CA GLY P 212 -68.27 20.92 -6.93
C GLY P 212 -66.79 20.92 -6.60
N LEU P 213 -66.10 21.91 -7.16
CA LEU P 213 -64.64 21.97 -7.06
C LEU P 213 -64.20 22.13 -5.61
N VAL P 214 -63.13 21.41 -5.25
CA VAL P 214 -62.52 21.48 -3.94
C VAL P 214 -61.09 21.98 -4.09
N LEU P 215 -60.67 22.85 -3.19
CA LEU P 215 -59.35 23.47 -3.25
C LEU P 215 -58.54 23.12 -2.00
N ASP P 216 -57.22 23.22 -2.15
CA ASP P 216 -56.28 22.91 -1.07
C ASP P 216 -55.99 24.09 -0.16
N HIS P 217 -56.63 25.24 -0.39
CA HIS P 217 -56.35 26.45 0.34
C HIS P 217 -57.59 26.91 1.11
N GLY P 218 -57.36 27.74 2.12
CA GLY P 218 -58.42 28.23 2.97
C GLY P 218 -58.10 29.62 3.49
N GLY P 219 -59.06 30.19 4.21
CA GLY P 219 -58.90 31.55 4.71
C GLY P 219 -57.83 31.61 5.79
N ARG P 220 -56.89 32.54 5.61
CA ARG P 220 -55.83 32.71 6.60
C ARG P 220 -56.29 33.53 7.79
N HIS P 221 -57.20 34.51 7.58
CA HIS P 221 -57.62 35.36 8.68
C HIS P 221 -58.80 34.71 9.42
N PRO P 222 -58.80 34.75 10.75
CA PRO P 222 -59.86 34.06 11.50
C PRO P 222 -61.25 34.60 11.24
N ASP P 223 -61.40 35.93 11.10
CA ASP P 223 -62.72 36.52 10.92
C ASP P 223 -63.34 36.21 9.57
N MET P 224 -62.59 35.61 8.64
CA MET P 224 -63.16 35.21 7.37
C MET P 224 -64.23 34.14 7.60
N PRO P 225 -65.45 34.31 7.10
CA PRO P 225 -66.50 33.32 7.33
C PRO P 225 -66.12 31.96 6.74
N THR P 226 -66.27 30.93 7.58
CA THR P 226 -65.97 29.57 7.12
C THR P 226 -67.10 29.02 6.25
N ARG P 227 -68.34 29.20 6.69
CA ARG P 227 -69.52 28.73 5.97
C ARG P 227 -70.27 29.93 5.42
N VAL P 228 -70.43 29.99 4.10
CA VAL P 228 -71.15 31.06 3.43
C VAL P 228 -72.28 30.43 2.62
N LYS P 229 -73.51 30.81 2.93
CA LYS P 229 -74.68 30.28 2.24
C LYS P 229 -74.61 30.53 0.74
N ASN P 230 -74.75 31.79 0.33
CA ASN P 230 -74.69 32.17 -1.08
C ASN P 230 -73.44 33.01 -1.30
N ALA P 231 -72.48 32.46 -2.03
CA ALA P 231 -71.21 33.13 -2.31
C ALA P 231 -71.07 33.36 -3.81
N TYR P 232 -70.60 34.56 -4.17
CA TYR P 232 -70.34 34.91 -5.56
C TYR P 232 -68.84 34.80 -5.80
N VAL P 233 -68.45 33.81 -6.59
CA VAL P 233 -67.04 33.56 -6.86
C VAL P 233 -66.54 34.52 -7.92
N LEU P 234 -65.52 35.31 -7.58
CA LEU P 234 -64.88 36.24 -8.50
C LEU P 234 -63.53 35.68 -8.91
N ILE P 235 -63.34 35.46 -10.20
CA ILE P 235 -62.11 34.91 -10.73
C ILE P 235 -61.13 36.06 -10.94
N LEU P 236 -59.99 36.00 -10.26
CA LEU P 236 -58.95 37.01 -10.39
C LEU P 236 -57.62 36.32 -10.65
N ASN P 237 -57.04 36.57 -11.82
CA ASN P 237 -55.73 36.05 -12.18
C ASN P 237 -54.61 37.03 -11.87
N VAL P 238 -54.92 38.20 -11.33
CA VAL P 238 -53.92 39.21 -10.97
C VAL P 238 -53.56 39.02 -9.51
N SER P 239 -52.29 39.20 -9.20
CA SER P 239 -51.76 38.99 -7.86
C SER P 239 -51.41 40.33 -7.21
N LEU P 240 -51.84 40.50 -5.97
CA LEU P 240 -51.46 41.67 -5.16
C LEU P 240 -50.39 41.23 -4.18
N GLU P 241 -49.16 41.69 -4.42
CA GLU P 241 -48.00 41.23 -3.67
C GLU P 241 -46.73 41.94 -4.14
N TYR P 242 -45.61 41.66 -3.49
CA TYR P 242 -44.33 42.22 -3.91
C TYR P 242 -44.01 41.78 -5.34
N GLU P 243 -43.73 42.77 -6.20
CA GLU P 243 -43.49 42.50 -7.61
C GLU P 243 -41.98 42.41 -7.86
N LYS P 244 -41.59 42.13 -9.11
CA LYS P 244 -40.18 42.10 -9.46
C LYS P 244 -39.53 43.46 -9.29
N THR P 245 -40.31 44.55 -9.31
CA THR P 245 -39.92 45.93 -9.04
C THR P 245 -39.02 46.52 -10.13
N GLU P 246 -38.64 45.75 -11.15
CA GLU P 246 -37.87 46.26 -12.30
C GLU P 246 -36.52 46.84 -11.84
N VAL P 247 -35.61 45.91 -11.51
CA VAL P 247 -34.20 46.13 -11.21
C VAL P 247 -34.02 46.88 -9.90
N ASN P 248 -35.13 47.21 -9.23
CA ASN P 248 -35.13 47.87 -7.92
C ASN P 248 -34.44 49.24 -8.00
N SER P 249 -35.16 50.18 -8.61
CA SER P 249 -34.68 51.55 -8.68
C SER P 249 -34.77 52.22 -7.31
N GLY P 250 -35.98 52.37 -6.78
CA GLY P 250 -36.17 52.74 -5.39
C GLY P 250 -36.58 54.19 -5.21
N PHE P 251 -36.69 54.56 -3.93
CA PHE P 251 -37.11 55.88 -3.50
C PHE P 251 -35.96 56.62 -2.85
N PHE P 252 -36.00 57.95 -2.95
CA PHE P 252 -35.04 58.83 -2.29
C PHE P 252 -35.82 59.96 -1.63
N TYR P 253 -35.73 60.04 -0.31
CA TYR P 253 -36.46 61.03 0.47
C TYR P 253 -35.52 62.10 0.99
N SER P 254 -35.95 63.36 0.91
CA SER P 254 -35.12 64.47 1.36
C SER P 254 -35.16 64.62 2.88
N SER P 255 -36.34 64.48 3.49
CA SER P 255 -36.51 64.66 4.92
C SER P 255 -37.21 63.44 5.50
N ALA P 256 -37.18 63.33 6.82
CA ALA P 256 -37.79 62.20 7.51
C ALA P 256 -39.30 62.16 7.28
N ASP P 257 -39.93 63.32 7.09
CA ASP P 257 -41.36 63.36 6.80
C ASP P 257 -41.65 62.73 5.44
N GLN P 258 -40.72 62.86 4.48
CA GLN P 258 -40.89 62.24 3.18
C GLN P 258 -40.62 60.74 3.20
N ARG P 259 -39.83 60.26 4.17
CA ARG P 259 -39.53 58.83 4.26
C ARG P 259 -40.81 58.03 4.47
N ASP P 260 -41.65 58.45 5.41
CA ASP P 260 -42.94 57.81 5.61
C ASP P 260 -43.96 58.25 4.58
N LYS P 261 -43.75 59.39 3.92
CA LYS P 261 -44.67 59.84 2.88
C LYS P 261 -44.51 59.00 1.61
N LEU P 262 -43.28 58.59 1.30
CA LEU P 262 -43.05 57.72 0.16
C LEU P 262 -43.39 56.26 0.45
N ALA P 263 -43.39 55.87 1.73
CA ALA P 263 -43.74 54.49 2.08
C ALA P 263 -45.21 54.18 1.81
N ALA P 264 -46.07 55.20 1.82
CA ALA P 264 -47.48 54.98 1.53
C ALA P 264 -47.75 54.70 0.06
N SER P 265 -46.76 54.91 -0.83
CA SER P 265 -46.95 54.65 -2.24
C SER P 265 -47.06 53.16 -2.54
N GLU P 266 -46.50 52.30 -1.69
CA GLU P 266 -46.61 50.86 -1.89
C GLU P 266 -48.06 50.39 -1.78
N ARG P 267 -48.82 50.99 -0.87
CA ARG P 267 -50.24 50.65 -0.72
C ARG P 267 -51.12 51.37 -1.72
N LYS P 268 -50.57 52.31 -2.49
CA LYS P 268 -51.38 53.02 -3.47
C LYS P 268 -51.79 52.11 -4.63
N PHE P 269 -50.86 51.29 -5.12
CA PHE P 269 -51.19 50.35 -6.18
C PHE P 269 -52.03 49.19 -5.68
N VAL P 270 -51.82 48.78 -4.42
CA VAL P 270 -52.60 47.68 -3.86
C VAL P 270 -54.04 48.11 -3.64
N ASP P 271 -54.25 49.26 -3.01
CA ASP P 271 -55.60 49.77 -2.77
C ASP P 271 -56.29 50.24 -4.04
N ALA P 272 -55.55 50.43 -5.13
CA ALA P 272 -56.18 50.84 -6.39
C ALA P 272 -57.07 49.73 -6.95
N LYS P 273 -56.60 48.48 -6.89
CA LYS P 273 -57.40 47.36 -7.36
C LYS P 273 -58.43 46.91 -6.33
N LEU P 274 -58.25 47.27 -5.05
CA LEU P 274 -59.21 46.89 -4.03
C LEU P 274 -60.49 47.73 -4.10
N LYS P 275 -60.38 48.97 -4.61
CA LYS P 275 -61.57 49.80 -4.73
C LYS P 275 -62.52 49.28 -5.80
N LYS P 276 -61.98 48.59 -6.81
CA LYS P 276 -62.85 48.01 -7.83
C LYS P 276 -63.66 46.85 -7.27
N ILE P 277 -63.06 46.06 -6.37
CA ILE P 277 -63.78 44.96 -5.74
C ILE P 277 -64.88 45.50 -4.83
N ILE P 278 -64.61 46.61 -4.13
CA ILE P 278 -65.63 47.21 -3.29
C ILE P 278 -66.78 47.75 -4.13
N ASP P 279 -66.47 48.36 -5.28
CA ASP P 279 -67.52 48.83 -6.17
C ASP P 279 -68.33 47.67 -6.74
N LEU P 280 -67.69 46.53 -6.99
CA LEU P 280 -68.43 45.35 -7.44
C LEU P 280 -69.31 44.79 -6.33
N LYS P 281 -68.86 44.89 -5.08
CA LYS P 281 -69.65 44.41 -3.96
C LYS P 281 -70.89 45.29 -3.74
N ASN P 282 -70.84 46.55 -4.16
CA ASN P 282 -71.96 47.46 -3.98
C ASN P 282 -73.17 47.06 -4.83
N GLU P 283 -72.97 46.26 -5.87
CA GLU P 283 -74.10 45.78 -6.66
C GLU P 283 -74.77 44.58 -6.00
N VAL P 284 -73.99 43.72 -5.34
CA VAL P 284 -74.49 42.49 -4.77
C VAL P 284 -74.83 42.69 -3.30
N CYS P 285 -74.75 43.94 -2.82
CA CYS P 285 -74.95 44.21 -1.40
C CYS P 285 -76.32 43.77 -0.89
N GLY P 286 -77.29 43.57 -1.80
CA GLY P 286 -78.60 43.11 -1.39
C GLY P 286 -78.57 41.77 -0.69
N MET P 287 -79.26 41.67 0.44
CA MET P 287 -79.26 40.45 1.26
C MET P 287 -77.84 40.08 1.68
N ASP P 288 -77.11 41.06 2.19
CA ASP P 288 -75.72 40.84 2.54
C ASP P 288 -75.52 39.84 3.69
N PRO P 289 -76.28 39.87 4.78
CA PRO P 289 -76.05 38.88 5.84
C PRO P 289 -76.23 37.44 5.39
N ASP P 290 -77.26 37.17 4.59
CA ASP P 290 -77.52 35.81 4.15
C ASP P 290 -76.58 35.39 3.02
N LYS P 291 -76.24 36.31 2.13
CA LYS P 291 -75.36 36.01 1.00
C LYS P 291 -73.92 36.28 1.40
N GLY P 292 -73.01 36.21 0.42
CA GLY P 292 -71.60 36.45 0.68
C GLY P 292 -70.85 36.66 -0.61
N PHE P 293 -69.60 37.07 -0.46
CA PHE P 293 -68.72 37.33 -1.60
C PHE P 293 -67.36 36.74 -1.31
N VAL P 294 -66.84 35.93 -2.23
CA VAL P 294 -65.56 35.26 -2.05
C VAL P 294 -64.65 35.63 -3.23
N ILE P 295 -63.35 35.45 -3.01
CA ILE P 295 -62.34 35.75 -4.01
C ILE P 295 -61.37 34.58 -4.08
N ILE P 296 -61.13 34.07 -5.29
CA ILE P 296 -60.19 32.98 -5.53
C ILE P 296 -59.11 33.51 -6.47
N ASN P 297 -57.88 33.57 -5.97
CA ASN P 297 -56.74 34.09 -6.73
C ASN P 297 -55.84 32.94 -7.15
N GLN P 298 -55.25 33.09 -8.34
CA GLN P 298 -54.35 32.07 -8.86
C GLN P 298 -52.97 32.14 -8.22
N LYS P 299 -52.57 33.32 -7.73
CA LYS P 299 -51.25 33.52 -7.17
C LYS P 299 -51.38 34.04 -5.74
N GLY P 300 -50.27 33.98 -5.01
CA GLY P 300 -50.28 34.38 -3.61
C GLY P 300 -50.67 35.83 -3.45
N ILE P 301 -51.34 36.10 -2.33
CA ILE P 301 -51.84 37.43 -2.00
C ILE P 301 -51.03 37.98 -0.84
N ASP P 302 -50.68 39.27 -0.94
CA ASP P 302 -49.93 39.95 0.11
C ASP P 302 -50.72 39.90 1.42
N PRO P 303 -50.14 39.39 2.51
CA PRO P 303 -50.85 39.40 3.80
C PRO P 303 -51.23 40.79 4.27
N MET P 304 -50.61 41.84 3.74
CA MET P 304 -50.98 43.20 4.11
C MET P 304 -52.42 43.52 3.69
N SER P 305 -52.90 42.91 2.61
CA SER P 305 -54.24 43.17 2.09
C SER P 305 -55.27 42.17 2.58
N LEU P 306 -54.88 41.18 3.39
CA LEU P 306 -55.85 40.21 3.89
C LEU P 306 -56.76 40.82 4.94
N ASP P 307 -56.29 41.83 5.67
CA ASP P 307 -57.12 42.49 6.67
C ASP P 307 -58.23 43.33 6.04
N VAL P 308 -58.08 43.71 4.77
CA VAL P 308 -59.14 44.45 4.10
C VAL P 308 -60.33 43.55 3.82
N PHE P 309 -60.06 42.32 3.37
CA PHE P 309 -61.15 41.38 3.10
C PHE P 309 -61.78 40.84 4.36
N ALA P 310 -61.09 40.93 5.50
CA ALA P 310 -61.64 40.41 6.75
C ALA P 310 -62.74 41.33 7.29
N LYS P 311 -62.58 42.64 7.12
CA LYS P 311 -63.60 43.56 7.60
C LYS P 311 -64.88 43.47 6.78
N HIS P 312 -64.77 43.10 5.50
CA HIS P 312 -65.93 42.94 4.63
C HIS P 312 -66.44 41.51 4.59
N ASN P 313 -65.84 40.61 5.37
CA ASN P 313 -66.24 39.20 5.40
C ASN P 313 -66.14 38.56 4.02
N ILE P 314 -64.99 38.76 3.37
CA ILE P 314 -64.72 38.22 2.05
C ILE P 314 -63.66 37.15 2.18
N LEU P 315 -63.97 35.94 1.71
CA LEU P 315 -63.02 34.83 1.76
C LEU P 315 -62.03 34.94 0.62
N ALA P 316 -60.74 34.90 0.95
CA ALA P 316 -59.67 35.02 -0.03
C ALA P 316 -58.90 33.70 -0.12
N LEU P 317 -58.59 33.30 -1.35
CA LEU P 317 -57.84 32.07 -1.61
C LEU P 317 -56.67 32.40 -2.53
N ARG P 318 -55.48 32.01 -2.13
CA ARG P 318 -54.25 32.34 -2.85
C ARG P 318 -53.49 31.07 -3.19
N ARG P 319 -52.56 31.20 -4.14
CA ARG P 319 -51.68 30.12 -4.56
C ARG P 319 -52.47 28.91 -5.08
N ALA P 320 -53.56 29.20 -5.79
CA ALA P 320 -54.35 28.14 -6.39
C ALA P 320 -53.68 27.60 -7.65
N LYS P 321 -54.03 26.37 -8.00
CA LYS P 321 -53.44 25.73 -9.17
C LYS P 321 -53.93 26.41 -10.45
N ARG P 322 -53.16 26.25 -11.52
CA ARG P 322 -53.50 26.87 -12.80
C ARG P 322 -54.68 26.17 -13.45
N ARG P 323 -54.76 24.84 -13.33
CA ARG P 323 -55.88 24.11 -13.93
C ARG P 323 -57.19 24.42 -13.22
N ASN P 324 -57.13 24.72 -11.92
CA ASN P 324 -58.34 25.06 -11.18
C ASN P 324 -58.98 26.35 -11.63
N MET P 325 -58.21 27.24 -12.27
CA MET P 325 -58.78 28.48 -12.78
C MET P 325 -59.68 28.25 -13.98
N GLU P 326 -59.42 27.19 -14.75
CA GLU P 326 -60.23 26.89 -15.92
C GLU P 326 -61.55 26.23 -15.56
N ARG P 327 -61.65 25.61 -14.38
CA ARG P 327 -62.86 24.91 -13.97
C ARG P 327 -63.83 25.79 -13.20
N LEU P 328 -63.43 27.00 -12.81
CA LEU P 328 -64.33 27.88 -12.07
C LEU P 328 -65.51 28.35 -12.91
N GLN P 329 -65.39 28.33 -14.24
CA GLN P 329 -66.52 28.65 -15.09
C GLN P 329 -67.49 27.48 -15.21
N LEU P 330 -66.99 26.25 -15.10
CA LEU P 330 -67.87 25.09 -15.21
C LEU P 330 -68.62 24.82 -13.91
N VAL P 331 -67.97 25.04 -12.76
CA VAL P 331 -68.58 24.76 -11.47
C VAL P 331 -69.58 25.85 -11.12
N THR P 332 -69.09 27.08 -10.93
CA THR P 332 -69.95 28.17 -10.50
C THR P 332 -70.85 28.66 -11.63
N GLY P 333 -70.33 28.74 -12.85
CA GLY P 333 -71.10 29.22 -13.98
C GLY P 333 -70.76 30.61 -14.45
N GLY P 334 -69.79 31.27 -13.81
CA GLY P 334 -69.39 32.61 -14.19
C GLY P 334 -68.34 32.63 -15.28
N GLU P 335 -67.58 33.72 -15.31
CA GLU P 335 -66.52 33.90 -16.29
C GLU P 335 -65.26 34.38 -15.59
N ALA P 336 -64.14 34.28 -16.29
CA ALA P 336 -62.85 34.67 -15.75
C ALA P 336 -62.59 36.16 -15.98
N GLN P 337 -61.96 36.79 -15.00
CA GLN P 337 -61.67 38.22 -15.05
C GLN P 337 -60.20 38.44 -14.72
N ASN P 338 -59.47 39.08 -15.63
CA ASN P 338 -58.05 39.36 -15.42
C ASN P 338 -57.88 40.78 -14.87
N SER P 339 -58.21 41.77 -15.68
CA SER P 339 -58.14 43.16 -15.24
C SER P 339 -59.37 43.53 -14.41
N VAL P 340 -59.13 44.25 -13.31
CA VAL P 340 -60.21 44.64 -12.41
C VAL P 340 -60.89 45.93 -12.84
N GLU P 341 -60.47 46.54 -13.95
CA GLU P 341 -61.08 47.78 -14.39
C GLU P 341 -62.51 47.56 -14.86
N ASP P 342 -62.74 46.49 -15.64
CA ASP P 342 -64.07 46.17 -16.15
C ASP P 342 -64.65 45.03 -15.31
N LEU P 343 -65.69 45.33 -14.55
CA LEU P 343 -66.36 44.36 -13.70
C LEU P 343 -67.86 44.41 -13.94
N SER P 344 -68.49 43.24 -13.95
CA SER P 344 -69.92 43.12 -14.20
C SER P 344 -70.48 42.00 -13.33
N PRO P 345 -71.75 42.09 -12.94
CA PRO P 345 -72.35 41.01 -12.15
C PRO P 345 -72.53 39.71 -12.94
N GLN P 346 -72.47 39.75 -14.27
CA GLN P 346 -72.69 38.56 -15.07
C GLN P 346 -71.58 37.54 -14.89
N ILE P 347 -70.33 38.00 -14.77
CA ILE P 347 -69.20 37.08 -14.64
C ILE P 347 -69.11 36.44 -13.26
N LEU P 348 -69.89 36.91 -12.29
CA LEU P 348 -69.86 36.34 -10.95
C LEU P 348 -70.56 34.99 -10.93
N GLY P 349 -69.95 34.03 -10.24
CA GLY P 349 -70.51 32.71 -10.12
C GLY P 349 -71.59 32.61 -9.07
N PHE P 350 -72.08 31.38 -8.89
CA PHE P 350 -73.13 31.11 -7.92
C PHE P 350 -72.88 29.77 -7.26
N SER P 351 -73.04 29.72 -5.94
CA SER P 351 -72.87 28.51 -5.17
C SER P 351 -73.91 28.47 -4.06
N GLY P 352 -74.51 27.30 -3.85
CA GLY P 352 -75.53 27.14 -2.84
C GLY P 352 -74.98 26.81 -1.46
N LEU P 353 -73.81 26.19 -1.41
CA LEU P 353 -73.15 25.89 -0.15
C LEU P 353 -71.64 26.05 -0.31
N VAL P 354 -71.03 26.78 0.61
CA VAL P 354 -69.58 26.96 0.65
C VAL P 354 -69.13 26.79 2.09
N TYR P 355 -68.25 25.82 2.35
CA TYR P 355 -67.76 25.58 3.69
C TYR P 355 -66.33 25.08 3.62
N GLN P 356 -65.63 25.19 4.74
CA GLN P 356 -64.25 24.76 4.86
C GLN P 356 -64.10 23.83 6.05
N GLU P 357 -63.37 22.73 5.85
CA GLU P 357 -63.11 21.75 6.90
C GLU P 357 -61.62 21.75 7.19
N THR P 358 -61.27 22.17 8.40
CA THR P 358 -59.86 22.26 8.81
C THR P 358 -59.45 20.97 9.48
N ILE P 359 -58.50 20.26 8.87
CA ILE P 359 -57.95 19.02 9.40
C ILE P 359 -56.44 19.20 9.49
N GLY P 360 -55.92 19.18 10.73
CA GLY P 360 -54.49 19.40 10.91
C GLY P 360 -54.10 20.83 10.58
N GLU P 361 -52.88 20.98 10.05
CA GLU P 361 -52.39 22.30 9.67
C GLU P 361 -52.98 22.78 8.35
N GLU P 362 -53.30 21.86 7.45
CA GLU P 362 -53.85 22.22 6.15
C GLU P 362 -55.36 22.48 6.25
N LYS P 363 -55.83 23.42 5.45
CA LYS P 363 -57.24 23.77 5.40
C LYS P 363 -57.74 23.63 3.96
N PHE P 364 -58.89 22.99 3.80
CA PHE P 364 -59.48 22.73 2.50
C PHE P 364 -60.80 23.47 2.37
N THR P 365 -61.09 23.94 1.16
CA THR P 365 -62.32 24.66 0.86
C THR P 365 -63.22 23.78 -0.01
N TYR P 366 -64.47 23.60 0.44
CA TYR P 366 -65.43 22.76 -0.26
C TYR P 366 -66.53 23.62 -0.85
N VAL P 367 -66.89 23.36 -2.11
CA VAL P 367 -67.97 24.04 -2.80
C VAL P 367 -68.89 23.00 -3.38
N THR P 368 -70.20 23.19 -3.21
CA THR P 368 -71.18 22.23 -3.70
C THR P 368 -72.53 22.93 -3.84
N GLU P 369 -73.54 22.16 -4.22
CA GLU P 369 -74.91 22.64 -4.41
C GLU P 369 -74.96 23.78 -5.43
N ASN P 370 -74.72 23.39 -6.69
CA ASN P 370 -74.77 24.31 -7.81
C ASN P 370 -76.04 24.08 -8.62
N THR P 371 -76.58 25.16 -9.18
CA THR P 371 -77.79 25.09 -10.00
C THR P 371 -77.60 24.14 -11.16
N ASP P 372 -76.71 24.48 -12.09
CA ASP P 372 -76.41 23.65 -13.25
C ASP P 372 -74.89 23.49 -13.33
N PRO P 373 -74.31 22.66 -12.46
CA PRO P 373 -72.85 22.47 -12.49
C PRO P 373 -72.42 21.75 -13.76
N LYS P 374 -71.39 22.27 -14.41
CA LYS P 374 -70.85 21.69 -15.63
C LYS P 374 -69.66 20.78 -15.37
N SER P 375 -69.22 20.65 -14.12
CA SER P 375 -68.11 19.78 -13.78
C SER P 375 -68.22 19.41 -12.31
N CYS P 376 -67.49 18.36 -11.94
CA CYS P 376 -67.52 17.84 -10.58
C CYS P 376 -66.09 17.42 -10.20
N THR P 377 -65.95 16.82 -9.02
CA THR P 377 -64.66 16.36 -8.54
C THR P 377 -64.83 15.02 -7.83
N ILE P 378 -63.71 14.36 -7.56
CA ILE P 378 -63.66 13.14 -6.79
C ILE P 378 -62.61 13.31 -5.70
N LEU P 379 -63.04 13.25 -4.44
CA LEU P 379 -62.14 13.45 -3.31
C LEU P 379 -61.63 12.08 -2.86
N ILE P 380 -60.32 11.86 -3.03
CA ILE P 380 -59.70 10.59 -2.69
C ILE P 380 -59.24 10.64 -1.24
N LYS P 381 -59.71 9.70 -0.43
CA LYS P 381 -59.30 9.56 0.96
C LYS P 381 -58.57 8.23 1.13
N GLY P 382 -57.53 8.25 1.96
CA GLY P 382 -56.73 7.05 2.19
C GLY P 382 -56.08 7.08 3.56
N SER P 383 -55.76 5.89 4.05
CA SER P 383 -55.15 5.76 5.37
C SER P 383 -53.65 6.05 5.34
N THR P 384 -52.97 5.65 4.26
CA THR P 384 -51.53 5.75 4.15
C THR P 384 -51.15 6.40 2.83
N HIS P 385 -49.87 6.75 2.71
CA HIS P 385 -49.38 7.39 1.50
C HIS P 385 -49.56 6.49 0.28
N TYR P 386 -49.24 5.19 0.42
CA TYR P 386 -49.41 4.28 -0.71
C TYR P 386 -50.88 3.99 -0.97
N ALA P 387 -51.73 4.11 0.05
CA ALA P 387 -53.17 3.93 -0.16
C ALA P 387 -53.75 5.03 -1.03
N LEU P 388 -53.18 6.23 -0.96
CA LEU P 388 -53.61 7.30 -1.85
C LEU P 388 -53.20 7.02 -3.28
N ALA P 389 -52.04 6.39 -3.47
CA ALA P 389 -51.59 6.06 -4.81
C ALA P 389 -52.30 4.83 -5.37
N GLN P 390 -52.68 3.88 -4.51
CA GLN P 390 -53.40 2.71 -4.98
C GLN P 390 -54.78 3.07 -5.49
N THR P 391 -55.47 3.98 -4.78
CA THR P 391 -56.76 4.45 -5.26
C THR P 391 -56.61 5.37 -6.47
N LYS P 392 -55.53 6.16 -6.51
CA LYS P 392 -55.30 7.04 -7.65
C LYS P 392 -55.13 6.24 -8.93
N ASP P 393 -54.38 5.14 -8.89
CA ASP P 393 -54.20 4.32 -10.07
C ASP P 393 -55.44 3.49 -10.39
N ALA P 394 -56.26 3.20 -9.39
CA ALA P 394 -57.47 2.42 -9.62
C ALA P 394 -58.58 3.26 -10.22
N VAL P 395 -58.71 4.51 -9.77
CA VAL P 395 -59.77 5.38 -10.30
C VAL P 395 -59.39 5.91 -11.67
N ARG P 396 -58.14 6.34 -11.84
CA ARG P 396 -57.71 6.92 -13.12
C ARG P 396 -57.80 5.89 -14.24
N ASP P 397 -57.44 4.63 -13.97
CA ASP P 397 -57.57 3.59 -14.98
C ASP P 397 -59.04 3.30 -15.28
N GLY P 398 -59.92 3.53 -14.31
CA GLY P 398 -61.35 3.38 -14.57
C GLY P 398 -61.98 4.54 -15.29
N LEU P 399 -61.31 5.69 -15.32
CA LEU P 399 -61.84 6.85 -16.03
C LEU P 399 -61.81 6.62 -17.54
N ARG P 400 -60.64 6.24 -18.07
CA ARG P 400 -60.52 6.03 -19.51
C ARG P 400 -61.38 4.86 -19.98
N ALA P 401 -61.62 3.88 -19.10
CA ALA P 401 -62.47 2.75 -19.48
C ALA P 401 -63.91 3.19 -19.70
N VAL P 402 -64.43 4.04 -18.81
CA VAL P 402 -65.80 4.50 -18.94
C VAL P 402 -65.90 5.62 -19.98
N ALA P 403 -64.88 6.48 -20.05
CA ALA P 403 -64.93 7.60 -20.98
C ALA P 403 -64.93 7.12 -22.43
N ASN P 404 -64.19 6.04 -22.72
CA ASN P 404 -64.15 5.52 -24.08
C ASN P 404 -65.48 4.88 -24.48
N VAL P 405 -66.34 4.55 -23.52
CA VAL P 405 -67.63 3.98 -23.85
C VAL P 405 -68.53 5.04 -24.48
N LEU P 406 -68.53 6.26 -23.92
CA LEU P 406 -69.36 7.33 -24.43
C LEU P 406 -68.81 7.93 -25.72
N LYS P 407 -67.55 7.66 -26.07
CA LYS P 407 -66.99 8.20 -27.30
C LYS P 407 -67.61 7.54 -28.53
N ASP P 408 -67.62 6.22 -28.57
CA ASP P 408 -68.21 5.48 -29.67
C ASP P 408 -69.57 4.92 -29.26
N LYS P 409 -70.23 4.27 -30.21
CA LYS P 409 -71.53 3.65 -29.97
C LYS P 409 -71.44 2.16 -29.65
N ASN P 410 -70.23 1.61 -29.57
CA ASN P 410 -70.05 0.17 -29.41
C ASN P 410 -69.27 -0.14 -28.14
N ILE P 411 -69.40 -1.38 -27.68
CA ILE P 411 -68.73 -1.85 -26.47
C ILE P 411 -68.33 -3.31 -26.69
N ILE P 412 -67.20 -3.68 -26.10
CA ILE P 412 -66.60 -5.01 -26.29
C ILE P 412 -66.82 -5.82 -25.02
N PRO P 413 -67.40 -7.01 -25.10
CA PRO P 413 -67.52 -7.86 -23.91
C PRO P 413 -66.17 -8.43 -23.50
N GLY P 414 -65.97 -8.52 -22.19
CA GLY P 414 -64.74 -9.01 -21.60
C GLY P 414 -64.81 -10.47 -21.24
N ALA P 415 -64.09 -10.83 -20.17
CA ALA P 415 -64.06 -12.20 -19.64
C ALA P 415 -63.52 -13.19 -20.67
N GLY P 416 -62.55 -12.76 -21.48
CA GLY P 416 -61.93 -13.63 -22.45
C GLY P 416 -62.82 -14.08 -23.59
N ALA P 417 -63.97 -13.42 -23.80
CA ALA P 417 -64.85 -13.82 -24.89
C ALA P 417 -64.29 -13.40 -26.24
N PHE P 418 -63.48 -12.35 -26.28
CA PHE P 418 -62.90 -11.89 -27.54
C PHE P 418 -61.71 -12.73 -27.97
N TYR P 419 -60.93 -13.25 -27.02
CA TYR P 419 -59.77 -14.06 -27.36
C TYR P 419 -60.16 -15.48 -27.76
N ILE P 420 -61.19 -16.05 -27.15
CA ILE P 420 -61.62 -17.39 -27.51
C ILE P 420 -62.31 -17.39 -28.87
N ALA P 421 -63.03 -16.31 -29.19
CA ALA P 421 -63.72 -16.24 -30.48
C ALA P 421 -62.75 -16.18 -31.64
N LEU P 422 -61.58 -15.56 -31.44
CA LEU P 422 -60.59 -15.48 -32.52
C LEU P 422 -59.89 -16.82 -32.74
N SER P 423 -59.85 -17.69 -31.74
CA SER P 423 -59.21 -19.00 -31.91
C SER P 423 -59.99 -19.86 -32.90
N ARG P 424 -61.31 -19.96 -32.69
CA ARG P 424 -62.14 -20.74 -33.62
C ARG P 424 -62.27 -20.07 -34.97
N TYR P 425 -62.11 -18.74 -35.04
CA TYR P 425 -62.25 -18.04 -36.31
C TYR P 425 -61.02 -18.23 -37.20
N LEU P 426 -59.82 -18.11 -36.62
CA LEU P 426 -58.61 -18.21 -37.42
C LEU P 426 -58.28 -19.65 -37.81
N ARG P 427 -58.61 -20.61 -36.95
CA ARG P 427 -58.28 -22.00 -37.24
C ARG P 427 -59.24 -22.62 -38.24
N SER P 428 -60.50 -22.18 -38.26
CA SER P 428 -61.50 -22.73 -39.16
C SER P 428 -61.63 -21.94 -40.46
N ALA P 429 -60.87 -20.86 -40.63
CA ALA P 429 -60.96 -20.05 -41.83
C ALA P 429 -60.17 -20.70 -42.97
N ASN P 430 -60.75 -20.67 -44.17
CA ASN P 430 -60.08 -21.22 -45.33
C ASN P 430 -58.91 -20.33 -45.74
N MET P 431 -57.79 -20.97 -46.09
CA MET P 431 -56.60 -20.22 -46.47
C MET P 431 -56.67 -19.67 -47.88
N ASN P 432 -57.61 -20.14 -48.70
CA ASN P 432 -57.76 -19.62 -50.05
C ASN P 432 -58.25 -18.18 -50.05
N LYS P 433 -59.10 -17.82 -49.09
CA LYS P 433 -59.56 -16.44 -48.97
C LYS P 433 -58.46 -15.53 -48.44
N LEU P 434 -57.59 -16.05 -47.59
CA LEU P 434 -56.50 -15.27 -47.04
C LEU P 434 -55.36 -15.12 -48.04
N GLY P 435 -54.60 -14.03 -47.90
CA GLY P 435 -53.45 -13.79 -48.75
C GLY P 435 -52.20 -14.57 -48.38
N ALA P 436 -52.27 -15.38 -47.33
CA ALA P 436 -51.13 -16.18 -46.88
C ALA P 436 -51.25 -17.59 -47.42
N LYS P 437 -50.15 -18.10 -48.00
CA LYS P 437 -50.12 -19.44 -48.56
C LYS P 437 -48.79 -20.09 -48.25
N GLY P 438 -48.74 -21.41 -48.41
CA GLY P 438 -47.49 -22.12 -48.19
C GLY P 438 -47.11 -22.13 -46.72
N LYS P 439 -45.86 -21.75 -46.44
CA LYS P 439 -45.37 -21.74 -45.07
C LYS P 439 -45.94 -20.60 -44.25
N THR P 440 -46.54 -19.60 -44.90
CA THR P 440 -47.14 -18.49 -44.17
C THR P 440 -48.39 -18.90 -43.40
N LYS P 441 -48.94 -20.08 -43.68
CA LYS P 441 -50.08 -20.59 -42.91
C LYS P 441 -49.69 -20.87 -41.47
N THR P 442 -48.41 -21.19 -41.23
CA THR P 442 -47.96 -21.48 -39.88
C THR P 442 -47.98 -20.23 -39.00
N GLY P 443 -47.63 -19.07 -39.56
CA GLY P 443 -47.59 -17.85 -38.79
C GLY P 443 -48.95 -17.44 -38.24
N ILE P 444 -50.03 -17.85 -38.91
CA ILE P 444 -51.37 -17.52 -38.41
C ILE P 444 -51.73 -18.39 -37.22
N GLU P 445 -51.34 -19.66 -37.26
CA GLU P 445 -51.63 -20.56 -36.15
C GLU P 445 -50.89 -20.16 -34.89
N ALA P 446 -49.68 -19.62 -35.02
CA ALA P 446 -48.93 -19.18 -33.85
C ALA P 446 -49.57 -17.96 -33.20
N PHE P 447 -50.27 -17.13 -33.99
CA PHE P 447 -50.95 -15.97 -33.43
C PHE P 447 -52.25 -16.36 -32.75
N ALA P 448 -52.97 -17.35 -33.28
CA ALA P 448 -54.22 -17.77 -32.66
C ALA P 448 -54.01 -18.53 -31.36
N GLU P 449 -52.93 -19.31 -31.27
CA GLU P 449 -52.67 -20.06 -30.05
C GLU P 449 -52.19 -19.15 -28.93
N ALA P 450 -51.48 -18.07 -29.25
CA ALA P 450 -51.00 -17.14 -28.23
C ALA P 450 -52.13 -16.35 -27.59
N LEU P 451 -53.28 -16.24 -28.25
CA LEU P 451 -54.40 -15.50 -27.69
C LEU P 451 -55.16 -16.30 -26.64
N LEU P 452 -54.98 -17.62 -26.59
CA LEU P 452 -55.66 -18.45 -25.61
C LEU P 452 -54.95 -18.50 -24.27
N VAL P 453 -53.80 -17.84 -24.14
CA VAL P 453 -53.09 -17.87 -22.87
C VAL P 453 -53.70 -16.90 -21.87
N ILE P 454 -54.21 -15.75 -22.35
CA ILE P 454 -54.83 -14.78 -21.44
C ILE P 454 -56.04 -15.36 -20.72
N PRO P 455 -56.99 -16.05 -21.38
CA PRO P 455 -58.06 -16.70 -20.61
C PRO P 455 -57.55 -17.82 -19.72
N LYS P 456 -56.42 -18.44 -20.09
CA LYS P 456 -55.79 -19.43 -19.20
C LYS P 456 -55.01 -18.76 -18.08
N THR P 457 -54.46 -17.57 -18.33
CA THR P 457 -53.76 -16.85 -17.28
C THR P 457 -54.71 -16.43 -16.17
N LEU P 458 -55.95 -16.09 -16.53
CA LEU P 458 -56.95 -15.75 -15.52
C LEU P 458 -57.23 -16.94 -14.60
N VAL P 459 -57.19 -18.15 -15.15
CA VAL P 459 -57.49 -19.34 -14.36
C VAL P 459 -56.32 -19.71 -13.45
N LYS P 460 -55.09 -19.41 -13.87
CA LYS P 460 -53.92 -19.77 -13.07
C LYS P 460 -53.94 -19.08 -11.71
N ASN P 461 -54.53 -17.88 -11.63
CA ASN P 461 -54.62 -17.18 -10.36
C ASN P 461 -55.71 -17.73 -9.46
N SER P 462 -56.71 -18.42 -10.03
CA SER P 462 -57.78 -19.00 -9.25
C SER P 462 -57.47 -20.39 -8.73
N GLY P 463 -56.39 -21.02 -9.21
CA GLY P 463 -56.00 -22.34 -8.76
C GLY P 463 -56.52 -23.48 -9.61
N PHE P 464 -57.55 -23.25 -10.42
CA PHE P 464 -58.10 -24.30 -11.26
C PHE P 464 -57.16 -24.60 -12.42
N ASP P 465 -57.32 -25.79 -12.99
CA ASP P 465 -56.51 -26.20 -14.13
C ASP P 465 -56.96 -25.44 -15.38
N PRO P 466 -56.07 -24.66 -16.00
CA PRO P 466 -56.49 -23.91 -17.21
C PRO P 466 -56.90 -24.80 -18.37
N LEU P 467 -56.40 -26.03 -18.43
CA LEU P 467 -56.72 -26.91 -19.55
C LEU P 467 -58.11 -27.51 -19.42
N ASP P 468 -58.53 -27.86 -18.20
CA ASP P 468 -59.83 -28.50 -18.01
C ASP P 468 -60.97 -27.51 -18.05
N VAL P 469 -60.74 -26.26 -17.67
CA VAL P 469 -61.83 -25.29 -17.64
C VAL P 469 -62.17 -24.80 -19.04
N LEU P 470 -61.22 -24.82 -19.97
CA LEU P 470 -61.50 -24.45 -21.35
C LEU P 470 -62.07 -25.60 -22.18
N ALA P 471 -62.15 -26.81 -21.60
CA ALA P 471 -62.73 -27.93 -22.33
C ALA P 471 -64.23 -27.76 -22.49
N MET P 472 -64.90 -27.22 -21.47
CA MET P 472 -66.33 -26.97 -21.54
C MET P 472 -66.67 -25.73 -22.34
N VAL P 473 -65.72 -24.81 -22.52
CA VAL P 473 -65.97 -23.61 -23.31
C VAL P 473 -66.06 -23.95 -24.79
N GLU P 474 -65.14 -24.80 -25.28
CA GLU P 474 -65.16 -25.18 -26.68
C GLU P 474 -66.34 -26.09 -27.00
N ASP P 475 -66.80 -26.87 -26.02
CA ASP P 475 -67.93 -27.76 -26.27
C ASP P 475 -69.24 -27.00 -26.33
N GLU P 476 -69.32 -25.85 -25.65
CA GLU P 476 -70.54 -25.05 -25.68
C GLU P 476 -70.69 -24.30 -27.00
N LEU P 477 -69.58 -23.82 -27.56
CA LEU P 477 -69.63 -23.09 -28.82
C LEU P 477 -69.88 -23.99 -30.02
N ASP P 478 -69.77 -25.31 -29.85
CA ASP P 478 -70.02 -26.21 -30.98
C ASP P 478 -71.51 -26.36 -31.25
N ASP P 479 -72.31 -26.55 -30.20
CA ASP P 479 -73.75 -26.68 -30.36
C ASP P 479 -74.47 -25.35 -30.42
N ALA P 480 -73.79 -24.24 -30.11
CA ALA P 480 -74.44 -22.94 -30.16
C ALA P 480 -74.66 -22.44 -31.57
N GLN P 481 -73.88 -22.91 -32.54
CA GLN P 481 -74.03 -22.46 -33.91
C GLN P 481 -75.21 -23.12 -34.61
N ASP P 482 -75.49 -24.39 -34.29
CA ASP P 482 -76.59 -25.11 -34.90
C ASP P 482 -77.90 -24.97 -34.14
N SER P 483 -77.90 -24.33 -32.97
CA SER P 483 -79.09 -24.14 -32.18
C SER P 483 -79.79 -22.81 -32.46
N ASP P 484 -79.27 -22.02 -33.40
CA ASP P 484 -79.84 -20.72 -33.76
C ASP P 484 -79.89 -19.81 -32.52
N GLU P 485 -78.79 -19.78 -31.79
CA GLU P 485 -78.65 -18.94 -30.60
C GLU P 485 -77.27 -18.30 -30.61
N THR P 486 -77.23 -16.98 -30.52
CA THR P 486 -75.98 -16.22 -30.49
C THR P 486 -75.73 -15.78 -29.06
N ARG P 487 -74.70 -16.37 -28.43
CA ARG P 487 -74.35 -16.07 -27.05
C ARG P 487 -72.84 -16.10 -26.90
N TYR P 488 -72.31 -15.12 -26.19
CA TYR P 488 -70.88 -15.05 -25.93
C TYR P 488 -70.55 -15.76 -24.63
N VAL P 489 -69.50 -16.59 -24.66
CA VAL P 489 -69.11 -17.42 -23.53
C VAL P 489 -67.90 -16.78 -22.86
N GLY P 490 -68.01 -16.53 -21.55
CA GLY P 490 -66.94 -15.96 -20.77
C GLY P 490 -66.28 -17.00 -19.87
N VAL P 491 -65.54 -16.48 -18.88
CA VAL P 491 -64.83 -17.32 -17.91
C VAL P 491 -65.15 -16.80 -16.52
N ASP P 492 -65.76 -17.67 -15.69
CA ASP P 492 -66.06 -17.34 -14.31
C ASP P 492 -65.04 -18.02 -13.41
N LEU P 493 -64.25 -17.23 -12.71
CA LEU P 493 -63.18 -17.77 -11.88
C LEU P 493 -63.66 -18.22 -10.51
N ASN P 494 -64.85 -17.79 -10.10
CA ASN P 494 -65.34 -18.18 -8.77
C ASN P 494 -65.72 -19.66 -8.73
N ILE P 495 -66.57 -20.10 -9.67
CA ILE P 495 -67.02 -21.49 -9.69
C ILE P 495 -66.20 -22.36 -10.62
N GLY P 496 -65.20 -21.80 -11.30
CA GLY P 496 -64.39 -22.58 -12.21
C GLY P 496 -65.12 -23.05 -13.44
N ASP P 497 -66.15 -22.34 -13.87
CA ASP P 497 -66.95 -22.69 -15.04
C ASP P 497 -67.05 -21.45 -15.94
N SER P 498 -67.72 -21.60 -17.07
CA SER P 498 -67.91 -20.49 -17.98
C SER P 498 -69.06 -19.60 -17.50
N CYS P 499 -69.31 -18.52 -18.24
CA CYS P 499 -70.37 -17.58 -17.91
C CYS P 499 -70.66 -16.73 -19.14
N ASP P 500 -71.58 -15.79 -18.98
CA ASP P 500 -71.96 -14.87 -20.05
C ASP P 500 -71.55 -13.46 -19.66
N PRO P 501 -70.61 -12.84 -20.39
CA PRO P 501 -70.20 -11.46 -20.02
C PRO P 501 -71.33 -10.46 -20.10
N THR P 502 -72.33 -10.68 -20.95
CA THR P 502 -73.43 -9.72 -21.07
C THR P 502 -74.35 -9.80 -19.86
N ILE P 503 -74.60 -11.00 -19.35
CA ILE P 503 -75.46 -11.14 -18.18
C ILE P 503 -74.71 -10.76 -16.90
N GLU P 504 -73.46 -11.21 -16.77
CA GLU P 504 -72.68 -10.90 -15.58
C GLU P 504 -72.27 -9.43 -15.52
N GLY P 505 -72.22 -8.74 -16.66
CA GLY P 505 -71.86 -7.34 -16.67
C GLY P 505 -70.41 -7.04 -16.92
N ILE P 506 -69.64 -7.98 -17.46
CA ILE P 506 -68.23 -7.78 -17.73
C ILE P 506 -68.09 -7.23 -19.15
N TRP P 507 -67.55 -6.02 -19.26
CA TRP P 507 -67.37 -5.36 -20.54
C TRP P 507 -66.00 -4.71 -20.59
N ASP P 508 -65.44 -4.62 -21.79
CA ASP P 508 -64.12 -4.04 -22.00
C ASP P 508 -64.22 -2.93 -23.03
N SER P 509 -63.32 -1.95 -22.92
CA SER P 509 -63.34 -0.80 -23.81
C SER P 509 -62.99 -1.21 -25.23
N TYR P 510 -63.47 -0.42 -26.20
CA TYR P 510 -63.25 -0.71 -27.60
C TYR P 510 -61.84 -0.31 -28.05
N ARG P 511 -61.35 0.83 -27.56
CA ARG P 511 -60.04 1.33 -27.97
C ARG P 511 -58.89 0.56 -27.34
N VAL P 512 -59.13 -0.16 -26.24
CA VAL P 512 -58.05 -0.86 -25.56
C VAL P 512 -57.59 -2.07 -26.37
N LEU P 513 -58.53 -2.92 -26.76
CA LEU P 513 -58.15 -4.15 -27.45
C LEU P 513 -57.71 -3.89 -28.89
N ARG P 514 -58.24 -2.83 -29.52
CA ARG P 514 -57.84 -2.53 -30.89
C ARG P 514 -56.40 -2.04 -30.94
N ASN P 515 -56.01 -1.18 -30.01
CA ASN P 515 -54.64 -0.67 -29.97
C ASN P 515 -53.67 -1.67 -29.35
N ALA P 516 -54.15 -2.60 -28.53
CA ALA P 516 -53.26 -3.58 -27.90
C ALA P 516 -52.76 -4.60 -28.93
N ILE P 517 -53.68 -5.17 -29.71
CA ILE P 517 -53.27 -6.15 -30.72
C ILE P 517 -52.40 -5.50 -31.79
N THR P 518 -52.78 -4.30 -32.22
CA THR P 518 -51.95 -3.58 -33.20
C THR P 518 -50.60 -3.21 -32.61
N GLY P 519 -50.57 -2.83 -31.34
CA GLY P 519 -49.30 -2.48 -30.71
C GLY P 519 -48.44 -3.70 -30.41
N ALA P 520 -49.06 -4.76 -29.90
CA ALA P 520 -48.29 -5.95 -29.55
C ALA P 520 -47.76 -6.67 -30.78
N THR P 521 -48.45 -6.56 -31.92
CA THR P 521 -47.98 -7.21 -33.13
C THR P 521 -46.71 -6.55 -33.65
N GLY P 522 -46.66 -5.22 -33.63
CA GLY P 522 -45.47 -4.54 -34.11
C GLY P 522 -44.25 -4.76 -33.23
N ILE P 523 -44.46 -4.95 -31.93
CA ILE P 523 -43.33 -5.20 -31.03
C ILE P 523 -42.76 -6.59 -31.25
N ALA P 524 -43.63 -7.61 -31.27
CA ALA P 524 -43.16 -8.98 -31.43
C ALA P 524 -42.60 -9.23 -32.83
N SER P 525 -43.13 -8.53 -33.83
CA SER P 525 -42.61 -8.71 -35.19
C SER P 525 -41.20 -8.15 -35.33
N ASN P 526 -40.95 -6.97 -34.74
CA ASN P 526 -39.62 -6.37 -34.83
C ASN P 526 -38.59 -7.16 -34.04
N LEU P 527 -39.02 -7.87 -33.00
CA LEU P 527 -38.08 -8.68 -32.22
C LEU P 527 -37.73 -9.97 -32.93
N LEU P 528 -38.70 -10.59 -33.61
CA LEU P 528 -38.40 -11.81 -34.35
C LEU P 528 -37.55 -11.52 -35.58
N LEU P 529 -37.65 -10.32 -36.14
CA LEU P 529 -36.87 -9.93 -37.30
C LEU P 529 -35.49 -9.39 -36.94
N CYS P 530 -35.14 -9.35 -35.66
CA CYS P 530 -33.84 -8.86 -35.21
C CYS P 530 -32.95 -10.06 -34.91
N ASP P 531 -31.95 -10.29 -35.76
CA ASP P 531 -31.06 -11.43 -35.64
C ASP P 531 -29.76 -11.12 -34.92
N GLU P 532 -29.52 -9.86 -34.54
CA GLU P 532 -28.26 -9.50 -33.90
C GLU P 532 -28.52 -8.38 -32.89
N LEU P 533 -27.82 -8.47 -31.76
CA LEU P 533 -27.89 -7.46 -30.71
C LEU P 533 -26.46 -7.11 -30.28
N LEU P 534 -26.08 -5.85 -30.45
CA LEU P 534 -24.74 -5.39 -30.13
C LEU P 534 -24.83 -4.10 -29.32
N ARG P 535 -23.72 -3.74 -28.68
CA ARG P 535 -23.62 -2.53 -27.89
C ARG P 535 -22.35 -1.78 -28.28
N ALA P 536 -22.52 -0.56 -28.79
CA ALA P 536 -21.39 0.26 -29.18
C ALA P 536 -21.74 1.73 -28.97
N GLY P 537 -20.75 2.51 -28.57
CA GLY P 537 -20.96 3.92 -28.34
C GLY P 537 -19.73 4.54 -27.71
N ARG P 538 -19.73 5.88 -27.72
CA ARG P 538 -18.62 6.66 -27.16
C ARG P 538 -19.05 7.19 -25.79
N SER P 539 -18.37 6.73 -24.75
CA SER P 539 -18.67 7.15 -23.38
C SER P 539 -17.41 7.59 -22.65
#